data_3J6Q
#
_entry.id   3J6Q
#
_cell.length_a   1.000
_cell.length_b   1.000
_cell.length_c   1.000
_cell.angle_alpha   90.00
_cell.angle_beta   90.00
_cell.angle_gamma   90.00
#
_symmetry.space_group_name_H-M   'P 1'
#
loop_
_entity.id
_entity.type
_entity.pdbx_description
1 polymer 'Structural protein VP3'
2 non-polymer S-ADENOSYL-L-HOMOCYSTEINE
#
_entity_poly.entity_id   1
_entity_poly.type   'polypeptide(L)'
_entity_poly.pdbx_seq_one_letter_code
;MWHYTSINNDTRVALDPKPNQIRTITKPNTVPQLGTDYLYTFNSQRRSHTLRLLGPFQYFNFSETDRGHPLFRLPLKYPS
KAIPADELIDNLHSWMRSVHLLHVRSEDNTLRYNWMLGVYARSTNYTTPVGQLVVNAPAILNYSNPQDAFNSVFVALGID
YIDIPITNSNIFDDSSTPYNVRIWHAPTMTEVNHILALMRKSTLVSTHSSWHWNVLHTFHYRSESDMIDHFAA(GPL)IL
EDWRQKEKLDKGALVEADRVIQRLIPLSSSTYVQRLAAIGALYPNEFTENVLDLSRLSTALLQLSDTYYQHANDQLRRLY
RRMYNDSRTLYMTQRHQELLLAQITADPNILLYPYTYIFTTIPTSMNYISNTGQGRIKHSLTVTGATEHDTVADIVLGQT
GEDVITISMVEPMSIAVEDMYGYVLDTPTRDIWPADEQIEQKGDAVALYDTKTSRALGMFNNTVRIDDLLSPLLSLVYRT
YIKGDTMTMTQGSLDHLTLCAAVDSDITFVGNRMIAPLPEGYIPKPMHRNNSTMKMLSLYVALKKLENFATNSYLMAPDT
SIILLGAEREPAVNILRRFNRNVSNVRIIGMGDRAVEPNIRVRVPFPIDKNISADFIICDINSYEDQSFESMFSETISVV
TTCASAATRALVKINHPSEYMINSVIERLSQLGGVFYHTALLKTASQNPYSYETYIYITPIAAAVRFPFYSNSAMINRYM
TAVADDEMPIIPSIHTVIKGHSNTYSPGLFCGCVDVQSAPLALSQLKSYCSEATTWRVDSDDNLVNIIARIDPARIALEF
RTRSNTSAYHEYQRYVPNGLGFKVRKTREFRYMHREVTFIHKLMMYALIREQISLTENMTQVVSIGGRNLADISVVPLNM
KYVVIDPATRIETLTQEKKNIEVQSRPFQFDAANMDLENNSIYLFIAVIMNEPNGAATPARMQMDKIRNVATAMLTRTNC
VAYISFYEAGIITRLDQSTAHKTIRVEEGRLKVANYVPVDTLVEADVTLMLRDIGITHEIIRPSTPELIDACSNYGIRLG
STGGAVLDVFNHYSPVIKLVRS
;
_entity_poly.pdbx_strand_id   A,B,C,D,E
#
# COMPACT_ATOMS: atom_id res chain seq x y z
N MET A 1 7.98 43.46 -58.31
CA MET A 1 9.35 43.44 -57.82
C MET A 1 9.42 43.06 -56.35
N TRP A 2 9.54 41.78 -56.07
CA TRP A 2 9.67 41.28 -54.71
C TRP A 2 11.10 40.86 -54.41
N HIS A 3 11.74 40.24 -55.38
CA HIS A 3 13.12 39.79 -55.23
C HIS A 3 13.39 39.29 -53.81
N TYR A 4 12.86 38.11 -53.50
CA TYR A 4 13.14 37.46 -52.23
C TYR A 4 14.62 37.10 -52.11
N THR A 5 15.06 36.80 -50.88
CA THR A 5 16.47 36.59 -50.61
C THR A 5 16.71 35.25 -49.93
N SER A 6 17.97 34.87 -49.79
CA SER A 6 18.33 33.61 -49.15
C SER A 6 19.82 33.57 -48.82
N ILE A 7 20.23 32.54 -48.07
CA ILE A 7 21.63 32.34 -47.75
C ILE A 7 22.18 31.08 -48.40
N ASN A 8 23.20 31.25 -49.23
CA ASN A 8 23.77 30.12 -49.98
C ASN A 8 25.14 29.75 -49.43
N ASN A 9 25.23 28.58 -48.80
CA ASN A 9 26.48 28.11 -48.22
C ASN A 9 26.54 26.59 -48.23
N ASP A 10 27.65 26.05 -48.73
CA ASP A 10 27.83 24.61 -48.80
C ASP A 10 27.50 23.93 -47.48
N THR A 11 26.79 22.81 -47.55
CA THR A 11 26.33 22.12 -46.35
C THR A 11 27.09 20.81 -46.15
N ARG A 12 27.74 20.34 -47.20
CA ARG A 12 28.58 19.16 -47.12
C ARG A 12 30.02 19.54 -46.77
N VAL A 13 30.53 20.57 -47.43
CA VAL A 13 31.90 21.01 -47.20
C VAL A 13 32.14 21.34 -45.73
N ALA A 14 31.10 21.82 -45.05
CA ALA A 14 31.23 22.24 -43.67
C ALA A 14 30.83 21.12 -42.71
N LEU A 15 31.10 19.89 -43.11
CA LEU A 15 30.83 18.73 -42.26
C LEU A 15 32.13 18.05 -41.85
N ASP A 16 33.13 18.13 -42.72
CA ASP A 16 34.38 17.41 -42.52
C ASP A 16 35.11 17.89 -41.26
N PRO A 17 35.44 16.96 -40.39
CA PRO A 17 36.15 17.28 -39.15
C PRO A 17 37.52 17.89 -39.44
N LYS A 18 38.15 18.45 -38.41
CA LYS A 18 39.50 18.97 -38.53
C LYS A 18 40.52 17.85 -38.65
N PRO A 19 41.71 18.18 -39.15
CA PRO A 19 42.74 17.19 -39.40
C PRO A 19 43.35 16.68 -38.10
N ASN A 20 43.26 17.49 -37.05
CA ASN A 20 43.78 17.12 -35.74
C ASN A 20 42.64 16.77 -34.78
N GLN A 21 41.40 16.86 -35.27
CA GLN A 21 40.25 16.43 -34.51
C GLN A 21 39.62 15.18 -35.11
N ILE A 22 39.98 14.88 -36.36
CA ILE A 22 39.55 13.66 -37.02
C ILE A 22 39.91 12.43 -36.18
N ARG A 23 40.99 12.54 -35.42
CA ARG A 23 41.35 11.50 -34.45
C ARG A 23 40.25 11.29 -33.43
N THR A 24 39.67 12.39 -32.96
CA THR A 24 38.79 12.35 -31.80
C THR A 24 37.45 11.74 -32.13
N ILE A 25 36.95 12.04 -33.33
CA ILE A 25 35.55 11.81 -33.65
C ILE A 25 35.32 10.43 -34.26
N THR A 26 36.36 9.60 -34.23
CA THR A 26 36.34 8.32 -34.91
C THR A 26 36.45 7.17 -33.91
N LYS A 27 37.64 6.99 -33.36
CA LYS A 27 37.92 5.84 -32.50
C LYS A 27 37.58 6.16 -31.04
N PRO A 28 37.95 7.36 -30.60
CA PRO A 28 37.82 7.73 -29.20
C PRO A 28 36.36 7.95 -28.82
N ASN A 29 35.46 7.57 -29.71
CA ASN A 29 34.03 7.58 -29.42
C ASN A 29 33.63 6.39 -28.57
N THR A 30 34.61 5.78 -27.91
CA THR A 30 34.35 4.68 -26.98
C THR A 30 34.11 5.21 -25.57
N VAL A 31 34.48 6.47 -25.34
CA VAL A 31 34.24 7.12 -24.06
C VAL A 31 32.76 7.40 -23.83
N PRO A 32 32.14 8.09 -24.79
CA PRO A 32 30.69 8.23 -24.83
C PRO A 32 30.03 6.93 -25.23
N GLN A 33 28.71 6.88 -25.11
CA GLN A 33 27.94 5.67 -25.42
C GLN A 33 26.73 5.99 -26.26
N LEU A 34 26.95 6.64 -27.40
CA LEU A 34 25.89 6.87 -28.37
C LEU A 34 24.61 7.35 -27.69
N GLY A 35 23.48 6.77 -28.09
CA GLY A 35 22.24 6.92 -27.34
C GLY A 35 21.20 7.69 -28.14
N THR A 36 21.57 8.88 -28.60
CA THR A 36 20.60 9.82 -29.18
C THR A 36 21.01 10.22 -30.58
N ASP A 37 22.30 10.09 -30.89
CA ASP A 37 22.84 10.58 -32.14
C ASP A 37 22.23 9.86 -33.34
N TYR A 38 22.32 8.53 -33.33
CA TYR A 38 21.76 7.73 -34.42
C TYR A 38 20.24 7.62 -34.29
N LEU A 39 19.58 7.32 -35.40
CA LEU A 39 18.13 7.26 -35.44
C LEU A 39 17.65 5.83 -35.69
N TYR A 40 16.77 5.35 -34.82
CA TYR A 40 16.20 4.02 -34.96
C TYR A 40 14.71 4.01 -34.62
N THR A 41 13.89 3.61 -35.58
CA THR A 41 12.50 3.27 -35.29
C THR A 41 12.15 1.89 -35.82
N PHE A 42 11.24 1.21 -35.13
CA PHE A 42 10.84 -0.15 -35.50
C PHE A 42 9.36 -0.22 -35.82
N ASN A 43 9.04 -0.77 -36.99
CA ASN A 43 7.64 -1.03 -37.34
C ASN A 43 7.38 -2.52 -37.51
N SER A 44 6.23 -2.97 -37.02
CA SER A 44 5.76 -4.32 -37.28
C SER A 44 4.92 -4.31 -38.55
N GLN A 45 5.50 -3.79 -39.63
CA GLN A 45 4.80 -3.72 -40.91
C GLN A 45 4.07 -5.02 -41.21
N ARG A 46 4.81 -6.13 -41.27
CA ARG A 46 6.26 -6.08 -41.04
C ARG A 46 7.02 -6.57 -42.26
N ARG A 47 8.33 -6.40 -42.24
CA ARG A 47 9.01 -5.76 -41.10
C ARG A 47 9.90 -4.62 -41.57
N SER A 48 10.20 -3.71 -40.65
CA SER A 48 11.04 -2.55 -40.96
C SER A 48 12.12 -2.36 -39.90
N HIS A 49 13.37 -2.23 -40.34
CA HIS A 49 14.48 -2.04 -39.41
C HIS A 49 15.31 -0.83 -39.81
N THR A 50 14.68 0.35 -39.80
CA THR A 50 15.32 1.56 -40.27
C THR A 50 16.31 2.08 -39.24
N LEU A 51 17.47 1.43 -39.16
CA LEU A 51 18.59 1.93 -38.38
C LEU A 51 19.51 2.80 -39.24
N ARG A 52 19.59 4.08 -38.91
CA ARG A 52 20.27 5.04 -39.76
C ARG A 52 21.24 5.90 -38.95
N LEU A 53 22.53 5.73 -39.22
CA LEU A 53 23.55 6.56 -38.59
C LEU A 53 23.52 7.98 -39.14
N LEU A 54 23.64 8.96 -38.23
CA LEU A 54 23.76 10.36 -38.64
C LEU A 54 25.18 10.88 -38.44
N GLY A 55 25.42 12.11 -38.87
CA GLY A 55 26.75 12.68 -38.87
C GLY A 55 27.43 12.47 -37.53
N PRO A 56 28.75 12.30 -37.55
CA PRO A 56 29.52 12.48 -38.78
C PRO A 56 29.68 11.16 -39.52
N PHE A 57 28.82 10.20 -39.21
CA PHE A 57 28.91 8.86 -39.79
C PHE A 57 27.88 8.67 -40.90
N GLN A 58 27.44 9.78 -41.50
CA GLN A 58 26.55 9.73 -42.64
C GLN A 58 27.30 9.90 -43.95
N TYR A 59 26.76 9.34 -45.03
CA TYR A 59 27.47 9.30 -46.31
C TYR A 59 28.69 8.40 -46.23
N PHE A 60 28.76 7.61 -45.18
CA PHE A 60 29.88 6.69 -44.98
C PHE A 60 29.56 5.30 -45.54
N ASN A 61 30.32 4.89 -46.56
CA ASN A 61 30.18 3.55 -47.11
C ASN A 61 30.93 2.53 -46.27
N PHE A 62 30.52 1.26 -46.38
CA PHE A 62 31.04 0.22 -45.51
C PHE A 62 31.84 -0.82 -46.30
N SER A 63 33.00 -1.19 -45.78
CA SER A 63 33.81 -2.24 -46.39
C SER A 63 33.23 -3.62 -46.11
N GLU A 64 33.29 -4.49 -47.12
CA GLU A 64 32.67 -5.81 -47.03
C GLU A 64 33.44 -6.69 -46.05
N THR A 65 34.61 -6.23 -45.62
CA THR A 65 35.43 -6.98 -44.68
C THR A 65 34.96 -6.77 -43.25
N ASP A 66 34.74 -5.51 -42.89
CA ASP A 66 34.34 -5.17 -41.52
C ASP A 66 32.86 -4.80 -41.46
N ARG A 67 32.09 -5.33 -42.41
CA ARG A 67 30.65 -5.10 -42.43
C ARG A 67 29.90 -6.25 -41.76
N GLY A 68 30.27 -7.47 -42.13
CA GLY A 68 29.49 -8.65 -41.75
C GLY A 68 30.02 -9.26 -40.45
N HIS A 69 31.32 -9.15 -40.24
CA HIS A 69 31.97 -9.84 -39.13
C HIS A 69 31.59 -9.22 -37.80
N PRO A 70 31.70 -7.90 -37.71
CA PRO A 70 31.53 -7.18 -36.45
C PRO A 70 30.09 -7.29 -35.96
N LEU A 71 29.16 -6.78 -36.75
CA LEU A 71 27.83 -6.44 -36.26
C LEU A 71 26.74 -6.94 -37.19
N PHE A 72 26.68 -6.34 -38.38
CA PHE A 72 25.41 -6.11 -39.06
C PHE A 72 24.58 -7.39 -39.12
N ARG A 73 25.23 -8.49 -39.45
CA ARG A 73 24.52 -9.70 -39.90
C ARG A 73 23.49 -10.14 -38.87
N LEU A 74 23.96 -10.46 -37.66
CA LEU A 74 23.22 -11.32 -36.76
C LEU A 74 22.03 -10.61 -36.14
N PRO A 75 22.24 -9.36 -35.75
CA PRO A 75 21.18 -8.56 -35.13
C PRO A 75 19.96 -8.48 -36.03
N LEU A 76 20.18 -8.55 -37.35
CA LEU A 76 19.11 -8.42 -38.32
C LEU A 76 18.23 -9.66 -38.34
N LYS A 77 18.85 -10.82 -38.12
CA LYS A 77 18.20 -12.09 -38.39
C LYS A 77 17.63 -12.70 -37.12
N TYR A 78 17.11 -11.85 -36.24
CA TYR A 78 16.27 -12.32 -35.14
C TYR A 78 15.08 -13.13 -35.64
N PRO A 79 14.41 -12.61 -36.66
CA PRO A 79 14.49 -11.19 -36.99
C PRO A 79 13.51 -10.38 -36.15
N SER A 80 12.50 -11.05 -35.61
CA SER A 80 11.29 -10.36 -35.15
C SER A 80 11.44 -9.91 -33.70
N LYS A 81 11.63 -8.61 -33.51
CA LYS A 81 11.67 -8.03 -32.18
C LYS A 81 10.87 -8.87 -31.19
N ALA A 82 11.45 -9.09 -30.01
CA ALA A 82 12.87 -9.37 -29.88
C ALA A 82 13.68 -8.08 -29.81
N ILE A 83 14.94 -8.16 -30.24
CA ILE A 83 15.74 -6.96 -30.46
C ILE A 83 15.73 -6.06 -29.23
N PRO A 84 16.24 -6.59 -28.11
CA PRO A 84 16.36 -5.80 -26.90
C PRO A 84 17.06 -4.46 -27.17
N ALA A 85 16.57 -3.41 -26.53
CA ALA A 85 17.14 -2.08 -26.70
C ALA A 85 18.61 -2.04 -26.32
N ASP A 86 19.00 -2.96 -25.43
CA ASP A 86 20.39 -3.06 -25.00
C ASP A 86 21.28 -3.52 -26.14
N GLU A 87 20.75 -4.39 -26.99
CA GLU A 87 21.54 -4.99 -28.07
C GLU A 87 22.10 -3.92 -29.00
N LEU A 88 21.27 -2.95 -29.36
CA LEU A 88 21.66 -1.93 -30.31
C LEU A 88 22.79 -1.07 -29.78
N ILE A 89 22.65 -0.61 -28.54
CA ILE A 89 23.61 0.31 -27.95
C ILE A 89 24.96 -0.37 -27.73
N ASP A 90 24.93 -1.59 -27.20
CA ASP A 90 26.15 -2.29 -26.83
C ASP A 90 26.86 -2.85 -28.04
N ASN A 91 26.09 -3.31 -29.02
CA ASN A 91 26.65 -3.98 -30.20
C ASN A 91 27.20 -2.96 -31.19
N LEU A 92 26.47 -1.87 -31.37
CA LEU A 92 26.91 -0.80 -32.26
C LEU A 92 28.15 -0.12 -31.70
N HIS A 93 28.25 -0.03 -30.38
CA HIS A 93 29.48 0.39 -29.73
C HIS A 93 30.65 -0.48 -30.15
N SER A 94 30.45 -1.79 -30.16
CA SER A 94 31.50 -2.74 -30.48
C SER A 94 32.03 -2.52 -31.89
N TRP A 95 31.14 -2.19 -32.81
CA TRP A 95 31.51 -1.89 -34.18
C TRP A 95 32.31 -0.59 -34.25
N MET A 96 31.77 0.47 -33.67
CA MET A 96 32.36 1.80 -33.79
C MET A 96 33.68 1.89 -33.03
N ARG A 97 33.92 0.93 -32.15
CA ARG A 97 35.19 0.82 -31.46
C ARG A 97 36.34 0.61 -32.44
N SER A 98 36.32 -0.52 -33.13
CA SER A 98 37.42 -0.89 -34.02
C SER A 98 37.23 -0.28 -35.41
N VAL A 99 37.48 1.03 -35.51
CA VAL A 99 37.52 1.69 -36.80
C VAL A 99 38.37 2.95 -36.74
N HIS A 100 39.15 3.18 -37.80
CA HIS A 100 40.01 4.35 -37.88
C HIS A 100 40.36 4.69 -39.32
N LEU A 101 40.77 5.93 -39.56
CA LEU A 101 41.24 6.35 -40.86
C LEU A 101 42.72 6.72 -40.84
N LEU A 102 43.37 6.63 -41.99
CA LEU A 102 44.74 7.08 -42.14
C LEU A 102 44.81 8.60 -42.26
N HIS A 103 45.64 9.22 -41.42
CA HIS A 103 45.73 10.67 -41.36
C HIS A 103 47.04 11.13 -40.74
N VAL A 104 47.37 12.39 -40.91
CA VAL A 104 48.53 12.99 -40.25
C VAL A 104 48.14 14.19 -39.41
N ARG A 105 48.50 14.15 -38.14
CA ARG A 105 48.29 15.30 -37.25
C ARG A 105 49.10 16.51 -37.71
N SER A 106 48.44 17.66 -37.78
CA SER A 106 49.07 18.88 -38.28
C SER A 106 49.15 19.93 -37.19
N GLU A 107 49.77 21.07 -37.52
CA GLU A 107 49.89 22.17 -36.58
C GLU A 107 49.13 23.40 -37.07
N ASP A 108 49.10 23.59 -38.39
CA ASP A 108 48.35 24.69 -38.99
C ASP A 108 46.87 24.58 -38.69
N ASN A 109 46.27 25.69 -38.28
CA ASN A 109 44.91 25.69 -37.77
C ASN A 109 43.89 25.87 -38.88
N THR A 110 44.40 26.04 -40.10
CA THR A 110 43.54 26.33 -41.26
C THR A 110 43.56 25.20 -42.27
N LEU A 111 43.58 23.97 -41.77
CA LEU A 111 43.52 22.79 -42.63
C LEU A 111 42.24 22.00 -42.38
N ARG A 112 41.77 21.29 -43.40
CA ARG A 112 40.60 20.43 -43.27
C ARG A 112 40.88 19.04 -43.85
N TYR A 113 40.30 18.02 -43.21
CA TYR A 113 40.52 16.65 -43.63
C TYR A 113 39.43 16.17 -44.58
N ASN A 114 39.84 15.67 -45.74
CA ASN A 114 38.90 15.13 -46.72
C ASN A 114 38.29 13.83 -46.24
N TRP A 115 37.01 13.88 -45.87
CA TRP A 115 36.32 12.70 -45.36
C TRP A 115 35.96 11.74 -46.49
N MET A 116 35.34 12.27 -47.53
CA MET A 116 34.74 11.44 -48.57
C MET A 116 35.79 10.54 -49.22
N LEU A 117 36.88 11.16 -49.68
CA LEU A 117 37.92 10.43 -50.41
C LEU A 117 38.70 9.52 -49.48
N GLY A 118 38.85 9.94 -48.23
CA GLY A 118 39.63 9.18 -47.25
C GLY A 118 38.99 7.82 -46.97
N VAL A 119 37.68 7.83 -46.74
CA VAL A 119 36.97 6.60 -46.37
C VAL A 119 36.74 5.71 -47.59
N TYR A 120 36.74 6.32 -48.77
CA TYR A 120 36.65 5.57 -50.01
C TYR A 120 37.84 4.63 -50.20
N ALA A 121 39.04 5.18 -50.00
CA ALA A 121 40.27 4.40 -50.15
C ALA A 121 40.35 3.31 -49.09
N ARG A 122 40.08 3.68 -47.85
CA ARG A 122 40.17 2.75 -46.73
C ARG A 122 39.30 1.52 -46.96
N SER A 123 38.09 1.75 -47.47
CA SER A 123 37.08 0.71 -47.55
C SER A 123 37.42 -0.31 -48.63
N THR A 124 38.36 0.05 -49.50
CA THR A 124 38.71 -0.80 -50.63
C THR A 124 40.10 -1.41 -50.43
N ASN A 125 40.67 -1.21 -49.25
CA ASN A 125 41.94 -1.82 -48.91
C ASN A 125 43.07 -1.28 -49.77
N TYR A 126 42.91 -0.03 -50.24
CA TYR A 126 43.97 0.66 -50.93
C TYR A 126 44.39 -0.09 -52.20
N THR A 127 43.47 -0.87 -52.74
CA THR A 127 43.78 -1.75 -53.87
C THR A 127 44.02 -0.95 -55.14
N THR A 128 43.16 0.03 -55.39
CA THR A 128 43.21 0.80 -56.63
C THR A 128 44.26 1.90 -56.55
N PRO A 129 44.70 2.38 -57.71
CA PRO A 129 45.73 3.41 -57.77
C PRO A 129 45.33 4.65 -56.98
N VAL A 130 44.03 4.90 -56.91
CA VAL A 130 43.52 6.08 -56.21
C VAL A 130 43.63 5.90 -54.69
N GLY A 131 43.52 4.66 -54.24
CA GLY A 131 43.52 4.37 -52.81
C GLY A 131 44.92 4.03 -52.32
N GLN A 132 45.80 3.68 -53.26
CA GLN A 132 47.19 3.41 -52.93
C GLN A 132 47.99 4.69 -52.78
N LEU A 133 47.57 5.72 -53.50
CA LEU A 133 48.23 7.02 -53.42
C LEU A 133 48.30 7.53 -51.99
N VAL A 134 47.25 7.25 -51.21
CA VAL A 134 47.09 7.84 -49.90
C VAL A 134 47.69 6.95 -48.82
N VAL A 135 48.47 5.96 -49.25
CA VAL A 135 49.17 5.07 -48.32
C VAL A 135 50.60 5.54 -48.08
N ASN A 136 51.32 5.80 -49.17
CA ASN A 136 52.69 6.27 -49.09
C ASN A 136 52.74 7.69 -48.52
N ALA A 137 51.72 8.48 -48.82
CA ALA A 137 51.65 9.86 -48.34
C ALA A 137 50.24 10.21 -47.88
N PRO A 138 49.94 9.91 -46.62
CA PRO A 138 48.59 10.09 -46.10
C PRO A 138 48.30 11.56 -45.81
N ALA A 139 49.31 12.40 -46.01
CA ALA A 139 49.17 13.83 -45.75
C ALA A 139 48.57 14.55 -46.95
N ILE A 140 48.29 13.80 -48.00
CA ILE A 140 47.72 14.37 -49.23
C ILE A 140 46.27 14.77 -49.02
N LEU A 141 45.64 14.21 -48.00
CA LEU A 141 44.21 14.37 -47.78
C LEU A 141 43.93 15.64 -46.98
N ASN A 142 44.99 16.34 -46.59
CA ASN A 142 44.86 17.63 -45.92
C ASN A 142 44.84 18.78 -46.93
N TYR A 143 43.85 19.66 -46.82
CA TYR A 143 43.73 20.80 -47.71
C TYR A 143 43.21 22.03 -46.97
N SER A 144 43.56 23.21 -47.48
CA SER A 144 43.14 24.46 -46.88
C SER A 144 42.01 25.09 -47.67
N ASN A 145 41.78 24.60 -48.88
CA ASN A 145 40.81 25.20 -49.79
C ASN A 145 40.13 24.13 -50.63
N PRO A 146 38.79 24.13 -50.61
CA PRO A 146 38.01 23.23 -51.45
C PRO A 146 38.45 23.31 -52.90
N GLN A 147 38.11 22.28 -53.67
CA GLN A 147 38.56 22.18 -55.06
C GLN A 147 40.01 21.72 -55.12
N ASP A 148 40.88 22.45 -54.45
CA ASP A 148 42.30 22.10 -54.39
C ASP A 148 42.50 20.76 -53.69
N ALA A 149 41.44 20.26 -53.05
CA ALA A 149 41.47 18.94 -52.44
C ALA A 149 41.63 17.84 -53.50
N PHE A 150 41.05 18.07 -54.67
CA PHE A 150 40.98 17.04 -55.69
C PHE A 150 42.05 17.25 -56.76
N ASN A 151 42.49 18.50 -56.89
CA ASN A 151 43.50 18.84 -57.90
C ASN A 151 44.81 18.11 -57.64
N SER A 152 44.99 17.64 -56.41
CA SER A 152 46.25 17.02 -56.01
C SER A 152 46.25 15.53 -56.32
N VAL A 153 45.07 14.98 -56.61
CA VAL A 153 44.92 13.56 -56.86
C VAL A 153 44.52 13.28 -58.30
N PHE A 154 44.73 14.27 -59.16
CA PHE A 154 44.70 14.06 -60.61
C PHE A 154 46.07 14.29 -61.23
N VAL A 155 46.83 15.23 -60.67
CA VAL A 155 48.17 15.52 -61.15
C VAL A 155 49.15 14.44 -60.75
N ALA A 156 48.89 13.81 -59.62
CA ALA A 156 49.81 12.84 -59.05
C ALA A 156 49.63 11.46 -59.68
N LEU A 157 48.49 11.26 -60.33
CA LEU A 157 48.16 9.98 -60.95
C LEU A 157 48.25 10.08 -62.47
N GLY A 158 47.77 11.18 -63.02
CA GLY A 158 47.75 11.38 -64.47
C GLY A 158 46.42 10.98 -65.08
N ILE A 159 45.43 10.76 -64.21
CA ILE A 159 44.11 10.33 -64.66
C ILE A 159 43.18 11.54 -64.81
N ASP A 160 42.08 11.34 -65.52
CA ASP A 160 41.20 12.44 -65.91
C ASP A 160 40.00 12.56 -64.98
N TYR A 161 39.57 11.43 -64.43
CA TYR A 161 38.37 11.39 -63.62
C TYR A 161 38.40 10.22 -62.63
N ILE A 162 37.62 10.33 -61.56
CA ILE A 162 37.48 9.24 -60.61
C ILE A 162 36.01 8.92 -60.35
N ASP A 163 35.62 7.67 -60.61
CA ASP A 163 34.27 7.22 -60.34
C ASP A 163 34.16 6.64 -58.94
N ILE A 164 33.05 6.96 -58.26
CA ILE A 164 32.85 6.52 -56.88
C ILE A 164 31.41 6.09 -56.66
N PRO A 165 31.23 4.91 -56.07
CA PRO A 165 29.90 4.42 -55.71
C PRO A 165 29.31 5.22 -54.56
N ILE A 166 27.98 5.24 -54.48
CA ILE A 166 27.28 6.07 -53.52
C ILE A 166 27.04 5.32 -52.21
N THR A 167 26.63 6.05 -51.18
CA THR A 167 26.35 5.45 -49.88
C THR A 167 24.85 5.33 -49.66
N ASN A 168 24.42 4.15 -49.20
CA ASN A 168 23.04 3.96 -48.76
C ASN A 168 22.89 4.21 -47.27
N SER A 169 21.94 5.06 -46.90
CA SER A 169 21.75 5.44 -45.51
C SER A 169 21.39 4.23 -44.66
N ASN A 170 20.44 3.44 -45.14
CA ASN A 170 20.02 2.23 -44.44
C ASN A 170 21.08 1.13 -44.52
N ILE A 171 21.55 0.68 -43.37
CA ILE A 171 22.75 -0.16 -43.31
C ILE A 171 22.38 -1.63 -43.34
N PHE A 172 21.08 -1.92 -43.39
CA PHE A 172 20.59 -3.29 -43.44
C PHE A 172 20.00 -3.61 -44.80
N ASP A 173 19.92 -2.60 -45.66
CA ASP A 173 19.49 -2.80 -47.04
C ASP A 173 20.67 -3.13 -47.94
N ASP A 174 21.11 -4.38 -47.91
CA ASP A 174 22.28 -4.82 -48.66
C ASP A 174 21.92 -5.18 -50.09
N SER A 175 21.72 -4.17 -50.92
CA SER A 175 21.42 -4.37 -52.33
C SER A 175 22.33 -3.53 -53.22
N SER A 176 22.33 -3.84 -54.51
CA SER A 176 23.09 -3.06 -55.48
C SER A 176 22.59 -1.61 -55.51
N THR A 177 23.52 -0.68 -55.72
CA THR A 177 23.18 0.74 -55.75
C THR A 177 22.44 1.10 -57.02
N PRO A 178 21.56 2.09 -56.93
CA PRO A 178 20.75 2.50 -58.08
C PRO A 178 21.61 3.25 -59.10
N TYR A 179 22.68 3.85 -58.63
CA TYR A 179 23.55 4.64 -59.50
C TYR A 179 24.88 4.97 -58.82
N ASN A 180 25.79 5.59 -59.55
CA ASN A 180 27.04 6.08 -58.98
C ASN A 180 27.37 7.47 -59.51
N VAL A 181 28.44 8.05 -59.00
CA VAL A 181 28.85 9.40 -59.37
C VAL A 181 30.26 9.42 -59.94
N ARG A 182 30.58 10.47 -60.69
CA ARG A 182 31.90 10.61 -61.30
C ARG A 182 32.41 12.03 -61.18
N ILE A 183 33.61 12.18 -60.63
CA ILE A 183 34.20 13.50 -60.43
C ILE A 183 35.23 13.80 -61.51
N TRP A 184 35.08 14.94 -62.18
CA TRP A 184 35.95 15.30 -63.29
C TRP A 184 37.00 16.31 -62.87
N HIS A 185 38.18 16.23 -63.46
CA HIS A 185 39.18 17.28 -63.35
C HIS A 185 38.80 18.50 -64.18
N ALA A 186 38.58 19.63 -63.52
CA ALA A 186 38.27 20.87 -64.20
C ALA A 186 38.67 22.08 -63.36
N PRO A 187 39.74 22.75 -63.78
CA PRO A 187 40.26 23.90 -63.03
C PRO A 187 39.42 25.14 -63.28
N THR A 188 39.30 25.52 -64.55
CA THR A 188 38.82 26.85 -64.92
C THR A 188 37.42 26.78 -65.53
N MET A 189 36.89 27.93 -65.90
CA MET A 189 35.54 28.01 -66.47
C MET A 189 35.50 27.40 -67.86
N THR A 190 36.61 27.48 -68.57
CA THR A 190 36.66 27.09 -69.98
C THR A 190 36.72 25.57 -70.13
N GLU A 191 37.01 24.88 -69.03
CA GLU A 191 37.06 23.42 -69.03
C GLU A 191 35.67 22.82 -68.95
N VAL A 192 34.83 23.41 -68.10
CA VAL A 192 33.47 22.91 -67.91
C VAL A 192 32.69 22.94 -69.22
N ASN A 193 32.92 23.97 -70.02
CA ASN A 193 32.29 24.09 -71.33
C ASN A 193 32.76 22.99 -72.26
N HIS A 194 33.96 22.47 -72.01
CA HIS A 194 34.54 21.43 -72.85
C HIS A 194 34.05 20.05 -72.46
N ILE A 195 33.81 19.86 -71.17
CA ILE A 195 33.44 18.55 -70.64
C ILE A 195 31.96 18.27 -70.87
N LEU A 196 31.13 19.25 -70.57
CA LEU A 196 29.67 19.08 -70.65
C LEU A 196 29.23 18.85 -72.09
N ALA A 197 30.03 19.33 -73.04
CA ALA A 197 29.80 19.07 -74.45
C ALA A 197 30.27 17.67 -74.84
N LEU A 198 31.09 17.07 -73.98
CA LEU A 198 31.56 15.70 -74.20
C LEU A 198 30.63 14.69 -73.53
N MET A 199 29.93 15.13 -72.50
CA MET A 199 29.02 14.26 -71.76
C MET A 199 27.86 13.82 -72.64
N ARG A 200 27.59 14.59 -73.68
CA ARG A 200 26.52 14.26 -74.62
C ARG A 200 26.73 12.88 -75.23
N LYS A 201 25.73 12.41 -75.98
CA LYS A 201 25.83 11.14 -76.66
C LYS A 201 26.59 10.12 -75.84
N SER A 202 26.07 9.83 -74.65
CA SER A 202 26.69 8.82 -73.77
C SER A 202 25.66 8.23 -72.83
N THR A 203 25.34 6.95 -73.01
CA THR A 203 24.45 6.23 -72.10
C THR A 203 23.51 7.19 -71.38
N LEU A 204 23.54 7.13 -70.05
CA LEU A 204 22.56 7.85 -69.25
C LEU A 204 23.24 8.66 -68.16
N VAL A 205 23.26 9.98 -68.33
CA VAL A 205 23.92 10.87 -67.37
C VAL A 205 23.05 12.07 -67.04
N SER A 206 23.40 12.78 -65.98
CA SER A 206 22.65 13.97 -65.56
C SER A 206 23.53 14.90 -64.72
N THR A 207 23.11 16.16 -64.62
CA THR A 207 23.71 17.08 -63.67
C THR A 207 22.64 17.88 -62.93
N HIS A 208 23.08 18.84 -62.13
CA HIS A 208 22.17 19.64 -61.31
C HIS A 208 22.73 21.03 -61.05
N SER A 209 22.60 21.91 -62.04
CA SER A 209 22.84 23.34 -61.84
C SER A 209 24.23 23.57 -61.27
N SER A 210 24.29 23.87 -59.97
CA SER A 210 25.56 24.13 -59.31
C SER A 210 26.11 22.89 -58.62
N TRP A 211 27.18 23.06 -57.86
CA TRP A 211 27.84 21.94 -57.21
C TRP A 211 28.32 22.32 -55.81
N HIS A 212 28.61 21.31 -54.99
CA HIS A 212 29.19 21.54 -53.67
C HIS A 212 30.61 22.06 -53.78
N TRP A 213 31.58 21.15 -53.64
CA TRP A 213 32.94 21.42 -54.07
C TRP A 213 32.97 22.09 -55.44
N ASN A 214 33.82 23.11 -55.57
CA ASN A 214 33.92 23.86 -56.82
C ASN A 214 34.62 23.06 -57.90
N VAL A 215 34.04 21.90 -58.24
CA VAL A 215 34.62 21.02 -59.26
C VAL A 215 33.55 20.18 -59.93
N LEU A 216 33.57 20.16 -61.26
CA LEU A 216 32.55 19.48 -62.03
C LEU A 216 32.47 18.00 -61.68
N HIS A 217 31.26 17.53 -61.40
CA HIS A 217 31.01 16.10 -61.26
C HIS A 217 29.58 15.75 -61.64
N THR A 218 29.39 14.54 -62.17
CA THR A 218 28.14 14.18 -62.82
C THR A 218 27.61 12.85 -62.28
N PHE A 219 26.39 12.51 -62.66
CA PHE A 219 25.75 11.27 -62.22
C PHE A 219 25.63 10.28 -63.35
N HIS A 220 25.87 9.00 -63.05
CA HIS A 220 25.74 7.94 -64.04
C HIS A 220 24.80 6.85 -63.55
N TYR A 221 23.73 6.61 -64.30
CA TYR A 221 22.68 5.70 -63.87
C TYR A 221 22.90 4.30 -64.44
N ARG A 222 22.35 3.30 -63.76
CA ARG A 222 22.60 1.91 -64.11
C ARG A 222 21.72 1.48 -65.30
N SER A 223 20.42 1.57 -65.12
CA SER A 223 19.48 1.22 -66.18
C SER A 223 18.46 2.33 -66.41
N GLU A 224 17.75 2.26 -67.53
CA GLU A 224 16.83 3.31 -67.92
C GLU A 224 15.63 3.37 -66.99
N SER A 225 15.26 2.22 -66.44
CA SER A 225 14.04 2.11 -65.64
C SER A 225 14.24 2.65 -64.24
N ASP A 226 15.50 2.91 -63.89
CA ASP A 226 15.84 3.34 -62.54
C ASP A 226 16.35 4.77 -62.53
N MET A 227 15.93 5.55 -63.53
CA MET A 227 16.28 6.97 -63.60
C MET A 227 15.16 7.85 -63.10
N ILE A 228 13.92 7.46 -63.43
CA ILE A 228 12.76 8.27 -63.10
C ILE A 228 12.46 8.25 -61.60
N ASP A 229 13.05 7.28 -60.91
CA ASP A 229 12.93 7.21 -59.46
C ASP A 229 13.82 8.24 -58.78
N HIS A 230 14.79 8.77 -59.53
CA HIS A 230 15.73 9.74 -58.99
C HIS A 230 15.35 11.15 -59.39
N PHE A 231 14.88 11.31 -60.63
CA PHE A 231 14.40 12.60 -61.11
C PHE A 231 13.17 13.06 -60.34
N ALA A 232 12.23 12.15 -60.14
CA ALA A 232 10.98 12.46 -59.45
C ALA A 232 11.24 12.71 -57.96
N ALA A 233 12.39 12.26 -57.48
CA ALA A 233 12.76 12.44 -56.08
C ALA A 233 13.35 13.82 -55.85
N ILE A 235 12.88 16.50 -58.06
CA ILE A 235 11.89 17.47 -58.49
C ILE A 235 10.95 17.84 -57.34
N LEU A 236 10.65 16.86 -56.49
CA LEU A 236 9.73 17.06 -55.37
C LEU A 236 10.30 18.09 -54.39
N GLU A 237 11.62 18.16 -54.32
CA GLU A 237 12.28 19.01 -53.33
C GLU A 237 12.31 20.46 -53.77
N ASP A 238 12.52 20.68 -55.07
CA ASP A 238 12.56 22.03 -55.62
C ASP A 238 11.20 22.71 -55.48
N TRP A 239 10.14 21.92 -55.53
CA TRP A 239 8.78 22.45 -55.37
C TRP A 239 8.54 22.95 -53.95
N ARG A 240 9.41 22.54 -53.03
CA ARG A 240 9.26 22.90 -51.63
C ARG A 240 10.18 24.05 -51.26
N GLN A 241 11.28 24.17 -51.98
CA GLN A 241 12.26 25.23 -51.72
C GLN A 241 11.77 26.57 -52.21
N LYS A 242 11.01 26.57 -53.30
CA LYS A 242 10.46 27.79 -53.87
C LYS A 242 9.10 28.12 -53.29
N GLU A 243 8.56 27.18 -52.52
CA GLU A 243 7.32 27.41 -51.78
C GLU A 243 7.54 28.40 -50.64
N LYS A 244 8.72 28.35 -50.04
CA LYS A 244 9.06 29.24 -48.94
C LYS A 244 9.66 30.54 -49.45
N LEU A 245 10.25 30.50 -50.64
CA LEU A 245 10.90 31.66 -51.23
C LEU A 245 9.90 32.61 -51.85
N ASP A 246 8.93 32.05 -52.58
CA ASP A 246 7.93 32.85 -53.27
C ASP A 246 7.11 33.68 -52.30
N LYS A 247 6.91 33.14 -51.10
CA LYS A 247 6.25 33.89 -50.03
C LYS A 247 7.20 34.85 -49.35
N GLY A 248 8.47 34.45 -49.24
CA GLY A 248 9.49 35.29 -48.64
C GLY A 248 9.87 34.81 -47.24
N ALA A 249 11.04 34.22 -47.13
CA ALA A 249 11.53 33.73 -45.84
C ALA A 249 13.06 33.67 -45.81
N LEU A 250 13.59 32.73 -45.04
CA LEU A 250 15.02 32.47 -45.04
C LEU A 250 15.32 30.98 -45.18
N VAL A 251 16.00 30.63 -46.26
CA VAL A 251 16.41 29.24 -46.49
C VAL A 251 17.93 29.13 -46.53
N GLU A 252 18.43 27.89 -46.44
CA GLU A 252 19.86 27.65 -46.32
C GLU A 252 20.32 26.56 -47.27
N ALA A 253 19.41 26.10 -48.11
CA ALA A 253 19.72 25.07 -49.10
C ALA A 253 20.48 25.66 -50.28
N ASP A 254 21.80 25.47 -50.27
CA ASP A 254 22.65 25.99 -51.34
C ASP A 254 22.34 25.32 -52.67
N ARG A 255 22.71 25.97 -53.76
CA ARG A 255 22.45 25.44 -55.10
C ARG A 255 21.38 26.26 -55.81
N VAL A 256 20.36 26.67 -55.07
CA VAL A 256 19.30 27.50 -55.62
C VAL A 256 18.23 26.66 -56.30
N ILE A 257 18.66 25.82 -57.24
CA ILE A 257 17.74 24.96 -57.98
C ILE A 257 18.08 23.49 -57.77
N GLN A 258 17.08 22.72 -57.33
CA GLN A 258 17.29 21.31 -57.02
C GLN A 258 16.98 20.44 -58.24
N ARG A 259 16.07 20.91 -59.08
CA ARG A 259 15.71 20.19 -60.30
C ARG A 259 16.96 19.67 -61.01
N LEU A 260 16.88 18.45 -61.51
CA LEU A 260 17.97 17.85 -62.26
C LEU A 260 17.92 18.26 -63.72
N ILE A 261 19.08 18.30 -64.37
CA ILE A 261 19.17 18.60 -65.79
C ILE A 261 19.62 17.38 -66.59
N PRO A 262 18.71 16.83 -67.39
CA PRO A 262 19.02 15.65 -68.19
C PRO A 262 19.90 16.02 -69.38
N LEU A 263 21.12 15.49 -69.38
CA LEU A 263 21.97 15.55 -70.56
C LEU A 263 21.60 14.47 -71.57
N SER A 264 22.50 13.53 -71.78
CA SER A 264 22.18 12.32 -72.53
C SER A 264 21.24 11.41 -71.73
N SER A 265 20.04 11.19 -72.28
CA SER A 265 18.99 10.50 -71.55
C SER A 265 18.00 9.84 -72.50
N SER A 266 16.94 9.27 -71.93
CA SER A 266 15.94 8.58 -72.73
C SER A 266 14.85 9.54 -73.22
N THR A 267 13.60 9.13 -73.10
CA THR A 267 12.48 9.92 -73.60
C THR A 267 11.38 10.04 -72.55
N TYR A 268 11.55 9.34 -71.44
CA TYR A 268 10.59 9.37 -70.35
C TYR A 268 10.91 10.49 -69.36
N VAL A 269 12.18 10.88 -69.30
CA VAL A 269 12.62 11.93 -68.39
C VAL A 269 12.68 13.28 -69.10
N GLN A 270 12.52 13.26 -70.41
CA GLN A 270 12.34 14.49 -71.18
C GLN A 270 10.92 15.02 -71.03
N ARG A 271 9.96 14.11 -70.98
CA ARG A 271 8.57 14.48 -70.67
C ARG A 271 8.43 14.89 -69.21
N LEU A 272 9.17 14.20 -68.33
CA LEU A 272 9.10 14.48 -66.91
C LEU A 272 9.79 15.80 -66.57
N ALA A 273 10.89 16.08 -67.25
CA ALA A 273 11.65 17.30 -67.02
C ALA A 273 10.84 18.53 -67.39
N ALA A 274 10.05 18.42 -68.45
CA ALA A 274 9.28 19.55 -68.95
C ALA A 274 8.23 20.00 -67.95
N ILE A 275 7.47 19.04 -67.43
CA ILE A 275 6.35 19.34 -66.54
C ILE A 275 6.85 19.88 -65.20
N GLY A 276 8.10 19.57 -64.87
CA GLY A 276 8.66 19.96 -63.58
C GLY A 276 9.30 21.34 -63.64
N ALA A 277 9.59 21.79 -64.86
CA ALA A 277 10.38 23.00 -65.06
C ALA A 277 9.48 24.19 -65.32
N LEU A 278 8.23 24.09 -64.91
CA LEU A 278 7.27 25.18 -65.09
C LEU A 278 6.44 25.40 -63.84
N TYR A 279 6.79 24.68 -62.78
CA TYR A 279 6.18 24.90 -61.47
C TYR A 279 4.66 24.95 -61.57
N PRO A 280 4.03 23.78 -61.72
CA PRO A 280 2.60 23.70 -61.92
C PRO A 280 1.84 24.30 -60.74
N ASN A 281 0.54 24.49 -60.91
CA ASN A 281 -0.26 25.23 -59.94
C ASN A 281 -0.94 24.29 -58.95
N GLU A 282 -0.28 23.17 -58.68
CA GLU A 282 -0.75 22.25 -57.63
C GLU A 282 -0.96 22.98 -56.31
N PHE A 283 -2.03 23.77 -56.25
CA PHE A 283 -2.40 24.45 -55.02
C PHE A 283 -3.92 24.56 -54.88
N THR A 284 -4.48 23.81 -53.94
CA THR A 284 -3.70 22.89 -53.13
C THR A 284 -3.16 21.73 -53.96
N GLU A 285 -2.38 20.87 -53.31
CA GLU A 285 -1.52 19.93 -54.03
C GLU A 285 -2.30 19.19 -55.11
N ASN A 286 -3.29 18.41 -54.69
CA ASN A 286 -3.87 17.39 -55.56
C ASN A 286 -2.80 16.48 -56.15
N VAL A 287 -2.85 16.30 -57.46
CA VAL A 287 -1.78 15.60 -58.18
C VAL A 287 -1.80 14.11 -57.89
N LEU A 288 -2.35 13.74 -56.75
CA LEU A 288 -2.12 12.42 -56.18
C LEU A 288 -0.65 12.21 -55.85
N ASP A 289 -0.19 12.84 -54.79
CA ASP A 289 1.25 13.04 -54.56
C ASP A 289 1.84 11.88 -53.76
N LEU A 290 1.16 11.51 -52.68
CA LEU A 290 1.68 10.51 -51.75
C LEU A 290 2.21 9.30 -52.50
N SER A 291 1.35 8.68 -53.30
CA SER A 291 1.76 7.58 -54.16
C SER A 291 0.89 7.50 -55.41
N ARG A 292 1.49 7.07 -56.51
CA ARG A 292 2.86 6.58 -56.50
C ARG A 292 3.86 7.69 -56.82
N LEU A 293 3.34 8.82 -57.27
CA LEU A 293 4.17 9.98 -57.59
C LEU A 293 4.92 9.76 -58.91
N SER A 294 5.66 8.66 -59.00
CA SER A 294 6.48 8.39 -60.17
C SER A 294 5.62 8.12 -61.40
N THR A 295 4.34 7.83 -61.17
CA THR A 295 3.40 7.60 -62.25
C THR A 295 2.33 8.69 -62.30
N ALA A 296 2.12 9.34 -61.17
CA ALA A 296 1.15 10.44 -61.10
C ALA A 296 1.67 11.66 -61.84
N LEU A 297 2.98 11.87 -61.79
CA LEU A 297 3.60 13.02 -62.46
C LEU A 297 3.69 12.79 -63.96
N LEU A 298 3.70 11.52 -64.37
CA LEU A 298 3.66 11.17 -65.78
C LEU A 298 2.30 11.43 -66.39
N GLN A 299 1.25 11.23 -65.59
CA GLN A 299 -0.10 11.60 -65.99
C GLN A 299 -0.29 13.11 -65.98
N LEU A 300 0.38 13.79 -65.05
CA LEU A 300 0.34 15.23 -64.97
C LEU A 300 0.96 15.87 -66.21
N SER A 301 2.08 15.30 -66.65
CA SER A 301 2.80 15.82 -67.81
C SER A 301 1.95 15.72 -69.07
N ASP A 302 1.02 14.77 -69.07
CA ASP A 302 0.11 14.59 -70.21
C ASP A 302 -0.95 15.68 -70.23
N THR A 303 -1.19 16.30 -69.08
CA THR A 303 -2.19 17.34 -68.95
C THR A 303 -1.85 18.55 -69.81
N TYR A 304 -0.68 19.13 -69.58
CA TYR A 304 -0.32 20.42 -70.16
C TYR A 304 -0.11 20.28 -71.67
N TYR A 305 -0.02 19.05 -72.15
CA TYR A 305 0.20 18.79 -73.56
C TYR A 305 -0.98 19.26 -74.40
N GLN A 306 -2.19 19.06 -73.88
CA GLN A 306 -3.39 19.51 -74.57
C GLN A 306 -4.07 20.65 -73.83
N HIS A 307 -3.76 20.78 -72.54
CA HIS A 307 -4.46 21.73 -71.68
C HIS A 307 -3.78 23.08 -71.68
N ALA A 308 -4.52 24.11 -71.28
CA ALA A 308 -5.80 23.92 -70.61
C ALA A 308 -6.88 24.81 -71.21
N ASN A 309 -6.53 25.50 -72.29
CA ASN A 309 -5.73 26.71 -72.20
C ASN A 309 -4.53 26.65 -73.15
N ASP A 310 -3.72 27.70 -73.14
CA ASP A 310 -2.99 28.11 -74.33
C ASP A 310 -1.48 28.12 -74.07
N GLN A 311 -0.92 29.31 -73.95
CA GLN A 311 0.53 29.48 -73.96
C GLN A 311 1.19 28.65 -72.86
N LEU A 312 0.36 28.11 -71.96
CA LEU A 312 0.83 27.10 -71.01
C LEU A 312 1.23 25.83 -71.72
N ARG A 313 0.41 25.39 -72.67
CA ARG A 313 0.77 24.31 -73.57
C ARG A 313 2.05 24.64 -74.35
N ARG A 314 2.11 25.87 -74.87
CA ARG A 314 3.24 26.29 -75.68
C ARG A 314 4.55 26.23 -74.89
N LEU A 315 4.50 26.72 -73.65
CA LEU A 315 5.66 26.66 -72.76
C LEU A 315 6.09 25.22 -72.53
N TYR A 316 5.11 24.35 -72.30
CA TYR A 316 5.39 22.93 -72.12
C TYR A 316 6.10 22.34 -73.33
N ARG A 317 5.63 22.70 -74.53
CA ARG A 317 6.16 22.13 -75.76
C ARG A 317 7.48 22.77 -76.15
N ARG A 318 7.74 23.97 -75.60
CA ARG A 318 9.01 24.64 -75.79
C ARG A 318 10.08 24.07 -74.87
N MET A 319 9.66 23.23 -73.93
CA MET A 319 10.58 22.60 -73.00
C MET A 319 10.75 21.12 -73.30
N TYR A 320 9.70 20.51 -73.86
CA TYR A 320 9.74 19.11 -74.23
C TYR A 320 10.76 18.85 -75.34
N ASN A 321 10.71 19.66 -76.38
CA ASN A 321 11.60 19.50 -77.53
C ASN A 321 13.04 19.86 -77.15
N ASP A 322 13.19 20.82 -76.24
CA ASP A 322 14.51 21.29 -75.84
C ASP A 322 15.10 20.41 -74.74
N SER A 323 14.62 20.61 -73.52
CA SER A 323 15.19 19.93 -72.35
C SER A 323 16.71 19.81 -72.48
N ARG A 324 17.38 20.94 -72.67
CA ARG A 324 18.83 20.98 -72.68
C ARG A 324 19.36 22.18 -71.90
N THR A 325 18.44 23.06 -71.50
CA THR A 325 18.82 24.30 -70.81
C THR A 325 18.13 24.40 -69.46
N LEU A 326 18.67 25.24 -68.59
CA LEU A 326 18.11 25.43 -67.25
C LEU A 326 17.12 26.60 -67.24
N TYR A 327 15.86 26.28 -66.98
CA TYR A 327 14.79 27.27 -67.06
C TYR A 327 14.53 27.91 -65.70
N MET A 328 14.56 29.24 -65.65
CA MET A 328 14.38 29.97 -64.40
C MET A 328 13.36 31.09 -64.56
N THR A 329 12.94 31.66 -63.44
CA THR A 329 11.86 32.64 -63.44
C THR A 329 12.30 33.95 -62.78
N GLN A 330 13.02 34.77 -63.54
CA GLN A 330 13.40 36.09 -63.07
C GLN A 330 13.84 36.06 -61.62
N ARG A 331 12.88 36.12 -60.71
CA ARG A 331 13.17 36.26 -59.29
C ARG A 331 14.16 35.20 -58.81
N HIS A 332 13.92 33.96 -59.22
CA HIS A 332 14.73 32.84 -58.78
C HIS A 332 16.12 32.87 -59.39
N GLN A 333 16.23 33.50 -60.55
CA GLN A 333 17.52 33.65 -61.23
C GLN A 333 18.40 34.66 -60.52
N GLU A 334 17.76 35.63 -59.87
CA GLU A 334 18.50 36.73 -59.24
C GLU A 334 19.39 36.22 -58.12
N LEU A 335 19.05 35.05 -57.58
CA LEU A 335 19.80 34.47 -56.47
C LEU A 335 21.22 34.12 -56.90
N LEU A 336 21.38 33.74 -58.17
CA LEU A 336 22.70 33.42 -58.71
C LEU A 336 23.48 34.68 -59.02
N LEU A 337 22.78 35.71 -59.51
CA LEU A 337 23.41 37.00 -59.79
C LEU A 337 23.90 37.66 -58.52
N ALA A 338 23.23 37.39 -57.40
CA ALA A 338 23.56 38.01 -56.13
C ALA A 338 24.79 37.39 -55.52
N GLN A 339 25.06 36.13 -55.87
CA GLN A 339 26.11 35.35 -55.21
C GLN A 339 27.29 35.12 -56.14
N ILE A 340 27.11 35.45 -57.41
CA ILE A 340 28.18 35.36 -58.38
C ILE A 340 29.12 36.57 -58.28
N THR A 341 28.62 37.65 -57.71
CA THR A 341 29.42 38.85 -57.50
C THR A 341 29.95 38.93 -56.08
N ALA A 342 29.37 38.13 -55.19
CA ALA A 342 29.84 38.05 -53.81
C ALA A 342 31.14 37.26 -53.71
N ASP A 343 31.34 36.35 -54.66
CA ASP A 343 32.56 35.55 -54.69
C ASP A 343 32.86 35.05 -56.10
N PRO A 344 33.84 35.67 -56.75
CA PRO A 344 34.22 35.29 -58.11
C PRO A 344 34.91 33.93 -58.11
N ASN A 345 35.08 33.37 -59.30
CA ASN A 345 35.70 32.06 -59.46
C ASN A 345 34.85 30.96 -58.84
N ILE A 346 33.65 30.77 -59.39
CA ILE A 346 32.79 29.67 -58.99
C ILE A 346 31.96 29.17 -60.16
N LEU A 347 31.89 27.85 -60.31
CA LEU A 347 31.32 27.25 -61.52
C LEU A 347 29.79 27.20 -61.43
N LEU A 348 29.13 27.60 -62.51
CA LEU A 348 27.70 27.39 -62.66
C LEU A 348 27.38 26.75 -64.00
N TYR A 349 26.15 26.26 -64.13
CA TYR A 349 25.70 25.68 -65.40
C TYR A 349 25.61 26.74 -66.49
N PRO A 350 26.34 26.51 -67.58
CA PRO A 350 26.55 27.54 -68.59
C PRO A 350 25.22 27.98 -69.21
N TYR A 351 24.33 27.04 -69.42
CA TYR A 351 23.18 27.24 -70.31
C TYR A 351 21.92 27.54 -69.51
N THR A 352 21.52 28.82 -69.52
CA THR A 352 20.36 29.25 -68.75
C THR A 352 19.34 29.95 -69.66
N TYR A 353 18.08 29.93 -69.23
CA TYR A 353 17.02 30.66 -69.95
C TYR A 353 16.02 31.25 -68.98
N ILE A 354 15.60 32.49 -69.25
CA ILE A 354 14.75 33.22 -68.32
C ILE A 354 13.40 33.56 -68.95
N PHE A 355 12.33 33.26 -68.22
CA PHE A 355 10.99 33.65 -68.64
C PHE A 355 10.17 34.19 -67.46
N THR A 356 9.15 34.96 -67.77
CA THR A 356 8.42 35.73 -66.75
C THR A 356 6.94 35.42 -66.80
N THR A 357 6.55 34.43 -67.60
CA THR A 357 5.15 34.06 -67.75
C THR A 357 4.82 32.81 -66.96
N ILE A 358 3.97 32.97 -65.95
CA ILE A 358 3.55 31.84 -65.12
C ILE A 358 2.34 31.14 -65.71
N PRO A 359 1.34 31.93 -66.13
CA PRO A 359 1.16 33.27 -65.59
C PRO A 359 0.35 33.23 -64.29
N THR A 360 -0.68 32.39 -64.26
CA THR A 360 -1.69 32.47 -63.23
C THR A 360 -2.12 31.07 -62.78
N SER A 361 -3.07 31.03 -61.84
CA SER A 361 -3.59 29.76 -61.35
C SER A 361 -5.10 29.72 -61.42
N MET A 362 -5.69 28.60 -60.98
CA MET A 362 -7.12 28.36 -61.16
C MET A 362 -7.93 29.11 -60.12
N ASN A 363 -7.46 29.11 -58.88
CA ASN A 363 -6.70 27.98 -58.36
C ASN A 363 -7.61 26.91 -57.79
N TYR A 364 -7.02 25.95 -57.09
CA TYR A 364 -7.79 24.84 -56.52
C TYR A 364 -7.76 24.88 -55.00
N ILE A 365 -8.59 24.04 -54.37
CA ILE A 365 -8.48 23.79 -52.94
C ILE A 365 -8.98 22.39 -52.60
N SER A 366 -8.26 21.72 -51.70
CA SER A 366 -8.58 20.34 -51.34
C SER A 366 -7.76 19.88 -50.13
N ASN A 367 -8.07 18.69 -49.64
CA ASN A 367 -7.25 18.06 -48.61
C ASN A 367 -7.18 16.55 -48.80
N THR A 368 -6.14 15.93 -48.26
CA THR A 368 -5.89 14.52 -48.50
C THR A 368 -5.74 13.75 -47.20
N GLY A 369 -6.17 14.36 -46.11
CA GLY A 369 -6.13 13.72 -44.79
C GLY A 369 -7.43 12.99 -44.50
N GLN A 370 -7.33 11.91 -43.72
CA GLN A 370 -8.51 11.18 -43.27
C GLN A 370 -9.63 12.14 -42.90
N GLY A 371 -10.84 11.83 -43.35
CA GLY A 371 -12.02 12.57 -42.96
C GLY A 371 -13.23 12.20 -43.81
N ARG A 372 -14.42 12.53 -43.33
CA ARG A 372 -15.65 12.27 -44.07
C ARG A 372 -16.54 13.51 -44.11
N ILE A 373 -16.52 14.20 -45.24
CA ILE A 373 -17.08 15.55 -45.31
C ILE A 373 -18.59 15.51 -45.47
N LYS A 374 -19.28 16.29 -44.65
CA LYS A 374 -20.72 16.53 -44.85
C LYS A 374 -20.94 17.74 -45.74
N HIS A 375 -22.02 17.71 -46.50
CA HIS A 375 -22.37 18.83 -47.39
C HIS A 375 -23.69 19.45 -46.99
N SER A 376 -23.87 20.72 -47.37
CA SER A 376 -25.16 21.38 -47.19
C SER A 376 -25.54 22.18 -48.43
N LEU A 377 -26.55 21.70 -49.15
CA LEU A 377 -26.84 22.18 -50.50
C LEU A 377 -27.92 23.26 -50.46
N THR A 378 -27.85 24.17 -51.44
CA THR A 378 -28.82 25.27 -51.52
C THR A 378 -29.58 25.24 -52.84
N VAL A 379 -30.49 26.18 -53.00
CA VAL A 379 -31.42 26.16 -54.13
C VAL A 379 -31.13 27.31 -55.09
N THR A 380 -30.04 28.02 -54.85
CA THR A 380 -29.63 29.11 -55.72
C THR A 380 -28.14 29.02 -56.06
N GLY A 381 -27.72 29.74 -57.09
CA GLY A 381 -26.35 29.69 -57.56
C GLY A 381 -26.11 30.67 -58.69
N ALA A 382 -25.02 30.47 -59.43
CA ALA A 382 -24.60 31.42 -60.46
C ALA A 382 -24.57 30.77 -61.83
N THR A 383 -25.09 29.56 -61.92
CA THR A 383 -25.10 28.82 -63.18
C THR A 383 -26.53 28.53 -63.64
N GLU A 384 -26.66 28.09 -64.88
CA GLU A 384 -27.97 27.80 -65.46
C GLU A 384 -28.01 26.43 -66.10
N HIS A 385 -28.88 25.57 -65.57
CA HIS A 385 -29.03 24.22 -66.09
C HIS A 385 -30.29 24.10 -66.95
N ASP A 386 -30.18 23.33 -68.02
CA ASP A 386 -31.36 23.00 -68.84
C ASP A 386 -31.22 21.61 -69.46
N THR A 387 -32.25 20.79 -69.30
CA THR A 387 -32.27 19.46 -69.90
C THR A 387 -30.92 18.77 -69.75
N VAL A 388 -30.72 18.13 -68.60
CA VAL A 388 -29.45 17.47 -68.31
C VAL A 388 -29.63 15.95 -68.24
N ALA A 389 -28.53 15.24 -68.02
CA ALA A 389 -28.56 13.79 -67.94
C ALA A 389 -29.18 13.31 -66.64
N ASP A 390 -29.23 12.00 -66.46
CA ASP A 390 -29.89 11.42 -65.29
C ASP A 390 -28.90 10.63 -64.44
N ILE A 391 -27.63 11.05 -64.47
CA ILE A 391 -26.64 10.53 -63.55
C ILE A 391 -27.17 9.33 -62.76
N VAL A 392 -26.87 8.14 -63.25
CA VAL A 392 -27.37 6.91 -62.64
C VAL A 392 -26.30 6.23 -61.80
N LEU A 393 -26.69 5.75 -60.62
CA LEU A 393 -25.78 5.00 -59.77
C LEU A 393 -26.46 3.76 -59.19
N GLY A 394 -25.67 2.75 -58.86
CA GLY A 394 -26.19 1.50 -58.32
C GLY A 394 -25.10 0.70 -57.62
N GLN A 395 -25.49 -0.40 -56.99
CA GLN A 395 -24.56 -1.26 -56.28
C GLN A 395 -23.86 -0.50 -55.15
N THR A 396 -24.27 -0.78 -53.92
CA THR A 396 -23.63 -0.19 -52.76
C THR A 396 -22.54 -1.11 -52.20
N GLY A 397 -22.80 -2.41 -52.24
CA GLY A 397 -21.99 -3.37 -51.50
C GLY A 397 -22.46 -3.53 -50.07
N GLU A 398 -21.87 -4.48 -49.36
CA GLU A 398 -22.18 -4.67 -47.94
C GLU A 398 -20.94 -4.49 -47.07
N ASP A 399 -19.80 -4.28 -47.72
CA ASP A 399 -18.55 -4.10 -47.00
C ASP A 399 -18.31 -2.63 -46.67
N VAL A 400 -18.45 -1.77 -47.68
CA VAL A 400 -18.24 -0.34 -47.50
C VAL A 400 -19.43 0.30 -46.81
N ILE A 401 -20.61 0.15 -47.41
CA ILE A 401 -21.83 0.75 -46.88
C ILE A 401 -22.76 -0.31 -46.31
N THR A 402 -22.91 -0.33 -44.99
CA THR A 402 -23.88 -1.19 -44.34
C THR A 402 -25.15 -0.42 -43.97
N ILE A 403 -26.29 -0.98 -44.33
CA ILE A 403 -27.57 -0.33 -44.10
C ILE A 403 -28.39 -1.07 -43.05
N SER A 404 -28.66 -0.40 -41.93
CA SER A 404 -29.45 -0.97 -40.86
C SER A 404 -30.49 0.01 -40.34
N MET A 405 -31.11 -0.33 -39.22
CA MET A 405 -32.18 0.49 -38.65
C MET A 405 -32.66 -0.07 -37.32
N VAL A 406 -32.85 0.80 -36.34
CA VAL A 406 -33.83 0.57 -35.28
C VAL A 406 -34.57 1.85 -34.93
N GLU A 407 -33.89 2.75 -34.23
CA GLU A 407 -32.43 2.79 -34.24
C GLU A 407 -31.87 2.70 -32.83
N PRO A 408 -30.63 2.24 -32.71
CA PRO A 408 -29.89 2.33 -31.46
C PRO A 408 -29.62 3.78 -31.07
N MET A 409 -29.64 4.06 -29.78
CA MET A 409 -29.42 5.41 -29.28
C MET A 409 -28.40 5.42 -28.14
N SER A 410 -28.03 6.60 -27.68
CA SER A 410 -27.11 6.75 -26.57
C SER A 410 -27.56 7.84 -25.61
N ILE A 411 -27.87 7.47 -24.38
CA ILE A 411 -28.29 8.42 -23.36
C ILE A 411 -27.35 8.40 -22.17
N ALA A 412 -27.92 8.50 -20.98
CA ALA A 412 -27.12 8.56 -19.75
C ALA A 412 -27.37 7.33 -18.88
N VAL A 413 -27.64 7.56 -17.60
CA VAL A 413 -27.81 6.48 -16.65
C VAL A 413 -29.11 6.63 -15.87
N GLU A 414 -29.27 7.77 -15.20
CA GLU A 414 -30.45 8.04 -14.40
C GLU A 414 -31.66 8.33 -15.29
N ASP A 415 -31.39 8.70 -16.54
CA ASP A 415 -32.44 9.07 -17.47
C ASP A 415 -33.25 7.86 -17.92
N MET A 416 -32.71 6.67 -17.67
CA MET A 416 -33.40 5.43 -17.96
C MET A 416 -34.66 5.28 -17.11
N TYR A 417 -34.67 5.96 -15.97
CA TYR A 417 -35.74 5.81 -14.99
C TYR A 417 -36.41 7.15 -14.69
N GLY A 418 -37.55 7.40 -15.34
CA GLY A 418 -38.34 8.59 -15.06
C GLY A 418 -39.78 8.41 -15.51
N TYR A 419 -40.68 9.22 -14.97
CA TYR A 419 -42.10 9.09 -15.23
C TYR A 419 -42.81 10.43 -15.16
N VAL A 420 -44.04 10.47 -15.68
CA VAL A 420 -44.85 11.68 -15.59
C VAL A 420 -46.24 11.36 -15.03
N LEU A 421 -46.60 12.01 -13.93
CA LEU A 421 -47.86 11.75 -13.24
C LEU A 421 -48.95 12.67 -13.75
N ASP A 422 -50.13 12.10 -14.02
CA ASP A 422 -51.30 12.88 -14.40
C ASP A 422 -52.24 13.06 -13.22
N THR A 423 -53.23 13.94 -13.38
CA THR A 423 -54.20 14.21 -12.33
C THR A 423 -55.60 14.40 -12.91
N PRO A 424 -56.57 13.73 -12.30
CA PRO A 424 -57.97 13.91 -12.68
C PRO A 424 -58.39 15.37 -12.54
N THR A 425 -59.58 15.68 -13.03
CA THR A 425 -60.00 17.07 -13.17
C THR A 425 -61.52 17.20 -13.00
N ARG A 426 -62.23 16.09 -13.13
CA ARG A 426 -63.68 16.08 -13.08
C ARG A 426 -64.19 15.66 -11.71
N ASP A 427 -65.39 16.10 -11.37
CA ASP A 427 -65.97 15.84 -10.06
C ASP A 427 -67.32 15.16 -10.18
N ILE A 428 -67.88 15.17 -11.38
CA ILE A 428 -69.17 14.54 -11.64
C ILE A 428 -69.12 13.67 -12.90
N TRP A 429 -69.76 12.51 -12.84
CA TRP A 429 -69.93 11.68 -14.02
C TRP A 429 -71.39 11.59 -14.43
N PRO A 430 -71.75 12.37 -15.45
CA PRO A 430 -73.15 12.49 -15.86
C PRO A 430 -73.73 11.13 -16.23
N ALA A 431 -75.03 10.97 -15.97
CA ALA A 431 -75.72 9.73 -16.30
C ALA A 431 -76.20 9.72 -17.74
N ASP A 432 -76.07 10.86 -18.41
CA ASP A 432 -76.40 10.97 -19.83
C ASP A 432 -75.17 10.77 -20.70
N GLU A 433 -74.00 10.90 -20.10
CA GLU A 433 -72.75 10.75 -20.83
C GLU A 433 -72.06 9.43 -20.47
N GLN A 434 -72.65 8.70 -19.53
CA GLN A 434 -72.10 7.42 -19.09
C GLN A 434 -72.36 6.33 -20.12
N ILE A 435 -73.33 6.56 -21.00
CA ILE A 435 -73.64 5.62 -22.08
C ILE A 435 -73.15 6.15 -23.42
N GLU A 436 -72.84 7.45 -23.46
CA GLU A 436 -72.19 8.04 -24.63
C GLU A 436 -70.72 7.63 -24.71
N GLN A 437 -70.05 7.64 -23.56
CA GLN A 437 -68.67 7.17 -23.49
C GLN A 437 -68.57 5.67 -23.70
N LYS A 438 -69.60 4.95 -23.25
CA LYS A 438 -69.66 3.50 -23.43
C LYS A 438 -69.70 3.14 -24.91
N GLY A 439 -70.57 3.82 -25.67
CA GLY A 439 -70.73 3.55 -27.09
C GLY A 439 -69.42 3.73 -27.84
N ASP A 440 -68.62 4.69 -27.38
CA ASP A 440 -67.32 4.96 -28.00
C ASP A 440 -66.35 3.82 -27.75
N ALA A 441 -66.37 3.29 -26.54
CA ALA A 441 -65.48 2.18 -26.16
C ALA A 441 -65.88 0.89 -26.86
N VAL A 442 -67.18 0.66 -26.98
CA VAL A 442 -67.69 -0.56 -27.59
C VAL A 442 -67.44 -0.57 -29.09
N ALA A 443 -67.72 0.56 -29.74
CA ALA A 443 -67.59 0.66 -31.18
C ALA A 443 -66.12 0.65 -31.60
N LEU A 444 -65.26 1.19 -30.75
CA LEU A 444 -63.84 1.27 -31.04
C LEU A 444 -63.16 -0.08 -30.88
N TYR A 445 -63.53 -0.79 -29.82
CA TYR A 445 -62.87 -2.04 -29.48
C TYR A 445 -62.93 -3.04 -30.63
N ASP A 446 -64.09 -3.09 -31.29
CA ASP A 446 -64.34 -4.10 -32.32
C ASP A 446 -63.21 -4.14 -33.33
N THR A 447 -62.79 -2.97 -33.80
CA THR A 447 -61.69 -2.86 -34.74
C THR A 447 -60.41 -2.39 -34.05
N LYS A 448 -59.37 -3.22 -34.11
CA LYS A 448 -58.11 -2.90 -33.46
C LYS A 448 -57.51 -1.61 -34.00
N THR A 449 -56.58 -1.04 -33.24
CA THR A 449 -56.02 0.26 -33.56
C THR A 449 -55.41 0.27 -34.96
N SER A 450 -55.12 1.47 -35.47
CA SER A 450 -54.69 1.62 -36.86
C SER A 450 -53.57 0.65 -37.19
N ARG A 451 -53.61 0.11 -38.40
CA ARG A 451 -52.51 -0.72 -38.91
C ARG A 451 -51.24 0.08 -39.07
N ALA A 452 -51.39 1.37 -39.37
CA ALA A 452 -50.25 2.26 -39.55
C ALA A 452 -49.58 2.58 -38.22
N LEU A 453 -50.39 2.63 -37.16
CA LEU A 453 -49.87 2.81 -35.81
C LEU A 453 -49.02 1.63 -35.38
N GLY A 454 -49.38 0.44 -35.87
CA GLY A 454 -48.70 -0.79 -35.46
C GLY A 454 -47.47 -1.04 -36.32
N MET A 455 -47.17 -0.11 -37.21
CA MET A 455 -45.98 -0.20 -38.04
C MET A 455 -44.72 0.12 -37.24
N PHE A 456 -44.90 0.69 -36.06
CA PHE A 456 -43.78 1.08 -35.22
C PHE A 456 -43.89 0.45 -33.83
N ASN A 457 -45.07 -0.05 -33.51
CA ASN A 457 -45.34 -0.57 -32.17
C ASN A 457 -44.48 -1.78 -31.86
N ASN A 458 -44.70 -2.86 -32.59
CA ASN A 458 -44.01 -4.12 -32.35
C ASN A 458 -42.78 -4.25 -33.24
N THR A 459 -42.47 -3.19 -33.97
CA THR A 459 -41.29 -3.16 -34.83
C THR A 459 -40.04 -2.84 -34.02
N VAL A 460 -40.13 -1.80 -33.20
CA VAL A 460 -39.04 -1.44 -32.29
C VAL A 460 -39.50 -1.48 -30.85
N ARG A 461 -38.58 -1.86 -29.96
CA ARG A 461 -38.90 -1.98 -28.53
C ARG A 461 -37.79 -1.42 -27.67
N ILE A 462 -38.12 -1.13 -26.40
CA ILE A 462 -37.15 -0.56 -25.48
C ILE A 462 -35.91 -1.44 -25.35
N ASP A 463 -36.13 -2.76 -25.36
CA ASP A 463 -35.05 -3.72 -25.26
C ASP A 463 -33.97 -3.45 -26.30
N ASP A 464 -34.40 -3.12 -27.51
CA ASP A 464 -33.47 -2.92 -28.62
C ASP A 464 -32.80 -1.57 -28.55
N LEU A 465 -33.24 -0.74 -27.61
CA LEU A 465 -32.75 0.63 -27.50
C LEU A 465 -31.72 0.76 -26.38
N LEU A 466 -32.02 0.15 -25.24
CA LEU A 466 -31.24 0.38 -24.02
C LEU A 466 -30.24 -0.76 -23.79
N SER A 467 -30.59 -1.95 -24.26
CA SER A 467 -29.80 -3.14 -23.99
C SER A 467 -28.41 -3.03 -24.60
N PRO A 468 -28.35 -2.53 -25.84
CA PRO A 468 -27.08 -2.36 -26.53
C PRO A 468 -26.06 -1.64 -25.66
N LEU A 469 -26.50 -0.53 -25.04
CA LEU A 469 -25.63 0.23 -24.15
C LEU A 469 -25.52 -0.44 -22.79
N LEU A 470 -26.62 -1.04 -22.33
CA LEU A 470 -26.68 -1.59 -20.99
C LEU A 470 -25.69 -2.74 -20.82
N SER A 471 -25.34 -3.39 -21.92
CA SER A 471 -24.44 -4.53 -21.89
C SER A 471 -23.01 -4.12 -22.25
N LEU A 472 -22.79 -2.81 -22.34
CA LEU A 472 -21.45 -2.28 -22.54
C LEU A 472 -20.83 -1.81 -21.24
N VAL A 473 -21.68 -1.46 -20.28
CA VAL A 473 -21.24 -1.20 -18.92
C VAL A 473 -21.01 -2.49 -18.15
N TYR A 474 -21.45 -3.60 -18.74
CA TYR A 474 -21.04 -4.93 -18.28
C TYR A 474 -19.55 -5.15 -18.47
N ARG A 475 -19.05 -4.82 -19.66
CA ARG A 475 -17.62 -4.91 -19.95
C ARG A 475 -16.84 -3.94 -19.08
N THR A 476 -17.43 -2.80 -18.76
CA THR A 476 -16.84 -1.85 -17.84
C THR A 476 -16.72 -2.43 -16.43
N TYR A 477 -17.80 -3.06 -15.96
CA TYR A 477 -17.80 -3.70 -14.66
C TYR A 477 -16.60 -4.62 -14.50
N ILE A 478 -16.28 -5.37 -15.56
CA ILE A 478 -15.21 -6.35 -15.50
C ILE A 478 -13.85 -5.69 -15.34
N LYS A 479 -13.21 -5.94 -14.20
CA LYS A 479 -11.84 -5.50 -13.99
C LYS A 479 -11.79 -4.04 -13.57
N GLY A 480 -12.76 -3.27 -14.03
CA GLY A 480 -12.74 -1.81 -13.86
C GLY A 480 -13.93 -1.33 -13.05
N ASP A 481 -13.69 -0.34 -12.20
CA ASP A 481 -14.78 0.39 -11.55
C ASP A 481 -14.24 1.50 -10.66
N THR A 482 -15.14 2.36 -10.18
CA THR A 482 -14.77 3.42 -9.26
C THR A 482 -15.71 3.46 -8.06
N MET A 483 -15.65 4.56 -7.30
CA MET A 483 -16.62 4.80 -6.24
C MET A 483 -18.05 4.62 -6.74
N THR A 484 -18.75 3.66 -6.15
CA THR A 484 -20.09 3.31 -6.61
C THR A 484 -21.17 3.95 -5.75
N MET A 485 -21.07 3.74 -4.44
CA MET A 485 -22.03 4.31 -3.50
C MET A 485 -23.36 3.56 -3.53
N THR A 486 -23.70 2.92 -2.43
CA THR A 486 -24.97 2.21 -2.32
C THR A 486 -26.15 3.15 -2.55
N GLN A 487 -27.30 2.57 -2.88
CA GLN A 487 -28.55 3.33 -2.89
C GLN A 487 -28.70 4.12 -4.18
N GLY A 488 -27.57 4.57 -4.73
CA GLY A 488 -27.58 5.46 -5.87
C GLY A 488 -28.25 4.82 -7.08
N SER A 489 -28.47 5.61 -8.13
CA SER A 489 -29.09 5.11 -9.35
C SER A 489 -28.13 4.19 -10.10
N LEU A 490 -26.83 4.41 -9.90
CA LEU A 490 -25.82 3.54 -10.49
C LEU A 490 -25.75 2.21 -9.76
N ASP A 491 -26.19 2.20 -8.51
CA ASP A 491 -26.00 1.05 -7.63
C ASP A 491 -26.81 -0.15 -8.10
N HIS A 492 -28.13 0.00 -8.12
CA HIS A 492 -29.03 -1.09 -8.45
C HIS A 492 -28.93 -1.45 -9.94
N LEU A 493 -28.30 -0.57 -10.71
CA LEU A 493 -28.14 -0.80 -12.14
C LEU A 493 -27.07 -1.84 -12.41
N THR A 494 -25.91 -1.68 -11.78
CA THR A 494 -24.80 -2.60 -11.98
C THR A 494 -24.96 -3.86 -11.15
N LEU A 495 -25.79 -3.78 -10.12
CA LEU A 495 -26.21 -4.96 -9.37
C LEU A 495 -27.12 -5.84 -10.21
N CYS A 496 -28.01 -5.21 -10.97
CA CYS A 496 -28.96 -5.93 -11.81
C CYS A 496 -28.29 -6.47 -13.07
N ALA A 497 -28.32 -5.67 -14.13
CA ALA A 497 -28.16 -6.19 -15.48
C ALA A 497 -26.74 -6.70 -15.72
N ALA A 498 -25.80 -6.16 -14.94
CA ALA A 498 -24.38 -6.41 -15.19
C ALA A 498 -23.96 -7.76 -14.61
N VAL A 499 -24.54 -8.12 -13.47
CA VAL A 499 -24.06 -9.26 -12.69
C VAL A 499 -25.21 -10.18 -12.31
N ASP A 500 -25.12 -11.43 -12.74
CA ASP A 500 -26.09 -12.45 -12.37
C ASP A 500 -25.98 -12.80 -10.89
N SER A 501 -24.75 -12.90 -10.40
CA SER A 501 -24.50 -13.22 -9.00
C SER A 501 -24.78 -12.01 -8.11
N ASP A 502 -24.59 -12.19 -6.80
CA ASP A 502 -24.84 -11.13 -5.84
C ASP A 502 -23.68 -10.14 -5.80
N ILE A 503 -23.87 -9.04 -5.09
CA ILE A 503 -22.82 -8.04 -4.94
C ILE A 503 -22.47 -7.83 -3.48
N THR A 504 -21.18 -7.95 -3.16
CA THR A 504 -20.68 -7.66 -1.82
C THR A 504 -20.18 -6.23 -1.72
N PHE A 505 -20.65 -5.51 -0.71
CA PHE A 505 -20.23 -4.14 -0.48
C PHE A 505 -19.31 -4.04 0.74
N VAL A 506 -18.19 -3.36 0.57
CA VAL A 506 -17.24 -3.16 1.66
C VAL A 506 -16.91 -1.68 1.83
N GLY A 507 -17.59 -1.01 2.75
CA GLY A 507 -17.41 0.41 2.96
C GLY A 507 -18.55 1.22 2.34
N ASN A 508 -19.46 0.52 1.68
CA ASN A 508 -20.65 1.16 1.11
C ASN A 508 -20.32 1.89 -0.18
N ARG A 509 -19.07 1.79 -0.61
CA ARG A 509 -18.58 2.59 -1.72
C ARG A 509 -17.76 1.75 -2.69
N MET A 510 -16.94 0.86 -2.14
CA MET A 510 -15.95 0.14 -2.94
C MET A 510 -16.58 -1.00 -3.72
N ILE A 511 -15.99 -1.33 -4.87
CA ILE A 511 -16.28 -2.58 -5.55
C ILE A 511 -15.08 -3.51 -5.53
N ALA A 512 -15.22 -4.65 -4.87
CA ALA A 512 -14.12 -5.59 -4.68
C ALA A 512 -14.62 -6.98 -4.32
N PRO A 513 -13.85 -7.99 -4.69
CA PRO A 513 -12.56 -7.77 -5.34
C PRO A 513 -12.68 -7.79 -6.85
N LEU A 514 -11.88 -8.63 -7.50
CA LEU A 514 -12.01 -8.84 -8.94
C LEU A 514 -12.28 -10.31 -9.24
N PRO A 515 -12.87 -10.56 -10.41
CA PRO A 515 -13.12 -11.92 -10.87
C PRO A 515 -11.82 -12.64 -11.21
N GLU A 516 -11.33 -13.44 -10.27
CA GLU A 516 -10.00 -14.03 -10.39
C GLU A 516 -9.85 -14.79 -11.70
N GLY A 517 -10.61 -15.87 -11.84
CA GLY A 517 -10.53 -16.72 -13.03
C GLY A 517 -11.91 -17.06 -13.55
N TYR A 518 -12.91 -17.03 -12.66
CA TYR A 518 -14.29 -17.24 -13.05
C TYR A 518 -14.94 -15.93 -13.50
N ILE A 519 -15.54 -15.96 -14.68
CA ILE A 519 -16.29 -14.81 -15.18
C ILE A 519 -17.77 -14.96 -14.87
N PRO A 520 -18.29 -14.06 -14.04
CA PRO A 520 -19.70 -14.09 -13.66
C PRO A 520 -20.59 -13.72 -14.83
N LYS A 521 -21.66 -14.49 -15.03
CA LYS A 521 -22.51 -14.33 -16.20
C LYS A 521 -23.27 -13.02 -16.16
N PRO A 522 -23.46 -12.41 -17.32
CA PRO A 522 -24.30 -11.22 -17.43
C PRO A 522 -25.75 -11.56 -17.18
N MET A 523 -26.35 -10.88 -16.20
CA MET A 523 -27.74 -11.12 -15.84
C MET A 523 -28.65 -11.07 -17.07
N HIS A 524 -29.34 -12.17 -17.34
CA HIS A 524 -30.23 -12.26 -18.49
C HIS A 524 -31.49 -11.45 -18.27
N ARG A 525 -31.53 -10.26 -18.85
CA ARG A 525 -32.69 -9.38 -18.75
C ARG A 525 -33.74 -9.73 -19.79
N ASN A 526 -34.99 -9.41 -19.50
CA ASN A 526 -36.10 -9.78 -20.36
C ASN A 526 -37.01 -8.59 -20.65
N ASN A 527 -37.93 -8.76 -21.58
CA ASN A 527 -38.84 -7.69 -21.97
C ASN A 527 -39.77 -7.33 -20.81
N SER A 528 -40.04 -8.29 -19.94
CA SER A 528 -40.99 -8.09 -18.85
C SER A 528 -40.27 -7.81 -17.54
N THR A 529 -39.01 -7.39 -17.64
CA THR A 529 -38.24 -6.98 -16.47
C THR A 529 -37.90 -5.49 -16.53
N MET A 530 -37.84 -4.96 -17.74
CA MET A 530 -37.47 -3.56 -17.95
C MET A 530 -38.60 -2.63 -17.53
N LYS A 531 -39.83 -3.10 -17.67
CA LYS A 531 -41.00 -2.33 -17.27
C LYS A 531 -41.15 -2.32 -15.75
N MET A 532 -40.64 -3.36 -15.10
CA MET A 532 -40.85 -3.55 -13.67
C MET A 532 -39.79 -2.80 -12.86
N LEU A 533 -38.59 -2.70 -13.41
CA LEU A 533 -37.48 -2.07 -12.72
C LEU A 533 -37.59 -0.55 -12.77
N SER A 534 -38.30 -0.05 -13.78
CA SER A 534 -38.53 1.39 -13.91
C SER A 534 -39.80 1.80 -13.16
N LEU A 535 -40.59 0.82 -12.76
CA LEU A 535 -41.82 1.07 -12.02
C LEU A 535 -41.59 0.92 -10.52
N TYR A 536 -40.71 0.01 -10.15
CA TYR A 536 -40.26 -0.10 -8.77
C TYR A 536 -39.71 1.23 -8.27
N VAL A 537 -38.97 1.93 -9.11
CA VAL A 537 -38.41 3.23 -8.77
C VAL A 537 -39.51 4.28 -8.63
N ALA A 538 -40.44 4.28 -9.59
CA ALA A 538 -41.56 5.20 -9.56
C ALA A 538 -42.40 5.01 -8.29
N LEU A 539 -42.51 3.76 -7.85
CA LEU A 539 -43.25 3.44 -6.64
C LEU A 539 -42.63 4.11 -5.42
N LYS A 540 -41.30 4.18 -5.41
CA LYS A 540 -40.58 4.76 -4.28
C LYS A 540 -40.54 6.28 -4.38
N LYS A 541 -40.71 6.80 -5.60
CA LYS A 541 -40.75 8.24 -5.82
C LYS A 541 -42.12 8.82 -5.47
N LEU A 542 -43.15 8.01 -5.64
CA LEU A 542 -44.51 8.42 -5.31
C LEU A 542 -44.73 8.48 -3.81
N GLU A 543 -43.95 7.70 -3.07
CA GLU A 543 -44.06 7.65 -1.62
C GLU A 543 -43.51 8.93 -0.98
N ASN A 544 -42.33 9.34 -1.42
CA ASN A 544 -41.69 10.54 -0.87
C ASN A 544 -40.71 11.13 -1.87
N PHE A 545 -40.75 12.45 -2.02
CA PHE A 545 -39.89 13.14 -2.98
C PHE A 545 -38.43 13.06 -2.56
N ALA A 546 -38.19 12.90 -1.27
CA ALA A 546 -36.83 12.74 -0.75
C ALA A 546 -36.06 11.71 -1.55
N THR A 547 -34.96 12.13 -2.17
CA THR A 547 -34.18 11.27 -3.04
C THR A 547 -33.18 10.44 -2.25
N ASN A 548 -32.50 9.54 -2.94
CA ASN A 548 -31.45 8.73 -2.33
C ASN A 548 -32.01 7.81 -1.25
N SER A 549 -32.96 6.97 -1.65
CA SER A 549 -33.43 5.90 -0.77
C SER A 549 -33.31 4.54 -1.47
N TYR A 550 -34.38 4.14 -2.17
CA TYR A 550 -34.33 2.95 -3.01
C TYR A 550 -34.35 1.67 -2.17
N LEU A 551 -33.70 1.73 -1.02
CA LEU A 551 -33.77 0.64 -0.06
C LEU A 551 -34.90 0.87 0.94
N MET A 552 -35.47 -0.22 1.44
CA MET A 552 -36.56 -0.14 2.41
C MET A 552 -36.08 -0.41 3.83
N ALA A 553 -36.86 0.03 4.81
CA ALA A 553 -36.67 -0.41 6.19
C ALA A 553 -36.92 -1.90 6.32
N PRO A 554 -36.20 -2.53 7.26
CA PRO A 554 -36.37 -3.95 7.50
C PRO A 554 -37.81 -4.32 7.75
N ASP A 555 -38.18 -5.54 7.39
CA ASP A 555 -39.53 -6.05 7.64
C ASP A 555 -40.55 -5.36 6.76
N THR A 556 -40.22 -5.20 5.48
CA THR A 556 -41.17 -4.69 4.50
C THR A 556 -41.42 -5.72 3.41
N SER A 557 -42.70 -5.86 3.01
CA SER A 557 -43.10 -6.90 2.09
C SER A 557 -43.66 -6.32 0.80
N ILE A 558 -43.05 -6.68 -0.32
CA ILE A 558 -43.57 -6.33 -1.63
C ILE A 558 -43.90 -7.57 -2.45
N ILE A 559 -45.04 -7.53 -3.13
CA ILE A 559 -45.47 -8.65 -3.96
C ILE A 559 -45.76 -8.20 -5.40
N LEU A 560 -45.28 -8.98 -6.36
CA LEU A 560 -45.56 -8.70 -7.76
C LEU A 560 -46.60 -9.66 -8.32
N LEU A 561 -47.51 -9.13 -9.13
CA LEU A 561 -48.50 -9.96 -9.82
C LEU A 561 -48.29 -9.92 -11.32
N GLY A 562 -47.50 -10.86 -11.83
CA GLY A 562 -47.04 -10.83 -13.22
C GLY A 562 -48.01 -11.56 -14.13
N ALA A 563 -47.68 -11.61 -15.43
CA ALA A 563 -46.28 -11.57 -15.85
C ALA A 563 -45.44 -12.57 -15.08
N GLU A 564 -45.86 -13.83 -15.07
CA GLU A 564 -44.98 -14.93 -14.69
C GLU A 564 -44.99 -16.02 -15.76
N ARG A 565 -44.02 -16.92 -15.68
CA ARG A 565 -42.80 -16.67 -14.92
C ARG A 565 -41.94 -15.62 -15.57
N GLU A 566 -41.67 -14.53 -14.84
CA GLU A 566 -40.63 -13.58 -15.23
C GLU A 566 -39.70 -13.29 -14.06
N PRO A 567 -38.48 -12.89 -14.38
CA PRO A 567 -37.50 -12.54 -13.36
C PRO A 567 -38.03 -11.44 -12.45
N ALA A 568 -37.29 -10.33 -12.37
CA ALA A 568 -37.74 -9.16 -11.65
C ALA A 568 -37.66 -9.38 -10.14
N VAL A 569 -38.22 -10.49 -9.67
CA VAL A 569 -38.17 -10.84 -8.26
C VAL A 569 -36.74 -11.09 -7.80
N ASN A 570 -35.98 -11.82 -8.61
CA ASN A 570 -34.58 -12.09 -8.32
C ASN A 570 -33.77 -10.80 -8.30
N ILE A 571 -34.12 -9.87 -9.18
CA ILE A 571 -33.40 -8.61 -9.29
C ILE A 571 -33.70 -7.68 -8.10
N LEU A 572 -34.97 -7.65 -7.71
CA LEU A 572 -35.40 -6.81 -6.59
C LEU A 572 -35.20 -7.52 -5.26
N ARG A 573 -34.61 -8.71 -5.31
CA ARG A 573 -34.27 -9.44 -4.10
C ARG A 573 -32.78 -9.37 -3.81
N ARG A 574 -31.96 -9.52 -4.85
CA ARG A 574 -30.52 -9.37 -4.72
C ARG A 574 -30.14 -7.95 -4.34
N PHE A 575 -30.91 -6.98 -4.84
CA PHE A 575 -30.70 -5.58 -4.50
C PHE A 575 -31.01 -5.32 -3.04
N ASN A 576 -32.04 -5.97 -2.52
CA ASN A 576 -32.42 -5.83 -1.13
C ASN A 576 -31.82 -6.94 -0.27
N ARG A 577 -30.76 -7.55 -0.77
CA ARG A 577 -30.11 -8.65 -0.06
C ARG A 577 -29.43 -8.16 1.21
N ASN A 578 -28.63 -7.11 1.08
CA ASN A 578 -27.78 -6.66 2.18
C ASN A 578 -28.61 -6.11 3.33
N VAL A 579 -29.77 -5.56 3.01
CA VAL A 579 -30.56 -4.82 3.98
C VAL A 579 -31.44 -5.75 4.81
N SER A 580 -30.85 -6.36 5.83
CA SER A 580 -31.61 -7.04 6.87
C SER A 580 -32.54 -8.08 6.27
N ASN A 581 -33.82 -7.98 6.58
CA ASN A 581 -34.80 -8.99 6.18
C ASN A 581 -35.90 -8.37 5.32
N VAL A 582 -35.86 -8.64 4.02
CA VAL A 582 -36.88 -8.16 3.10
C VAL A 582 -37.50 -9.29 2.32
N ARG A 583 -38.82 -9.22 2.12
CA ARG A 583 -39.55 -10.30 1.46
C ARG A 583 -40.10 -9.83 0.12
N ILE A 584 -39.61 -10.43 -0.97
CA ILE A 584 -40.10 -10.14 -2.30
C ILE A 584 -40.81 -11.34 -2.91
N ILE A 585 -42.12 -11.28 -2.97
CA ILE A 585 -42.93 -12.40 -3.45
C ILE A 585 -43.42 -12.17 -4.88
N GLY A 586 -43.53 -13.25 -5.64
CA GLY A 586 -44.06 -13.17 -6.99
C GLY A 586 -45.17 -14.19 -7.22
N MET A 587 -46.26 -13.76 -7.84
CA MET A 587 -47.36 -14.65 -8.18
C MET A 587 -47.89 -14.37 -9.57
N GLY A 588 -48.50 -15.38 -10.19
CA GLY A 588 -49.13 -15.22 -11.49
C GLY A 588 -49.75 -16.52 -11.96
N ASP A 589 -50.46 -16.45 -13.09
CA ASP A 589 -51.17 -17.61 -13.62
C ASP A 589 -50.32 -18.37 -14.63
N ARG A 590 -49.01 -18.30 -14.45
CA ARG A 590 -48.08 -19.07 -15.27
C ARG A 590 -46.69 -19.11 -14.65
N ALA A 591 -46.64 -19.35 -13.35
CA ALA A 591 -45.45 -19.02 -12.56
C ALA A 591 -44.59 -20.26 -12.31
N VAL A 592 -43.36 -20.04 -11.87
CA VAL A 592 -42.46 -21.13 -11.53
C VAL A 592 -41.60 -20.78 -10.33
N GLU A 593 -41.46 -21.73 -9.40
CA GLU A 593 -40.63 -21.53 -8.22
C GLU A 593 -39.38 -20.73 -8.56
N PRO A 594 -39.09 -19.73 -7.73
CA PRO A 594 -39.75 -19.59 -6.44
C PRO A 594 -41.06 -18.84 -6.58
N ASN A 595 -41.43 -18.51 -7.81
CA ASN A 595 -42.71 -17.88 -8.09
C ASN A 595 -43.85 -18.88 -7.97
N ILE A 596 -44.96 -18.44 -7.38
CA ILE A 596 -46.04 -19.33 -7.01
C ILE A 596 -47.19 -19.26 -8.01
N ARG A 597 -47.58 -20.40 -8.56
CA ARG A 597 -48.58 -20.45 -9.61
C ARG A 597 -49.99 -20.40 -9.02
N VAL A 598 -50.69 -19.29 -9.27
CA VAL A 598 -52.02 -19.08 -8.72
C VAL A 598 -52.93 -18.40 -9.72
N ARG A 599 -54.17 -18.17 -9.32
CA ARG A 599 -55.11 -17.38 -10.13
C ARG A 599 -55.38 -16.03 -9.49
N VAL A 600 -56.11 -15.19 -10.21
CA VAL A 600 -56.46 -13.86 -9.71
C VAL A 600 -57.97 -13.63 -9.80
N PRO A 601 -58.58 -13.28 -8.67
CA PRO A 601 -57.85 -13.06 -7.44
C PRO A 601 -57.48 -14.39 -6.78
N PHE A 602 -58.15 -15.46 -7.20
CA PHE A 602 -58.05 -16.74 -6.53
C PHE A 602 -59.17 -16.92 -5.51
N PRO A 603 -59.70 -18.14 -5.43
CA PRO A 603 -60.74 -18.47 -4.47
C PRO A 603 -60.34 -18.03 -3.06
N ILE A 604 -61.30 -18.07 -2.14
CA ILE A 604 -61.09 -17.58 -0.78
C ILE A 604 -59.99 -18.37 -0.09
N ASP A 605 -59.49 -17.82 1.02
CA ASP A 605 -58.44 -18.48 1.78
C ASP A 605 -57.07 -18.25 1.15
N LYS A 606 -56.02 -18.38 1.96
CA LYS A 606 -54.66 -18.15 1.49
C LYS A 606 -54.12 -16.81 1.98
N ASN A 607 -55.03 -15.87 2.27
CA ASN A 607 -54.69 -14.68 3.03
C ASN A 607 -53.50 -13.96 2.41
N ILE A 608 -53.68 -13.45 1.20
CA ILE A 608 -52.71 -12.55 0.58
C ILE A 608 -52.58 -11.26 1.37
N SER A 609 -51.35 -10.78 1.50
CA SER A 609 -51.08 -9.56 2.27
C SER A 609 -49.69 -9.02 1.97
N ALA A 610 -49.59 -7.70 1.83
CA ALA A 610 -48.32 -7.04 1.53
C ALA A 610 -48.40 -5.55 1.79
N ASP A 611 -47.26 -4.87 1.66
CA ASP A 611 -47.21 -3.42 1.81
C ASP A 611 -47.39 -2.72 0.47
N PHE A 612 -46.86 -3.32 -0.58
CA PHE A 612 -47.03 -2.79 -1.92
C PHE A 612 -47.39 -3.90 -2.91
N ILE A 613 -48.27 -3.58 -3.85
CA ILE A 613 -48.59 -4.49 -4.95
C ILE A 613 -48.37 -3.82 -6.30
N ILE A 614 -47.61 -4.49 -7.16
CA ILE A 614 -47.49 -4.06 -8.55
C ILE A 614 -48.12 -5.07 -9.49
N CYS A 615 -49.23 -4.68 -10.12
CA CYS A 615 -50.01 -5.59 -10.95
C CYS A 615 -49.67 -5.41 -12.43
N ASP A 616 -49.33 -6.51 -13.09
CA ASP A 616 -49.13 -6.50 -14.53
C ASP A 616 -49.93 -7.59 -15.22
N ILE A 617 -51.25 -7.56 -15.04
CA ILE A 617 -52.13 -8.62 -15.53
C ILE A 617 -52.79 -8.21 -16.83
N ASN A 618 -53.05 -9.18 -17.70
CA ASN A 618 -53.44 -8.91 -19.08
C ASN A 618 -53.05 -10.05 -19.99
N SER A 619 -53.89 -10.31 -21.00
CA SER A 619 -53.57 -11.28 -22.04
C SER A 619 -54.41 -12.54 -21.90
N TYR A 620 -54.40 -13.37 -22.94
CA TYR A 620 -53.58 -13.12 -24.11
C TYR A 620 -54.36 -13.39 -25.40
N GLU A 621 -55.33 -12.53 -25.68
CA GLU A 621 -56.03 -12.55 -26.97
C GLU A 621 -56.71 -13.91 -27.18
N ASP A 622 -58.04 -13.88 -27.23
CA ASP A 622 -58.80 -12.66 -26.97
C ASP A 622 -60.20 -12.97 -26.45
N GLN A 623 -61.04 -11.95 -26.39
CA GLN A 623 -62.43 -12.13 -26.00
C GLN A 623 -63.24 -10.86 -26.25
N SER A 624 -64.52 -11.02 -26.52
CA SER A 624 -65.39 -9.91 -26.83
C SER A 624 -65.45 -8.91 -25.68
N PHE A 625 -65.95 -7.71 -25.96
CA PHE A 625 -65.86 -6.61 -25.01
C PHE A 625 -66.59 -6.94 -23.71
N GLU A 626 -67.80 -7.47 -23.83
CA GLU A 626 -68.67 -7.67 -22.68
C GLU A 626 -68.07 -8.68 -21.71
N SER A 627 -67.15 -9.50 -22.21
CA SER A 627 -66.47 -10.49 -21.39
C SER A 627 -65.09 -9.99 -20.96
N MET A 628 -64.46 -9.22 -21.84
CA MET A 628 -63.17 -8.62 -21.53
C MET A 628 -63.28 -7.61 -20.40
N PHE A 629 -64.32 -6.77 -20.47
CA PHE A 629 -64.54 -5.75 -19.46
C PHE A 629 -64.60 -6.35 -18.07
N SER A 630 -65.31 -7.46 -17.93
CA SER A 630 -65.54 -8.08 -16.63
C SER A 630 -64.24 -8.67 -16.07
N GLU A 631 -63.26 -8.88 -16.95
CA GLU A 631 -61.96 -9.38 -16.53
C GLU A 631 -61.03 -8.25 -16.11
N THR A 632 -61.08 -7.15 -16.86
CA THR A 632 -60.23 -6.00 -16.57
C THR A 632 -60.66 -5.30 -15.29
N ILE A 633 -61.96 -5.20 -15.09
CA ILE A 633 -62.51 -4.48 -13.94
C ILE A 633 -62.35 -5.30 -12.65
N SER A 634 -62.20 -6.61 -12.80
CA SER A 634 -62.11 -7.50 -11.65
C SER A 634 -60.69 -7.54 -11.10
N VAL A 635 -59.73 -7.16 -11.93
CA VAL A 635 -58.34 -7.11 -11.50
C VAL A 635 -58.08 -5.94 -10.56
N VAL A 636 -58.68 -4.80 -10.88
CA VAL A 636 -58.43 -3.57 -10.13
C VAL A 636 -58.99 -3.68 -8.72
N THR A 637 -60.21 -4.20 -8.61
CA THR A 637 -60.94 -4.19 -7.33
C THR A 637 -60.40 -5.25 -6.39
N THR A 638 -59.51 -6.10 -6.90
CA THR A 638 -58.93 -7.18 -6.10
C THR A 638 -57.47 -6.93 -5.81
N CYS A 639 -57.01 -5.73 -6.14
CA CYS A 639 -55.70 -5.26 -5.68
C CYS A 639 -55.82 -4.00 -4.85
N ALA A 640 -56.94 -3.31 -4.99
CA ALA A 640 -57.20 -2.11 -4.20
C ALA A 640 -57.44 -2.45 -2.73
N SER A 641 -58.04 -3.61 -2.49
CA SER A 641 -58.32 -4.06 -1.13
C SER A 641 -57.26 -5.03 -0.64
N ALA A 642 -56.34 -5.41 -1.53
CA ALA A 642 -55.30 -6.37 -1.21
C ALA A 642 -54.13 -5.71 -0.48
N ALA A 643 -53.96 -4.42 -0.74
CA ALA A 643 -52.88 -3.65 -0.11
C ALA A 643 -53.32 -2.23 0.19
N THR A 644 -52.44 -1.46 0.81
CA THR A 644 -52.77 -0.11 1.27
C THR A 644 -52.36 0.93 0.23
N ARG A 645 -51.30 0.63 -0.51
CA ARG A 645 -50.82 1.53 -1.56
C ARG A 645 -50.42 0.75 -2.82
N ALA A 646 -51.41 0.34 -3.59
CA ALA A 646 -51.17 -0.55 -4.73
C ALA A 646 -51.21 0.23 -6.05
N LEU A 647 -50.71 -0.40 -7.10
CA LEU A 647 -50.80 0.17 -8.44
C LEU A 647 -51.26 -0.87 -9.45
N VAL A 648 -52.27 -0.52 -10.24
CA VAL A 648 -52.91 -1.47 -11.13
C VAL A 648 -52.72 -1.07 -12.60
N LYS A 649 -53.08 -1.98 -13.50
CA LYS A 649 -52.88 -1.75 -14.93
C LYS A 649 -54.10 -2.16 -15.73
N ILE A 650 -54.57 -1.27 -16.61
CA ILE A 650 -55.69 -1.58 -17.49
C ILE A 650 -55.31 -1.35 -18.95
N ASN A 651 -56.03 -2.01 -19.85
CA ASN A 651 -55.90 -1.74 -21.28
C ASN A 651 -56.95 -0.74 -21.75
N HIS A 652 -56.85 -0.33 -23.02
CA HIS A 652 -57.89 0.47 -23.64
C HIS A 652 -58.36 1.60 -22.73
N PRO A 653 -57.52 2.61 -22.55
CA PRO A 653 -57.75 3.65 -21.57
C PRO A 653 -58.94 4.51 -21.95
N SER A 654 -59.63 4.12 -23.02
CA SER A 654 -60.88 4.76 -23.40
C SER A 654 -61.60 5.34 -22.20
N GLU A 655 -62.12 6.56 -22.34
CA GLU A 655 -62.54 7.35 -21.20
C GLU A 655 -63.73 6.73 -20.50
N TYR A 656 -64.32 5.72 -21.12
CA TYR A 656 -65.31 4.88 -20.46
C TYR A 656 -64.67 3.95 -19.45
N MET A 657 -63.63 3.24 -19.88
CA MET A 657 -62.93 2.29 -19.02
C MET A 657 -62.44 2.97 -17.75
N ILE A 658 -61.72 4.07 -17.91
CA ILE A 658 -61.09 4.74 -16.78
C ILE A 658 -62.13 5.24 -15.79
N ASN A 659 -63.31 5.59 -16.29
CA ASN A 659 -64.38 6.12 -15.46
C ASN A 659 -65.12 4.99 -14.75
N SER A 660 -65.17 3.83 -15.40
CA SER A 660 -65.81 2.66 -14.80
C SER A 660 -64.92 2.03 -13.73
N VAL A 661 -63.61 2.21 -13.88
CA VAL A 661 -62.66 1.77 -12.87
C VAL A 661 -62.83 2.55 -11.57
N ILE A 662 -62.97 3.87 -11.70
CA ILE A 662 -63.16 4.74 -10.53
C ILE A 662 -64.51 4.49 -9.89
N GLU A 663 -65.53 4.31 -10.72
CA GLU A 663 -66.89 4.10 -10.22
C GLU A 663 -66.97 2.87 -9.33
N ARG A 664 -66.22 1.84 -9.69
CA ARG A 664 -66.29 0.56 -9.00
C ARG A 664 -65.45 0.56 -7.73
N LEU A 665 -64.73 1.66 -7.50
CA LEU A 665 -63.90 1.80 -6.32
C LEU A 665 -64.52 2.77 -5.32
N SER A 666 -65.20 3.79 -5.83
CA SER A 666 -65.75 4.85 -5.00
C SER A 666 -66.97 4.36 -4.24
N GLN A 667 -67.66 3.37 -4.80
CA GLN A 667 -68.86 2.83 -4.17
C GLN A 667 -68.51 1.84 -3.06
N LEU A 668 -67.63 0.89 -3.38
CA LEU A 668 -67.32 -0.19 -2.47
C LEU A 668 -66.59 0.32 -1.23
N GLY A 669 -65.45 0.96 -1.44
CA GLY A 669 -64.56 1.35 -0.34
C GLY A 669 -65.15 2.51 0.45
N GLY A 670 -64.78 2.60 1.72
CA GLY A 670 -65.18 3.72 2.56
C GLY A 670 -64.27 4.92 2.33
N VAL A 671 -64.81 6.12 2.56
CA VAL A 671 -64.04 7.35 2.36
C VAL A 671 -63.42 7.41 0.97
N PHE A 672 -64.07 6.76 0.02
CA PHE A 672 -63.65 6.82 -1.37
C PHE A 672 -62.18 6.42 -1.51
N TYR A 673 -61.64 6.56 -2.72
CA TYR A 673 -60.20 6.48 -2.94
C TYR A 673 -59.72 7.62 -3.83
N HIS A 674 -58.43 7.93 -3.73
CA HIS A 674 -57.80 8.88 -4.64
C HIS A 674 -56.99 8.17 -5.71
N THR A 675 -57.38 8.38 -6.97
CA THR A 675 -56.74 7.70 -8.09
C THR A 675 -56.05 8.70 -9.01
N ALA A 676 -54.96 8.25 -9.64
CA ALA A 676 -54.30 9.03 -10.68
C ALA A 676 -53.43 8.15 -11.55
N LEU A 677 -53.59 8.28 -12.87
CA LEU A 677 -52.82 7.47 -13.82
C LEU A 677 -51.52 8.16 -14.20
N LEU A 678 -50.58 7.38 -14.73
CA LEU A 678 -49.25 7.88 -15.02
C LEU A 678 -48.60 7.12 -16.18
N LYS A 679 -47.66 7.75 -16.85
CA LYS A 679 -46.77 7.05 -17.77
C LYS A 679 -45.35 6.96 -17.20
N THR A 680 -44.66 5.88 -17.52
CA THR A 680 -43.25 5.74 -17.18
C THR A 680 -42.40 5.54 -18.43
N ALA A 681 -41.10 5.81 -18.31
CA ALA A 681 -40.16 5.56 -19.38
C ALA A 681 -39.87 4.07 -19.53
N SER A 682 -39.35 3.69 -20.69
CA SER A 682 -39.08 2.28 -20.97
C SER A 682 -40.35 1.45 -20.99
N GLN A 683 -41.39 2.00 -21.63
CA GLN A 683 -42.69 1.33 -21.69
C GLN A 683 -43.12 1.11 -23.13
N ASN A 684 -42.14 1.04 -24.05
CA ASN A 684 -42.43 0.93 -25.46
C ASN A 684 -43.32 2.07 -25.94
N PRO A 685 -42.70 3.10 -26.51
CA PRO A 685 -43.43 4.31 -26.88
C PRO A 685 -44.68 3.98 -27.70
N TYR A 686 -45.63 4.91 -27.72
CA TYR A 686 -46.92 4.66 -28.36
C TYR A 686 -47.35 3.20 -28.20
N SER A 687 -47.55 2.78 -26.96
CA SER A 687 -48.12 1.47 -26.68
C SER A 687 -49.42 1.57 -25.91
N TYR A 688 -49.89 2.80 -25.71
CA TYR A 688 -51.10 3.05 -24.95
C TYR A 688 -51.21 2.10 -23.77
N GLU A 689 -50.12 1.98 -23.02
CA GLU A 689 -50.14 1.26 -21.75
C GLU A 689 -49.95 2.21 -20.57
N THR A 690 -51.05 2.71 -20.03
CA THR A 690 -51.00 3.57 -18.86
C THR A 690 -51.07 2.76 -17.58
N TYR A 691 -50.67 3.37 -16.46
CA TYR A 691 -50.78 2.74 -15.15
C TYR A 691 -51.61 3.58 -14.20
N ILE A 692 -52.30 2.93 -13.29
CA ILE A 692 -53.18 3.62 -12.34
C ILE A 692 -52.67 3.45 -10.91
N TYR A 693 -52.22 4.56 -10.32
CA TYR A 693 -51.76 4.55 -8.94
C TYR A 693 -52.88 4.91 -7.98
N ILE A 694 -53.07 4.09 -6.95
CA ILE A 694 -54.20 4.24 -6.05
C ILE A 694 -53.75 4.57 -4.64
N THR A 695 -54.32 5.63 -4.06
CA THR A 695 -53.99 6.04 -2.70
C THR A 695 -55.24 6.23 -1.86
N PRO A 696 -55.17 5.79 -0.61
CA PRO A 696 -56.33 5.82 0.27
C PRO A 696 -56.65 7.24 0.73
N ILE A 697 -56.83 8.14 -0.23
CA ILE A 697 -57.07 9.54 0.06
C ILE A 697 -56.26 10.00 1.27
N ALA A 698 -56.56 11.19 1.76
CA ALA A 698 -56.17 11.59 3.12
C ALA A 698 -57.34 12.21 3.87
N ALA A 699 -58.39 12.55 3.13
CA ALA A 699 -59.60 13.11 3.73
C ALA A 699 -60.82 12.87 2.86
N ALA A 700 -61.14 13.82 1.99
CA ALA A 700 -62.11 13.61 0.93
C ALA A 700 -61.64 14.23 -0.38
N VAL A 701 -61.63 13.42 -1.44
CA VAL A 701 -61.09 13.85 -2.72
C VAL A 701 -62.02 14.85 -3.40
N ARG A 702 -61.43 15.87 -4.03
CA ARG A 702 -62.20 16.89 -4.71
C ARG A 702 -62.63 16.41 -6.10
N PHE A 703 -61.65 16.09 -6.94
CA PHE A 703 -61.91 15.82 -8.35
C PHE A 703 -61.44 14.43 -8.73
N PRO A 704 -62.29 13.43 -8.50
CA PRO A 704 -61.91 12.04 -8.64
C PRO A 704 -61.90 11.60 -10.10
N PHE A 705 -62.73 12.25 -10.90
CA PHE A 705 -63.06 11.74 -12.23
C PHE A 705 -62.23 12.45 -13.31
N TYR A 706 -62.36 11.99 -14.54
CA TYR A 706 -61.72 12.64 -15.67
C TYR A 706 -62.75 13.33 -16.56
N SER A 707 -62.38 14.47 -17.12
CA SER A 707 -63.26 15.22 -18.01
C SER A 707 -62.83 15.08 -19.46
N ASN A 708 -61.93 15.96 -19.89
CA ASN A 708 -61.45 15.94 -21.27
C ASN A 708 -60.56 14.73 -21.52
N SER A 709 -59.82 14.32 -20.49
CA SER A 709 -58.92 13.17 -20.61
C SER A 709 -57.79 13.47 -21.60
N ALA A 710 -56.65 13.92 -21.07
CA ALA A 710 -55.55 14.39 -21.91
C ALA A 710 -54.64 13.22 -22.29
N MET A 711 -54.13 12.51 -21.29
CA MET A 711 -53.22 11.39 -21.52
C MET A 711 -53.94 10.24 -22.21
N ILE A 712 -55.21 10.07 -21.89
CA ILE A 712 -56.01 9.01 -22.50
C ILE A 712 -56.28 9.30 -23.97
N ASN A 713 -56.48 10.58 -24.29
CA ASN A 713 -56.89 10.97 -25.63
C ASN A 713 -56.02 10.31 -26.70
N ARG A 714 -54.72 10.22 -26.43
CA ARG A 714 -53.79 9.57 -27.34
C ARG A 714 -54.37 8.29 -27.90
N TYR A 715 -54.96 7.48 -27.02
CA TYR A 715 -55.56 6.21 -27.43
C TYR A 715 -56.75 6.43 -28.35
N MET A 716 -57.58 7.43 -28.01
CA MET A 716 -58.84 7.63 -28.69
C MET A 716 -58.67 8.45 -29.96
N THR A 717 -57.71 8.04 -30.79
CA THR A 717 -57.45 8.74 -32.05
C THR A 717 -57.23 7.74 -33.19
N ALA A 718 -57.16 6.46 -32.84
CA ALA A 718 -56.93 5.41 -33.83
C ALA A 718 -58.15 5.21 -34.71
N VAL A 719 -57.91 4.79 -35.95
CA VAL A 719 -59.00 4.58 -36.91
C VAL A 719 -58.87 3.22 -37.58
N ALA A 720 -59.90 2.84 -38.33
CA ALA A 720 -59.90 1.55 -39.03
C ALA A 720 -58.95 1.59 -40.22
N ASP A 721 -58.88 0.48 -40.95
CA ASP A 721 -58.08 0.40 -42.17
C ASP A 721 -58.37 1.57 -43.09
N ASP A 722 -57.37 1.98 -43.86
CA ASP A 722 -57.46 3.20 -44.65
C ASP A 722 -56.78 3.04 -46.00
N GLU A 723 -55.51 3.43 -46.07
CA GLU A 723 -54.81 3.55 -47.35
C GLU A 723 -53.71 2.50 -47.46
N MET A 724 -52.57 2.76 -46.84
CA MET A 724 -51.37 1.97 -47.09
C MET A 724 -50.37 2.15 -45.95
N PRO A 725 -49.40 1.25 -45.88
CA PRO A 725 -48.43 1.25 -44.79
C PRO A 725 -47.31 2.26 -45.04
N ILE A 726 -47.31 2.84 -46.23
CA ILE A 726 -46.25 3.76 -46.63
C ILE A 726 -44.91 3.03 -46.76
N ILE A 727 -44.11 3.08 -45.70
CA ILE A 727 -42.84 2.36 -45.67
C ILE A 727 -41.83 3.02 -46.59
N PRO A 728 -40.71 3.46 -46.00
CA PRO A 728 -39.64 4.08 -46.78
C PRO A 728 -38.90 3.05 -47.62
N SER A 729 -38.17 3.52 -48.62
CA SER A 729 -37.42 2.65 -49.51
C SER A 729 -36.24 3.39 -50.14
N ILE A 730 -35.63 2.76 -51.15
CA ILE A 730 -34.51 3.37 -51.86
C ILE A 730 -34.83 3.53 -53.34
N HIS A 731 -34.04 4.35 -54.02
CA HIS A 731 -34.32 4.70 -55.41
C HIS A 731 -33.13 4.36 -56.31
N THR A 732 -31.94 4.74 -55.88
CA THR A 732 -30.74 4.64 -56.71
C THR A 732 -31.01 5.16 -58.12
N VAL A 733 -31.55 6.37 -58.20
CA VAL A 733 -31.74 7.03 -59.48
C VAL A 733 -32.11 8.50 -59.30
N ILE A 734 -31.62 9.34 -60.21
CA ILE A 734 -31.82 10.78 -60.09
C ILE A 734 -32.29 11.38 -61.40
N LYS A 735 -33.46 12.00 -61.37
CA LYS A 735 -33.92 12.83 -62.48
C LYS A 735 -33.69 14.30 -62.19
N GLY A 736 -33.62 15.12 -63.24
CA GLY A 736 -33.32 16.53 -63.10
C GLY A 736 -34.61 17.35 -63.04
N HIS A 737 -34.89 17.90 -61.85
CA HIS A 737 -36.06 18.75 -61.67
C HIS A 737 -37.34 18.04 -62.11
N SER A 738 -37.59 16.87 -61.51
CA SER A 738 -38.81 16.12 -61.80
C SER A 738 -39.49 15.69 -60.50
N ASN A 739 -40.76 16.03 -60.37
CA ASN A 739 -41.49 15.81 -59.13
C ASN A 739 -41.82 14.32 -58.95
N THR A 740 -42.44 14.00 -57.82
CA THR A 740 -42.91 12.65 -57.57
C THR A 740 -41.77 11.70 -57.24
N TYR A 741 -41.33 11.74 -55.97
CA TYR A 741 -40.47 10.69 -55.43
C TYR A 741 -40.98 10.21 -54.08
N SER A 742 -40.91 8.91 -53.87
CA SER A 742 -41.32 8.32 -52.59
C SER A 742 -40.37 8.71 -51.47
N PRO A 743 -40.92 8.94 -50.28
CA PRO A 743 -40.11 9.26 -49.11
C PRO A 743 -39.05 8.19 -48.87
N GLY A 744 -37.92 8.62 -48.32
CA GLY A 744 -36.84 7.70 -47.97
C GLY A 744 -35.48 8.29 -48.32
N LEU A 745 -34.55 7.42 -48.70
CA LEU A 745 -33.18 7.84 -49.01
C LEU A 745 -32.56 6.97 -50.09
N PHE A 746 -31.50 7.47 -50.72
CA PHE A 746 -30.85 6.76 -51.80
C PHE A 746 -29.35 7.03 -51.80
N CYS A 747 -28.59 6.06 -52.33
CA CYS A 747 -27.14 6.13 -52.28
C CYS A 747 -26.52 5.24 -53.35
N GLY A 748 -25.23 5.47 -53.62
CA GLY A 748 -24.53 4.72 -54.67
C GLY A 748 -23.10 5.23 -54.83
N CYS A 749 -22.60 5.16 -56.05
CA CYS A 749 -21.28 5.70 -56.37
C CYS A 749 -21.22 6.19 -57.81
N VAL A 750 -20.40 7.21 -58.07
CA VAL A 750 -20.27 7.78 -59.39
C VAL A 750 -18.80 8.02 -59.75
N ASP A 751 -18.53 8.19 -61.04
CA ASP A 751 -17.20 8.57 -61.49
C ASP A 751 -16.82 9.96 -61.00
N VAL A 752 -15.67 10.06 -60.37
CA VAL A 752 -15.20 11.33 -59.80
C VAL A 752 -15.28 12.45 -60.82
N GLN A 753 -15.13 12.09 -62.10
CA GLN A 753 -15.17 13.07 -63.17
C GLN A 753 -16.54 13.73 -63.28
N SER A 754 -17.58 12.98 -62.93
CA SER A 754 -18.93 13.51 -62.91
C SER A 754 -19.50 13.50 -61.49
N ALA A 755 -18.64 13.71 -60.50
CA ALA A 755 -19.07 13.78 -59.11
C ALA A 755 -19.87 15.07 -58.86
N PRO A 756 -19.35 16.19 -59.34
CA PRO A 756 -19.98 17.49 -59.11
C PRO A 756 -21.22 17.66 -59.98
N LEU A 757 -21.38 16.78 -60.97
CA LEU A 757 -22.61 16.73 -61.75
C LEU A 757 -23.78 16.24 -60.90
N ALA A 758 -23.52 15.24 -60.06
CA ALA A 758 -24.53 14.72 -59.16
C ALA A 758 -24.89 15.73 -58.07
N LEU A 759 -23.87 16.40 -57.54
CA LEU A 759 -24.06 17.30 -56.41
C LEU A 759 -24.95 18.48 -56.79
N SER A 760 -24.97 18.80 -58.08
CA SER A 760 -25.74 19.94 -58.57
C SER A 760 -27.23 19.60 -58.63
N GLN A 761 -27.54 18.32 -58.54
CA GLN A 761 -28.90 17.85 -58.75
C GLN A 761 -29.52 17.37 -57.44
N LEU A 762 -28.68 16.95 -56.51
CA LEU A 762 -29.15 16.45 -55.22
C LEU A 762 -29.84 17.55 -54.43
N LYS A 763 -29.61 18.79 -54.81
CA LYS A 763 -30.11 19.94 -54.07
C LYS A 763 -31.63 20.06 -54.22
N SER A 764 -32.19 19.28 -55.13
CA SER A 764 -33.61 19.39 -55.47
C SER A 764 -34.46 18.55 -54.53
N TYR A 765 -33.82 17.65 -53.80
CA TYR A 765 -34.54 16.62 -53.04
C TYR A 765 -34.17 16.64 -51.57
N CYS A 766 -32.94 17.08 -51.28
CA CYS A 766 -32.41 17.04 -49.93
C CYS A 766 -31.59 18.27 -49.61
N SER A 767 -31.12 18.37 -48.38
CA SER A 767 -30.21 19.44 -47.98
C SER A 767 -28.89 18.89 -47.47
N GLU A 768 -28.95 17.73 -46.79
CA GLU A 768 -27.76 17.07 -46.29
C GLU A 768 -27.25 16.03 -47.28
N ALA A 769 -25.94 15.85 -47.33
CA ALA A 769 -25.33 14.81 -48.14
C ALA A 769 -23.97 14.40 -47.59
N THR A 770 -23.57 13.17 -47.89
CA THR A 770 -22.28 12.66 -47.44
C THR A 770 -21.52 11.97 -48.57
N THR A 771 -20.25 12.34 -48.73
CA THR A 771 -19.41 11.75 -49.76
C THR A 771 -18.09 11.27 -49.19
N TRP A 772 -17.51 10.25 -49.81
CA TRP A 772 -16.15 9.83 -49.50
C TRP A 772 -15.58 8.91 -50.58
N ARG A 773 -14.29 9.04 -50.85
CA ARG A 773 -13.59 8.08 -51.69
C ARG A 773 -13.01 6.93 -50.87
N VAL A 774 -13.09 5.73 -51.40
CA VAL A 774 -12.58 4.55 -50.72
C VAL A 774 -11.06 4.57 -50.64
N ASP A 775 -10.42 4.69 -51.80
CA ASP A 775 -8.97 4.78 -51.87
C ASP A 775 -8.53 5.91 -52.79
N SER A 776 -7.29 6.36 -52.62
CA SER A 776 -6.85 7.62 -53.20
C SER A 776 -6.92 7.58 -54.73
N ASP A 777 -6.81 6.38 -55.28
CA ASP A 777 -6.67 6.21 -56.73
C ASP A 777 -7.67 5.20 -57.26
N ASP A 778 -8.87 5.21 -56.71
CA ASP A 778 -9.96 4.39 -57.24
C ASP A 778 -10.80 5.17 -58.23
N ASN A 779 -10.98 6.46 -57.98
CA ASN A 779 -11.71 7.33 -58.89
C ASN A 779 -13.22 7.14 -58.74
N LEU A 780 -13.61 6.27 -57.81
CA LEU A 780 -15.02 6.09 -57.47
C LEU A 780 -15.38 6.81 -56.18
N VAL A 781 -16.45 7.59 -56.24
CA VAL A 781 -16.90 8.35 -55.08
C VAL A 781 -18.28 7.88 -54.61
N ASN A 782 -18.36 7.49 -53.34
CA ASN A 782 -19.62 7.04 -52.77
C ASN A 782 -20.46 8.20 -52.27
N ILE A 783 -21.75 8.16 -52.55
CA ILE A 783 -22.65 9.25 -52.21
C ILE A 783 -23.88 8.74 -51.46
N ILE A 784 -24.21 9.38 -50.36
CA ILE A 784 -25.47 9.13 -49.65
C ILE A 784 -26.29 10.40 -49.50
N ALA A 785 -27.55 10.34 -49.90
CA ALA A 785 -28.45 11.49 -49.80
C ALA A 785 -29.79 11.09 -49.22
N ARG A 786 -30.46 12.02 -48.57
CA ARG A 786 -31.69 11.73 -47.84
C ARG A 786 -32.79 12.72 -48.21
N ILE A 787 -33.94 12.20 -48.60
CA ILE A 787 -35.02 13.02 -49.14
C ILE A 787 -35.84 13.65 -48.03
N ASP A 788 -35.99 14.97 -48.07
CA ASP A 788 -36.80 15.69 -47.09
C ASP A 788 -37.90 16.50 -47.76
N PRO A 789 -39.12 16.35 -47.28
CA PRO A 789 -40.26 17.08 -47.83
C PRO A 789 -40.20 18.55 -47.44
N ALA A 790 -39.26 18.89 -46.57
CA ALA A 790 -39.06 20.27 -46.17
C ALA A 790 -38.28 21.05 -47.25
N ARG A 791 -37.71 20.31 -48.20
CA ARG A 791 -36.95 20.92 -49.28
C ARG A 791 -37.67 20.77 -50.61
N ILE A 792 -38.41 19.68 -50.75
CA ILE A 792 -39.20 19.43 -51.95
C ILE A 792 -40.20 20.57 -52.19
N ALA A 793 -40.80 21.05 -51.11
CA ALA A 793 -41.83 22.08 -51.21
C ALA A 793 -41.23 23.45 -51.51
N LEU A 794 -39.90 23.51 -51.47
CA LEU A 794 -39.19 24.77 -51.71
C LEU A 794 -38.48 24.75 -53.05
N GLU A 795 -38.32 23.55 -53.61
CA GLU A 795 -37.59 23.37 -54.86
C GLU A 795 -38.49 23.60 -56.07
N PHE A 796 -39.69 23.02 -56.01
CA PHE A 796 -40.53 22.90 -57.19
C PHE A 796 -41.60 24.00 -57.21
N ARG A 797 -41.19 25.22 -56.91
CA ARG A 797 -42.09 26.36 -56.92
C ARG A 797 -42.43 26.78 -58.34
N THR A 798 -41.42 27.16 -59.11
CA THR A 798 -41.59 27.51 -60.51
C THR A 798 -40.76 26.61 -61.41
N ARG A 799 -40.01 27.22 -62.31
CA ARG A 799 -39.30 26.49 -63.36
C ARG A 799 -37.79 26.69 -63.26
N SER A 800 -37.39 27.75 -62.59
CA SER A 800 -35.97 28.09 -62.48
C SER A 800 -35.19 26.98 -61.82
N ASN A 801 -34.17 26.48 -62.52
CA ASN A 801 -33.35 25.39 -62.01
C ASN A 801 -32.03 25.91 -61.43
N THR A 802 -31.44 26.87 -62.13
CA THR A 802 -30.17 27.45 -61.70
C THR A 802 -29.27 26.40 -61.05
N SER A 803 -29.17 26.44 -59.73
CA SER A 803 -28.17 25.66 -59.02
C SER A 803 -26.78 26.26 -59.20
N ALA A 804 -25.77 25.57 -58.67
CA ALA A 804 -24.41 26.11 -58.64
C ALA A 804 -23.41 25.05 -59.07
N TYR A 805 -23.31 24.83 -60.37
CA TYR A 805 -22.35 23.87 -60.92
C TYR A 805 -20.92 24.31 -60.66
N HIS A 806 -20.66 25.60 -60.80
CA HIS A 806 -19.31 26.13 -60.70
C HIS A 806 -18.71 25.87 -59.32
N GLU A 807 -19.57 25.89 -58.30
CA GLU A 807 -19.11 25.83 -56.92
C GLU A 807 -18.54 24.46 -56.58
N TYR A 808 -19.20 23.42 -57.08
CA TYR A 808 -18.91 22.05 -56.64
C TYR A 808 -17.87 21.40 -57.55
N GLN A 809 -17.73 21.92 -58.76
CA GLN A 809 -16.78 21.37 -59.72
C GLN A 809 -15.34 21.65 -59.28
N ARG A 810 -15.19 22.49 -58.27
CA ARG A 810 -13.87 22.86 -57.77
C ARG A 810 -13.36 21.84 -56.76
N TYR A 811 -13.93 20.64 -56.79
CA TYR A 811 -13.54 19.57 -55.88
C TYR A 811 -12.74 18.50 -56.61
N VAL A 812 -13.14 18.19 -57.82
CA VAL A 812 -12.43 17.21 -58.64
C VAL A 812 -10.98 17.61 -58.86
N PRO A 813 -10.08 16.65 -58.69
CA PRO A 813 -10.46 15.29 -58.33
C PRO A 813 -10.66 15.15 -56.82
N ASN A 814 -9.70 15.68 -56.06
CA ASN A 814 -9.62 15.39 -54.63
C ASN A 814 -10.22 16.53 -53.80
N GLY A 815 -10.84 16.17 -52.69
CA GLY A 815 -11.48 17.15 -51.83
C GLY A 815 -12.89 16.69 -51.42
N LEU A 816 -13.28 15.52 -51.91
CA LEU A 816 -14.59 14.96 -51.59
C LEU A 816 -14.52 14.08 -50.33
N GLY A 817 -13.32 13.93 -49.79
CA GLY A 817 -13.13 13.22 -48.54
C GLY A 817 -12.55 11.83 -48.78
N PHE A 818 -11.79 11.34 -47.80
CA PHE A 818 -11.24 9.99 -47.86
C PHE A 818 -11.52 9.23 -46.58
N LYS A 819 -12.01 8.00 -46.73
CA LYS A 819 -12.40 7.19 -45.57
C LYS A 819 -12.21 5.70 -45.86
N VAL A 820 -11.46 5.03 -44.99
CA VAL A 820 -11.21 3.60 -45.13
C VAL A 820 -12.19 2.79 -44.30
N ARG A 821 -11.93 1.50 -44.19
CA ARG A 821 -12.74 0.62 -43.36
C ARG A 821 -14.23 0.75 -43.70
N LYS A 822 -15.08 0.19 -42.84
CA LYS A 822 -16.50 0.12 -43.11
C LYS A 822 -17.25 1.21 -42.35
N THR A 823 -18.43 1.57 -42.83
CA THR A 823 -19.31 2.51 -42.14
C THR A 823 -20.77 2.10 -42.25
N ARG A 824 -21.52 2.31 -41.18
CA ARG A 824 -22.92 1.89 -41.13
C ARG A 824 -23.85 3.09 -41.13
N GLU A 825 -24.82 3.09 -42.03
CA GLU A 825 -25.82 4.14 -42.10
C GLU A 825 -27.20 3.64 -41.69
N PHE A 826 -27.95 4.49 -41.01
CA PHE A 826 -29.26 4.11 -40.48
C PHE A 826 -30.38 4.80 -41.24
N ARG A 827 -31.63 4.49 -40.88
CA ARG A 827 -32.76 4.76 -41.75
C ARG A 827 -33.67 5.83 -41.16
N TYR A 828 -33.84 5.79 -39.84
CA TYR A 828 -34.87 6.58 -39.18
C TYR A 828 -34.25 7.71 -38.36
N MET A 829 -32.96 7.95 -38.58
CA MET A 829 -32.31 9.14 -38.06
C MET A 829 -32.49 9.26 -36.56
N HIS A 830 -32.20 10.45 -36.02
CA HIS A 830 -32.50 10.75 -34.63
C HIS A 830 -32.78 12.24 -34.44
N ARG A 831 -33.99 12.55 -33.97
CA ARG A 831 -34.35 13.92 -33.65
C ARG A 831 -34.88 14.02 -32.22
N GLU A 832 -34.64 15.16 -31.58
CA GLU A 832 -35.12 15.41 -30.23
C GLU A 832 -36.64 15.49 -30.20
N VAL A 833 -37.17 16.29 -29.26
CA VAL A 833 -38.60 16.48 -29.14
C VAL A 833 -39.00 17.92 -29.44
N THR A 834 -38.00 18.81 -29.45
CA THR A 834 -38.22 20.18 -29.88
C THR A 834 -38.54 20.26 -31.37
N PHE A 835 -38.02 19.30 -32.12
CA PHE A 835 -38.21 19.29 -33.57
C PHE A 835 -39.46 18.52 -33.96
N ILE A 836 -39.70 17.40 -33.27
CA ILE A 836 -40.85 16.56 -33.57
C ILE A 836 -42.15 17.26 -33.19
N HIS A 837 -42.13 17.97 -32.07
CA HIS A 837 -43.27 18.78 -31.65
C HIS A 837 -43.71 19.73 -32.76
N LYS A 838 -42.74 20.33 -33.43
CA LYS A 838 -43.02 21.26 -34.52
C LYS A 838 -43.47 20.52 -35.78
N LEU A 839 -42.96 19.31 -35.95
CA LEU A 839 -43.37 18.47 -37.07
C LEU A 839 -44.83 18.04 -36.92
N MET A 840 -45.32 18.03 -35.68
CA MET A 840 -46.74 17.83 -35.42
C MET A 840 -47.50 19.14 -35.52
N MET A 841 -46.81 20.24 -35.24
CA MET A 841 -47.42 21.57 -35.32
C MET A 841 -47.82 21.91 -36.74
N TYR A 842 -46.97 21.56 -37.69
CA TYR A 842 -47.17 21.92 -39.08
C TYR A 842 -47.94 20.83 -39.83
N ALA A 843 -47.84 19.60 -39.34
CA ALA A 843 -48.62 18.49 -39.89
C ALA A 843 -50.10 18.70 -39.65
N LEU A 844 -50.44 19.47 -38.62
CA LEU A 844 -51.83 19.81 -38.33
C LEU A 844 -52.34 20.85 -39.31
N ILE A 845 -51.63 21.98 -39.40
CA ILE A 845 -52.12 23.15 -40.12
C ILE A 845 -52.22 22.87 -41.61
N ARG A 846 -51.42 21.92 -42.09
CA ARG A 846 -51.42 21.54 -43.49
C ARG A 846 -52.79 21.00 -43.91
N GLU A 847 -53.43 20.26 -43.01
CA GLU A 847 -54.73 19.69 -43.27
C GLU A 847 -55.81 20.76 -43.35
N GLN A 848 -55.60 21.85 -42.62
CA GLN A 848 -56.62 22.89 -42.49
C GLN A 848 -56.56 23.86 -43.66
N ILE A 849 -55.36 24.16 -44.12
CA ILE A 849 -55.15 25.15 -45.17
C ILE A 849 -55.64 24.62 -46.52
N SER A 850 -55.26 23.39 -46.85
CA SER A 850 -55.58 22.81 -48.15
C SER A 850 -56.96 22.17 -48.13
N LEU A 851 -57.99 23.00 -48.01
CA LEU A 851 -59.36 22.52 -47.92
C LEU A 851 -60.36 23.64 -48.16
N THR A 852 -59.93 24.87 -47.91
CA THR A 852 -60.82 26.02 -47.99
C THR A 852 -61.07 26.43 -49.44
N GLU A 853 -62.15 27.18 -49.66
CA GLU A 853 -62.54 27.58 -51.01
C GLU A 853 -61.37 28.21 -51.75
N ASN A 854 -60.93 29.36 -51.28
CA ASN A 854 -60.01 30.21 -52.03
C ASN A 854 -58.97 30.84 -51.12
N MET A 855 -57.79 31.08 -51.67
CA MET A 855 -56.71 31.72 -50.93
C MET A 855 -55.99 32.76 -51.78
N THR A 856 -55.46 33.79 -51.13
CA THR A 856 -54.69 34.82 -51.81
C THR A 856 -53.20 34.71 -51.46
N GLN A 857 -52.91 34.56 -50.18
CA GLN A 857 -51.53 34.46 -49.72
C GLN A 857 -51.45 33.78 -48.36
N VAL A 858 -50.32 33.11 -48.11
CA VAL A 858 -50.04 32.56 -46.79
C VAL A 858 -48.93 33.34 -46.10
N VAL A 859 -49.21 33.84 -44.90
CA VAL A 859 -48.30 34.73 -44.21
C VAL A 859 -47.74 34.10 -42.94
N SER A 860 -46.43 34.05 -42.83
CA SER A 860 -45.76 33.59 -41.63
C SER A 860 -45.07 34.73 -40.89
N ILE A 861 -45.11 34.69 -39.57
CA ILE A 861 -44.47 35.71 -38.75
C ILE A 861 -43.46 35.10 -37.79
N GLY A 862 -42.18 35.28 -38.08
CA GLY A 862 -41.12 34.72 -37.26
C GLY A 862 -40.71 33.34 -37.78
N GLY A 863 -39.40 33.16 -37.98
CA GLY A 863 -38.87 31.88 -38.43
C GLY A 863 -37.64 32.07 -39.30
N ARG A 864 -37.18 30.97 -39.89
CA ARG A 864 -36.02 31.02 -40.79
C ARG A 864 -36.38 30.54 -42.19
N ASN A 865 -37.46 31.09 -42.74
CA ASN A 865 -38.09 30.53 -43.93
C ASN A 865 -38.66 29.14 -43.65
N LEU A 866 -39.10 28.93 -42.41
CA LEU A 866 -39.62 27.63 -42.01
C LEU A 866 -41.12 27.53 -42.25
N ALA A 867 -41.65 26.32 -42.10
CA ALA A 867 -43.09 26.09 -42.33
C ALA A 867 -43.45 26.26 -43.79
N ASP A 868 -42.45 26.17 -44.66
CA ASP A 868 -42.68 26.13 -46.11
C ASP A 868 -43.62 24.99 -46.48
N ILE A 869 -43.33 23.80 -45.95
CA ILE A 869 -44.29 22.69 -45.98
C ILE A 869 -45.55 23.04 -45.22
N SER A 870 -46.70 22.86 -45.87
CA SER A 870 -47.96 23.33 -45.34
C SER A 870 -48.57 24.42 -46.22
N VAL A 871 -47.71 25.07 -47.00
CA VAL A 871 -48.18 26.05 -47.98
C VAL A 871 -48.71 25.37 -49.23
N VAL A 872 -50.03 25.42 -49.40
CA VAL A 872 -50.69 24.71 -50.50
C VAL A 872 -51.68 25.61 -51.21
N PRO A 873 -51.62 25.63 -52.54
CA PRO A 873 -50.62 24.87 -53.27
C PRO A 873 -49.26 25.58 -53.23
N LEU A 874 -48.29 25.01 -53.93
CA LEU A 874 -46.98 25.64 -54.07
C LEU A 874 -47.08 26.90 -54.93
N ASN A 875 -48.15 27.00 -55.70
CA ASN A 875 -48.40 28.19 -56.51
C ASN A 875 -48.70 29.40 -55.63
N MET A 876 -49.17 29.14 -54.42
CA MET A 876 -49.60 30.20 -53.51
C MET A 876 -48.43 31.06 -53.08
N LYS A 877 -48.62 32.37 -53.11
CA LYS A 877 -47.60 33.31 -52.64
C LYS A 877 -47.31 33.12 -51.15
N TYR A 878 -46.06 33.34 -50.77
CA TYR A 878 -45.64 33.14 -49.39
C TYR A 878 -44.96 34.38 -48.83
N VAL A 879 -45.53 34.95 -47.78
CA VAL A 879 -45.05 36.20 -47.23
C VAL A 879 -44.47 36.01 -45.83
N VAL A 880 -43.31 36.61 -45.58
CA VAL A 880 -42.67 36.53 -44.28
C VAL A 880 -42.52 37.91 -43.64
N ILE A 881 -42.96 38.03 -42.40
CA ILE A 881 -42.87 39.30 -41.68
C ILE A 881 -42.07 39.14 -40.38
N ASP A 882 -40.78 39.42 -40.46
CA ASP A 882 -39.91 39.28 -39.30
C ASP A 882 -38.75 40.27 -39.36
N PRO A 883 -38.20 40.60 -38.20
CA PRO A 883 -37.22 41.68 -38.09
C PRO A 883 -35.84 41.24 -38.55
N ALA A 884 -35.55 39.95 -38.38
CA ALA A 884 -34.22 39.42 -38.65
C ALA A 884 -34.28 38.21 -39.57
N THR A 885 -33.62 38.30 -40.71
CA THR A 885 -33.53 37.18 -41.64
C THR A 885 -32.71 37.55 -42.87
N ARG A 886 -32.33 36.54 -43.64
CA ARG A 886 -31.57 36.76 -44.87
C ARG A 886 -32.51 36.93 -46.07
N ILE A 887 -32.17 37.86 -46.95
CA ILE A 887 -33.03 38.20 -48.07
C ILE A 887 -32.26 38.17 -49.39
N GLU A 888 -32.90 38.65 -50.45
CA GLU A 888 -32.21 38.88 -51.72
C GLU A 888 -32.21 37.64 -52.59
N THR A 889 -31.10 36.92 -52.59
CA THR A 889 -30.88 35.83 -53.53
C THR A 889 -32.08 34.90 -53.59
N LEU A 890 -32.61 34.56 -52.42
CA LEU A 890 -33.71 33.61 -52.33
C LEU A 890 -35.00 34.20 -52.88
N THR A 891 -35.13 35.52 -52.79
CA THR A 891 -36.34 36.21 -53.21
C THR A 891 -36.23 36.71 -54.64
N GLN A 892 -35.01 36.70 -55.17
CA GLN A 892 -34.75 37.21 -56.51
C GLN A 892 -35.13 36.17 -57.57
N GLU A 893 -35.02 34.90 -57.20
CA GLU A 893 -35.16 33.82 -58.17
C GLU A 893 -36.62 33.43 -58.33
N LYS A 894 -37.50 34.43 -58.38
CA LYS A 894 -38.88 34.21 -58.78
C LYS A 894 -39.50 33.05 -58.02
N LYS A 895 -39.29 33.01 -56.72
CA LYS A 895 -39.83 31.94 -55.88
C LYS A 895 -41.16 32.36 -55.27
N ASN A 896 -41.65 33.51 -55.65
CA ASN A 896 -42.86 34.08 -55.05
C ASN A 896 -42.68 34.29 -53.56
N ILE A 897 -41.45 34.58 -53.14
CA ILE A 897 -41.17 34.89 -51.75
C ILE A 897 -40.86 36.37 -51.56
N GLU A 898 -41.44 36.97 -50.53
CA GLU A 898 -41.15 38.36 -50.19
C GLU A 898 -41.07 38.54 -48.67
N VAL A 899 -40.15 39.40 -48.24
CA VAL A 899 -39.87 39.56 -46.82
C VAL A 899 -39.93 41.02 -46.41
N GLN A 900 -40.69 41.30 -45.35
CA GLN A 900 -40.78 42.67 -44.82
C GLN A 900 -39.92 42.81 -43.57
N SER A 901 -38.91 43.67 -43.64
CA SER A 901 -37.96 43.83 -42.55
C SER A 901 -38.47 44.82 -41.51
N ARG A 902 -39.62 44.51 -40.93
CA ARG A 902 -40.21 45.37 -39.90
C ARG A 902 -40.85 44.54 -38.80
N PRO A 903 -40.74 45.02 -37.56
CA PRO A 903 -41.34 44.33 -36.42
C PRO A 903 -42.85 44.49 -36.41
N PHE A 904 -43.56 43.37 -36.43
CA PHE A 904 -45.01 43.38 -36.35
C PHE A 904 -45.48 43.88 -34.98
N GLN A 905 -46.78 44.16 -34.88
CA GLN A 905 -47.35 44.70 -33.65
C GLN A 905 -48.78 44.21 -33.46
N PHE A 906 -49.26 44.28 -32.21
CA PHE A 906 -50.55 43.73 -31.86
C PHE A 906 -51.37 44.72 -31.05
N ASP A 907 -51.65 45.88 -31.63
CA ASP A 907 -52.29 46.97 -30.91
C ASP A 907 -53.62 47.35 -31.56
N ALA A 908 -53.89 46.77 -32.72
CA ALA A 908 -55.08 47.11 -33.48
C ALA A 908 -55.03 48.55 -33.97
N ALA A 909 -53.84 49.12 -34.02
CA ALA A 909 -53.64 50.48 -34.50
C ALA A 909 -53.56 50.49 -36.03
N ASN A 910 -52.77 49.59 -36.59
CA ASN A 910 -52.58 49.52 -38.03
C ASN A 910 -52.72 48.09 -38.53
N MET A 911 -53.96 47.60 -38.54
CA MET A 911 -54.24 46.26 -39.05
C MET A 911 -54.83 46.32 -40.46
N ASP A 912 -54.37 45.42 -41.33
CA ASP A 912 -54.79 45.41 -42.72
C ASP A 912 -54.64 44.02 -43.34
N LEU A 913 -55.60 43.15 -43.06
CA LEU A 913 -55.45 41.72 -43.33
C LEU A 913 -56.18 41.32 -44.59
N GLU A 914 -57.51 41.52 -44.59
CA GLU A 914 -58.28 41.55 -45.82
C GLU A 914 -58.66 40.15 -46.28
N ASN A 915 -59.27 40.06 -47.45
CA ASN A 915 -60.01 38.87 -47.83
C ASN A 915 -59.34 37.61 -47.32
N ASN A 916 -58.38 37.10 -48.08
CA ASN A 916 -57.97 35.71 -47.97
C ASN A 916 -56.49 35.59 -47.60
N SER A 917 -56.13 36.21 -46.48
CA SER A 917 -54.78 36.09 -45.94
C SER A 917 -54.74 35.15 -44.75
N ILE A 918 -53.90 34.12 -44.83
CA ILE A 918 -53.77 33.15 -43.76
C ILE A 918 -52.55 33.44 -42.89
N TYR A 919 -52.79 33.96 -41.70
CA TYR A 919 -51.71 34.38 -40.82
C TYR A 919 -51.36 33.29 -39.82
N LEU A 920 -50.05 33.02 -39.68
CA LEU A 920 -49.56 32.13 -38.63
C LEU A 920 -48.96 32.91 -37.48
N PHE A 921 -49.33 32.54 -36.25
CA PHE A 921 -48.76 33.16 -35.06
C PHE A 921 -48.16 32.12 -34.13
N ILE A 922 -46.98 31.61 -34.50
CA ILE A 922 -46.36 30.52 -33.77
C ILE A 922 -46.00 30.95 -32.35
N ALA A 923 -44.74 31.36 -32.17
CA ALA A 923 -44.21 31.64 -30.84
C ALA A 923 -43.88 33.12 -30.68
N VAL A 924 -44.29 33.92 -31.66
CA VAL A 924 -43.91 35.33 -31.71
C VAL A 924 -44.84 36.19 -30.86
N ILE A 925 -45.90 35.56 -30.36
CA ILE A 925 -46.82 36.24 -29.45
C ILE A 925 -46.44 35.97 -27.99
N MET A 926 -45.30 35.33 -27.79
CA MET A 926 -44.77 35.11 -26.44
C MET A 926 -43.77 36.20 -26.06
N ASN A 927 -42.49 35.86 -26.09
CA ASN A 927 -41.45 36.73 -25.55
C ASN A 927 -41.18 37.91 -26.47
N GLU A 928 -40.12 38.66 -26.18
CA GLU A 928 -39.87 39.92 -26.86
C GLU A 928 -39.07 39.69 -28.14
N PRO A 929 -38.99 40.73 -28.97
CA PRO A 929 -38.32 40.62 -30.27
C PRO A 929 -36.86 40.22 -30.10
N ASN A 930 -36.30 40.53 -28.94
CA ASN A 930 -34.91 40.21 -28.64
C ASN A 930 -34.76 38.77 -28.17
N GLY A 931 -35.32 38.48 -27.00
CA GLY A 931 -35.31 37.13 -26.46
C GLY A 931 -35.51 37.13 -24.95
N ALA A 932 -36.04 38.24 -24.43
CA ALA A 932 -36.35 38.34 -23.01
C ALA A 932 -37.56 37.48 -22.66
N ALA A 933 -38.37 37.97 -21.72
CA ALA A 933 -39.63 37.32 -21.39
C ALA A 933 -40.71 38.35 -21.04
N THR A 934 -41.93 38.08 -21.46
CA THR A 934 -43.04 39.02 -21.28
C THR A 934 -44.01 38.53 -20.22
N PRO A 935 -44.76 39.46 -19.63
CA PRO A 935 -45.81 39.11 -18.68
C PRO A 935 -46.85 38.21 -19.32
N ALA A 936 -47.79 37.72 -18.51
CA ALA A 936 -48.89 36.92 -19.00
C ALA A 936 -50.13 37.78 -19.25
N ARG A 937 -50.08 39.02 -18.80
CA ARG A 937 -51.21 39.93 -18.96
C ARG A 937 -51.00 40.85 -20.17
N MET A 938 -49.80 40.79 -20.75
CA MET A 938 -49.49 41.57 -21.93
C MET A 938 -49.59 40.73 -23.19
N GLN A 939 -49.81 39.43 -23.02
CA GLN A 939 -49.95 38.52 -24.15
C GLN A 939 -51.41 38.35 -24.54
N MET A 940 -52.31 38.74 -23.65
CA MET A 940 -53.75 38.68 -23.92
C MET A 940 -54.15 39.74 -24.94
N ASP A 941 -53.45 40.88 -24.91
CA ASP A 941 -53.72 41.94 -25.86
C ASP A 941 -53.39 41.52 -27.29
N LYS A 942 -52.49 40.55 -27.41
CA LYS A 942 -52.07 40.06 -28.72
C LYS A 942 -53.13 39.16 -29.34
N ILE A 943 -54.19 38.90 -28.58
CA ILE A 943 -55.35 38.18 -29.10
C ILE A 943 -56.56 39.09 -29.18
N ARG A 944 -56.71 39.98 -28.20
CA ARG A 944 -57.81 40.93 -28.17
C ARG A 944 -57.74 41.89 -29.35
N ASN A 945 -56.53 42.29 -29.71
CA ASN A 945 -56.33 43.33 -30.71
C ASN A 945 -56.36 42.76 -32.12
N VAL A 946 -55.93 41.51 -32.25
CA VAL A 946 -56.06 40.79 -33.52
C VAL A 946 -57.51 40.48 -33.83
N ALA A 947 -58.27 40.10 -32.81
CA ALA A 947 -59.69 39.85 -32.95
C ALA A 947 -60.45 41.11 -33.32
N THR A 948 -60.19 42.19 -32.57
CA THR A 948 -60.88 43.45 -32.77
C THR A 948 -60.89 43.86 -34.24
N ALA A 949 -59.73 43.74 -34.88
CA ALA A 949 -59.61 44.01 -36.31
C ALA A 949 -60.29 42.93 -37.13
N MET A 950 -60.09 41.68 -36.73
CA MET A 950 -60.56 40.54 -37.52
C MET A 950 -62.08 40.55 -37.67
N LEU A 951 -62.75 41.20 -36.71
CA LEU A 951 -64.20 41.24 -36.68
C LEU A 951 -64.77 41.85 -37.96
N THR A 952 -64.00 42.75 -38.56
CA THR A 952 -64.48 43.51 -39.71
C THR A 952 -63.88 42.99 -41.00
N ARG A 953 -62.78 42.26 -40.89
CA ARG A 953 -62.10 41.71 -42.05
C ARG A 953 -62.83 40.47 -42.58
N THR A 954 -62.96 40.40 -43.90
CA THR A 954 -63.72 39.33 -44.54
C THR A 954 -63.12 37.96 -44.23
N ASN A 955 -63.98 37.00 -43.91
CA ASN A 955 -63.54 35.65 -43.60
C ASN A 955 -62.03 35.51 -43.77
N CYS A 956 -61.30 35.67 -42.67
CA CYS A 956 -59.84 35.62 -42.71
C CYS A 956 -59.29 34.88 -41.50
N VAL A 957 -59.05 33.58 -41.66
CA VAL A 957 -58.58 32.74 -40.57
C VAL A 957 -57.23 33.23 -40.05
N ALA A 958 -57.11 33.33 -38.73
CA ALA A 958 -55.82 33.51 -38.09
C ALA A 958 -55.46 32.31 -37.23
N TYR A 959 -54.30 31.73 -37.48
CA TYR A 959 -53.83 30.58 -36.71
C TYR A 959 -52.88 31.02 -35.60
N ILE A 960 -53.30 30.82 -34.36
CA ILE A 960 -52.52 31.25 -33.21
C ILE A 960 -52.18 30.08 -32.30
N SER A 961 -50.93 30.02 -31.85
CA SER A 961 -50.49 29.00 -30.91
C SER A 961 -49.97 29.63 -29.63
N PHE A 962 -50.39 29.08 -28.49
CA PHE A 962 -49.96 29.58 -27.18
C PHE A 962 -49.94 28.47 -26.15
N TYR A 963 -49.19 28.68 -25.07
CA TYR A 963 -49.04 27.66 -24.04
C TYR A 963 -50.25 27.62 -23.12
N GLU A 964 -50.58 26.43 -22.63
CA GLU A 964 -51.68 26.27 -21.70
C GLU A 964 -51.17 26.15 -20.25
N ALA A 965 -51.73 26.98 -19.38
CA ALA A 965 -51.43 26.87 -17.95
C ALA A 965 -51.93 25.56 -17.37
N GLY A 966 -51.53 25.27 -16.13
CA GLY A 966 -51.78 23.97 -15.53
C GLY A 966 -50.51 23.12 -15.51
N ILE A 967 -49.64 23.33 -16.48
CA ILE A 967 -48.32 22.71 -16.49
C ILE A 967 -47.56 23.03 -15.21
N ILE A 968 -47.59 24.30 -14.81
CA ILE A 968 -47.07 24.71 -13.51
C ILE A 968 -46.78 23.50 -12.63
N THR A 969 -47.83 22.76 -12.28
CA THR A 969 -47.71 21.73 -11.26
C THR A 969 -47.61 20.34 -11.89
N ARG A 970 -48.06 20.23 -13.14
CA ARG A 970 -48.15 18.94 -13.81
C ARG A 970 -46.78 18.37 -14.11
N LEU A 971 -45.81 19.26 -14.33
CA LEU A 971 -44.43 18.85 -14.56
C LEU A 971 -43.57 19.13 -13.33
N ASP A 972 -44.22 19.42 -12.21
CA ASP A 972 -43.52 19.64 -10.95
C ASP A 972 -43.46 18.37 -10.12
N GLN A 973 -44.54 17.60 -10.16
CA GLN A 973 -44.62 16.35 -9.40
C GLN A 973 -43.97 15.20 -10.16
N SER A 974 -43.77 15.40 -11.46
CA SER A 974 -43.14 14.39 -12.30
C SER A 974 -41.67 14.16 -11.89
N THR A 975 -41.10 13.06 -12.34
CA THR A 975 -39.71 12.74 -12.04
C THR A 975 -38.83 12.93 -13.26
N ALA A 976 -39.39 12.68 -14.44
CA ALA A 976 -38.75 13.03 -15.71
C ALA A 976 -38.76 14.54 -15.91
N HIS A 977 -37.57 15.13 -16.05
CA HIS A 977 -37.42 16.57 -16.18
C HIS A 977 -36.14 16.93 -16.90
N LYS A 978 -35.56 15.96 -17.60
CA LYS A 978 -34.42 16.21 -18.47
C LYS A 978 -34.66 17.43 -19.36
N THR A 979 -35.79 17.45 -20.02
CA THR A 979 -36.25 18.65 -20.74
C THR A 979 -37.53 19.20 -20.12
N ILE A 980 -38.19 20.10 -20.84
CA ILE A 980 -39.40 20.74 -20.35
C ILE A 980 -39.28 21.09 -18.87
N ARG A 981 -38.13 21.65 -18.49
CA ARG A 981 -37.89 22.03 -17.10
C ARG A 981 -38.72 23.23 -16.70
N VAL A 982 -39.13 23.27 -15.43
CA VAL A 982 -39.90 24.40 -14.91
C VAL A 982 -39.12 25.14 -13.83
N GLU A 983 -38.79 26.40 -14.12
CA GLU A 983 -38.04 27.22 -13.17
C GLU A 983 -38.98 27.97 -12.22
N GLU A 984 -39.72 27.21 -11.42
CA GLU A 984 -40.65 27.79 -10.46
C GLU A 984 -41.11 29.17 -10.91
N GLY A 985 -42.13 29.20 -11.76
CA GLY A 985 -42.76 30.45 -12.16
C GLY A 985 -42.83 30.58 -13.68
N ARG A 986 -41.98 29.80 -14.37
CA ARG A 986 -41.83 29.94 -15.81
C ARG A 986 -41.50 28.60 -16.45
N LEU A 987 -41.94 28.42 -17.69
CA LEU A 987 -41.66 27.20 -18.44
C LEU A 987 -40.39 27.35 -19.26
N LYS A 988 -39.51 26.36 -19.19
CA LYS A 988 -38.21 26.43 -19.84
C LYS A 988 -38.11 25.42 -20.97
N VAL A 989 -38.75 25.74 -22.09
CA VAL A 989 -38.75 24.86 -23.26
C VAL A 989 -37.62 25.20 -24.21
N ALA A 990 -36.80 24.19 -24.52
CA ALA A 990 -35.63 24.40 -25.37
C ALA A 990 -34.65 25.36 -24.73
N ASN A 991 -34.44 26.51 -25.38
CA ASN A 991 -33.57 27.55 -24.83
C ASN A 991 -34.35 28.80 -24.49
N TYR A 992 -34.06 29.88 -25.20
CA TYR A 992 -34.75 31.16 -24.98
C TYR A 992 -34.66 31.59 -23.52
N VAL A 993 -35.65 32.34 -23.06
CA VAL A 993 -35.81 32.61 -21.64
C VAL A 993 -37.17 32.11 -21.16
N PRO A 994 -37.16 31.45 -20.00
CA PRO A 994 -38.39 30.87 -19.44
C PRO A 994 -39.56 31.84 -19.55
N VAL A 995 -40.70 31.34 -20.01
CA VAL A 995 -41.84 32.19 -20.31
C VAL A 995 -42.99 31.94 -19.34
N ASP A 996 -43.86 32.93 -19.19
CA ASP A 996 -45.00 32.81 -18.29
C ASP A 996 -46.10 31.95 -18.91
N THR A 997 -46.92 31.33 -18.07
CA THR A 997 -48.04 30.53 -18.52
C THR A 997 -49.28 31.39 -18.77
N LEU A 998 -50.23 30.86 -19.54
CA LEU A 998 -51.48 31.55 -19.79
C LEU A 998 -52.67 30.76 -19.25
N VAL A 999 -53.39 31.36 -18.32
CA VAL A 999 -54.55 30.71 -17.71
C VAL A 999 -55.62 30.44 -18.74
N GLU A 1000 -55.77 29.17 -19.13
CA GLU A 1000 -56.66 28.80 -20.21
C GLU A 1000 -58.12 29.08 -19.84
N ALA A 1001 -58.43 29.00 -18.56
CA ALA A 1001 -59.78 29.26 -18.08
C ALA A 1001 -60.20 30.70 -18.33
N ASP A 1002 -59.21 31.59 -18.38
CA ASP A 1002 -59.48 33.01 -18.58
C ASP A 1002 -59.35 33.40 -20.04
N VAL A 1003 -58.39 32.79 -20.73
CA VAL A 1003 -58.15 33.08 -22.13
C VAL A 1003 -59.33 32.68 -22.99
N THR A 1004 -59.97 31.57 -22.63
CA THR A 1004 -61.15 31.09 -23.33
C THR A 1004 -62.37 31.95 -23.03
N LEU A 1005 -62.53 32.30 -21.75
CA LEU A 1005 -63.70 33.01 -21.29
C LEU A 1005 -63.75 34.43 -21.86
N MET A 1006 -62.58 35.04 -21.99
CA MET A 1006 -62.48 36.46 -22.35
C MET A 1006 -62.77 36.67 -23.82
N LEU A 1007 -62.84 35.57 -24.57
CA LEU A 1007 -63.09 35.64 -26.01
C LEU A 1007 -64.53 35.23 -26.34
N ARG A 1008 -65.41 35.34 -25.34
CA ARG A 1008 -66.80 34.96 -25.52
C ARG A 1008 -67.72 36.17 -25.51
N ASP A 1009 -67.13 37.35 -25.75
CA ASP A 1009 -67.90 38.58 -25.77
C ASP A 1009 -67.33 39.58 -26.77
N ILE A 1010 -66.09 39.33 -27.19
CA ILE A 1010 -65.46 40.15 -28.23
C ILE A 1010 -65.41 39.39 -29.56
N GLY A 1011 -64.78 38.22 -29.53
CA GLY A 1011 -64.59 37.44 -30.75
C GLY A 1011 -65.87 36.73 -31.16
N ILE A 1012 -65.82 36.04 -32.30
CA ILE A 1012 -66.98 35.31 -32.80
C ILE A 1012 -66.68 33.82 -32.92
N THR A 1013 -65.63 33.49 -33.67
CA THR A 1013 -65.29 32.10 -33.93
C THR A 1013 -63.87 31.79 -33.46
N HIS A 1014 -63.74 30.70 -32.69
CA HIS A 1014 -62.47 30.36 -32.07
C HIS A 1014 -62.43 28.90 -31.67
N GLU A 1015 -61.96 28.05 -32.59
CA GLU A 1015 -61.92 26.61 -32.36
C GLU A 1015 -60.50 26.15 -32.02
N ILE A 1016 -60.36 25.50 -30.87
CA ILE A 1016 -59.06 25.04 -30.42
C ILE A 1016 -58.79 23.60 -30.83
N ILE A 1017 -57.79 23.41 -31.68
CA ILE A 1017 -57.49 22.10 -32.24
C ILE A 1017 -56.10 21.63 -31.82
N ARG A 1018 -56.05 20.50 -31.12
CA ARG A 1018 -54.78 19.96 -30.63
C ARG A 1018 -54.29 18.84 -31.52
N PRO A 1019 -53.00 18.86 -31.83
CA PRO A 1019 -52.38 17.81 -32.65
C PRO A 1019 -52.60 16.44 -32.03
N SER A 1020 -52.97 15.47 -32.86
CA SER A 1020 -53.27 14.12 -32.39
C SER A 1020 -52.39 13.09 -33.09
N THR A 1021 -52.70 11.81 -32.85
CA THR A 1021 -51.82 10.73 -33.26
C THR A 1021 -51.57 10.74 -34.76
N PRO A 1022 -52.64 10.91 -35.52
CA PRO A 1022 -52.57 10.89 -36.97
C PRO A 1022 -51.45 11.80 -37.48
N GLU A 1023 -51.21 12.88 -36.77
CA GLU A 1023 -50.17 13.83 -37.14
C GLU A 1023 -48.78 13.31 -36.79
N LEU A 1024 -48.70 12.52 -35.73
CA LEU A 1024 -47.45 11.91 -35.31
C LEU A 1024 -47.00 10.86 -36.32
N ILE A 1025 -47.93 10.03 -36.77
CA ILE A 1025 -47.63 8.96 -37.71
C ILE A 1025 -47.15 9.51 -39.04
N ASP A 1026 -47.89 10.48 -39.57
CA ASP A 1026 -47.54 11.10 -40.85
C ASP A 1026 -46.20 11.81 -40.78
N ALA A 1027 -45.93 12.44 -39.63
CA ALA A 1027 -44.67 13.14 -39.43
C ALA A 1027 -43.49 12.19 -39.46
N CYS A 1028 -43.62 11.07 -38.76
CA CYS A 1028 -42.53 10.12 -38.61
C CYS A 1028 -42.32 9.32 -39.89
N SER A 1029 -43.39 9.16 -40.66
CA SER A 1029 -43.35 8.34 -41.87
C SER A 1029 -42.74 9.10 -43.03
N ASN A 1030 -43.13 10.37 -43.18
CA ASN A 1030 -42.67 11.19 -44.28
C ASN A 1030 -41.19 11.53 -44.12
N TYR A 1031 -40.82 12.00 -42.93
CA TYR A 1031 -39.45 12.42 -42.66
C TYR A 1031 -38.56 11.22 -42.37
N GLY A 1032 -39.16 10.15 -41.86
CA GLY A 1032 -38.40 8.97 -41.44
C GLY A 1032 -37.68 9.22 -40.13
N ILE A 1033 -38.45 9.52 -39.09
CA ILE A 1033 -37.88 9.91 -37.80
C ILE A 1033 -38.40 9.03 -36.68
N ARG A 1034 -37.49 8.37 -35.97
CA ARG A 1034 -37.85 7.60 -34.79
C ARG A 1034 -38.25 8.51 -33.63
N LEU A 1035 -38.97 7.97 -32.67
CA LEU A 1035 -39.32 8.70 -31.45
C LEU A 1035 -38.25 8.50 -30.37
N GLY A 1036 -38.06 9.53 -29.56
CA GLY A 1036 -36.86 9.64 -28.74
C GLY A 1036 -37.00 8.83 -27.45
N SER A 1037 -37.91 7.87 -27.46
CA SER A 1037 -38.06 6.94 -26.34
C SER A 1037 -38.34 7.68 -25.05
N THR A 1038 -37.28 8.15 -24.40
CA THR A 1038 -37.41 8.87 -23.14
C THR A 1038 -37.98 10.26 -23.37
N GLY A 1039 -37.93 10.73 -24.62
CA GLY A 1039 -38.59 11.96 -25.00
C GLY A 1039 -40.01 11.70 -25.50
N GLY A 1040 -40.31 10.42 -25.72
CA GLY A 1040 -41.66 10.01 -26.10
C GLY A 1040 -42.65 10.22 -24.95
N ALA A 1041 -42.19 9.93 -23.74
CA ALA A 1041 -42.98 10.23 -22.54
C ALA A 1041 -43.16 11.73 -22.37
N VAL A 1042 -42.23 12.51 -22.89
CA VAL A 1042 -42.34 13.96 -22.88
C VAL A 1042 -43.35 14.44 -23.91
N LEU A 1043 -43.35 13.82 -25.07
CA LEU A 1043 -44.15 14.28 -26.20
C LEU A 1043 -45.64 14.18 -25.90
N ASP A 1044 -46.05 13.04 -25.35
CA ASP A 1044 -47.46 12.70 -25.25
C ASP A 1044 -48.13 13.46 -24.10
N VAL A 1045 -47.34 14.31 -23.44
CA VAL A 1045 -47.89 15.23 -22.44
C VAL A 1045 -47.70 16.67 -22.86
N PHE A 1046 -46.48 17.01 -23.26
CA PHE A 1046 -46.17 18.37 -23.70
C PHE A 1046 -47.01 18.78 -24.90
N ASN A 1047 -47.25 17.81 -25.79
CA ASN A 1047 -48.03 18.07 -27.00
C ASN A 1047 -49.39 18.68 -26.65
N HIS A 1048 -50.05 18.11 -25.65
CA HIS A 1048 -51.43 18.43 -25.37
C HIS A 1048 -51.59 19.90 -24.94
N TYR A 1049 -50.68 20.35 -24.08
CA TYR A 1049 -50.84 21.63 -23.41
C TYR A 1049 -50.17 22.76 -24.19
N SER A 1050 -50.16 22.62 -25.52
CA SER A 1050 -49.85 23.74 -26.40
C SER A 1050 -50.93 23.93 -27.46
N PRO A 1051 -52.05 24.51 -27.06
CA PRO A 1051 -53.21 24.62 -27.94
C PRO A 1051 -52.87 25.42 -29.19
N VAL A 1052 -53.44 24.99 -30.32
CA VAL A 1052 -53.45 25.82 -31.52
C VAL A 1052 -54.86 26.32 -31.83
N ILE A 1053 -55.12 27.58 -31.50
CA ILE A 1053 -56.45 28.15 -31.61
C ILE A 1053 -56.67 28.74 -33.00
N LYS A 1054 -57.73 28.28 -33.66
CA LYS A 1054 -58.05 28.75 -35.01
C LYS A 1054 -59.14 29.81 -34.98
N LEU A 1055 -58.76 31.04 -35.32
CA LEU A 1055 -59.71 32.15 -35.37
C LEU A 1055 -60.20 32.41 -36.78
N VAL A 1056 -61.13 31.58 -37.24
CA VAL A 1056 -61.68 31.71 -38.58
C VAL A 1056 -63.03 32.41 -38.56
N ARG A 1057 -63.00 33.74 -38.68
CA ARG A 1057 -64.21 34.54 -38.56
C ARG A 1057 -64.33 35.54 -39.70
N SER A 1058 -65.55 35.99 -39.97
CA SER A 1058 -65.79 36.95 -41.04
C SER A 1058 -66.45 38.21 -40.51
N MET B 1 -58.67 -8.66 -42.85
CA MET B 1 -57.77 -8.00 -43.80
C MET B 1 -56.68 -7.24 -43.07
N TRP B 2 -55.56 -7.90 -42.80
CA TRP B 2 -54.42 -7.25 -42.17
C TRP B 2 -53.30 -7.01 -43.18
N HIS B 3 -53.10 -7.96 -44.07
CA HIS B 3 -52.07 -7.83 -45.11
C HIS B 3 -50.83 -7.13 -44.57
N TYR B 4 -50.07 -7.85 -43.74
CA TYR B 4 -48.79 -7.34 -43.26
C TYR B 4 -47.79 -7.16 -44.40
N THR B 5 -46.72 -6.42 -44.13
CA THR B 5 -45.78 -6.04 -45.17
C THR B 5 -44.35 -6.43 -44.80
N SER B 6 -43.43 -6.30 -45.74
CA SER B 6 -42.03 -6.63 -45.51
C SER B 6 -41.15 -6.09 -46.63
N ILE B 7 -39.84 -6.18 -46.42
CA ILE B 7 -38.87 -5.75 -47.43
C ILE B 7 -38.09 -6.95 -47.98
N ASN B 8 -38.19 -7.16 -49.29
CA ASN B 8 -37.54 -8.30 -49.93
C ASN B 8 -36.36 -7.86 -50.78
N ASN B 9 -35.16 -8.21 -50.32
CA ASN B 9 -33.93 -7.84 -51.03
C ASN B 9 -32.83 -8.87 -50.80
N ASP B 10 -32.22 -9.32 -51.89
CA ASP B 10 -31.16 -10.32 -51.81
C ASP B 10 -30.13 -9.94 -50.77
N THR B 11 -29.70 -10.92 -49.98
CA THR B 11 -28.77 -10.67 -48.89
C THR B 11 -27.40 -11.25 -49.20
N ARG B 12 -27.34 -12.15 -50.17
CA ARG B 12 -26.07 -12.70 -50.63
C ARG B 12 -25.49 -11.87 -51.77
N VAL B 13 -26.34 -11.49 -52.71
CA VAL B 13 -25.90 -10.71 -53.87
C VAL B 13 -25.22 -9.42 -53.44
N ALA B 14 -25.67 -8.87 -52.32
CA ALA B 14 -25.17 -7.58 -51.84
C ALA B 14 -24.03 -7.78 -50.82
N LEU B 15 -23.26 -8.84 -51.02
CA LEU B 15 -22.10 -9.10 -50.17
C LEU B 15 -20.80 -8.99 -50.96
N ASP B 16 -20.88 -9.30 -52.25
CA ASP B 16 -19.68 -9.36 -53.09
C ASP B 16 -19.02 -7.99 -53.20
N PRO B 17 -17.74 -7.94 -52.89
CA PRO B 17 -16.97 -6.70 -52.97
C PRO B 17 -16.93 -6.17 -54.41
N LYS B 18 -16.47 -4.93 -54.55
CA LYS B 18 -16.30 -4.33 -55.87
C LYS B 18 -15.10 -4.95 -56.60
N PRO B 19 -15.06 -4.77 -57.91
CA PRO B 19 -14.03 -5.40 -58.73
C PRO B 19 -12.69 -4.70 -58.54
N ASN B 20 -12.73 -3.44 -58.11
CA ASN B 20 -11.52 -2.67 -57.86
C ASN B 20 -11.27 -2.52 -56.36
N GLN B 21 -12.16 -3.08 -55.56
CA GLN B 21 -11.97 -3.13 -54.11
C GLN B 21 -11.70 -4.54 -53.62
N ILE B 22 -12.02 -5.52 -54.47
CA ILE B 22 -11.70 -6.91 -54.19
C ILE B 22 -10.23 -7.08 -53.86
N ARG B 23 -9.39 -6.23 -54.45
CA ARG B 23 -7.97 -6.19 -54.12
C ARG B 23 -7.77 -5.89 -52.64
N THR B 24 -8.55 -4.95 -52.12
CA THR B 24 -8.30 -4.38 -50.81
C THR B 24 -8.66 -5.34 -49.69
N ILE B 25 -9.74 -6.09 -49.89
CA ILE B 25 -10.39 -6.79 -48.79
C ILE B 25 -9.86 -8.21 -48.65
N THR B 26 -8.79 -8.50 -49.37
CA THR B 26 -8.25 -9.86 -49.43
C THR B 26 -6.86 -9.93 -48.84
N LYS B 27 -5.88 -9.40 -49.56
CA LYS B 27 -4.48 -9.51 -49.16
C LYS B 27 -4.06 -8.37 -48.25
N PRO B 28 -4.50 -7.16 -48.58
CA PRO B 28 -4.07 -5.97 -47.86
C PRO B 28 -4.69 -5.90 -46.47
N ASN B 29 -5.31 -6.99 -46.05
CA ASN B 29 -5.81 -7.12 -44.69
C ASN B 29 -4.69 -7.45 -43.72
N THR B 30 -3.45 -7.17 -44.13
CA THR B 30 -2.30 -7.33 -43.26
C THR B 30 -2.01 -6.06 -42.47
N VAL B 31 -2.61 -4.95 -42.91
CA VAL B 31 -2.48 -3.68 -42.21
C VAL B 31 -3.23 -3.69 -40.89
N PRO B 32 -4.52 -4.01 -40.95
CA PRO B 32 -5.30 -4.29 -39.75
C PRO B 32 -4.90 -5.62 -39.13
N GLN B 33 -5.40 -5.87 -37.92
CA GLN B 33 -5.06 -7.09 -37.19
C GLN B 33 -6.31 -7.75 -36.61
N LEU B 34 -7.28 -8.04 -37.46
CA LEU B 34 -8.45 -8.80 -37.06
C LEU B 34 -9.00 -8.30 -35.73
N GLY B 35 -9.33 -9.24 -34.84
CA GLY B 35 -9.59 -8.91 -33.45
C GLY B 35 -11.05 -9.19 -33.08
N THR B 36 -11.97 -8.60 -33.84
CA THR B 36 -13.37 -8.58 -33.46
C THR B 36 -14.24 -9.18 -34.56
N ASP B 37 -13.72 -9.18 -35.78
CA ASP B 37 -14.50 -9.58 -36.95
C ASP B 37 -14.93 -11.04 -36.86
N TYR B 38 -13.95 -11.93 -36.68
CA TYR B 38 -14.22 -13.35 -36.57
C TYR B 38 -14.77 -13.70 -35.19
N LEU B 39 -15.47 -14.82 -35.10
CA LEU B 39 -16.11 -15.24 -33.85
C LEU B 39 -15.45 -16.50 -33.29
N TYR B 40 -15.04 -16.44 -32.03
CA TYR B 40 -14.44 -17.58 -31.37
C TYR B 40 -14.92 -17.70 -29.92
N THR B 41 -15.54 -18.83 -29.60
CA THR B 41 -15.78 -19.18 -28.20
C THR B 41 -15.25 -20.59 -27.90
N PHE B 42 -14.80 -20.78 -26.67
CA PHE B 42 -14.24 -22.07 -26.25
C PHE B 42 -15.04 -22.68 -25.11
N ASN B 43 -15.44 -23.94 -25.29
CA ASN B 43 -16.08 -24.69 -24.22
C ASN B 43 -15.24 -25.88 -23.78
N SER B 44 -15.13 -26.08 -22.47
CA SER B 44 -14.58 -27.32 -21.94
C SER B 44 -15.66 -28.39 -21.82
N GLN B 45 -16.23 -28.77 -22.95
CA GLN B 45 -17.29 -29.78 -22.98
C GLN B 45 -16.83 -31.07 -22.29
N ARG B 46 -15.73 -31.64 -22.79
CA ARG B 46 -15.00 -31.06 -23.91
C ARG B 46 -15.03 -32.00 -25.12
N ARG B 47 -14.53 -31.51 -26.25
CA ARG B 47 -13.99 -30.15 -26.32
C ARG B 47 -14.45 -29.45 -27.59
N SER B 48 -14.92 -28.21 -27.43
CA SER B 48 -15.40 -27.42 -28.56
C SER B 48 -14.35 -26.43 -29.02
N HIS B 49 -14.24 -26.23 -30.32
CA HIS B 49 -13.37 -25.20 -30.88
C HIS B 49 -14.06 -24.44 -32.01
N THR B 50 -15.17 -23.78 -31.68
CA THR B 50 -15.99 -23.13 -32.68
C THR B 50 -15.35 -21.83 -33.15
N LEU B 51 -14.31 -21.95 -33.98
CA LEU B 51 -13.74 -20.80 -34.67
C LEU B 51 -14.38 -20.58 -36.03
N ARG B 52 -15.08 -19.46 -36.16
CA ARG B 52 -15.91 -19.23 -37.34
C ARG B 52 -15.63 -17.86 -37.95
N LEU B 53 -15.07 -17.86 -39.16
CA LEU B 53 -14.85 -16.61 -39.89
C LEU B 53 -16.17 -16.02 -40.38
N LEU B 54 -16.30 -14.70 -40.25
CA LEU B 54 -17.46 -14.00 -40.79
C LEU B 54 -17.07 -13.18 -42.02
N GLY B 55 -18.06 -12.57 -42.66
CA GLY B 55 -17.85 -11.87 -43.91
C GLY B 55 -16.66 -10.92 -43.82
N PRO B 56 -15.96 -10.75 -44.93
CA PRO B 56 -16.40 -11.29 -46.21
C PRO B 56 -15.79 -12.67 -46.45
N PHE B 57 -15.35 -13.31 -45.37
CA PHE B 57 -14.68 -14.62 -45.48
C PHE B 57 -15.62 -15.74 -45.09
N GLN B 58 -16.92 -15.50 -45.22
CA GLN B 58 -17.92 -16.54 -44.99
C GLN B 58 -18.40 -17.15 -46.30
N TYR B 59 -18.84 -18.40 -46.23
CA TYR B 59 -19.19 -19.14 -47.44
C TYR B 59 -17.95 -19.42 -48.29
N PHE B 60 -16.78 -19.22 -47.70
CA PHE B 60 -15.52 -19.45 -48.40
C PHE B 60 -15.00 -20.86 -48.13
N ASN B 61 -14.91 -21.67 -49.18
CA ASN B 61 -14.33 -23.00 -49.08
C ASN B 61 -12.81 -22.94 -49.13
N PHE B 62 -12.17 -23.98 -48.60
CA PHE B 62 -10.71 -23.97 -48.43
C PHE B 62 -10.06 -25.04 -49.30
N SER B 63 -8.98 -24.66 -49.98
CA SER B 63 -8.20 -25.60 -50.77
C SER B 63 -7.35 -26.50 -49.88
N GLU B 64 -7.25 -27.77 -50.25
CA GLU B 64 -6.55 -28.75 -49.44
C GLU B 64 -5.04 -28.50 -49.45
N THR B 65 -4.61 -27.62 -50.34
CA THR B 65 -3.19 -27.29 -50.46
C THR B 65 -2.78 -26.26 -49.40
N ASP B 66 -3.56 -25.21 -49.28
CA ASP B 66 -3.26 -24.12 -48.35
C ASP B 66 -4.15 -24.19 -47.12
N ARG B 67 -4.66 -25.37 -46.81
CA ARG B 67 -5.47 -25.58 -45.62
C ARG B 67 -4.64 -26.08 -44.45
N GLY B 68 -3.82 -27.09 -44.71
CA GLY B 68 -3.13 -27.80 -43.65
C GLY B 68 -1.76 -27.20 -43.36
N HIS B 69 -1.12 -26.68 -44.40
CA HIS B 69 0.26 -26.23 -44.30
C HIS B 69 0.37 -24.96 -43.45
N PRO B 70 -0.47 -23.98 -43.76
CA PRO B 70 -0.36 -22.66 -43.14
C PRO B 70 -0.67 -22.73 -41.65
N LEU B 71 -1.89 -23.15 -41.32
CA LEU B 71 -2.47 -22.89 -40.01
C LEU B 71 -3.12 -24.13 -39.44
N PHE B 72 -4.21 -24.57 -40.05
CA PHE B 72 -5.33 -25.17 -39.32
C PHE B 72 -4.84 -26.27 -38.40
N ARG B 73 -3.94 -27.11 -38.91
CA ARG B 73 -3.65 -28.40 -38.30
C ARG B 73 -3.26 -28.25 -36.83
N LEU B 74 -2.16 -27.52 -36.61
CA LEU B 74 -1.39 -27.66 -35.38
C LEU B 74 -2.11 -27.03 -34.19
N PRO B 75 -2.68 -25.85 -34.42
CA PRO B 75 -3.40 -25.13 -33.37
C PRO B 75 -4.49 -25.99 -32.77
N LEU B 76 -5.05 -26.89 -33.57
CA LEU B 76 -6.17 -27.72 -33.14
C LEU B 76 -5.71 -28.80 -32.17
N LYS B 77 -4.49 -29.29 -32.36
CA LYS B 77 -4.03 -30.50 -31.71
C LYS B 77 -3.16 -30.18 -30.49
N TYR B 78 -3.52 -29.11 -29.79
CA TYR B 78 -2.99 -28.85 -28.45
C TYR B 78 -3.23 -30.04 -27.52
N PRO B 79 -4.45 -30.54 -27.52
CA PRO B 79 -5.60 -29.79 -28.02
C PRO B 79 -6.16 -28.88 -26.93
N SER B 80 -5.86 -29.20 -25.68
CA SER B 80 -6.64 -28.70 -24.55
C SER B 80 -6.11 -27.35 -24.07
N LYS B 81 -6.82 -26.29 -24.39
CA LYS B 81 -6.49 -24.96 -23.90
C LYS B 81 -5.73 -25.04 -22.58
N ALA B 82 -4.68 -24.24 -22.46
CA ALA B 82 -3.77 -24.01 -23.57
C ALA B 82 -4.26 -22.90 -24.48
N ILE B 83 -3.87 -22.94 -25.74
CA ILE B 83 -4.46 -22.09 -26.76
C ILE B 83 -4.43 -20.62 -26.34
N PRO B 84 -3.23 -20.09 -26.14
CA PRO B 84 -3.06 -18.68 -25.81
C PRO B 84 -3.83 -17.79 -26.78
N ALA B 85 -4.46 -16.74 -26.26
CA ALA B 85 -5.24 -15.83 -27.08
C ALA B 85 -4.38 -15.19 -28.16
N ASP B 86 -3.07 -15.11 -27.91
CA ASP B 86 -2.13 -14.55 -28.87
C ASP B 86 -2.00 -15.44 -30.10
N GLU B 87 -2.11 -16.75 -29.89
CA GLU B 87 -1.91 -17.72 -30.96
C GLU B 87 -2.91 -17.50 -32.09
N LEU B 88 -4.17 -17.28 -31.73
CA LEU B 88 -5.23 -17.15 -32.71
C LEU B 88 -5.03 -15.93 -33.60
N ILE B 89 -4.75 -14.79 -32.96
CA ILE B 89 -4.63 -13.52 -33.67
C ILE B 89 -3.42 -13.52 -34.61
N ASP B 90 -2.29 -14.00 -34.10
CA ASP B 90 -1.04 -13.93 -34.83
C ASP B 90 -0.98 -14.99 -35.93
N ASN B 91 -1.53 -16.16 -35.64
CA ASN B 91 -1.45 -17.29 -36.56
C ASN B 91 -2.45 -17.16 -37.69
N LEU B 92 -3.65 -16.71 -37.36
CA LEU B 92 -4.69 -16.48 -38.37
C LEU B 92 -4.30 -15.34 -39.29
N HIS B 93 -3.60 -14.35 -38.76
CA HIS B 93 -2.98 -13.32 -39.59
C HIS B 93 -2.06 -13.93 -40.63
N SER B 94 -1.24 -14.88 -40.20
CA SER B 94 -0.26 -15.50 -41.09
C SER B 94 -0.94 -16.20 -42.26
N TRP B 95 -2.08 -16.82 -41.98
CA TRP B 95 -2.86 -17.47 -43.03
C TRP B 95 -3.45 -16.45 -43.99
N MET B 96 -4.13 -15.45 -43.45
CA MET B 96 -4.87 -14.49 -44.26
C MET B 96 -3.92 -13.60 -45.05
N ARG B 97 -2.65 -13.59 -44.64
CA ARG B 97 -1.61 -12.88 -45.40
C ARG B 97 -1.49 -13.42 -46.81
N SER B 98 -1.07 -14.69 -46.91
CA SER B 98 -0.79 -15.30 -48.21
C SER B 98 -2.06 -15.88 -48.83
N VAL B 99 -2.92 -15.00 -49.32
CA VAL B 99 -4.08 -15.43 -50.10
C VAL B 99 -4.55 -14.32 -51.04
N HIS B 100 -4.93 -14.71 -52.26
CA HIS B 100 -5.40 -13.76 -53.26
C HIS B 100 -6.27 -14.45 -54.30
N LEU B 101 -7.06 -13.66 -55.01
CA LEU B 101 -7.87 -14.17 -56.11
C LEU B 101 -7.45 -13.55 -57.44
N LEU B 102 -7.71 -14.26 -58.53
CA LEU B 102 -7.48 -13.72 -59.87
C LEU B 102 -8.58 -12.75 -60.26
N HIS B 103 -8.19 -11.56 -60.70
CA HIS B 103 -9.14 -10.50 -61.01
C HIS B 103 -8.52 -9.45 -61.91
N VAL B 104 -9.37 -8.62 -62.52
CA VAL B 104 -8.88 -7.50 -63.32
C VAL B 104 -9.46 -6.18 -62.81
N ARG B 105 -8.58 -5.24 -62.51
CA ARG B 105 -8.99 -3.89 -62.12
C ARG B 105 -9.74 -3.19 -63.25
N SER B 106 -10.88 -2.61 -62.93
CA SER B 106 -11.73 -1.97 -63.94
C SER B 106 -11.84 -0.47 -63.69
N GLU B 107 -12.54 0.22 -64.58
CA GLU B 107 -12.75 1.65 -64.45
C GLU B 107 -14.23 1.97 -64.26
N ASP B 108 -15.09 1.19 -64.90
CA ASP B 108 -16.53 1.35 -64.76
C ASP B 108 -16.97 1.13 -63.32
N ASN B 109 -17.81 2.03 -62.82
CA ASN B 109 -18.15 2.06 -61.39
C ASN B 109 -19.34 1.18 -61.10
N THR B 110 -19.89 0.56 -62.14
CA THR B 110 -21.12 -0.23 -62.01
C THR B 110 -20.86 -1.70 -62.31
N LEU B 111 -19.72 -2.19 -61.86
CA LEU B 111 -19.39 -3.61 -61.99
C LEU B 111 -19.28 -4.27 -60.62
N ARG B 112 -19.54 -5.57 -60.58
CA ARG B 112 -19.38 -6.35 -59.35
C ARG B 112 -18.60 -7.63 -59.59
N TYR B 113 -17.80 -8.03 -58.61
CA TYR B 113 -16.96 -9.21 -58.74
C TYR B 113 -17.64 -10.44 -58.17
N ASN B 114 -17.72 -11.49 -58.99
CA ASN B 114 -18.30 -12.76 -58.56
C ASN B 114 -17.40 -13.46 -57.55
N TRP B 115 -17.82 -13.46 -56.28
CA TRP B 115 -17.04 -14.08 -55.22
C TRP B 115 -17.13 -15.59 -55.27
N MET B 116 -18.36 -16.11 -55.33
CA MET B 116 -18.61 -17.54 -55.17
C MET B 116 -17.84 -18.35 -56.22
N LEU B 117 -18.04 -17.99 -57.48
CA LEU B 117 -17.45 -18.74 -58.59
C LEU B 117 -15.94 -18.54 -58.65
N GLY B 118 -15.49 -17.36 -58.25
CA GLY B 118 -14.07 -17.02 -58.30
C GLY B 118 -13.25 -17.90 -57.37
N VAL B 119 -13.72 -18.06 -56.15
CA VAL B 119 -12.99 -18.80 -55.12
C VAL B 119 -13.12 -20.31 -55.35
N TYR B 120 -14.19 -20.71 -56.03
CA TYR B 120 -14.38 -22.10 -56.40
C TYR B 120 -13.28 -22.58 -57.33
N ALA B 121 -13.01 -21.80 -58.38
CA ALA B 121 -11.99 -22.15 -59.35
C ALA B 121 -10.59 -22.14 -58.71
N ARG B 122 -10.30 -21.08 -57.95
CA ARG B 122 -9.00 -20.94 -57.32
C ARG B 122 -8.67 -22.14 -56.45
N SER B 123 -9.66 -22.61 -55.70
CA SER B 123 -9.42 -23.62 -54.68
C SER B 123 -9.13 -24.98 -55.30
N THR B 124 -9.43 -25.11 -56.58
CA THR B 124 -9.29 -26.39 -57.27
C THR B 124 -8.12 -26.35 -58.26
N ASN B 125 -7.35 -25.27 -58.21
CA ASN B 125 -6.15 -25.14 -59.03
C ASN B 125 -6.50 -25.10 -60.51
N TYR B 126 -7.69 -24.62 -60.83
CA TYR B 126 -8.08 -24.37 -62.21
C TYR B 126 -8.04 -25.66 -63.03
N THR B 127 -8.21 -26.78 -62.35
CA THR B 127 -8.06 -28.08 -62.99
C THR B 127 -9.20 -28.37 -63.96
N THR B 128 -10.43 -28.07 -63.52
CA THR B 128 -11.61 -28.39 -64.30
C THR B 128 -11.87 -27.34 -65.37
N PRO B 129 -12.65 -27.70 -66.39
CA PRO B 129 -12.92 -26.80 -67.49
C PRO B 129 -13.55 -25.50 -67.01
N VAL B 130 -14.29 -25.58 -65.90
CA VAL B 130 -14.96 -24.41 -65.35
C VAL B 130 -13.97 -23.46 -64.69
N GLY B 131 -12.91 -24.02 -64.14
CA GLY B 131 -11.92 -23.23 -63.41
C GLY B 131 -10.77 -22.80 -64.31
N GLN B 132 -10.64 -23.47 -65.45
CA GLN B 132 -9.63 -23.11 -66.44
C GLN B 132 -10.09 -21.94 -67.29
N LEU B 133 -11.40 -21.82 -67.47
CA LEU B 133 -11.97 -20.73 -68.24
C LEU B 133 -11.53 -19.38 -67.70
N VAL B 134 -11.38 -19.29 -66.39
CA VAL B 134 -11.16 -18.01 -65.72
C VAL B 134 -9.66 -17.73 -65.57
N VAL B 135 -8.85 -18.53 -66.25
CA VAL B 135 -7.39 -18.32 -66.24
C VAL B 135 -6.95 -17.51 -67.44
N ASN B 136 -7.39 -17.92 -68.63
CA ASN B 136 -7.07 -17.20 -69.86
C ASN B 136 -7.72 -15.83 -69.90
N ALA B 137 -8.91 -15.73 -69.30
CA ALA B 137 -9.64 -14.47 -69.27
C ALA B 137 -10.30 -14.26 -67.92
N PRO B 138 -9.54 -13.67 -66.99
CA PRO B 138 -9.99 -13.49 -65.62
C PRO B 138 -11.00 -12.36 -65.52
N ALA B 139 -11.25 -11.68 -66.63
CA ALA B 139 -12.18 -10.56 -66.65
C ALA B 139 -13.61 -11.03 -66.85
N ILE B 140 -13.78 -12.35 -66.98
CA ILE B 140 -15.11 -12.93 -67.18
C ILE B 140 -15.94 -12.85 -65.91
N LEU B 141 -15.27 -12.68 -64.77
CA LEU B 141 -15.93 -12.75 -63.47
C LEU B 141 -16.52 -11.40 -63.09
N ASN B 142 -16.31 -10.40 -63.93
CA ASN B 142 -16.93 -9.10 -63.74
C ASN B 142 -18.28 -9.02 -64.43
N TYR B 143 -19.29 -8.56 -63.69
CA TYR B 143 -20.64 -8.43 -64.23
C TYR B 143 -21.34 -7.20 -63.67
N SER B 144 -22.29 -6.66 -64.43
CA SER B 144 -23.04 -5.48 -64.00
C SER B 144 -24.43 -5.86 -63.52
N ASN B 145 -24.83 -7.09 -63.83
CA ASN B 145 -26.19 -7.54 -63.54
C ASN B 145 -26.22 -9.01 -63.16
N PRO B 146 -26.82 -9.30 -62.00
CA PRO B 146 -26.99 -10.69 -61.55
C PRO B 146 -27.64 -11.54 -62.64
N GLN B 147 -27.49 -12.85 -62.52
CA GLN B 147 -27.96 -13.77 -63.55
C GLN B 147 -27.02 -13.79 -64.75
N ASP B 148 -26.76 -12.62 -65.31
CA ASP B 148 -25.83 -12.50 -66.44
C ASP B 148 -24.42 -12.87 -66.02
N ALA B 149 -24.20 -13.02 -64.72
CA ALA B 149 -22.93 -13.50 -64.20
C ALA B 149 -22.65 -14.92 -64.64
N PHE B 150 -23.70 -15.73 -64.73
CA PHE B 150 -23.57 -17.16 -64.98
C PHE B 150 -23.81 -17.49 -66.44
N ASN B 151 -24.56 -16.63 -67.13
CA ASN B 151 -24.90 -16.85 -68.53
C ASN B 151 -23.64 -16.87 -69.39
N SER B 152 -22.56 -16.30 -68.88
CA SER B 152 -21.32 -16.15 -69.65
C SER B 152 -20.44 -17.39 -69.52
N VAL B 153 -20.76 -18.22 -68.54
CA VAL B 153 -19.95 -19.41 -68.27
C VAL B 153 -20.73 -20.69 -68.56
N PHE B 154 -21.80 -20.56 -69.34
CA PHE B 154 -22.45 -21.71 -69.96
C PHE B 154 -22.31 -21.66 -71.48
N VAL B 155 -22.33 -20.45 -72.03
CA VAL B 155 -22.19 -20.27 -73.47
C VAL B 155 -20.76 -20.50 -73.92
N ALA B 156 -19.82 -20.21 -73.03
CA ALA B 156 -18.40 -20.28 -73.37
C ALA B 156 -17.86 -21.69 -73.27
N LEU B 157 -18.59 -22.54 -72.55
CA LEU B 157 -18.18 -23.92 -72.34
C LEU B 157 -19.03 -24.89 -73.16
N GLY B 158 -20.33 -24.63 -73.20
CA GLY B 158 -21.26 -25.50 -73.93
C GLY B 158 -21.91 -26.49 -72.99
N ILE B 159 -21.73 -26.29 -71.69
CA ILE B 159 -22.29 -27.19 -70.69
C ILE B 159 -23.65 -26.70 -70.19
N ASP B 160 -24.39 -27.58 -69.54
CA ASP B 160 -25.78 -27.31 -69.19
C ASP B 160 -25.91 -26.87 -67.74
N TYR B 161 -25.00 -27.35 -66.89
CA TYR B 161 -25.08 -27.10 -65.46
C TYR B 161 -23.71 -27.22 -64.80
N ILE B 162 -23.57 -26.59 -63.64
CA ILE B 162 -22.34 -26.71 -62.85
C ILE B 162 -22.65 -27.09 -61.42
N ASP B 163 -22.09 -28.22 -60.97
CA ASP B 163 -22.23 -28.66 -59.60
C ASP B 163 -21.12 -28.11 -58.72
N ILE B 164 -21.48 -27.68 -57.51
CA ILE B 164 -20.52 -27.08 -56.60
C ILE B 164 -20.75 -27.57 -55.17
N PRO B 165 -19.68 -28.00 -54.51
CA PRO B 165 -19.74 -28.40 -53.12
C PRO B 165 -19.95 -27.21 -52.20
N ILE B 166 -20.53 -27.45 -51.04
CA ILE B 166 -20.91 -26.38 -50.13
C ILE B 166 -19.78 -26.05 -49.16
N THR B 167 -19.93 -24.93 -48.46
CA THR B 167 -18.93 -24.52 -47.47
C THR B 167 -19.40 -24.80 -46.05
N ASN B 168 -18.51 -25.38 -45.25
CA ASN B 168 -18.77 -25.54 -43.82
C ASN B 168 -18.20 -24.38 -43.02
N SER B 169 -19.04 -23.76 -42.20
CA SER B 169 -18.64 -22.59 -41.43
C SER B 169 -17.49 -22.91 -40.49
N ASN B 170 -17.62 -24.01 -39.75
CA ASN B 170 -16.58 -24.44 -38.83
C ASN B 170 -15.38 -25.01 -39.59
N ILE B 171 -14.21 -24.40 -39.35
CA ILE B 171 -13.04 -24.66 -40.19
C ILE B 171 -12.20 -25.78 -39.61
N PHE B 172 -12.61 -26.31 -38.47
CA PHE B 172 -11.89 -27.40 -37.82
C PHE B 172 -12.67 -28.70 -37.89
N ASP B 173 -13.88 -28.62 -38.43
CA ASP B 173 -14.69 -29.81 -38.68
C ASP B 173 -14.41 -30.38 -40.06
N ASP B 174 -13.31 -31.11 -40.18
CA ASP B 174 -12.88 -31.64 -41.48
C ASP B 174 -13.56 -32.97 -41.78
N SER B 175 -14.82 -32.89 -42.20
CA SER B 175 -15.57 -34.09 -42.58
C SER B 175 -16.24 -33.91 -43.93
N SER B 176 -16.71 -35.02 -44.50
CA SER B 176 -17.45 -34.96 -45.76
C SER B 176 -18.72 -34.11 -45.62
N THR B 177 -19.06 -33.39 -46.68
CA THR B 177 -20.23 -32.53 -46.68
C THR B 177 -21.52 -33.34 -46.72
N PRO B 178 -22.56 -32.81 -46.09
CA PRO B 178 -23.84 -33.50 -46.04
C PRO B 178 -24.54 -33.50 -47.39
N TYR B 179 -24.22 -32.51 -48.22
CA TYR B 179 -24.85 -32.37 -49.52
C TYR B 179 -24.10 -31.36 -50.39
N ASN B 180 -24.53 -31.23 -51.64
CA ASN B 180 -24.00 -30.20 -52.52
C ASN B 180 -25.11 -29.55 -53.32
N VAL B 181 -24.75 -28.54 -54.12
CA VAL B 181 -25.72 -27.78 -54.89
C VAL B 181 -25.40 -27.82 -56.38
N ARG B 182 -26.40 -27.56 -57.21
CA ARG B 182 -26.23 -27.57 -58.65
C ARG B 182 -26.94 -26.38 -59.30
N ILE B 183 -26.19 -25.62 -60.10
CA ILE B 183 -26.75 -24.45 -60.77
C ILE B 183 -27.07 -24.74 -62.23
N TRP B 184 -28.30 -24.47 -62.62
CA TRP B 184 -28.77 -24.78 -63.96
C TRP B 184 -28.77 -23.54 -64.85
N HIS B 185 -28.50 -23.74 -66.13
CA HIS B 185 -28.72 -22.69 -67.13
C HIS B 185 -30.21 -22.54 -67.43
N ALA B 186 -30.74 -21.36 -67.14
CA ALA B 186 -32.13 -21.04 -67.43
C ALA B 186 -32.34 -19.55 -67.61
N PRO B 187 -32.56 -19.13 -68.85
CA PRO B 187 -32.73 -17.70 -69.15
C PRO B 187 -34.13 -17.22 -68.78
N THR B 188 -35.14 -17.87 -69.36
CA THR B 188 -36.48 -17.32 -69.36
C THR B 188 -37.41 -18.13 -68.45
N MET B 189 -38.66 -17.71 -68.38
CA MET B 189 -39.64 -18.37 -67.52
C MET B 189 -39.98 -19.76 -68.03
N THR B 190 -39.91 -19.94 -69.35
CA THR B 190 -40.39 -21.17 -69.97
C THR B 190 -39.37 -22.29 -69.82
N GLU B 191 -38.15 -21.93 -69.40
CA GLU B 191 -37.11 -22.92 -69.18
C GLU B 191 -37.27 -23.60 -67.83
N VAL B 192 -37.60 -22.82 -66.82
CA VAL B 192 -37.77 -23.35 -65.46
C VAL B 192 -38.86 -24.41 -65.43
N ASN B 193 -39.92 -24.20 -66.20
CA ASN B 193 -41.00 -25.18 -66.30
C ASN B 193 -40.52 -26.47 -66.95
N HIS B 194 -39.47 -26.37 -67.76
CA HIS B 194 -38.93 -27.51 -68.48
C HIS B 194 -37.97 -28.30 -67.60
N ILE B 195 -37.24 -27.59 -66.75
CA ILE B 195 -36.20 -28.22 -65.94
C ILE B 195 -36.80 -28.91 -64.72
N LEU B 196 -37.71 -28.23 -64.03
CA LEU B 196 -38.29 -28.75 -62.81
C LEU B 196 -39.11 -30.00 -63.06
N ALA B 197 -39.59 -30.14 -64.30
CA ALA B 197 -40.29 -31.35 -64.72
C ALA B 197 -39.30 -32.46 -65.06
N LEU B 198 -38.03 -32.09 -65.23
CA LEU B 198 -36.98 -33.06 -65.49
C LEU B 198 -36.32 -33.52 -64.18
N MET B 199 -36.39 -32.67 -63.17
CA MET B 199 -35.80 -32.96 -61.87
C MET B 199 -36.49 -34.15 -61.21
N ARG B 200 -37.73 -34.40 -61.62
CA ARG B 200 -38.49 -35.53 -61.09
C ARG B 200 -37.76 -36.84 -61.30
N LYS B 201 -38.29 -37.91 -60.71
CA LYS B 201 -37.72 -39.24 -60.88
C LYS B 201 -36.19 -39.18 -60.96
N SER B 202 -35.58 -38.69 -59.89
CA SER B 202 -34.13 -38.63 -59.81
C SER B 202 -33.65 -38.62 -58.36
N THR B 203 -33.00 -39.69 -57.94
CA THR B 203 -32.40 -39.77 -56.61
C THR B 203 -33.11 -38.84 -55.65
N LEU B 204 -32.34 -37.95 -55.01
CA LEU B 204 -32.86 -37.13 -53.92
C LEU B 204 -32.52 -35.66 -54.14
N VAL B 205 -33.54 -34.87 -54.48
CA VAL B 205 -33.35 -33.46 -54.76
C VAL B 205 -34.41 -32.61 -54.08
N SER B 206 -34.17 -31.31 -54.00
CA SER B 206 -35.13 -30.39 -53.39
C SER B 206 -34.93 -28.96 -53.91
N THR B 207 -35.95 -28.13 -53.74
CA THR B 207 -35.81 -26.71 -53.97
C THR B 207 -36.46 -25.89 -52.85
N HIS B 208 -36.50 -24.58 -53.03
CA HIS B 208 -37.04 -23.69 -52.00
C HIS B 208 -37.63 -22.42 -52.62
N SER B 209 -38.84 -22.54 -53.14
CA SER B 209 -39.62 -21.36 -53.51
C SER B 209 -38.85 -20.48 -54.49
N SER B 210 -38.32 -19.37 -53.98
CA SER B 210 -37.57 -18.43 -54.80
C SER B 210 -36.07 -18.67 -54.70
N TRP B 211 -35.29 -17.78 -55.29
CA TRP B 211 -33.84 -17.93 -55.33
C TRP B 211 -33.13 -16.60 -55.15
N HIS B 212 -31.85 -16.66 -54.83
CA HIS B 212 -31.03 -15.46 -54.73
C HIS B 212 -30.80 -14.84 -56.10
N TRP B 213 -29.65 -15.14 -56.69
CA TRP B 213 -29.45 -14.94 -58.13
C TRP B 213 -30.65 -15.41 -58.93
N ASN B 214 -31.06 -14.62 -59.90
CA ASN B 214 -32.22 -14.93 -60.73
C ASN B 214 -31.91 -16.07 -61.69
N VAL B 215 -31.54 -17.22 -61.15
CA VAL B 215 -31.21 -18.38 -61.97
C VAL B 215 -31.48 -19.68 -61.21
N LEU B 216 -32.17 -20.61 -61.87
CA LEU B 216 -32.58 -21.85 -61.23
C LEU B 216 -31.39 -22.63 -60.71
N HIS B 217 -31.45 -23.05 -59.46
CA HIS B 217 -30.48 -23.99 -58.91
C HIS B 217 -31.09 -24.83 -57.80
N THR B 218 -30.62 -26.07 -57.66
CA THR B 218 -31.28 -27.06 -56.83
C THR B 218 -30.30 -27.72 -55.87
N PHE B 219 -30.82 -28.50 -54.93
CA PHE B 219 -30.00 -29.18 -53.94
C PHE B 219 -29.97 -30.68 -54.20
N HIS B 220 -28.79 -31.28 -54.01
CA HIS B 220 -28.64 -32.72 -54.18
C HIS B 220 -28.03 -33.35 -52.94
N TYR B 221 -28.76 -34.28 -52.34
CA TYR B 221 -28.36 -34.87 -51.06
C TYR B 221 -27.58 -36.16 -51.25
N ARG B 222 -26.76 -36.51 -50.27
CA ARG B 222 -25.86 -37.64 -50.39
C ARG B 222 -26.60 -38.96 -50.13
N SER B 223 -27.17 -39.08 -48.94
CA SER B 223 -27.93 -40.28 -48.57
C SER B 223 -29.30 -39.92 -48.02
N GLU B 224 -30.17 -40.90 -47.94
CA GLU B 224 -31.56 -40.68 -47.52
C GLU B 224 -31.63 -40.26 -46.06
N SER B 225 -30.70 -40.76 -45.26
CA SER B 225 -30.74 -40.58 -43.81
C SER B 225 -30.27 -39.19 -43.42
N ASP B 226 -29.68 -38.48 -44.37
CA ASP B 226 -29.10 -37.17 -44.11
C ASP B 226 -29.88 -36.07 -44.82
N MET B 227 -31.16 -36.32 -45.07
CA MET B 227 -32.03 -35.32 -45.67
C MET B 227 -32.89 -34.64 -44.62
N ILE B 228 -33.36 -35.42 -43.65
CA ILE B 228 -34.29 -34.91 -42.65
C ILE B 228 -33.60 -33.96 -41.68
N ASP B 229 -32.27 -34.00 -41.67
CA ASP B 229 -31.48 -33.07 -40.86
C ASP B 229 -31.44 -31.69 -41.50
N HIS B 230 -31.77 -31.62 -42.78
CA HIS B 230 -31.74 -30.37 -43.51
C HIS B 230 -33.13 -29.77 -43.65
N PHE B 231 -34.12 -30.63 -43.86
CA PHE B 231 -35.51 -30.19 -43.93
C PHE B 231 -35.98 -29.63 -42.58
N ALA B 232 -35.66 -30.34 -41.51
CA ALA B 232 -36.07 -29.93 -40.17
C ALA B 232 -35.32 -28.69 -39.72
N ALA B 233 -34.21 -28.39 -40.40
CA ALA B 233 -33.42 -27.21 -40.08
C ALA B 233 -33.99 -25.96 -40.73
N ILE B 235 -37.29 -25.77 -41.89
CA ILE B 235 -38.67 -25.63 -41.43
C ILE B 235 -38.74 -24.81 -40.14
N LEU B 236 -37.71 -24.97 -39.30
CA LEU B 236 -37.67 -24.27 -38.01
C LEU B 236 -37.60 -22.76 -38.21
N GLU B 237 -37.01 -22.35 -39.33
CA GLU B 237 -36.77 -20.93 -39.58
C GLU B 237 -38.02 -20.23 -40.09
N ASP B 238 -38.78 -20.92 -40.93
CA ASP B 238 -40.02 -20.39 -41.48
C ASP B 238 -41.04 -20.13 -40.39
N TRP B 239 -40.99 -20.95 -39.34
CA TRP B 239 -41.91 -20.81 -38.21
C TRP B 239 -41.59 -19.55 -37.41
N ARG B 240 -40.41 -18.99 -37.63
CA ARG B 240 -39.97 -17.81 -36.90
C ARG B 240 -40.15 -16.54 -37.74
N GLN B 241 -40.13 -16.70 -39.05
CA GLN B 241 -40.29 -15.57 -39.96
C GLN B 241 -41.73 -15.10 -40.02
N LYS B 242 -42.67 -16.04 -39.89
CA LYS B 242 -44.08 -15.72 -39.93
C LYS B 242 -44.62 -15.42 -38.53
N GLU B 243 -43.79 -15.65 -37.53
CA GLU B 243 -44.12 -15.28 -36.16
C GLU B 243 -44.09 -13.77 -35.99
N LYS B 244 -43.19 -13.10 -36.70
CA LYS B 244 -43.06 -11.65 -36.64
C LYS B 244 -43.99 -10.98 -37.64
N LEU B 245 -44.34 -11.69 -38.71
CA LEU B 245 -45.18 -11.14 -39.76
C LEU B 245 -46.65 -11.16 -39.37
N ASP B 246 -47.08 -12.27 -38.79
CA ASP B 246 -48.48 -12.45 -38.41
C ASP B 246 -48.91 -11.40 -37.40
N LYS B 247 -47.97 -10.98 -36.56
CA LYS B 247 -48.22 -9.89 -35.62
C LYS B 247 -48.10 -8.54 -36.29
N GLY B 248 -47.18 -8.44 -37.24
CA GLY B 248 -46.99 -7.20 -37.99
C GLY B 248 -45.71 -6.48 -37.56
N ALA B 249 -44.68 -6.53 -38.41
CA ALA B 249 -43.42 -5.87 -38.11
C ALA B 249 -42.67 -5.53 -39.40
N LEU B 250 -41.34 -5.51 -39.31
CA LEU B 250 -40.51 -5.35 -40.50
C LEU B 250 -39.41 -6.41 -40.54
N VAL B 251 -39.42 -7.23 -41.58
CA VAL B 251 -38.38 -8.23 -41.78
C VAL B 251 -37.63 -7.99 -43.08
N GLU B 252 -36.48 -8.65 -43.23
CA GLU B 252 -35.59 -8.39 -44.35
C GLU B 252 -35.14 -9.69 -45.00
N ALA B 253 -35.69 -10.80 -44.53
CA ALA B 253 -35.37 -12.12 -45.09
C ALA B 253 -36.07 -12.34 -46.42
N ASP B 254 -35.33 -12.16 -47.51
CA ASP B 254 -35.88 -12.34 -48.85
C ASP B 254 -36.27 -13.79 -49.08
N ARG B 255 -37.16 -14.02 -50.04
CA ARG B 255 -37.63 -15.36 -50.36
C ARG B 255 -39.08 -15.55 -49.94
N VAL B 256 -39.43 -14.98 -48.78
CA VAL B 256 -40.81 -15.05 -48.30
C VAL B 256 -41.07 -16.35 -47.54
N ILE B 257 -40.78 -17.47 -48.20
CA ILE B 257 -41.00 -18.79 -47.61
C ILE B 257 -39.69 -19.56 -47.52
N GLN B 258 -39.36 -20.02 -46.31
CA GLN B 258 -38.12 -20.73 -46.07
C GLN B 258 -38.30 -22.23 -46.23
N ARG B 259 -39.50 -22.71 -45.93
CA ARG B 259 -39.83 -24.12 -46.09
C ARG B 259 -39.28 -24.69 -47.39
N LEU B 260 -38.71 -25.88 -47.33
CA LEU B 260 -38.20 -26.55 -48.52
C LEU B 260 -39.32 -27.29 -49.26
N ILE B 261 -39.16 -27.44 -50.56
CA ILE B 261 -40.11 -28.20 -51.37
C ILE B 261 -39.48 -29.47 -51.91
N PRO B 262 -39.94 -30.61 -51.41
CA PRO B 262 -39.41 -31.91 -51.84
C PRO B 262 -39.91 -32.26 -53.23
N LEU B 263 -38.98 -32.33 -54.18
CA LEU B 263 -39.27 -32.91 -55.49
C LEU B 263 -39.23 -34.44 -55.45
N SER B 264 -38.26 -35.02 -56.14
CA SER B 264 -37.96 -36.44 -56.00
C SER B 264 -37.33 -36.73 -54.64
N SER B 265 -38.01 -37.53 -53.84
CA SER B 265 -37.60 -37.75 -52.45
C SER B 265 -38.11 -39.09 -51.94
N SER B 266 -37.89 -39.34 -50.65
CA SER B 266 -38.29 -40.60 -50.04
C SER B 266 -39.72 -40.53 -49.53
N THR B 267 -39.94 -41.03 -48.31
CA THR B 267 -41.27 -41.09 -47.74
C THR B 267 -41.29 -40.55 -46.32
N TYR B 268 -40.11 -40.22 -45.80
CA TYR B 268 -39.98 -39.66 -44.46
C TYR B 268 -40.09 -38.15 -44.47
N VAL B 269 -39.76 -37.54 -45.61
CA VAL B 269 -39.80 -36.09 -45.75
C VAL B 269 -41.11 -35.64 -46.38
N GLN B 270 -41.88 -36.60 -46.88
CA GLN B 270 -43.25 -36.33 -47.32
C GLN B 270 -44.19 -36.20 -46.13
N ARG B 271 -43.96 -37.01 -45.10
CA ARG B 271 -44.68 -36.88 -43.85
C ARG B 271 -44.25 -35.62 -43.09
N LEU B 272 -42.95 -35.31 -43.18
CA LEU B 272 -42.40 -34.15 -42.49
C LEU B 272 -42.82 -32.86 -43.17
N ALA B 273 -42.89 -32.88 -44.50
CA ALA B 273 -43.28 -31.70 -45.27
C ALA B 273 -44.72 -31.30 -44.98
N ALA B 274 -45.58 -32.29 -44.78
CA ALA B 274 -47.01 -32.05 -44.58
C ALA B 274 -47.26 -31.30 -43.28
N ILE B 275 -46.63 -31.77 -42.20
CA ILE B 275 -46.88 -31.21 -40.88
C ILE B 275 -46.31 -29.81 -40.76
N GLY B 276 -45.34 -29.49 -41.61
CA GLY B 276 -44.66 -28.21 -41.55
C GLY B 276 -45.37 -27.16 -42.39
N ALA B 277 -46.22 -27.62 -43.31
CA ALA B 277 -46.82 -26.74 -44.30
C ALA B 277 -48.22 -26.33 -43.89
N LEU B 278 -48.50 -26.40 -42.60
CA LEU B 278 -49.79 -26.01 -42.06
C LEU B 278 -49.64 -25.18 -40.80
N TYR B 279 -48.40 -24.87 -40.45
CA TYR B 279 -48.13 -23.96 -39.34
C TYR B 279 -48.92 -24.35 -38.09
N PRO B 280 -48.45 -25.40 -37.42
CA PRO B 280 -49.16 -25.93 -36.25
C PRO B 280 -49.29 -24.88 -35.16
N ASN B 281 -50.11 -25.18 -34.16
CA ASN B 281 -50.47 -24.19 -33.15
C ASN B 281 -49.57 -24.31 -31.91
N GLU B 282 -48.33 -24.73 -32.13
CA GLU B 282 -47.34 -24.75 -31.07
C GLU B 282 -47.23 -23.39 -30.39
N PHE B 283 -48.24 -23.05 -29.59
CA PHE B 283 -48.22 -21.83 -28.80
C PHE B 283 -48.92 -22.01 -27.47
N THR B 284 -48.13 -22.02 -26.39
CA THR B 284 -46.69 -21.89 -26.51
C THR B 284 -46.07 -23.13 -27.13
N GLU B 285 -44.76 -23.10 -27.34
CA GLU B 285 -44.10 -24.03 -28.24
C GLU B 285 -44.52 -25.46 -27.96
N ASN B 286 -44.19 -25.94 -26.77
CA ASN B 286 -44.20 -27.37 -26.48
C ASN B 286 -43.40 -28.15 -27.52
N VAL B 287 -44.00 -29.20 -28.07
CA VAL B 287 -43.41 -29.91 -29.19
C VAL B 287 -42.21 -30.74 -28.77
N LEU B 288 -41.59 -30.34 -27.67
CA LEU B 288 -40.23 -30.79 -27.35
C LEU B 288 -39.25 -30.36 -28.42
N ASP B 289 -38.90 -29.08 -28.42
CA ASP B 289 -38.26 -28.46 -29.58
C ASP B 289 -36.75 -28.56 -29.49
N LEU B 290 -36.21 -28.22 -28.32
CA LEU B 290 -34.76 -28.15 -28.14
C LEU B 290 -34.06 -29.36 -28.73
N SER B 291 -34.45 -30.55 -28.25
CA SER B 291 -33.96 -31.80 -28.81
C SER B 291 -34.98 -32.92 -28.65
N ARG B 292 -35.01 -33.83 -29.61
CA ARG B 292 -34.02 -33.84 -30.70
C ARG B 292 -34.53 -33.06 -31.91
N LEU B 293 -35.81 -32.72 -31.89
CA LEU B 293 -36.41 -31.96 -32.98
C LEU B 293 -36.65 -32.84 -34.20
N SER B 294 -35.58 -33.48 -34.67
CA SER B 294 -35.64 -34.28 -35.88
C SER B 294 -36.51 -35.51 -35.69
N THR B 295 -36.77 -35.86 -34.42
CA THR B 295 -37.63 -36.98 -34.09
C THR B 295 -38.91 -36.53 -33.41
N ALA B 296 -38.85 -35.35 -32.79
CA ALA B 296 -40.02 -34.77 -32.14
C ALA B 296 -41.05 -34.32 -33.17
N LEU B 297 -40.57 -33.84 -34.31
CA LEU B 297 -41.46 -33.37 -35.37
C LEU B 297 -42.08 -34.55 -36.13
N LEU B 298 -41.40 -35.69 -36.09
CA LEU B 298 -41.93 -36.92 -36.67
C LEU B 298 -43.07 -37.48 -35.83
N GLN B 299 -42.98 -37.31 -34.52
CA GLN B 299 -44.07 -37.66 -33.62
C GLN B 299 -45.21 -36.65 -33.73
N LEU B 300 -44.88 -35.40 -33.99
CA LEU B 300 -45.88 -34.36 -34.19
C LEU B 300 -46.71 -34.63 -35.44
N SER B 301 -46.04 -35.07 -36.51
CA SER B 301 -46.71 -35.34 -37.77
C SER B 301 -47.71 -36.48 -37.63
N ASP B 302 -47.46 -37.36 -36.65
CA ASP B 302 -48.37 -38.46 -36.38
C ASP B 302 -49.64 -37.99 -35.68
N THR B 303 -49.55 -36.82 -35.05
CA THR B 303 -50.68 -36.26 -34.31
C THR B 303 -51.85 -35.95 -35.25
N TYR B 304 -51.59 -35.11 -36.24
CA TYR B 304 -52.65 -34.56 -37.08
C TYR B 304 -53.28 -35.64 -37.95
N TYR B 305 -52.63 -36.79 -38.02
CA TYR B 305 -53.11 -37.89 -38.84
C TYR B 305 -54.44 -38.42 -38.32
N GLN B 306 -54.57 -38.48 -37.00
CA GLN B 306 -55.80 -38.94 -36.36
C GLN B 306 -56.51 -37.81 -35.65
N HIS B 307 -55.76 -36.76 -35.32
CA HIS B 307 -56.29 -35.69 -34.49
C HIS B 307 -56.93 -34.59 -35.33
N ALA B 308 -57.78 -33.78 -34.70
CA ALA B 308 -57.86 -33.75 -33.24
C ALA B 308 -59.30 -33.82 -32.77
N ASN B 309 -60.22 -34.02 -33.72
CA ASN B 309 -60.66 -32.93 -34.59
C ASN B 309 -60.58 -33.34 -36.06
N ASP B 310 -60.95 -32.42 -36.94
CA ASP B 310 -61.56 -32.80 -38.22
C ASP B 310 -60.74 -32.26 -39.39
N GLN B 311 -61.25 -31.22 -40.04
CA GLN B 311 -60.71 -30.78 -41.31
C GLN B 311 -59.24 -30.43 -41.20
N LEU B 312 -58.75 -30.37 -39.96
CA LEU B 312 -57.30 -30.30 -39.71
C LEU B 312 -56.61 -31.57 -40.16
N ARG B 313 -57.19 -32.72 -39.83
CA ARG B 313 -56.75 -33.99 -40.38
C ARG B 313 -56.82 -34.00 -41.90
N ARG B 314 -57.94 -33.50 -42.44
CA ARG B 314 -58.16 -33.51 -43.88
C ARG B 314 -57.10 -32.70 -44.60
N LEU B 315 -56.79 -31.52 -44.06
CA LEU B 315 -55.74 -30.67 -44.62
C LEU B 315 -54.40 -31.40 -44.61
N TYR B 316 -54.10 -32.07 -43.50
CA TYR B 316 -52.88 -32.85 -43.39
C TYR B 316 -52.79 -33.92 -44.46
N ARG B 317 -53.91 -34.60 -44.70
CA ARG B 317 -53.94 -35.72 -45.63
C ARG B 317 -54.00 -35.23 -47.08
N ARG B 318 -54.43 -33.99 -47.25
CA ARG B 318 -54.42 -33.36 -48.57
C ARG B 318 -53.04 -32.85 -48.94
N MET B 319 -52.12 -32.88 -47.97
CA MET B 319 -50.75 -32.45 -48.19
C MET B 319 -49.80 -33.64 -48.21
N TYR B 320 -50.15 -34.69 -47.46
CA TYR B 320 -49.35 -35.90 -47.41
C TYR B 320 -49.30 -36.58 -48.77
N ASN B 321 -50.47 -36.77 -49.37
CA ASN B 321 -50.57 -37.45 -50.66
C ASN B 321 -49.97 -36.63 -51.77
N ASP B 322 -50.08 -35.30 -51.65
CA ASP B 322 -49.59 -34.39 -52.68
C ASP B 322 -48.10 -34.10 -52.49
N SER B 323 -47.79 -33.22 -51.54
CA SER B 323 -46.42 -32.75 -51.35
C SER B 323 -45.72 -32.56 -52.69
N ARG B 324 -46.31 -31.76 -53.57
CA ARG B 324 -45.67 -31.40 -54.82
C ARG B 324 -45.86 -29.91 -55.12
N THR B 325 -46.69 -29.26 -54.31
CA THR B 325 -47.01 -27.85 -54.53
C THR B 325 -46.66 -27.00 -53.32
N LEU B 326 -46.54 -25.70 -53.53
CA LEU B 326 -46.20 -24.78 -52.44
C LEU B 326 -47.46 -24.20 -51.80
N TYR B 327 -47.68 -24.54 -50.54
CA TYR B 327 -48.91 -24.16 -49.85
C TYR B 327 -48.74 -22.85 -49.09
N MET B 328 -49.63 -21.90 -49.35
CA MET B 328 -49.56 -20.59 -48.72
C MET B 328 -50.90 -20.17 -48.14
N THR B 329 -50.88 -19.10 -47.35
CA THR B 329 -52.06 -18.68 -46.60
C THR B 329 -52.42 -17.24 -46.91
N GLN B 330 -53.09 -17.03 -48.05
CA GLN B 330 -53.59 -15.71 -48.40
C GLN B 330 -52.58 -14.62 -48.08
N ARG B 331 -52.57 -14.18 -46.83
CA ARG B 331 -51.76 -13.03 -46.43
C ARG B 331 -50.31 -13.20 -46.84
N HIS B 332 -49.77 -14.39 -46.60
CA HIS B 332 -48.36 -14.65 -46.87
C HIS B 332 -48.09 -14.73 -48.37
N GLN B 333 -49.11 -15.07 -49.14
CA GLN B 333 -49.00 -15.15 -50.59
C GLN B 333 -48.92 -13.76 -51.20
N GLU B 334 -49.54 -12.79 -50.53
CA GLU B 334 -49.64 -11.43 -51.06
C GLU B 334 -48.26 -10.79 -51.19
N LEU B 335 -47.29 -11.30 -50.43
CA LEU B 335 -45.95 -10.76 -50.43
C LEU B 335 -45.28 -10.95 -51.79
N LEU B 336 -45.63 -12.05 -52.47
CA LEU B 336 -45.10 -12.34 -53.79
C LEU B 336 -45.80 -11.50 -54.86
N LEU B 337 -47.11 -11.30 -54.68
CA LEU B 337 -47.88 -10.47 -55.59
C LEU B 337 -47.43 -9.02 -55.53
N ALA B 338 -46.96 -8.60 -54.36
CA ALA B 338 -46.55 -7.22 -54.16
C ALA B 338 -45.21 -6.93 -54.82
N GLN B 339 -44.39 -7.97 -54.97
CA GLN B 339 -43.01 -7.79 -55.40
C GLN B 339 -42.81 -8.32 -56.82
N ILE B 340 -43.82 -9.01 -57.34
CA ILE B 340 -43.80 -9.49 -58.72
C ILE B 340 -44.16 -8.38 -59.70
N THR B 341 -44.84 -7.35 -59.19
CA THR B 341 -45.21 -6.21 -60.00
C THR B 341 -44.25 -5.05 -59.80
N ALA B 342 -43.47 -5.12 -58.72
CA ALA B 342 -42.46 -4.11 -58.45
C ALA B 342 -41.25 -4.27 -59.37
N ASP B 343 -41.02 -5.51 -59.82
CA ASP B 343 -39.92 -5.79 -60.74
C ASP B 343 -40.20 -7.03 -61.57
N PRO B 344 -40.54 -6.82 -62.84
CA PRO B 344 -40.83 -7.93 -63.74
C PRO B 344 -39.56 -8.70 -64.09
N ASN B 345 -39.74 -9.87 -64.69
CA ASN B 345 -38.62 -10.72 -65.06
C ASN B 345 -37.90 -11.25 -63.82
N ILE B 346 -38.61 -12.03 -63.02
CA ILE B 346 -38.00 -12.72 -61.88
C ILE B 346 -38.67 -14.07 -61.64
N LEU B 347 -37.86 -15.09 -61.40
CA LEU B 347 -38.34 -16.47 -61.38
C LEU B 347 -38.95 -16.80 -60.03
N LEU B 348 -40.12 -17.42 -60.05
CA LEU B 348 -40.71 -18.02 -58.85
C LEU B 348 -41.14 -19.46 -59.09
N TYR B 349 -41.42 -20.17 -58.01
CA TYR B 349 -41.91 -21.53 -58.11
C TYR B 349 -43.29 -21.59 -58.77
N PRO B 350 -43.38 -22.33 -59.87
CA PRO B 350 -44.56 -22.28 -60.72
C PRO B 350 -45.81 -22.70 -59.95
N TYR B 351 -45.67 -23.72 -59.11
CA TYR B 351 -46.82 -24.45 -58.59
C TYR B 351 -47.18 -24.00 -57.19
N THR B 352 -48.26 -23.23 -57.08
CA THR B 352 -48.69 -22.68 -55.80
C THR B 352 -50.12 -23.06 -55.49
N TYR B 353 -50.47 -23.06 -54.21
CA TYR B 353 -51.84 -23.31 -53.78
C TYR B 353 -52.19 -22.48 -52.57
N ILE B 354 -53.40 -21.92 -52.56
CA ILE B 354 -53.81 -20.98 -51.53
C ILE B 354 -55.00 -21.51 -50.73
N PHE B 355 -54.88 -21.45 -49.41
CA PHE B 355 -55.99 -21.79 -48.52
C PHE B 355 -56.10 -20.80 -47.37
N THR B 356 -57.30 -20.73 -46.78
CA THR B 356 -57.61 -19.67 -45.82
C THR B 356 -58.09 -20.26 -44.50
N THR B 357 -58.00 -21.57 -44.38
CA THR B 357 -58.46 -22.26 -43.18
C THR B 357 -57.30 -22.66 -42.28
N ILE B 358 -57.25 -22.05 -41.10
CA ILE B 358 -56.20 -22.35 -40.13
C ILE B 358 -56.59 -23.52 -39.23
N PRO B 359 -57.83 -23.50 -38.74
CA PRO B 359 -58.56 -22.25 -38.57
C PRO B 359 -58.19 -21.58 -37.25
N THR B 360 -58.05 -22.37 -36.19
CA THR B 360 -58.01 -21.85 -34.83
C THR B 360 -56.97 -22.59 -34.00
N SER B 361 -56.87 -22.20 -32.73
CA SER B 361 -55.94 -22.85 -31.81
C SER B 361 -56.65 -23.28 -30.53
N MET B 362 -55.89 -23.87 -29.62
CA MET B 362 -56.46 -24.50 -28.43
C MET B 362 -56.80 -23.47 -27.37
N ASN B 363 -55.90 -22.50 -27.18
CA ASN B 363 -54.49 -22.73 -27.38
C ASN B 363 -53.84 -23.29 -26.12
N TYR B 364 -52.51 -23.32 -26.11
CA TYR B 364 -51.76 -23.87 -24.98
C TYR B 364 -50.96 -22.78 -24.27
N ILE B 365 -50.41 -23.11 -23.12
CA ILE B 365 -49.40 -22.28 -22.47
C ILE B 365 -48.46 -23.11 -21.63
N SER B 366 -47.17 -22.77 -21.69
CA SER B 366 -46.15 -23.55 -20.98
C SER B 366 -44.80 -22.84 -21.03
N ASN B 367 -43.82 -23.39 -20.30
CA ASN B 367 -42.45 -22.91 -20.38
C ASN B 367 -41.46 -24.06 -20.25
N THR B 368 -40.25 -23.87 -20.77
CA THR B 368 -39.27 -24.94 -20.86
C THR B 368 -37.95 -24.53 -20.21
N GLY B 369 -37.99 -23.46 -19.43
CA GLY B 369 -36.80 -22.98 -18.72
C GLY B 369 -36.72 -23.59 -17.32
N GLN B 370 -35.49 -23.76 -16.84
CA GLN B 370 -35.27 -24.22 -15.47
C GLN B 370 -36.25 -23.58 -14.51
N GLY B 371 -36.83 -24.39 -13.63
CA GLY B 371 -37.68 -23.88 -12.56
C GLY B 371 -38.44 -25.02 -11.87
N ARG B 372 -38.94 -24.74 -10.68
CA ARG B 372 -39.73 -25.72 -9.93
C ARG B 372 -41.02 -25.11 -9.41
N ILE B 373 -42.12 -25.41 -10.10
CA ILE B 373 -43.37 -24.67 -9.91
C ILE B 373 -44.11 -25.16 -8.68
N LYS B 374 -44.54 -24.22 -7.83
CA LYS B 374 -45.46 -24.53 -6.76
C LYS B 374 -46.91 -24.36 -7.21
N HIS B 375 -47.80 -25.18 -6.64
CA HIS B 375 -49.22 -25.11 -6.98
C HIS B 375 -50.06 -24.71 -5.76
N SER B 376 -51.23 -24.15 -6.02
CA SER B 376 -52.19 -23.87 -4.96
C SER B 376 -53.59 -24.28 -5.38
N LEU B 377 -54.10 -25.33 -4.76
CA LEU B 377 -55.31 -26.00 -5.24
C LEU B 377 -56.55 -25.50 -4.51
N THR B 378 -57.68 -25.54 -5.20
CA THR B 378 -58.94 -25.07 -4.62
C THR B 378 -59.98 -26.17 -4.59
N VAL B 379 -61.16 -25.86 -4.06
CA VAL B 379 -62.18 -26.88 -3.80
C VAL B 379 -63.38 -26.68 -4.71
N THR B 380 -63.25 -25.77 -5.67
CA THR B 380 -64.30 -25.53 -6.65
C THR B 380 -63.75 -25.47 -8.07
N GLY B 381 -64.63 -25.59 -9.05
CA GLY B 381 -64.21 -25.62 -10.45
C GLY B 381 -65.42 -25.69 -11.38
N ALA B 382 -65.17 -26.08 -12.63
CA ALA B 382 -66.21 -26.03 -13.66
C ALA B 382 -66.48 -27.42 -14.23
N THR B 383 -65.92 -28.43 -13.59
CA THR B 383 -66.09 -29.81 -14.04
C THR B 383 -66.79 -30.66 -12.99
N GLU B 384 -67.20 -31.86 -13.38
CA GLU B 384 -67.93 -32.76 -12.48
C GLU B 384 -67.31 -34.14 -12.49
N HIS B 385 -66.81 -34.58 -11.33
CA HIS B 385 -66.21 -35.89 -11.20
C HIS B 385 -67.17 -36.86 -10.51
N ASP B 386 -67.17 -38.12 -10.96
CA ASP B 386 -67.90 -39.17 -10.29
C ASP B 386 -67.20 -40.52 -10.45
N THR B 387 -67.01 -41.22 -9.33
CA THR B 387 -66.40 -42.54 -9.35
C THR B 387 -65.21 -42.59 -10.30
N VAL B 388 -64.05 -42.19 -9.82
CA VAL B 388 -62.85 -42.15 -10.64
C VAL B 388 -61.83 -43.18 -10.17
N ALA B 389 -60.71 -43.25 -10.87
CA ALA B 389 -59.65 -44.20 -10.54
C ALA B 389 -58.90 -43.77 -9.29
N ASP B 390 -57.89 -44.56 -8.91
CA ASP B 390 -57.15 -44.30 -7.68
C ASP B 390 -55.68 -44.02 -7.97
N ILE B 391 -55.42 -43.46 -9.15
CA ILE B 391 -54.10 -42.94 -9.47
C ILE B 391 -53.07 -43.34 -8.42
N VAL B 392 -52.35 -44.43 -8.68
CA VAL B 392 -51.39 -44.95 -7.73
C VAL B 392 -49.96 -44.59 -8.13
N LEU B 393 -49.15 -44.20 -7.14
CA LEU B 393 -47.75 -43.91 -7.38
C LEU B 393 -46.88 -44.52 -6.28
N GLY B 394 -45.61 -44.80 -6.61
CA GLY B 394 -44.68 -45.40 -5.67
C GLY B 394 -43.24 -45.20 -6.12
N GLN B 395 -42.30 -45.62 -5.28
CA GLN B 395 -40.89 -45.50 -5.58
C GLN B 395 -40.50 -44.03 -5.79
N THR B 396 -39.81 -43.47 -4.79
CA THR B 396 -39.30 -42.11 -4.89
C THR B 396 -37.85 -42.10 -5.39
N GLY B 397 -37.08 -43.08 -4.94
CA GLY B 397 -35.63 -43.04 -5.12
C GLY B 397 -34.96 -42.26 -3.98
N GLU B 398 -33.63 -42.28 -3.98
CA GLU B 398 -32.86 -41.51 -3.00
C GLU B 398 -31.96 -40.50 -3.68
N ASP B 399 -31.93 -40.53 -5.01
CA ASP B 399 -31.10 -39.62 -5.78
C ASP B 399 -31.85 -38.34 -6.10
N VAL B 400 -33.07 -38.48 -6.63
CA VAL B 400 -33.88 -37.32 -6.98
C VAL B 400 -34.51 -36.68 -5.75
N ILE B 401 -35.26 -37.48 -4.99
CA ILE B 401 -35.95 -36.99 -3.81
C ILE B 401 -35.32 -37.54 -2.54
N THR B 402 -34.66 -36.67 -1.78
CA THR B 402 -34.14 -37.04 -0.47
C THR B 402 -35.06 -36.56 0.64
N ILE B 403 -35.39 -37.47 1.56
CA ILE B 403 -36.31 -37.15 2.65
C ILE B 403 -35.58 -37.13 3.99
N SER B 404 -35.57 -35.96 4.63
CA SER B 404 -34.94 -35.81 5.94
C SER B 404 -35.82 -35.02 6.89
N MET B 405 -35.26 -34.63 8.03
CA MET B 405 -36.02 -33.92 9.05
C MET B 405 -35.13 -33.49 10.21
N VAL B 406 -35.29 -32.27 10.68
CA VAL B 406 -35.00 -31.92 12.06
C VAL B 406 -36.05 -30.99 12.63
N GLU B 407 -35.99 -29.72 12.21
CA GLU B 407 -35.36 -29.36 10.95
C GLU B 407 -34.27 -28.31 11.16
N PRO B 408 -33.33 -28.26 10.23
CA PRO B 408 -32.36 -27.15 10.18
C PRO B 408 -33.06 -25.84 9.87
N MET B 409 -32.55 -24.75 10.45
CA MET B 409 -33.13 -23.44 10.25
C MET B 409 -32.06 -22.40 9.92
N SER B 410 -32.49 -21.19 9.60
CA SER B 410 -31.56 -20.10 9.30
C SER B 410 -32.02 -18.80 9.94
N ILE B 411 -31.22 -18.28 10.87
CA ILE B 411 -31.54 -17.03 11.54
C ILE B 411 -30.44 -15.99 11.31
N ALA B 412 -30.12 -15.23 12.34
CA ALA B 412 -29.14 -14.16 12.24
C ALA B 412 -27.91 -14.46 13.09
N VAL B 413 -27.51 -13.48 13.90
CA VAL B 413 -26.30 -13.60 14.70
C VAL B 413 -26.58 -13.26 16.16
N GLU B 414 -27.09 -12.06 16.40
CA GLU B 414 -27.39 -11.61 17.75
C GLU B 414 -28.63 -12.30 18.30
N ASP B 415 -29.44 -12.85 17.41
CA ASP B 415 -30.70 -13.48 17.80
C ASP B 415 -30.45 -14.82 18.50
N MET B 416 -29.23 -15.32 18.38
CA MET B 416 -28.83 -16.54 19.07
C MET B 416 -28.83 -16.35 20.58
N TYR B 417 -28.71 -15.10 21.01
CA TYR B 417 -28.55 -14.78 22.43
C TYR B 417 -29.64 -13.82 22.89
N GLY B 418 -30.69 -14.36 23.51
CA GLY B 418 -31.73 -13.54 24.10
C GLY B 418 -32.51 -14.31 25.16
N TYR B 419 -33.20 -13.59 26.03
CA TYR B 419 -33.89 -14.20 27.16
C TYR B 419 -35.13 -13.40 27.55
N VAL B 420 -35.99 -14.01 28.34
CA VAL B 420 -37.17 -13.33 28.86
C VAL B 420 -37.27 -13.48 30.38
N LEU B 421 -37.29 -12.36 31.09
CA LEU B 421 -37.32 -12.37 32.54
C LEU B 421 -38.75 -12.34 33.07
N ASP B 422 -39.02 -13.19 34.06
CA ASP B 422 -40.31 -13.19 34.73
C ASP B 422 -40.23 -12.48 36.07
N THR B 423 -41.38 -12.22 36.68
CA THR B 423 -41.45 -11.54 37.96
C THR B 423 -42.53 -12.14 38.85
N PRO B 424 -42.18 -12.41 40.10
CA PRO B 424 -43.14 -12.88 41.09
C PRO B 424 -44.29 -11.88 41.24
N THR B 425 -45.32 -12.28 41.98
CA THR B 425 -46.57 -11.53 42.02
C THR B 425 -47.26 -11.67 43.37
N ARG B 426 -46.86 -12.70 44.12
CA ARG B 426 -47.51 -13.01 45.39
C ARG B 426 -46.69 -12.48 46.56
N ASP B 427 -47.37 -12.22 47.68
CA ASP B 427 -46.72 -11.63 48.84
C ASP B 427 -46.92 -12.50 50.08
N ILE B 428 -47.85 -13.45 49.97
CA ILE B 428 -48.14 -14.36 51.08
C ILE B 428 -48.19 -15.81 50.60
N TRP B 429 -47.62 -16.71 51.39
CA TRP B 429 -47.75 -18.14 51.13
C TRP B 429 -48.58 -18.83 52.21
N PRO B 430 -49.85 -19.10 51.89
CA PRO B 430 -50.79 -19.61 52.86
C PRO B 430 -50.30 -20.93 53.45
N ALA B 431 -50.64 -21.17 54.71
CA ALA B 431 -50.25 -22.41 55.38
C ALA B 431 -51.25 -23.53 55.10
N ASP B 432 -52.36 -23.18 54.45
CA ASP B 432 -53.36 -24.16 54.05
C ASP B 432 -53.13 -24.61 52.61
N GLU B 433 -52.37 -23.83 51.86
CA GLU B 433 -52.08 -24.14 50.47
C GLU B 433 -50.65 -24.63 50.31
N GLN B 434 -49.89 -24.62 51.39
CA GLN B 434 -48.50 -25.06 51.37
C GLN B 434 -48.41 -26.59 51.30
N ILE B 435 -49.49 -27.25 51.68
CA ILE B 435 -49.55 -28.71 51.60
C ILE B 435 -50.44 -29.17 50.45
N GLU B 436 -51.22 -28.24 49.91
CA GLU B 436 -51.98 -28.49 48.69
C GLU B 436 -51.07 -28.47 47.46
N GLN B 437 -50.14 -27.53 47.43
CA GLN B 437 -49.15 -27.46 46.37
C GLN B 437 -48.16 -28.62 46.47
N LYS B 438 -47.87 -29.03 47.70
CA LYS B 438 -46.99 -30.17 47.93
C LYS B 438 -47.55 -31.45 47.32
N GLY B 439 -48.83 -31.70 47.59
CA GLY B 439 -49.48 -32.91 47.10
C GLY B 439 -49.42 -32.99 45.58
N ASP B 440 -49.48 -31.84 44.92
CA ASP B 440 -49.42 -31.78 43.47
C ASP B 440 -48.04 -32.15 42.96
N ALA B 441 -47.00 -31.68 43.67
CA ALA B 441 -45.63 -31.96 43.29
C ALA B 441 -45.27 -33.43 43.53
N VAL B 442 -45.77 -33.98 44.64
CA VAL B 442 -45.47 -35.36 45.01
C VAL B 442 -46.17 -36.34 44.09
N ALA B 443 -47.45 -36.08 43.81
CA ALA B 443 -48.24 -36.98 42.98
C ALA B 443 -47.79 -36.92 41.52
N LEU B 444 -47.31 -35.76 41.10
CA LEU B 444 -46.88 -35.57 39.71
C LEU B 444 -45.53 -36.22 39.46
N TYR B 445 -44.62 -36.07 40.41
CA TYR B 445 -43.25 -36.54 40.24
C TYR B 445 -43.21 -38.03 39.94
N ASP B 446 -44.05 -38.79 40.63
CA ASP B 446 -44.01 -40.24 40.54
C ASP B 446 -44.02 -40.71 39.09
N THR B 447 -44.91 -40.13 38.29
CA THR B 447 -44.99 -40.45 36.87
C THR B 447 -44.37 -39.36 36.02
N LYS B 448 -43.35 -39.73 35.25
CA LYS B 448 -42.63 -38.76 34.42
C LYS B 448 -43.56 -38.10 33.41
N THR B 449 -43.14 -36.97 32.87
CA THR B 449 -43.97 -36.17 31.99
C THR B 449 -44.46 -36.99 30.81
N SER B 450 -45.44 -36.46 30.08
CA SER B 450 -46.11 -37.21 29.03
C SER B 450 -45.09 -37.84 28.07
N ARG B 451 -45.39 -39.06 27.63
CA ARG B 451 -44.58 -39.71 26.61
C ARG B 451 -44.66 -38.97 25.29
N ALA B 452 -45.80 -38.33 25.03
CA ALA B 452 -46.01 -37.58 23.80
C ALA B 452 -45.20 -36.29 23.81
N LEU B 453 -45.03 -35.71 25.00
CA LEU B 453 -44.19 -34.52 25.15
C LEU B 453 -42.73 -34.84 24.86
N GLY B 454 -42.32 -36.07 25.15
CA GLY B 454 -40.93 -36.48 25.00
C GLY B 454 -40.65 -36.95 23.58
N MET B 455 -41.65 -36.85 22.72
CA MET B 455 -41.49 -37.22 21.31
C MET B 455 -40.72 -36.15 20.56
N PHE B 456 -40.56 -34.99 21.18
CA PHE B 456 -39.87 -33.87 20.54
C PHE B 456 -38.72 -33.38 21.41
N ASN B 457 -38.73 -33.77 22.68
CA ASN B 457 -37.76 -33.26 23.65
C ASN B 457 -36.34 -33.68 23.28
N ASN B 458 -36.08 -34.98 23.32
CA ASN B 458 -34.75 -35.50 23.08
C ASN B 458 -34.58 -35.92 21.62
N THR B 459 -35.58 -35.64 20.81
CA THR B 459 -35.52 -35.92 19.38
C THR B 459 -34.74 -34.85 18.64
N VAL B 460 -35.08 -33.59 18.91
CA VAL B 460 -34.33 -32.47 18.34
C VAL B 460 -33.73 -31.60 19.44
N ARG B 461 -32.56 -31.02 19.14
CA ARG B 461 -31.84 -30.22 20.12
C ARG B 461 -31.27 -28.96 19.48
N ILE B 462 -30.93 -27.97 20.30
CA ILE B 462 -30.39 -26.70 19.81
C ILE B 462 -29.14 -26.94 18.98
N ASP B 463 -28.32 -27.90 19.41
CA ASP B 463 -27.08 -28.22 18.71
C ASP B 463 -27.35 -28.50 17.23
N ASP B 464 -28.44 -29.22 16.96
CA ASP B 464 -28.76 -29.63 15.60
C ASP B 464 -29.37 -28.50 14.79
N LEU B 465 -29.64 -27.39 15.48
CA LEU B 465 -30.32 -26.26 14.86
C LEU B 465 -29.33 -25.16 14.48
N LEU B 466 -28.42 -24.86 15.39
CA LEU B 466 -27.56 -23.67 15.26
C LEU B 466 -26.18 -24.06 14.73
N SER B 467 -25.76 -25.28 15.03
CA SER B 467 -24.41 -25.72 14.70
C SER B 467 -24.19 -25.74 13.19
N PRO B 468 -25.19 -26.23 12.47
CA PRO B 468 -25.11 -26.30 11.01
C PRO B 468 -24.68 -24.96 10.42
N LEU B 469 -25.32 -23.89 10.88
CA LEU B 469 -24.98 -22.55 10.41
C LEU B 469 -23.72 -22.03 11.09
N LEU B 470 -23.54 -22.39 12.36
CA LEU B 470 -22.46 -21.85 13.17
C LEU B 470 -21.10 -22.29 12.61
N SER B 471 -21.08 -23.42 11.90
CA SER B 471 -19.85 -23.96 11.36
C SER B 471 -19.69 -23.60 9.89
N LEU B 472 -20.55 -22.70 9.41
CA LEU B 472 -20.43 -22.17 8.06
C LEU B 472 -19.76 -20.79 8.07
N VAL B 473 -19.89 -20.09 9.19
CA VAL B 473 -19.13 -18.86 9.41
C VAL B 473 -17.69 -19.18 9.83
N TYR B 474 -17.43 -20.45 10.12
CA TYR B 474 -16.07 -20.94 10.25
C TYR B 474 -15.32 -20.87 8.92
N ARG B 475 -15.98 -21.35 7.86
CA ARG B 475 -15.42 -21.27 6.51
C ARG B 475 -15.27 -19.82 6.07
N THR B 476 -16.17 -18.96 6.52
CA THR B 476 -16.07 -17.53 6.27
C THR B 476 -14.85 -16.94 6.95
N TYR B 477 -14.64 -17.30 8.21
CA TYR B 477 -13.48 -16.84 8.97
C TYR B 477 -12.20 -17.07 8.18
N ILE B 478 -12.09 -18.24 7.55
CA ILE B 478 -10.88 -18.62 6.84
C ILE B 478 -10.65 -17.74 5.63
N LYS B 479 -9.56 -16.98 5.66
CA LYS B 479 -9.13 -16.20 4.50
C LYS B 479 -9.92 -14.90 4.39
N GLY B 480 -11.16 -14.91 4.85
CA GLY B 480 -12.07 -13.80 4.65
C GLY B 480 -12.51 -13.19 5.96
N ASP B 481 -12.64 -11.87 5.99
CA ASP B 481 -13.31 -11.18 7.09
C ASP B 481 -13.36 -9.68 6.85
N THR B 482 -14.12 -8.97 7.69
CA THR B 482 -14.19 -7.52 7.61
C THR B 482 -13.98 -6.89 8.98
N MET B 483 -14.32 -5.61 9.09
CA MET B 483 -14.36 -4.93 10.38
C MET B 483 -15.16 -5.74 11.40
N THR B 484 -14.49 -6.15 12.47
CA THR B 484 -15.09 -7.03 13.47
C THR B 484 -15.57 -6.24 14.68
N MET B 485 -14.67 -5.46 15.26
CA MET B 485 -15.00 -4.64 16.43
C MET B 485 -15.10 -5.49 17.69
N THR B 486 -14.20 -5.26 18.64
CA THR B 486 -14.21 -5.95 19.91
C THR B 486 -15.54 -5.75 20.63
N GLN B 487 -15.84 -6.64 21.57
CA GLN B 487 -16.95 -6.44 22.50
C GLN B 487 -18.27 -6.82 21.86
N GLY B 488 -18.37 -6.63 20.54
CA GLY B 488 -19.63 -6.80 19.84
C GLY B 488 -20.14 -8.23 19.96
N SER B 489 -21.37 -8.46 19.51
CA SER B 489 -21.96 -9.80 19.53
C SER B 489 -21.28 -10.72 18.53
N LEU B 490 -20.74 -10.13 17.47
CA LEU B 490 -19.98 -10.89 16.48
C LEU B 490 -18.60 -11.27 17.02
N ASP B 491 -18.13 -10.52 18.01
CA ASP B 491 -16.75 -10.67 18.47
C ASP B 491 -16.53 -12.00 19.16
N HIS B 492 -17.25 -12.22 20.26
CA HIS B 492 -17.07 -13.41 21.07
C HIS B 492 -17.58 -14.66 20.35
N LEU B 493 -18.33 -14.44 19.29
CA LEU B 493 -18.88 -15.55 18.50
C LEU B 493 -17.80 -16.20 17.64
N THR B 494 -17.05 -15.38 16.93
CA THR B 494 -16.00 -15.88 16.04
C THR B 494 -14.73 -16.20 16.82
N LEU B 495 -14.60 -15.63 18.01
CA LEU B 495 -13.56 -16.02 18.94
C LEU B 495 -13.82 -17.42 19.50
N CYS B 496 -15.07 -17.73 19.78
CA CYS B 496 -15.45 -19.02 20.32
C CYS B 496 -15.45 -20.09 19.25
N ALA B 497 -16.60 -20.29 18.61
CA ALA B 497 -16.89 -21.55 17.92
C ALA B 497 -16.01 -21.71 16.69
N ALA B 498 -15.54 -20.60 16.15
CA ALA B 498 -14.85 -20.61 14.87
C ALA B 498 -13.40 -21.02 15.03
N VAL B 499 -12.80 -20.64 16.14
CA VAL B 499 -11.36 -20.75 16.31
C VAL B 499 -11.01 -21.39 17.66
N ASP B 500 -10.33 -22.53 17.61
CA ASP B 500 -9.85 -23.19 18.81
C ASP B 500 -8.76 -22.37 19.49
N SER B 501 -7.85 -21.82 18.68
CA SER B 501 -6.76 -21.02 19.20
C SER B 501 -7.25 -19.64 19.64
N ASP B 502 -6.33 -18.82 20.14
CA ASP B 502 -6.67 -17.49 20.61
C ASP B 502 -6.81 -16.51 19.44
N ILE B 503 -7.29 -15.31 19.74
CA ILE B 503 -7.44 -14.27 18.73
C ILE B 503 -6.62 -13.03 19.09
N THR B 504 -5.78 -12.60 18.15
CA THR B 504 -5.03 -11.36 18.31
C THR B 504 -5.76 -10.20 17.66
N PHE B 505 -5.93 -9.12 18.42
CA PHE B 505 -6.58 -7.91 17.91
C PHE B 505 -5.56 -6.79 17.68
N VAL B 506 -5.63 -6.18 16.51
CA VAL B 506 -4.75 -5.06 16.18
C VAL B 506 -5.55 -3.86 15.70
N GLY B 507 -5.83 -2.94 16.60
CA GLY B 507 -6.64 -1.76 16.28
C GLY B 507 -8.06 -1.92 16.80
N ASN B 508 -8.34 -3.07 17.40
CA ASN B 508 -9.63 -3.30 18.04
C ASN B 508 -10.71 -3.61 17.00
N ARG B 509 -10.29 -3.68 15.74
CA ARG B 509 -11.25 -3.78 14.63
C ARG B 509 -10.81 -4.84 13.63
N MET B 510 -9.51 -4.87 13.35
CA MET B 510 -8.97 -5.68 12.25
C MET B 510 -8.89 -7.15 12.63
N ILE B 511 -9.01 -8.03 11.65
CA ILE B 511 -8.63 -9.43 11.81
C ILE B 511 -7.42 -9.77 10.96
N ALA B 512 -6.32 -10.12 11.61
CA ALA B 512 -5.05 -10.37 10.92
C ALA B 512 -4.11 -11.19 11.79
N PRO B 513 -3.24 -11.95 11.14
CA PRO B 513 -3.15 -11.95 9.68
C PRO B 513 -4.02 -13.04 9.07
N LEU B 514 -3.42 -13.87 8.22
CA LEU B 514 -4.10 -15.04 7.69
C LEU B 514 -3.36 -16.32 8.05
N PRO B 515 -4.08 -17.43 8.05
CA PRO B 515 -3.49 -18.75 8.30
C PRO B 515 -2.57 -19.16 7.16
N GLU B 516 -1.28 -18.94 7.33
CA GLU B 516 -0.32 -19.12 6.25
C GLU B 516 -0.43 -20.51 5.63
N GLY B 517 -0.08 -21.52 6.42
CA GLY B 517 -0.10 -22.91 5.94
C GLY B 517 -0.77 -23.83 6.94
N TYR B 518 -0.76 -23.43 8.21
CA TYR B 518 -1.46 -24.17 9.25
C TYR B 518 -2.92 -23.74 9.35
N ILE B 519 -3.82 -24.70 9.30
CA ILE B 519 -5.24 -24.44 9.49
C ILE B 519 -5.65 -24.67 10.94
N PRO B 520 -6.06 -23.60 11.62
CA PRO B 520 -6.48 -23.70 13.01
C PRO B 520 -7.78 -24.47 13.14
N LYS B 521 -7.83 -25.38 14.11
CA LYS B 521 -8.97 -26.28 14.26
C LYS B 521 -10.21 -25.54 14.70
N PRO B 522 -11.36 -25.96 14.17
CA PRO B 522 -12.65 -25.43 14.62
C PRO B 522 -12.94 -25.82 16.07
N MET B 523 -13.16 -24.83 16.91
CA MET B 523 -13.43 -25.07 18.32
C MET B 523 -14.54 -26.10 18.50
N HIS B 524 -14.22 -27.20 19.17
CA HIS B 524 -15.20 -28.26 19.40
C HIS B 524 -16.22 -27.85 20.44
N ARG B 525 -17.39 -27.44 19.97
CA ARG B 525 -18.48 -27.05 20.86
C ARG B 525 -19.28 -28.26 21.33
N ASN B 526 -19.92 -28.13 22.48
CA ASN B 526 -20.64 -29.25 23.09
C ASN B 526 -22.05 -28.84 23.51
N ASN B 527 -22.85 -29.82 23.89
CA ASN B 527 -24.23 -29.57 24.28
C ASN B 527 -24.29 -28.73 25.55
N SER B 528 -23.26 -28.85 26.38
CA SER B 528 -23.24 -28.19 27.68
C SER B 528 -22.40 -26.92 27.64
N THR B 529 -22.18 -26.41 26.43
CA THR B 529 -21.48 -25.14 26.26
C THR B 529 -22.39 -24.08 25.64
N MET B 530 -23.41 -24.54 24.92
CA MET B 530 -24.34 -23.65 24.24
C MET B 530 -25.28 -22.98 25.24
N LYS B 531 -25.58 -23.69 26.32
CA LYS B 531 -26.44 -23.15 27.37
C LYS B 531 -25.70 -22.14 28.22
N MET B 532 -24.39 -22.28 28.29
CA MET B 532 -23.56 -21.47 29.18
C MET B 532 -23.16 -20.15 28.53
N LEU B 533 -23.00 -20.19 27.21
CA LEU B 533 -22.56 -19.01 26.47
C LEU B 533 -23.70 -18.03 26.26
N SER B 534 -24.93 -18.55 26.29
CA SER B 534 -26.12 -17.72 26.16
C SER B 534 -26.59 -17.22 27.53
N LEU B 535 -26.03 -17.79 28.59
CA LEU B 535 -26.37 -17.40 29.94
C LEU B 535 -25.35 -16.41 30.49
N TYR B 536 -24.10 -16.57 30.09
CA TYR B 536 -23.06 -15.59 30.38
C TYR B 536 -23.48 -14.20 29.90
N VAL B 537 -24.10 -14.14 28.72
CA VAL B 537 -24.57 -12.88 28.17
C VAL B 537 -25.74 -12.33 28.98
N ALA B 538 -26.68 -13.20 29.32
CA ALA B 538 -27.83 -12.81 30.13
C ALA B 538 -27.39 -12.27 31.48
N LEU B 539 -26.32 -12.84 32.02
CA LEU B 539 -25.77 -12.41 33.30
C LEU B 539 -25.29 -10.95 33.23
N LYS B 540 -24.73 -10.59 32.08
CA LYS B 540 -24.20 -9.23 31.88
C LYS B 540 -25.31 -8.27 31.53
N LYS B 541 -26.41 -8.78 30.99
CA LYS B 541 -27.56 -7.96 30.65
C LYS B 541 -28.41 -7.65 31.88
N LEU B 542 -28.40 -8.56 32.85
CA LEU B 542 -29.13 -8.37 34.08
C LEU B 542 -28.46 -7.35 34.99
N GLU B 543 -27.16 -7.19 34.81
CA GLU B 543 -26.38 -6.24 35.60
C GLU B 543 -26.69 -4.81 35.20
N ASN B 544 -26.67 -4.54 33.91
CA ASN B 544 -26.93 -3.20 33.39
C ASN B 544 -27.44 -3.25 31.95
N PHE B 545 -28.47 -2.46 31.67
CA PHE B 545 -29.09 -2.45 30.35
C PHE B 545 -28.14 -1.88 29.31
N ALA B 546 -27.21 -1.03 29.75
CA ALA B 546 -26.20 -0.47 28.86
C ALA B 546 -25.56 -1.54 28.01
N THR B 547 -25.69 -1.41 26.70
CA THR B 547 -25.20 -2.42 25.77
C THR B 547 -23.73 -2.22 25.45
N ASN B 548 -23.16 -3.15 24.70
CA ASN B 548 -21.77 -3.04 24.24
C ASN B 548 -20.80 -3.05 25.41
N SER B 549 -20.86 -4.12 26.20
CA SER B 549 -19.84 -4.36 27.22
C SER B 549 -19.20 -5.75 27.04
N TYR B 550 -19.79 -6.74 27.70
CA TYR B 550 -19.38 -8.13 27.47
C TYR B 550 -18.04 -8.43 28.13
N LEU B 551 -17.14 -7.44 28.11
CA LEU B 551 -15.89 -7.54 28.84
C LEU B 551 -16.02 -6.96 30.24
N MET B 552 -15.25 -7.50 31.18
CA MET B 552 -15.28 -7.03 32.56
C MET B 552 -14.10 -6.12 32.87
N ALA B 553 -14.23 -5.32 33.92
CA ALA B 553 -13.09 -4.63 34.50
C ALA B 553 -12.07 -5.61 35.06
N PRO B 554 -10.80 -5.23 35.01
CA PRO B 554 -9.73 -6.07 35.54
C PRO B 554 -10.01 -6.50 36.96
N ASP B 555 -9.50 -7.66 37.34
CA ASP B 555 -9.62 -8.15 38.70
C ASP B 555 -11.06 -8.53 39.04
N THR B 556 -11.71 -9.23 38.11
CA THR B 556 -13.03 -9.78 38.36
C THR B 556 -13.02 -11.30 38.26
N SER B 557 -13.72 -11.96 39.18
CA SER B 557 -13.67 -13.41 39.28
C SER B 557 -15.04 -14.03 39.03
N ILE B 558 -15.11 -14.92 38.04
CA ILE B 558 -16.31 -15.70 37.79
C ILE B 558 -16.03 -17.19 37.92
N ILE B 559 -16.94 -17.90 38.57
CA ILE B 559 -16.81 -19.35 38.74
C ILE B 559 -18.03 -20.09 38.22
N LEU B 560 -17.79 -21.18 37.51
CA LEU B 560 -18.87 -22.03 37.02
C LEU B 560 -18.97 -23.32 37.82
N LEU B 561 -20.20 -23.73 38.12
CA LEU B 561 -20.45 -25.00 38.79
C LEU B 561 -21.19 -25.96 37.88
N GLY B 562 -20.44 -26.77 37.15
CA GLY B 562 -21.01 -27.59 36.08
C GLY B 562 -21.43 -28.96 36.61
N ALA B 563 -21.94 -29.80 35.71
CA ALA B 563 -21.57 -29.75 34.31
C ALA B 563 -20.06 -29.69 34.14
N GLU B 564 -19.36 -30.65 34.75
CA GLU B 564 -17.98 -30.94 34.38
C GLU B 564 -17.80 -32.42 34.08
N ARG B 565 -16.67 -32.76 33.45
CA ARG B 565 -15.88 -31.76 32.73
C ARG B 565 -16.59 -31.29 31.47
N GLU B 566 -16.83 -29.99 31.39
CA GLU B 566 -17.23 -29.36 30.15
C GLU B 566 -16.38 -28.14 29.84
N PRO B 567 -16.28 -27.79 28.56
CA PRO B 567 -15.53 -26.62 28.14
C PRO B 567 -16.05 -25.36 28.82
N ALA B 568 -16.44 -24.38 28.02
CA ALA B 568 -17.09 -23.18 28.54
C ALA B 568 -16.08 -22.27 29.23
N VAL B 569 -15.30 -22.84 30.14
CA VAL B 569 -14.26 -22.09 30.84
C VAL B 569 -13.19 -21.61 29.88
N ASN B 570 -12.76 -22.49 28.98
CA ASN B 570 -11.78 -22.14 27.96
C ASN B 570 -12.31 -21.05 27.04
N ILE B 571 -13.60 -21.11 26.75
CA ILE B 571 -14.23 -20.15 25.84
C ILE B 571 -14.37 -18.78 26.49
N LEU B 572 -14.75 -18.78 27.77
CA LEU B 572 -14.93 -17.54 28.51
C LEU B 572 -13.61 -17.06 29.10
N ARG B 573 -12.54 -17.76 28.79
CA ARG B 573 -11.20 -17.35 29.22
C ARG B 573 -10.42 -16.74 28.06
N ARG B 574 -10.51 -17.38 26.89
CA ARG B 574 -9.89 -16.85 25.70
C ARG B 574 -10.52 -15.51 25.29
N PHE B 575 -11.82 -15.39 25.52
CA PHE B 575 -12.52 -14.14 25.23
C PHE B 575 -12.05 -13.02 26.15
N ASN B 576 -11.78 -13.36 27.42
CA ASN B 576 -11.29 -12.39 28.38
C ASN B 576 -9.78 -12.42 28.48
N ARG B 577 -9.14 -12.93 27.44
CA ARG B 577 -7.67 -13.03 27.42
C ARG B 577 -7.03 -11.67 27.36
N ASN B 578 -7.47 -10.85 26.42
CA ASN B 578 -6.80 -9.58 26.12
C ASN B 578 -6.94 -8.60 27.29
N VAL B 579 -8.03 -8.73 28.03
CA VAL B 579 -8.39 -7.74 29.03
C VAL B 579 -7.68 -8.00 30.35
N SER B 580 -6.42 -7.58 30.45
CA SER B 580 -5.73 -7.51 31.72
C SER B 580 -5.75 -8.85 32.43
N ASN B 581 -6.24 -8.87 33.66
CA ASN B 581 -6.20 -10.07 34.50
C ASN B 581 -7.59 -10.49 34.92
N VAL B 582 -8.09 -11.57 34.32
CA VAL B 582 -9.40 -12.10 34.66
C VAL B 582 -9.31 -13.58 35.03
N ARG B 583 -10.06 -13.97 36.06
CA ARG B 583 -10.00 -15.34 36.57
C ARG B 583 -11.31 -16.08 36.31
N ILE B 584 -11.24 -17.11 35.49
CA ILE B 584 -12.41 -17.95 35.21
C ILE B 584 -12.20 -19.36 35.75
N ILE B 585 -12.89 -19.68 36.85
CA ILE B 585 -12.72 -20.97 37.51
C ILE B 585 -13.88 -21.90 37.21
N GLY B 586 -13.58 -23.20 37.15
CA GLY B 586 -14.62 -24.20 36.93
C GLY B 586 -14.51 -25.32 37.97
N MET B 587 -15.66 -25.71 38.53
CA MET B 587 -15.71 -26.81 39.48
C MET B 587 -16.92 -27.70 39.22
N GLY B 588 -16.81 -28.96 39.63
CA GLY B 588 -17.93 -29.89 39.52
C GLY B 588 -17.55 -31.26 40.07
N ASP B 589 -18.53 -32.16 40.12
CA ASP B 589 -18.33 -33.48 40.71
C ASP B 589 -17.95 -34.50 39.63
N ARG B 590 -17.31 -34.02 38.58
CA ARG B 590 -16.79 -34.90 37.54
C ARG B 590 -15.79 -34.16 36.65
N ALA B 591 -14.89 -33.41 37.26
CA ALA B 591 -14.14 -32.37 36.56
C ALA B 591 -12.75 -32.84 36.18
N VAL B 592 -12.11 -32.10 35.29
CA VAL B 592 -10.74 -32.40 34.89
C VAL B 592 -9.94 -31.13 34.66
N GLU B 593 -8.70 -31.10 35.16
CA GLU B 593 -7.82 -29.96 34.97
C GLU B 593 -7.99 -29.35 33.59
N PRO B 594 -8.13 -28.03 33.55
CA PRO B 594 -7.83 -27.19 34.70
C PRO B 594 -9.04 -27.08 35.62
N ASN B 595 -10.10 -27.79 35.28
CA ASN B 595 -11.28 -27.86 36.13
C ASN B 595 -11.03 -28.73 37.36
N ILE B 596 -11.52 -28.28 38.52
CA ILE B 596 -11.18 -28.89 39.79
C ILE B 596 -12.31 -29.80 40.28
N ARG B 597 -11.97 -31.05 40.57
CA ARG B 597 -12.97 -32.05 40.93
C ARG B 597 -13.33 -31.94 42.42
N VAL B 598 -14.56 -31.51 42.68
CA VAL B 598 -15.01 -31.31 44.05
C VAL B 598 -16.46 -31.75 44.22
N ARG B 599 -16.98 -31.60 45.44
CA ARG B 599 -18.38 -31.85 45.71
C ARG B 599 -19.12 -30.55 45.99
N VAL B 600 -20.44 -30.63 46.12
CA VAL B 600 -21.26 -29.46 46.42
C VAL B 600 -22.17 -29.72 47.61
N PRO B 601 -22.08 -28.85 48.61
CA PRO B 601 -21.22 -27.68 48.53
C PRO B 601 -19.77 -28.05 48.79
N PHE B 602 -19.54 -29.22 49.35
CA PHE B 602 -18.22 -29.61 49.84
C PHE B 602 -18.05 -29.30 51.32
N PRO B 603 -17.40 -30.19 52.03
CA PRO B 603 -17.13 -30.00 53.46
C PRO B 603 -16.49 -28.64 53.71
N ILE B 604 -16.40 -28.25 54.97
CA ILE B 604 -15.91 -26.93 55.34
C ILE B 604 -14.47 -26.72 54.88
N ASP B 605 -14.02 -25.48 54.88
CA ASP B 605 -12.67 -25.15 54.46
C ASP B 605 -12.55 -25.11 52.95
N LYS B 606 -11.55 -24.39 52.46
CA LYS B 606 -11.34 -24.24 51.02
C LYS B 606 -11.77 -22.86 50.54
N ASN B 607 -12.69 -22.24 51.28
CA ASN B 607 -12.96 -20.82 51.13
C ASN B 607 -13.27 -20.47 49.69
N ILE B 608 -14.36 -20.99 49.17
CA ILE B 608 -14.88 -20.58 47.87
C ILE B 608 -15.31 -19.11 47.89
N SER B 609 -15.02 -18.41 46.80
CA SER B 609 -15.33 -16.98 46.71
C SER B 609 -15.25 -16.49 45.28
N ALA B 610 -16.22 -15.66 44.88
CA ALA B 610 -16.25 -15.13 43.52
C ALA B 610 -17.21 -13.95 43.43
N ASP B 611 -17.23 -13.30 42.27
CA ASP B 611 -18.15 -12.19 42.03
C ASP B 611 -19.45 -12.68 41.41
N PHE B 612 -19.36 -13.69 40.56
CA PHE B 612 -20.53 -14.30 39.97
C PHE B 612 -20.46 -15.82 40.01
N ILE B 613 -21.59 -16.46 40.26
CA ILE B 613 -21.69 -17.91 40.18
C ILE B 613 -22.80 -18.34 39.22
N ILE B 614 -22.45 -19.21 38.28
CA ILE B 614 -23.45 -19.85 37.43
C ILE B 614 -23.54 -21.34 37.72
N CYS B 615 -24.67 -21.77 38.29
CA CYS B 615 -24.82 -23.15 38.73
C CYS B 615 -25.60 -23.96 37.70
N ASP B 616 -25.03 -25.09 37.30
CA ASP B 616 -25.73 -26.03 36.44
C ASP B 616 -25.68 -27.45 37.00
N ILE B 617 -26.22 -27.60 38.22
CA ILE B 617 -26.14 -28.87 38.93
C ILE B 617 -27.45 -29.65 38.80
N ASN B 618 -27.34 -30.98 38.80
CA ASN B 618 -28.46 -31.83 38.41
C ASN B 618 -27.98 -33.16 37.86
N SER B 619 -28.72 -34.22 38.15
CA SER B 619 -28.45 -35.53 37.56
C SER B 619 -27.88 -36.49 38.58
N TYR B 620 -27.86 -37.78 38.23
CA TYR B 620 -28.30 -38.22 36.92
C TYR B 620 -29.16 -39.47 37.01
N GLU B 621 -30.36 -39.32 37.55
CA GLU B 621 -31.35 -40.39 37.54
C GLU B 621 -30.84 -41.62 38.29
N ASP B 622 -31.48 -41.94 39.40
CA ASP B 622 -32.55 -41.12 39.94
C ASP B 622 -32.69 -41.30 41.45
N GLN B 623 -33.76 -40.76 42.01
CA GLN B 623 -34.05 -40.93 43.42
C GLN B 623 -35.44 -40.42 43.77
N SER B 624 -36.07 -41.03 44.77
CA SER B 624 -37.43 -40.68 45.15
C SER B 624 -37.52 -39.22 45.57
N PHE B 625 -38.75 -38.71 45.64
CA PHE B 625 -38.97 -37.28 45.81
C PHE B 625 -38.37 -36.77 47.12
N GLU B 626 -38.61 -37.51 48.19
CA GLU B 626 -38.23 -37.06 49.53
C GLU B 626 -36.73 -36.95 49.67
N SER B 627 -36.01 -37.63 48.80
CA SER B 627 -34.55 -37.57 48.80
C SER B 627 -34.04 -36.62 47.72
N MET B 628 -34.77 -36.55 46.61
CA MET B 628 -34.44 -35.62 45.54
C MET B 628 -34.59 -34.17 45.99
N PHE B 629 -35.69 -33.90 46.68
CA PHE B 629 -35.97 -32.55 47.17
C PHE B 629 -34.81 -32.01 48.01
N SER B 630 -34.28 -32.85 48.88
CA SER B 630 -33.23 -32.43 49.81
C SER B 630 -31.93 -32.14 49.08
N GLU B 631 -31.81 -32.65 47.86
CA GLU B 631 -30.63 -32.40 47.04
C GLU B 631 -30.78 -31.12 46.22
N THR B 632 -31.98 -30.89 45.70
CA THR B 632 -32.26 -29.72 44.89
C THR B 632 -32.24 -28.45 45.75
N ILE B 633 -32.80 -28.55 46.95
CA ILE B 633 -32.93 -27.40 47.83
C ILE B 633 -31.59 -27.02 48.46
N SER B 634 -30.68 -27.98 48.50
CA SER B 634 -29.39 -27.79 49.14
C SER B 634 -28.40 -27.10 48.20
N VAL B 635 -28.68 -27.18 46.90
CA VAL B 635 -27.84 -26.52 45.90
C VAL B 635 -28.05 -25.01 45.91
N VAL B 636 -29.30 -24.59 46.05
CA VAL B 636 -29.64 -23.18 45.98
C VAL B 636 -29.05 -22.41 47.15
N THR B 637 -29.18 -22.97 48.35
CA THR B 637 -28.84 -22.26 49.58
C THR B 637 -27.32 -22.21 49.76
N THR B 638 -26.60 -22.93 48.92
CA THR B 638 -25.15 -22.99 49.02
C THR B 638 -24.49 -22.27 47.84
N CYS B 639 -25.31 -21.55 47.06
CA CYS B 639 -24.80 -20.63 46.06
C CYS B 639 -25.28 -19.21 46.34
N ALA B 640 -26.36 -19.09 47.11
CA ALA B 640 -26.89 -17.79 47.49
C ALA B 640 -25.96 -17.07 48.45
N SER B 641 -25.28 -17.85 49.29
CA SER B 641 -24.37 -17.28 50.27
C SER B 641 -22.92 -17.36 49.78
N ALA B 642 -22.73 -18.00 48.63
CA ALA B 642 -21.40 -18.20 48.08
C ALA B 642 -20.95 -16.97 47.30
N ALA B 643 -21.91 -16.22 46.78
CA ALA B 643 -21.61 -15.01 46.02
C ALA B 643 -22.66 -13.93 46.27
N THR B 644 -22.45 -12.76 45.67
CA THR B 644 -23.31 -11.61 45.91
C THR B 644 -24.42 -11.52 44.88
N ARG B 645 -24.13 -11.99 43.66
CA ARG B 645 -25.12 -11.99 42.59
C ARG B 645 -25.07 -13.29 41.78
N ALA B 646 -25.65 -14.34 42.34
CA ALA B 646 -25.53 -15.68 41.76
C ALA B 646 -26.81 -16.06 41.02
N LEU B 647 -26.71 -17.10 40.19
CA LEU B 647 -27.89 -17.66 39.54
C LEU B 647 -27.91 -19.18 39.64
N VAL B 648 -29.05 -19.72 40.07
CA VAL B 648 -29.15 -21.14 40.36
C VAL B 648 -30.14 -21.83 39.43
N LYS B 649 -30.16 -23.16 39.48
CA LYS B 649 -31.01 -23.94 38.58
C LYS B 649 -31.71 -25.07 39.33
N ILE B 650 -33.01 -25.18 39.14
CA ILE B 650 -33.79 -26.26 39.73
C ILE B 650 -34.58 -27.02 38.66
N ASN B 651 -34.93 -28.26 38.97
CA ASN B 651 -35.84 -29.03 38.14
C ASN B 651 -37.27 -28.91 38.62
N HIS B 652 -38.20 -29.48 37.86
CA HIS B 652 -39.59 -29.62 38.30
C HIS B 652 -40.09 -28.33 38.93
N PRO B 653 -40.32 -27.32 38.09
CA PRO B 653 -40.63 -25.97 38.57
C PRO B 653 -41.99 -25.94 39.25
N SER B 654 -42.61 -27.11 39.40
CA SER B 654 -43.84 -27.23 40.18
C SER B 654 -43.92 -26.16 41.26
N GLU B 655 -45.10 -25.56 41.41
CA GLU B 655 -45.24 -24.31 42.16
C GLU B 655 -44.96 -24.54 43.64
N TYR B 656 -44.85 -25.80 44.03
CA TYR B 656 -44.35 -26.16 45.36
C TYR B 656 -42.84 -25.94 45.46
N MET B 657 -42.11 -26.48 44.50
CA MET B 657 -40.67 -26.37 44.49
C MET B 657 -40.21 -24.91 44.55
N ILE B 658 -40.75 -24.10 43.66
CA ILE B 658 -40.32 -22.72 43.52
C ILE B 658 -40.61 -21.92 44.79
N ASN B 659 -41.68 -22.32 45.50
CA ASN B 659 -42.08 -21.63 46.72
C ASN B 659 -41.24 -22.09 47.91
N SER B 660 -40.80 -23.34 47.86
CA SER B 660 -39.93 -23.88 48.91
C SER B 660 -38.51 -23.36 48.78
N VAL B 661 -38.12 -23.03 47.54
CA VAL B 661 -36.83 -22.41 47.30
C VAL B 661 -36.76 -21.02 47.91
N ILE B 662 -37.81 -20.25 47.72
CA ILE B 662 -37.88 -18.89 48.28
C ILE B 662 -37.97 -18.93 49.80
N GLU B 663 -38.76 -19.87 50.32
CA GLU B 663 -38.97 -19.98 51.76
C GLU B 663 -37.65 -20.23 52.49
N ARG B 664 -36.77 -21.01 51.86
CA ARG B 664 -35.52 -21.42 52.49
C ARG B 664 -34.46 -20.34 52.38
N LEU B 665 -34.78 -19.26 51.66
CA LEU B 665 -33.86 -18.16 51.49
C LEU B 665 -34.28 -16.96 52.31
N SER B 666 -35.58 -16.77 52.46
CA SER B 666 -36.13 -15.60 53.13
C SER B 666 -35.94 -15.69 54.64
N GLN B 667 -35.85 -16.91 55.15
CA GLN B 667 -35.67 -17.15 56.57
C GLN B 667 -34.22 -16.97 56.98
N LEU B 668 -33.33 -17.63 56.26
CA LEU B 668 -31.92 -17.67 56.63
C LEU B 668 -31.28 -16.29 56.51
N GLY B 669 -31.32 -15.73 55.29
CA GLY B 669 -30.60 -14.51 54.99
C GLY B 669 -31.25 -13.30 55.66
N GLY B 670 -30.46 -12.27 55.93
CA GLY B 670 -30.97 -11.02 56.46
C GLY B 670 -31.53 -10.13 55.35
N VAL B 671 -32.49 -9.30 55.69
CA VAL B 671 -33.12 -8.40 54.72
C VAL B 671 -33.63 -9.17 53.51
N PHE B 672 -33.99 -10.44 53.74
CA PHE B 672 -34.58 -11.25 52.69
C PHE B 672 -33.72 -11.27 51.44
N TYR B 673 -34.23 -11.88 50.38
CA TYR B 673 -33.63 -11.76 49.05
C TYR B 673 -34.70 -11.48 48.00
N HIS B 674 -34.28 -10.90 46.88
CA HIS B 674 -35.15 -10.72 45.74
C HIS B 674 -34.88 -11.75 44.65
N THR B 675 -35.87 -12.57 44.35
CA THR B 675 -35.71 -13.66 43.39
C THR B 675 -36.60 -13.45 42.16
N ALA B 676 -36.12 -13.93 41.01
CA ALA B 676 -36.95 -13.97 39.81
C ALA B 676 -36.39 -14.97 38.80
N LEU B 677 -37.27 -15.83 38.29
CA LEU B 677 -36.87 -16.85 37.34
C LEU B 677 -36.97 -16.34 35.90
N LEU B 678 -36.28 -17.01 34.99
CA LEU B 678 -36.19 -16.56 33.61
C LEU B 678 -35.99 -17.73 32.65
N LYS B 679 -36.36 -17.54 31.39
CA LYS B 679 -35.96 -18.45 30.32
C LYS B 679 -34.95 -17.78 29.40
N THR B 680 -34.03 -18.58 28.86
CA THR B 680 -33.11 -18.10 27.84
C THR B 680 -33.26 -18.90 26.54
N ALA B 681 -32.80 -18.33 25.44
CA ALA B 681 -32.77 -19.03 24.17
C ALA B 681 -31.67 -20.08 24.13
N SER B 682 -31.79 -21.02 23.19
CA SER B 682 -30.82 -22.11 23.09
C SER B 682 -30.84 -22.99 24.33
N GLN B 683 -32.05 -23.30 24.81
CA GLN B 683 -32.20 -24.10 26.02
C GLN B 683 -33.03 -25.36 25.74
N ASN B 684 -33.02 -25.80 24.49
CA ASN B 684 -33.85 -26.92 24.06
C ASN B 684 -35.32 -26.68 24.40
N PRO B 685 -36.07 -26.23 23.40
CA PRO B 685 -37.46 -25.83 23.62
C PRO B 685 -38.23 -26.92 24.36
N TYR B 686 -39.33 -26.51 25.00
CA TYR B 686 -40.09 -27.43 25.84
C TYR B 686 -39.18 -28.42 26.55
N SER B 687 -38.30 -27.89 27.41
CA SER B 687 -37.48 -28.73 28.27
C SER B 687 -37.73 -28.44 29.74
N TYR B 688 -38.71 -27.57 30.00
CA TYR B 688 -39.02 -27.16 31.36
C TYR B 688 -37.75 -27.02 32.20
N GLU B 689 -36.77 -26.33 31.65
CA GLU B 689 -35.58 -25.95 32.41
C GLU B 689 -35.52 -24.44 32.63
N THR B 690 -36.10 -23.98 33.73
CA THR B 690 -36.04 -22.57 34.09
C THR B 690 -34.79 -22.27 34.92
N TYR B 691 -34.45 -20.98 34.99
CA TYR B 691 -33.33 -20.53 35.82
C TYR B 691 -33.79 -19.49 36.83
N ILE B 692 -33.15 -19.47 37.99
CA ILE B 692 -33.52 -18.55 39.06
C ILE B 692 -32.40 -17.56 39.35
N TYR B 693 -32.64 -16.29 39.02
CA TYR B 693 -31.67 -15.23 39.30
C TYR B 693 -31.93 -14.58 40.65
N ILE B 694 -30.88 -14.48 41.46
CA ILE B 694 -31.01 -14.02 42.83
C ILE B 694 -30.27 -12.71 43.05
N THR B 695 -30.96 -11.73 43.62
CA THR B 695 -30.36 -10.43 43.90
C THR B 695 -30.61 -10.02 45.35
N PRO B 696 -29.59 -9.43 45.98
CA PRO B 696 -29.66 -9.08 47.39
C PRO B 696 -30.56 -7.86 47.62
N ILE B 697 -31.80 -7.96 47.14
CA ILE B 697 -32.74 -6.85 47.23
C ILE B 697 -32.03 -5.51 47.03
N ALA B 698 -32.74 -4.42 47.29
CA ALA B 698 -32.11 -3.13 47.52
C ALA B 698 -32.68 -2.47 48.78
N ALA B 699 -33.79 -2.98 49.26
CA ALA B 699 -34.42 -2.47 50.48
C ALA B 699 -35.26 -3.54 51.15
N ALA B 700 -36.56 -3.55 50.83
CA ALA B 700 -37.43 -4.66 51.20
C ALA B 700 -38.37 -5.03 50.06
N VAL B 701 -38.36 -6.30 49.70
CA VAL B 701 -39.12 -6.78 48.54
C VAL B 701 -40.62 -6.77 48.82
N ARG B 702 -41.40 -6.37 47.83
CA ARG B 702 -42.85 -6.34 47.98
C ARG B 702 -43.47 -7.72 47.76
N PHE B 703 -43.25 -8.28 46.58
CA PHE B 703 -43.94 -9.50 46.18
C PHE B 703 -42.94 -10.61 45.85
N PRO B 704 -42.51 -11.33 46.88
CA PRO B 704 -41.41 -12.29 46.74
C PRO B 704 -41.90 -13.59 46.13
N PHE B 705 -43.17 -13.90 46.35
CA PHE B 705 -43.69 -15.24 46.08
C PHE B 705 -44.40 -15.31 44.73
N TYR B 706 -44.79 -16.51 44.33
CA TYR B 706 -45.58 -16.69 43.12
C TYR B 706 -47.02 -17.08 43.44
N SER B 707 -47.96 -16.59 42.65
CA SER B 707 -49.38 -16.90 42.84
C SER B 707 -49.86 -17.90 41.80
N ASN B 708 -50.32 -17.38 40.66
CA ASN B 708 -50.83 -18.24 39.59
C ASN B 708 -49.71 -19.03 38.93
N SER B 709 -48.52 -18.43 38.87
CA SER B 709 -47.36 -19.07 38.24
C SER B 709 -47.59 -19.28 36.75
N ALA B 710 -47.11 -18.35 35.95
CA ALA B 710 -47.38 -18.35 34.51
C ALA B 710 -46.37 -19.20 33.76
N MET B 711 -45.08 -18.88 33.94
CA MET B 711 -44.01 -19.58 33.26
C MET B 711 -43.89 -21.01 33.76
N ILE B 712 -44.18 -21.21 35.04
CA ILE B 712 -44.13 -22.54 35.64
C ILE B 712 -45.25 -23.42 35.11
N ASN B 713 -46.42 -22.82 34.87
CA ASN B 713 -47.61 -23.58 34.51
C ASN B 713 -47.32 -24.56 33.39
N ARG B 714 -46.53 -24.13 32.42
CA ARG B 714 -46.14 -24.98 31.31
C ARG B 714 -45.79 -26.39 31.78
N TYR B 715 -45.02 -26.47 32.86
CA TYR B 715 -44.63 -27.76 33.41
C TYR B 715 -45.82 -28.52 33.96
N MET B 716 -46.72 -27.81 34.63
CA MET B 716 -47.81 -28.43 35.37
C MET B 716 -49.00 -28.71 34.45
N THR B 717 -48.73 -29.33 33.31
CA THR B 717 -49.77 -29.67 32.35
C THR B 717 -49.59 -31.08 31.81
N ALA B 718 -48.47 -31.70 32.15
CA ALA B 718 -48.16 -33.04 31.68
C ALA B 718 -49.05 -34.08 32.35
N VAL B 719 -49.33 -35.16 31.62
CA VAL B 719 -50.18 -36.23 32.13
C VAL B 719 -49.54 -37.60 31.96
N ALA B 720 -50.15 -38.61 32.56
CA ALA B 720 -49.63 -39.98 32.47
C ALA B 720 -49.86 -40.54 31.07
N ASP B 721 -49.44 -41.79 30.88
CA ASP B 721 -49.68 -42.50 29.63
C ASP B 721 -51.15 -42.41 29.22
N ASP B 722 -51.40 -42.43 27.91
CA ASP B 722 -52.73 -42.15 27.38
C ASP B 722 -53.03 -43.04 26.17
N GLU B 723 -52.77 -42.52 24.99
CA GLU B 723 -53.22 -43.15 23.76
C GLU B 723 -52.05 -43.70 22.95
N MET B 724 -51.37 -42.82 22.22
CA MET B 724 -50.40 -43.24 21.22
C MET B 724 -49.45 -42.10 20.86
N PRO B 725 -48.33 -42.44 20.24
CA PRO B 725 -47.30 -41.46 19.93
C PRO B 725 -47.63 -40.69 18.66
N ILE B 726 -48.70 -41.10 17.98
CA ILE B 726 -49.08 -40.50 16.71
C ILE B 726 -48.03 -40.77 15.63
N ILE B 727 -47.12 -39.83 15.45
CA ILE B 727 -46.02 -40.00 14.51
C ILE B 727 -46.51 -39.94 13.07
N PRO B 728 -46.00 -38.97 12.31
CA PRO B 728 -46.37 -38.83 10.90
C PRO B 728 -45.76 -39.94 10.05
N SER B 729 -46.31 -40.14 8.86
CA SER B 729 -45.82 -41.17 7.95
C SER B 729 -46.14 -40.83 6.50
N ILE B 730 -45.98 -41.80 5.62
CA ILE B 730 -46.28 -41.62 4.21
C ILE B 730 -47.36 -42.60 3.74
N HIS B 731 -47.94 -42.34 2.59
CA HIS B 731 -49.07 -43.11 2.09
C HIS B 731 -48.77 -43.69 0.72
N THR B 732 -48.27 -42.85 -0.18
CA THR B 732 -48.10 -43.21 -1.58
C THR B 732 -49.35 -43.89 -2.12
N VAL B 733 -50.50 -43.25 -1.92
CA VAL B 733 -51.75 -43.73 -2.50
C VAL B 733 -52.85 -42.69 -2.37
N ILE B 734 -53.71 -42.61 -3.39
CA ILE B 734 -54.75 -41.59 -3.43
C ILE B 734 -56.10 -42.20 -3.76
N LYS B 735 -57.06 -42.04 -2.85
CA LYS B 735 -58.46 -42.35 -3.14
C LYS B 735 -59.23 -41.08 -3.49
N GLY B 736 -60.34 -41.23 -4.20
CA GLY B 736 -61.14 -40.09 -4.65
C GLY B 736 -62.27 -39.79 -3.67
N HIS B 737 -62.14 -38.67 -2.97
CA HIS B 737 -63.17 -38.24 -2.03
C HIS B 737 -63.49 -39.32 -1.01
N SER B 738 -62.46 -39.77 -0.29
CA SER B 738 -62.64 -40.77 0.76
C SER B 738 -61.94 -40.34 2.04
N ASN B 739 -62.69 -40.31 3.14
CA ASN B 739 -62.19 -39.78 4.40
C ASN B 739 -61.19 -40.74 5.04
N THR B 740 -60.64 -40.32 6.17
CA THR B 740 -59.76 -41.19 6.95
C THR B 740 -58.39 -41.33 6.30
N TYR B 741 -57.54 -40.34 6.52
CA TYR B 741 -56.12 -40.48 6.24
C TYR B 741 -55.27 -40.00 7.41
N SER B 742 -54.20 -40.73 7.71
CA SER B 742 -53.28 -40.34 8.78
C SER B 742 -52.51 -39.08 8.42
N PRO B 743 -52.28 -38.23 9.42
CA PRO B 743 -51.50 -37.01 9.23
C PRO B 743 -50.14 -37.32 8.63
N GLY B 744 -49.62 -36.38 7.83
CA GLY B 744 -48.30 -36.52 7.25
C GLY B 744 -48.27 -36.04 5.81
N LEU B 745 -47.44 -36.67 4.99
CA LEU B 745 -47.28 -36.27 3.60
C LEU B 745 -46.97 -37.47 2.71
N PHE B 746 -47.19 -37.32 1.40
CA PHE B 746 -46.98 -38.40 0.46
C PHE B 746 -46.48 -37.87 -0.87
N CYS B 747 -45.74 -38.71 -1.60
CA CYS B 747 -45.10 -38.29 -2.84
C CYS B 747 -44.77 -39.49 -3.72
N GLY B 748 -44.48 -39.22 -4.99
CA GLY B 748 -44.21 -40.28 -5.95
C GLY B 748 -44.00 -39.72 -7.35
N CYS B 749 -44.40 -40.49 -8.36
CA CYS B 749 -44.35 -40.03 -9.75
C CYS B 749 -45.45 -40.68 -10.58
N VAL B 750 -45.93 -39.95 -11.58
CA VAL B 750 -47.00 -40.46 -12.45
C VAL B 750 -46.69 -40.18 -13.91
N ASP B 751 -47.38 -40.89 -14.80
CA ASP B 751 -47.29 -40.64 -16.23
C ASP B 751 -47.84 -39.26 -16.57
N VAL B 752 -47.02 -38.48 -17.29
CA VAL B 752 -47.41 -37.12 -17.65
C VAL B 752 -48.78 -37.08 -18.29
N GLN B 753 -49.16 -38.16 -18.95
CA GLN B 753 -50.45 -38.25 -19.62
C GLN B 753 -51.59 -38.18 -18.62
N SER B 754 -51.35 -38.70 -17.42
CA SER B 754 -52.34 -38.65 -16.34
C SER B 754 -51.81 -37.81 -15.17
N ALA B 755 -51.03 -36.79 -15.48
CA ALA B 755 -50.53 -35.87 -14.46
C ALA B 755 -51.65 -35.01 -13.90
N PRO B 756 -52.48 -34.46 -14.78
CA PRO B 756 -53.55 -33.56 -14.37
C PRO B 756 -54.71 -34.33 -13.76
N LEU B 757 -54.70 -35.65 -13.92
CA LEU B 757 -55.64 -36.51 -13.23
C LEU B 757 -55.38 -36.54 -11.73
N ALA B 758 -54.09 -36.57 -11.37
CA ALA B 758 -53.70 -36.55 -9.96
C ALA B 758 -53.98 -35.20 -9.34
N LEU B 759 -53.70 -34.13 -10.08
CA LEU B 759 -53.81 -32.78 -9.55
C LEU B 759 -55.26 -32.44 -9.18
N SER B 760 -56.19 -33.12 -9.85
CA SER B 760 -57.62 -32.85 -9.63
C SER B 760 -58.09 -33.48 -8.32
N GLN B 761 -57.28 -34.37 -7.77
CA GLN B 761 -57.68 -35.16 -6.61
C GLN B 761 -56.92 -34.73 -5.36
N LEU B 762 -55.72 -34.17 -5.57
CA LEU B 762 -54.89 -33.73 -4.46
C LEU B 762 -55.55 -32.60 -3.68
N LYS B 763 -56.53 -31.96 -4.31
CA LYS B 763 -57.16 -30.77 -3.72
C LYS B 763 -58.02 -31.15 -2.53
N SER B 764 -58.22 -32.45 -2.33
CA SER B 764 -59.12 -32.93 -1.29
C SER B 764 -58.42 -33.06 0.05
N TYR B 765 -57.09 -33.03 0.03
CA TYR B 765 -56.29 -33.38 1.18
C TYR B 765 -55.33 -32.26 1.56
N CYS B 766 -54.93 -31.47 0.57
CA CYS B 766 -53.92 -30.45 0.77
C CYS B 766 -54.24 -29.19 -0.02
N SER B 767 -53.42 -28.15 0.15
CA SER B 767 -53.54 -26.94 -0.64
C SER B 767 -52.28 -26.65 -1.42
N GLU B 768 -51.14 -26.98 -0.83
CA GLU B 768 -49.85 -26.81 -1.49
C GLU B 768 -49.41 -28.09 -2.20
N ALA B 769 -48.72 -27.93 -3.32
CA ALA B 769 -48.14 -29.07 -4.03
C ALA B 769 -46.93 -28.65 -4.86
N THR B 770 -46.04 -29.60 -5.13
CA THR B 770 -44.85 -29.33 -5.92
C THR B 770 -44.64 -30.40 -6.98
N THR B 771 -44.41 -29.97 -8.21
CA THR B 771 -44.17 -30.90 -9.31
C THR B 771 -42.92 -30.51 -10.09
N TRP B 772 -42.27 -31.50 -10.69
CA TRP B 772 -41.19 -31.24 -11.64
C TRP B 772 -40.87 -32.49 -12.46
N ARG B 773 -40.51 -32.28 -13.73
CA ARG B 773 -39.98 -33.37 -14.55
C ARG B 773 -38.46 -33.43 -14.45
N VAL B 774 -37.94 -34.66 -14.40
CA VAL B 774 -36.50 -34.86 -14.28
C VAL B 774 -35.77 -34.43 -15.56
N ASP B 775 -36.19 -35.01 -16.69
CA ASP B 775 -35.64 -34.65 -17.99
C ASP B 775 -36.73 -34.41 -19.02
N SER B 776 -36.40 -33.70 -20.08
CA SER B 776 -37.40 -33.13 -20.97
C SER B 776 -38.23 -34.22 -21.64
N ASP B 777 -37.64 -35.40 -21.77
CA ASP B 777 -38.25 -36.48 -22.55
C ASP B 777 -38.27 -37.79 -21.76
N ASP B 778 -38.52 -37.67 -20.46
CA ASP B 778 -38.72 -38.85 -19.62
C ASP B 778 -40.20 -39.21 -19.54
N ASN B 779 -41.05 -38.20 -19.50
CA ASN B 779 -42.50 -38.40 -19.46
C ASN B 779 -42.96 -38.78 -18.06
N LEU B 780 -42.03 -38.82 -17.12
CA LEU B 780 -42.36 -39.05 -15.72
C LEU B 780 -42.34 -37.75 -14.92
N VAL B 781 -43.41 -37.50 -14.17
CA VAL B 781 -43.52 -36.29 -13.38
C VAL B 781 -43.56 -36.61 -11.89
N ASN B 782 -42.64 -36.03 -11.14
CA ASN B 782 -42.57 -36.24 -9.69
C ASN B 782 -43.52 -35.29 -8.96
N ILE B 783 -44.22 -35.82 -7.97
CA ILE B 783 -45.22 -35.05 -7.24
C ILE B 783 -45.02 -35.17 -5.74
N ILE B 784 -45.01 -34.04 -5.04
CA ILE B 784 -45.03 -34.03 -3.58
C ILE B 784 -46.21 -33.25 -3.04
N ALA B 785 -46.97 -33.86 -2.14
CA ALA B 785 -48.13 -33.22 -1.54
C ALA B 785 -48.14 -33.41 -0.03
N ARG B 786 -48.75 -32.46 0.69
CA ARG B 786 -48.71 -32.45 2.14
C ARG B 786 -50.11 -32.29 2.72
N ILE B 787 -50.48 -33.20 3.62
CA ILE B 787 -51.84 -33.26 4.13
C ILE B 787 -52.06 -32.26 5.25
N ASP B 788 -53.09 -31.42 5.11
CA ASP B 788 -53.43 -30.44 6.15
C ASP B 788 -54.86 -30.61 6.61
N PRO B 789 -55.05 -30.67 7.92
CA PRO B 789 -56.38 -30.81 8.50
C PRO B 789 -57.19 -29.53 8.36
N ALA B 790 -56.53 -28.47 7.91
CA ALA B 790 -57.20 -27.20 7.65
C ALA B 790 -57.97 -27.22 6.34
N ARG B 791 -57.71 -28.26 5.54
CA ARG B 791 -58.37 -28.40 4.24
C ARG B 791 -59.31 -29.60 4.26
N ILE B 792 -58.96 -30.62 5.03
CA ILE B 792 -59.80 -31.81 5.19
C ILE B 792 -61.19 -31.42 5.71
N ALA B 793 -61.22 -30.49 6.65
CA ALA B 793 -62.47 -30.10 7.30
C ALA B 793 -63.31 -29.22 6.37
N LEU B 794 -62.74 -28.83 5.25
CA LEU B 794 -63.43 -27.98 4.29
C LEU B 794 -63.81 -28.75 3.04
N GLU B 795 -63.20 -29.92 2.86
CA GLU B 795 -63.42 -30.72 1.67
C GLU B 795 -64.65 -31.62 1.82
N PHE B 796 -64.75 -32.27 2.99
CA PHE B 796 -65.70 -33.36 3.17
C PHE B 796 -66.97 -32.87 3.87
N ARG B 797 -67.48 -31.73 3.43
CA ARG B 797 -68.71 -31.17 3.99
C ARG B 797 -69.93 -31.95 3.52
N THR B 798 -70.14 -31.98 2.21
CA THR B 798 -71.23 -32.74 1.63
C THR B 798 -70.71 -33.79 0.66
N ARG B 799 -71.29 -33.82 -0.54
CA ARG B 799 -71.02 -34.88 -1.50
C ARG B 799 -70.42 -34.32 -2.79
N SER B 800 -70.61 -33.02 -3.01
CA SER B 800 -70.16 -32.38 -4.24
C SER B 800 -68.65 -32.50 -4.39
N ASN B 801 -68.22 -33.08 -5.50
CA ASN B 801 -66.79 -33.29 -5.77
C ASN B 801 -66.25 -32.23 -6.71
N THR B 802 -67.03 -31.91 -7.74
CA THR B 802 -66.62 -30.92 -8.74
C THR B 802 -65.13 -30.99 -8.99
N SER B 803 -64.40 -30.01 -8.46
CA SER B 803 -63.00 -29.82 -8.83
C SER B 803 -62.89 -29.20 -10.22
N ALA B 804 -61.65 -29.08 -10.70
CA ALA B 804 -61.39 -28.38 -11.95
C ALA B 804 -60.42 -29.16 -12.83
N TYR B 805 -60.93 -30.19 -13.50
CA TYR B 805 -60.12 -31.00 -14.40
C TYR B 805 -59.63 -30.18 -15.59
N HIS B 806 -60.50 -29.33 -16.12
CA HIS B 806 -60.21 -28.58 -17.32
C HIS B 806 -59.00 -27.65 -17.13
N GLU B 807 -58.84 -27.15 -15.91
CA GLU B 807 -57.85 -26.13 -15.64
C GLU B 807 -56.43 -26.69 -15.70
N TYR B 808 -56.27 -27.91 -15.19
CA TYR B 808 -54.94 -28.48 -14.97
C TYR B 808 -54.49 -29.30 -16.17
N GLN B 809 -55.46 -29.75 -16.97
CA GLN B 809 -55.16 -30.55 -18.14
C GLN B 809 -54.46 -29.73 -19.21
N ARG B 810 -54.44 -28.42 -19.02
CA ARG B 810 -53.82 -27.51 -19.98
C ARG B 810 -52.33 -27.40 -19.74
N TYR B 811 -51.76 -28.37 -19.04
CA TYR B 811 -50.34 -28.38 -18.74
C TYR B 811 -49.61 -29.42 -19.58
N VAL B 812 -50.23 -30.58 -19.77
CA VAL B 812 -49.65 -31.64 -20.57
C VAL B 812 -49.39 -31.18 -22.00
N PRO B 813 -48.21 -31.51 -22.52
CA PRO B 813 -47.23 -32.27 -21.76
C PRO B 813 -46.41 -31.38 -20.84
N ASN B 814 -45.94 -30.26 -21.40
CA ASN B 814 -44.92 -29.46 -20.73
C ASN B 814 -45.54 -28.25 -20.04
N GLY B 815 -44.97 -27.87 -18.89
CA GLY B 815 -45.49 -26.75 -18.12
C GLY B 815 -45.58 -27.12 -16.63
N LEU B 816 -45.20 -28.35 -16.30
CA LEU B 816 -45.23 -28.81 -14.93
C LEU B 816 -43.89 -28.54 -14.23
N GLY B 817 -42.94 -27.98 -14.98
CA GLY B 817 -41.67 -27.56 -14.41
C GLY B 817 -40.56 -28.53 -14.76
N PHE B 818 -39.34 -28.01 -14.85
CA PHE B 818 -38.17 -28.85 -15.10
C PHE B 818 -37.06 -28.56 -14.11
N LYS B 819 -36.50 -29.61 -13.52
CA LYS B 819 -35.48 -29.46 -12.48
C LYS B 819 -34.50 -30.63 -12.51
N VAL B 820 -33.22 -30.31 -12.61
CA VAL B 820 -32.17 -31.33 -12.62
C VAL B 820 -31.60 -31.55 -11.23
N ARG B 821 -30.50 -32.29 -11.16
CA ARG B 821 -29.80 -32.51 -9.90
C ARG B 821 -30.75 -33.00 -8.82
N LYS B 822 -30.28 -33.00 -7.57
CA LYS B 822 -31.04 -33.56 -6.45
C LYS B 822 -31.73 -32.47 -5.65
N THR B 823 -32.78 -32.84 -4.94
CA THR B 823 -33.47 -31.92 -4.04
C THR B 823 -33.91 -32.62 -2.77
N ARG B 824 -33.82 -31.91 -1.64
CA ARG B 824 -34.14 -32.49 -0.34
C ARG B 824 -35.41 -31.88 0.24
N GLU B 825 -36.33 -32.75 0.64
CA GLU B 825 -37.58 -32.30 1.27
C GLU B 825 -37.62 -32.69 2.74
N PHE B 826 -38.20 -31.81 3.56
CA PHE B 826 -38.24 -32.03 5.00
C PHE B 826 -39.66 -32.33 5.47
N ARG B 827 -39.80 -32.59 6.76
CA ARG B 827 -40.98 -33.28 7.27
C ARG B 827 -41.83 -32.35 8.13
N TYR B 828 -41.16 -31.51 8.92
CA TYR B 828 -41.82 -30.75 9.98
C TYR B 828 -41.90 -29.27 9.62
N MET B 829 -41.60 -28.95 8.36
CA MET B 829 -41.86 -27.62 7.81
C MET B 829 -41.21 -26.54 8.67
N HIS B 830 -41.63 -25.29 8.47
CA HIS B 830 -41.21 -24.20 9.33
C HIS B 830 -42.29 -23.11 9.39
N ARG B 831 -42.81 -22.87 10.59
CA ARG B 831 -43.76 -21.78 10.80
C ARG B 831 -43.30 -20.85 11.91
N GLU B 832 -43.65 -19.58 11.80
CA GLU B 832 -43.31 -18.60 12.82
C GLU B 832 -44.04 -18.87 14.12
N VAL B 833 -44.34 -17.81 14.86
CA VAL B 833 -45.06 -17.93 16.12
C VAL B 833 -46.42 -17.24 16.04
N THR B 834 -46.60 -16.41 15.02
CA THR B 834 -47.89 -15.81 14.74
C THR B 834 -48.90 -16.86 14.29
N PHE B 835 -48.40 -17.92 13.66
CA PHE B 835 -49.26 -18.97 13.13
C PHE B 835 -49.51 -20.06 14.17
N ILE B 836 -48.46 -20.41 14.92
CA ILE B 836 -48.55 -21.46 15.92
C ILE B 836 -49.42 -21.02 17.09
N HIS B 837 -49.31 -19.76 17.47
CA HIS B 837 -50.17 -19.19 18.49
C HIS B 837 -51.65 -19.40 18.16
N LYS B 838 -51.99 -19.23 16.90
CA LYS B 838 -53.36 -19.40 16.45
C LYS B 838 -53.73 -20.88 16.37
N LEU B 839 -52.75 -21.72 16.07
CA LEU B 839 -52.95 -23.16 16.06
C LEU B 839 -53.22 -23.69 17.45
N MET B 840 -52.77 -22.96 18.46
CA MET B 840 -53.13 -23.25 19.85
C MET B 840 -54.46 -22.61 20.21
N MET B 841 -54.77 -21.50 19.55
CA MET B 841 -56.02 -20.79 19.79
C MET B 841 -57.22 -21.63 19.38
N TYR B 842 -57.10 -22.32 18.26
CA TYR B 842 -58.20 -23.09 17.70
C TYR B 842 -58.19 -24.53 18.22
N ALA B 843 -57.01 -25.01 18.59
CA ALA B 843 -56.88 -26.32 19.20
C ALA B 843 -57.58 -26.37 20.55
N LEU B 844 -57.71 -25.21 21.19
CA LEU B 844 -58.43 -25.11 22.45
C LEU B 844 -59.94 -25.19 22.22
N ILE B 845 -60.45 -24.31 21.37
CA ILE B 845 -61.89 -24.13 21.23
C ILE B 845 -62.55 -25.38 20.65
N ARG B 846 -61.77 -26.15 19.91
CA ARG B 846 -62.27 -27.39 19.32
C ARG B 846 -62.73 -28.36 20.39
N GLU B 847 -62.02 -28.40 21.51
CA GLU B 847 -62.35 -29.29 22.61
C GLU B 847 -63.65 -28.85 23.30
N GLN B 848 -63.92 -27.56 23.27
CA GLN B 848 -65.04 -27.00 24.00
C GLN B 848 -66.34 -27.13 23.21
N ILE B 849 -66.25 -26.96 21.90
CA ILE B 849 -67.43 -26.96 21.04
C ILE B 849 -68.01 -28.37 20.92
N SER B 850 -67.15 -29.34 20.65
CA SER B 850 -67.59 -30.71 20.42
C SER B 850 -67.75 -31.47 21.73
N LEU B 851 -68.75 -31.05 22.52
CA LEU B 851 -68.99 -31.65 23.83
C LEU B 851 -70.36 -31.28 24.36
N THR B 852 -70.90 -30.17 23.89
CA THR B 852 -72.15 -29.64 24.39
C THR B 852 -73.35 -30.42 23.84
N GLU B 853 -74.49 -30.32 24.52
CA GLU B 853 -75.67 -31.07 24.13
C GLU B 853 -76.00 -30.87 22.66
N ASN B 854 -76.34 -29.65 22.30
CA ASN B 854 -76.94 -29.37 20.99
C ASN B 854 -76.41 -28.07 20.40
N MET B 855 -76.34 -28.01 19.08
CA MET B 855 -75.89 -26.81 18.39
C MET B 855 -76.76 -26.50 17.17
N THR B 856 -76.89 -25.23 16.84
CA THR B 856 -77.63 -24.81 15.66
C THR B 856 -76.70 -24.31 14.57
N GLN B 857 -75.76 -23.45 14.95
CA GLN B 857 -74.81 -22.87 14.01
C GLN B 857 -73.55 -22.38 14.72
N VAL B 858 -72.43 -22.40 14.00
CA VAL B 858 -71.21 -21.80 14.49
C VAL B 858 -70.87 -20.53 13.72
N VAL B 859 -70.70 -19.43 14.44
CA VAL B 859 -70.53 -18.12 13.83
C VAL B 859 -69.15 -17.56 14.07
N SER B 860 -68.45 -17.20 13.00
CA SER B 860 -67.16 -16.53 13.10
C SER B 860 -67.26 -15.08 12.64
N ILE B 861 -66.53 -14.21 13.31
CA ILE B 861 -66.52 -12.79 12.96
C ILE B 861 -65.11 -12.30 12.68
N GLY B 862 -64.81 -12.08 11.40
CA GLY B 862 -63.48 -11.65 10.98
C GLY B 862 -62.60 -12.85 10.64
N GLY B 863 -61.99 -12.81 9.46
CA GLY B 863 -61.08 -13.86 9.03
C GLY B 863 -61.13 -14.06 7.52
N ARG B 864 -60.47 -15.10 7.04
CA ARG B 864 -60.46 -15.41 5.61
C ARG B 864 -61.05 -16.80 5.34
N ASN B 865 -62.23 -17.05 5.91
CA ASN B 865 -62.76 -18.41 5.98
C ASN B 865 -61.90 -19.30 6.86
N LEU B 866 -61.28 -18.69 7.87
CA LEU B 866 -60.37 -19.42 8.75
C LEU B 866 -61.12 -20.01 9.95
N ALA B 867 -60.44 -20.86 10.71
CA ALA B 867 -61.04 -21.51 11.87
C ALA B 867 -62.12 -22.49 11.45
N ASP B 868 -62.07 -22.92 10.20
CA ASP B 868 -62.93 -24.00 9.71
C ASP B 868 -62.76 -25.26 10.56
N ILE B 869 -61.51 -25.65 10.78
CA ILE B 869 -61.17 -26.64 11.78
C ILE B 869 -61.59 -26.18 13.17
N SER B 870 -62.33 -27.02 13.88
CA SER B 870 -62.96 -26.63 15.14
C SER B 870 -64.47 -26.64 15.03
N VAL B 871 -64.97 -26.53 13.80
CA VAL B 871 -66.41 -26.64 13.54
C VAL B 871 -66.85 -28.10 13.53
N VAL B 872 -67.58 -28.49 14.56
CA VAL B 872 -67.98 -29.89 14.74
C VAL B 872 -69.45 -30.00 15.09
N PRO B 873 -70.16 -30.89 14.40
CA PRO B 873 -69.55 -31.68 13.33
C PRO B 873 -69.42 -30.84 12.05
N LEU B 874 -68.95 -31.48 10.99
CA LEU B 874 -68.88 -30.85 9.68
C LEU B 874 -70.28 -30.60 9.12
N ASN B 875 -71.26 -31.32 9.65
CA ASN B 875 -72.66 -31.12 9.26
C ASN B 875 -73.16 -29.76 9.70
N MET B 876 -72.54 -29.21 10.75
CA MET B 876 -72.98 -27.96 11.35
C MET B 876 -72.82 -26.79 10.38
N LYS B 877 -73.84 -25.96 10.29
CA LYS B 877 -73.79 -24.76 9.46
C LYS B 877 -72.72 -23.80 9.96
N TYR B 878 -72.09 -23.08 9.03
CA TYR B 878 -71.01 -22.17 9.37
C TYR B 878 -71.27 -20.78 8.81
N VAL B 879 -71.37 -19.79 9.70
CA VAL B 879 -71.72 -18.44 9.32
C VAL B 879 -70.57 -17.47 9.53
N VAL B 880 -70.33 -16.61 8.54
CA VAL B 880 -69.28 -15.62 8.63
C VAL B 880 -69.83 -14.21 8.54
N ILE B 881 -69.45 -13.36 9.49
CA ILE B 881 -69.90 -11.98 9.52
C ILE B 881 -68.73 -11.00 9.48
N ASP B 882 -68.37 -10.56 8.29
CA ASP B 882 -67.25 -9.65 8.12
C ASP B 882 -67.46 -8.74 6.91
N PRO B 883 -66.79 -7.58 6.92
CA PRO B 883 -67.07 -6.54 5.94
C PRO B 883 -66.36 -6.84 4.62
N ALA B 884 -65.24 -7.54 4.69
CA ALA B 884 -64.41 -7.77 3.52
C ALA B 884 -64.07 -9.25 3.37
N THR B 885 -64.45 -9.82 2.23
CA THR B 885 -64.14 -11.21 1.92
C THR B 885 -64.69 -11.61 0.56
N ARG B 886 -64.21 -12.74 0.04
CA ARG B 886 -64.69 -13.26 -1.23
C ARG B 886 -65.89 -14.19 -1.03
N ILE B 887 -66.87 -14.08 -1.92
CA ILE B 887 -68.11 -14.82 -1.79
C ILE B 887 -68.46 -15.57 -3.06
N GLU B 888 -69.66 -16.15 -3.11
CA GLU B 888 -70.20 -16.68 -4.35
C GLU B 888 -69.80 -18.14 -4.53
N THR B 889 -68.77 -18.37 -5.36
CA THR B 889 -68.43 -19.71 -5.79
C THR B 889 -68.35 -20.67 -4.61
N LEU B 890 -67.71 -20.23 -3.53
CA LEU B 890 -67.49 -21.08 -2.37
C LEU B 890 -68.80 -21.35 -1.64
N THR B 891 -69.74 -20.41 -1.73
CA THR B 891 -71.00 -20.52 -1.01
C THR B 891 -72.09 -21.13 -1.89
N GLN B 892 -71.82 -21.22 -3.19
CA GLN B 892 -72.79 -21.74 -4.14
C GLN B 892 -72.80 -23.26 -4.13
N GLU B 893 -71.65 -23.86 -3.82
CA GLU B 893 -71.48 -25.30 -3.94
C GLU B 893 -71.96 -26.03 -2.70
N LYS B 894 -73.09 -25.58 -2.16
CA LYS B 894 -73.79 -26.33 -1.12
C LYS B 894 -72.83 -26.75 -0.01
N LYS B 895 -72.00 -25.82 0.44
CA LYS B 895 -71.04 -26.10 1.50
C LYS B 895 -71.61 -25.71 2.86
N ASN B 896 -72.87 -25.29 2.88
CA ASN B 896 -73.48 -24.78 4.09
C ASN B 896 -72.74 -23.56 4.63
N ILE B 897 -72.16 -22.79 3.71
CA ILE B 897 -71.48 -21.54 4.07
C ILE B 897 -72.29 -20.33 3.61
N GLU B 898 -72.43 -19.35 4.49
CA GLU B 898 -73.08 -18.09 4.15
C GLU B 898 -72.34 -16.91 4.77
N VAL B 899 -72.29 -15.81 4.03
CA VAL B 899 -71.51 -14.65 4.44
C VAL B 899 -72.34 -13.37 4.41
N GLN B 900 -72.32 -12.63 5.50
CA GLN B 900 -73.03 -11.36 5.59
C GLN B 900 -72.06 -10.18 5.43
N SER B 901 -72.24 -9.42 4.36
CA SER B 901 -71.33 -8.33 4.04
C SER B 901 -71.70 -7.05 4.78
N ARG B 902 -71.69 -7.13 6.11
CA ARG B 902 -72.00 -5.98 6.95
C ARG B 902 -71.11 -5.94 8.18
N PRO B 903 -70.73 -4.73 8.58
CA PRO B 903 -69.90 -4.54 9.77
C PRO B 903 -70.70 -4.78 11.04
N PHE B 904 -70.24 -5.74 11.85
CA PHE B 904 -70.86 -6.01 13.14
C PHE B 904 -70.69 -4.83 14.10
N GLN B 905 -71.42 -4.87 15.21
CA GLN B 905 -71.39 -3.79 16.18
C GLN B 905 -71.60 -4.32 17.60
N PHE B 906 -71.19 -3.54 18.59
CA PHE B 906 -71.20 -3.98 19.98
C PHE B 906 -71.83 -2.93 20.88
N ASP B 907 -73.09 -2.61 20.62
CA ASP B 907 -73.75 -1.51 21.32
C ASP B 907 -74.99 -2.01 22.07
N ALA B 908 -75.33 -3.27 21.86
CA ALA B 908 -76.53 -3.85 22.46
C ALA B 908 -77.78 -3.19 21.91
N ALA B 909 -77.66 -2.55 20.76
CA ALA B 909 -78.81 -1.92 20.10
C ALA B 909 -79.60 -2.94 19.30
N ASN B 910 -78.90 -3.76 18.52
CA ASN B 910 -79.56 -4.76 17.68
C ASN B 910 -78.89 -6.11 17.84
N MET B 911 -79.11 -6.75 18.98
CA MET B 911 -78.57 -8.09 19.24
C MET B 911 -79.64 -9.15 19.06
N ASP B 912 -79.27 -10.25 18.40
CA ASP B 912 -80.22 -11.32 18.11
C ASP B 912 -79.50 -12.65 17.95
N LEU B 913 -79.17 -13.29 19.06
CA LEU B 913 -78.24 -14.42 19.06
C LEU B 913 -78.99 -15.75 19.17
N GLU B 914 -79.72 -15.91 20.27
CA GLU B 914 -80.77 -16.92 20.33
C GLU B 914 -80.20 -18.29 20.71
N ASN B 915 -81.06 -19.30 20.69
CA ASN B 915 -80.77 -20.56 21.37
C ASN B 915 -79.28 -20.90 21.28
N ASN B 916 -78.91 -21.56 20.18
CA ASN B 916 -77.68 -22.33 20.14
C ASN B 916 -76.72 -21.81 19.08
N SER B 917 -76.38 -20.52 19.18
CA SER B 917 -75.39 -19.93 18.29
C SER B 917 -74.06 -19.74 19.02
N ILE B 918 -73.00 -20.29 18.44
CA ILE B 918 -71.66 -20.19 19.03
C ILE B 918 -70.84 -19.10 18.35
N TYR B 919 -70.67 -17.99 19.03
CA TYR B 919 -69.99 -16.82 18.44
C TYR B 919 -68.52 -16.79 18.82
N LEU B 920 -67.67 -16.58 17.81
CA LEU B 920 -66.25 -16.35 18.07
C LEU B 920 -65.90 -14.87 17.95
N PHE B 921 -65.14 -14.37 18.91
CA PHE B 921 -64.67 -12.99 18.89
C PHE B 921 -63.15 -12.92 19.01
N ILE B 922 -62.46 -13.24 17.92
CA ILE B 922 -61.01 -13.34 17.94
C ILE B 922 -60.37 -11.98 18.22
N ALA B 923 -59.99 -11.28 17.15
CA ALA B 923 -59.23 -10.05 17.28
C ALA B 923 -60.04 -8.85 16.79
N VAL B 924 -61.32 -9.08 16.53
CA VAL B 924 -62.16 -8.05 15.91
C VAL B 924 -62.74 -7.11 16.96
N ILE B 925 -62.50 -7.43 18.23
CA ILE B 925 -62.90 -6.56 19.33
C ILE B 925 -61.76 -5.64 19.75
N MET B 926 -60.68 -5.67 18.98
CA MET B 926 -59.55 -4.77 19.21
C MET B 926 -59.65 -3.53 18.33
N ASN B 927 -58.84 -3.49 17.29
CA ASN B 927 -58.69 -2.27 16.48
C ASN B 927 -59.90 -2.04 15.59
N GLU B 928 -59.78 -1.07 14.69
CA GLU B 928 -60.92 -0.62 13.91
C GLU B 928 -61.10 -1.47 12.65
N PRO B 929 -62.24 -1.32 12.00
CA PRO B 929 -62.57 -2.12 10.82
C PRO B 929 -61.52 -1.94 9.72
N ASN B 930 -60.86 -0.79 9.74
CA ASN B 930 -59.84 -0.48 8.74
C ASN B 930 -58.50 -1.12 9.11
N GLY B 931 -57.91 -0.63 10.21
CA GLY B 931 -56.66 -1.18 10.70
C GLY B 931 -55.93 -0.17 11.60
N ALA B 932 -56.67 0.81 12.10
CA ALA B 932 -56.13 1.79 13.03
C ALA B 932 -55.87 1.17 14.40
N ALA B 933 -56.08 1.95 15.45
CA ALA B 933 -56.02 1.44 16.81
C ALA B 933 -57.03 2.13 17.70
N THR B 934 -57.64 1.37 18.60
CA THR B 934 -58.70 1.87 19.46
C THR B 934 -58.22 2.04 20.89
N PRO B 935 -58.90 2.90 21.64
CA PRO B 935 -58.62 3.08 23.06
C PRO B 935 -58.81 1.78 23.83
N ALA B 936 -58.45 1.79 25.11
CA ALA B 936 -58.65 0.63 25.97
C ALA B 936 -59.96 0.76 26.75
N ARG B 937 -60.57 1.93 26.70
CA ARG B 937 -61.82 2.18 27.41
C ARG B 937 -63.02 2.02 26.48
N MET B 938 -62.75 1.87 25.20
CA MET B 938 -63.80 1.66 24.21
C MET B 938 -63.94 0.18 23.85
N GLN B 939 -63.03 -0.64 24.37
CA GLN B 939 -63.06 -2.07 24.12
C GLN B 939 -63.82 -2.80 25.21
N MET B 940 -64.01 -2.13 26.34
CA MET B 940 -64.78 -2.70 27.46
C MET B 940 -66.27 -2.77 27.11
N ASP B 941 -66.74 -1.82 26.32
CA ASP B 941 -68.13 -1.80 25.89
C ASP B 941 -68.45 -3.00 25.00
N LYS B 942 -67.43 -3.54 24.35
CA LYS B 942 -67.60 -4.67 23.46
C LYS B 942 -67.78 -5.97 24.25
N ILE B 943 -67.67 -5.87 25.57
CA ILE B 943 -67.98 -6.99 26.44
C ILE B 943 -69.22 -6.72 27.28
N ARG B 944 -69.37 -5.46 27.71
CA ARG B 944 -70.54 -5.05 28.49
C ARG B 944 -71.82 -5.20 27.69
N ASN B 945 -71.75 -4.89 26.40
CA ASN B 945 -72.93 -4.82 25.55
C ASN B 945 -73.30 -6.18 25.01
N VAL B 946 -72.30 -7.03 24.81
CA VAL B 946 -72.54 -8.42 24.46
C VAL B 946 -73.16 -9.20 25.62
N ALA B 947 -72.67 -8.93 26.83
CA ALA B 947 -73.23 -9.54 28.03
C ALA B 947 -74.66 -9.10 28.26
N THR B 948 -74.89 -7.79 28.19
CA THR B 948 -76.21 -7.23 28.46
C THR B 948 -77.29 -7.96 27.68
N ALA B 949 -77.03 -8.21 26.41
CA ALA B 949 -77.95 -8.99 25.57
C ALA B 949 -77.94 -10.46 25.97
N MET B 950 -76.75 -11.00 26.22
CA MET B 950 -76.59 -12.43 26.46
C MET B 950 -77.36 -12.86 27.69
N LEU B 951 -77.62 -11.93 28.60
CA LEU B 951 -78.29 -12.22 29.85
C LEU B 951 -79.66 -12.81 29.61
N THR B 952 -80.29 -12.43 28.50
CA THR B 952 -81.67 -12.82 28.22
C THR B 952 -81.72 -13.93 27.18
N ARG B 953 -80.64 -14.09 26.43
CA ARG B 953 -80.57 -15.11 25.39
C ARG B 953 -80.32 -16.49 26.00
N THR B 954 -81.04 -17.49 25.49
CA THR B 954 -80.98 -18.84 26.05
C THR B 954 -79.58 -19.42 25.93
N ASN B 955 -79.12 -20.06 27.00
CA ASN B 955 -77.80 -20.67 27.02
C ASN B 955 -77.11 -20.52 25.67
N CYS B 956 -76.30 -19.48 25.54
CA CYS B 956 -75.60 -19.20 24.28
C CYS B 956 -74.17 -18.75 24.52
N VAL B 957 -73.25 -19.69 24.49
CA VAL B 957 -71.84 -19.40 24.75
C VAL B 957 -71.30 -18.39 23.76
N ALA B 958 -70.60 -17.38 24.26
CA ALA B 958 -69.78 -16.51 23.42
C ALA B 958 -68.30 -16.65 23.76
N TYR B 959 -67.50 -16.95 22.75
CA TYR B 959 -66.06 -17.09 22.93
C TYR B 959 -65.33 -15.81 22.57
N ILE B 960 -64.70 -15.18 23.55
CA ILE B 960 -64.02 -13.90 23.35
C ILE B 960 -62.55 -14.00 23.72
N SER B 961 -61.70 -13.44 22.87
CA SER B 961 -60.28 -13.38 23.13
C SER B 961 -59.78 -11.94 23.18
N PHE B 962 -58.97 -11.63 24.19
CA PHE B 962 -58.41 -10.29 24.34
C PHE B 962 -57.06 -10.33 25.04
N TYR B 963 -56.28 -9.26 24.87
CA TYR B 963 -54.93 -9.21 25.42
C TYR B 963 -54.96 -8.89 26.90
N GLU B 964 -54.00 -9.44 27.65
CA GLU B 964 -53.88 -9.17 29.07
C GLU B 964 -52.79 -8.14 29.34
N ALA B 965 -53.14 -7.09 30.09
CA ALA B 965 -52.16 -6.11 30.53
C ALA B 965 -51.15 -6.72 31.48
N GLY B 966 -50.08 -5.97 31.78
CA GLY B 966 -48.96 -6.50 32.53
C GLY B 966 -47.77 -6.77 31.61
N ILE B 967 -48.06 -7.10 30.35
CA ILE B 967 -47.01 -7.22 29.34
C ILE B 967 -46.21 -5.93 29.23
N ILE B 968 -46.90 -4.80 29.22
CA ILE B 968 -46.24 -3.50 29.32
C ILE B 968 -44.78 -3.65 29.71
N THR B 969 -44.54 -4.16 30.91
CA THR B 969 -43.20 -4.13 31.50
C THR B 969 -42.52 -5.49 31.37
N ARG B 970 -43.33 -6.54 31.18
CA ARG B 970 -42.83 -7.91 31.19
C ARG B 970 -41.97 -8.18 29.96
N LEU B 971 -42.27 -7.49 28.86
CA LEU B 971 -41.47 -7.61 27.65
C LEU B 971 -40.61 -6.37 27.44
N ASP B 972 -40.50 -5.55 28.48
CA ASP B 972 -39.65 -4.36 28.43
C ASP B 972 -38.28 -4.64 29.03
N GLN B 973 -38.25 -5.45 30.08
CA GLN B 973 -37.00 -5.80 30.74
C GLN B 973 -36.31 -6.96 30.04
N SER B 974 -37.05 -7.67 29.20
CA SER B 974 -36.51 -8.79 28.44
C SER B 974 -35.46 -8.32 27.43
N THR B 975 -34.66 -9.25 26.93
CA THR B 975 -33.65 -8.94 25.94
C THR B 975 -34.05 -9.44 24.57
N ALA B 976 -34.75 -10.56 24.53
CA ALA B 976 -35.39 -11.04 23.31
C ALA B 976 -36.58 -10.15 22.94
N HIS B 977 -36.52 -9.57 21.75
CA HIS B 977 -37.55 -8.64 21.29
C HIS B 977 -37.61 -8.58 19.77
N LYS B 978 -37.04 -9.60 19.12
CA LYS B 978 -37.17 -9.76 17.68
C LYS B 978 -38.62 -9.59 17.23
N THR B 979 -39.52 -10.31 17.89
CA THR B 979 -40.95 -10.09 17.71
C THR B 979 -41.59 -9.59 19.00
N ILE B 980 -42.91 -9.62 19.04
CA ILE B 980 -43.66 -9.13 20.21
C ILE B 980 -43.04 -7.84 20.75
N ARG B 981 -42.72 -6.92 19.84
CA ARG B 981 -42.11 -5.66 20.22
C ARG B 981 -43.12 -4.74 20.90
N VAL B 982 -42.64 -3.93 21.85
CA VAL B 982 -43.51 -2.99 22.55
C VAL B 982 -43.09 -1.56 22.26
N GLU B 983 -43.98 -0.81 21.60
CA GLU B 983 -43.70 0.58 21.26
C GLU B 983 -44.14 1.52 22.38
N GLU B 984 -43.51 1.38 23.53
CA GLU B 984 -43.82 2.22 24.69
C GLU B 984 -45.26 2.75 24.61
N GLY B 985 -46.20 1.94 25.07
CA GLY B 985 -47.59 2.38 25.18
C GLY B 985 -48.53 1.40 24.49
N ARG B 986 -47.98 0.60 23.59
CA ARG B 986 -48.79 -0.28 22.74
C ARG B 986 -48.04 -1.56 22.39
N LEU B 987 -48.78 -2.64 22.22
CA LEU B 987 -48.20 -3.93 21.85
C LEU B 987 -48.18 -4.09 20.34
N LYS B 988 -47.02 -4.51 19.81
CA LYS B 988 -46.84 -4.61 18.37
C LYS B 988 -46.71 -6.06 17.93
N VAL B 989 -47.83 -6.76 17.88
CA VAL B 989 -47.84 -8.17 17.50
C VAL B 989 -48.09 -8.33 16.00
N ALA B 990 -47.17 -9.04 15.34
CA ALA B 990 -47.24 -9.21 13.88
C ALA B 990 -47.12 -7.88 13.17
N ASN B 991 -48.19 -7.48 12.47
CA ASN B 991 -48.22 -6.20 11.79
C ASN B 991 -49.29 -5.29 12.38
N TYR B 992 -50.31 -4.97 11.59
CA TYR B 992 -51.39 -4.10 12.05
C TYR B 992 -50.86 -2.78 12.59
N VAL B 993 -51.60 -2.19 13.51
CA VAL B 993 -51.08 -1.06 14.30
C VAL B 993 -51.08 -1.38 15.78
N PRO B 994 -50.00 -1.03 16.46
CA PRO B 994 -49.84 -1.34 17.87
C PRO B 994 -51.11 -1.02 18.66
N VAL B 995 -51.54 -1.95 19.49
CA VAL B 995 -52.82 -1.85 20.18
C VAL B 995 -52.64 -1.62 21.67
N ASP B 996 -53.65 -1.04 22.31
CA ASP B 996 -53.60 -0.77 23.74
C ASP B 996 -53.84 -2.05 24.55
N THR B 997 -53.31 -2.07 25.76
CA THR B 997 -53.51 -3.21 26.67
C THR B 997 -54.81 -3.07 27.44
N LEU B 998 -55.28 -4.19 27.99
CA LEU B 998 -56.48 -4.19 28.82
C LEU B 998 -56.17 -4.64 30.24
N VAL B 999 -56.42 -3.75 31.20
CA VAL B 999 -56.16 -4.05 32.60
C VAL B 999 -57.02 -5.21 33.09
N GLU B 1000 -56.40 -6.37 33.27
CA GLU B 1000 -57.13 -7.59 33.58
C GLU B 1000 -57.80 -7.49 34.95
N ALA B 1001 -57.19 -6.72 35.85
CA ALA B 1001 -57.72 -6.53 37.19
C ALA B 1001 -59.07 -5.83 37.15
N ASP B 1002 -59.27 -5.01 36.12
CA ASP B 1002 -60.50 -4.24 35.99
C ASP B 1002 -61.51 -4.96 35.11
N VAL B 1003 -61.01 -5.61 34.07
CA VAL B 1003 -61.88 -6.33 33.13
C VAL B 1003 -62.60 -7.48 33.82
N THR B 1004 -61.91 -8.14 34.75
CA THR B 1004 -62.50 -9.23 35.51
C THR B 1004 -63.48 -8.71 36.54
N LEU B 1005 -63.11 -7.63 37.22
CA LEU B 1005 -63.90 -7.10 38.32
C LEU B 1005 -65.23 -6.54 37.82
N MET B 1006 -65.20 -5.93 36.64
CA MET B 1006 -66.35 -5.19 36.12
C MET B 1006 -67.43 -6.13 35.63
N LEU B 1007 -67.09 -7.42 35.53
CA LEU B 1007 -68.03 -8.42 35.06
C LEU B 1007 -68.58 -9.26 36.20
N ARG B 1008 -68.53 -8.70 37.41
CA ARG B 1008 -68.98 -9.42 38.60
C ARG B 1008 -70.26 -8.80 39.15
N ASP B 1009 -70.95 -8.03 38.32
CA ASP B 1009 -72.18 -7.37 38.74
C ASP B 1009 -73.17 -7.25 37.58
N ILE B 1010 -72.65 -7.41 36.36
CA ILE B 1010 -73.51 -7.43 35.18
C ILE B 1010 -73.67 -8.84 34.63
N GLY B 1011 -72.54 -9.48 34.33
CA GLY B 1011 -72.57 -10.82 33.73
C GLY B 1011 -72.87 -11.88 34.76
N ILE B 1012 -72.98 -13.14 34.31
CA ILE B 1012 -73.27 -14.26 35.21
C ILE B 1012 -72.15 -15.28 35.17
N THR B 1013 -71.84 -15.78 33.97
CA THR B 1013 -70.85 -16.83 33.81
C THR B 1013 -69.72 -16.38 32.88
N HIS B 1014 -68.49 -16.56 33.33
CA HIS B 1014 -67.33 -16.06 32.60
C HIS B 1014 -66.05 -16.78 33.04
N GLU B 1015 -65.74 -17.89 32.35
CA GLU B 1015 -64.59 -18.70 32.70
C GLU B 1015 -63.43 -18.45 31.73
N ILE B 1016 -62.29 -18.07 32.28
CA ILE B 1016 -61.12 -17.76 31.46
C ILE B 1016 -60.21 -18.98 31.30
N ILE B 1017 -60.08 -19.45 30.07
CA ILE B 1017 -59.32 -20.67 29.80
C ILE B 1017 -58.12 -20.38 28.89
N ARG B 1018 -56.93 -20.65 29.40
CA ARG B 1018 -55.71 -20.38 28.65
C ARG B 1018 -55.17 -21.65 28.00
N PRO B 1019 -54.76 -21.54 26.74
CA PRO B 1019 -54.19 -22.68 26.02
C PRO B 1019 -52.98 -23.25 26.76
N SER B 1020 -52.92 -24.56 26.86
CA SER B 1020 -51.85 -25.23 27.60
C SER B 1020 -51.11 -26.22 26.71
N THR B 1021 -50.22 -27.00 27.32
CA THR B 1021 -49.27 -27.81 26.57
C THR B 1021 -49.98 -28.79 25.64
N PRO B 1022 -51.00 -29.44 26.16
CA PRO B 1022 -51.73 -30.45 25.41
C PRO B 1022 -52.14 -29.91 24.04
N GLU B 1023 -52.41 -28.62 23.97
CA GLU B 1023 -52.82 -27.98 22.72
C GLU B 1023 -51.63 -27.78 21.79
N LEU B 1024 -50.46 -27.57 22.38
CA LEU B 1024 -49.23 -27.40 21.62
C LEU B 1024 -48.81 -28.71 20.95
N ILE B 1025 -48.91 -29.80 21.70
CA ILE B 1025 -48.52 -31.11 21.18
C ILE B 1025 -49.42 -31.54 20.03
N ASP B 1026 -50.73 -31.41 20.23
CA ASP B 1026 -51.70 -31.79 19.21
C ASP B 1026 -51.56 -30.95 17.96
N ALA B 1027 -51.25 -29.66 18.15
CA ALA B 1027 -51.06 -28.74 17.04
C ALA B 1027 -49.86 -29.13 16.18
N CYS B 1028 -48.75 -29.45 16.85
CA CYS B 1028 -47.50 -29.74 16.16
C CYS B 1028 -47.54 -31.12 15.51
N SER B 1029 -48.34 -32.01 16.09
CA SER B 1029 -48.40 -33.39 15.63
C SER B 1029 -49.29 -33.54 14.41
N ASN B 1030 -50.44 -32.87 14.44
CA ASN B 1030 -51.40 -32.95 13.36
C ASN B 1030 -50.89 -32.26 12.10
N TYR B 1031 -50.40 -31.03 12.27
CA TYR B 1031 -49.93 -30.24 11.14
C TYR B 1031 -48.51 -30.65 10.75
N GLY B 1032 -47.75 -31.17 11.70
CA GLY B 1032 -46.36 -31.51 11.48
C GLY B 1032 -45.49 -30.26 11.44
N ILE B 1033 -45.48 -29.52 12.54
CA ILE B 1033 -44.80 -28.23 12.59
C ILE B 1033 -43.81 -28.18 13.75
N ARG B 1034 -42.54 -27.93 13.42
CA ARG B 1034 -41.52 -27.72 14.43
C ARG B 1034 -41.72 -26.39 15.15
N LEU B 1035 -41.13 -26.27 16.35
CA LEU B 1035 -41.15 -25.01 17.08
C LEU B 1035 -39.94 -24.15 16.73
N GLY B 1036 -40.14 -22.84 16.75
CA GLY B 1036 -39.22 -21.92 16.10
C GLY B 1036 -38.02 -21.61 16.99
N SER B 1037 -37.76 -22.50 17.94
CA SER B 1037 -36.57 -22.39 18.78
C SER B 1037 -36.51 -21.06 19.50
N THR B 1038 -36.01 -20.04 18.81
CA THR B 1038 -35.89 -18.71 19.38
C THR B 1038 -37.26 -18.05 19.51
N GLY B 1039 -38.23 -18.58 18.78
CA GLY B 1039 -39.62 -18.15 18.93
C GLY B 1039 -40.35 -19.02 19.97
N GLY B 1040 -39.72 -20.12 20.36
CA GLY B 1040 -40.25 -20.97 21.41
C GLY B 1040 -40.22 -20.27 22.76
N ALA B 1041 -39.15 -19.52 23.01
CA ALA B 1041 -39.06 -18.67 24.19
C ALA B 1041 -40.12 -17.57 24.16
N VAL B 1042 -40.52 -17.18 22.95
CA VAL B 1042 -41.59 -16.20 22.78
C VAL B 1042 -42.94 -16.82 23.08
N LEU B 1043 -43.14 -18.06 22.63
CA LEU B 1043 -44.44 -18.70 22.70
C LEU B 1043 -44.89 -18.91 24.13
N ASP B 1044 -43.97 -19.42 24.96
CA ASP B 1044 -44.32 -19.91 26.29
C ASP B 1044 -44.55 -18.75 27.26
N VAL B 1045 -44.42 -17.53 26.76
CA VAL B 1045 -44.77 -16.34 27.53
C VAL B 1045 -45.94 -15.60 26.89
N PHE B 1046 -45.84 -15.35 25.59
CA PHE B 1046 -46.89 -14.65 24.86
C PHE B 1046 -48.21 -15.41 24.93
N ASN B 1047 -48.13 -16.74 24.89
CA ASN B 1047 -49.31 -17.58 24.94
C ASN B 1047 -50.17 -17.25 26.15
N HIS B 1048 -49.53 -17.09 27.30
CA HIS B 1048 -50.24 -17.00 28.57
C HIS B 1048 -51.11 -15.74 28.64
N TYR B 1049 -50.55 -14.63 28.18
CA TYR B 1049 -51.16 -13.33 28.40
C TYR B 1049 -52.08 -12.94 27.24
N SER B 1050 -52.69 -13.95 26.62
CA SER B 1050 -53.82 -13.71 25.73
C SER B 1050 -55.02 -14.57 26.11
N PRO B 1051 -55.73 -14.15 27.15
CA PRO B 1051 -56.81 -14.96 27.71
C PRO B 1051 -57.90 -15.21 26.67
N VAL B 1052 -58.47 -16.41 26.70
CA VAL B 1052 -59.71 -16.68 25.98
C VAL B 1052 -60.87 -16.88 26.94
N ILE B 1053 -61.70 -15.84 27.09
CA ILE B 1053 -62.77 -15.85 28.08
C ILE B 1053 -64.04 -16.46 27.50
N LYS B 1054 -64.56 -17.48 28.17
CA LYS B 1054 -65.76 -18.16 27.72
C LYS B 1054 -67.00 -17.67 28.46
N LEU B 1055 -67.88 -16.98 27.74
CA LEU B 1055 -69.11 -16.47 28.33
C LEU B 1055 -70.29 -17.39 28.02
N VAL B 1056 -70.38 -18.49 28.75
CA VAL B 1056 -71.46 -19.45 28.56
C VAL B 1056 -72.55 -19.28 29.60
N ARG B 1057 -73.54 -18.44 29.27
CA ARG B 1057 -74.59 -18.10 30.22
C ARG B 1057 -75.97 -18.24 29.58
N SER B 1058 -76.99 -18.39 30.41
CA SER B 1058 -78.35 -18.54 29.93
C SER B 1058 -79.26 -17.46 30.52
N MET C 1 -43.92 -49.30 31.50
CA MET C 1 -44.47 -49.29 30.16
C MET C 1 -44.12 -48.01 29.43
N TRP C 2 -43.00 -48.01 28.72
CA TRP C 2 -42.58 -46.87 27.92
C TRP C 2 -42.81 -47.13 26.43
N HIS C 3 -42.53 -48.35 26.01
CA HIS C 3 -42.70 -48.73 24.61
C HIS C 3 -42.34 -47.59 23.67
N TYR C 4 -41.04 -47.32 23.54
CA TYR C 4 -40.55 -46.35 22.58
C TYR C 4 -40.85 -46.78 21.15
N THR C 5 -40.73 -45.84 20.22
CA THR C 5 -41.14 -46.08 18.84
C THR C 5 -40.00 -45.74 17.87
N SER C 6 -40.20 -46.10 16.61
CA SER C 6 -39.19 -45.83 15.58
C SER C 6 -39.78 -46.02 14.18
N ILE C 7 -39.01 -45.63 13.17
CA ILE C 7 -39.42 -45.82 11.78
C ILE C 7 -38.52 -46.83 11.07
N ASN C 8 -39.12 -47.90 10.57
CA ASN C 8 -38.37 -48.97 9.93
C ASN C 8 -38.59 -48.98 8.42
N ASN C 9 -37.56 -48.62 7.67
CA ASN C 9 -37.65 -48.56 6.21
C ASN C 9 -36.30 -48.86 5.57
N ASP C 10 -36.29 -49.77 4.61
CA ASP C 10 -35.06 -50.16 3.92
C ASP C 10 -34.29 -48.93 3.47
N THR C 11 -32.97 -48.96 3.66
CA THR C 11 -32.12 -47.81 3.34
C THR C 11 -31.26 -48.10 2.11
N ARG C 12 -31.14 -49.37 1.77
CA ARG C 12 -30.42 -49.77 0.56
C ARG C 12 -31.35 -49.85 -0.63
N VAL C 13 -32.53 -50.44 -0.43
CA VAL C 13 -33.50 -50.61 -1.49
C VAL C 13 -33.87 -49.26 -2.12
N ALA C 14 -33.85 -48.21 -1.30
CA ALA C 14 -34.26 -46.88 -1.74
C ALA C 14 -33.06 -46.06 -2.19
N LEU C 15 -32.06 -46.73 -2.75
CA LEU C 15 -30.89 -46.05 -3.30
C LEU C 15 -30.81 -46.22 -4.81
N ASP C 16 -31.32 -47.34 -5.30
CA ASP C 16 -31.19 -47.68 -6.72
C ASP C 16 -31.92 -46.66 -7.59
N PRO C 17 -31.20 -46.12 -8.56
CA PRO C 17 -31.77 -45.14 -9.49
C PRO C 17 -32.90 -45.75 -10.30
N LYS C 18 -33.65 -44.90 -11.00
CA LYS C 18 -34.71 -45.36 -11.90
C LYS C 18 -34.12 -46.00 -13.15
N PRO C 19 -34.93 -46.79 -13.85
CA PRO C 19 -34.47 -47.52 -15.01
C PRO C 19 -34.26 -46.60 -16.20
N ASN C 20 -34.92 -45.45 -16.18
CA ASN C 20 -34.77 -44.47 -17.25
C ASN C 20 -33.96 -43.27 -16.78
N GLN C 21 -33.53 -43.31 -15.52
CA GLN C 21 -32.63 -42.30 -14.99
C GLN C 21 -31.24 -42.88 -14.72
N ILE C 22 -31.16 -44.20 -14.68
CA ILE C 22 -29.87 -44.88 -14.55
C ILE C 22 -28.90 -44.43 -15.63
N ARG C 23 -29.45 -44.06 -16.79
CA ARG C 23 -28.65 -43.46 -17.85
C ARG C 23 -27.97 -42.19 -17.38
N THR C 24 -28.70 -41.37 -16.63
CA THR C 24 -28.27 -40.01 -16.33
C THR C 24 -27.15 -39.99 -15.31
N ILE C 25 -27.23 -40.89 -14.33
CA ILE C 25 -26.43 -40.77 -13.12
C ILE C 25 -25.11 -41.52 -13.24
N THR C 26 -24.80 -41.96 -14.45
CA THR C 26 -23.64 -42.80 -14.68
C THR C 26 -22.63 -42.12 -15.59
N LYS C 27 -22.96 -42.01 -16.87
CA LYS C 27 -22.02 -41.50 -17.86
C LYS C 27 -22.13 -39.99 -18.00
N PRO C 28 -23.36 -39.48 -18.00
CA PRO C 28 -23.62 -38.08 -18.25
C PRO C 28 -23.20 -37.22 -17.07
N ASN C 29 -22.48 -37.82 -16.13
CA ASN C 29 -21.88 -37.09 -15.03
C ASN C 29 -20.61 -36.36 -15.47
N THR C 30 -20.47 -36.18 -16.78
CA THR C 30 -19.35 -35.41 -17.33
C THR C 30 -19.70 -33.93 -17.43
N VAL C 31 -20.98 -33.62 -17.33
CA VAL C 31 -21.44 -32.24 -17.35
C VAL C 31 -21.06 -31.51 -16.07
N PRO C 32 -21.45 -32.07 -14.93
CA PRO C 32 -20.96 -31.61 -13.64
C PRO C 32 -19.51 -32.00 -13.43
N GLN C 33 -18.90 -31.47 -12.38
CA GLN C 33 -17.49 -31.71 -12.10
C GLN C 33 -17.28 -32.05 -10.62
N LEU C 34 -17.98 -33.07 -10.15
CA LEU C 34 -17.75 -33.59 -8.80
C LEU C 34 -17.64 -32.46 -7.79
N GLY C 35 -16.65 -32.56 -6.91
CA GLY C 35 -16.24 -31.44 -6.08
C GLY C 35 -16.51 -31.71 -4.60
N THR C 36 -17.76 -32.05 -4.29
CA THR C 36 -18.21 -32.11 -2.91
C THR C 36 -18.78 -33.48 -2.57
N ASP C 37 -19.20 -34.21 -3.60
CA ASP C 37 -19.91 -35.47 -3.41
C ASP C 37 -19.02 -36.50 -2.72
N TYR C 38 -17.86 -36.76 -3.32
CA TYR C 38 -16.92 -37.72 -2.76
C TYR C 38 -16.17 -37.13 -1.57
N LEU C 39 -15.65 -38.00 -0.71
CA LEU C 39 -14.98 -37.57 0.50
C LEU C 39 -13.48 -37.89 0.44
N TYR C 40 -12.66 -36.89 0.68
CA TYR C 40 -11.20 -37.07 0.70
C TYR C 40 -10.56 -36.26 1.83
N THR C 41 -9.87 -36.95 2.71
CA THR C 41 -8.97 -36.31 3.66
C THR C 41 -7.58 -36.92 3.62
N PHE C 42 -6.56 -36.10 3.86
CA PHE C 42 -5.17 -36.55 3.81
C PHE C 42 -4.49 -36.38 5.16
N ASN C 43 -3.88 -37.45 5.65
CA ASN C 43 -3.19 -37.42 6.94
C ASN C 43 -1.71 -37.79 6.80
N SER C 44 -0.85 -37.02 7.47
CA SER C 44 0.58 -37.26 7.43
C SER C 44 1.02 -38.20 8.56
N GLN C 45 0.22 -39.24 8.80
CA GLN C 45 0.51 -40.20 9.86
C GLN C 45 2.01 -40.46 9.96
N ARG C 46 2.60 -40.96 8.88
CA ARG C 46 1.84 -41.26 7.67
C ARG C 46 1.93 -42.74 7.30
N ARG C 47 1.30 -43.11 6.19
CA ARG C 47 0.56 -42.16 5.38
C ARG C 47 -0.85 -42.66 5.08
N SER C 48 -1.80 -41.74 4.98
CA SER C 48 -3.18 -42.09 4.70
C SER C 48 -3.65 -41.47 3.39
N HIS C 49 -4.45 -42.22 2.65
CA HIS C 49 -5.09 -41.70 1.44
C HIS C 49 -6.55 -42.12 1.35
N THR C 50 -7.34 -41.70 2.34
CA THR C 50 -8.72 -42.13 2.44
C THR C 50 -9.59 -41.41 1.42
N LEU C 51 -9.49 -41.83 0.16
CA LEU C 51 -10.41 -41.39 -0.87
C LEU C 51 -11.59 -42.33 -1.00
N ARG C 52 -12.78 -41.82 -0.68
CA ARG C 52 -13.97 -42.67 -0.58
C ARG C 52 -15.13 -42.09 -1.36
N LEU C 53 -15.53 -42.78 -2.42
CA LEU C 53 -16.71 -42.39 -3.20
C LEU C 53 -17.99 -42.63 -2.42
N LEU C 54 -18.91 -41.67 -2.47
CA LEU C 54 -20.23 -41.84 -1.89
C LEU C 54 -21.29 -42.03 -2.96
N GLY C 55 -22.52 -42.30 -2.52
CA GLY C 55 -23.61 -42.63 -3.43
C GLY C 55 -23.68 -41.64 -4.59
N PRO C 56 -24.08 -42.12 -5.76
CA PRO C 56 -24.60 -43.48 -5.89
C PRO C 56 -23.48 -44.44 -6.26
N PHE C 57 -22.24 -44.04 -6.01
CA PHE C 57 -21.08 -44.84 -6.39
C PHE C 57 -20.50 -45.56 -5.18
N GLN C 58 -21.33 -45.80 -4.17
CA GLN C 58 -20.92 -46.58 -3.01
C GLN C 58 -21.43 -48.01 -3.11
N TYR C 59 -20.72 -48.93 -2.47
CA TYR C 59 -21.00 -50.35 -2.61
C TYR C 59 -20.70 -50.83 -4.02
N PHE C 60 -19.99 -50.02 -4.78
CA PHE C 60 -19.63 -50.36 -6.16
C PHE C 60 -18.25 -51.01 -6.21
N ASN C 61 -18.23 -52.27 -6.64
CA ASN C 61 -16.96 -52.98 -6.84
C ASN C 61 -16.34 -52.62 -8.18
N PHE C 62 -15.02 -52.81 -8.29
CA PHE C 62 -14.28 -52.35 -9.45
C PHE C 62 -13.70 -53.52 -10.23
N SER C 63 -13.84 -53.47 -11.56
CA SER C 63 -13.26 -54.48 -12.42
C SER C 63 -11.74 -54.28 -12.56
N GLU C 64 -11.01 -55.38 -12.58
CA GLU C 64 -9.55 -55.33 -12.61
C GLU C 64 -9.05 -54.82 -13.96
N THR C 65 -9.95 -54.73 -14.92
CA THR C 65 -9.61 -54.25 -16.26
C THR C 65 -9.57 -52.72 -16.30
N ASP C 66 -10.60 -52.10 -15.76
CA ASP C 66 -10.72 -50.64 -15.78
C ASP C 66 -10.41 -50.05 -14.42
N ARG C 67 -9.63 -50.76 -13.61
CA ARG C 67 -9.22 -50.28 -12.31
C ARG C 67 -7.86 -49.61 -12.38
N GLY C 68 -6.91 -50.29 -13.02
CA GLY C 68 -5.51 -49.88 -12.96
C GLY C 68 -5.16 -48.95 -14.11
N HIS C 69 -5.79 -49.16 -15.26
CA HIS C 69 -5.43 -48.46 -16.48
C HIS C 69 -5.81 -46.98 -16.40
N PRO C 70 -7.05 -46.71 -16.02
CA PRO C 70 -7.59 -45.36 -16.06
C PRO C 70 -6.88 -44.45 -15.07
N LEU C 71 -6.95 -44.80 -13.79
CA LEU C 71 -6.70 -43.85 -12.72
C LEU C 71 -5.81 -44.46 -11.65
N PHE C 72 -6.34 -45.44 -10.92
CA PHE C 72 -6.02 -45.61 -9.50
C PHE C 72 -4.52 -45.61 -9.27
N ARG C 73 -3.80 -46.33 -10.13
CA ARG C 73 -2.42 -46.72 -9.84
C ARG C 73 -1.56 -45.51 -9.51
N LEU C 74 -1.45 -44.60 -10.48
CA LEU C 74 -0.33 -43.66 -10.53
C LEU C 74 -0.46 -42.58 -9.47
N PRO C 75 -1.67 -42.07 -9.30
CA PRO C 75 -1.94 -41.02 -8.32
C PRO C 75 -1.50 -41.45 -6.93
N LEU C 76 -1.56 -42.75 -6.67
CA LEU C 76 -1.25 -43.28 -5.35
C LEU C 76 0.25 -43.24 -5.07
N LYS C 77 1.04 -43.42 -6.12
CA LYS C 77 2.46 -43.69 -5.97
C LYS C 77 3.29 -42.43 -6.20
N TYR C 78 2.76 -41.29 -5.75
CA TYR C 78 3.55 -40.07 -5.62
C TYR C 78 4.78 -40.31 -4.75
N PRO C 79 4.57 -40.93 -3.60
CA PRO C 79 3.24 -41.03 -3.01
C PRO C 79 2.94 -39.78 -2.17
N SER C 80 3.98 -39.07 -1.78
CA SER C 80 3.89 -38.13 -0.65
C SER C 80 3.44 -36.75 -1.14
N LYS C 81 2.18 -36.42 -0.87
CA LYS C 81 1.67 -35.09 -1.17
C LYS C 81 2.80 -34.05 -1.17
N ALA C 82 2.78 -33.18 -2.18
CA ALA C 82 2.43 -33.58 -3.54
C ALA C 82 0.93 -33.55 -3.75
N ILE C 83 0.44 -34.37 -4.68
CA ILE C 83 -0.98 -34.63 -4.82
C ILE C 83 -1.77 -33.33 -4.92
N PRO C 84 -1.49 -32.54 -5.96
CA PRO C 84 -2.22 -31.31 -6.20
C PRO C 84 -3.73 -31.56 -6.18
N ALA C 85 -4.47 -30.63 -5.58
CA ALA C 85 -5.92 -30.74 -5.49
C ALA C 85 -6.56 -30.85 -6.85
N ASP C 86 -5.88 -30.32 -7.87
CA ASP C 86 -6.37 -30.38 -9.24
C ASP C 86 -6.35 -31.81 -9.77
N GLU C 87 -5.36 -32.58 -9.34
CA GLU C 87 -5.18 -33.93 -9.83
C GLU C 87 -6.41 -34.80 -9.56
N LEU C 88 -6.93 -34.70 -8.35
CA LEU C 88 -8.05 -35.54 -7.93
C LEU C 88 -9.30 -35.27 -8.75
N ILE C 89 -9.62 -33.99 -8.90
CA ILE C 89 -10.85 -33.59 -9.57
C ILE C 89 -10.80 -33.94 -11.07
N ASP C 90 -9.68 -33.65 -11.70
CA ASP C 90 -9.55 -33.81 -13.14
C ASP C 90 -9.37 -35.28 -13.52
N ASN C 91 -8.64 -36.02 -12.69
CA ASN C 91 -8.30 -37.40 -12.98
C ASN C 91 -9.47 -38.33 -12.68
N LEU C 92 -10.16 -38.08 -11.58
CA LEU C 92 -11.34 -38.85 -11.21
C LEU C 92 -12.47 -38.63 -12.21
N HIS C 93 -12.56 -37.42 -12.74
CA HIS C 93 -13.45 -37.14 -13.86
C HIS C 93 -13.16 -38.05 -15.03
N SER C 94 -11.88 -38.22 -15.35
CA SER C 94 -11.49 -39.02 -16.50
C SER C 94 -11.94 -40.47 -16.35
N TRP C 95 -11.87 -40.97 -15.12
CA TRP C 95 -12.34 -42.32 -14.83
C TRP C 95 -13.84 -42.43 -14.97
N MET C 96 -14.57 -41.52 -14.32
CA MET C 96 -16.02 -41.60 -14.25
C MET C 96 -16.65 -41.31 -15.61
N ARG C 97 -15.86 -40.73 -16.52
CA ARG C 97 -16.30 -40.52 -17.88
C ARG C 97 -16.62 -41.85 -18.57
N SER C 98 -15.60 -42.68 -18.75
CA SER C 98 -15.74 -43.93 -19.49
C SER C 98 -16.25 -45.04 -18.58
N VAL C 99 -17.53 -45.00 -18.25
CA VAL C 99 -18.18 -46.09 -17.54
C VAL C 99 -19.68 -46.10 -17.80
N HIS C 100 -20.24 -47.30 -17.98
CA HIS C 100 -21.67 -47.45 -18.24
C HIS C 100 -22.14 -48.84 -17.86
N LEU C 101 -23.46 -48.97 -17.65
CA LEU C 101 -24.05 -50.28 -17.40
C LEU C 101 -25.02 -50.67 -18.51
N LEU C 102 -25.23 -51.97 -18.68
CA LEU C 102 -26.23 -52.47 -19.61
C LEU C 102 -27.63 -52.33 -19.03
N HIS C 103 -28.53 -51.73 -19.81
CA HIS C 103 -29.88 -51.45 -19.34
C HIS C 103 -30.83 -51.21 -20.50
N VAL C 104 -32.13 -51.26 -20.22
CA VAL C 104 -33.14 -50.92 -21.22
C VAL C 104 -34.05 -49.81 -20.72
N ARG C 105 -34.15 -48.75 -21.52
CA ARG C 105 -35.07 -47.66 -21.22
C ARG C 105 -36.52 -48.13 -21.26
N SER C 106 -37.29 -47.78 -20.24
CA SER C 106 -38.67 -48.24 -20.11
C SER C 106 -39.64 -47.07 -20.17
N GLU C 107 -40.93 -47.38 -20.14
CA GLU C 107 -41.97 -46.35 -20.15
C GLU C 107 -42.76 -46.35 -18.86
N ASP C 108 -42.95 -47.54 -18.27
CA ASP C 108 -43.64 -47.67 -17.01
C ASP C 108 -42.91 -46.92 -15.90
N ASN C 109 -43.65 -46.16 -15.11
CA ASN C 109 -43.05 -45.24 -14.15
C ASN C 109 -42.81 -45.92 -12.81
N THR C 110 -43.20 -47.19 -12.71
CA THR C 110 -43.14 -47.92 -11.46
C THR C 110 -42.14 -49.07 -11.54
N LEU C 111 -41.02 -48.83 -12.22
CA LEU C 111 -39.95 -49.81 -12.30
C LEU C 111 -38.68 -49.30 -11.62
N ARG C 112 -37.87 -50.23 -11.13
CA ARG C 112 -36.58 -49.87 -10.53
C ARG C 112 -35.46 -50.73 -11.08
N TYR C 113 -34.28 -50.13 -11.22
CA TYR C 113 -33.13 -50.83 -11.79
C TYR C 113 -32.26 -51.45 -10.70
N ASN C 114 -32.00 -52.75 -10.82
CA ASN C 114 -31.15 -53.44 -9.87
C ASN C 114 -29.69 -53.02 -10.04
N TRP C 115 -29.19 -52.26 -9.07
CA TRP C 115 -27.82 -51.75 -9.13
C TRP C 115 -26.82 -52.85 -8.78
N MET C 116 -27.05 -53.53 -7.66
CA MET C 116 -26.07 -54.45 -7.11
C MET C 116 -25.73 -55.55 -8.10
N LEU C 117 -26.74 -56.22 -8.62
CA LEU C 117 -26.54 -57.36 -9.51
C LEU C 117 -26.02 -56.91 -10.87
N GLY C 118 -26.44 -55.72 -11.29
CA GLY C 118 -26.07 -55.20 -12.59
C GLY C 118 -24.56 -54.97 -12.69
N VAL C 119 -24.01 -54.33 -11.66
CA VAL C 119 -22.59 -53.96 -11.67
C VAL C 119 -21.71 -55.17 -11.37
N TYR C 120 -22.29 -56.17 -10.71
CA TYR C 120 -21.58 -57.43 -10.46
C TYR C 120 -21.26 -58.15 -11.76
N ALA C 121 -22.25 -58.27 -12.64
CA ALA C 121 -22.06 -58.93 -13.93
C ALA C 121 -21.09 -58.16 -14.81
N ARG C 122 -21.29 -56.85 -14.90
CA ARG C 122 -20.46 -56.01 -15.74
C ARG C 122 -18.98 -56.15 -15.38
N SER C 123 -18.69 -56.18 -14.09
CA SER C 123 -17.32 -56.11 -13.61
C SER C 123 -16.56 -57.41 -13.91
N THR C 124 -17.31 -58.46 -14.23
CA THR C 124 -16.72 -59.77 -14.45
C THR C 124 -16.75 -60.15 -15.93
N ASN C 125 -17.14 -59.19 -16.77
CA ASN C 125 -17.12 -59.39 -18.21
C ASN C 125 -18.11 -60.47 -18.63
N TYR C 126 -19.17 -60.63 -17.84
CA TYR C 126 -20.27 -61.51 -18.23
C TYR C 126 -19.80 -62.95 -18.41
N THR C 127 -18.71 -63.29 -17.73
CA THR C 127 -18.06 -64.58 -17.92
C THR C 127 -18.92 -65.72 -17.35
N THR C 128 -19.45 -65.50 -16.14
CA THR C 128 -20.19 -66.54 -15.44
C THR C 128 -21.63 -66.61 -15.93
N PRO C 129 -22.28 -67.75 -15.68
CA PRO C 129 -23.64 -67.96 -16.13
C PRO C 129 -24.58 -66.89 -15.61
N VAL C 130 -24.26 -66.35 -14.44
CA VAL C 130 -25.09 -65.34 -13.81
C VAL C 130 -24.95 -63.99 -14.52
N GLY C 131 -23.77 -63.74 -15.08
CA GLY C 131 -23.48 -62.47 -15.71
C GLY C 131 -23.75 -62.53 -17.21
N GLN C 132 -23.83 -63.73 -17.75
CA GLN C 132 -24.16 -63.94 -19.16
C GLN C 132 -25.66 -63.83 -19.39
N LEU C 133 -26.43 -64.18 -18.36
CA LEU C 133 -27.89 -64.11 -18.44
C LEU C 133 -28.34 -62.70 -18.83
N VAL C 134 -27.63 -61.70 -18.33
CA VAL C 134 -28.07 -60.31 -18.46
C VAL C 134 -27.50 -59.66 -19.72
N VAL C 135 -26.94 -60.48 -20.59
CA VAL C 135 -26.41 -60.00 -21.87
C VAL C 135 -27.44 -60.17 -22.98
N ASN C 136 -28.00 -61.37 -23.09
CA ASN C 136 -29.02 -61.66 -24.10
C ASN C 136 -30.31 -60.90 -23.80
N ALA C 137 -30.60 -60.70 -22.52
CA ALA C 137 -31.80 -59.99 -22.11
C ALA C 137 -31.51 -59.05 -20.94
N PRO C 138 -31.08 -57.84 -21.27
CA PRO C 138 -30.66 -56.88 -20.25
C PRO C 138 -31.86 -56.26 -19.54
N ALA C 139 -33.06 -56.63 -19.99
CA ALA C 139 -34.29 -56.10 -19.41
C ALA C 139 -34.72 -56.90 -18.19
N ILE C 140 -33.94 -57.92 -17.86
CA ILE C 140 -34.24 -58.77 -16.71
C ILE C 140 -33.99 -58.04 -15.40
N LEU C 141 -33.18 -56.97 -15.47
CA LEU C 141 -32.73 -56.28 -14.27
C LEU C 141 -33.74 -55.23 -13.83
N ASN C 142 -34.81 -55.09 -14.59
CA ASN C 142 -35.91 -54.21 -14.22
C ASN C 142 -36.96 -54.94 -13.40
N TYR C 143 -37.33 -54.36 -12.27
CA TYR C 143 -38.34 -54.95 -11.39
C TYR C 143 -39.22 -53.88 -10.75
N SER C 144 -40.44 -54.27 -10.41
CA SER C 144 -41.38 -53.35 -9.78
C SER C 144 -41.50 -53.61 -8.29
N ASN C 145 -40.97 -54.74 -7.85
CA ASN C 145 -41.12 -55.17 -6.46
C ASN C 145 -39.88 -55.92 -5.98
N PRO C 146 -39.33 -55.47 -4.87
CA PRO C 146 -38.19 -56.15 -4.25
C PRO C 146 -38.48 -57.63 -4.04
N GLN C 147 -37.41 -58.41 -3.87
CA GLN C 147 -37.54 -59.87 -3.78
C GLN C 147 -37.74 -60.48 -5.16
N ASP C 148 -38.77 -60.00 -5.88
CA ASP C 148 -39.03 -60.48 -7.23
C ASP C 148 -37.90 -60.12 -8.18
N ALA C 149 -36.99 -59.26 -7.71
CA ALA C 149 -35.78 -58.94 -8.47
C ALA C 149 -34.90 -60.16 -8.65
N PHE C 150 -34.87 -61.02 -7.63
CA PHE C 150 -33.93 -62.13 -7.60
C PHE C 150 -34.60 -63.43 -8.03
N ASN C 151 -35.92 -63.49 -7.87
CA ASN C 151 -36.68 -64.69 -8.22
C ASN C 151 -36.56 -65.00 -9.70
N SER C 152 -36.19 -64.00 -10.49
CA SER C 152 -36.15 -64.14 -11.94
C SER C 152 -34.81 -64.69 -12.41
N VAL C 153 -33.82 -64.67 -11.51
CA VAL C 153 -32.47 -65.10 -11.85
C VAL C 153 -32.09 -66.36 -11.09
N PHE C 154 -33.09 -67.06 -10.57
CA PHE C 154 -32.91 -68.42 -10.10
C PHE C 154 -33.70 -69.41 -10.94
N VAL C 155 -34.87 -68.97 -11.42
CA VAL C 155 -35.72 -69.81 -12.26
C VAL C 155 -35.14 -69.93 -13.66
N ALA C 156 -34.44 -68.91 -14.10
CA ALA C 156 -33.93 -68.85 -15.48
C ALA C 156 -32.63 -69.61 -15.61
N LEU C 157 -31.97 -69.88 -14.48
CA LEU C 157 -30.70 -70.57 -14.48
C LEU C 157 -30.84 -72.00 -13.96
N GLY C 158 -31.65 -72.16 -12.91
CA GLY C 158 -31.85 -73.47 -12.31
C GLY C 158 -30.94 -73.67 -11.10
N ILE C 159 -30.30 -72.59 -10.67
CA ILE C 159 -29.37 -72.64 -9.55
C ILE C 159 -30.07 -72.28 -8.25
N ASP C 160 -29.42 -72.60 -7.13
CA ASP C 160 -30.06 -72.51 -5.82
C ASP C 160 -29.65 -71.23 -5.09
N TYR C 161 -28.43 -70.76 -5.38
CA TYR C 161 -27.87 -69.62 -4.67
C TYR C 161 -26.80 -68.93 -5.52
N ILE C 162 -26.55 -67.67 -5.20
CA ILE C 162 -25.48 -66.91 -5.86
C ILE C 162 -24.56 -66.26 -4.83
N ASP C 163 -23.28 -66.59 -4.89
CA ASP C 163 -22.29 -65.98 -4.02
C ASP C 163 -21.69 -64.73 -4.66
N ILE C 164 -21.51 -63.68 -3.86
CA ILE C 164 -20.99 -62.41 -4.36
C ILE C 164 -19.97 -61.82 -3.39
N PRO C 165 -18.82 -61.41 -3.92
CA PRO C 165 -17.81 -60.74 -3.11
C PRO C 165 -18.25 -59.34 -2.72
N ILE C 166 -17.71 -58.83 -1.62
CA ILE C 166 -18.14 -57.57 -1.05
C ILE C 166 -17.34 -56.41 -1.63
N THR C 167 -17.80 -55.18 -1.38
CA THR C 167 -17.12 -53.99 -1.85
C THR C 167 -16.36 -53.31 -0.72
N ASN C 168 -15.10 -52.95 -0.97
CA ASN C 168 -14.34 -52.13 -0.04
C ASN C 168 -14.47 -50.65 -0.37
N SER C 169 -14.84 -49.85 0.63
CA SER C 169 -15.07 -48.43 0.43
C SER C 169 -13.80 -47.73 -0.05
N ASN C 170 -12.69 -48.00 0.63
CA ASN C 170 -11.41 -47.43 0.26
C ASN C 170 -10.87 -48.05 -1.03
N ILE C 171 -10.63 -47.20 -2.03
CA ILE C 171 -10.37 -47.67 -3.39
C ILE C 171 -8.89 -47.84 -3.63
N PHE C 172 -8.08 -47.51 -2.64
CA PHE C 172 -6.62 -47.64 -2.73
C PHE C 172 -6.11 -48.77 -1.85
N ASP C 173 -7.00 -49.37 -1.08
CA ASP C 173 -6.68 -50.54 -0.29
C ASP C 173 -6.90 -51.82 -1.08
N ASP C 174 -5.94 -52.15 -1.95
CA ASP C 174 -6.07 -53.30 -2.84
C ASP C 174 -5.62 -54.58 -2.15
N SER C 175 -6.47 -55.11 -1.28
CA SER C 175 -6.17 -56.36 -0.60
C SER C 175 -7.34 -57.34 -0.70
N SER C 176 -7.09 -58.60 -0.37
CA SER C 176 -8.14 -59.61 -0.33
C SER C 176 -9.24 -59.23 0.66
N THR C 177 -10.48 -59.55 0.31
CA THR C 177 -11.62 -59.23 1.15
C THR C 177 -11.67 -60.11 2.38
N PRO C 178 -12.18 -59.56 3.48
CA PRO C 178 -12.24 -60.30 4.74
C PRO C 178 -13.29 -61.40 4.69
N TYR C 179 -14.30 -61.21 3.84
CA TYR C 179 -15.40 -62.17 3.73
C TYR C 179 -16.23 -61.90 2.49
N ASN C 180 -17.19 -62.77 2.23
CA ASN C 180 -18.15 -62.56 1.16
C ASN C 180 -19.57 -62.92 1.61
N VAL C 181 -20.54 -62.70 0.73
CA VAL C 181 -21.94 -62.94 1.06
C VAL C 181 -22.57 -63.92 0.08
N ARG C 182 -23.67 -64.54 0.50
CA ARG C 182 -24.37 -65.51 -0.35
C ARG C 182 -25.88 -65.31 -0.27
N ILE C 183 -26.50 -65.17 -1.43
CA ILE C 183 -27.94 -64.96 -1.50
C ILE C 183 -28.67 -66.24 -1.86
N TRP C 184 -29.65 -66.62 -1.05
CA TRP C 184 -30.37 -67.87 -1.23
C TRP C 184 -31.73 -67.63 -1.88
N HIS C 185 -32.16 -68.59 -2.69
CA HIS C 185 -33.55 -68.62 -3.17
C HIS C 185 -34.49 -69.07 -2.07
N ALA C 186 -35.41 -68.18 -1.69
CA ALA C 186 -36.42 -68.50 -0.69
C ALA C 186 -37.67 -67.64 -0.88
N PRO C 187 -38.74 -68.26 -1.37
CA PRO C 187 -39.98 -67.54 -1.63
C PRO C 187 -40.76 -67.28 -0.35
N THR C 188 -41.09 -68.36 0.36
CA THR C 188 -42.08 -68.31 1.42
C THR C 188 -41.44 -68.45 2.80
N MET C 189 -42.27 -68.41 3.83
CA MET C 189 -41.78 -68.50 5.20
C MET C 189 -41.24 -69.88 5.51
N THR C 190 -41.79 -70.90 4.86
CA THR C 190 -41.49 -72.28 5.19
C THR C 190 -40.14 -72.70 4.60
N GLU C 191 -39.61 -71.89 3.70
CA GLU C 191 -38.33 -72.16 3.08
C GLU C 191 -37.18 -71.73 4.00
N VAL C 192 -37.33 -70.57 4.62
CA VAL C 192 -36.31 -70.05 5.52
C VAL C 192 -36.03 -71.00 6.67
N ASN C 193 -37.09 -71.64 7.17
CA ASN C 193 -36.94 -72.63 8.23
C ASN C 193 -36.16 -73.85 7.75
N HIS C 194 -36.20 -74.09 6.44
CA HIS C 194 -35.53 -75.24 5.86
C HIS C 194 -34.06 -74.96 5.59
N ILE C 195 -33.76 -73.70 5.24
CA ILE C 195 -32.41 -73.33 4.85
C ILE C 195 -31.53 -73.10 6.08
N LEU C 196 -32.06 -72.38 7.06
CA LEU C 196 -31.28 -72.02 8.24
C LEU C 196 -30.92 -73.26 9.06
N ALA C 197 -31.72 -74.32 8.91
CA ALA C 197 -31.41 -75.60 9.53
C ALA C 197 -30.36 -76.36 8.73
N LEU C 198 -30.13 -75.93 7.49
CA LEU C 198 -29.10 -76.52 6.64
C LEU C 198 -27.78 -75.77 6.79
N MET C 199 -27.86 -74.51 7.17
CA MET C 199 -26.67 -73.68 7.34
C MET C 199 -25.80 -74.19 8.47
N ARG C 200 -26.40 -74.94 9.38
CA ARG C 200 -25.67 -75.52 10.50
C ARG C 200 -24.52 -76.40 10.01
N LYS C 201 -23.69 -76.85 10.96
CA LYS C 201 -22.59 -77.74 10.64
C LYS C 201 -21.97 -77.39 9.28
N SER C 202 -21.46 -76.17 9.17
CA SER C 202 -20.79 -75.73 7.94
C SER C 202 -19.80 -74.61 8.23
N THR C 203 -18.52 -74.91 8.07
CA THR C 203 -17.47 -73.91 8.20
C THR C 203 -17.92 -72.76 9.11
N LEU C 204 -17.85 -71.54 8.59
CA LEU C 204 -18.08 -70.35 9.40
C LEU C 204 -19.08 -69.42 8.73
N VAL C 205 -20.29 -69.35 9.29
CA VAL C 205 -21.35 -68.52 8.72
C VAL C 205 -22.06 -67.73 9.81
N SER C 206 -22.83 -66.72 9.39
CA SER C 206 -23.58 -65.90 10.33
C SER C 206 -24.78 -65.24 9.65
N THR C 207 -25.73 -64.79 10.45
CA THR C 207 -26.80 -63.94 9.95
C THR C 207 -27.06 -62.76 10.89
N HIS C 208 -28.10 -62.00 10.60
CA HIS C 208 -28.42 -60.81 11.38
C HIS C 208 -29.92 -60.51 11.35
N SER C 209 -30.67 -61.23 12.17
CA SER C 209 -32.06 -60.87 12.44
C SER C 209 -32.85 -60.75 11.14
N SER C 210 -33.12 -59.52 10.73
CA SER C 210 -33.89 -59.27 9.52
C SER C 210 -32.98 -59.01 8.33
N TRP C 211 -33.57 -58.63 7.21
CA TRP C 211 -32.82 -58.42 5.97
C TRP C 211 -33.34 -57.22 5.20
N HIS C 212 -32.53 -56.72 4.26
CA HIS C 212 -32.96 -55.65 3.38
C HIS C 212 -34.04 -56.12 2.41
N TRP C 213 -33.62 -56.46 1.19
CA TRP C 213 -34.45 -57.27 0.30
C TRP C 213 -35.10 -58.43 1.04
N ASN C 214 -36.38 -58.65 0.77
CA ASN C 214 -37.14 -59.71 1.44
C ASN C 214 -36.72 -61.08 0.92
N VAL C 215 -35.44 -61.41 1.08
CA VAL C 215 -34.92 -62.69 0.63
C VAL C 215 -33.71 -63.12 1.46
N LEU C 216 -33.73 -64.37 1.91
CA LEU C 216 -32.70 -64.87 2.81
C LEU C 216 -31.31 -64.77 2.17
N HIS C 217 -30.37 -64.20 2.91
CA HIS C 217 -28.96 -64.24 2.51
C HIS C 217 -28.05 -64.20 3.72
N THR C 218 -26.89 -64.83 3.61
CA THR C 218 -26.04 -65.09 4.77
C THR C 218 -24.60 -64.65 4.51
N PHE C 219 -23.78 -64.66 5.55
CA PHE C 219 -22.39 -64.26 5.43
C PHE C 219 -21.46 -65.45 5.57
N HIS C 220 -20.40 -65.46 4.76
CA HIS C 220 -19.40 -66.52 4.82
C HIS C 220 -18.00 -65.95 5.01
N TYR C 221 -17.35 -66.34 6.10
CA TYR C 221 -16.07 -65.76 6.48
C TYR C 221 -14.90 -66.60 5.97
N ARG C 222 -13.76 -65.97 5.79
CA ARG C 222 -12.61 -66.61 5.18
C ARG C 222 -11.87 -67.51 6.18
N SER C 223 -11.39 -66.91 7.26
CA SER C 223 -10.70 -67.65 8.30
C SER C 223 -11.29 -67.34 9.67
N GLU C 224 -10.94 -68.17 10.66
CA GLU C 224 -11.50 -68.05 11.99
C GLU C 224 -11.03 -66.78 12.68
N SER C 225 -9.83 -66.35 12.35
CA SER C 225 -9.19 -65.23 13.05
C SER C 225 -9.75 -63.89 12.57
N ASP C 226 -10.49 -63.92 11.48
CA ASP C 226 -11.01 -62.71 10.86
C ASP C 226 -12.52 -62.63 10.98
N MET C 227 -13.06 -63.28 12.01
CA MET C 227 -14.50 -63.22 12.28
C MET C 227 -14.80 -62.23 13.40
N ILE C 228 -13.94 -62.20 14.41
CA ILE C 228 -14.17 -61.38 15.60
C ILE C 228 -14.00 -59.90 15.28
N ASP C 229 -13.36 -59.61 14.16
CA ASP C 229 -13.22 -58.24 13.70
C ASP C 229 -14.52 -57.72 13.10
N HIS C 230 -15.41 -58.64 12.74
CA HIS C 230 -16.69 -58.28 12.13
C HIS C 230 -17.81 -58.27 13.16
N PHE C 231 -17.78 -59.24 14.06
CA PHE C 231 -18.75 -59.32 15.15
C PHE C 231 -18.63 -58.12 16.08
N ALA C 232 -17.40 -57.79 16.46
CA ALA C 232 -17.15 -56.68 17.37
C ALA C 232 -17.44 -55.35 16.71
N ALA C 233 -17.52 -55.35 15.38
CA ALA C 233 -17.81 -54.13 14.62
C ALA C 233 -19.30 -53.86 14.58
N ILE C 235 -21.57 -55.31 16.82
CA ILE C 235 -22.05 -55.22 18.20
C ILE C 235 -21.95 -53.78 18.71
N LEU C 236 -20.93 -53.07 18.27
CA LEU C 236 -20.70 -51.70 18.71
C LEU C 236 -21.84 -50.78 18.28
N GLU C 237 -22.47 -51.14 17.16
CA GLU C 237 -23.50 -50.28 16.56
C GLU C 237 -24.84 -50.45 17.28
N ASP C 238 -25.15 -51.69 17.64
CA ASP C 238 -26.39 -51.98 18.35
C ASP C 238 -26.44 -51.29 19.71
N TRP C 239 -25.27 -51.12 20.31
CA TRP C 239 -25.18 -50.46 21.61
C TRP C 239 -25.48 -48.97 21.48
N ARG C 240 -25.46 -48.47 20.25
CA ARG C 240 -25.70 -47.05 20.01
C ARG C 240 -27.13 -46.80 19.53
N GLN C 241 -27.72 -47.82 18.92
CA GLN C 241 -29.08 -47.72 18.40
C GLN C 241 -30.11 -47.77 19.52
N LYS C 242 -29.79 -48.54 20.56
CA LYS C 242 -30.69 -48.68 21.70
C LYS C 242 -30.39 -47.64 22.77
N GLU C 243 -29.29 -46.91 22.58
CA GLU C 243 -28.97 -45.78 23.45
C GLU C 243 -29.93 -44.62 23.23
N LYS C 244 -30.38 -44.45 21.99
CA LYS C 244 -31.30 -43.39 21.64
C LYS C 244 -32.75 -43.83 21.83
N LEU C 245 -32.98 -45.14 21.76
CA LEU C 245 -34.32 -45.69 21.86
C LEU C 245 -34.76 -45.78 23.31
N ASP C 246 -33.87 -46.24 24.18
CA ASP C 246 -34.19 -46.43 25.59
C ASP C 246 -34.56 -45.12 26.26
N LYS C 247 -33.98 -44.03 25.77
CA LYS C 247 -34.34 -42.69 26.23
C LYS C 247 -35.60 -42.20 25.54
N GLY C 248 -35.78 -42.57 24.28
CA GLY C 248 -36.96 -42.20 23.52
C GLY C 248 -36.66 -41.11 22.51
N ALA C 249 -36.62 -41.48 21.23
CA ALA C 249 -36.35 -40.53 20.16
C ALA C 249 -36.95 -41.01 18.84
N LEU C 250 -36.30 -40.63 17.74
CA LEU C 250 -36.68 -41.13 16.43
C LEU C 250 -35.45 -41.63 15.65
N VAL C 251 -35.45 -42.92 15.33
CA VAL C 251 -34.37 -43.50 14.53
C VAL C 251 -34.91 -44.05 13.21
N GLU C 252 -34.00 -44.34 12.28
CA GLU C 252 -34.40 -44.72 10.93
C GLU C 252 -33.62 -45.95 10.48
N ALA C 253 -32.83 -46.52 11.38
CA ALA C 253 -32.06 -47.72 11.08
C ALA C 253 -32.93 -48.96 11.09
N ASP C 254 -33.33 -49.41 9.90
CA ASP C 254 -34.18 -50.59 9.78
C ASP C 254 -33.46 -51.84 10.26
N ARG C 255 -34.23 -52.87 10.61
CA ARG C 255 -33.66 -54.12 11.11
C ARG C 255 -33.96 -54.29 12.59
N VAL C 256 -33.90 -53.19 13.34
CA VAL C 256 -34.21 -53.22 14.77
C VAL C 256 -33.00 -53.65 15.59
N ILE C 257 -32.45 -54.81 15.24
CA ILE C 257 -31.29 -55.35 15.96
C ILE C 257 -30.10 -55.51 15.03
N GLN C 258 -28.97 -54.91 15.41
CA GLN C 258 -27.78 -54.94 14.58
C GLN C 258 -26.89 -56.12 14.95
N ARG C 259 -26.93 -56.54 16.21
CA ARG C 259 -26.16 -57.67 16.68
C ARG C 259 -26.23 -58.83 15.69
N LEU C 260 -25.10 -59.47 15.46
CA LEU C 260 -25.04 -60.64 14.59
C LEU C 260 -25.43 -61.91 15.33
N ILE C 261 -25.96 -62.87 14.59
CA ILE C 261 -26.30 -64.18 15.16
C ILE C 261 -25.41 -65.28 14.60
N PRO C 262 -24.54 -65.82 15.45
CA PRO C 262 -23.62 -66.87 15.03
C PRO C 262 -24.35 -68.20 14.85
N LEU C 263 -24.39 -68.69 13.62
CA LEU C 263 -24.82 -70.05 13.35
C LEU C 263 -23.71 -71.05 13.62
N SER C 264 -23.24 -71.71 12.57
CA SER C 264 -22.02 -72.50 12.65
C SER C 264 -20.79 -71.62 12.81
N SER C 265 -20.10 -71.77 13.92
CA SER C 265 -19.01 -70.87 14.28
C SER C 265 -18.01 -71.54 15.21
N SER C 266 -17.03 -70.79 15.68
CA SER C 266 -15.99 -71.32 16.56
C SER C 266 -16.43 -71.25 18.02
N THR C 267 -15.51 -70.80 18.88
CA THR C 267 -15.77 -70.77 20.31
C THR C 267 -15.38 -69.42 20.91
N TYR C 268 -14.80 -68.55 20.08
CA TYR C 268 -14.40 -67.22 20.51
C TYR C 268 -15.53 -66.21 20.30
N VAL C 269 -16.41 -66.51 19.37
CA VAL C 269 -17.53 -65.63 19.06
C VAL C 269 -18.80 -66.06 19.80
N GLN C 270 -18.74 -67.25 20.40
CA GLN C 270 -19.79 -67.69 21.32
C GLN C 270 -19.66 -66.99 22.66
N ARG C 271 -18.43 -66.79 23.11
CA ARG C 271 -18.17 -65.99 24.31
C ARG C 271 -18.45 -64.52 24.05
N LEU C 272 -18.13 -64.05 22.85
CA LEU C 272 -18.32 -62.66 22.48
C LEU C 272 -19.79 -62.34 22.29
N ALA C 273 -20.53 -63.29 21.72
CA ALA C 273 -21.95 -63.11 21.46
C ALA C 273 -22.74 -62.97 22.75
N ALA C 274 -22.33 -63.72 23.78
CA ALA C 274 -23.04 -63.75 25.05
C ALA C 274 -22.98 -62.39 25.75
N ILE C 275 -21.78 -61.83 25.82
CA ILE C 275 -21.55 -60.59 26.55
C ILE C 275 -22.23 -59.41 25.86
N GLY C 276 -22.46 -59.56 24.55
CA GLY C 276 -23.02 -58.48 23.75
C GLY C 276 -24.55 -58.51 23.77
N ALA C 277 -25.11 -59.66 24.14
CA ALA C 277 -26.54 -59.89 24.02
C ALA C 277 -27.26 -59.63 25.34
N LEU C 278 -26.62 -58.86 26.21
CA LEU C 278 -27.20 -58.53 27.51
C LEU C 278 -27.03 -57.05 27.84
N TYR C 279 -26.49 -56.30 26.88
CA TYR C 279 -26.41 -54.85 27.00
C TYR C 279 -25.81 -54.46 28.34
N PRO C 280 -24.50 -54.59 28.47
CA PRO C 280 -23.81 -54.32 29.72
C PRO C 280 -24.02 -52.88 30.17
N ASN C 281 -23.63 -52.58 31.40
CA ASN C 281 -23.95 -51.29 32.02
C ASN C 281 -22.79 -50.31 31.86
N GLU C 282 -22.04 -50.45 30.76
CA GLU C 282 -21.00 -49.50 30.43
C GLU C 282 -21.53 -48.08 30.40
N PHE C 283 -21.80 -47.54 31.59
CA PHE C 283 -22.23 -46.14 31.72
C PHE C 283 -21.69 -45.52 32.99
N THR C 284 -20.75 -44.60 32.83
CA THR C 284 -20.23 -44.24 31.51
C THR C 284 -19.42 -45.39 30.91
N GLU C 285 -18.96 -45.19 29.68
CA GLU C 285 -18.50 -46.30 28.86
C GLU C 285 -17.51 -47.18 29.62
N ASN C 286 -16.38 -46.61 30.00
CA ASN C 286 -15.22 -47.40 30.42
C ASN C 286 -14.87 -48.45 29.38
N VAL C 287 -14.71 -49.69 29.82
CA VAL C 287 -14.56 -50.82 28.92
C VAL C 287 -13.19 -50.81 28.24
N LEU C 288 -12.59 -49.63 28.15
CA LEU C 288 -11.48 -49.40 27.23
C LEU C 288 -11.91 -49.61 25.79
N ASP C 289 -12.66 -48.66 25.26
CA ASP C 289 -13.44 -48.88 24.04
C ASP C 289 -12.62 -48.53 22.80
N LEU C 290 -11.98 -47.37 22.83
CA LEU C 290 -11.27 -46.85 21.66
C LEU C 290 -10.41 -47.93 21.01
N SER C 291 -9.51 -48.49 21.79
CA SER C 291 -8.70 -49.62 21.33
C SER C 291 -8.29 -50.51 22.50
N ARG C 292 -8.18 -51.81 22.23
CA ARG C 292 -8.31 -52.33 20.88
C ARG C 292 -9.75 -52.75 20.59
N LEU C 293 -10.57 -52.81 21.63
CA LEU C 293 -11.97 -53.18 21.49
C LEU C 293 -12.12 -54.68 21.27
N SER C 294 -11.44 -55.20 20.25
CA SER C 294 -11.56 -56.60 19.87
C SER C 294 -10.98 -57.50 20.94
N THR C 295 -10.16 -56.93 21.83
CA THR C 295 -9.58 -57.68 22.93
C THR C 295 -10.12 -57.19 24.27
N ALA C 296 -10.59 -55.96 24.30
CA ALA C 296 -11.17 -55.38 25.50
C ALA C 296 -12.52 -56.03 25.82
N LEU C 297 -13.27 -56.37 24.77
CA LEU C 297 -14.57 -56.99 24.93
C LEU C 297 -14.44 -58.46 25.33
N LEU C 298 -13.30 -59.06 24.97
CA LEU C 298 -13.00 -60.42 25.38
C LEU C 298 -12.67 -60.51 26.87
N GLN C 299 -12.03 -59.45 27.38
CA GLN C 299 -11.80 -59.32 28.81
C GLN C 299 -13.08 -58.98 29.56
N LEU C 300 -13.95 -58.23 28.91
CA LEU C 300 -15.26 -57.89 29.48
C LEU C 300 -16.11 -59.14 29.64
N SER C 301 -16.09 -60.01 28.64
CA SER C 301 -16.88 -61.23 28.67
C SER C 301 -16.45 -62.15 29.81
N ASP C 302 -15.20 -62.01 30.22
CA ASP C 302 -14.68 -62.79 31.34
C ASP C 302 -15.21 -62.28 32.67
N THR C 303 -15.66 -61.03 32.68
CA THR C 303 -16.17 -60.41 33.90
C THR C 303 -17.43 -61.11 34.39
N TYR C 304 -18.44 -61.17 33.54
CA TYR C 304 -19.77 -61.61 33.94
C TYR C 304 -19.77 -63.10 34.27
N TYR C 305 -18.70 -63.79 33.89
CA TYR C 305 -18.58 -65.22 34.12
C TYR C 305 -18.54 -65.53 35.61
N GLN C 306 -17.83 -64.69 36.36
CA GLN C 306 -17.73 -64.87 37.81
C GLN C 306 -18.46 -63.76 38.55
N HIS C 307 -18.69 -62.64 37.87
CA HIS C 307 -19.23 -61.45 38.52
C HIS C 307 -20.75 -61.43 38.46
N ALA C 308 -21.36 -60.65 39.34
CA ALA C 308 -20.63 -59.64 40.10
C ALA C 308 -21.00 -59.69 41.58
N ASN C 309 -21.79 -60.70 41.95
CA ASN C 309 -23.23 -60.66 41.71
C ASN C 309 -23.68 -61.94 41.02
N ASP C 310 -24.98 -62.01 40.74
CA ASP C 310 -25.69 -63.29 40.72
C ASP C 310 -26.33 -63.53 39.36
N GLN C 311 -27.66 -63.39 39.30
CA GLN C 311 -28.42 -63.85 38.13
C GLN C 311 -27.92 -63.18 36.86
N LEU C 312 -27.07 -62.18 37.01
CA LEU C 312 -26.33 -61.61 35.89
C LEU C 312 -25.36 -62.63 35.31
N ARG C 313 -24.64 -63.33 36.19
CA ARG C 313 -23.83 -64.46 35.78
C ARG C 313 -24.69 -65.54 35.13
N ARG C 314 -25.84 -65.84 35.73
CA ARG C 314 -26.72 -66.88 35.23
C ARG C 314 -27.20 -66.58 33.82
N LEU C 315 -27.60 -65.33 33.60
CA LEU C 315 -28.01 -64.89 32.27
C LEU C 315 -26.89 -65.06 31.26
N TYR C 316 -25.68 -64.69 31.66
CA TYR C 316 -24.50 -64.84 30.81
C TYR C 316 -24.29 -66.30 30.43
N ARG C 317 -24.45 -67.19 31.40
CA ARG C 317 -24.19 -68.62 31.18
C ARG C 317 -25.34 -69.29 30.46
N ARG C 318 -26.51 -68.67 30.51
CA ARG C 318 -27.67 -69.15 29.75
C ARG C 318 -27.59 -68.73 28.29
N MET C 319 -26.64 -67.85 27.98
CA MET C 319 -26.43 -67.40 26.61
C MET C 319 -25.16 -68.00 26.01
N TYR C 320 -24.18 -68.28 26.87
CA TYR C 320 -22.94 -68.88 26.43
C TYR C 320 -23.17 -70.28 25.87
N ASN C 321 -23.90 -71.10 26.61
CA ASN C 321 -24.15 -72.48 26.21
C ASN C 321 -25.07 -72.54 25.01
N ASP C 322 -25.98 -71.58 24.91
CA ASP C 322 -26.96 -71.55 23.83
C ASP C 322 -26.39 -70.86 22.60
N SER C 323 -26.36 -69.53 22.61
CA SER C 323 -25.95 -68.77 21.44
C SER C 323 -26.49 -69.39 20.17
N ARG C 324 -27.81 -69.59 20.10
CA ARG C 324 -28.45 -70.06 18.89
C ARG C 324 -29.74 -69.30 18.63
N THR C 325 -30.14 -68.48 19.60
CA THR C 325 -31.41 -67.75 19.51
C THR C 325 -31.19 -66.25 19.63
N LEU C 326 -32.16 -65.46 19.18
CA LEU C 326 -32.07 -64.01 19.24
C LEU C 326 -32.70 -63.47 20.52
N TYR C 327 -31.88 -62.89 21.38
CA TYR C 327 -32.33 -62.44 22.69
C TYR C 327 -32.76 -60.98 22.66
N MET C 328 -33.98 -60.72 23.13
CA MET C 328 -34.54 -59.37 23.11
C MET C 328 -35.12 -58.99 24.47
N THR C 329 -35.44 -57.71 24.63
CA THR C 329 -35.87 -57.19 25.92
C THR C 329 -37.22 -56.50 25.81
N GLN C 330 -38.28 -57.29 25.80
CA GLN C 330 -39.65 -56.76 25.82
C GLN C 330 -39.77 -55.55 24.89
N ARG C 331 -39.39 -54.38 25.40
CA ARG C 331 -39.62 -53.14 24.69
C ARG C 331 -39.06 -53.20 23.28
N HIS C 332 -37.84 -53.72 23.15
CA HIS C 332 -37.16 -53.75 21.86
C HIS C 332 -37.79 -54.77 20.92
N GLN C 333 -38.44 -55.78 21.50
CA GLN C 333 -39.13 -56.80 20.72
C GLN C 333 -40.41 -56.25 20.10
N GLU C 334 -41.00 -55.27 20.77
CA GLU C 334 -42.29 -54.73 20.35
C GLU C 334 -42.19 -54.06 18.98
N LEU C 335 -40.97 -53.66 18.62
CA LEU C 335 -40.75 -52.98 17.35
C LEU C 335 -41.04 -53.89 16.17
N LEU C 336 -40.79 -55.19 16.36
CA LEU C 336 -41.07 -56.17 15.32
C LEU C 336 -42.56 -56.51 15.26
N LEU C 337 -43.19 -56.55 16.42
CA LEU C 337 -44.63 -56.80 16.50
C LEU C 337 -45.42 -55.66 15.87
N ALA C 338 -44.86 -54.44 15.94
CA ALA C 338 -45.53 -53.26 15.43
C ALA C 338 -45.48 -53.20 13.91
N GLN C 339 -44.48 -53.83 13.34
CA GLN C 339 -44.20 -53.69 11.91
C GLN C 339 -44.51 -54.98 11.16
N ILE C 340 -44.76 -56.04 11.90
CA ILE C 340 -45.15 -57.32 11.31
C ILE C 340 -46.63 -57.33 10.95
N THR C 341 -47.39 -56.43 11.58
CA THR C 341 -48.82 -56.29 11.30
C THR C 341 -49.08 -55.13 10.35
N ALA C 342 -48.09 -54.26 10.21
CA ALA C 342 -48.19 -53.14 9.28
C ALA C 342 -48.03 -53.60 7.84
N ASP C 343 -47.31 -54.70 7.66
CA ASP C 343 -47.09 -55.27 6.34
C ASP C 343 -46.80 -56.76 6.41
N PRO C 344 -47.79 -57.58 6.06
CA PRO C 344 -47.64 -59.03 6.07
C PRO C 344 -46.70 -59.49 4.97
N ASN C 345 -46.28 -60.75 5.06
CA ASN C 345 -45.37 -61.33 4.07
C ASN C 345 -44.00 -60.66 4.14
N ILE C 346 -43.33 -60.81 5.28
CA ILE C 346 -41.96 -60.35 5.44
C ILE C 346 -41.18 -61.26 6.38
N LEU C 347 -39.96 -61.61 5.98
CA LEU C 347 -39.19 -62.65 6.66
C LEU C 347 -38.50 -62.09 7.90
N LEU C 348 -38.61 -62.81 9.01
CA LEU C 348 -37.80 -62.52 10.20
C LEU C 348 -37.12 -63.77 10.72
N TYR C 349 -36.16 -63.58 11.62
CA TYR C 349 -35.47 -64.70 12.24
C TYR C 349 -36.42 -65.51 13.12
N PRO C 350 -36.54 -66.80 12.81
CA PRO C 350 -37.57 -67.63 13.41
C PRO C 350 -37.43 -67.69 14.92
N TYR C 351 -36.20 -67.77 15.40
CA TYR C 351 -35.92 -68.19 16.77
C TYR C 351 -35.65 -66.99 17.67
N THR C 352 -36.62 -66.64 18.50
CA THR C 352 -36.50 -65.48 19.37
C THR C 352 -36.72 -65.86 20.83
N TYR C 353 -36.18 -65.07 21.73
CA TYR C 353 -36.40 -65.26 23.17
C TYR C 353 -36.48 -63.93 23.89
N ILE C 354 -37.43 -63.83 24.83
CA ILE C 354 -37.72 -62.57 25.49
C ILE C 354 -37.45 -62.66 26.99
N PHE C 355 -36.72 -61.68 27.52
CA PHE C 355 -36.51 -61.57 28.96
C PHE C 355 -36.64 -60.12 29.42
N THR C 356 -36.91 -59.94 30.71
CA THR C 356 -37.27 -58.63 31.23
C THR C 356 -36.37 -58.23 32.39
N THR C 357 -35.33 -59.03 32.62
CA THR C 357 -34.39 -58.79 33.72
C THR C 357 -33.11 -58.15 33.23
N ILE C 358 -32.86 -56.91 33.63
CA ILE C 358 -31.66 -56.20 33.25
C ILE C 358 -30.52 -56.47 34.23
N PRO C 359 -30.83 -56.41 35.52
CA PRO C 359 -31.94 -55.60 36.00
C PRO C 359 -31.54 -54.15 36.18
N THR C 360 -30.34 -53.93 36.73
CA THR C 360 -29.95 -52.63 37.23
C THR C 360 -28.51 -52.31 36.89
N SER C 361 -28.04 -51.15 37.33
CA SER C 361 -26.66 -50.73 37.10
C SER C 361 -25.98 -50.31 38.40
N MET C 362 -24.73 -49.91 38.29
CA MET C 362 -23.90 -49.66 39.47
C MET C 362 -24.21 -48.30 40.08
N ASN C 363 -24.39 -47.30 39.22
CA ASN C 363 -23.68 -47.25 37.94
C ASN C 363 -22.31 -46.61 38.09
N TYR C 364 -21.67 -46.32 36.96
CA TYR C 364 -20.33 -45.73 36.97
C TYR C 364 -20.35 -44.32 36.41
N ILE C 365 -19.23 -43.62 36.55
CA ILE C 365 -19.02 -42.37 35.83
C ILE C 365 -17.53 -42.13 35.59
N SER C 366 -17.21 -41.64 34.39
CA SER C 366 -15.82 -41.44 33.99
C SER C 366 -15.72 -40.67 32.68
N ASN C 367 -14.51 -40.30 32.29
CA ASN C 367 -14.26 -39.72 30.98
C ASN C 367 -12.92 -40.18 30.41
N THR C 368 -12.80 -40.13 29.10
CA THR C 368 -11.64 -40.69 28.42
C THR C 368 -10.97 -39.65 27.51
N GLY C 369 -11.32 -38.39 27.72
CA GLY C 369 -10.74 -37.29 26.95
C GLY C 369 -9.51 -36.72 27.65
N GLN C 370 -8.56 -36.22 26.88
CA GLN C 370 -7.39 -35.53 27.42
C GLN C 370 -7.77 -34.66 28.61
N GLY C 371 -6.98 -34.75 29.67
CA GLY C 371 -7.15 -33.86 30.82
C GLY C 371 -6.32 -34.34 32.01
N ARG C 372 -6.10 -33.44 32.96
CA ARG C 372 -5.36 -33.78 34.17
C ARG C 372 -6.10 -33.31 35.42
N ILE C 373 -6.77 -34.24 36.08
CA ILE C 373 -7.74 -33.91 37.11
C ILE C 373 -7.07 -33.56 38.43
N LYS C 374 -7.47 -32.44 39.02
CA LYS C 374 -7.09 -32.12 40.39
C LYS C 374 -8.11 -32.66 41.38
N HIS C 375 -7.64 -33.04 42.57
CA HIS C 375 -8.51 -33.56 43.61
C HIS C 375 -8.52 -32.64 44.83
N SER C 376 -9.59 -32.71 45.62
CA SER C 376 -9.65 -32.02 46.89
C SER C 376 -10.23 -32.92 47.98
N LEU C 377 -9.38 -33.34 48.91
CA LEU C 377 -9.73 -34.40 49.83
C LEU C 377 -10.25 -33.85 51.15
N THR C 378 -11.12 -34.61 51.82
CA THR C 378 -11.69 -34.19 53.08
C THR C 378 -11.38 -35.17 54.19
N VAL C 379 -11.85 -34.87 55.40
CA VAL C 379 -11.46 -35.62 56.59
C VAL C 379 -12.64 -36.40 57.14
N THR C 380 -13.75 -36.41 56.40
CA THR C 380 -14.92 -37.17 56.80
C THR C 380 -15.48 -37.97 55.63
N GLY C 381 -16.33 -38.94 55.94
CA GLY C 381 -16.88 -39.84 54.92
C GLY C 381 -17.89 -40.81 55.52
N ALA C 382 -18.18 -41.89 54.79
CA ALA C 382 -19.25 -42.80 55.18
C ALA C 382 -18.70 -44.21 55.40
N THR C 383 -17.38 -44.33 55.41
CA THR C 383 -16.73 -45.62 55.60
C THR C 383 -15.88 -45.64 56.86
N GLU C 384 -15.44 -46.83 57.26
CA GLU C 384 -14.65 -46.99 58.47
C GLU C 384 -13.39 -47.80 58.21
N HIS C 385 -12.23 -47.18 58.40
CA HIS C 385 -10.96 -47.85 58.21
C HIS C 385 -10.34 -48.26 59.54
N ASP C 386 -9.71 -49.43 59.55
CA ASP C 386 -8.93 -49.86 60.70
C ASP C 386 -7.74 -50.73 60.28
N THR C 387 -6.56 -50.39 60.78
CA THR C 387 -5.35 -51.17 60.50
C THR C 387 -5.31 -51.58 59.03
N VAL C 388 -4.78 -50.69 58.19
CA VAL C 388 -4.71 -50.95 56.76
C VAL C 388 -3.27 -51.09 56.29
N ALA C 389 -3.08 -51.36 55.01
CA ALA C 389 -1.75 -51.53 54.45
C ALA C 389 -1.03 -50.19 54.32
N ASP C 390 0.19 -50.24 53.78
CA ASP C 390 1.01 -49.04 53.67
C ASP C 390 1.31 -48.70 52.22
N ILE C 391 0.40 -49.07 51.33
CA ILE C 391 0.47 -48.63 49.94
C ILE C 391 1.80 -47.93 49.65
N VAL C 392 2.75 -48.68 49.10
CA VAL C 392 4.08 -48.16 48.82
C VAL C 392 4.25 -47.85 47.34
N LEU C 393 4.88 -46.72 47.05
CA LEU C 393 5.20 -46.35 45.68
C LEU C 393 6.62 -45.80 45.57
N GLY C 394 7.21 -45.93 44.38
CA GLY C 394 8.56 -45.47 44.14
C GLY C 394 8.84 -45.31 42.66
N GLN C 395 10.02 -44.79 42.33
CA GLN C 395 10.41 -44.58 40.94
C GLN C 395 9.45 -43.63 40.24
N THR C 396 9.91 -42.39 40.02
CA THR C 396 9.13 -41.41 39.28
C THR C 396 9.50 -41.42 37.80
N GLY C 397 10.80 -41.59 37.53
CA GLY C 397 11.33 -41.34 36.20
C GLY C 397 11.71 -39.87 36.02
N GLU C 398 12.33 -39.57 34.88
CA GLU C 398 12.67 -38.19 34.55
C GLU C 398 12.00 -37.75 33.25
N ASP C 399 11.31 -38.68 32.60
CA ASP C 399 10.63 -38.40 31.35
C ASP C 399 9.20 -37.91 31.61
N VAL C 400 8.46 -38.66 32.42
CA VAL C 400 7.08 -38.31 32.73
C VAL C 400 7.02 -37.17 33.74
N ILE C 401 7.64 -37.37 34.90
CA ILE C 401 7.63 -36.38 35.96
C ILE C 401 8.99 -35.73 36.13
N THR C 402 9.10 -34.46 35.77
CA THR C 402 10.31 -33.69 36.01
C THR C 402 10.16 -32.80 37.24
N ILE C 403 11.14 -32.86 38.13
CA ILE C 403 11.09 -32.11 39.38
C ILE C 403 12.13 -31.00 39.40
N SER C 404 11.66 -29.76 39.48
CA SER C 404 12.55 -28.61 39.54
C SER C 404 12.11 -27.62 40.60
N MET C 405 12.71 -26.43 40.59
CA MET C 405 12.42 -25.41 41.59
C MET C 405 13.16 -24.11 41.30
N VAL C 406 12.47 -23.00 41.44
CA VAL C 406 13.11 -21.73 41.78
C VAL C 406 12.28 -20.95 42.78
N GLU C 407 11.18 -20.36 42.29
CA GLU C 407 10.54 -20.83 41.08
C GLU C 407 10.41 -19.71 40.05
N PRO C 408 10.29 -20.10 38.78
CA PRO C 408 9.93 -19.15 37.73
C PRO C 408 8.51 -18.63 37.93
N MET C 409 8.29 -17.36 37.57
CA MET C 409 6.99 -16.73 37.72
C MET C 409 6.58 -16.01 36.45
N SER C 410 5.35 -15.50 36.44
CA SER C 410 4.85 -14.74 35.30
C SER C 410 4.07 -13.51 35.76
N ILE C 411 4.57 -12.34 35.41
CA ILE C 411 3.91 -11.09 35.77
C ILE C 411 3.55 -10.28 34.53
N ALA C 412 3.72 -8.97 34.62
CA ALA C 412 3.36 -8.09 33.51
C ALA C 412 4.59 -7.41 32.92
N VAL C 413 4.53 -6.09 32.77
CA VAL C 413 5.60 -5.33 32.15
C VAL C 413 6.02 -4.15 33.03
N GLU C 414 5.07 -3.29 33.34
CA GLU C 414 5.35 -2.12 34.16
C GLU C 414 5.58 -2.50 35.62
N ASP C 415 5.11 -3.69 35.99
CA ASP C 415 5.19 -4.15 37.38
C ASP C 415 6.62 -4.50 37.75
N MET C 416 7.47 -4.65 36.74
CA MET C 416 8.89 -4.92 36.96
C MET C 416 9.57 -3.74 37.65
N TYR C 417 8.98 -2.56 37.50
CA TYR C 417 9.60 -1.34 37.99
C TYR C 417 8.68 -0.61 38.96
N GLY C 418 8.92 -0.80 40.26
CA GLY C 418 8.18 -0.08 41.29
C GLY C 418 8.94 -0.07 42.61
N TYR C 419 8.60 0.87 43.48
CA TYR C 419 9.33 1.07 44.73
C TYR C 419 8.41 1.60 45.82
N VAL C 420 8.87 1.53 47.06
CA VAL C 420 8.14 2.08 48.19
C VAL C 420 9.03 3.00 49.02
N LEU C 421 8.60 4.25 49.18
CA LEU C 421 9.39 5.24 49.90
C LEU C 421 9.01 5.28 51.37
N ASP C 422 10.02 5.32 52.24
CA ASP C 422 9.79 5.49 53.66
C ASP C 422 10.06 6.92 54.10
N THR C 423 9.69 7.24 55.34
CA THR C 423 9.87 8.57 55.87
C THR C 423 10.28 8.53 57.35
N PRO C 424 11.32 9.29 57.68
CA PRO C 424 11.74 9.43 59.08
C PRO C 424 10.60 9.95 59.95
N THR C 425 10.80 9.93 61.26
CA THR C 425 9.73 10.18 62.20
C THR C 425 10.25 10.85 63.48
N ARG C 426 11.56 10.76 63.68
CA ARG C 426 12.18 11.28 64.89
C ARG C 426 12.81 12.64 64.66
N ASP C 427 12.92 13.43 65.73
CA ASP C 427 13.44 14.79 65.62
C ASP C 427 14.63 15.00 66.54
N ILE C 428 14.82 14.07 67.46
CA ILE C 428 15.94 14.13 68.41
C ILE C 428 16.66 12.80 68.50
N TRP C 429 17.99 12.86 68.57
CA TRP C 429 18.80 11.67 68.82
C TRP C 429 19.48 11.75 70.17
N PRO C 430 18.92 11.05 71.15
CA PRO C 430 19.39 11.15 72.52
C PRO C 430 20.86 10.77 72.63
N ALA C 431 21.56 11.39 73.57
CA ALA C 431 22.97 11.10 73.79
C ALA C 431 23.16 9.91 74.73
N ASP C 432 22.05 9.44 75.30
CA ASP C 432 22.07 8.25 76.14
C ASP C 432 21.71 7.01 75.36
N GLU C 433 21.10 7.20 74.19
CA GLU C 433 20.69 6.10 73.33
C GLU C 433 21.61 5.98 72.12
N GLN C 434 22.54 6.92 71.99
CA GLN C 434 23.47 6.93 70.86
C GLN C 434 24.54 5.87 71.04
N ILE C 435 24.73 5.40 72.27
CA ILE C 435 25.69 4.34 72.57
C ILE C 435 24.97 3.03 72.86
N GLU C 436 23.67 3.11 73.10
CA GLU C 436 22.84 1.91 73.21
C GLU C 436 22.58 1.28 71.84
N GLN C 437 22.32 2.14 70.86
CA GLN C 437 22.15 1.68 69.48
C GLN C 437 23.47 1.19 68.89
N LYS C 438 24.56 1.82 69.32
CA LYS C 438 25.89 1.42 68.87
C LYS C 438 26.21 0.00 69.31
N GLY C 439 25.94 -0.31 70.58
CA GLY C 439 26.23 -1.63 71.14
C GLY C 439 25.49 -2.71 70.38
N ASP C 440 24.30 -2.39 69.90
CA ASP C 440 23.49 -3.34 69.13
C ASP C 440 24.11 -3.61 67.77
N ALA C 441 24.63 -2.57 67.15
CA ALA C 441 25.26 -2.69 65.83
C ALA C 441 26.58 -3.45 65.93
N VAL C 442 27.34 -3.17 66.97
CA VAL C 442 28.66 -3.79 67.16
C VAL C 442 28.53 -5.26 67.50
N ALA C 443 27.61 -5.58 68.41
CA ALA C 443 27.42 -6.95 68.86
C ALA C 443 26.81 -7.82 67.77
N LEU C 444 25.97 -7.21 66.94
CA LEU C 444 25.28 -7.93 65.87
C LEU C 444 26.23 -8.24 64.72
N TYR C 445 27.05 -7.25 64.36
CA TYR C 445 27.91 -7.37 63.19
C TYR C 445 28.81 -8.59 63.29
N ASP C 446 29.35 -8.83 64.49
CA ASP C 446 30.34 -9.88 64.68
C ASP C 446 29.87 -11.20 64.08
N THR C 447 28.63 -11.57 64.36
CA THR C 447 28.04 -12.79 63.81
C THR C 447 27.09 -12.48 62.66
N LYS C 448 27.39 -13.02 61.49
CA LYS C 448 26.60 -12.76 60.29
C LYS C 448 25.15 -13.23 60.49
N THR C 449 24.26 -12.72 59.66
CA THR C 449 22.84 -12.98 59.81
C THR C 449 22.55 -14.48 59.81
N SER C 450 21.34 -14.84 60.20
CA SER C 450 20.98 -16.25 60.41
C SER C 450 21.37 -17.10 59.21
N ARG C 451 21.86 -18.30 59.48
CA ARG C 451 22.13 -19.26 58.41
C ARG C 451 20.86 -19.70 57.71
N ALA C 452 19.76 -19.70 58.45
CA ALA C 452 18.46 -20.09 57.89
C ALA C 452 17.92 -19.00 56.96
N LEU C 453 18.23 -17.75 57.28
CA LEU C 453 17.87 -16.63 56.42
C LEU C 453 18.60 -16.71 55.08
N GLY C 454 19.81 -17.25 55.10
CA GLY C 454 20.65 -17.31 53.91
C GLY C 454 20.34 -18.54 53.07
N MET C 455 19.35 -19.30 53.51
CA MET C 455 18.91 -20.49 52.77
C MET C 455 18.10 -20.10 51.54
N PHE C 456 17.69 -18.84 51.49
CA PHE C 456 16.87 -18.35 50.38
C PHE C 456 17.52 -17.14 49.71
N ASN C 457 18.49 -16.54 50.40
CA ASN C 457 19.08 -15.30 49.94
C ASN C 457 19.84 -15.50 48.63
N ASN C 458 20.89 -16.30 48.66
CA ASN C 458 21.73 -16.51 47.50
C ASN C 458 21.32 -17.77 46.74
N THR C 459 20.22 -18.37 47.15
CA THR C 459 19.67 -19.53 46.48
C THR C 459 18.86 -19.13 45.25
N VAL C 460 17.97 -18.16 45.44
CA VAL C 460 17.21 -17.62 44.32
C VAL C 460 17.47 -16.12 44.16
N ARG C 461 17.44 -15.65 42.90
CA ARG C 461 17.72 -14.26 42.61
C ARG C 461 16.75 -13.71 41.57
N ILE C 462 16.65 -12.38 41.50
CA ILE C 462 15.74 -11.73 40.56
C ILE C 462 16.03 -12.17 39.12
N ASP C 463 17.31 -12.33 38.80
CA ASP C 463 17.73 -12.75 37.47
C ASP C 463 17.00 -14.02 37.04
N ASP C 464 16.85 -14.96 37.98
CA ASP C 464 16.27 -16.26 37.69
C ASP C 464 14.75 -16.17 37.62
N LEU C 465 14.21 -15.00 37.97
CA LEU C 465 12.77 -14.82 38.03
C LEU C 465 12.24 -14.10 36.81
N LEU C 466 12.94 -13.04 36.41
CA LEU C 466 12.43 -12.13 35.38
C LEU C 466 13.04 -12.43 34.02
N SER C 467 14.26 -12.96 34.02
CA SER C 467 15.00 -13.18 32.80
C SER C 467 14.29 -14.18 31.88
N PRO C 468 13.79 -15.25 32.49
CA PRO C 468 13.09 -16.28 31.73
C PRO C 468 12.02 -15.68 30.84
N LEU C 469 11.22 -14.78 31.40
CA LEU C 469 10.17 -14.10 30.64
C LEU C 469 10.76 -12.98 29.79
N LEU C 470 11.78 -12.31 30.31
CA LEU C 470 12.34 -11.13 29.66
C LEU C 470 12.96 -11.49 28.31
N SER C 471 13.37 -12.74 28.17
CA SER C 471 14.03 -13.21 26.95
C SER C 471 13.05 -13.93 26.04
N LEU C 472 11.76 -13.86 26.39
CA LEU C 472 10.71 -14.40 25.54
C LEU C 472 10.05 -13.29 24.71
N VAL C 473 10.11 -12.07 25.22
CA VAL C 473 9.71 -10.90 24.45
C VAL C 473 10.81 -10.48 23.48
N TYR C 474 11.98 -11.10 23.63
CA TYR C 474 13.02 -11.02 22.60
C TYR C 474 12.58 -11.72 21.32
N ARG C 475 12.06 -12.93 21.47
CA ARG C 475 11.52 -13.67 20.33
C ARG C 475 10.33 -12.95 19.71
N THR C 476 9.56 -12.26 20.55
CA THR C 476 8.46 -11.44 20.08
C THR C 476 8.96 -10.27 19.24
N TYR C 477 10.00 -9.59 19.74
CA TYR C 477 10.61 -8.49 19.01
C TYR C 477 10.94 -8.89 17.58
N ILE C 478 11.46 -10.10 17.41
CA ILE C 478 11.91 -10.57 16.10
C ILE C 478 10.73 -10.74 15.15
N LYS C 479 10.70 -9.94 14.09
CA LYS C 479 9.72 -10.11 13.02
C LYS C 479 8.39 -9.48 13.40
N GLY C 480 8.09 -9.47 14.69
CA GLY C 480 6.77 -9.06 15.17
C GLY C 480 6.86 -7.83 16.06
N ASP C 481 5.88 -6.95 15.94
CA ASP C 481 5.69 -5.87 16.90
C ASP C 481 4.48 -5.02 16.55
N THR C 482 4.09 -4.14 17.47
CA THR C 482 2.98 -3.22 17.23
C THR C 482 3.38 -1.79 17.59
N MET C 483 2.37 -0.92 17.69
CA MET C 483 2.59 0.43 18.22
C MET C 483 3.35 0.40 19.54
N THR C 484 4.53 1.01 19.55
CA THR C 484 5.40 0.95 20.71
C THR C 484 5.29 2.22 21.55
N MET C 485 5.47 3.36 20.91
CA MET C 485 5.37 4.65 21.59
C MET C 485 6.61 4.91 22.45
N THR C 486 7.37 5.93 22.08
CA THR C 486 8.55 6.34 22.83
C THR C 486 8.20 6.67 24.28
N GLN C 487 9.19 6.63 25.15
CA GLN C 487 9.05 7.15 26.51
C GLN C 487 8.36 6.14 27.41
N GLY C 488 7.47 5.34 26.84
CA GLY C 488 6.63 4.44 27.61
C GLY C 488 7.48 3.43 28.37
N SER C 489 6.84 2.67 29.24
CA SER C 489 7.52 1.64 30.02
C SER C 489 7.93 0.46 29.14
N LEU C 490 7.20 0.27 28.04
CA LEU C 490 7.54 -0.75 27.06
C LEU C 490 8.73 -0.33 26.21
N ASP C 491 8.96 0.98 26.13
CA ASP C 491 9.92 1.53 25.20
C ASP C 491 11.34 1.15 25.60
N HIS C 492 11.77 1.59 26.78
CA HIS C 492 13.13 1.37 27.24
C HIS C 492 13.39 -0.09 27.56
N LEU C 493 12.31 -0.87 27.65
CA LEU C 493 12.42 -2.30 27.95
C LEU C 493 12.90 -3.08 26.74
N THR C 494 12.28 -2.84 25.60
CA THR C 494 12.63 -3.54 24.37
C THR C 494 13.86 -2.93 23.71
N LEU C 495 14.16 -1.68 24.07
CA LEU C 495 15.42 -1.06 23.69
C LEU C 495 16.59 -1.69 24.44
N CYS C 496 16.38 -2.00 25.71
CA CYS C 496 17.42 -2.60 26.54
C CYS C 496 17.60 -4.08 26.22
N ALA C 497 16.87 -4.92 26.94
CA ALA C 497 17.24 -6.32 27.10
C ALA C 497 17.09 -7.08 25.79
N ALA C 498 16.22 -6.59 24.92
CA ALA C 498 15.84 -7.32 23.72
C ALA C 498 16.89 -7.15 22.61
N VAL C 499 17.49 -5.97 22.56
CA VAL C 499 18.33 -5.59 21.43
C VAL C 499 19.67 -5.02 21.89
N ASP C 500 20.76 -5.67 21.49
CA ASP C 500 22.09 -5.18 21.79
C ASP C 500 22.39 -3.90 21.02
N SER C 501 21.98 -3.87 19.75
CA SER C 501 22.18 -2.70 18.91
C SER C 501 21.23 -1.57 19.28
N ASP C 502 21.34 -0.45 18.57
CA ASP C 502 20.49 0.71 18.85
C ASP C 502 19.12 0.54 18.23
N ILE C 503 18.21 1.46 18.56
CA ILE C 503 16.86 1.43 18.01
C ILE C 503 16.55 2.71 17.25
N THR C 504 16.12 2.56 16.00
CA THR C 504 15.68 3.69 15.20
C THR C 504 14.17 3.88 15.29
N PHE C 505 13.75 5.10 15.60
CA PHE C 505 12.33 5.41 15.69
C PHE C 505 11.87 6.26 14.50
N VAL C 506 10.78 5.86 13.88
CA VAL C 506 10.22 6.60 12.76
C VAL C 506 8.73 6.90 12.98
N GLY C 507 8.45 8.10 13.49
CA GLY C 507 7.08 8.49 13.81
C GLY C 507 6.82 8.41 15.31
N ASN C 508 7.83 7.97 16.06
CA ASN C 508 7.75 7.95 17.51
C ASN C 508 6.91 6.76 17.99
N ARG C 509 6.47 5.94 17.05
CA ARG C 509 5.51 4.88 17.36
C ARG C 509 5.91 3.57 16.69
N MET C 510 6.37 3.66 15.46
CA MET C 510 6.58 2.47 14.62
C MET C 510 7.87 1.76 15.01
N ILE C 511 7.89 0.44 14.80
CA ILE C 511 9.14 -0.31 14.82
C ILE C 511 9.47 -0.85 13.43
N ALA C 512 10.59 -0.38 12.87
CA ALA C 512 10.96 -0.73 11.51
C ALA C 512 12.44 -0.47 11.25
N PRO C 513 13.02 -1.23 10.34
CA PRO C 513 12.27 -2.22 9.57
C PRO C 513 12.31 -3.59 10.23
N LEU C 514 12.71 -4.60 9.47
CA LEU C 514 12.93 -5.93 10.01
C LEU C 514 14.37 -6.39 9.79
N PRO C 515 14.82 -7.32 10.62
CA PRO C 515 16.15 -7.90 10.47
C PRO C 515 16.24 -8.76 9.22
N GLU C 516 16.77 -8.19 8.15
CA GLU C 516 16.74 -8.84 6.84
C GLU C 516 17.34 -10.23 6.90
N GLY C 517 18.64 -10.31 7.16
CA GLY C 517 19.34 -11.59 7.21
C GLY C 517 20.24 -11.68 8.45
N TYR C 518 20.65 -10.53 8.96
CA TYR C 518 21.41 -10.47 10.20
C TYR C 518 20.50 -10.45 11.42
N ILE C 519 20.75 -11.37 12.35
CA ILE C 519 20.02 -11.39 13.62
C ILE C 519 20.79 -10.64 14.70
N PRO C 520 20.21 -9.54 15.18
CA PRO C 520 20.84 -8.73 16.21
C PRO C 520 20.86 -9.48 17.54
N LYS C 521 22.01 -9.45 18.22
CA LYS C 521 22.20 -10.23 19.42
C LYS C 521 21.34 -9.71 20.57
N PRO C 522 20.84 -10.63 21.39
CA PRO C 522 20.12 -10.26 22.60
C PRO C 522 21.05 -9.60 23.61
N MET C 523 20.70 -8.39 24.02
CA MET C 523 21.52 -7.64 24.98
C MET C 523 21.84 -8.49 26.21
N HIS C 524 23.12 -8.71 26.46
CA HIS C 524 23.55 -9.50 27.60
C HIS C 524 23.35 -8.75 28.91
N ARG C 525 22.27 -9.06 29.61
CA ARG C 525 21.99 -8.43 30.90
C ARG C 525 22.73 -9.13 32.03
N ASN C 526 22.98 -8.40 33.11
CA ASN C 526 23.76 -8.91 34.22
C ASN C 526 23.06 -8.67 35.56
N ASN C 527 23.59 -9.28 36.61
CA ASN C 527 23.00 -9.15 37.94
C ASN C 527 23.08 -7.72 38.44
N SER C 528 24.08 -6.98 37.98
CA SER C 528 24.33 -5.62 38.46
C SER C 528 23.80 -4.59 37.47
N THR C 529 22.88 -5.01 36.61
CA THR C 529 22.21 -4.11 35.69
C THR C 529 20.71 -4.02 35.99
N MET C 530 20.18 -5.08 36.59
CA MET C 530 18.75 -5.14 36.90
C MET C 530 18.40 -4.22 38.07
N LYS C 531 19.35 -4.04 38.97
CA LYS C 531 19.15 -3.16 40.11
C LYS C 531 19.24 -1.69 39.69
N MET C 532 19.98 -1.43 38.62
CA MET C 532 20.26 -0.07 38.19
C MET C 532 19.16 0.47 37.29
N LEU C 533 18.55 -0.42 36.52
CA LEU C 533 17.52 -0.02 35.57
C LEU C 533 16.19 0.23 36.27
N SER C 534 16.01 -0.39 37.43
CA SER C 534 14.81 -0.19 38.24
C SER C 534 14.99 0.99 39.19
N LEU C 535 16.22 1.45 39.34
CA LEU C 535 16.51 2.59 40.20
C LEU C 535 16.59 3.88 39.40
N TYR C 536 17.06 3.78 38.16
CA TYR C 536 16.99 4.89 37.23
C TYR C 536 15.56 5.42 37.09
N VAL C 537 14.61 4.50 37.06
CA VAL C 537 13.20 4.87 36.96
C VAL C 537 12.71 5.53 38.25
N ALA C 538 13.08 4.95 39.38
CA ALA C 538 12.72 5.51 40.68
C ALA C 538 13.28 6.91 40.85
N LEU C 539 14.47 7.15 40.29
CA LEU C 539 15.10 8.46 40.36
C LEU C 539 14.26 9.51 39.63
N LYS C 540 13.63 9.10 38.54
CA LYS C 540 12.81 10.01 37.74
C LYS C 540 11.42 10.17 38.35
N LYS C 541 11.00 9.19 39.13
CA LYS C 541 9.70 9.24 39.79
C LYS C 541 9.78 10.11 41.05
N LEU C 542 10.94 10.15 41.67
CA LEU C 542 11.15 10.96 42.86
C LEU C 542 11.22 12.44 42.52
N GLU C 543 11.61 12.74 41.29
CA GLU C 543 11.74 14.12 40.83
C GLU C 543 10.35 14.76 40.62
N ASN C 544 9.47 14.04 39.94
CA ASN C 544 8.13 14.54 39.67
C ASN C 544 7.16 13.39 39.43
N PHE C 545 5.98 13.50 40.04
CA PHE C 545 4.96 12.46 39.93
C PHE C 545 4.43 12.35 38.51
N ALA C 546 4.50 13.44 37.77
CA ALA C 546 4.08 13.46 36.37
C ALA C 546 4.66 12.28 35.61
N THR C 547 3.80 11.43 35.07
CA THR C 547 4.23 10.22 34.40
C THR C 547 4.58 10.48 32.95
N ASN C 548 5.09 9.46 32.27
CA ASN C 548 5.40 9.56 30.84
C ASN C 548 6.49 10.58 30.58
N SER C 549 7.64 10.38 31.19
CA SER C 549 8.83 11.15 30.85
C SER C 549 10.00 10.24 30.48
N TYR C 550 10.79 9.86 31.48
CA TYR C 550 11.83 8.86 31.29
C TYR C 550 13.01 9.42 30.51
N LEU C 551 12.71 10.29 29.54
CA LEU C 551 13.75 11.02 28.83
C LEU C 551 14.04 12.36 29.51
N MET C 552 15.28 12.83 29.39
CA MET C 552 15.69 14.09 30.00
C MET C 552 15.76 15.20 28.95
N ALA C 553 15.71 16.44 29.43
CA ALA C 553 16.05 17.59 28.60
C ALA C 553 17.51 17.53 28.16
N PRO C 554 17.79 18.07 26.98
CA PRO C 554 19.16 18.10 26.47
C PRO C 554 20.11 18.73 27.47
N ASP C 555 21.37 18.31 27.44
CA ASP C 555 22.41 18.89 28.28
C ASP C 555 22.20 18.53 29.74
N THR C 556 21.89 17.26 29.99
CA THR C 556 21.80 16.74 31.35
C THR C 556 22.82 15.63 31.57
N SER C 557 23.48 15.65 32.73
CA SER C 557 24.58 14.74 33.02
C SER C 557 24.26 13.82 34.19
N ILE C 558 24.30 12.52 33.94
CA ILE C 558 24.18 11.53 35.00
C ILE C 558 25.42 10.67 35.10
N ILE C 559 25.86 10.40 36.33
CA ILE C 559 27.04 9.58 36.56
C ILE C 559 26.72 8.42 37.50
N LEU C 560 27.21 7.23 37.16
CA LEU C 560 27.04 6.06 38.02
C LEU C 560 28.35 5.72 38.72
N LEU C 561 28.24 5.35 39.99
CA LEU C 561 29.39 4.89 40.77
C LEU C 561 29.24 3.42 41.15
N GLY C 562 29.74 2.53 40.31
CA GLY C 562 29.49 1.10 40.45
C GLY C 562 30.54 0.44 41.31
N ALA C 563 30.42 -0.87 41.49
CA ALA C 563 29.79 -1.73 40.48
C ALA C 563 30.35 -1.44 39.09
N GLU C 564 31.66 -1.52 38.96
CA GLU C 564 32.30 -1.65 37.65
C GLU C 564 33.27 -2.82 37.63
N ARG C 565 33.67 -3.23 36.43
CA ARG C 565 32.96 -2.86 35.22
C ARG C 565 31.61 -3.57 35.13
N GLU C 566 30.53 -2.79 35.06
CA GLU C 566 29.23 -3.32 34.70
C GLU C 566 28.59 -2.49 33.59
N PRO C 567 27.70 -3.11 32.82
CA PRO C 567 26.99 -2.42 31.76
C PRO C 567 26.23 -1.21 32.30
N ALA C 568 24.92 -1.19 32.07
CA ALA C 568 24.07 -0.16 32.65
C ALA C 568 24.26 1.18 31.94
N VAL C 569 25.52 1.60 31.81
CA VAL C 569 25.84 2.84 31.11
C VAL C 569 25.46 2.75 29.64
N ASN C 570 25.80 1.63 29.02
CA ASN C 570 25.45 1.39 27.62
C ASN C 570 23.94 1.39 27.43
N ILE C 571 23.23 0.83 28.41
CA ILE C 571 21.77 0.72 28.33
C ILE C 571 21.10 2.08 28.51
N LEU C 572 21.61 2.86 29.44
CA LEU C 572 21.05 4.18 29.72
C LEU C 572 21.64 5.24 28.79
N ARG C 573 22.46 4.79 27.84
CA ARG C 573 23.01 5.68 26.83
C ARG C 573 22.32 5.49 25.49
N ARG C 574 22.08 4.23 25.13
CA ARG C 574 21.34 3.90 23.91
C ARG C 574 19.90 4.39 24.01
N PHE C 575 19.34 4.32 25.22
CA PHE C 575 17.99 4.81 25.46
C PHE C 575 17.91 6.33 25.29
N ASN C 576 18.95 7.02 25.71
CA ASN C 576 19.01 8.48 25.58
C ASN C 576 19.78 8.88 24.33
N ARG C 577 19.88 7.96 23.38
CA ARG C 577 20.61 8.23 22.14
C ARG C 577 19.90 9.27 21.29
N ASN C 578 18.61 9.08 21.07
CA ASN C 578 17.85 9.89 20.12
C ASN C 578 17.74 11.33 20.60
N VAL C 579 17.72 11.51 21.92
CA VAL C 579 17.42 12.80 22.53
C VAL C 579 18.65 13.69 22.59
N SER C 580 18.97 14.34 21.49
CA SER C 580 19.93 15.44 21.49
C SER C 580 21.26 15.00 22.09
N ASN C 581 21.71 15.72 23.10
CA ASN C 581 23.03 15.49 23.69
C ASN C 581 22.92 15.16 25.18
N VAL C 582 23.12 13.88 25.51
CA VAL C 582 23.10 13.45 26.90
C VAL C 582 24.37 12.72 27.27
N ARG C 583 24.87 12.98 28.48
CA ARG C 583 26.13 12.42 28.94
C ARG C 583 25.92 11.43 30.07
N ILE C 584 26.23 10.16 29.81
CA ILE C 584 26.14 9.13 30.84
C ILE C 584 27.52 8.58 31.18
N ILE C 585 28.02 8.96 32.35
CA ILE C 585 29.37 8.58 32.77
C ILE C 585 29.34 7.45 33.79
N GLY C 586 30.35 6.60 33.75
CA GLY C 586 30.48 5.52 34.73
C GLY C 586 31.87 5.49 35.34
N MET C 587 31.92 5.34 36.66
CA MET C 587 33.19 5.23 37.37
C MET C 587 33.13 4.15 38.45
N GLY C 588 34.30 3.61 38.80
CA GLY C 588 34.39 2.63 39.87
C GLY C 588 35.82 2.16 40.07
N ASP C 589 36.03 1.36 41.10
CA ASP C 589 37.37 0.90 41.46
C ASP C 589 37.69 -0.45 40.81
N ARG C 590 37.07 -0.69 39.66
CA ARG C 590 37.35 -1.89 38.88
C ARG C 590 36.80 -1.77 37.46
N ALA C 591 37.02 -0.62 36.84
CA ALA C 591 36.25 -0.22 35.68
C ALA C 591 37.01 -0.47 34.38
N VAL C 592 36.30 -0.43 33.26
CA VAL C 592 36.91 -0.59 31.96
C VAL C 592 36.26 0.31 30.92
N GLU C 593 37.07 0.96 30.10
CA GLU C 593 36.57 1.83 29.04
C GLU C 593 35.31 1.24 28.41
N PRO C 594 34.29 2.09 28.25
CA PRO C 594 34.46 3.52 28.39
C PRO C 594 34.34 3.95 29.85
N ASN C 595 34.17 2.98 30.73
CA ASN C 595 34.14 3.25 32.17
C ASN C 595 35.53 3.56 32.70
N ILE C 596 35.61 4.55 33.59
CA ILE C 596 36.90 5.09 34.02
C ILE C 596 37.28 4.53 35.39
N ARG C 597 38.48 3.97 35.48
CA ARG C 597 38.93 3.30 36.69
C ARG C 597 39.49 4.31 37.69
N VAL C 598 38.77 4.50 38.79
CA VAL C 598 39.17 5.47 39.80
C VAL C 598 38.91 4.96 41.20
N ARG C 599 39.24 5.77 42.20
CA ARG C 599 38.91 5.46 43.58
C ARG C 599 37.81 6.37 44.11
N VAL C 600 37.34 6.09 45.32
CA VAL C 600 36.30 6.90 45.95
C VAL C 600 36.72 7.34 47.35
N PRO C 601 36.69 8.64 47.59
CA PRO C 601 36.21 9.60 46.59
C PRO C 601 37.27 9.86 45.53
N PHE C 602 38.52 9.50 45.83
CA PHE C 602 39.65 9.89 45.00
C PHE C 602 40.31 11.15 45.51
N PRO C 603 41.63 11.19 45.45
CA PRO C 603 42.39 12.37 45.85
C PRO C 603 41.85 13.62 45.17
N ILE C 604 42.31 14.78 45.63
CA ILE C 604 41.81 16.06 45.15
C ILE C 604 42.07 16.22 43.65
N ASP C 605 41.39 17.17 43.03
CA ASP C 605 41.55 17.43 41.61
C ASP C 605 40.75 16.44 40.77
N LYS C 606 40.44 16.83 39.54
CA LYS C 606 39.64 15.99 38.65
C LYS C 606 38.22 16.50 38.53
N ASN C 607 37.77 17.22 39.56
CA ASN C 607 36.56 18.02 39.46
C ASN C 607 35.38 17.20 38.96
N ILE C 608 34.97 16.22 39.75
CA ILE C 608 33.74 15.48 39.50
C ILE C 608 32.52 16.40 39.60
N SER C 609 31.57 16.20 38.70
CA SER C 609 30.38 17.04 38.66
C SER C 609 29.28 16.40 37.81
N ALA C 610 28.05 16.47 38.29
CA ALA C 610 26.92 15.88 37.58
C ALA C 610 25.60 16.41 38.13
N ASP C 611 24.49 16.04 37.48
CA ASP C 611 23.17 16.42 37.93
C ASP C 611 22.58 15.36 38.86
N PHE C 612 22.87 14.09 38.56
CA PHE C 612 22.44 12.99 39.40
C PHE C 612 23.57 12.00 39.64
N ILE C 613 23.64 11.47 40.86
CA ILE C 613 24.57 10.40 41.17
C ILE C 613 23.85 9.19 41.75
N ILE C 614 24.11 8.02 41.16
CA ILE C 614 23.64 6.76 41.74
C ILE C 614 24.81 5.92 42.22
N CYS C 615 24.92 5.76 43.54
CA CYS C 615 26.05 5.07 44.15
C CYS C 615 25.72 3.62 44.48
N ASP C 616 26.55 2.71 44.01
CA ASP C 616 26.44 1.30 44.36
C ASP C 616 27.75 0.74 44.87
N ILE C 617 28.27 1.35 45.93
CA ILE C 617 29.60 0.99 46.45
C ILE C 617 29.48 0.07 47.65
N ASN C 618 30.46 -0.82 47.80
CA ASN C 618 30.34 -1.93 48.74
C ASN C 618 31.20 -3.11 48.31
N SER C 619 31.77 -3.82 49.29
CA SER C 619 32.48 -5.05 49.02
C SER C 619 33.99 -4.87 49.21
N TYR C 620 34.71 -5.99 49.26
CA TYR C 620 34.11 -7.30 49.08
C TYR C 620 34.65 -8.29 50.10
N GLU C 621 34.29 -8.10 51.37
CA GLU C 621 34.58 -9.07 52.41
C GLU C 621 36.09 -9.28 52.55
N ASP C 622 36.63 -8.88 53.70
CA ASP C 622 35.85 -8.19 54.72
C ASP C 622 36.74 -7.31 55.60
N GLN C 623 36.18 -6.80 56.68
CA GLN C 623 36.93 -6.01 57.64
C GLN C 623 36.11 -5.76 58.91
N SER C 624 36.81 -5.63 60.03
CA SER C 624 36.16 -5.44 61.31
C SER C 624 35.31 -4.18 61.33
N PHE C 625 34.42 -4.07 62.31
CA PHE C 625 33.40 -3.02 62.32
C PHE C 625 34.04 -1.64 62.33
N GLU C 626 35.03 -1.46 63.20
CA GLU C 626 35.61 -0.14 63.44
C GLU C 626 36.29 0.39 62.18
N SER C 627 36.64 -0.51 61.26
CA SER C 627 37.25 -0.13 60.00
C SER C 627 36.23 -0.10 58.87
N MET C 628 35.24 -0.99 58.95
CA MET C 628 34.15 -1.02 57.98
C MET C 628 33.32 0.25 58.06
N PHE C 629 33.00 0.67 59.29
CA PHE C 629 32.18 1.85 59.51
C PHE C 629 32.78 3.07 58.81
N SER C 630 34.09 3.23 58.92
CA SER C 630 34.77 4.40 58.40
C SER C 630 34.77 4.40 56.87
N GLU C 631 34.52 3.24 56.29
CA GLU C 631 34.43 3.12 54.83
C GLU C 631 33.03 3.40 54.34
N THR C 632 32.04 2.91 55.07
CA THR C 632 30.64 3.09 54.70
C THR C 632 30.22 4.56 54.86
N ILE C 633 30.68 5.19 55.93
CA ILE C 633 30.29 6.55 56.25
C ILE C 633 30.98 7.55 55.33
N SER C 634 32.09 7.14 54.74
CA SER C 634 32.90 8.02 53.90
C SER C 634 32.35 8.07 52.49
N VAL C 635 31.57 7.06 52.12
CA VAL C 635 30.95 7.01 50.80
C VAL C 635 29.80 8.00 50.69
N VAL C 636 29.00 8.09 51.76
CA VAL C 636 27.81 8.93 51.76
C VAL C 636 28.18 10.40 51.67
N THR C 637 29.16 10.81 52.46
CA THR C 637 29.49 12.23 52.61
C THR C 637 30.24 12.75 51.39
N THR C 638 30.62 11.85 50.50
CA THR C 638 31.38 12.21 49.31
C THR C 638 30.53 12.05 48.06
N CYS C 639 29.24 11.81 48.24
CA CYS C 639 28.28 11.87 47.16
C CYS C 639 27.20 12.92 47.44
N ALA C 640 27.04 13.27 48.71
CA ALA C 640 26.09 14.30 49.11
C ALA C 640 26.53 15.68 48.64
N SER C 641 27.84 15.89 48.60
CA SER C 641 28.40 17.18 48.17
C SER C 641 28.84 17.11 46.71
N ALA C 642 28.76 15.93 46.12
CA ALA C 642 29.20 15.73 44.74
C ALA C 642 28.12 16.13 43.75
N ALA C 643 26.87 16.06 44.19
CA ALA C 643 25.74 16.43 43.35
C ALA C 643 24.63 17.09 44.17
N THR C 644 23.58 17.53 43.49
CA THR C 644 22.51 18.28 44.12
C THR C 644 21.38 17.37 44.56
N ARG C 645 21.18 16.29 43.83
CA ARG C 645 20.15 15.31 44.16
C ARG C 645 20.65 13.88 43.97
N ALA C 646 21.43 13.40 44.93
CA ALA C 646 22.10 12.12 44.80
C ALA C 646 21.40 11.04 45.62
N LEU C 647 21.73 9.79 45.34
CA LEU C 647 21.22 8.67 46.13
C LEU C 647 22.34 7.70 46.48
N VAL C 648 22.43 7.35 47.77
CA VAL C 648 23.55 6.55 48.27
C VAL C 648 23.08 5.21 48.80
N LYS C 649 24.02 4.33 49.09
CA LYS C 649 23.71 2.98 49.54
C LYS C 649 24.59 2.56 50.70
N ILE C 650 23.97 2.04 51.76
CA ILE C 650 24.69 1.53 52.90
C ILE C 650 24.30 0.09 53.21
N ASN C 651 25.18 -0.63 53.90
CA ASN C 651 24.85 -1.96 54.42
C ASN C 651 24.39 -1.88 55.87
N HIS C 652 23.94 -3.01 56.40
CA HIS C 652 23.65 -3.11 57.82
C HIS C 652 22.84 -1.92 58.32
N PRO C 653 21.57 -1.86 57.93
CA PRO C 653 20.75 -0.68 58.18
C PRO C 653 20.47 -0.51 59.66
N SER C 654 21.09 -1.35 60.48
CA SER C 654 21.04 -1.18 61.92
C SER C 654 20.83 0.27 62.32
N GLU C 655 19.96 0.51 63.28
CA GLU C 655 19.43 1.85 63.53
C GLU C 655 20.51 2.79 64.03
N TYR C 656 21.68 2.22 64.36
CA TYR C 656 22.87 3.01 64.65
C TYR C 656 23.46 3.58 63.36
N MET C 657 23.65 2.72 62.37
CA MET C 657 24.23 3.12 61.10
C MET C 657 23.44 4.27 60.47
N ILE C 658 22.13 4.08 60.35
CA ILE C 658 21.29 5.04 59.66
C ILE C 658 21.28 6.39 60.37
N ASN C 659 21.45 6.36 61.69
CA ASN C 659 21.45 7.57 62.49
C ASN C 659 22.80 8.28 62.42
N SER C 660 23.86 7.50 62.26
CA SER C 660 25.20 8.05 62.12
C SER C 660 25.42 8.64 60.74
N VAL C 661 24.70 8.12 59.76
CA VAL C 661 24.71 8.68 58.41
C VAL C 661 24.10 10.07 58.37
N ILE C 662 22.97 10.22 59.05
CA ILE C 662 22.29 11.51 59.12
C ILE C 662 23.10 12.52 59.94
N GLU C 663 23.68 12.04 61.03
CA GLU C 663 24.45 12.91 61.92
C GLU C 663 25.61 13.56 61.18
N ARG C 664 26.22 12.79 60.27
CA ARG C 664 27.43 13.24 59.59
C ARG C 664 27.09 14.16 58.41
N LEU C 665 25.80 14.32 58.15
CA LEU C 665 25.35 15.18 57.06
C LEU C 665 24.75 16.47 57.59
N SER C 666 24.10 16.39 58.75
CA SER C 666 23.39 17.53 59.32
C SER C 666 24.37 18.56 59.89
N GLN C 667 25.55 18.08 60.29
CA GLN C 667 26.57 18.95 60.87
C GLN C 667 27.33 19.70 59.78
N LEU C 668 27.81 18.96 58.78
CA LEU C 668 28.68 19.52 57.76
C LEU C 668 27.92 20.53 56.89
N GLY C 669 26.86 20.06 56.25
CA GLY C 669 26.16 20.87 55.25
C GLY C 669 25.37 21.99 55.91
N GLY C 670 25.15 23.08 55.16
CA GLY C 670 24.33 24.17 55.63
C GLY C 670 22.85 23.88 55.41
N VAL C 671 21.99 24.47 56.24
CA VAL C 671 20.55 24.26 56.14
C VAL C 671 20.22 22.78 56.16
N PHE C 672 21.06 21.97 56.81
CA PHE C 672 20.80 20.55 56.98
C PHE C 672 20.52 19.89 55.63
N TYR C 673 20.15 18.62 55.68
CA TYR C 673 19.61 17.93 54.51
C TYR C 673 18.36 17.14 54.87
N HIS C 674 17.53 16.87 53.86
CA HIS C 674 16.38 15.99 54.03
C HIS C 674 16.66 14.60 53.47
N THR C 675 16.61 13.60 54.33
CA THR C 675 16.93 12.22 53.94
C THR C 675 15.71 11.31 54.07
N ALA C 676 15.64 10.31 53.21
CA ALA C 676 14.64 9.25 53.35
C ALA C 676 15.06 8.00 52.59
N LEU C 677 14.98 6.85 53.25
CA LEU C 677 15.36 5.59 52.64
C LEU C 677 14.18 4.93 51.95
N LEU C 678 14.47 4.00 51.04
CA LEU C 678 13.44 3.37 50.22
C LEU C 678 13.85 1.96 49.81
N LYS C 679 12.85 1.14 49.50
CA LYS C 679 13.09 -0.12 48.81
C LYS C 679 12.58 -0.07 47.37
N THR C 680 13.27 -0.78 46.48
CA THR C 680 12.79 -0.95 45.11
C THR C 680 12.59 -2.42 44.77
N ALA C 681 11.80 -2.67 43.74
CA ALA C 681 11.60 -4.03 43.24
C ALA C 681 12.83 -4.51 42.47
N SER C 682 12.94 -5.83 42.31
CA SER C 682 14.09 -6.42 41.63
C SER C 682 15.38 -6.17 42.40
N GLN C 683 15.31 -6.34 43.72
CA GLN C 683 16.45 -6.09 44.59
C GLN C 683 16.81 -7.33 45.39
N ASN C 684 16.45 -8.50 44.87
CA ASN C 684 16.64 -9.75 45.59
C ASN C 684 15.97 -9.70 46.97
N PRO C 685 14.77 -10.25 47.05
CA PRO C 685 13.98 -10.16 48.27
C PRO C 685 14.79 -10.57 49.49
N TYR C 686 14.35 -10.12 50.67
CA TYR C 686 15.11 -10.34 51.90
C TYR C 686 16.61 -10.30 51.64
N SER C 687 17.10 -9.15 51.19
CA SER C 687 18.53 -8.94 51.05
C SER C 687 19.01 -7.78 51.92
N TYR C 688 18.10 -7.24 52.73
CA TYR C 688 18.41 -6.10 53.56
C TYR C 688 19.34 -5.12 52.85
N GLU C 689 19.01 -4.79 51.61
CA GLU C 689 19.69 -3.73 50.89
C GLU C 689 18.77 -2.53 50.65
N THR C 690 18.79 -1.59 51.59
CA THR C 690 18.01 -0.37 51.45
C THR C 690 18.81 0.71 50.72
N TYR C 691 18.10 1.71 50.21
CA TYR C 691 18.76 2.86 49.58
C TYR C 691 18.35 4.17 50.25
N ILE C 692 19.26 5.13 50.26
CA ILE C 692 19.02 6.41 50.91
C ILE C 692 18.99 7.55 49.90
N TYR C 693 17.81 8.14 49.71
CA TYR C 693 17.66 9.28 48.82
C TYR C 693 17.82 10.59 49.56
N ILE C 694 18.67 11.47 49.03
CA ILE C 694 19.02 12.70 49.71
C ILE C 694 18.56 13.92 48.93
N THR C 695 17.86 14.82 49.61
CA THR C 695 17.38 16.05 49.00
C THR C 695 17.76 17.27 49.82
N PRO C 696 18.15 18.34 49.14
CA PRO C 696 18.63 19.54 49.80
C PRO C 696 17.48 20.32 50.45
N ILE C 697 16.73 19.63 51.31
CA ILE C 697 15.57 20.23 51.95
C ILE C 697 14.84 21.18 51.00
N ALA C 698 13.89 21.93 51.53
CA ALA C 698 13.39 23.13 50.86
C ALA C 698 13.34 24.32 51.82
N ALA C 699 13.47 24.03 53.11
CA ALA C 699 13.48 25.08 54.13
C ALA C 699 14.21 24.61 55.38
N ALA C 700 13.45 24.08 56.33
CA ALA C 700 14.04 23.37 57.47
C ALA C 700 13.26 22.11 57.79
N VAL C 701 13.96 20.99 57.86
CA VAL C 701 13.32 19.69 58.04
C VAL C 701 12.79 19.53 59.46
N ARG C 702 11.61 18.94 59.59
CA ARG C 702 10.99 18.72 60.89
C ARG C 702 11.58 17.49 61.57
N PHE C 703 11.43 16.34 60.93
CA PHE C 703 11.77 15.07 61.55
C PHE C 703 12.83 14.31 60.76
N PRO C 704 14.08 14.63 61.01
CA PRO C 704 15.18 14.15 60.19
C PRO C 704 15.55 12.71 60.55
N PHE C 705 15.30 12.34 61.80
CA PHE C 705 15.86 11.13 62.38
C PHE C 705 14.85 9.98 62.35
N TYR C 706 15.30 8.79 62.72
CA TYR C 706 14.41 7.64 62.86
C TYR C 706 14.21 7.27 64.32
N SER C 707 13.00 6.82 64.64
CA SER C 707 12.69 6.41 66.01
C SER C 707 12.60 4.90 66.12
N ASN C 708 11.42 4.36 65.87
CA ASN C 708 11.20 2.91 65.96
C ASN C 708 11.91 2.18 64.83
N SER C 709 12.00 2.83 63.67
CA SER C 709 12.63 2.23 62.50
C SER C 709 11.87 1.00 62.02
N ALA C 710 10.99 1.20 61.05
CA ALA C 710 10.09 0.14 60.60
C ALA C 710 10.75 -0.71 59.52
N MET C 711 11.20 -0.07 58.45
CA MET C 711 11.81 -0.77 57.33
C MET C 711 13.15 -1.38 57.73
N ILE C 712 13.86 -0.71 58.63
CA ILE C 712 15.14 -1.18 59.12
C ILE C 712 14.97 -2.41 60.01
N ASN C 713 13.88 -2.43 60.78
CA ASN C 713 13.67 -3.49 61.78
C ASN C 713 13.88 -4.86 61.17
N ARG C 714 13.42 -5.05 59.94
CA ARG C 714 13.60 -6.31 59.24
C ARG C 714 15.00 -6.87 59.44
N TYR C 715 15.99 -5.99 59.30
CA TYR C 715 17.38 -6.40 59.47
C TYR C 715 17.67 -6.83 60.90
N MET C 716 17.12 -6.09 61.86
CA MET C 716 17.47 -6.26 63.27
C MET C 716 16.63 -7.36 63.89
N THR C 717 16.57 -8.52 63.24
CA THR C 717 15.81 -9.65 63.74
C THR C 717 16.59 -10.95 63.59
N ALA C 718 17.73 -10.87 62.91
CA ALA C 718 18.55 -12.04 62.66
C ALA C 718 19.25 -12.50 63.94
N VAL C 719 19.49 -13.81 64.03
CA VAL C 719 20.13 -14.38 65.21
C VAL C 719 21.30 -15.28 64.83
N ALA C 720 22.06 -15.72 65.83
CA ALA C 720 23.20 -16.59 65.60
C ALA C 720 22.75 -18.00 65.24
N ASP C 721 23.70 -18.89 65.01
CA ASP C 721 23.41 -20.29 64.75
C ASP C 721 22.46 -20.86 65.80
N ASP C 722 21.64 -21.84 65.39
CA ASP C 722 20.56 -22.33 66.23
C ASP C 722 20.39 -23.83 66.08
N GLU C 723 19.50 -24.24 65.19
CA GLU C 723 19.07 -25.63 65.10
C GLU C 723 19.56 -26.27 63.83
N MET C 724 18.84 -26.03 62.73
CA MET C 724 19.04 -26.77 61.49
C MET C 724 18.48 -26.02 60.29
N PRO C 725 18.89 -26.43 59.10
CA PRO C 725 18.50 -25.73 57.87
C PRO C 725 17.12 -26.14 57.42
N ILE C 726 16.55 -27.15 58.08
CA ILE C 726 15.27 -27.71 57.69
C ILE C 726 15.35 -28.39 56.33
N ILE C 727 15.00 -27.65 55.28
CA ILE C 727 15.11 -28.16 53.92
C ILE C 727 14.05 -29.23 53.64
N PRO C 728 13.19 -28.97 52.66
CA PRO C 728 12.17 -29.93 52.28
C PRO C 728 12.77 -31.13 51.55
N SER C 729 12.01 -32.22 51.50
CA SER C 729 12.46 -33.44 50.84
C SER C 729 11.29 -34.28 50.36
N ILE C 730 11.57 -35.52 49.97
CA ILE C 730 10.53 -36.44 49.53
C ILE C 730 10.50 -37.69 50.41
N HIS C 731 9.41 -38.44 50.31
CA HIS C 731 9.17 -39.57 51.19
C HIS C 731 8.96 -40.86 50.39
N THR C 732 8.11 -40.78 49.37
CA THR C 732 7.69 -41.96 48.62
C THR C 732 7.30 -43.09 49.56
N VAL C 733 6.44 -42.78 50.52
CA VAL C 733 5.88 -43.80 51.41
C VAL C 733 4.72 -43.26 52.22
N ILE C 734 3.73 -44.11 52.46
CA ILE C 734 2.50 -43.69 53.14
C ILE C 734 2.13 -44.65 54.26
N LYS C 735 2.08 -44.14 55.49
CA LYS C 735 1.49 -44.88 56.60
C LYS C 735 0.07 -44.42 56.86
N GLY C 736 -0.71 -45.28 57.51
CA GLY C 736 -2.12 -45.01 57.76
C GLY C 736 -2.33 -44.39 59.14
N HIS C 737 -2.67 -43.11 59.16
CA HIS C 737 -2.94 -42.41 60.41
C HIS C 737 -1.76 -42.51 61.37
N SER C 738 -0.59 -42.09 60.92
CA SER C 738 0.61 -42.08 61.76
C SER C 738 1.32 -40.73 61.69
N ASN C 739 1.54 -40.14 62.85
CA ASN C 739 2.09 -38.79 62.93
C ASN C 739 3.56 -38.77 62.56
N THR C 740 4.14 -37.57 62.55
CA THR C 740 5.58 -37.42 62.33
C THR C 740 5.95 -37.65 60.87
N TYR C 741 5.76 -36.61 60.05
CA TYR C 741 6.35 -36.56 58.72
C TYR C 741 7.04 -35.23 58.46
N SER C 742 8.19 -35.27 57.83
CA SER C 742 8.92 -34.06 57.49
C SER C 742 8.19 -33.26 56.42
N PRO C 743 8.25 -31.93 56.53
CA PRO C 743 7.63 -31.05 55.54
C PRO C 743 8.15 -31.35 54.15
N GLY C 744 7.29 -31.14 53.15
CA GLY C 744 7.68 -31.32 51.75
C GLY C 744 6.56 -31.99 50.96
N LEU C 745 6.94 -32.79 49.97
CA LEU C 745 5.98 -33.44 49.09
C LEU C 745 6.49 -34.80 48.63
N PHE C 746 5.57 -35.64 48.16
CA PHE C 746 5.91 -36.99 47.73
C PHE C 746 5.04 -37.43 46.56
N CYS C 747 5.58 -38.34 45.75
CA CYS C 747 4.90 -38.75 44.52
C CYS C 747 5.42 -40.10 44.03
N GLY C 748 4.67 -40.73 43.14
CA GLY C 748 5.02 -42.05 42.65
C GLY C 748 3.96 -42.58 41.70
N CYS C 749 3.77 -43.90 41.69
CA CYS C 749 2.71 -44.53 40.91
C CYS C 749 2.22 -45.81 41.57
N VAL C 750 0.95 -46.12 41.37
CA VAL C 750 0.34 -47.30 41.96
C VAL C 750 -0.50 -48.06 40.95
N ASP C 751 -0.80 -49.32 41.26
CA ASP C 751 -1.71 -50.12 40.44
C ASP C 751 -3.12 -49.54 40.48
N VAL C 752 -3.70 -49.31 39.31
CA VAL C 752 -5.02 -48.71 39.21
C VAL C 752 -6.03 -49.45 40.07
N GLN C 753 -5.79 -50.74 40.28
CA GLN C 753 -6.68 -51.56 41.09
C GLN C 753 -6.70 -51.10 42.54
N SER C 754 -5.57 -50.56 43.00
CA SER C 754 -5.48 -50.01 44.35
C SER C 754 -5.19 -48.52 44.31
N ALA C 755 -5.73 -47.84 43.29
CA ALA C 755 -5.60 -46.40 43.18
C ALA C 755 -6.41 -45.68 44.25
N PRO C 756 -7.65 -46.11 44.43
CA PRO C 756 -8.55 -45.46 45.38
C PRO C 756 -8.21 -45.84 46.82
N LEU C 757 -7.37 -46.85 46.97
CA LEU C 757 -6.81 -47.20 48.28
C LEU C 757 -5.85 -46.11 48.77
N ALA C 758 -5.05 -45.57 47.85
CA ALA C 758 -4.12 -44.50 48.17
C ALA C 758 -4.86 -43.21 48.46
N LEU C 759 -5.88 -42.92 47.67
CA LEU C 759 -6.61 -41.66 47.77
C LEU C 759 -7.30 -41.52 49.11
N SER C 760 -7.62 -42.65 49.73
CA SER C 760 -8.32 -42.66 51.00
C SER C 760 -7.40 -42.30 52.15
N GLN C 761 -6.09 -42.34 51.89
CA GLN C 761 -5.09 -42.17 52.93
C GLN C 761 -4.36 -40.84 52.80
N LEU C 762 -4.33 -40.32 51.57
CA LEU C 762 -3.66 -39.05 51.30
C LEU C 762 -4.33 -37.90 52.03
N LYS C 763 -5.58 -38.12 52.44
CA LYS C 763 -6.38 -37.06 53.05
C LYS C 763 -5.86 -36.69 54.42
N SER C 764 -4.92 -37.48 54.93
CA SER C 764 -4.43 -37.31 56.30
C SER C 764 -3.29 -36.31 56.35
N TYR C 765 -2.72 -35.99 55.20
CA TYR C 765 -1.47 -35.24 55.13
C TYR C 765 -1.63 -34.00 54.28
N CYS C 766 -2.54 -34.05 53.32
CA CYS C 766 -2.69 -32.97 52.35
C CYS C 766 -4.16 -32.73 52.01
N SER C 767 -4.42 -31.71 51.20
CA SER C 767 -5.76 -31.45 50.71
C SER C 767 -5.81 -31.50 49.18
N GLU C 768 -4.73 -31.05 48.54
CA GLU C 768 -4.63 -31.08 47.09
C GLU C 768 -3.91 -32.34 46.63
N ALA C 769 -4.32 -32.85 45.46
CA ALA C 769 -3.63 -33.98 44.83
C ALA C 769 -3.83 -33.98 43.33
N THR C 770 -2.90 -34.60 42.62
CA THR C 770 -2.97 -34.69 41.17
C THR C 770 -2.70 -36.10 40.68
N THR C 771 -3.56 -36.61 39.81
CA THR C 771 -3.41 -37.95 39.25
C THR C 771 -3.53 -37.92 37.73
N TRP C 772 -2.86 -38.86 37.07
CA TRP C 772 -3.06 -39.09 35.65
C TRP C 772 -2.48 -40.43 35.20
N ARG C 773 -3.15 -41.08 34.26
CA ARG C 773 -2.60 -42.25 33.61
C ARG C 773 -1.79 -41.88 32.37
N VAL C 774 -0.67 -42.56 32.16
CA VAL C 774 0.19 -42.29 31.02
C VAL C 774 -0.47 -42.71 29.72
N ASP C 775 -0.87 -43.97 29.66
CA ASP C 775 -1.57 -44.49 28.48
C ASP C 775 -2.80 -45.30 28.88
N SER C 776 -3.73 -45.47 27.96
CA SER C 776 -5.07 -45.93 28.29
C SER C 776 -5.04 -47.33 28.89
N ASP C 777 -4.01 -48.09 28.53
CA ASP C 777 -3.95 -49.51 28.88
C ASP C 777 -2.61 -49.86 29.53
N ASP C 778 -2.10 -48.95 30.34
CA ASP C 778 -0.91 -49.23 31.14
C ASP C 778 -1.29 -49.75 32.52
N ASN C 779 -2.37 -49.23 33.08
CA ASN C 779 -2.86 -49.69 34.37
C ASN C 779 -2.04 -49.09 35.50
N LEU C 780 -1.08 -48.25 35.17
CA LEU C 780 -0.31 -47.52 36.16
C LEU C 780 -0.79 -46.08 36.28
N VAL C 781 -1.04 -45.64 37.51
CA VAL C 781 -1.51 -44.28 37.75
C VAL C 781 -0.50 -43.48 38.56
N ASN C 782 -0.08 -42.36 38.02
CA ASN C 782 0.88 -41.48 38.69
C ASN C 782 0.19 -40.55 39.68
N ILE C 783 0.78 -40.40 40.86
CA ILE C 783 0.17 -39.60 41.91
C ILE C 783 1.18 -38.59 42.49
N ILE C 784 0.75 -37.34 42.60
CA ILE C 784 1.53 -36.33 43.31
C ILE C 784 0.73 -35.70 44.43
N ALA C 785 1.30 -35.68 45.63
CA ALA C 785 0.65 -35.09 46.80
C ALA C 785 1.60 -34.18 47.56
N ARG C 786 1.04 -33.19 48.25
CA ARG C 786 1.85 -32.17 48.92
C ARG C 786 1.41 -31.99 50.36
N ILE C 787 2.37 -32.07 51.28
CA ILE C 787 2.06 -32.08 52.70
C ILE C 787 1.87 -30.67 53.24
N ASP C 788 0.74 -30.43 53.89
CA ASP C 788 0.45 -29.13 54.49
C ASP C 788 0.16 -29.27 55.98
N PRO C 789 0.83 -28.44 56.78
CA PRO C 789 0.64 -28.46 58.23
C PRO C 789 -0.71 -27.86 58.61
N ALA C 790 -1.40 -27.30 57.62
CA ALA C 790 -2.74 -26.76 57.84
C ALA C 790 -3.78 -27.87 57.89
N ARG C 791 -3.38 -29.07 57.46
CA ARG C 791 -4.28 -30.22 57.45
C ARG C 791 -3.85 -31.25 58.49
N ILE C 792 -2.55 -31.32 58.75
CA ILE C 792 -2.02 -32.23 59.76
C ILE C 792 -2.64 -31.93 61.13
N ALA C 793 -2.80 -30.65 61.43
CA ALA C 793 -3.29 -30.23 62.74
C ALA C 793 -4.79 -30.47 62.86
N LEU C 794 -5.42 -30.84 61.76
CA LEU C 794 -6.86 -31.08 61.73
C LEU C 794 -7.17 -32.57 61.61
N GLU C 795 -6.17 -33.35 61.21
CA GLU C 795 -6.34 -34.78 60.99
C GLU C 795 -6.18 -35.56 62.28
N PHE C 796 -5.14 -35.23 63.05
CA PHE C 796 -4.71 -36.07 64.15
C PHE C 796 -5.25 -35.56 65.49
N ARG C 797 -6.53 -35.20 65.50
CA ARG C 797 -7.17 -34.72 66.71
C ARG C 797 -7.44 -35.86 67.69
N THR C 798 -8.24 -36.83 67.24
CA THR C 798 -8.50 -38.01 68.05
C THR C 798 -8.06 -39.28 67.33
N ARG C 799 -8.95 -40.26 67.26
CA ARG C 799 -8.60 -41.58 66.76
C ARG C 799 -9.42 -41.95 65.53
N SER C 800 -10.54 -41.27 65.36
CA SER C 800 -11.45 -41.57 64.25
C SER C 800 -10.76 -41.40 62.91
N ASN C 801 -10.75 -42.47 62.11
CA ASN C 801 -10.10 -42.45 60.81
C ASN C 801 -11.12 -42.25 59.69
N THR C 802 -12.26 -42.93 59.81
CA THR C 802 -13.31 -42.84 58.80
C THR C 802 -12.73 -42.71 57.41
N SER C 803 -12.79 -41.51 56.85
CA SER C 803 -12.49 -41.30 55.44
C SER C 803 -13.63 -41.81 54.56
N ALA C 804 -13.42 -41.77 53.25
CA ALA C 804 -14.47 -42.09 52.29
C ALA C 804 -13.95 -43.01 51.19
N TYR C 805 -13.82 -44.29 51.50
CA TYR C 805 -13.37 -45.28 50.52
C TYR C 805 -14.37 -45.41 49.38
N HIS C 806 -15.65 -45.41 49.72
CA HIS C 806 -16.70 -45.66 48.75
C HIS C 806 -16.70 -44.61 47.64
N GLU C 807 -16.32 -43.39 47.99
CA GLU C 807 -16.43 -42.26 47.08
C GLU C 807 -15.43 -42.36 45.94
N TYR C 808 -14.22 -42.80 46.26
CA TYR C 808 -13.10 -42.72 45.34
C TYR C 808 -12.96 -44.00 44.54
N GLN C 809 -13.51 -45.10 45.06
CA GLN C 809 -13.45 -46.39 44.40
C GLN C 809 -14.30 -46.40 43.13
N ARG C 810 -15.11 -45.37 42.96
CA ARG C 810 -15.99 -45.26 41.80
C ARG C 810 -15.26 -44.66 40.61
N TYR C 811 -13.93 -44.72 40.64
CA TYR C 811 -13.11 -44.18 39.56
C TYR C 811 -12.50 -45.30 38.72
N VAL C 812 -12.07 -46.37 39.40
CA VAL C 812 -11.49 -47.52 38.72
C VAL C 812 -12.48 -48.12 37.72
N PRO C 813 -11.99 -48.42 36.52
CA PRO C 813 -10.58 -48.20 36.19
C PRO C 813 -10.35 -46.76 35.75
N ASN C 814 -11.22 -46.27 34.86
CA ASN C 814 -10.96 -45.01 34.17
C ASN C 814 -11.71 -43.85 34.81
N GLY C 815 -11.11 -42.68 34.79
CA GLY C 815 -11.71 -41.50 35.40
C GLY C 815 -10.69 -40.75 36.25
N LEU C 816 -9.47 -41.27 36.31
CA LEU C 816 -8.40 -40.64 37.08
C LEU C 816 -7.62 -39.66 36.22
N GLY C 817 -7.97 -39.58 34.95
CA GLY C 817 -7.39 -38.58 34.05
C GLY C 817 -6.38 -39.23 33.10
N PHE C 818 -6.24 -38.66 31.91
CA PHE C 818 -5.25 -39.13 30.95
C PHE C 818 -4.41 -37.98 30.42
N LYS C 819 -3.10 -38.17 30.41
CA LYS C 819 -2.17 -37.11 30.01
C LYS C 819 -0.91 -37.69 29.38
N VAL C 820 -0.61 -37.25 28.16
CA VAL C 820 0.58 -37.70 27.45
C VAL C 820 1.74 -36.75 27.67
N ARG C 821 2.82 -36.95 26.90
CA ARG C 821 3.97 -36.06 26.94
C ARG C 821 4.48 -35.89 28.36
N LYS C 822 5.36 -34.91 28.56
CA LYS C 822 6.02 -34.70 29.84
C LYS C 822 5.36 -33.57 30.61
N THR C 823 5.53 -33.58 31.93
CA THR C 823 5.06 -32.48 32.77
C THR C 823 6.05 -32.19 33.89
N ARG C 824 6.20 -30.91 34.22
CA ARG C 824 7.17 -30.48 35.22
C ARG C 824 6.48 -29.96 36.47
N GLU C 825 6.88 -30.49 37.62
CA GLU C 825 6.34 -30.05 38.90
C GLU C 825 7.39 -29.31 39.72
N PHE C 826 6.96 -28.28 40.45
CA PHE C 826 7.88 -27.44 41.20
C PHE C 826 7.70 -27.65 42.71
N ARG C 827 8.51 -26.98 43.49
CA ARG C 827 8.75 -27.37 44.88
C ARG C 827 8.17 -26.34 45.85
N TYR C 828 8.31 -25.06 45.49
CA TYR C 828 8.04 -23.97 46.42
C TYR C 828 6.76 -23.23 46.04
N MET C 829 6.00 -23.81 45.12
CA MET C 829 4.65 -23.33 44.83
C MET C 829 4.66 -21.85 44.49
N HIS C 830 3.47 -21.24 44.52
CA HIS C 830 3.35 -19.79 44.37
C HIS C 830 2.13 -19.27 45.12
N ARG C 831 2.37 -18.39 46.08
CA ARG C 831 1.29 -17.73 46.80
C ARG C 831 1.44 -16.21 46.76
N GLU C 832 0.32 -15.51 46.77
CA GLU C 832 0.33 -14.05 46.77
C GLU C 832 0.90 -13.51 48.09
N VAL C 833 0.43 -12.34 48.50
CA VAL C 833 0.86 -11.73 49.74
C VAL C 833 -0.28 -11.62 50.73
N THR C 834 -1.51 -11.80 50.24
CA THR C 834 -2.68 -11.88 51.12
C THR C 834 -2.64 -13.16 51.96
N PHE C 835 -2.00 -14.20 51.43
CA PHE C 835 -1.94 -15.49 52.11
C PHE C 835 -0.71 -15.57 53.02
N ILE C 836 0.41 -15.05 52.54
CA ILE C 836 1.66 -15.09 53.30
C ILE C 836 1.58 -14.20 54.53
N HIS C 837 0.95 -13.04 54.38
CA HIS C 837 0.71 -12.15 55.50
C HIS C 837 0.01 -12.87 56.65
N LYS C 838 -0.96 -13.70 56.30
CA LYS C 838 -1.71 -14.46 57.29
C LYS C 838 -0.87 -15.61 57.85
N LEU C 839 0.00 -16.15 57.02
CA LEU C 839 0.92 -17.20 57.45
C LEU C 839 1.93 -16.67 58.46
N MET C 840 2.17 -15.36 58.41
CA MET C 840 2.96 -14.68 59.44
C MET C 840 2.09 -14.31 60.64
N MET C 841 0.81 -14.08 60.38
CA MET C 841 -0.14 -13.72 61.43
C MET C 841 -0.30 -14.86 62.43
N TYR C 842 -0.36 -16.08 61.91
CA TYR C 842 -0.64 -17.25 62.74
C TYR C 842 0.66 -17.88 63.25
N ALA C 843 1.74 -17.68 62.50
CA ALA C 843 3.06 -18.12 62.93
C ALA C 843 3.52 -17.38 64.18
N LEU C 844 2.98 -16.18 64.38
CA LEU C 844 3.27 -15.41 65.58
C LEU C 844 2.52 -15.97 66.78
N ILE C 845 1.19 -16.08 66.65
CA ILE C 845 0.33 -16.39 67.78
C ILE C 845 0.60 -17.80 68.31
N ARG C 846 1.09 -18.66 67.43
CA ARG C 846 1.42 -20.03 67.81
C ARG C 846 2.48 -20.07 68.90
N GLU C 847 3.43 -19.15 68.83
CA GLU C 847 4.51 -19.08 69.80
C GLU C 847 3.99 -18.62 71.16
N GLN C 848 2.94 -17.81 71.14
CA GLN C 848 2.42 -17.18 72.36
C GLN C 848 1.50 -18.13 73.12
N ILE C 849 0.70 -18.89 72.38
CA ILE C 849 -0.30 -19.76 72.98
C ILE C 849 0.36 -20.94 73.69
N SER C 850 1.30 -21.59 72.99
CA SER C 850 1.94 -22.78 73.52
C SER C 850 3.11 -22.44 74.43
N LEU C 851 2.79 -21.85 75.58
CA LEU C 851 3.81 -21.41 76.52
C LEU C 851 3.22 -21.12 77.89
N THR C 852 1.92 -20.81 77.91
CA THR C 852 1.25 -20.39 79.14
C THR C 852 0.96 -21.58 80.04
N GLU C 853 0.74 -21.32 81.32
CA GLU C 853 0.52 -22.38 82.31
C GLU C 853 -0.57 -23.34 81.84
N ASN C 854 -1.80 -22.83 81.73
CA ASN C 854 -2.97 -23.69 81.57
C ASN C 854 -3.96 -23.07 80.60
N MET C 855 -4.69 -23.93 79.88
CA MET C 855 -5.71 -23.48 78.95
C MET C 855 -6.98 -24.32 79.05
N THR C 856 -8.11 -23.70 78.77
CA THR C 856 -9.39 -24.41 78.76
C THR C 856 -9.90 -24.60 77.34
N GLN C 857 -9.88 -23.52 76.56
CA GLN C 857 -10.37 -23.55 75.19
C GLN C 857 -9.75 -22.43 74.35
N VAL C 858 -9.62 -22.68 73.05
CA VAL C 858 -9.21 -21.64 72.12
C VAL C 858 -10.38 -21.23 71.23
N VAL C 859 -10.68 -19.93 71.22
CA VAL C 859 -11.87 -19.43 70.54
C VAL C 859 -11.49 -18.54 69.36
N SER C 860 -12.01 -18.88 68.18
CA SER C 860 -11.84 -18.05 67.00
C SER C 860 -13.16 -17.40 66.60
N ILE C 861 -13.09 -16.15 66.13
CA ILE C 861 -14.26 -15.43 65.68
C ILE C 861 -14.12 -14.96 64.24
N GLY C 862 -14.84 -15.62 63.34
CA GLY C 862 -14.76 -15.31 61.92
C GLY C 862 -13.69 -16.16 61.22
N GLY C 863 -14.09 -16.80 60.12
CA GLY C 863 -13.16 -17.60 59.34
C GLY C 863 -13.87 -18.79 58.69
N ARG C 864 -13.09 -19.68 58.09
CA ARG C 864 -13.64 -20.88 57.46
C ARG C 864 -13.08 -22.15 58.10
N ASN C 865 -13.13 -22.20 59.43
CA ASN C 865 -12.38 -23.21 60.17
C ASN C 865 -10.88 -23.01 60.02
N LEU C 866 -10.47 -21.75 59.86
CA LEU C 866 -9.07 -21.43 59.64
C LEU C 866 -8.34 -21.19 60.96
N ALA C 867 -7.02 -21.08 60.89
CA ALA C 867 -6.21 -20.86 62.09
C ALA C 867 -6.25 -22.08 63.00
N ASP C 868 -6.59 -23.23 62.44
CA ASP C 868 -6.49 -24.50 63.15
C ASP C 868 -5.07 -24.74 63.64
N ILE C 869 -4.11 -24.56 62.74
CA ILE C 869 -2.70 -24.46 63.13
C ILE C 869 -2.47 -23.28 64.06
N SER C 870 -1.82 -23.55 65.19
CA SER C 870 -1.70 -22.56 66.25
C SER C 870 -2.44 -23.00 67.51
N VAL C 871 -3.42 -23.89 67.33
CA VAL C 871 -4.13 -24.48 68.46
C VAL C 871 -3.32 -25.59 69.10
N VAL C 872 -2.81 -25.31 70.30
CA VAL C 872 -1.91 -26.24 70.99
C VAL C 872 -2.31 -26.42 72.44
N PRO C 873 -2.39 -27.68 72.88
CA PRO C 873 -2.14 -28.81 71.99
C PRO C 873 -3.35 -29.10 71.13
N LEU C 874 -3.26 -30.16 70.32
CA LEU C 874 -4.40 -30.61 69.53
C LEU C 874 -5.51 -31.15 70.41
N ASN C 875 -5.16 -31.51 71.63
CA ASN C 875 -6.15 -31.97 72.61
C ASN C 875 -7.10 -30.85 73.00
N MET C 876 -6.63 -29.61 72.87
CA MET C 876 -7.40 -28.45 73.30
C MET C 876 -8.67 -28.28 72.48
N LYS C 877 -9.77 -28.01 73.16
CA LYS C 877 -11.04 -27.75 72.49
C LYS C 877 -10.96 -26.49 71.63
N TYR C 878 -11.69 -26.50 70.51
CA TYR C 878 -11.65 -25.39 69.58
C TYR C 878 -13.06 -24.88 69.28
N VAL C 879 -13.31 -23.61 69.60
CA VAL C 879 -14.64 -23.04 69.47
C VAL C 879 -14.68 -21.96 68.40
N VAL C 880 -15.71 -22.00 67.56
CA VAL C 880 -15.88 -21.01 66.51
C VAL C 880 -17.17 -20.24 66.68
N ILE C 881 -17.08 -18.91 66.65
CA ILE C 881 -18.24 -18.05 66.79
C ILE C 881 -18.42 -17.13 65.59
N ASP C 882 -19.22 -17.57 64.62
CA ASP C 882 -19.44 -16.80 63.40
C ASP C 882 -20.83 -17.06 62.84
N PRO C 883 -21.33 -16.11 62.06
CA PRO C 883 -22.73 -16.13 61.62
C PRO C 883 -22.91 -17.09 60.45
N ALA C 884 -21.87 -17.25 59.65
CA ALA C 884 -21.96 -18.02 58.41
C ALA C 884 -20.86 -19.06 58.33
N THR C 885 -21.25 -20.32 58.23
CA THR C 885 -20.29 -21.42 58.06
C THR C 885 -21.00 -22.76 57.97
N ARG C 886 -20.25 -23.78 57.52
CA ARG C 886 -20.80 -25.13 57.43
C ARG C 886 -20.59 -25.90 58.72
N ILE C 887 -21.60 -26.67 59.11
CA ILE C 887 -21.57 -27.38 60.39
C ILE C 887 -21.89 -28.86 60.21
N GLU C 888 -22.07 -29.55 61.33
CA GLU C 888 -22.59 -30.91 61.30
C GLU C 888 -21.49 -31.94 61.14
N THR C 889 -21.31 -32.43 59.91
CA THR C 889 -20.44 -33.56 59.66
C THR C 889 -19.08 -33.38 60.33
N LEU C 890 -18.52 -32.19 60.22
CA LEU C 890 -17.19 -31.91 60.74
C LEU C 890 -17.19 -31.91 62.27
N THR C 891 -18.34 -31.55 62.85
CA THR C 891 -18.45 -31.43 64.30
C THR C 891 -18.98 -32.71 64.93
N GLN C 892 -19.51 -33.59 64.09
CA GLN C 892 -20.10 -34.84 64.56
C GLN C 892 -19.03 -35.87 64.87
N GLU C 893 -17.91 -35.80 64.14
CA GLU C 893 -16.88 -36.84 64.20
C GLU C 893 -15.92 -36.58 65.35
N LYS C 894 -16.46 -36.17 66.49
CA LYS C 894 -15.68 -36.13 67.72
C LYS C 894 -14.35 -35.43 67.52
N LYS C 895 -14.38 -34.28 66.84
CA LYS C 895 -13.17 -33.51 66.58
C LYS C 895 -12.96 -32.44 67.64
N ASN C 896 -13.82 -32.44 68.65
CA ASN C 896 -13.80 -31.39 69.67
C ASN C 896 -14.03 -30.02 69.04
N ILE C 897 -14.81 -29.98 67.97
CA ILE C 897 -15.18 -28.73 67.33
C ILE C 897 -16.65 -28.40 67.58
N GLU C 898 -16.92 -27.15 67.94
CA GLU C 898 -18.30 -26.68 68.10
C GLU C 898 -18.47 -25.28 67.55
N VAL C 899 -19.62 -25.02 66.94
CA VAL C 899 -19.86 -23.76 66.24
C VAL C 899 -21.15 -23.10 66.71
N GLN C 900 -21.07 -21.84 67.07
CA GLN C 900 -22.25 -21.07 67.47
C GLN C 900 -22.72 -20.15 66.35
N SER C 901 -23.93 -20.41 65.85
CA SER C 901 -24.45 -19.68 64.71
C SER C 901 -25.11 -18.37 65.15
N ARG C 902 -24.33 -17.50 65.78
CA ARG C 902 -24.84 -16.22 66.24
C ARG C 902 -23.79 -15.12 66.06
N PRO C 903 -24.24 -13.93 65.69
CA PRO C 903 -23.35 -12.79 65.51
C PRO C 903 -22.85 -12.26 66.85
N PHE C 904 -21.53 -12.25 67.03
CA PHE C 904 -20.93 -11.70 68.23
C PHE C 904 -21.15 -10.19 68.32
N GLN C 905 -20.86 -9.62 69.49
CA GLN C 905 -21.07 -8.20 69.72
C GLN C 905 -20.03 -7.63 70.68
N PHE C 906 -19.86 -6.32 70.65
CA PHE C 906 -18.80 -5.66 71.40
C PHE C 906 -19.33 -4.47 72.18
N ASP C 907 -20.28 -4.73 73.08
CA ASP C 907 -20.98 -3.65 73.77
C ASP C 907 -20.78 -3.76 75.28
N ALA C 908 -20.16 -4.85 75.72
CA ALA C 908 -19.97 -5.12 77.14
C ALA C 908 -21.31 -5.33 77.83
N ALA C 909 -22.33 -5.66 77.05
CA ALA C 909 -23.65 -5.95 77.60
C ALA C 909 -23.73 -7.39 78.09
N ASN C 910 -23.26 -8.33 77.28
CA ASN C 910 -23.31 -9.75 77.63
C ASN C 910 -21.97 -10.41 77.38
N MET C 911 -20.99 -10.10 78.24
CA MET C 911 -19.67 -10.72 78.15
C MET C 911 -19.50 -11.82 79.18
N ASP C 912 -18.91 -12.94 78.76
CA ASP C 912 -18.75 -14.10 79.63
C ASP C 912 -17.57 -14.95 79.19
N LEU C 913 -16.36 -14.54 79.56
CA LEU C 913 -15.14 -15.09 78.97
C LEU C 913 -14.49 -16.09 79.91
N GLU C 914 -14.12 -15.63 81.09
CA GLU C 914 -13.85 -16.52 82.21
C GLU C 914 -12.42 -17.06 82.15
N ASN C 915 -12.10 -17.97 83.08
CA ASN C 915 -10.71 -18.29 83.39
C ASN C 915 -9.85 -18.25 82.13
N ASN C 916 -9.81 -19.35 81.41
CA ASN C 916 -8.72 -19.63 80.47
C ASN C 916 -9.24 -19.78 79.05
N SER C 917 -9.93 -18.75 78.57
CA SER C 917 -10.37 -18.72 77.18
C SER C 917 -9.52 -17.78 76.35
N ILE C 918 -8.95 -18.30 75.27
CA ILE C 918 -8.10 -17.51 74.39
C ILE C 918 -8.86 -17.05 73.15
N TYR C 919 -9.20 -15.77 73.12
CA TYR C 919 -10.03 -15.23 72.04
C TYR C 919 -9.18 -14.60 70.95
N LEU C 920 -9.48 -14.94 69.70
CA LEU C 920 -8.85 -14.29 68.56
C LEU C 920 -9.80 -13.26 67.92
N PHE C 921 -9.28 -12.08 67.64
CA PHE C 921 -10.06 -11.05 66.97
C PHE C 921 -9.35 -10.56 65.71
N ILE C 922 -9.40 -11.36 64.66
CA ILE C 922 -8.65 -11.08 63.43
C ILE C 922 -9.17 -9.80 62.77
N ALA C 923 -10.07 -9.97 61.80
CA ALA C 923 -10.53 -8.85 60.98
C ALA C 923 -12.00 -8.57 61.22
N VAL C 924 -12.57 -9.21 62.23
CA VAL C 924 -14.01 -9.13 62.47
C VAL C 924 -14.37 -7.90 63.28
N ILE C 925 -13.35 -7.19 63.75
CA ILE C 925 -13.55 -5.92 64.45
C ILE C 925 -13.45 -4.73 63.50
N MET C 926 -13.35 -5.03 62.21
CA MET C 926 -13.34 -3.99 61.18
C MET C 926 -14.74 -3.77 60.62
N ASN C 927 -14.98 -4.28 59.41
CA ASN C 927 -16.19 -3.96 58.68
C ASN C 927 -17.39 -4.70 59.24
N GLU C 928 -18.51 -4.63 58.54
CA GLU C 928 -19.78 -5.14 59.06
C GLU C 928 -19.94 -6.63 58.76
N PRO C 929 -20.92 -7.25 59.40
CA PRO C 929 -21.14 -8.68 59.27
C PRO C 929 -21.39 -9.07 57.82
N ASN C 930 -21.90 -8.12 57.04
CA ASN C 930 -22.18 -8.36 55.63
C ASN C 930 -20.93 -8.21 54.77
N GLY C 931 -20.41 -7.00 54.71
CA GLY C 931 -19.18 -6.72 53.97
C GLY C 931 -19.07 -5.26 53.59
N ALA C 932 -19.83 -4.42 54.28
CA ALA C 932 -19.75 -2.97 54.07
C ALA C 932 -18.46 -2.39 54.61
N ALA C 933 -18.54 -1.18 55.15
CA ALA C 933 -17.41 -0.57 55.85
C ALA C 933 -17.88 0.27 57.02
N THR C 934 -17.12 0.23 58.11
CA THR C 934 -17.50 0.92 59.33
C THR C 934 -16.63 2.14 59.57
N PRO C 935 -17.13 3.09 60.35
CA PRO C 935 -16.36 4.25 60.76
C PRO C 935 -15.12 3.85 61.53
N ALA C 936 -14.26 4.83 61.84
CA ALA C 936 -13.07 4.58 62.64
C ALA C 936 -13.33 4.89 64.11
N ARG C 937 -14.46 5.52 64.39
CA ARG C 937 -14.82 5.89 65.75
C ARG C 937 -15.76 4.86 66.37
N MET C 938 -16.23 3.93 65.55
CA MET C 938 -17.10 2.85 66.02
C MET C 938 -16.31 1.56 66.25
N GLN C 939 -15.05 1.57 65.86
CA GLN C 939 -14.18 0.42 66.04
C GLN C 939 -13.42 0.49 67.36
N MET C 940 -13.37 1.69 67.94
CA MET C 940 -12.72 1.88 69.23
C MET C 940 -13.52 1.25 70.36
N ASP C 941 -14.85 1.24 70.20
CA ASP C 941 -15.73 0.64 71.19
C ASP C 941 -15.51 -0.87 71.26
N LYS C 942 -15.01 -1.45 70.18
CA LYS C 942 -14.77 -2.89 70.11
C LYS C 942 -13.52 -3.27 70.89
N ILE C 943 -12.82 -2.27 71.40
CA ILE C 943 -11.69 -2.50 72.30
C ILE C 943 -12.00 -2.02 73.70
N ARG C 944 -12.72 -0.91 73.81
CA ARG C 944 -13.12 -0.36 75.10
C ARG C 944 -14.03 -1.31 75.85
N ASN C 945 -14.93 -1.98 75.11
CA ASN C 945 -15.96 -2.79 75.71
C ASN C 945 -15.47 -4.19 76.03
N VAL C 946 -14.52 -4.67 75.24
CA VAL C 946 -13.84 -5.92 75.53
C VAL C 946 -12.94 -5.80 76.75
N ALA C 947 -12.26 -4.66 76.87
CA ALA C 947 -11.43 -4.39 78.03
C ALA C 947 -12.27 -4.26 79.29
N THR C 948 -13.33 -3.47 79.21
CA THR C 948 -14.19 -3.21 80.37
C THR C 948 -14.58 -4.49 81.06
N ALA C 949 -14.99 -5.49 80.27
CA ALA C 949 -15.31 -6.81 80.80
C ALA C 949 -14.05 -7.54 81.26
N MET C 950 -13.00 -7.46 80.46
CA MET C 950 -11.78 -8.23 80.70
C MET C 950 -11.16 -7.87 82.04
N LEU C 951 -11.45 -6.65 82.51
CA LEU C 951 -10.85 -6.16 83.75
C LEU C 951 -11.19 -7.05 84.93
N THR C 952 -12.35 -7.69 84.86
CA THR C 952 -12.87 -8.48 85.98
C THR C 952 -12.67 -9.97 85.74
N ARG C 953 -12.47 -10.35 84.48
CA ARG C 953 -12.28 -11.74 84.12
C ARG C 953 -10.88 -12.21 84.46
N THR C 954 -10.77 -13.41 85.02
CA THR C 954 -9.49 -13.94 85.49
C THR C 954 -8.51 -14.08 84.33
N ASN C 955 -7.26 -13.68 84.58
CA ASN C 955 -6.22 -13.77 83.56
C ASN C 955 -6.73 -14.44 82.29
N CYS C 956 -7.18 -13.62 81.33
CA CYS C 956 -7.75 -14.14 80.09
C CYS C 956 -7.28 -13.33 78.89
N VAL C 957 -6.21 -13.78 78.26
CA VAL C 957 -5.63 -13.06 77.13
C VAL C 957 -6.63 -12.93 75.99
N ALA C 958 -6.75 -11.72 75.44
CA ALA C 958 -7.44 -11.51 74.18
C ALA C 958 -6.50 -11.03 73.09
N TYR C 959 -6.46 -11.76 71.98
CA TYR C 959 -5.61 -11.38 70.86
C TYR C 959 -6.38 -10.58 69.82
N ILE C 960 -5.99 -9.32 69.64
CA ILE C 960 -6.70 -8.43 68.72
C ILE C 960 -5.76 -7.90 67.65
N SER C 961 -6.24 -7.90 66.40
CA SER C 961 -5.47 -7.34 65.29
C SER C 961 -6.23 -6.21 64.63
N PHE C 962 -5.54 -5.11 64.35
CA PHE C 962 -6.14 -3.96 63.70
C PHE C 962 -5.12 -3.18 62.87
N TYR C 963 -5.61 -2.39 61.93
CA TYR C 963 -4.74 -1.66 61.02
C TYR C 963 -4.16 -0.42 61.69
N GLU C 964 -2.94 -0.06 61.34
CA GLU C 964 -2.30 1.14 61.85
C GLU C 964 -2.38 2.29 60.85
N ALA C 965 -2.87 3.44 61.32
CA ALA C 965 -2.89 4.64 60.50
C ALA C 965 -1.47 5.12 60.20
N GLY C 966 -1.35 6.09 59.30
CA GLY C 966 -0.06 6.51 58.78
C GLY C 966 0.17 5.97 57.38
N ILE C 967 -0.41 4.81 57.08
CA ILE C 967 -0.39 4.27 55.73
C ILE C 967 -0.99 5.27 54.74
N ILE C 968 -2.12 5.88 55.11
CA ILE C 968 -2.67 6.99 54.36
C ILE C 968 -1.69 7.49 53.32
N THR C 969 -0.57 8.04 53.78
CA THR C 969 0.34 8.77 52.91
C THR C 969 1.54 7.91 52.52
N ARG C 970 1.80 6.88 53.31
CA ARG C 970 3.00 6.06 53.14
C ARG C 970 2.92 5.23 51.87
N LEU C 971 1.70 4.87 51.48
CA LEU C 971 1.48 4.14 50.24
C LEU C 971 0.90 5.05 49.16
N ASP C 972 0.93 6.35 49.41
CA ASP C 972 0.45 7.33 48.44
C ASP C 972 1.60 7.87 47.60
N GLN C 973 2.75 8.05 48.22
CA GLN C 973 3.94 8.56 47.53
C GLN C 973 4.68 7.45 46.81
N SER C 974 4.39 6.21 47.20
CA SER C 974 5.02 5.05 46.57
C SER C 974 4.61 4.92 45.11
N THR C 975 5.36 4.12 44.36
CA THR C 975 5.06 3.90 42.95
C THR C 975 4.49 2.50 42.73
N ALA C 976 4.94 1.55 43.53
CA ALA C 976 4.32 0.23 43.59
C ALA C 976 2.95 0.30 44.26
N HIS C 977 1.92 -0.11 43.53
CA HIS C 977 0.55 -0.04 44.02
C HIS C 977 -0.34 -1.07 43.34
N LYS C 978 0.28 -2.07 42.72
CA LYS C 978 -0.46 -3.19 42.18
C LYS C 978 -1.48 -3.73 43.18
N THR C 979 -1.02 -3.99 44.39
CA THR C 979 -1.93 -4.29 45.50
C THR C 979 -1.87 -3.21 46.57
N ILE C 980 -2.43 -3.51 47.75
CA ILE C 980 -2.48 -2.55 48.83
C ILE C 980 -2.82 -1.15 48.32
N ARG C 981 -3.80 -1.07 47.44
CA ARG C 981 -4.22 0.20 46.86
C ARG C 981 -4.95 1.06 47.89
N VAL C 982 -4.79 2.37 47.78
CA VAL C 982 -5.47 3.31 48.67
C VAL C 982 -6.46 4.18 47.91
N GLU C 983 -7.73 4.03 48.22
CA GLU C 983 -8.78 4.81 47.57
C GLU C 983 -9.03 6.12 48.29
N GLU C 984 -8.02 6.97 48.34
CA GLU C 984 -8.12 8.27 48.99
C GLU C 984 -9.19 8.24 50.08
N GLY C 985 -8.80 7.79 51.28
CA GLY C 985 -9.68 7.84 52.43
C GLY C 985 -9.80 6.46 53.10
N ARG C 986 -9.47 5.42 52.34
CA ARG C 986 -9.69 4.05 52.79
C ARG C 986 -8.63 3.11 52.22
N LEU C 987 -8.30 2.07 52.99
CA LEU C 987 -7.33 1.08 52.54
C LEU C 987 -8.02 -0.08 51.83
N LYS C 988 -7.49 -0.46 50.67
CA LYS C 988 -8.13 -1.48 49.84
C LYS C 988 -7.27 -2.74 49.79
N VAL C 989 -7.32 -3.52 50.86
CA VAL C 989 -6.54 -4.75 50.96
C VAL C 989 -7.34 -5.95 50.48
N ALA C 990 -6.79 -6.68 49.51
CA ALA C 990 -7.49 -7.81 48.91
C ALA C 990 -8.77 -7.37 48.22
N ASN C 991 -9.91 -7.83 48.72
CA ASN C 991 -11.20 -7.43 48.19
C ASN C 991 -12.00 -6.64 49.21
N TYR C 992 -13.12 -7.21 49.65
CA TYR C 992 -13.97 -6.56 50.64
C TYR C 992 -14.38 -5.17 50.19
N VAL C 993 -14.63 -4.28 51.16
CA VAL C 993 -14.77 -2.86 50.88
C VAL C 993 -13.73 -2.05 51.65
N PRO C 994 -13.12 -1.09 50.97
CA PRO C 994 -12.06 -0.29 51.57
C PRO C 994 -12.45 0.17 52.97
N VAL C 995 -11.52 0.02 53.92
CA VAL C 995 -11.81 0.26 55.32
C VAL C 995 -11.07 1.48 55.84
N ASP C 996 -11.59 2.09 56.91
CA ASP C 996 -10.98 3.27 57.49
C ASP C 996 -9.76 2.91 58.33
N THR C 997 -8.84 3.85 58.47
CA THR C 997 -7.65 3.64 59.27
C THR C 997 -7.90 3.96 60.73
N LEU C 998 -7.04 3.47 61.61
CA LEU C 998 -7.13 3.75 63.04
C LEU C 998 -5.91 4.50 63.53
N VAL C 999 -6.12 5.72 64.03
CA VAL C 999 -5.03 6.55 64.54
C VAL C 999 -4.35 5.89 65.72
N GLU C 1000 -3.15 5.36 65.50
CA GLU C 1000 -2.45 4.58 66.51
C GLU C 1000 -2.08 5.43 67.71
N ALA C 1001 -1.85 6.72 67.47
CA ALA C 1001 -1.50 7.65 68.54
C ALA C 1001 -2.64 7.79 69.54
N ASP C 1002 -3.87 7.59 69.07
CA ASP C 1002 -5.04 7.74 69.92
C ASP C 1002 -5.47 6.40 70.50
N VAL C 1003 -5.35 5.35 69.70
CA VAL C 1003 -5.75 4.01 70.13
C VAL C 1003 -4.89 3.52 71.29
N THR C 1004 -3.61 3.88 71.27
CA THR C 1004 -2.69 3.52 72.34
C THR C 1004 -2.94 4.36 73.58
N LEU C 1005 -3.17 5.65 73.38
CA LEU C 1005 -3.31 6.58 74.50
C LEU C 1005 -4.58 6.31 75.29
N MET C 1006 -5.64 5.92 74.58
CA MET C 1006 -6.96 5.80 75.18
C MET C 1006 -7.07 4.56 76.05
N LEU C 1007 -6.05 3.69 75.95
CA LEU C 1007 -6.03 2.45 76.72
C LEU C 1007 -5.07 2.55 77.89
N ARG C 1008 -4.78 3.77 78.33
CA ARG C 1008 -3.84 4.00 79.41
C ARG C 1008 -4.55 4.50 80.66
N ASP C 1009 -5.86 4.29 80.71
CA ASP C 1009 -6.66 4.75 81.85
C ASP C 1009 -7.82 3.79 82.11
N ILE C 1010 -8.14 2.96 81.13
CA ILE C 1010 -9.16 1.93 81.28
C ILE C 1010 -8.53 0.55 81.44
N GLY C 1011 -7.74 0.16 80.45
CA GLY C 1011 -7.14 -1.17 80.43
C GLY C 1011 -5.95 -1.26 81.39
N ILE C 1012 -5.38 -2.44 81.49
CA ILE C 1012 -4.23 -2.66 82.37
C ILE C 1012 -3.01 -3.13 81.58
N THR C 1013 -3.18 -4.22 80.85
CA THR C 1013 -2.07 -4.83 80.12
C THR C 1013 -2.37 -4.89 78.62
N HIS C 1014 -1.45 -4.41 77.81
CA HIS C 1014 -1.65 -4.30 76.38
C HIS C 1014 -0.33 -4.20 75.62
N GLU C 1015 0.22 -5.35 75.23
CA GLU C 1015 1.50 -5.39 74.56
C GLU C 1015 1.33 -5.62 73.06
N ILE C 1016 1.88 -4.71 72.26
CA ILE C 1016 1.76 -4.78 70.81
C ILE C 1016 2.94 -5.51 70.19
N ILE C 1017 2.67 -6.67 69.58
CA ILE C 1017 3.72 -7.51 69.02
C ILE C 1017 3.57 -7.65 67.51
N ARG C 1018 4.57 -7.20 66.77
CA ARG C 1018 4.54 -7.25 65.32
C ARG C 1018 5.33 -8.44 64.79
N PRO C 1019 4.75 -9.14 63.82
CA PRO C 1019 5.42 -10.28 63.18
C PRO C 1019 6.77 -9.87 62.61
N SER C 1020 7.79 -10.69 62.86
CA SER C 1020 9.14 -10.39 62.41
C SER C 1020 9.70 -11.50 61.53
N THR C 1021 10.99 -11.40 61.21
CA THR C 1021 11.58 -12.25 60.19
C THR C 1021 11.45 -13.73 60.54
N PRO C 1022 11.72 -14.06 61.79
CA PRO C 1022 11.68 -15.45 62.25
C PRO C 1022 10.38 -16.13 61.84
N GLU C 1023 9.30 -15.35 61.80
CA GLU C 1023 7.99 -15.87 61.43
C GLU C 1023 7.89 -16.09 59.92
N LEU C 1024 8.60 -15.25 59.16
CA LEU C 1024 8.62 -15.38 57.71
C LEU C 1024 9.36 -16.65 57.28
N ILE C 1025 10.50 -16.90 57.92
CA ILE C 1025 11.32 -18.06 57.60
C ILE C 1025 10.59 -19.36 57.90
N ASP C 1026 10.01 -19.44 59.09
CA ASP C 1026 9.29 -20.63 59.51
C ASP C 1026 8.07 -20.88 58.63
N ALA C 1027 7.42 -19.81 58.21
CA ALA C 1027 6.24 -19.90 57.36
C ALA C 1027 6.60 -20.47 55.99
N CYS C 1028 7.70 -19.97 55.41
CA CYS C 1028 8.09 -20.35 54.06
C CYS C 1028 8.70 -21.75 54.05
N SER C 1029 9.29 -22.15 55.17
CA SER C 1029 9.98 -23.42 55.27
C SER C 1029 9.01 -24.57 55.47
N ASN C 1030 8.03 -24.36 56.35
CA ASN C 1030 7.06 -25.40 56.68
C ASN C 1030 6.12 -25.67 55.50
N TYR C 1031 5.57 -24.60 54.93
CA TYR C 1031 4.62 -24.72 53.84
C TYR C 1031 5.33 -24.95 52.52
N GLY C 1032 6.57 -24.46 52.42
CA GLY C 1032 7.32 -24.52 51.17
C GLY C 1032 6.82 -23.49 50.18
N ILE C 1033 6.89 -22.22 50.56
CA ILE C 1033 6.32 -21.15 49.76
C ILE C 1033 7.37 -20.08 49.45
N ARG C 1034 7.59 -19.84 48.16
CA ARG C 1034 8.47 -18.75 47.73
C ARG C 1034 7.83 -17.39 47.99
N LEU C 1035 8.65 -16.35 48.04
CA LEU C 1035 8.16 -14.98 48.16
C LEU C 1035 7.91 -14.36 46.80
N GLY C 1036 6.91 -13.48 46.73
CA GLY C 1036 6.32 -13.09 45.46
C GLY C 1036 7.14 -11.99 44.80
N SER C 1037 8.41 -11.87 45.20
CA SER C 1037 9.33 -10.94 44.56
C SER C 1037 8.81 -9.51 44.60
N THR C 1038 7.94 -9.18 43.65
CA THR C 1038 7.36 -7.84 43.58
C THR C 1038 6.34 -7.62 44.68
N GLY C 1039 5.87 -8.72 45.28
CA GLY C 1039 5.03 -8.65 46.45
C GLY C 1039 5.86 -8.70 47.73
N GLY C 1040 7.15 -9.03 47.58
CA GLY C 1040 8.07 -9.02 48.71
C GLY C 1040 8.33 -7.59 49.20
N ALA C 1041 8.42 -6.66 48.25
CA ALA C 1041 8.50 -5.25 48.59
C ALA C 1041 7.23 -4.76 49.26
N VAL C 1042 6.11 -5.42 48.96
CA VAL C 1042 4.84 -5.12 49.62
C VAL C 1042 4.82 -5.66 51.05
N LEU C 1043 5.37 -6.87 51.23
CA LEU C 1043 5.26 -7.57 52.50
C LEU C 1043 5.99 -6.82 53.61
N ASP C 1044 7.21 -6.38 53.31
CA ASP C 1044 8.12 -5.88 54.34
C ASP C 1044 7.73 -4.47 54.78
N VAL C 1045 6.65 -3.95 54.19
CA VAL C 1045 6.07 -2.69 54.64
C VAL C 1045 4.67 -2.90 55.20
N PHE C 1046 3.84 -3.61 54.45
CA PHE C 1046 2.46 -3.88 54.87
C PHE C 1046 2.43 -4.65 56.18
N ASN C 1047 3.38 -5.57 56.33
CA ASN C 1047 3.47 -6.40 57.54
C ASN C 1047 3.50 -5.53 58.79
N HIS C 1048 4.31 -4.48 58.76
CA HIS C 1048 4.61 -3.71 59.96
C HIS C 1048 3.37 -3.01 60.50
N TYR C 1049 2.58 -2.43 59.59
CA TYR C 1049 1.50 -1.53 59.98
C TYR C 1049 0.19 -2.29 60.14
N SER C 1050 0.28 -3.54 60.56
CA SER C 1050 -0.89 -4.28 61.05
C SER C 1050 -0.62 -4.87 62.43
N PRO C 1051 -0.67 -4.03 63.46
CA PRO C 1051 -0.29 -4.45 64.80
C PRO C 1051 -1.18 -5.60 65.28
N VAL C 1052 -0.58 -6.53 66.01
CA VAL C 1052 -1.34 -7.50 66.79
C VAL C 1052 -1.21 -7.25 68.29
N ILE C 1053 -2.24 -6.63 68.86
CA ILE C 1053 -2.19 -6.21 70.25
C ILE C 1053 -2.65 -7.32 71.19
N LYS C 1054 -1.80 -7.68 72.15
CA LYS C 1054 -2.12 -8.75 73.08
C LYS C 1054 -2.62 -8.19 74.41
N LEU C 1055 -3.91 -8.41 74.70
CA LEU C 1055 -4.51 -7.95 75.94
C LEU C 1055 -4.56 -9.06 76.98
N VAL C 1056 -3.43 -9.34 77.61
CA VAL C 1056 -3.34 -10.39 78.62
C VAL C 1056 -3.41 -9.81 80.02
N ARG C 1057 -4.61 -9.69 80.55
CA ARG C 1057 -4.83 -9.05 81.85
C ARG C 1057 -5.71 -9.90 82.75
N SER C 1058 -5.60 -9.68 84.06
CA SER C 1058 -6.39 -10.43 85.03
C SER C 1058 -7.24 -9.51 85.89
N MET D 1 31.83 -22.31 61.99
CA MET D 1 30.84 -23.36 61.83
C MET D 1 29.69 -22.91 60.93
N TRP D 2 29.82 -23.14 59.63
CA TRP D 2 28.77 -22.82 58.68
C TRP D 2 28.04 -24.07 58.21
N HIS D 3 28.80 -25.14 58.00
CA HIS D 3 28.24 -26.41 57.55
C HIS D 3 27.09 -26.18 56.58
N TYR D 4 27.42 -25.79 55.36
CA TYR D 4 26.43 -25.66 54.29
C TYR D 4 25.83 -27.02 53.94
N THR D 5 24.71 -26.99 53.22
CA THR D 5 23.94 -28.20 52.95
C THR D 5 23.71 -28.38 51.45
N SER D 6 23.18 -29.54 51.08
CA SER D 6 22.88 -29.83 49.68
C SER D 6 22.00 -31.07 49.56
N ILE D 7 21.53 -31.31 48.33
CA ILE D 7 20.72 -32.50 48.06
C ILE D 7 21.45 -33.46 47.14
N ASN D 8 21.66 -34.68 47.61
CA ASN D 8 22.41 -35.69 46.86
C ASN D 8 21.50 -36.78 46.34
N ASN D 9 21.31 -36.82 45.02
CA ASN D 9 20.45 -37.80 44.39
C ASN D 9 20.91 -38.13 42.98
N ASP D 10 21.04 -39.42 42.69
CA ASP D 10 21.50 -39.86 41.38
C ASP D 10 20.74 -39.16 40.26
N THR D 11 21.47 -38.74 39.23
CA THR D 11 20.86 -37.97 38.13
C THR D 11 20.80 -38.82 36.87
N ARG D 12 21.57 -39.89 36.83
CA ARG D 12 21.52 -40.83 35.71
C ARG D 12 20.50 -41.93 35.96
N VAL D 13 20.49 -42.47 37.18
CA VAL D 13 19.58 -43.55 37.54
C VAL D 13 18.13 -43.14 37.30
N ALA D 14 17.84 -41.85 37.47
CA ALA D 14 16.48 -41.36 37.36
C ALA D 14 16.20 -40.81 35.97
N LEU D 15 16.83 -41.43 34.97
CA LEU D 15 16.59 -41.06 33.57
C LEU D 15 15.92 -42.20 32.81
N ASP D 16 16.21 -43.42 33.23
CA ASP D 16 15.74 -44.61 32.51
C ASP D 16 14.21 -44.68 32.52
N PRO D 17 13.64 -44.82 31.33
CA PRO D 17 12.18 -44.92 31.20
C PRO D 17 11.66 -46.17 31.89
N LYS D 18 10.34 -46.24 32.05
CA LYS D 18 9.69 -47.42 32.61
C LYS D 18 9.74 -48.59 31.63
N PRO D 19 9.54 -49.79 32.14
CA PRO D 19 9.64 -51.00 31.33
C PRO D 19 8.43 -51.14 30.39
N ASN D 20 7.33 -50.51 30.77
CA ASN D 20 6.12 -50.53 29.94
C ASN D 20 5.91 -49.20 29.25
N GLN D 21 6.81 -48.25 29.48
CA GLN D 21 6.80 -46.98 28.77
C GLN D 21 7.98 -46.86 27.82
N ILE D 22 8.98 -47.72 28.03
CA ILE D 22 10.11 -47.80 27.11
C ILE D 22 9.65 -48.01 25.67
N ARG D 23 8.52 -48.68 25.51
CA ARG D 23 7.89 -48.81 24.20
C ARG D 23 7.56 -47.46 23.62
N THR D 24 7.05 -46.55 24.44
CA THR D 24 6.44 -45.32 23.96
C THR D 24 7.50 -44.33 23.48
N ILE D 25 8.62 -44.29 24.19
CA ILE D 25 9.56 -43.18 24.07
C ILE D 25 10.62 -43.47 23.02
N THR D 26 10.43 -44.54 22.26
CA THR D 26 11.43 -45.00 21.30
C THR D 26 10.91 -44.91 19.88
N LYS D 27 9.99 -45.80 19.52
CA LYS D 27 9.52 -45.92 18.15
C LYS D 27 8.33 -45.00 17.91
N PRO D 28 7.41 -44.96 18.87
CA PRO D 28 6.16 -44.23 18.69
C PRO D 28 6.38 -42.72 18.74
N ASN D 29 7.65 -42.33 18.69
CA ASN D 29 8.00 -40.91 18.56
C ASN D 29 7.84 -40.43 17.13
N THR D 30 7.06 -41.16 16.35
CA THR D 30 6.73 -40.75 14.98
C THR D 30 5.48 -39.90 14.95
N VAL D 31 4.72 -39.92 16.04
CA VAL D 31 3.53 -39.10 16.16
C VAL D 31 3.88 -37.63 16.31
N PRO D 32 4.72 -37.32 17.29
CA PRO D 32 5.32 -36.00 17.41
C PRO D 32 6.37 -35.78 16.33
N GLN D 33 6.84 -34.54 16.22
CA GLN D 33 7.81 -34.18 15.19
C GLN D 33 8.94 -33.34 15.76
N LEU D 34 9.60 -33.88 16.79
CA LEU D 34 10.80 -33.25 17.35
C LEU D 34 10.61 -31.74 17.51
N GLY D 35 11.61 -30.98 17.10
CA GLY D 35 11.46 -29.54 16.94
C GLY D 35 12.32 -28.78 17.93
N THR D 36 12.16 -29.09 19.21
CA THR D 36 12.76 -28.27 20.27
C THR D 36 13.65 -29.11 21.18
N ASP D 37 13.40 -30.42 21.18
CA ASP D 37 14.07 -31.32 22.11
C ASP D 37 15.58 -31.34 21.87
N TYR D 38 15.96 -31.66 20.64
CA TYR D 38 17.38 -31.71 20.27
C TYR D 38 17.95 -30.30 20.10
N LEU D 39 19.27 -30.19 20.22
CA LEU D 39 19.94 -28.89 20.15
C LEU D 39 20.81 -28.80 18.89
N TYR D 40 20.60 -27.76 18.11
CA TYR D 40 21.40 -27.53 16.91
C TYR D 40 21.74 -26.05 16.75
N THR D 41 23.03 -25.74 16.71
CA THR D 41 23.48 -24.43 16.26
C THR D 41 24.53 -24.56 15.16
N PHE D 42 24.56 -23.59 14.25
CA PHE D 42 25.48 -23.60 13.13
C PHE D 42 26.41 -22.40 13.15
N ASN D 43 27.70 -22.65 13.06
CA ASN D 43 28.69 -21.57 13.06
C ASN D 43 29.54 -21.56 11.80
N SER D 44 29.77 -20.37 11.25
CA SER D 44 30.57 -20.23 10.04
C SER D 44 32.03 -19.99 10.38
N GLN D 45 32.55 -20.72 11.35
CA GLN D 45 33.94 -20.60 11.78
C GLN D 45 34.84 -20.35 10.58
N ARG D 46 34.87 -21.31 9.66
CA ARG D 46 34.06 -22.52 9.78
C ARG D 46 34.92 -23.77 9.66
N ARG D 47 34.28 -24.93 9.75
CA ARG D 47 32.84 -25.00 9.94
C ARG D 47 32.48 -25.80 11.19
N SER D 48 31.26 -25.62 11.68
CA SER D 48 30.80 -26.32 12.87
C SER D 48 29.38 -26.84 12.68
N HIS D 49 29.17 -28.12 13.00
CA HIS D 49 27.86 -28.74 12.88
C HIS D 49 27.44 -29.43 14.16
N THR D 50 27.33 -28.65 15.24
CA THR D 50 27.05 -29.21 16.56
C THR D 50 25.59 -29.62 16.69
N LEU D 51 25.25 -30.75 16.07
CA LEU D 51 23.96 -31.38 16.28
C LEU D 51 24.00 -32.40 17.41
N ARG D 52 23.28 -32.11 18.49
CA ARG D 52 23.39 -32.89 19.72
C ARG D 52 22.03 -33.31 20.23
N LEU D 53 21.76 -34.61 20.20
CA LEU D 53 20.53 -35.15 20.76
C LEU D 53 20.54 -35.08 22.29
N LEU D 54 19.40 -34.68 22.86
CA LEU D 54 19.24 -34.70 24.31
C LEU D 54 18.31 -35.82 24.75
N GLY D 55 18.18 -35.98 26.06
CA GLY D 55 17.41 -37.10 26.61
C GLY D 55 16.06 -37.24 25.95
N PRO D 56 15.59 -38.47 25.83
CA PRO D 56 16.23 -39.61 26.45
C PRO D 56 17.22 -40.26 25.50
N PHE D 57 17.63 -39.52 24.48
CA PHE D 57 18.53 -40.06 23.45
C PHE D 57 19.96 -39.58 23.66
N GLN D 58 20.29 -39.25 24.91
CA GLN D 58 21.66 -38.88 25.26
C GLN D 58 22.38 -40.05 25.92
N TYR D 59 23.70 -40.07 25.78
CA TYR D 59 24.51 -41.21 26.22
C TYR D 59 24.21 -42.45 25.38
N PHE D 60 23.54 -42.24 24.25
CA PHE D 60 23.21 -43.34 23.35
C PHE D 60 24.27 -43.49 22.27
N ASN D 61 24.94 -44.64 22.26
CA ASN D 61 25.90 -44.98 21.22
C ASN D 61 25.20 -45.50 19.97
N PHE D 62 25.88 -45.39 18.84
CA PHE D 62 25.26 -45.71 17.55
C PHE D 62 25.93 -46.91 16.90
N SER D 63 25.11 -47.83 16.39
CA SER D 63 25.62 -48.99 15.66
C SER D 63 26.09 -48.59 14.26
N GLU D 64 27.20 -49.18 13.82
CA GLU D 64 27.80 -48.82 12.54
C GLU D 64 26.95 -49.28 11.37
N THR D 65 25.94 -50.10 11.68
CA THR D 65 25.04 -50.61 10.65
C THR D 65 23.96 -49.59 10.31
N ASP D 66 23.34 -49.03 11.34
CA ASP D 66 22.24 -48.07 11.16
C ASP D 66 22.70 -46.66 11.44
N ARG D 67 24.00 -46.42 11.28
CA ARG D 67 24.56 -45.08 11.46
C ARG D 67 24.68 -44.34 10.14
N GLY D 68 25.24 -45.02 9.14
CA GLY D 68 25.62 -44.38 7.90
C GLY D 68 24.50 -44.45 6.87
N HIS D 69 23.74 -45.54 6.91
CA HIS D 69 22.74 -45.82 5.88
C HIS D 69 21.57 -44.85 5.96
N PRO D 70 21.02 -44.69 7.16
CA PRO D 70 19.80 -43.92 7.35
C PRO D 70 20.02 -42.44 7.04
N LEU D 71 20.92 -41.82 7.78
CA LEU D 71 20.95 -40.37 7.90
C LEU D 71 22.38 -39.84 7.76
N PHE D 72 23.21 -40.13 8.75
CA PHE D 72 24.24 -39.20 9.18
C PHE D 72 25.06 -38.68 8.00
N ARG D 73 25.43 -39.60 7.11
CA ARG D 73 26.49 -39.35 6.15
C ARG D 73 26.21 -38.08 5.33
N LEU D 74 25.09 -38.09 4.61
CA LEU D 74 24.92 -37.23 3.45
C LEU D 74 24.68 -35.79 3.86
N PRO D 75 23.85 -35.61 4.89
CA PRO D 75 23.51 -34.28 5.38
C PRO D 75 24.76 -33.51 5.76
N LEU D 76 25.80 -34.24 6.18
CA LEU D 76 27.04 -33.61 6.64
C LEU D 76 27.84 -33.04 5.48
N LYS D 77 27.77 -33.70 4.33
CA LYS D 77 28.68 -33.44 3.23
C LYS D 77 28.04 -32.54 2.18
N TYR D 78 27.24 -31.58 2.64
CA TYR D 78 26.82 -30.48 1.79
C TYR D 78 28.01 -29.74 1.19
N PRO D 79 28.99 -29.43 2.03
CA PRO D 79 28.77 -29.39 3.48
C PRO D 79 28.21 -28.04 3.91
N SER D 80 28.41 -27.03 3.07
CA SER D 80 28.29 -25.64 3.50
C SER D 80 26.86 -25.14 3.40
N LYS D 81 26.20 -25.01 4.54
CA LYS D 81 24.86 -24.43 4.59
C LYS D 81 24.64 -23.46 3.44
N ALA D 82 23.47 -23.57 2.81
CA ALA D 82 22.86 -24.86 2.53
C ALA D 82 22.04 -25.33 3.72
N ILE D 83 21.89 -26.66 3.83
CA ILE D 83 21.35 -27.26 5.04
C ILE D 83 20.01 -26.62 5.42
N PRO D 84 19.03 -26.74 4.54
CA PRO D 84 17.69 -26.24 4.82
C PRO D 84 17.20 -26.74 6.17
N ALA D 85 16.51 -25.88 6.92
CA ALA D 85 16.00 -26.23 8.23
C ALA D 85 15.03 -27.40 8.15
N ASP D 86 14.42 -27.57 6.99
CA ASP D 86 13.50 -28.68 6.76
C ASP D 86 14.22 -30.02 6.76
N GLU D 87 15.46 -30.01 6.26
CA GLU D 87 16.23 -31.24 6.12
C GLU D 87 16.43 -31.93 7.46
N LEU D 88 16.77 -31.15 8.48
CA LEU D 88 17.08 -31.70 9.79
C LEU D 88 15.87 -32.37 10.41
N ILE D 89 14.74 -31.67 10.38
CA ILE D 89 13.52 -32.16 11.03
C ILE D 89 12.99 -33.42 10.35
N ASP D 90 12.96 -33.39 9.03
CA ASP D 90 12.34 -34.47 8.27
C ASP D 90 13.25 -35.69 8.21
N ASN D 91 14.56 -35.45 8.11
CA ASN D 91 15.53 -36.52 7.94
C ASN D 91 15.81 -37.22 9.25
N LEU D 92 15.92 -36.45 10.33
CA LEU D 92 16.13 -37.01 11.66
C LEU D 92 14.92 -37.80 12.12
N HIS D 93 13.74 -37.37 11.72
CA HIS D 93 12.53 -38.15 11.90
C HIS D 93 12.66 -39.53 11.25
N SER D 94 13.18 -39.56 10.04
CA SER D 94 13.31 -40.81 9.29
C SER D 94 14.21 -41.80 10.02
N TRP D 95 15.26 -41.28 10.66
CA TRP D 95 16.16 -42.11 11.44
C TRP D 95 15.47 -42.64 12.70
N MET D 96 14.86 -41.74 13.46
CA MET D 96 14.28 -42.09 14.75
C MET D 96 13.06 -42.97 14.58
N ARG D 97 12.52 -43.01 13.37
CA ARG D 97 11.43 -43.92 13.04
C ARG D 97 11.84 -45.37 13.24
N SER D 98 12.80 -45.82 12.44
CA SER D 98 13.20 -47.22 12.44
C SER D 98 14.26 -47.49 13.52
N VAL D 99 13.82 -47.52 14.77
CA VAL D 99 14.67 -47.94 15.86
C VAL D 99 13.86 -48.48 17.03
N HIS D 100 14.35 -49.54 17.65
CA HIS D 100 13.67 -50.16 18.78
C HIS D 100 14.63 -50.97 19.64
N LEU D 101 14.25 -51.23 20.88
CA LEU D 101 15.03 -52.08 21.77
C LEU D 101 14.26 -53.34 22.13
N LEU D 102 14.99 -54.40 22.48
CA LEU D 102 14.39 -55.62 22.98
C LEU D 102 13.96 -55.47 24.44
N HIS D 103 12.71 -55.79 24.72
CA HIS D 103 12.14 -55.60 26.05
C HIS D 103 10.91 -56.46 26.27
N VAL D 104 10.51 -56.61 27.53
CA VAL D 104 9.27 -57.31 27.86
C VAL D 104 8.33 -56.42 28.67
N ARG D 105 7.10 -56.25 28.17
CA ARG D 105 6.07 -55.53 28.90
C ARG D 105 5.72 -56.22 30.22
N SER D 106 5.70 -55.44 31.30
CA SER D 106 5.45 -56.00 32.62
C SER D 106 4.15 -55.47 33.21
N GLU D 107 3.81 -55.96 34.39
CA GLU D 107 2.60 -55.52 35.09
C GLU D 107 2.93 -54.81 36.38
N ASP D 108 4.00 -55.25 37.04
CA ASP D 108 4.47 -54.64 38.27
C ASP D 108 4.88 -53.19 38.03
N ASN D 109 4.43 -52.30 38.90
CA ASN D 109 4.57 -50.85 38.68
C ASN D 109 5.89 -50.35 39.24
N THR D 110 6.66 -51.24 39.85
CA THR D 110 7.89 -50.86 40.53
C THR D 110 9.11 -51.47 39.86
N LEU D 111 9.08 -51.51 38.53
CA LEU D 111 10.22 -51.99 37.75
C LEU D 111 10.81 -50.87 36.90
N ARG D 112 12.09 -50.97 36.59
CA ARG D 112 12.76 -50.01 35.72
C ARG D 112 13.58 -50.72 34.65
N TYR D 113 13.62 -50.12 33.45
CA TYR D 113 14.32 -50.72 32.33
C TYR D 113 15.75 -50.19 32.22
N ASN D 114 16.72 -51.09 32.19
CA ASN D 114 18.12 -50.72 32.03
C ASN D 114 18.39 -50.20 30.62
N TRP D 115 18.60 -48.90 30.52
CA TRP D 115 18.85 -48.27 29.22
C TRP D 115 20.26 -48.55 28.73
N MET D 116 21.24 -48.29 29.59
CA MET D 116 22.64 -48.30 29.19
C MET D 116 23.03 -49.67 28.62
N LEU D 117 22.76 -50.72 29.38
CA LEU D 117 23.17 -52.06 29.00
C LEU D 117 22.35 -52.57 27.82
N GLY D 118 21.10 -52.14 27.75
CA GLY D 118 20.19 -52.60 26.70
C GLY D 118 20.66 -52.16 25.32
N VAL D 119 21.03 -50.88 25.22
CA VAL D 119 21.41 -50.30 23.94
C VAL D 119 22.82 -50.73 23.54
N TYR D 120 23.62 -51.08 24.54
CA TYR D 120 24.96 -51.60 24.30
C TYR D 120 24.91 -52.92 23.52
N ALA D 121 24.07 -53.83 23.98
CA ALA D 121 23.93 -55.13 23.34
C ALA D 121 23.34 -54.99 21.93
N ARG D 122 22.29 -54.20 21.82
CA ARG D 122 21.60 -54.01 20.54
C ARG D 122 22.57 -53.52 19.47
N SER D 123 23.44 -52.57 19.85
CA SER D 123 24.28 -51.88 18.89
C SER D 123 25.37 -52.78 18.34
N THR D 124 25.59 -53.91 19.02
CA THR D 124 26.67 -54.81 18.66
C THR D 124 26.12 -56.10 18.04
N ASN D 125 24.81 -56.12 17.80
CA ASN D 125 24.17 -57.25 17.13
C ASN D 125 24.26 -58.50 17.98
N TYR D 126 24.31 -58.33 19.30
CA TYR D 126 24.22 -59.45 20.23
C TYR D 126 25.36 -60.44 20.00
N THR D 127 26.47 -59.95 19.45
CA THR D 127 27.57 -60.82 19.06
C THR D 127 28.28 -61.40 20.27
N THR D 128 28.55 -60.54 21.26
CA THR D 128 29.31 -60.94 22.43
C THR D 128 28.45 -61.67 23.44
N PRO D 129 29.09 -62.42 24.33
CA PRO D 129 28.38 -63.21 25.32
C PRO D 129 27.47 -62.32 26.18
N VAL D 130 27.88 -61.08 26.36
CA VAL D 130 27.13 -60.14 27.19
C VAL D 130 25.85 -59.69 26.48
N GLY D 131 25.91 -59.61 25.15
CA GLY D 131 24.80 -59.13 24.36
C GLY D 131 23.91 -60.25 23.89
N GLN D 132 24.44 -61.47 23.92
CA GLN D 132 23.66 -62.66 23.58
C GLN D 132 22.77 -63.10 24.73
N LEU D 133 23.22 -62.81 25.95
CA LEU D 133 22.46 -63.17 27.14
C LEU D 133 21.06 -62.57 27.09
N VAL D 134 20.94 -61.38 26.52
CA VAL D 134 19.70 -60.62 26.58
C VAL D 134 18.82 -60.91 25.37
N VAL D 135 19.18 -61.95 24.62
CA VAL D 135 18.38 -62.38 23.47
C VAL D 135 17.42 -63.49 23.85
N ASN D 136 17.96 -64.53 24.51
CA ASN D 136 17.15 -65.66 24.95
C ASN D 136 16.19 -65.24 26.05
N ALA D 137 16.62 -64.29 26.88
CA ALA D 137 15.79 -63.80 27.98
C ALA D 137 15.89 -62.28 28.11
N PRO D 138 15.05 -61.58 27.36
CA PRO D 138 15.12 -60.13 27.31
C PRO D 138 14.53 -59.50 28.56
N ALA D 139 14.00 -60.34 29.45
CA ALA D 139 13.37 -59.86 30.67
C ALA D 139 14.40 -59.66 31.77
N ILE D 140 15.66 -59.95 31.46
CA ILE D 140 16.74 -59.81 32.42
C ILE D 140 17.05 -58.35 32.69
N LEU D 141 16.63 -57.48 31.77
CA LEU D 141 17.01 -56.07 31.82
C LEU D 141 16.03 -55.28 32.71
N ASN D 142 15.03 -55.96 33.24
CA ASN D 142 14.11 -55.36 34.19
C ASN D 142 14.61 -55.54 35.62
N TYR D 143 14.64 -54.46 36.37
CA TYR D 143 15.07 -54.49 37.77
C TYR D 143 14.26 -53.53 38.63
N SER D 144 14.16 -53.83 39.92
CA SER D 144 13.42 -53.00 40.85
C SER D 144 14.37 -52.17 41.71
N ASN D 145 15.65 -52.52 41.68
CA ASN D 145 16.63 -51.89 42.55
C ASN D 145 17.99 -51.78 41.86
N PRO D 146 18.53 -50.58 41.83
CA PRO D 146 19.86 -50.34 41.27
C PRO D 146 20.88 -51.28 41.90
N GLN D 147 22.02 -51.45 41.21
CA GLN D 147 23.03 -52.41 41.64
C GLN D 147 22.62 -53.83 41.26
N ASP D 148 21.43 -54.24 41.71
CA ASP D 148 20.92 -55.56 41.39
C ASP D 148 20.66 -55.70 39.89
N ALA D 149 20.73 -54.58 39.18
CA ALA D 149 20.63 -54.60 37.72
C ALA D 149 21.80 -55.34 37.10
N PHE D 150 22.97 -55.23 37.72
CA PHE D 150 24.21 -55.75 37.14
C PHE D 150 24.58 -57.08 37.76
N ASN D 151 24.10 -57.33 38.97
CA ASN D 151 24.41 -58.57 39.69
C ASN D 151 23.89 -59.78 38.92
N SER D 152 22.92 -59.55 38.04
CA SER D 152 22.24 -60.65 37.35
C SER D 152 22.99 -61.02 36.07
N VAL D 153 23.91 -60.16 35.65
CA VAL D 153 24.65 -60.37 34.40
C VAL D 153 26.13 -60.62 34.68
N PHE D 154 26.45 -60.97 35.92
CA PHE D 154 27.75 -61.54 36.25
C PHE D 154 27.62 -62.98 36.72
N VAL D 155 26.52 -63.27 37.41
CA VAL D 155 26.27 -64.63 37.88
C VAL D 155 25.87 -65.55 36.75
N ALA D 156 25.21 -64.98 35.74
CA ALA D 156 24.66 -65.78 34.65
C ALA D 156 25.72 -66.09 33.59
N LEU D 157 26.82 -65.33 33.62
CA LEU D 157 27.90 -65.51 32.66
C LEU D 157 29.11 -66.16 33.30
N GLY D 158 29.43 -65.74 34.52
CA GLY D 158 30.59 -66.26 35.23
C GLY D 158 31.80 -65.35 35.05
N ILE D 159 31.57 -64.16 34.52
CA ILE D 159 32.63 -63.21 34.26
C ILE D 159 32.77 -62.22 35.42
N ASP D 160 33.90 -61.53 35.46
CA ASP D 160 34.25 -60.70 36.62
C ASP D 160 33.93 -59.23 36.36
N TYR D 161 34.01 -58.82 35.10
CA TYR D 161 33.84 -57.43 34.74
C TYR D 161 33.37 -57.28 33.29
N ILE D 162 32.77 -56.13 32.99
CA ILE D 162 32.38 -55.83 31.61
C ILE D 162 32.88 -54.46 31.19
N ASP D 163 33.68 -54.42 30.12
CA ASP D 163 34.17 -53.16 29.57
C ASP D 163 33.21 -52.62 28.52
N ILE D 164 33.01 -51.30 28.55
CA ILE D 164 32.07 -50.66 27.63
C ILE D 164 32.63 -49.34 27.12
N PRO D 165 32.58 -49.15 25.81
CA PRO D 165 33.01 -47.90 25.19
C PRO D 165 32.03 -46.78 25.50
N ILE D 166 32.53 -45.54 25.46
CA ILE D 166 31.73 -44.39 25.86
C ILE D 166 30.97 -43.80 24.68
N THR D 167 30.04 -42.90 24.97
CA THR D 167 29.26 -42.25 23.93
C THR D 167 29.74 -40.82 23.69
N ASN D 168 29.91 -40.46 22.43
CA ASN D 168 30.19 -39.08 22.07
C ASN D 168 28.90 -38.32 21.74
N SER D 169 28.72 -37.18 22.39
CA SER D 169 27.51 -36.39 22.23
C SER D 169 27.33 -35.94 20.77
N ASN D 170 28.40 -35.40 20.19
CA ASN D 170 28.38 -34.96 18.81
C ASN D 170 28.35 -36.15 17.84
N ILE D 171 27.32 -36.20 17.01
CA ILE D 171 27.04 -37.41 16.23
C ILE D 171 27.70 -37.34 14.86
N PHE D 172 28.39 -36.23 14.58
CA PHE D 172 29.07 -36.05 13.32
C PHE D 172 30.59 -36.10 13.50
N ASP D 173 31.02 -36.18 14.76
CA ASP D 173 32.44 -36.35 15.06
C ASP D 173 32.80 -37.83 15.12
N ASP D 174 32.99 -38.43 13.94
CA ASP D 174 33.27 -39.86 13.85
C ASP D 174 34.75 -40.16 14.03
N SER D 175 35.21 -40.12 15.28
CA SER D 175 36.60 -40.43 15.59
C SER D 175 36.69 -41.45 16.72
N SER D 176 37.88 -42.02 16.90
CA SER D 176 38.13 -42.93 18.01
C SER D 176 37.90 -42.25 19.36
N THR D 177 37.37 -43.00 20.31
CA THR D 177 37.08 -42.47 21.64
C THR D 177 38.36 -42.23 22.43
N PRO D 178 38.34 -41.22 23.29
CA PRO D 178 39.51 -40.86 24.08
C PRO D 178 39.78 -41.90 25.16
N TYR D 179 38.72 -42.60 25.59
CA TYR D 179 38.83 -43.58 26.65
C TYR D 179 37.59 -44.45 26.73
N ASN D 180 37.62 -45.46 27.60
CA ASN D 180 36.46 -46.28 27.87
C ASN D 180 36.30 -46.55 29.36
N VAL D 181 35.23 -47.23 29.73
CA VAL D 181 34.94 -47.50 31.14
C VAL D 181 34.81 -48.99 31.39
N ARG D 182 34.98 -49.40 32.65
CA ARG D 182 34.89 -50.80 33.04
C ARG D 182 34.10 -50.97 34.32
N ILE D 183 33.08 -51.82 34.29
CA ILE D 183 32.24 -52.06 35.45
C ILE D 183 32.62 -53.36 36.14
N TRP D 184 32.88 -53.28 37.45
CA TRP D 184 33.33 -54.43 38.21
C TRP D 184 32.19 -55.04 39.01
N HIS D 185 32.22 -56.36 39.18
CA HIS D 185 31.36 -57.04 40.14
C HIS D 185 31.84 -56.80 41.57
N ALA D 186 30.99 -56.16 42.37
CA ALA D 186 31.30 -55.93 43.77
C ALA D 186 30.03 -55.76 44.59
N PRO D 187 29.71 -56.77 45.39
CA PRO D 187 28.50 -56.75 46.20
C PRO D 187 28.66 -55.87 47.43
N THR D 188 29.66 -56.19 48.24
CA THR D 188 29.74 -55.66 49.60
C THR D 188 30.87 -54.65 49.73
N MET D 189 31.03 -54.12 50.94
CA MET D 189 32.06 -53.10 51.19
C MET D 189 33.46 -53.70 51.13
N THR D 190 33.56 -54.99 51.48
CA THR D 190 34.86 -55.63 51.64
C THR D 190 35.45 -56.01 50.29
N GLU D 191 34.62 -55.96 49.24
CA GLU D 191 35.07 -56.26 47.89
C GLU D 191 35.79 -55.08 47.28
N VAL D 192 35.23 -53.88 47.48
CA VAL D 192 35.81 -52.66 46.93
C VAL D 192 37.24 -52.46 47.42
N ASN D 193 37.48 -52.80 48.68
CA ASN D 193 38.83 -52.70 49.25
C ASN D 193 39.78 -53.69 48.58
N HIS D 194 39.22 -54.76 48.03
CA HIS D 194 40.02 -55.80 47.40
C HIS D 194 40.35 -55.45 45.96
N ILE D 195 39.42 -54.76 45.30
CA ILE D 195 39.55 -54.44 43.88
C ILE D 195 40.46 -53.24 43.67
N LEU D 196 40.24 -52.20 44.45
CA LEU D 196 40.98 -50.95 44.30
C LEU D 196 42.46 -51.15 44.60
N ALA D 197 42.76 -52.16 45.41
CA ALA D 197 44.15 -52.53 45.68
C ALA D 197 44.73 -53.36 44.54
N LEU D 198 43.85 -53.87 43.67
CA LEU D 198 44.28 -54.61 42.50
C LEU D 198 44.44 -53.69 41.30
N MET D 199 43.71 -52.58 41.31
CA MET D 199 43.76 -51.63 40.21
C MET D 199 45.14 -50.98 40.10
N ARG D 200 45.89 -51.01 41.20
CA ARG D 200 47.24 -50.46 41.22
C ARG D 200 48.12 -51.12 40.15
N LYS D 201 49.32 -50.59 39.97
CA LYS D 201 50.28 -51.17 39.04
C LYS D 201 49.58 -51.71 37.80
N SER D 202 48.90 -50.83 37.08
CA SER D 202 48.23 -51.22 35.85
C SER D 202 48.04 -50.02 34.92
N THR D 203 48.75 -50.04 33.80
CA THR D 203 48.60 -49.01 32.77
C THR D 203 48.07 -47.71 33.38
N LEU D 204 46.96 -47.22 32.84
CA LEU D 204 46.46 -45.90 33.20
C LEU D 204 44.98 -45.95 33.56
N VAL D 205 44.68 -45.81 34.86
CA VAL D 205 43.31 -45.88 35.34
C VAL D 205 43.01 -44.76 36.33
N SER D 206 41.73 -44.54 36.59
CA SER D 206 41.31 -43.51 37.53
C SER D 206 39.94 -43.81 38.11
N THR D 207 39.61 -43.18 39.22
CA THR D 207 38.26 -43.19 39.75
C THR D 207 37.82 -41.79 40.20
N HIS D 208 36.65 -41.72 40.81
CA HIS D 208 36.09 -40.43 41.23
C HIS D 208 35.18 -40.60 42.45
N SER D 209 35.78 -40.71 43.62
CA SER D 209 35.04 -40.60 44.87
C SER D 209 33.89 -41.61 44.92
N SER D 210 32.68 -41.11 44.72
CA SER D 210 31.49 -41.96 44.75
C SER D 210 31.09 -42.39 43.35
N TRP D 211 29.93 -43.04 43.24
CA TRP D 211 29.46 -43.58 41.98
C TRP D 211 27.95 -43.41 41.84
N HIS D 212 27.47 -43.52 40.60
CA HIS D 212 26.04 -43.50 40.34
C HIS D 212 25.35 -44.75 40.89
N TRP D 213 25.12 -45.72 40.02
CA TRP D 213 24.82 -47.08 40.46
C TRP D 213 25.74 -47.52 41.58
N ASN D 214 25.17 -48.16 42.59
CA ASN D 214 25.94 -48.60 43.75
C ASN D 214 26.81 -49.80 43.41
N VAL D 215 27.72 -49.61 42.45
CA VAL D 215 28.61 -50.68 42.02
C VAL D 215 29.92 -50.11 41.46
N LEU D 216 31.03 -50.66 41.93
CA LEU D 216 32.35 -50.14 41.57
C LEU D 216 32.56 -50.19 40.06
N HIS D 217 32.99 -49.07 39.49
CA HIS D 217 33.44 -49.03 38.11
C HIS D 217 34.49 -47.95 37.89
N THR D 218 35.41 -48.19 36.96
CA THR D 218 36.60 -47.37 36.83
C THR D 218 36.80 -46.91 35.39
N PHE D 219 37.76 -46.01 35.19
CA PHE D 219 38.04 -45.48 33.86
C PHE D 219 39.38 -45.98 33.35
N HIS D 220 39.43 -46.30 32.05
CA HIS D 220 40.66 -46.75 31.43
C HIS D 220 41.01 -45.90 30.21
N TYR D 221 42.17 -45.26 30.25
CA TYR D 221 42.55 -44.30 29.21
C TYR D 221 43.39 -44.96 28.13
N ARG D 222 43.38 -44.37 26.94
CA ARG D 222 44.03 -44.97 25.78
C ARG D 222 45.53 -44.72 25.80
N SER D 223 45.92 -43.45 25.79
CA SER D 223 47.32 -43.07 25.84
C SER D 223 47.59 -42.05 26.94
N GLU D 224 48.86 -41.86 27.26
CA GLU D 224 49.24 -40.99 28.37
C GLU D 224 48.93 -39.52 28.05
N SER D 225 49.00 -39.18 26.78
CA SER D 225 48.89 -37.79 26.35
C SER D 225 47.43 -37.33 26.35
N ASP D 226 46.52 -38.28 26.48
CA ASP D 226 45.09 -38.00 26.40
C ASP D 226 44.41 -38.22 27.75
N MET D 227 45.17 -38.08 28.82
CA MET D 227 44.63 -38.19 30.17
C MET D 227 44.39 -36.81 30.78
N ILE D 228 45.32 -35.89 30.51
CA ILE D 228 45.27 -34.57 31.13
C ILE D 228 44.14 -33.73 30.56
N ASP D 229 43.62 -34.16 29.41
CA ASP D 229 42.46 -33.50 28.81
C ASP D 229 41.18 -33.87 29.54
N HIS D 230 41.23 -34.95 30.32
CA HIS D 230 40.06 -35.42 31.05
C HIS D 230 40.11 -34.98 32.51
N PHE D 231 41.29 -35.01 33.09
CA PHE D 231 41.49 -34.54 34.46
C PHE D 231 41.21 -33.05 34.57
N ALA D 232 41.74 -32.27 33.63
CA ALA D 232 41.57 -30.82 33.65
C ALA D 232 40.13 -30.43 33.33
N ALA D 233 39.38 -31.37 32.77
CA ALA D 233 37.98 -31.13 32.43
C ALA D 233 37.09 -31.33 33.64
N ILE D 235 38.29 -31.31 36.93
CA ILE D 235 38.75 -30.41 37.97
C ILE D 235 38.06 -29.05 37.87
N LEU D 236 37.79 -28.62 36.64
CA LEU D 236 37.17 -27.32 36.41
C LEU D 236 35.77 -27.27 37.01
N GLU D 237 35.12 -28.43 37.07
CA GLU D 237 33.72 -28.50 37.52
C GLU D 237 33.63 -28.43 39.03
N ASP D 238 34.55 -29.10 39.72
CA ASP D 238 34.57 -29.12 41.18
C ASP D 238 34.79 -27.72 41.72
N TRP D 239 35.54 -26.90 40.98
CA TRP D 239 35.82 -25.54 41.39
C TRP D 239 34.57 -24.67 41.33
N ARG D 240 33.55 -25.17 40.62
CA ARG D 240 32.31 -24.43 40.45
C ARG D 240 31.23 -24.93 41.40
N GLN D 241 31.34 -26.18 41.81
CA GLN D 241 30.36 -26.79 42.70
C GLN D 241 30.55 -26.29 44.13
N LYS D 242 31.79 -26.03 44.51
CA LYS D 242 32.11 -25.54 45.85
C LYS D 242 32.09 -24.03 45.90
N GLU D 243 31.97 -23.40 44.74
CA GLU D 243 31.80 -21.95 44.66
C GLU D 243 30.41 -21.54 45.16
N LYS D 244 29.41 -22.39 44.92
CA LYS D 244 28.06 -22.11 45.35
C LYS D 244 27.81 -22.63 46.76
N LEU D 245 28.59 -23.63 47.17
CA LEU D 245 28.43 -24.25 48.48
C LEU D 245 29.07 -23.41 49.57
N ASP D 246 30.28 -22.92 49.29
CA ASP D 246 31.03 -22.15 50.28
C ASP D 246 30.29 -20.88 50.68
N LYS D 247 29.53 -20.33 49.73
CA LYS D 247 28.67 -19.19 50.02
C LYS D 247 27.37 -19.62 50.68
N GLY D 248 26.87 -20.79 50.30
CA GLY D 248 25.66 -21.34 50.88
C GLY D 248 24.48 -21.22 49.92
N ALA D 249 24.07 -22.35 49.36
CA ALA D 249 22.94 -22.37 48.44
C ALA D 249 22.28 -23.75 48.41
N LEU D 250 21.71 -24.10 47.26
CA LEU D 250 21.19 -25.44 47.05
C LEU D 250 21.67 -26.02 45.73
N VAL D 251 22.41 -27.12 45.80
CA VAL D 251 22.87 -27.83 44.61
C VAL D 251 22.30 -29.24 44.54
N GLU D 252 22.42 -29.86 43.38
CA GLU D 252 21.78 -31.15 43.13
C GLU D 252 22.74 -32.12 42.48
N ALA D 253 24.00 -31.70 42.34
CA ALA D 253 25.04 -32.55 41.75
C ALA D 253 25.52 -33.60 42.76
N ASP D 254 25.01 -34.82 42.60
CA ASP D 254 25.39 -35.91 43.49
C ASP D 254 26.87 -36.27 43.34
N ARG D 255 27.41 -36.90 44.36
CA ARG D 255 28.83 -37.28 44.36
C ARG D 255 29.62 -36.45 45.35
N VAL D 256 29.29 -35.17 45.45
CA VAL D 256 29.94 -34.28 46.40
C VAL D 256 31.24 -33.71 45.85
N ILE D 257 32.12 -34.61 45.42
CA ILE D 257 33.42 -34.22 44.86
C ILE D 257 33.58 -34.69 43.43
N GLN D 258 33.87 -33.75 42.53
CA GLN D 258 33.98 -34.06 41.11
C GLN D 258 35.42 -34.40 40.74
N ARG D 259 36.38 -33.83 41.47
CA ARG D 259 37.78 -34.10 41.24
C ARG D 259 38.03 -35.59 41.05
N LEU D 260 38.88 -35.93 40.08
CA LEU D 260 39.25 -37.31 39.83
C LEU D 260 40.37 -37.76 40.76
N ILE D 261 40.41 -39.05 41.05
CA ILE D 261 41.48 -39.63 41.85
C ILE D 261 42.36 -40.56 41.03
N PRO D 262 43.60 -40.14 40.78
CA PRO D 262 44.54 -40.94 40.00
C PRO D 262 45.04 -42.14 40.78
N LEU D 263 44.70 -43.33 40.32
CA LEU D 263 45.31 -44.55 40.82
C LEU D 263 46.67 -44.78 40.18
N SER D 264 46.78 -45.85 39.40
CA SER D 264 47.94 -46.05 38.54
C SER D 264 47.96 -45.05 37.39
N SER D 265 49.00 -44.22 37.36
CA SER D 265 49.05 -43.10 36.43
C SER D 265 50.49 -42.69 36.15
N SER D 266 50.66 -41.61 35.38
CA SER D 266 51.98 -41.13 35.01
C SER D 266 52.53 -40.18 36.07
N THR D 267 53.10 -39.05 35.61
CA THR D 267 53.74 -38.10 36.51
C THR D 267 53.28 -36.68 36.21
N TYR D 268 52.48 -36.52 35.15
CA TYR D 268 51.96 -35.22 34.77
C TYR D 268 50.63 -34.94 35.45
N VAL D 269 49.92 -35.99 35.81
CA VAL D 269 48.62 -35.86 36.47
C VAL D 269 48.75 -35.95 37.98
N GLN D 270 49.94 -36.34 38.44
CA GLN D 270 50.27 -36.25 39.86
C GLN D 270 50.56 -34.81 40.28
N ARG D 271 51.23 -34.07 39.40
CA ARG D 271 51.43 -32.65 39.58
C ARG D 271 50.13 -31.88 39.43
N LEU D 272 49.30 -32.32 38.49
CA LEU D 272 48.02 -31.66 38.22
C LEU D 272 47.02 -31.93 39.33
N ALA D 273 47.05 -33.14 39.87
CA ALA D 273 46.13 -33.53 40.93
C ALA D 273 46.38 -32.72 42.20
N ALA D 274 47.65 -32.43 42.47
CA ALA D 274 48.03 -31.74 43.70
C ALA D 274 47.49 -30.32 43.73
N ILE D 275 47.67 -29.60 42.62
CA ILE D 275 47.31 -28.20 42.55
C ILE D 275 45.79 -28.02 42.57
N GLY D 276 45.08 -29.08 42.18
CA GLY D 276 43.62 -29.03 42.09
C GLY D 276 42.96 -29.40 43.40
N ALA D 277 43.71 -30.06 44.27
CA ALA D 277 43.16 -30.63 45.48
C ALA D 277 43.37 -29.72 46.69
N LEU D 278 43.59 -28.44 46.42
CA LEU D 278 43.80 -27.45 47.47
C LEU D 278 43.01 -26.18 47.21
N TYR D 279 42.20 -26.20 46.14
CA TYR D 279 41.29 -25.11 45.86
C TYR D 279 42.01 -23.77 45.91
N PRO D 280 42.77 -23.46 44.87
CA PRO D 280 43.57 -22.24 44.83
C PRO D 280 42.70 -21.00 44.94
N ASN D 281 43.33 -19.85 45.16
CA ASN D 281 42.62 -18.63 45.48
C ASN D 281 42.37 -17.79 44.22
N GLU D 282 42.22 -18.47 43.08
CA GLU D 282 41.84 -17.81 41.85
C GLU D 282 40.57 -16.97 42.03
N PHE D 283 40.71 -15.84 42.72
CA PHE D 283 39.61 -14.91 42.90
C PHE D 283 40.11 -13.47 42.93
N THR D 284 39.80 -12.73 41.86
CA THR D 284 39.07 -13.28 40.73
C THR D 284 39.92 -14.28 39.96
N GLU D 285 39.33 -14.89 38.93
CA GLU D 285 39.87 -16.11 38.35
C GLU D 285 41.35 -15.96 38.04
N ASN D 286 41.67 -15.04 37.14
CA ASN D 286 42.98 -15.01 36.50
C ASN D 286 43.32 -16.37 35.90
N VAL D 287 44.51 -16.87 36.19
CA VAL D 287 44.89 -18.23 35.84
C VAL D 287 45.14 -18.37 34.35
N LEU D 288 44.53 -17.48 33.57
CA LEU D 288 44.37 -17.70 32.14
C LEU D 288 43.55 -18.94 31.85
N ASP D 289 42.24 -18.84 32.06
CA ASP D 289 41.38 -20.02 32.19
C ASP D 289 40.83 -20.44 30.83
N LEU D 290 40.32 -19.47 30.08
CA LEU D 290 39.64 -19.76 28.82
C LEU D 290 40.44 -20.74 27.97
N SER D 291 41.68 -20.38 27.67
CA SER D 291 42.60 -21.28 26.97
C SER D 291 44.05 -20.98 27.34
N ARG D 292 44.87 -22.02 27.37
CA ARG D 292 44.44 -23.35 26.92
C ARG D 292 43.92 -24.18 28.10
N LEU D 293 44.16 -23.69 29.31
CA LEU D 293 43.70 -24.38 30.52
C LEU D 293 44.56 -25.59 30.82
N SER D 294 44.68 -26.48 29.84
CA SER D 294 45.41 -27.73 30.03
C SER D 294 46.91 -27.47 30.21
N THR D 295 47.35 -26.28 29.83
CA THR D 295 48.74 -25.88 30.00
C THR D 295 48.89 -24.76 31.01
N ALA D 296 47.80 -24.00 31.19
CA ALA D 296 47.79 -22.91 32.17
C ALA D 296 47.81 -23.45 33.60
N LEU D 297 47.14 -24.59 33.80
CA LEU D 297 47.07 -25.21 35.11
C LEU D 297 48.39 -25.91 35.46
N LEU D 298 49.12 -26.29 34.43
CA LEU D 298 50.45 -26.88 34.62
C LEU D 298 51.46 -25.82 35.06
N GLN D 299 51.29 -24.60 34.56
CA GLN D 299 52.08 -23.47 35.02
C GLN D 299 51.67 -23.03 36.41
N LEU D 300 50.38 -23.17 36.71
CA LEU D 300 49.86 -22.85 38.03
C LEU D 300 50.43 -23.78 39.09
N SER D 301 50.52 -25.07 38.75
CA SER D 301 51.03 -26.07 39.68
C SER D 301 52.49 -25.81 40.02
N ASP D 302 53.19 -25.14 39.12
CA ASP D 302 54.59 -24.77 39.35
C ASP D 302 54.70 -23.63 40.35
N THR D 303 53.63 -22.87 40.50
CA THR D 303 53.62 -21.72 41.41
C THR D 303 53.80 -22.17 42.85
N TYR D 304 52.92 -23.04 43.32
CA TYR D 304 52.85 -23.37 44.74
C TYR D 304 54.07 -24.16 45.18
N TYR D 305 54.84 -24.64 44.20
CA TYR D 305 56.03 -25.44 44.48
C TYR D 305 57.08 -24.61 45.22
N GLN D 306 57.22 -23.35 44.82
CA GLN D 306 58.17 -22.44 45.45
C GLN D 306 57.46 -21.34 46.23
N HIS D 307 56.19 -21.11 45.88
CA HIS D 307 55.46 -19.97 46.43
C HIS D 307 54.72 -20.36 47.71
N ALA D 308 54.37 -19.35 48.50
CA ALA D 308 54.40 -17.97 48.06
C ALA D 308 55.08 -17.08 49.08
N ASN D 309 55.63 -17.69 50.12
CA ASN D 309 54.82 -18.17 51.24
C ASN D 309 55.12 -19.63 51.55
N ASP D 310 54.44 -20.17 52.54
CA ASP D 310 55.00 -21.23 53.37
C ASP D 310 54.15 -22.49 53.32
N GLN D 311 53.41 -22.75 54.40
CA GLN D 311 52.76 -24.03 54.58
C GLN D 311 51.81 -24.35 53.42
N LEU D 312 51.57 -23.35 52.58
CA LEU D 312 50.91 -23.57 51.30
C LEU D 312 51.76 -24.44 50.38
N ARG D 313 53.04 -24.13 50.31
CA ARG D 313 54.01 -25.01 49.64
C ARG D 313 54.01 -26.40 50.26
N ARG D 314 54.03 -26.46 51.59
CA ARG D 314 54.10 -27.72 52.31
C ARG D 314 52.89 -28.60 51.99
N LEU D 315 51.71 -28.00 51.99
CA LEU D 315 50.49 -28.71 51.62
C LEU D 315 50.57 -29.26 50.22
N TYR D 316 51.08 -28.44 49.29
CA TYR D 316 51.27 -28.86 47.91
C TYR D 316 52.19 -30.07 47.82
N ARG D 317 53.26 -30.05 48.59
CA ARG D 317 54.27 -31.11 48.52
C ARG D 317 53.82 -32.34 49.29
N ARG D 318 52.87 -32.15 50.21
CA ARG D 318 52.28 -33.28 50.93
C ARG D 318 51.23 -33.98 50.08
N MET D 319 50.89 -33.37 48.95
CA MET D 319 49.91 -33.95 48.04
C MET D 319 50.59 -34.48 46.78
N TYR D 320 51.69 -33.85 46.40
CA TYR D 320 52.45 -34.27 45.22
C TYR D 320 53.03 -35.68 45.42
N ASN D 321 53.68 -35.89 46.55
CA ASN D 321 54.31 -37.18 46.84
C ASN D 321 53.28 -38.27 47.07
N ASP D 322 52.14 -37.88 47.62
CA ASP D 322 51.08 -38.84 47.94
C ASP D 322 50.19 -39.09 46.73
N SER D 323 49.28 -38.17 46.46
CA SER D 323 48.28 -38.35 45.42
C SER D 323 47.78 -39.78 45.38
N ARG D 324 47.29 -40.27 46.51
CA ARG D 324 46.67 -41.59 46.58
C ARG D 324 45.40 -41.55 47.42
N THR D 325 45.16 -40.42 48.08
CA THR D 325 44.02 -40.27 48.98
C THR D 325 43.14 -39.11 48.57
N LEU D 326 41.90 -39.11 49.04
CA LEU D 326 40.94 -38.06 48.72
C LEU D 326 40.97 -36.96 49.77
N TYR D 327 41.40 -35.77 49.37
CA TYR D 327 41.60 -34.66 50.30
C TYR D 327 40.35 -33.79 50.38
N MET D 328 39.87 -33.57 51.60
CA MET D 328 38.65 -32.79 51.81
C MET D 328 38.85 -31.73 52.90
N THR D 329 37.89 -30.82 53.01
CA THR D 329 38.03 -29.68 53.90
C THR D 329 36.87 -29.59 54.88
N GLN D 330 36.93 -30.40 55.93
CA GLN D 330 35.95 -30.33 57.00
C GLN D 330 34.54 -30.18 56.45
N ARG D 331 34.16 -28.94 56.15
CA ARG D 331 32.79 -28.64 55.77
C ARG D 331 32.32 -29.52 54.62
N HIS D 332 33.17 -29.68 53.62
CA HIS D 332 32.81 -30.44 52.42
C HIS D 332 32.73 -31.93 52.71
N GLN D 333 33.47 -32.36 53.72
CA GLN D 333 33.45 -33.76 54.13
C GLN D 333 32.14 -34.12 54.83
N GLU D 334 31.54 -33.12 55.49
CA GLU D 334 30.35 -33.35 56.29
C GLU D 334 29.17 -33.82 55.42
N LEU D 335 29.25 -33.50 54.13
CA LEU D 335 28.18 -33.86 53.20
C LEU D 335 28.05 -35.37 53.06
N LEU D 336 29.18 -36.07 53.18
CA LEU D 336 29.19 -37.52 53.10
C LEU D 336 28.71 -38.14 54.42
N LEU D 337 29.08 -37.52 55.53
CA LEU D 337 28.64 -37.97 56.84
C LEU D 337 27.13 -37.81 57.00
N ALA D 338 26.58 -36.81 56.33
CA ALA D 338 25.16 -36.50 56.44
C ALA D 338 24.31 -37.50 55.67
N GLN D 339 24.90 -38.10 54.63
CA GLN D 339 24.16 -38.92 53.69
C GLN D 339 24.52 -40.40 53.84
N ILE D 340 25.57 -40.66 54.61
CA ILE D 340 25.96 -42.03 54.91
C ILE D 340 25.09 -42.64 56.01
N THR D 341 24.45 -41.77 56.80
CA THR D 341 23.56 -42.21 57.86
C THR D 341 22.10 -42.12 57.42
N ALA D 342 21.85 -41.39 56.33
CA ALA D 342 20.52 -41.30 55.76
C ALA D 342 20.14 -42.57 55.02
N ASP D 343 21.14 -43.28 54.52
CA ASP D 343 20.92 -44.53 53.82
C ASP D 343 22.15 -45.43 53.88
N PRO D 344 22.08 -46.47 54.70
CA PRO D 344 23.18 -47.41 54.85
C PRO D 344 23.34 -48.27 53.61
N ASN D 345 24.47 -48.97 53.53
CA ASN D 345 24.75 -49.83 52.38
C ASN D 345 24.95 -49.00 51.12
N ILE D 346 25.98 -48.16 51.12
CA ILE D 346 26.37 -47.42 49.93
C ILE D 346 27.87 -47.20 49.88
N LEU D 347 28.46 -47.43 48.71
CA LEU D 347 29.91 -47.48 48.57
C LEU D 347 30.50 -46.09 48.46
N LEU D 348 31.56 -45.84 49.22
CA LEU D 348 32.37 -44.63 49.05
C LEU D 348 33.84 -44.96 48.94
N TYR D 349 34.64 -43.99 48.51
CA TYR D 349 36.09 -44.17 48.43
C TYR D 349 36.69 -44.33 49.81
N PRO D 350 37.39 -45.46 50.01
CA PRO D 350 37.83 -45.86 51.34
C PRO D 350 38.75 -44.82 51.95
N TYR D 351 39.63 -44.26 51.13
CA TYR D 351 40.79 -43.52 51.63
C TYR D 351 40.56 -42.02 51.59
N THR D 352 40.32 -41.44 52.77
CA THR D 352 40.03 -40.01 52.87
C THR D 352 40.99 -39.33 53.81
N TYR D 353 41.18 -38.02 53.63
CA TYR D 353 41.99 -37.22 54.55
C TYR D 353 41.40 -35.83 54.73
N ILE D 354 41.41 -35.34 55.96
CA ILE D 354 40.75 -34.08 56.29
C ILE D 354 41.74 -33.05 56.79
N PHE D 355 41.67 -31.84 56.23
CA PHE D 355 42.47 -30.73 56.72
C PHE D 355 41.64 -29.44 56.78
N THR D 356 42.09 -28.50 57.60
CA THR D 356 41.29 -27.32 57.91
C THR D 356 42.06 -26.04 57.62
N THR D 357 43.21 -26.18 56.98
CA THR D 357 44.06 -25.04 56.66
C THR D 357 43.93 -24.63 55.19
N ILE D 358 43.40 -23.45 54.95
CA ILE D 358 43.23 -22.94 53.59
C ILE D 358 44.48 -22.19 53.15
N PRO D 359 44.99 -21.33 54.01
CA PRO D 359 44.18 -20.71 55.05
C PRO D 359 43.43 -19.50 54.52
N THR D 360 44.12 -18.69 53.70
CA THR D 360 43.65 -17.35 53.37
C THR D 360 43.90 -17.03 51.90
N SER D 361 43.54 -15.82 51.50
CA SER D 361 43.75 -15.37 50.12
C SER D 361 44.46 -14.03 50.08
N MET D 362 44.70 -13.53 48.88
CA MET D 362 45.54 -12.35 48.69
C MET D 362 44.77 -11.07 48.99
N ASN D 363 43.51 -11.03 48.54
CA ASN D 363 43.11 -11.71 47.32
C ASN D 363 43.36 -10.84 46.10
N TYR D 364 42.83 -11.27 44.95
CA TYR D 364 43.04 -10.56 43.70
C TYR D 364 41.72 -9.98 43.18
N ILE D 365 41.82 -9.14 42.15
CA ILE D 365 40.65 -8.72 41.39
C ILE D 365 41.01 -8.38 39.95
N SER D 366 40.17 -8.80 39.02
CA SER D 366 40.44 -8.61 37.60
C SER D 366 39.24 -8.97 36.74
N ASN D 367 39.33 -8.71 35.45
CA ASN D 367 38.32 -9.14 34.50
C ASN D 367 38.95 -9.54 33.17
N THR D 368 38.25 -10.38 32.42
CA THR D 368 38.80 -10.96 31.19
C THR D 368 37.88 -10.72 30.01
N GLY D 369 36.95 -9.79 30.17
CA GLY D 369 36.02 -9.43 29.09
C GLY D 369 36.56 -8.27 28.27
N GLN D 370 36.22 -8.25 26.99
CA GLN D 370 36.57 -7.12 26.12
C GLN D 370 36.42 -5.80 26.84
N GLY D 371 37.42 -4.94 26.70
CA GLY D 371 37.34 -3.58 27.22
C GLY D 371 38.70 -2.89 27.17
N ARG D 372 38.69 -1.57 27.26
CA ARG D 372 39.92 -0.79 27.27
C ARG D 372 39.93 0.21 28.42
N ILE D 373 40.65 -0.12 29.48
CA ILE D 373 40.51 0.59 30.75
C ILE D 373 41.29 1.90 30.74
N LYS D 374 40.64 2.98 31.15
CA LYS D 374 41.34 4.23 31.42
C LYS D 374 41.79 4.31 32.87
N HIS D 375 42.91 4.98 33.10
CA HIS D 375 43.44 5.14 34.45
C HIS D 375 43.47 6.62 34.86
N SER D 376 43.46 6.85 36.17
CA SER D 376 43.63 8.20 36.70
C SER D 376 44.59 8.20 37.89
N LEU D 377 45.77 8.75 37.69
CA LEU D 377 46.87 8.58 38.62
C LEU D 377 46.96 9.74 39.59
N THR D 378 47.45 9.47 40.80
CA THR D 378 47.58 10.49 41.82
C THR D 378 49.02 10.67 42.27
N VAL D 379 49.25 11.61 43.19
CA VAL D 379 50.60 12.00 43.56
C VAL D 379 50.92 11.57 45.00
N THR D 380 50.02 10.79 45.58
CA THR D 380 50.23 10.27 46.93
C THR D 380 49.91 8.78 47.00
N GLY D 381 50.37 8.13 48.06
CA GLY D 381 50.21 6.69 48.21
C GLY D 381 50.75 6.20 49.54
N ALA D 382 50.98 4.90 49.65
CA ALA D 382 51.35 4.29 50.91
C ALA D 382 52.71 3.60 50.82
N THR D 383 53.40 3.84 49.72
CA THR D 383 54.71 3.24 49.49
C THR D 383 55.80 4.30 49.35
N GLU D 384 57.05 3.86 49.40
CA GLU D 384 58.18 4.78 49.33
C GLU D 384 59.19 4.33 48.27
N HIS D 385 59.39 5.17 47.26
CA HIS D 385 60.34 4.88 46.19
C HIS D 385 61.62 5.66 46.37
N ASP D 386 62.75 5.01 46.06
CA ASP D 386 64.03 5.69 46.02
C ASP D 386 64.95 5.09 44.96
N THR D 387 65.53 5.95 44.13
CA THR D 387 66.47 5.50 43.10
C THR D 387 65.99 4.22 42.43
N VAL D 388 65.14 4.37 41.42
CA VAL D 388 64.58 3.23 40.72
C VAL D 388 65.09 3.16 39.28
N ALA D 389 64.66 2.12 38.57
CA ALA D 389 65.09 1.92 37.18
C ALA D 389 64.41 2.92 36.26
N ASP D 390 64.69 2.80 34.96
CA ASP D 390 64.17 3.74 33.98
C ASP D 390 63.29 3.04 32.96
N ILE D 391 62.64 1.96 33.38
CA ILE D 391 61.60 1.32 32.58
C ILE D 391 61.55 1.91 31.18
N VAL D 392 62.23 1.24 30.24
CA VAL D 392 62.32 1.72 28.87
C VAL D 392 61.38 0.95 27.95
N LEU D 393 60.71 1.67 27.06
CA LEU D 393 59.84 1.05 26.06
C LEU D 393 60.05 1.68 24.69
N GLY D 394 59.76 0.91 23.64
CA GLY D 394 59.92 1.38 22.28
C GLY D 394 59.13 0.53 21.30
N GLN D 395 59.13 0.93 20.03
CA GLN D 395 58.40 0.21 19.00
C GLN D 395 56.92 0.15 19.31
N THR D 396 56.13 0.95 18.58
CA THR D 396 54.68 0.93 18.71
C THR D 396 54.05 0.00 17.68
N GLY D 397 54.61 0.00 16.48
CA GLY D 397 53.97 -0.63 15.33
C GLY D 397 53.00 0.33 14.65
N GLU D 398 52.45 -0.09 13.51
CA GLU D 398 51.46 0.70 12.80
C GLU D 398 50.14 -0.05 12.68
N ASP D 399 50.13 -1.29 13.14
CA ASP D 399 48.93 -2.13 13.07
C ASP D 399 48.08 -1.96 14.32
N VAL D 400 48.71 -2.09 15.48
CA VAL D 400 48.01 -1.95 16.75
C VAL D 400 47.72 -0.49 17.08
N ILE D 401 48.78 0.32 17.13
CA ILE D 401 48.64 1.73 17.47
C ILE D 401 48.91 2.61 16.25
N THR D 402 47.86 3.25 15.75
CA THR D 402 48.00 4.23 14.68
C THR D 402 47.98 5.65 15.24
N ILE D 403 48.95 6.46 14.84
CA ILE D 403 49.08 7.83 15.33
C ILE D 403 48.77 8.84 14.25
N SER D 404 47.73 9.64 14.45
CA SER D 404 47.35 10.67 13.49
C SER D 404 47.03 11.99 14.21
N MET D 405 46.46 12.92 13.46
CA MET D 405 46.16 14.24 14.00
C MET D 405 45.42 15.10 12.97
N VAL D 406 44.39 15.81 13.42
CA VAL D 406 43.98 17.06 12.80
C VAL D 406 43.58 18.08 13.85
N GLU D 407 42.41 17.89 14.44
CA GLU D 407 41.79 16.58 14.50
C GLU D 407 40.39 16.60 13.91
N PRO D 408 39.92 15.44 13.48
CA PRO D 408 38.51 15.28 13.11
C PRO D 408 37.60 15.44 14.33
N MET D 409 36.42 16.01 14.10
CA MET D 409 35.46 16.24 15.17
C MET D 409 34.07 15.74 14.79
N SER D 410 33.15 15.80 15.74
CA SER D 410 31.76 15.42 15.49
C SER D 410 30.79 16.39 16.14
N ILE D 411 30.01 17.07 15.33
CA ILE D 411 29.01 18.02 15.84
C ILE D 411 27.61 17.63 15.40
N ALA D 412 26.81 18.62 15.04
CA ALA D 412 25.42 18.38 14.66
C ALA D 412 25.18 18.73 13.20
N VAL D 413 24.15 19.51 12.94
CA VAL D 413 23.76 19.86 11.57
C VAL D 413 23.59 21.36 11.40
N GLU D 414 22.72 21.95 12.22
CA GLU D 414 22.47 23.38 12.15
C GLU D 414 23.64 24.19 12.72
N ASP D 415 24.46 23.52 13.53
CA ASP D 415 25.57 24.18 14.20
C ASP D 415 26.68 24.53 13.21
N MET D 416 26.63 23.92 12.03
CA MET D 416 27.58 24.23 10.97
C MET D 416 27.43 25.67 10.49
N TYR D 417 26.26 26.24 10.70
CA TYR D 417 25.94 27.56 10.19
C TYR D 417 25.53 28.51 11.31
N GLY D 418 26.48 29.33 11.74
CA GLY D 418 26.20 30.36 12.74
C GLY D 418 27.25 31.46 12.71
N TYR D 419 26.89 32.63 13.25
CA TYR D 419 27.77 33.79 13.18
C TYR D 419 27.57 34.69 14.40
N VAL D 420 28.51 35.61 14.61
CA VAL D 420 28.40 36.60 15.67
C VAL D 420 28.61 38.02 15.14
N LEU D 421 27.62 38.88 15.34
CA LEU D 421 27.66 40.23 14.82
C LEU D 421 28.27 41.19 15.84
N ASP D 422 29.17 42.05 15.38
CA ASP D 422 29.73 43.09 16.22
C ASP D 422 29.07 44.44 15.94
N THR D 423 29.35 45.42 16.79
CA THR D 423 28.78 46.76 16.63
C THR D 423 29.79 47.83 17.00
N PRO D 424 29.92 48.83 16.13
CA PRO D 424 30.77 49.98 16.41
C PRO D 424 30.36 50.67 17.70
N THR D 425 31.18 51.62 18.16
CA THR D 425 31.02 52.19 19.49
C THR D 425 31.48 53.64 19.51
N ARG D 426 32.24 54.03 18.51
CA ARG D 426 32.82 55.38 18.47
C ARG D 426 32.03 56.29 17.55
N ASP D 427 32.10 57.59 17.82
CA ASP D 427 31.32 58.57 17.07
C ASP D 427 32.22 59.63 16.45
N ILE D 428 33.47 59.68 16.91
CA ILE D 428 34.44 60.64 16.38
C ILE D 428 35.75 59.96 16.05
N TRP D 429 36.35 60.36 14.93
CA TRP D 429 37.70 59.91 14.57
C TRP D 429 38.69 61.06 14.62
N PRO D 430 39.45 61.12 15.71
CA PRO D 430 40.35 62.25 15.95
C PRO D 430 41.35 62.41 14.81
N ALA D 431 41.74 63.65 14.54
CA ALA D 431 42.71 63.94 13.48
C ALA D 431 44.14 63.81 14.00
N ASP D 432 44.27 63.62 15.31
CA ASP D 432 45.58 63.40 15.92
C ASP D 432 45.86 61.91 16.08
N GLU D 433 44.82 61.10 16.01
CA GLU D 433 44.95 59.66 16.16
C GLU D 433 44.79 58.95 14.82
N GLN D 434 44.48 59.73 13.78
CA GLN D 434 44.29 59.19 12.44
C GLN D 434 45.62 58.82 11.81
N ILE D 435 46.69 59.41 12.32
CA ILE D 435 48.04 59.11 11.84
C ILE D 435 48.80 58.24 12.83
N GLU D 436 48.28 58.16 14.05
CA GLU D 436 48.81 57.22 15.04
C GLU D 436 48.39 55.79 14.73
N GLN D 437 47.14 55.62 14.33
CA GLN D 437 46.63 54.32 13.89
C GLN D 437 47.26 53.89 12.57
N LYS D 438 47.54 54.87 11.72
CA LYS D 438 48.20 54.61 10.44
C LYS D 438 49.59 54.00 10.65
N GLY D 439 50.36 54.61 11.54
CA GLY D 439 51.73 54.17 11.79
C GLY D 439 51.74 52.72 12.29
N ASP D 440 50.71 52.33 13.02
CA ASP D 440 50.60 50.97 13.52
C ASP D 440 50.34 49.98 12.39
N ALA D 441 49.49 50.39 11.44
CA ALA D 441 49.16 49.54 10.30
C ALA D 441 50.34 49.40 9.35
N VAL D 442 51.06 50.49 9.15
CA VAL D 442 52.19 50.51 8.22
C VAL D 442 53.37 49.70 8.77
N ALA D 443 53.66 49.90 10.05
CA ALA D 443 54.79 49.23 10.69
C ALA D 443 54.53 47.74 10.86
N LEU D 444 53.27 47.40 11.07
CA LEU D 444 52.88 46.00 11.28
C LEU D 444 52.90 45.21 9.98
N TYR D 445 52.39 45.83 8.92
CA TYR D 445 52.23 45.15 7.64
C TYR D 445 53.55 44.59 7.14
N ASP D 446 54.61 45.38 7.30
CA ASP D 446 55.91 45.03 6.74
C ASP D 446 56.31 43.60 7.10
N THR D 447 56.15 43.25 8.37
CA THR D 447 56.45 41.90 8.84
C THR D 447 55.17 41.09 9.05
N LYS D 448 55.05 39.99 8.32
CA LYS D 448 53.86 39.15 8.39
C LYS D 448 53.63 38.63 9.81
N THR D 449 52.42 38.18 10.08
CA THR D 449 52.03 37.77 11.43
C THR D 449 52.96 36.69 11.96
N SER D 450 52.87 36.43 13.26
CA SER D 450 53.82 35.53 13.92
C SER D 450 53.94 34.21 13.17
N ARG D 451 55.16 33.68 13.10
CA ARG D 451 55.39 32.36 12.54
C ARG D 451 54.73 31.27 13.38
N ALA D 452 54.62 31.52 14.68
CA ALA D 452 54.00 30.56 15.60
C ALA D 452 52.49 30.54 15.42
N LEU D 453 51.92 31.68 15.06
CA LEU D 453 50.50 31.77 14.75
C LEU D 453 50.16 30.96 13.50
N GLY D 454 51.10 30.89 12.58
CA GLY D 454 50.88 30.23 11.30
C GLY D 454 51.16 28.74 11.39
N MET D 455 51.48 28.27 12.59
CA MET D 455 51.72 26.86 12.84
C MET D 455 50.41 26.08 12.87
N PHE D 456 49.30 26.80 12.97
CA PHE D 456 47.98 26.18 13.04
C PHE D 456 47.06 26.71 11.95
N ASN D 457 47.45 27.81 11.34
CA ASN D 457 46.60 28.50 10.36
C ASN D 457 46.36 27.63 9.13
N ASN D 458 47.43 27.36 8.39
CA ASN D 458 47.34 26.60 7.15
C ASN D 458 47.62 25.12 7.38
N THR D 459 47.77 24.74 8.64
CA THR D 459 47.98 23.34 9.01
C THR D 459 46.66 22.58 9.04
N VAL D 460 45.66 23.16 9.70
CA VAL D 460 44.32 22.59 9.72
C VAL D 460 43.30 23.56 9.13
N ARG D 461 42.28 23.01 8.49
CA ARG D 461 41.26 23.83 7.83
C ARG D 461 39.87 23.26 8.07
N ILE D 462 38.85 24.08 7.87
CA ILE D 462 37.47 23.67 8.07
C ILE D 462 37.13 22.45 7.23
N ASP D 463 37.64 22.42 6.01
CA ASP D 463 37.40 21.31 5.10
C ASP D 463 37.75 19.97 5.76
N ASP D 464 38.85 19.95 6.51
CA ASP D 464 39.33 18.71 7.11
C ASP D 464 38.54 18.36 8.37
N LEU D 465 37.66 19.28 8.77
CA LEU D 465 36.92 19.11 10.02
C LEU D 465 35.50 18.64 9.74
N LEU D 466 34.86 19.24 8.75
CA LEU D 466 33.43 19.04 8.53
C LEU D 466 33.18 18.04 7.42
N SER D 467 34.11 17.97 6.47
CA SER D 467 33.94 17.14 5.27
C SER D 467 33.83 15.66 5.64
N PRO D 468 34.68 15.23 6.56
CA PRO D 468 34.67 13.83 7.00
C PRO D 468 33.27 13.38 7.37
N LEU D 469 32.58 14.19 8.16
CA LEU D 469 31.21 13.89 8.57
C LEU D 469 30.22 14.20 7.44
N LEU D 470 30.50 15.26 6.70
CA LEU D 470 29.57 15.75 5.68
C LEU D 470 29.38 14.72 4.57
N SER D 471 30.38 13.86 4.39
CA SER D 471 30.34 12.86 3.33
C SER D 471 29.90 11.51 3.88
N LEU D 472 29.46 11.49 5.13
CA LEU D 472 28.89 10.28 5.73
C LEU D 472 27.37 10.32 5.69
N VAL D 473 26.81 11.52 5.66
CA VAL D 473 25.38 11.70 5.40
C VAL D 473 25.06 11.57 3.92
N TYR D 474 26.10 11.52 3.10
CA TYR D 474 25.98 11.11 1.71
C TYR D 474 25.57 9.66 1.60
N ARG D 475 26.26 8.80 2.35
CA ARG D 475 25.92 7.38 2.40
C ARG D 475 24.54 7.17 3.00
N THR D 476 24.15 8.03 3.93
CA THR D 476 22.82 8.01 4.49
C THR D 476 21.77 8.35 3.44
N TYR D 477 22.04 9.40 2.67
CA TYR D 477 21.15 9.80 1.58
C TYR D 477 20.80 8.62 0.70
N ILE D 478 21.79 7.79 0.39
CA ILE D 478 21.62 6.66 -0.53
C ILE D 478 20.69 5.62 0.06
N LYS D 479 19.54 5.43 -0.57
CA LYS D 479 18.63 4.35 -0.21
C LYS D 479 17.78 4.72 1.00
N GLY D 480 18.33 5.55 1.87
CA GLY D 480 17.71 5.85 3.15
C GLY D 480 17.36 7.32 3.28
N ASP D 481 16.23 7.62 3.88
CA ASP D 481 15.91 8.97 4.32
C ASP D 481 14.56 9.03 5.02
N THR D 482 14.26 10.17 5.63
CA THR D 482 12.98 10.38 6.29
C THR D 482 12.34 11.69 5.86
N MET D 483 11.32 12.13 6.61
CA MET D 483 10.76 13.46 6.42
C MET D 483 11.85 14.53 6.41
N THR D 484 11.96 15.23 5.28
CA THR D 484 13.02 16.20 5.09
C THR D 484 12.55 17.62 5.35
N MET D 485 11.47 18.00 4.68
CA MET D 485 10.89 19.33 4.85
C MET D 485 11.73 20.40 4.15
N THR D 486 11.15 21.02 3.13
CA THR D 486 11.82 22.09 2.40
C THR D 486 12.21 23.23 3.33
N GLN D 487 13.16 24.04 2.90
CA GLN D 487 13.46 25.30 3.58
C GLN D 487 14.36 25.07 4.79
N GLY D 488 14.20 23.92 5.43
CA GLY D 488 14.88 23.64 6.69
C GLY D 488 16.39 23.67 6.51
N SER D 489 17.11 23.60 7.63
CA SER D 489 18.57 23.60 7.60
C SER D 489 19.09 22.28 7.04
N LEU D 490 18.31 21.22 7.19
CA LEU D 490 18.65 19.92 6.62
C LEU D 490 18.43 19.90 5.11
N ASP D 491 17.57 20.80 4.64
CA ASP D 491 17.12 20.76 3.26
C ASP D 491 18.26 21.11 2.30
N HIS D 492 18.78 22.32 2.42
CA HIS D 492 19.80 22.82 1.50
C HIS D 492 21.13 22.10 1.71
N LEU D 493 21.23 21.38 2.83
CA LEU D 493 22.45 20.64 3.15
C LEU D 493 22.56 19.39 2.29
N THR D 494 21.49 18.61 2.24
CA THR D 494 21.48 17.35 1.48
C THR D 494 21.25 17.61 0.00
N LEU D 495 20.70 18.78 -0.32
CA LEU D 495 20.64 19.24 -1.70
C LEU D 495 22.02 19.59 -2.23
N CYS D 496 22.84 20.21 -1.38
CA CYS D 496 24.18 20.62 -1.76
C CYS D 496 25.13 19.43 -1.79
N ALA D 497 25.79 19.18 -0.66
CA ALA D 497 27.03 18.43 -0.65
C ALA D 497 26.79 16.97 -1.00
N ALA D 498 25.57 16.50 -0.76
CA ALA D 498 25.25 15.08 -0.88
C ALA D 498 25.02 14.69 -2.33
N VAL D 499 24.43 15.59 -3.10
CA VAL D 499 23.93 15.26 -4.43
C VAL D 499 24.40 16.29 -5.46
N ASP D 500 25.14 15.83 -6.46
CA ASP D 500 25.55 16.68 -7.56
C ASP D 500 24.37 17.09 -8.43
N SER D 501 23.47 16.14 -8.68
CA SER D 501 22.28 16.41 -9.48
C SER D 501 21.25 17.22 -8.69
N ASP D 502 20.13 17.52 -9.34
CA ASP D 502 19.07 18.30 -8.70
C ASP D 502 18.22 17.44 -7.78
N ILE D 503 17.35 18.07 -7.01
CA ILE D 503 16.46 17.36 -6.11
C ILE D 503 15.00 17.64 -6.45
N THR D 504 14.23 16.57 -6.66
CA THR D 504 12.80 16.69 -6.87
C THR D 504 12.03 16.53 -5.57
N PHE D 505 11.14 17.47 -5.28
CA PHE D 505 10.31 17.42 -4.08
C PHE D 505 8.87 17.07 -4.42
N VAL D 506 8.31 16.11 -3.70
CA VAL D 506 6.92 15.70 -3.89
C VAL D 506 6.16 15.72 -2.56
N GLY D 507 5.46 16.82 -2.31
CA GLY D 507 4.73 16.98 -1.06
C GLY D 507 5.48 17.90 -0.10
N ASN D 508 6.66 18.36 -0.53
CA ASN D 508 7.43 19.33 0.25
C ASN D 508 8.15 18.65 1.41
N ARG D 509 8.01 17.34 1.51
CA ARG D 509 8.49 16.60 2.67
C ARG D 509 9.24 15.34 2.26
N MET D 510 8.71 14.66 1.25
CA MET D 510 9.19 13.32 0.89
C MET D 510 10.49 13.40 0.10
N ILE D 511 11.32 12.36 0.23
CA ILE D 511 12.42 12.15 -0.69
C ILE D 511 12.21 10.89 -1.53
N ALA D 512 12.08 11.10 -2.85
CA ALA D 512 11.75 10.00 -3.75
C ALA D 512 12.11 10.35 -5.19
N PRO D 513 12.43 9.34 -5.99
CA PRO D 513 12.35 7.96 -5.52
C PRO D 513 13.69 7.49 -4.98
N LEU D 514 14.17 6.36 -5.50
CA LEU D 514 15.51 5.88 -5.18
C LEU D 514 16.37 5.75 -6.44
N PRO D 515 17.68 5.79 -6.26
CA PRO D 515 18.61 5.61 -7.36
C PRO D 515 18.59 4.17 -7.87
N GLU D 516 17.84 3.95 -8.96
CA GLU D 516 17.57 2.60 -9.43
C GLU D 516 18.87 1.82 -9.65
N GLY D 517 19.66 2.27 -10.63
CA GLY D 517 20.90 1.59 -10.97
C GLY D 517 22.04 2.59 -11.13
N TYR D 518 21.70 3.83 -11.45
CA TYR D 518 22.69 4.90 -11.53
C TYR D 518 22.92 5.54 -10.16
N ILE D 519 24.18 5.62 -9.76
CA ILE D 519 24.54 6.30 -8.52
C ILE D 519 24.97 7.74 -8.80
N PRO D 520 24.18 8.69 -8.29
CA PRO D 520 24.46 10.10 -8.48
C PRO D 520 25.72 10.52 -7.73
N LYS D 521 26.58 11.28 -8.40
CA LYS D 521 27.89 11.62 -7.85
C LYS D 521 27.74 12.56 -6.65
N PRO D 522 28.61 12.38 -5.65
CA PRO D 522 28.68 13.30 -4.53
C PRO D 522 29.19 14.67 -4.96
N MET D 523 28.40 15.70 -4.71
CA MET D 523 28.76 17.07 -5.09
C MET D 523 30.16 17.41 -4.60
N HIS D 524 31.04 17.74 -5.54
CA HIS D 524 32.42 18.08 -5.23
C HIS D 524 32.51 19.45 -4.58
N ARG D 525 32.62 19.47 -3.25
CA ARG D 525 32.74 20.72 -2.51
C ARG D 525 34.19 21.19 -2.47
N ASN D 526 34.37 22.51 -2.31
CA ASN D 526 35.69 23.11 -2.35
C ASN D 526 35.93 24.03 -1.16
N ASN D 527 37.17 24.47 -0.99
CA ASN D 527 37.53 25.34 0.12
C ASN D 527 36.83 26.68 0.02
N SER D 528 36.52 27.09 -1.19
CA SER D 528 35.93 28.41 -1.44
C SER D 528 34.43 28.31 -1.65
N THR D 529 33.84 27.21 -1.18
CA THR D 529 32.40 27.05 -1.21
C THR D 529 31.82 26.95 0.19
N MET D 530 32.64 26.52 1.13
CA MET D 530 32.21 26.35 2.51
C MET D 530 32.03 27.71 3.21
N LYS D 531 32.82 28.68 2.79
CA LYS D 531 32.73 30.03 3.34
C LYS D 531 31.51 30.76 2.79
N MET D 532 31.08 30.36 1.60
CA MET D 532 30.02 31.07 0.89
C MET D 532 28.65 30.57 1.31
N LEU D 533 28.57 29.27 1.62
CA LEU D 533 27.30 28.65 1.99
C LEU D 533 26.90 29.00 3.41
N SER D 534 27.89 29.33 4.24
CA SER D 534 27.64 29.75 5.61
C SER D 534 27.41 31.24 5.70
N LEU D 535 27.73 31.95 4.62
CA LEU D 535 27.53 33.40 4.56
C LEU D 535 26.21 33.75 3.88
N TYR D 536 25.83 32.94 2.91
CA TYR D 536 24.50 33.04 2.31
C TYR D 536 23.41 32.97 3.38
N VAL D 537 23.60 32.09 4.34
CA VAL D 537 22.65 31.95 5.44
C VAL D 537 22.66 33.17 6.34
N ALA D 538 23.85 33.63 6.68
CA ALA D 538 24.00 34.83 7.50
C ALA D 538 23.36 36.04 6.85
N LEU D 539 23.43 36.10 5.51
CA LEU D 539 22.82 37.18 4.76
C LEU D 539 21.30 37.21 4.94
N LYS D 540 20.71 36.02 5.03
CA LYS D 540 19.27 35.90 5.17
C LYS D 540 18.84 36.10 6.63
N LYS D 541 19.77 35.87 7.55
CA LYS D 541 19.51 36.06 8.98
C LYS D 541 19.61 37.54 9.35
N LEU D 542 20.45 38.27 8.63
CA LEU D 542 20.62 39.71 8.88
C LEU D 542 19.42 40.49 8.37
N GLU D 543 18.72 39.93 7.40
CA GLU D 543 17.55 40.59 6.82
C GLU D 543 16.37 40.57 7.78
N ASN D 544 16.10 39.39 8.35
CA ASN D 544 14.99 39.23 9.27
C ASN D 544 15.23 38.05 10.21
N PHE D 545 14.93 38.26 11.49
CA PHE D 545 15.16 37.24 12.51
C PHE D 545 14.21 36.06 12.32
N ALA D 546 13.07 36.31 11.69
CA ALA D 546 12.11 35.26 11.38
C ALA D 546 12.80 34.07 10.72
N THR D 547 12.70 32.91 11.37
CA THR D 547 13.40 31.71 10.91
C THR D 547 12.58 30.98 9.87
N ASN D 548 13.16 29.93 9.29
CA ASN D 548 12.46 29.08 8.34
C ASN D 548 12.09 29.85 7.08
N SER D 549 13.09 30.41 6.42
CA SER D 549 12.91 30.99 5.09
C SER D 549 13.88 30.38 4.09
N TYR D 550 15.05 31.00 3.95
CA TYR D 550 16.13 30.43 3.16
C TYR D 550 15.84 30.54 1.67
N LEU D 551 14.58 30.41 1.30
CA LEU D 551 14.14 30.67 -0.07
C LEU D 551 13.71 32.11 -0.24
N MET D 552 13.88 32.64 -1.45
CA MET D 552 13.50 34.02 -1.75
C MET D 552 12.19 34.07 -2.52
N ALA D 553 11.54 35.24 -2.47
CA ALA D 553 10.44 35.53 -3.39
C ALA D 553 10.91 35.55 -4.84
N PRO D 554 10.02 35.15 -5.75
CA PRO D 554 10.34 35.14 -7.17
C PRO D 554 10.87 36.49 -7.62
N ASP D 555 11.73 36.47 -8.65
CA ASP D 555 12.24 37.71 -9.24
C ASP D 555 13.20 38.41 -8.28
N THR D 556 14.08 37.64 -7.66
CA THR D 556 15.16 38.20 -6.85
C THR D 556 16.53 37.85 -7.41
N SER D 557 17.44 38.82 -7.42
CA SER D 557 18.73 38.64 -8.06
C SER D 557 19.87 38.75 -7.05
N ILE D 558 20.67 37.69 -6.97
CA ILE D 558 21.89 37.73 -6.17
C ILE D 558 23.13 37.49 -7.03
N ILE D 559 24.18 38.27 -6.78
CA ILE D 559 25.42 38.13 -7.51
C ILE D 559 26.60 37.92 -6.57
N LEU D 560 27.48 36.99 -6.93
CA LEU D 560 28.70 36.74 -6.17
C LEU D 560 29.92 37.30 -6.88
N LEU D 561 30.82 37.91 -6.11
CA LEU D 561 32.08 38.39 -6.64
C LEU D 561 33.26 37.62 -6.05
N GLY D 562 33.66 36.54 -6.72
CA GLY D 562 34.63 35.61 -6.17
C GLY D 562 36.04 36.00 -6.54
N ALA D 563 37.01 35.18 -6.10
CA ALA D 563 36.78 33.76 -5.88
C ALA D 563 36.07 33.13 -7.08
N GLU D 564 36.66 33.30 -8.25
CA GLU D 564 36.34 32.45 -9.40
C GLU D 564 37.59 31.87 -10.02
N ARG D 565 37.41 30.85 -10.87
CA ARG D 565 36.16 30.09 -10.90
C ARG D 565 36.01 29.24 -9.65
N GLU D 566 34.93 29.47 -8.91
CA GLU D 566 34.51 28.54 -7.87
C GLU D 566 33.03 28.21 -8.00
N PRO D 567 32.65 27.03 -7.50
CA PRO D 567 31.25 26.61 -7.51
C PRO D 567 30.35 27.62 -6.83
N ALA D 568 29.62 27.18 -5.83
CA ALA D 568 28.81 28.08 -5.01
C ALA D 568 27.57 28.54 -5.77
N VAL D 569 27.77 29.05 -6.98
CA VAL D 569 26.67 29.49 -7.82
C VAL D 569 25.76 28.32 -8.19
N ASN D 570 26.37 27.20 -8.56
CA ASN D 570 25.61 26.00 -8.88
C ASN D 570 24.83 25.50 -7.68
N ILE D 571 25.42 25.64 -6.50
CA ILE D 571 24.80 25.15 -5.27
C ILE D 571 23.63 26.05 -4.86
N LEU D 572 23.82 27.36 -5.00
CA LEU D 572 22.78 28.32 -4.63
C LEU D 572 21.80 28.54 -5.78
N ARG D 573 21.98 27.77 -6.85
CA ARG D 573 21.04 27.80 -7.97
C ARG D 573 20.14 26.58 -7.98
N ARG D 574 20.73 25.42 -7.72
CA ARG D 574 19.96 24.19 -7.59
C ARG D 574 19.02 24.23 -6.40
N PHE D 575 19.46 24.90 -5.35
CA PHE D 575 18.62 25.08 -4.15
C PHE D 575 17.43 25.98 -4.46
N ASN D 576 17.64 26.99 -5.28
CA ASN D 576 16.58 27.91 -5.66
C ASN D 576 15.96 27.51 -7.00
N ARG D 577 16.14 26.24 -7.37
CA ARG D 577 15.61 25.74 -8.63
C ARG D 577 14.09 25.71 -8.62
N ASN D 578 13.51 25.11 -7.59
CA ASN D 578 12.08 24.84 -7.54
C ASN D 578 11.29 26.13 -7.49
N VAL D 579 11.87 27.16 -6.87
CA VAL D 579 11.15 28.38 -6.56
C VAL D 579 11.12 29.33 -7.75
N SER D 580 10.20 29.09 -8.68
CA SER D 580 9.87 30.06 -9.71
C SER D 580 11.11 30.49 -10.48
N ASN D 581 11.36 31.79 -10.52
CA ASN D 581 12.43 32.34 -11.33
C ASN D 581 13.43 33.12 -10.47
N VAL D 582 14.59 32.53 -10.24
CA VAL D 582 15.64 33.18 -9.47
C VAL D 582 16.95 33.25 -10.26
N ARG D 583 17.65 34.37 -10.15
CA ARG D 583 18.87 34.60 -10.91
C ARG D 583 20.08 34.66 -9.99
N ILE D 584 20.98 33.69 -10.15
CA ILE D 584 22.23 33.67 -9.39
C ILE D 584 23.43 33.86 -10.31
N ILE D 585 24.02 35.05 -10.26
CA ILE D 585 25.13 35.38 -11.14
C ILE D 585 26.46 35.32 -10.41
N GLY D 586 27.51 34.94 -11.14
CA GLY D 586 28.85 34.90 -10.57
C GLY D 586 29.84 35.64 -11.47
N MET D 587 30.69 36.47 -10.86
CA MET D 587 31.73 37.18 -11.60
C MET D 587 33.05 37.17 -10.82
N GLY D 588 34.15 37.31 -11.55
CA GLY D 588 35.47 37.40 -10.93
C GLY D 588 36.56 37.56 -11.98
N ASP D 589 37.79 37.77 -11.52
CA ASP D 589 38.91 38.02 -12.42
C ASP D 589 39.65 36.72 -12.74
N ARG D 590 38.92 35.62 -12.71
CA ARG D 590 39.48 34.32 -13.11
C ARG D 590 38.37 33.29 -13.34
N ALA D 591 37.32 33.71 -14.04
CA ALA D 591 36.05 33.00 -14.00
C ALA D 591 35.88 32.11 -15.22
N VAL D 592 34.91 31.20 -15.15
CA VAL D 592 34.59 30.33 -16.28
C VAL D 592 33.10 30.07 -16.38
N GLU D 593 32.57 30.15 -17.59
CA GLU D 593 31.16 29.88 -17.84
C GLU D 593 30.64 28.76 -16.94
N PRO D 594 29.49 28.98 -16.30
CA PRO D 594 28.64 30.11 -16.65
C PRO D 594 29.07 31.38 -15.93
N ASN D 595 30.16 31.28 -15.18
CA ASN D 595 30.74 32.44 -14.53
C ASN D 595 31.44 33.36 -15.52
N ILE D 596 31.26 34.66 -15.35
CA ILE D 596 31.71 35.63 -16.34
C ILE D 596 33.01 36.29 -15.92
N ARG D 597 34.00 36.24 -16.80
CA ARG D 597 35.34 36.73 -16.48
C ARG D 597 35.44 38.24 -16.68
N VAL D 598 35.57 38.96 -15.57
CA VAL D 598 35.60 40.42 -15.61
C VAL D 598 36.61 40.97 -14.61
N ARG D 599 36.73 42.30 -14.57
CA ARG D 599 37.55 42.96 -13.57
C ARG D 599 36.70 43.69 -12.55
N VAL D 600 37.33 44.22 -11.51
CA VAL D 600 36.63 44.97 -10.47
C VAL D 600 37.27 46.33 -10.24
N PRO D 601 36.47 47.39 -10.35
CA PRO D 601 35.03 47.24 -10.60
C PRO D 601 34.76 46.93 -12.06
N PHE D 602 35.75 47.19 -12.92
CA PHE D 602 35.54 47.13 -14.36
C PHE D 602 35.22 48.52 -14.93
N PRO D 603 35.77 48.82 -16.09
CA PRO D 603 35.51 50.08 -16.77
C PRO D 603 34.01 50.34 -16.88
N ILE D 604 33.65 51.56 -17.26
CA ILE D 604 32.25 51.97 -17.30
C ILE D 604 31.45 51.11 -18.27
N ASP D 605 30.13 51.18 -18.16
CA ASP D 605 29.25 50.41 -19.03
C ASP D 605 29.13 48.97 -18.56
N LYS D 606 28.04 48.31 -18.95
CA LYS D 606 27.79 46.93 -18.53
C LYS D 606 26.71 46.87 -17.46
N ASN D 607 26.56 47.96 -16.71
CA ASN D 607 25.38 48.16 -15.88
C ASN D 607 25.16 46.97 -14.95
N ILE D 608 26.10 46.75 -14.04
CA ILE D 608 25.92 45.79 -12.96
C ILE D 608 24.76 46.20 -12.04
N SER D 609 23.98 45.22 -11.61
CA SER D 609 22.82 45.48 -10.77
C SER D 609 22.31 44.20 -10.12
N ALA D 610 21.96 44.29 -8.84
CA ALA D 610 21.47 43.13 -8.09
C ALA D 610 20.79 43.56 -6.80
N ASP D 611 20.20 42.60 -6.10
CA ASP D 611 19.58 42.86 -4.81
C ASP D 611 20.56 42.63 -3.67
N PHE D 612 21.42 41.63 -3.83
CA PHE D 612 22.46 41.35 -2.85
C PHE D 612 23.80 41.11 -3.52
N ILE D 613 24.87 41.59 -2.90
CA ILE D 613 26.22 41.30 -3.35
C ILE D 613 27.06 40.70 -2.23
N ILE D 614 27.68 39.57 -2.51
CA ILE D 614 28.67 38.98 -1.60
C ILE D 614 30.06 39.02 -2.21
N CYS D 615 30.93 39.85 -1.64
CA CYS D 615 32.26 40.07 -2.20
C CYS D 615 33.31 39.22 -1.48
N ASP D 616 34.08 38.48 -2.25
CA ASP D 616 35.21 37.72 -1.71
C ASP D 616 36.49 38.00 -2.50
N ILE D 617 36.88 39.28 -2.56
CA ILE D 617 38.01 39.70 -3.38
C ILE D 617 39.26 39.87 -2.52
N ASN D 618 40.42 39.60 -3.12
CA ASN D 618 41.66 39.46 -2.36
C ASN D 618 42.64 38.55 -3.09
N SER D 619 43.94 38.88 -2.98
CA SER D 619 44.99 38.02 -3.48
C SER D 619 45.64 38.62 -4.73
N TYR D 620 46.79 38.07 -5.11
CA TYR D 620 47.35 36.91 -4.43
C TYR D 620 48.85 37.07 -4.23
N GLU D 621 49.23 37.98 -3.35
CA GLU D 621 50.62 38.11 -2.92
C GLU D 621 51.52 38.42 -4.11
N ASP D 622 52.12 39.61 -4.09
CA ASP D 622 51.83 40.60 -3.07
C ASP D 622 52.09 42.01 -3.58
N GLN D 623 52.06 42.97 -2.66
CA GLN D 623 52.38 44.36 -3.00
C GLN D 623 52.51 45.22 -1.75
N SER D 624 53.35 46.25 -1.84
CA SER D 624 53.61 47.11 -0.69
C SER D 624 52.34 47.79 -0.19
N PHE D 625 52.39 48.32 1.02
CA PHE D 625 51.19 48.80 1.70
C PHE D 625 50.51 49.92 0.90
N GLU D 626 51.31 50.87 0.42
CA GLU D 626 50.77 52.06 -0.20
C GLU D 626 50.02 51.72 -1.49
N SER D 627 50.33 50.56 -2.05
CA SER D 627 49.66 50.09 -3.26
C SER D 627 48.55 49.09 -2.92
N MET D 628 48.77 48.31 -1.88
CA MET D 628 47.76 47.36 -1.40
C MET D 628 46.53 48.09 -0.88
N PHE D 629 46.76 49.14 -0.09
CA PHE D 629 45.67 49.91 0.49
C PHE D 629 44.71 50.41 -0.59
N SER D 630 45.26 50.90 -1.69
CA SER D 630 44.46 51.50 -2.75
C SER D 630 43.63 50.45 -3.47
N GLU D 631 44.01 49.19 -3.32
CA GLU D 631 43.28 48.08 -3.92
C GLU D 631 42.16 47.60 -3.00
N THR D 632 42.46 47.54 -1.70
CA THR D 632 41.49 47.08 -0.72
C THR D 632 40.35 48.09 -0.55
N ILE D 633 40.70 49.37 -0.56
CA ILE D 633 39.73 50.43 -0.33
C ILE D 633 38.83 50.64 -1.54
N SER D 634 39.32 50.22 -2.71
CA SER D 634 38.61 50.43 -3.96
C SER D 634 37.55 49.35 -4.18
N VAL D 635 37.71 48.22 -3.50
CA VAL D 635 36.74 47.13 -3.59
C VAL D 635 35.47 47.47 -2.83
N VAL D 636 35.61 48.08 -1.66
CA VAL D 636 34.48 48.37 -0.79
C VAL D 636 33.56 49.40 -1.43
N THR D 637 34.15 50.46 -1.97
CA THR D 637 33.38 51.60 -2.45
C THR D 637 32.69 51.30 -3.77
N THR D 638 33.03 50.17 -4.35
CA THR D 638 32.47 49.77 -5.64
C THR D 638 31.51 48.59 -5.48
N CYS D 639 31.20 48.25 -4.23
CA CYS D 639 30.11 47.31 -3.94
C CYS D 639 29.05 47.97 -3.07
N ALA D 640 29.41 49.06 -2.40
CA ALA D 640 28.47 49.81 -1.58
C ALA D 640 27.44 50.53 -2.45
N SER D 641 27.87 50.96 -3.63
CA SER D 641 26.99 51.66 -4.55
C SER D 641 26.45 50.73 -5.61
N ALA D 642 26.92 49.49 -5.61
CA ALA D 642 26.52 48.51 -6.61
C ALA D 642 25.20 47.84 -6.23
N ALA D 643 24.91 47.80 -4.93
CA ALA D 643 23.68 47.21 -4.43
C ALA D 643 23.15 47.97 -3.22
N THR D 644 21.99 47.55 -2.72
CA THR D 644 21.32 48.25 -1.64
C THR D 644 21.68 47.66 -0.29
N ARG D 645 21.97 46.36 -0.27
CA ARG D 645 22.37 45.68 0.96
C ARG D 645 23.50 44.69 0.71
N ALA D 646 24.71 45.22 0.59
CA ALA D 646 25.86 44.41 0.19
C ALA D 646 26.73 44.06 1.39
N LEU D 647 27.62 43.09 1.21
CA LEU D 647 28.61 42.75 2.22
C LEU D 647 29.99 42.60 1.62
N VAL D 648 30.97 43.28 2.21
CA VAL D 648 32.31 43.34 1.64
C VAL D 648 33.34 42.67 2.55
N LYS D 649 34.54 42.49 2.04
CA LYS D 649 35.60 41.79 2.78
C LYS D 649 36.93 42.53 2.66
N ILE D 650 37.57 42.76 3.80
CA ILE D 650 38.91 43.37 3.82
C ILE D 650 39.90 42.51 4.57
N ASN D 651 41.18 42.69 4.28
CA ASN D 651 42.25 42.07 5.06
C ASN D 651 42.76 43.01 6.13
N HIS D 652 43.65 42.51 6.99
CA HIS D 652 44.37 43.35 7.94
C HIS D 652 43.43 44.32 8.63
N PRO D 653 42.59 43.79 9.53
CA PRO D 653 41.52 44.57 10.14
C PRO D 653 42.07 45.65 11.06
N SER D 654 43.39 45.78 11.07
CA SER D 654 44.04 46.88 11.78
C SER D 654 43.13 48.10 11.87
N GLU D 655 43.09 48.73 13.03
CA GLU D 655 42.04 49.69 13.36
C GLU D 655 42.15 50.93 12.49
N TYR D 656 43.25 51.05 11.76
CA TYR D 656 43.40 52.06 10.72
C TYR D 656 42.57 51.70 9.49
N MET D 657 42.72 50.47 9.02
CA MET D 657 42.01 50.01 7.83
C MET D 657 40.50 50.17 8.00
N ILE D 658 39.97 49.65 9.09
CA ILE D 658 38.53 49.63 9.31
C ILE D 658 37.97 51.05 9.41
N ASN D 659 38.79 51.98 9.90
CA ASN D 659 38.37 53.36 10.05
C ASN D 659 38.44 54.11 8.73
N SER D 660 39.39 53.71 7.88
CA SER D 660 39.53 54.32 6.56
C SER D 660 38.47 53.82 5.60
N VAL D 661 37.97 52.61 5.85
CA VAL D 661 36.85 52.06 5.09
C VAL D 661 35.58 52.85 5.34
N ILE D 662 35.32 53.15 6.61
CA ILE D 662 34.14 53.92 6.99
C ILE D 662 34.24 55.36 6.50
N GLU D 663 35.43 55.93 6.60
CA GLU D 663 35.66 57.32 6.20
C GLU D 663 35.34 57.53 4.74
N ARG D 664 35.65 56.53 3.91
CA ARG D 664 35.52 56.64 2.47
C ARG D 664 34.09 56.37 2.02
N LEU D 665 33.23 56.00 2.98
CA LEU D 665 31.83 55.73 2.69
C LEU D 665 30.94 56.84 3.21
N SER D 666 31.33 57.43 4.33
CA SER D 666 30.51 58.44 5.00
C SER D 666 30.54 59.76 4.25
N GLN D 667 31.62 59.99 3.51
CA GLN D 667 31.78 61.22 2.75
C GLN D 667 31.02 61.16 1.44
N LEU D 668 31.22 60.08 0.69
CA LEU D 668 30.67 59.96 -0.64
C LEU D 668 29.15 59.88 -0.61
N GLY D 669 28.64 58.87 0.08
CA GLY D 669 27.21 58.56 0.06
C GLY D 669 26.41 59.60 0.84
N GLY D 670 25.15 59.78 0.46
CA GLY D 670 24.25 60.65 1.20
C GLY D 670 23.65 59.95 2.41
N VAL D 671 23.31 60.73 3.43
CA VAL D 671 22.74 60.18 4.67
C VAL D 671 23.64 59.09 5.24
N PHE D 672 24.95 59.19 4.97
CA PHE D 672 25.91 58.27 5.55
C PHE D 672 25.54 56.83 5.26
N TYR D 673 26.28 55.90 5.85
CA TYR D 673 25.89 54.49 5.88
C TYR D 673 26.07 53.90 7.28
N HIS D 674 25.34 52.84 7.55
CA HIS D 674 25.53 52.09 8.78
C HIS D 674 26.32 50.81 8.54
N THR D 675 27.49 50.71 9.19
CA THR D 675 28.38 49.58 8.98
C THR D 675 28.54 48.76 10.25
N ALA D 676 28.75 47.46 10.09
CA ALA D 676 29.11 46.60 11.21
C ALA D 676 29.77 45.31 10.73
N LEU D 677 30.90 44.97 11.32
CA LEU D 677 31.64 43.77 10.95
C LEU D 677 31.19 42.55 11.75
N LEU D 678 31.49 41.36 11.24
CA LEU D 678 31.01 40.13 11.84
C LEU D 678 31.97 38.97 11.56
N LYS D 679 31.93 37.96 12.42
CA LYS D 679 32.55 36.68 12.13
C LYS D 679 31.50 35.61 11.87
N THR D 680 31.83 34.66 10.99
CA THR D 680 30.99 33.49 10.77
C THR D 680 31.74 32.21 11.06
N ALA D 681 31.01 31.13 11.29
CA ALA D 681 31.61 29.81 11.47
C ALA D 681 32.08 29.23 10.14
N SER D 682 32.98 28.25 10.22
CA SER D 682 33.55 27.65 9.02
C SER D 682 34.38 28.66 8.25
N GLN D 683 35.18 29.44 8.96
CA GLN D 683 36.00 30.47 8.33
C GLN D 683 37.48 30.27 8.65
N ASN D 684 37.84 29.03 8.93
CA ASN D 684 39.21 28.71 9.35
C ASN D 684 39.61 29.53 10.56
N PRO D 685 39.50 28.94 11.75
CA PRO D 685 39.74 29.65 12.99
C PRO D 685 41.06 30.41 12.96
N TYR D 686 41.18 31.42 13.80
CA TYR D 686 42.35 32.30 13.79
C TYR D 686 42.87 32.50 12.37
N SER D 687 42.04 33.10 11.52
CA SER D 687 42.47 33.48 10.17
C SER D 687 42.33 34.99 9.97
N TYR D 688 41.97 35.69 11.03
CA TYR D 688 41.76 37.13 10.95
C TYR D 688 41.11 37.52 9.64
N GLU D 689 40.06 36.81 9.27
CA GLU D 689 39.23 37.20 8.13
C GLU D 689 37.84 37.64 8.59
N THR D 690 37.69 38.94 8.85
CA THR D 690 36.40 39.50 9.21
C THR D 690 35.61 39.91 7.98
N TYR D 691 34.30 40.08 8.15
CA TYR D 691 33.45 40.58 7.08
C TYR D 691 32.71 41.84 7.50
N ILE D 692 32.44 42.72 6.54
CA ILE D 692 31.79 43.98 6.82
C ILE D 692 30.42 44.07 6.15
N TYR D 693 29.37 44.07 6.97
CA TYR D 693 28.01 44.19 6.45
C TYR D 693 27.56 45.64 6.42
N ILE D 694 27.03 46.07 5.28
CA ILE D 694 26.70 47.47 5.07
C ILE D 694 25.20 47.66 4.86
N THR D 695 24.63 48.58 5.62
CA THR D 695 23.20 48.88 5.51
C THR D 695 22.96 50.37 5.34
N PRO D 696 22.01 50.73 4.49
CA PRO D 696 21.75 52.12 4.17
C PRO D 696 21.04 52.84 5.32
N ILE D 697 21.63 52.77 6.49
CA ILE D 697 21.02 53.35 7.69
C ILE D 697 19.52 53.17 7.69
N ALA D 698 18.83 53.83 8.61
CA ALA D 698 17.40 54.07 8.50
C ALA D 698 17.07 55.53 8.77
N ALA D 699 18.02 56.26 9.34
CA ALA D 699 17.84 57.68 9.61
C ALA D 699 19.18 58.40 9.68
N ALA D 700 19.73 58.52 10.88
CA ALA D 700 21.11 58.96 11.05
C ALA D 700 21.82 58.13 12.12
N VAL D 701 22.97 57.57 11.76
CA VAL D 701 23.69 56.66 12.64
C VAL D 701 24.33 57.41 13.80
N ARG D 702 24.28 56.81 14.98
CA ARG D 702 24.86 57.42 16.17
C ARG D 702 26.36 57.19 16.23
N PHE D 703 26.76 55.92 16.26
CA PHE D 703 28.15 55.56 16.52
C PHE D 703 28.73 54.74 15.37
N PRO D 704 29.21 55.43 14.34
CA PRO D 704 29.62 54.78 13.10
C PRO D 704 30.99 54.14 13.23
N PHE D 705 31.82 54.70 14.11
CA PHE D 705 33.25 54.39 14.13
C PHE D 705 33.58 53.36 15.19
N TYR D 706 34.83 52.91 15.21
CA TYR D 706 35.29 52.01 16.25
C TYR D 706 36.27 52.71 17.20
N SER D 707 36.21 52.35 18.47
CA SER D 707 37.09 52.94 19.47
C SER D 707 38.18 51.96 19.88
N ASN D 708 37.89 51.13 20.88
CA ASN D 708 38.85 50.16 21.37
C ASN D 708 39.08 49.05 20.37
N SER D 709 38.04 48.71 19.62
CA SER D 709 38.11 47.64 18.62
C SER D 709 38.37 46.29 19.28
N ALA D 710 37.30 45.54 19.54
CA ALA D 710 37.40 44.30 20.29
C ALA D 710 37.71 43.12 19.36
N MET D 711 36.88 42.93 18.35
CA MET D 711 37.06 41.82 17.42
C MET D 711 38.31 42.00 16.58
N ILE D 712 38.64 43.25 16.27
CA ILE D 712 39.83 43.56 15.50
C ILE D 712 41.10 43.28 16.30
N ASN D 713 41.04 43.55 17.61
CA ASN D 713 42.22 43.48 18.45
C ASN D 713 42.97 42.17 18.25
N ARG D 714 42.21 41.08 18.09
CA ARG D 714 42.80 39.77 17.84
C ARG D 714 43.94 39.86 16.83
N TYR D 715 43.71 40.59 15.75
CA TYR D 715 44.72 40.77 14.71
C TYR D 715 45.93 41.53 15.23
N MET D 716 45.68 42.56 16.02
CA MET D 716 46.72 43.49 16.43
C MET D 716 47.46 42.98 17.67
N THR D 717 47.88 41.72 17.61
CA THR D 717 48.61 41.11 18.72
C THR D 717 49.80 40.31 18.22
N ALA D 718 49.89 40.16 16.90
CA ALA D 718 50.97 39.38 16.29
C ALA D 718 52.30 40.11 16.40
N VAL D 719 53.39 39.34 16.48
CA VAL D 719 54.72 39.91 16.60
C VAL D 719 55.68 39.31 15.59
N ALA D 720 56.87 39.88 15.48
CA ALA D 720 57.88 39.39 14.57
C ALA D 720 58.48 38.07 15.05
N ASP D 721 59.42 37.53 14.28
CA ASP D 721 60.13 36.33 14.67
C ASP D 721 60.67 36.43 16.09
N ASP D 722 60.76 35.30 16.78
CA ASP D 722 61.07 35.28 18.20
C ASP D 722 61.97 34.12 18.56
N GLU D 723 61.37 33.01 18.98
CA GLU D 723 62.11 31.90 19.56
C GLU D 723 62.09 30.68 18.65
N MET D 724 61.00 29.94 18.70
CA MET D 724 60.94 28.62 18.08
C MET D 724 59.50 28.17 17.84
N PRO D 725 59.33 27.17 17.00
CA PRO D 725 57.99 26.71 16.62
C PRO D 725 57.40 25.78 17.67
N ILE D 726 58.22 25.42 18.65
CA ILE D 726 57.80 24.46 19.67
C ILE D 726 57.58 23.08 19.07
N ILE D 727 56.34 22.77 18.74
CA ILE D 727 56.02 21.51 18.09
C ILE D 727 56.14 20.34 19.06
N PRO D 728 55.03 19.64 19.28
CA PRO D 728 55.03 18.48 20.16
C PRO D 728 55.76 17.30 19.52
N SER D 729 56.14 16.33 20.36
CA SER D 729 56.86 15.15 19.88
C SER D 729 56.66 13.97 20.82
N ILE D 730 57.45 12.92 20.62
CA ILE D 730 57.38 11.74 21.48
C ILE D 730 58.72 11.49 22.16
N HIS D 731 58.70 10.65 23.18
CA HIS D 731 59.88 10.42 24.02
C HIS D 731 60.25 8.94 24.06
N THR D 732 59.24 8.09 24.29
CA THR D 732 59.48 6.68 24.51
C THR D 732 60.61 6.46 25.50
N VAL D 733 60.53 7.12 26.65
CA VAL D 733 61.47 6.91 27.73
C VAL D 733 60.99 7.57 29.03
N ILE D 734 61.27 6.92 30.15
CA ILE D 734 60.79 7.39 31.44
C ILE D 734 61.91 7.41 32.47
N LYS D 735 62.20 8.60 33.01
CA LYS D 735 63.05 8.72 34.19
C LYS D 735 62.22 8.88 35.45
N GLY D 736 62.83 8.56 36.59
CA GLY D 736 62.12 8.59 37.87
C GLY D 736 62.34 9.91 38.59
N HIS D 737 61.29 10.72 38.65
CA HIS D 737 61.35 12.00 39.35
C HIS D 737 62.49 12.87 38.82
N SER D 738 62.47 13.12 37.51
CA SER D 738 63.47 13.99 36.90
C SER D 738 62.81 15.03 36.00
N ASN D 739 63.13 16.30 36.25
CA ASN D 739 62.46 17.40 35.57
C ASN D 739 62.92 17.51 34.12
N THR D 740 62.33 18.45 33.39
CA THR D 740 62.76 18.74 32.02
C THR D 740 62.29 17.66 31.04
N TYR D 741 61.03 17.76 30.63
CA TYR D 741 60.56 17.02 29.47
C TYR D 741 59.78 17.92 28.52
N SER D 742 59.99 17.71 27.22
CA SER D 742 59.29 18.48 26.20
C SER D 742 57.80 18.12 26.17
N PRO D 743 56.96 19.12 25.93
CA PRO D 743 55.53 18.90 25.82
C PRO D 743 55.21 17.85 24.77
N GLY D 744 54.13 17.10 24.99
CA GLY D 744 53.68 16.10 24.03
C GLY D 744 53.20 14.84 24.72
N LEU D 745 53.41 13.70 24.08
CA LEU D 745 52.95 12.42 24.61
C LEU D 745 53.89 11.29 24.20
N PHE D 746 53.81 10.17 24.93
CA PHE D 746 54.68 9.03 24.68
C PHE D 746 53.97 7.73 24.95
N CYS D 747 54.40 6.66 24.27
CA CYS D 747 53.72 5.37 24.34
C CYS D 747 54.65 4.24 23.92
N GLY D 748 54.26 3.01 24.26
CA GLY D 748 55.08 1.85 23.96
C GLY D 748 54.46 0.58 24.52
N CYS D 749 55.31 -0.37 24.93
CA CYS D 749 54.84 -1.58 25.58
C CYS D 749 55.88 -2.12 26.55
N VAL D 750 55.40 -2.77 27.61
CA VAL D 750 56.29 -3.31 28.64
C VAL D 750 55.89 -4.73 29.02
N ASP D 751 56.81 -5.45 29.66
CA ASP D 751 56.52 -6.77 30.19
C ASP D 751 55.48 -6.68 31.32
N VAL D 752 54.42 -7.47 31.21
CA VAL D 752 53.34 -7.44 32.18
C VAL D 752 53.87 -7.58 33.61
N GLN D 753 55.00 -8.26 33.74
CA GLN D 753 55.62 -8.48 35.05
C GLN D 753 56.06 -7.17 35.66
N SER D 754 56.45 -6.22 34.82
CA SER D 754 56.83 -4.89 35.28
C SER D 754 55.88 -3.83 34.73
N ALA D 755 54.62 -4.20 34.58
CA ALA D 755 53.59 -3.25 34.14
C ALA D 755 53.31 -2.21 35.22
N PRO D 756 53.14 -2.67 36.46
CA PRO D 756 52.79 -1.79 37.56
C PRO D 756 53.99 -0.97 38.02
N LEU D 757 55.17 -1.36 37.56
CA LEU D 757 56.37 -0.56 37.76
C LEU D 757 56.31 0.74 36.98
N ALA D 758 55.81 0.66 35.75
CA ALA D 758 55.65 1.84 34.91
C ALA D 758 54.55 2.75 35.43
N LEU D 759 53.45 2.16 35.88
CA LEU D 759 52.29 2.91 36.31
C LEU D 759 52.60 3.78 37.53
N SER D 760 53.59 3.36 38.30
CA SER D 760 53.97 4.07 39.53
C SER D 760 54.76 5.32 39.21
N GLN D 761 55.23 5.43 37.97
CA GLN D 761 56.15 6.50 37.58
C GLN D 761 55.46 7.48 36.64
N LEU D 762 54.45 7.00 35.92
CA LEU D 762 53.72 7.84 34.99
C LEU D 762 52.98 8.97 35.69
N LYS D 763 52.80 8.82 37.01
CA LYS D 763 52.01 9.77 37.78
C LYS D 763 52.74 11.10 37.92
N SER D 764 54.01 11.12 37.51
CA SER D 764 54.85 12.30 37.72
C SER D 764 54.69 13.29 36.57
N TYR D 765 54.10 12.84 35.47
CA TYR D 765 54.11 13.60 34.23
C TYR D 765 52.68 13.83 33.72
N CYS D 766 51.79 12.92 34.05
CA CYS D 766 50.44 12.95 33.51
C CYS D 766 49.41 12.54 34.56
N SER D 767 48.14 12.61 34.21
CA SER D 767 47.06 12.13 35.08
C SER D 767 46.26 11.04 34.40
N GLU D 768 46.08 11.16 33.09
CA GLU D 768 45.36 10.15 32.31
C GLU D 768 46.32 9.14 31.71
N ALA D 769 45.86 7.90 31.59
CA ALA D 769 46.64 6.85 30.93
C ALA D 769 45.73 5.76 30.38
N THR D 770 46.20 5.06 29.35
CA THR D 770 45.45 3.98 28.74
C THR D 770 46.31 2.74 28.54
N THR D 771 45.79 1.60 28.95
CA THR D 771 46.50 0.33 28.80
C THR D 771 45.60 -0.72 28.18
N TRP D 772 46.22 -1.67 27.47
CA TRP D 772 45.51 -2.86 27.00
C TRP D 772 46.48 -3.94 26.55
N ARG D 773 46.13 -5.20 26.79
CA ARG D 773 46.85 -6.33 26.22
C ARG D 773 46.28 -6.73 24.87
N VAL D 774 47.16 -7.07 23.93
CA VAL D 774 46.74 -7.47 22.60
C VAL D 774 46.03 -8.82 22.62
N ASP D 775 46.70 -9.83 23.16
CA ASP D 775 46.11 -11.16 23.31
C ASP D 775 46.34 -11.71 24.71
N SER D 776 45.53 -12.69 25.09
CA SER D 776 45.42 -13.09 26.49
C SER D 776 46.75 -13.63 27.01
N ASP D 777 47.56 -14.15 26.10
CA ASP D 777 48.78 -14.86 26.48
C ASP D 777 50.00 -14.35 25.71
N ASP D 778 50.02 -13.04 25.49
CA ASP D 778 51.19 -12.40 24.89
C ASP D 778 52.15 -11.90 25.98
N ASN D 779 51.58 -11.40 27.07
CA ASN D 779 52.38 -10.94 28.21
C ASN D 779 52.96 -9.56 27.94
N LEU D 780 52.61 -8.99 26.78
CA LEU D 780 52.99 -7.62 26.46
C LEU D 780 51.83 -6.67 26.66
N VAL D 781 52.06 -5.58 27.39
CA VAL D 781 51.03 -4.59 27.65
C VAL D 781 51.37 -3.25 27.02
N ASN D 782 50.46 -2.75 26.18
CA ASN D 782 50.66 -1.46 25.52
C ASN D 782 50.21 -0.31 26.41
N ILE D 783 51.02 0.75 26.44
CA ILE D 783 50.75 1.89 27.31
C ILE D 783 50.81 3.20 26.55
N ILE D 784 49.80 4.04 26.73
CA ILE D 784 49.81 5.39 26.20
C ILE D 784 49.62 6.43 27.32
N ALA D 785 50.52 7.40 27.38
CA ALA D 785 50.44 8.45 28.39
C ALA D 785 50.65 9.82 27.77
N ARG D 786 50.07 10.84 28.40
CA ARG D 786 50.07 12.18 27.84
C ARG D 786 50.53 13.21 28.86
N ILE D 787 51.52 14.02 28.50
CA ILE D 787 52.17 14.92 29.43
C ILE D 787 51.37 16.21 29.60
N ASP D 788 51.04 16.55 30.84
CA ASP D 788 50.33 17.79 31.13
C ASP D 788 51.10 18.66 32.11
N PRO D 789 51.25 19.93 31.76
CA PRO D 789 51.97 20.88 32.61
C PRO D 789 51.14 21.23 33.85
N ALA D 790 49.89 20.78 33.87
CA ALA D 790 49.01 20.98 35.02
C ALA D 790 49.35 20.01 36.14
N ARG D 791 50.15 18.99 35.82
CA ARG D 791 50.55 17.98 36.80
C ARG D 791 52.03 18.09 37.12
N ILE D 792 52.81 18.52 36.15
CA ILE D 792 54.24 18.74 36.35
C ILE D 792 54.49 19.73 37.47
N ALA D 793 53.68 20.78 37.52
CA ALA D 793 53.86 21.86 38.49
C ALA D 793 53.41 21.43 39.88
N LEU D 794 52.80 20.26 39.96
CA LEU D 794 52.30 19.73 41.22
C LEU D 794 53.14 18.56 41.71
N GLU D 795 53.93 17.99 40.80
CA GLU D 795 54.74 16.82 41.12
C GLU D 795 56.07 17.21 41.74
N PHE D 796 56.71 18.22 41.16
CA PHE D 796 58.10 18.51 41.47
C PHE D 796 58.22 19.65 42.47
N ARG D 797 57.40 19.60 43.51
CA ARG D 797 57.41 20.62 44.55
C ARG D 797 58.63 20.45 45.46
N THR D 798 58.72 19.29 46.12
CA THR D 798 59.87 18.98 46.95
C THR D 798 60.57 17.72 46.46
N ARG D 799 60.82 16.79 47.38
CA ARG D 799 61.64 15.62 47.09
C ARG D 799 60.86 14.33 47.27
N SER D 800 59.76 14.41 48.02
CA SER D 800 58.96 13.23 48.34
C SER D 800 58.42 12.58 47.07
N ASN D 801 58.76 11.31 46.89
CA ASN D 801 58.32 10.57 45.70
C ASN D 801 57.12 9.68 46.00
N THR D 802 57.14 9.03 47.16
CA THR D 802 56.05 8.16 47.56
C THR D 802 55.47 7.42 46.37
N SER D 803 54.29 7.84 45.94
CA SER D 803 53.51 7.08 44.97
C SER D 803 52.89 5.86 45.62
N ALA D 804 52.23 5.03 44.80
CA ALA D 804 51.46 3.90 45.31
C ALA D 804 51.74 2.63 44.50
N TYR D 805 52.88 2.00 44.79
CA TYR D 805 53.25 0.76 44.10
C TYR D 805 52.27 -0.36 44.46
N HIS D 806 51.87 -0.42 45.71
CA HIS D 806 51.03 -1.51 46.19
C HIS D 806 49.70 -1.57 45.46
N GLU D 807 49.20 -0.39 45.08
CA GLU D 807 47.85 -0.28 44.54
C GLU D 807 47.77 -0.90 43.15
N TYR D 808 48.81 -0.69 42.35
CA TYR D 808 48.76 -1.01 40.92
C TYR D 808 49.30 -2.42 40.66
N GLN D 809 50.09 -2.93 41.60
CA GLN D 809 50.67 -4.25 41.46
C GLN D 809 49.60 -5.33 41.59
N ARG D 810 48.41 -4.93 42.01
CA ARG D 810 47.31 -5.87 42.18
C ARG D 810 46.58 -6.11 40.88
N TYR D 811 47.23 -5.81 39.77
CA TYR D 811 46.64 -6.00 38.45
C TYR D 811 47.26 -7.20 37.73
N VAL D 812 48.57 -7.36 37.89
CA VAL D 812 49.28 -8.48 37.28
C VAL D 812 48.72 -9.82 37.76
N PRO D 813 48.49 -10.73 36.83
CA PRO D 813 48.80 -10.49 35.43
C PRO D 813 47.65 -9.75 34.75
N ASN D 814 46.43 -10.23 34.97
CA ASN D 814 45.28 -9.79 34.18
C ASN D 814 44.48 -8.74 34.92
N GLY D 815 43.90 -7.80 34.16
CA GLY D 815 43.13 -6.71 34.75
C GLY D 815 43.52 -5.37 34.15
N LEU D 816 44.48 -5.40 33.22
CA LEU D 816 44.94 -4.19 32.56
C LEU D 816 44.15 -3.92 31.29
N GLY D 817 43.23 -4.83 30.97
CA GLY D 817 42.32 -4.63 29.85
C GLY D 817 42.72 -5.49 28.66
N PHE D 818 41.74 -5.88 27.86
CA PHE D 818 41.99 -6.65 26.65
C PHE D 818 41.28 -6.04 25.45
N LYS D 819 42.01 -5.84 24.35
CA LYS D 819 41.47 -5.19 23.18
C LYS D 819 42.11 -5.72 21.90
N VAL D 820 41.26 -6.19 20.98
CA VAL D 820 41.74 -6.72 19.70
C VAL D 820 41.73 -5.65 18.62
N ARG D 821 41.94 -6.05 17.38
CA ARG D 821 41.86 -5.15 16.24
C ARG D 821 42.74 -3.93 16.45
N LYS D 822 42.55 -2.92 15.59
CA LYS D 822 43.41 -1.74 15.61
C LYS D 822 42.73 -0.58 16.33
N THR D 823 43.52 0.37 16.81
CA THR D 823 43.00 1.59 17.42
C THR D 823 43.85 2.80 17.05
N ARG D 824 43.19 3.93 16.84
CA ARG D 824 43.88 5.14 16.40
C ARG D 824 43.87 6.20 17.49
N GLU D 825 45.06 6.72 17.80
CA GLU D 825 45.19 7.78 18.79
C GLU D 825 45.60 9.10 18.14
N PHE D 826 45.07 10.21 18.66
CA PHE D 826 45.32 11.52 18.09
C PHE D 826 46.18 12.36 19.00
N ARG D 827 46.52 13.57 18.54
CA ARG D 827 47.64 14.31 19.08
C ARG D 827 47.19 15.55 19.85
N TYR D 828 46.15 16.21 19.33
CA TYR D 828 45.77 17.53 19.80
C TYR D 828 44.45 17.48 20.56
N MET D 829 44.01 16.27 20.89
CA MET D 829 42.91 16.08 21.83
C MET D 829 41.68 16.85 21.37
N HIS D 830 40.72 17.01 22.29
CA HIS D 830 39.56 17.87 22.06
C HIS D 830 39.04 18.46 23.36
N ARG D 831 39.07 19.78 23.45
CA ARG D 831 38.49 20.48 24.60
C ARG D 831 37.47 21.53 24.16
N GLU D 832 36.46 21.75 24.99
CA GLU D 832 35.45 22.75 24.71
C GLU D 832 36.03 24.16 24.75
N VAL D 833 35.21 25.13 25.13
CA VAL D 833 35.65 26.51 25.24
C VAL D 833 35.60 27.00 26.68
N THR D 834 34.90 26.26 27.53
CA THR D 834 34.91 26.52 28.96
C THR D 834 36.28 26.25 29.58
N PHE D 835 37.01 25.32 28.97
CA PHE D 835 38.32 24.92 29.49
C PHE D 835 39.42 25.78 28.89
N ILE D 836 39.31 26.06 27.60
CA ILE D 836 40.32 26.85 26.89
C ILE D 836 40.32 28.29 27.38
N HIS D 837 39.14 28.83 27.63
CA HIS D 837 39.00 30.16 28.21
C HIS D 837 39.82 30.30 29.48
N LYS D 838 39.78 29.26 30.31
CA LYS D 838 40.51 29.25 31.57
C LYS D 838 42.01 29.05 31.34
N LEU D 839 42.34 28.31 30.29
CA LEU D 839 43.73 28.11 29.90
C LEU D 839 44.36 29.41 29.42
N MET D 840 43.52 30.32 28.94
CA MET D 840 43.96 31.68 28.64
C MET D 840 43.95 32.56 29.88
N MET D 841 43.06 32.24 30.81
CA MET D 841 42.96 32.99 32.06
C MET D 841 44.22 32.86 32.89
N TYR D 842 44.78 31.65 32.93
CA TYR D 842 45.93 31.36 33.77
C TYR D 842 47.24 31.58 33.02
N ALA D 843 47.18 31.47 31.70
CA ALA D 843 48.33 31.77 30.85
C ALA D 843 48.70 33.24 30.92
N LEU D 844 47.72 34.07 31.25
CA LEU D 844 47.95 35.50 31.45
C LEU D 844 48.65 35.78 32.76
N ILE D 845 48.05 35.29 33.86
CA ILE D 845 48.50 35.65 35.19
C ILE D 845 49.90 35.12 35.47
N ARG D 846 50.26 34.04 34.80
CA ARG D 846 51.58 33.44 34.95
C ARG D 846 52.68 34.41 34.57
N GLU D 847 52.43 35.23 33.55
CA GLU D 847 53.40 36.20 33.08
C GLU D 847 53.57 37.33 34.09
N GLN D 848 52.51 37.62 34.83
CA GLN D 848 52.49 38.76 35.73
C GLN D 848 53.15 38.42 37.06
N ILE D 849 52.92 37.20 37.54
CA ILE D 849 53.41 36.79 38.85
C ILE D 849 54.93 36.62 38.84
N SER D 850 55.44 35.94 37.83
CA SER D 850 56.86 35.61 37.75
C SER D 850 57.64 36.77 37.13
N LEU D 851 57.71 37.89 37.84
CA LEU D 851 58.38 39.08 37.32
C LEU D 851 58.63 40.08 38.44
N THR D 852 57.84 40.00 39.49
CA THR D 852 57.91 40.99 40.58
C THR D 852 59.10 40.72 41.49
N GLU D 853 59.51 41.73 42.24
CA GLU D 853 60.69 41.64 43.09
C GLU D 853 60.62 40.40 43.98
N ASN D 854 59.64 40.39 44.89
CA ASN D 854 59.63 39.41 45.98
C ASN D 854 58.21 38.92 46.25
N MET D 855 58.09 37.68 46.69
CA MET D 855 56.80 37.10 47.04
C MET D 855 56.88 36.31 48.33
N THR D 856 55.77 36.26 49.07
CA THR D 856 55.68 35.47 50.28
C THR D 856 54.80 34.24 50.08
N GLN D 857 53.63 34.45 49.49
CA GLN D 857 52.69 33.35 49.25
C GLN D 857 51.73 33.69 48.12
N VAL D 858 51.26 32.66 47.43
CA VAL D 858 50.21 32.81 46.44
C VAL D 858 48.89 32.20 46.93
N VAL D 859 47.84 33.01 46.95
CA VAL D 859 46.57 32.61 47.55
C VAL D 859 45.48 32.49 46.50
N SER D 860 44.85 31.33 46.45
CA SER D 860 43.69 31.12 45.57
C SER D 860 42.42 30.97 46.40
N ILE D 861 41.32 31.52 45.88
CA ILE D 861 40.02 31.43 46.54
C ILE D 861 38.98 30.79 45.63
N GLY D 862 38.63 29.55 45.94
CA GLY D 862 37.67 28.80 45.13
C GLY D 862 38.38 27.98 44.06
N GLY D 863 38.06 26.70 43.99
CA GLY D 863 38.61 25.82 42.96
C GLY D 863 38.79 24.39 43.49
N ARG D 864 39.44 23.56 42.70
CA ARG D 864 39.69 22.17 43.09
C ARG D 864 41.19 21.88 43.15
N ASN D 865 41.92 22.75 43.84
CA ASN D 865 43.38 22.74 43.74
C ASN D 865 43.84 23.13 42.34
N LEU D 866 43.05 23.98 41.68
CA LEU D 866 43.34 24.37 40.31
C LEU D 866 44.22 25.62 40.28
N ALA D 867 44.71 25.96 39.09
CA ALA D 867 45.58 27.13 38.92
C ALA D 867 46.91 26.92 39.63
N ASP D 868 47.26 25.66 39.87
CA ASP D 868 48.59 25.31 40.36
C ASP D 868 49.68 25.81 39.41
N ILE D 869 49.49 25.55 38.12
CA ILE D 869 50.28 26.20 37.08
C ILE D 869 50.07 27.71 37.10
N SER D 870 51.16 28.47 37.14
CA SER D 870 51.10 29.90 37.37
C SER D 870 51.75 30.29 38.69
N VAL D 871 51.82 29.33 39.61
CA VAL D 871 52.53 29.54 40.86
C VAL D 871 54.04 29.42 40.68
N VAL D 872 54.73 30.55 40.76
CA VAL D 872 56.16 30.60 40.49
C VAL D 872 56.90 31.40 41.57
N PRO D 873 57.99 30.82 42.07
CA PRO D 873 58.41 29.49 41.65
C PRO D 873 57.60 28.40 42.33
N LEU D 874 57.94 27.16 42.07
CA LEU D 874 57.32 26.02 42.75
C LEU D 874 57.67 25.99 44.23
N ASN D 875 58.74 26.69 44.59
CA ASN D 875 59.15 26.82 45.99
C ASN D 875 58.14 27.63 46.78
N MET D 876 57.40 28.49 46.07
CA MET D 876 56.48 29.41 46.71
C MET D 876 55.33 28.66 47.39
N LYS D 877 55.00 29.05 48.61
CA LYS D 877 53.88 28.47 49.33
C LYS D 877 52.56 28.75 48.61
N TYR D 878 51.63 27.80 48.71
CA TYR D 878 50.35 27.92 48.02
C TYR D 878 49.19 27.73 48.98
N VAL D 879 48.36 28.76 49.12
CA VAL D 879 47.27 28.76 50.09
C VAL D 879 45.91 28.74 49.41
N VAL D 880 45.02 27.89 49.90
CA VAL D 880 43.67 27.80 49.36
C VAL D 880 42.63 28.15 50.41
N ILE D 881 41.72 29.06 50.06
CA ILE D 881 40.66 29.46 50.97
C ILE D 881 39.28 29.22 50.37
N ASP D 882 38.69 28.07 50.68
CA ASP D 882 37.40 27.70 50.15
C ASP D 882 36.63 26.80 51.12
N PRO D 883 35.31 26.80 51.00
CA PRO D 883 34.46 26.16 51.99
C PRO D 883 34.41 24.65 51.77
N ALA D 884 34.56 24.22 50.52
CA ALA D 884 34.39 22.83 50.15
C ALA D 884 35.58 22.32 49.36
N THR D 885 36.24 21.29 49.89
CA THR D 885 37.36 20.66 49.18
C THR D 885 37.94 19.51 50.00
N ARG D 886 38.75 18.68 49.35
CA ARG D 886 39.40 17.56 50.02
C ARG D 886 40.74 17.97 50.60
N ILE D 887 41.04 17.48 51.79
CA ILE D 887 42.25 17.88 52.50
C ILE D 887 43.05 16.68 52.98
N GLU D 888 44.06 16.93 53.79
CA GLU D 888 44.76 15.86 54.49
C GLU D 888 45.91 15.30 53.66
N THR D 889 45.66 14.16 53.01
CA THR D 889 46.72 13.41 52.35
C THR D 889 47.59 14.33 51.48
N LEU D 890 46.94 15.19 50.72
CA LEU D 890 47.63 16.05 49.78
C LEU D 890 48.45 17.12 50.51
N THR D 891 48.00 17.50 51.70
CA THR D 891 48.65 18.55 52.46
C THR D 891 49.65 17.98 53.46
N GLN D 892 49.58 16.67 53.68
CA GLN D 892 50.44 16.02 54.64
C GLN D 892 51.83 15.77 54.06
N GLU D 893 51.89 15.58 52.74
CA GLU D 893 53.11 15.15 52.09
C GLU D 893 54.01 16.34 51.76
N LYS D 894 54.08 17.29 52.68
CA LYS D 894 55.08 18.35 52.61
C LYS D 894 55.09 19.00 51.23
N LYS D 895 53.90 19.32 50.72
CA LYS D 895 53.76 19.94 49.41
C LYS D 895 53.68 21.46 49.54
N ASN D 896 53.83 21.95 50.76
CA ASN D 896 53.66 23.38 51.04
C ASN D 896 52.25 23.84 50.68
N ILE D 897 51.29 22.93 50.82
CA ILE D 897 49.88 23.26 50.61
C ILE D 897 49.11 23.31 51.92
N GLU D 898 48.30 24.34 52.09
CA GLU D 898 47.44 24.45 53.26
C GLU D 898 46.06 24.99 52.88
N VAL D 899 45.02 24.47 53.53
CA VAL D 899 43.65 24.80 53.16
C VAL D 899 42.85 25.27 54.38
N GLN D 900 42.19 26.41 54.24
CA GLN D 900 41.34 26.93 55.30
C GLN D 900 39.86 26.67 55.00
N SER D 901 39.22 25.87 55.84
CA SER D 901 37.84 25.46 55.61
C SER D 901 36.86 26.50 56.14
N ARG D 902 36.95 27.71 55.61
CA ARG D 902 36.06 28.79 56.02
C ARG D 902 35.67 29.66 54.83
N PRO D 903 34.42 30.11 54.83
CA PRO D 903 33.93 30.98 53.76
C PRO D 903 34.51 32.38 53.87
N PHE D 904 35.19 32.82 52.82
CA PHE D 904 35.73 34.17 52.77
C PHE D 904 34.62 35.22 52.73
N GLN D 905 34.99 36.48 52.93
CA GLN D 905 34.01 37.56 52.95
C GLN D 905 34.61 38.85 52.41
N PHE D 906 33.74 39.78 52.00
CA PHE D 906 34.18 40.99 51.33
C PHE D 906 33.51 42.22 51.93
N ASP D 907 33.74 42.44 53.23
CA ASP D 907 33.05 43.49 53.96
C ASP D 907 34.03 44.51 54.53
N ALA D 908 35.33 44.21 54.41
CA ALA D 908 36.37 45.05 54.98
C ALA D 908 36.29 45.07 56.50
N ALA D 909 35.63 44.06 57.06
CA ALA D 909 35.53 43.93 58.51
C ALA D 909 36.78 43.27 59.10
N ASN D 910 37.21 42.19 58.48
CA ASN D 910 38.37 41.44 58.94
C ASN D 910 39.32 41.13 57.80
N MET D 911 40.02 42.16 57.31
CA MET D 911 41.00 41.98 56.25
C MET D 911 42.42 41.98 56.81
N ASP D 912 43.24 41.07 56.31
CA ASP D 912 44.61 40.92 56.79
C ASP D 912 45.51 40.30 55.74
N LEU D 913 45.97 41.13 54.80
CA LEU D 913 46.59 40.64 53.58
C LEU D 913 48.11 40.74 53.65
N GLU D 914 48.60 41.97 53.81
CA GLU D 914 49.96 42.20 54.28
C GLU D 914 50.96 42.12 53.14
N ASN D 915 52.24 42.22 53.46
CA ASN D 915 53.27 42.53 52.48
C ASN D 915 52.96 41.91 51.14
N ASN D 916 53.36 40.66 50.97
CA ASN D 916 53.54 40.08 49.64
C ASN D 916 52.64 38.87 49.43
N SER D 917 51.34 39.08 49.59
CA SER D 917 50.36 38.04 49.31
C SER D 917 49.64 38.31 48.00
N ILE D 918 49.68 37.34 47.09
CA ILE D 918 49.03 37.47 45.79
C ILE D 918 47.69 36.75 45.77
N TYR D 919 46.61 37.52 45.81
CA TYR D 919 45.27 36.95 45.90
C TYR D 919 44.63 36.83 44.53
N LEU D 920 44.05 35.67 44.26
CA LEU D 920 43.25 35.48 43.05
C LEU D 920 41.75 35.51 43.37
N PHE D 921 41.00 36.25 42.57
CA PHE D 921 39.55 36.30 42.72
C PHE D 921 38.85 35.93 41.42
N ILE D 922 38.82 34.64 41.11
CA ILE D 922 38.29 34.18 39.83
C ILE D 922 36.80 34.46 39.71
N ALA D 923 35.98 33.48 40.06
CA ALA D 923 34.54 33.55 39.85
C ALA D 923 33.79 33.57 41.17
N VAL D 924 34.53 33.70 42.27
CA VAL D 924 33.96 33.57 43.61
C VAL D 924 33.36 34.90 44.07
N ILE D 925 33.58 35.95 43.29
CA ILE D 925 32.97 37.25 43.56
C ILE D 925 31.67 37.43 42.79
N MET D 926 31.22 36.36 42.14
CA MET D 926 29.94 36.37 41.45
C MET D 926 28.84 35.79 42.34
N ASN D 927 28.44 34.56 42.06
CA ASN D 927 27.25 33.98 42.69
C ASN D 927 27.53 33.58 44.13
N GLU D 928 26.60 32.87 44.74
CA GLU D 928 26.65 32.59 46.18
C GLU D 928 27.48 31.34 46.45
N PRO D 929 27.81 31.12 47.71
CA PRO D 929 28.65 30.00 48.11
C PRO D 929 28.02 28.67 47.71
N ASN D 930 26.69 28.66 47.59
CA ASN D 930 25.97 27.46 47.20
C ASN D 930 25.97 27.27 45.69
N GLY D 931 25.31 28.17 44.98
CA GLY D 931 25.28 28.14 43.52
C GLY D 931 24.09 28.90 42.97
N ALA D 932 23.53 29.78 43.80
CA ALA D 932 22.42 30.63 43.37
C ALA D 932 22.91 31.72 42.41
N ALA D 933 22.31 32.89 42.50
CA ALA D 933 22.78 34.06 41.75
C ALA D 933 22.59 35.33 42.55
N THR D 934 23.57 36.23 42.44
CA THR D 934 23.57 37.46 43.23
C THR D 934 23.24 38.68 42.36
N PRO D 935 22.77 39.74 42.99
CA PRO D 935 22.51 40.99 42.30
C PRO D 935 23.79 41.54 41.67
N ALA D 936 23.65 42.63 40.91
CA ALA D 936 24.80 43.29 40.31
C ALA D 936 25.26 44.46 41.18
N ARG D 937 24.45 44.82 42.17
CA ARG D 937 24.77 45.93 43.06
C ARG D 937 25.41 45.43 44.35
N MET D 938 25.41 44.11 44.54
CA MET D 938 26.02 43.51 45.71
C MET D 938 27.41 42.96 45.38
N GLN D 939 27.77 43.00 44.11
CA GLN D 939 29.09 42.53 43.67
C GLN D 939 30.09 43.67 43.64
N MET D 940 29.58 44.90 43.64
CA MET D 940 30.45 46.08 43.66
C MET D 940 31.14 46.24 45.01
N ASP D 941 30.46 45.82 46.07
CA ASP D 941 31.02 45.87 47.42
C ASP D 941 32.22 44.95 47.54
N LYS D 942 32.27 43.92 46.70
CA LYS D 942 33.35 42.95 46.73
C LYS D 942 34.61 43.51 46.10
N ILE D 943 34.51 44.72 45.56
CA ILE D 943 35.67 45.44 45.07
C ILE D 943 35.96 46.67 45.92
N ARG D 944 34.90 47.34 46.37
CA ARG D 944 35.04 48.51 47.22
C ARG D 944 35.70 48.15 48.55
N ASN D 945 35.36 46.98 49.08
CA ASN D 945 35.78 46.61 50.43
C ASN D 945 37.17 45.98 50.41
N VAL D 946 37.50 45.33 49.31
CA VAL D 946 38.86 44.83 49.09
C VAL D 946 39.84 45.97 48.89
N ALA D 947 39.42 46.99 48.15
CA ALA D 947 40.23 48.18 47.93
C ALA D 947 40.44 48.94 49.24
N THR D 948 39.36 49.17 49.96
CA THR D 948 39.41 49.95 51.20
C THR D 948 40.52 49.45 52.12
N ALA D 949 40.62 48.13 52.26
CA ALA D 949 41.68 47.52 53.04
C ALA D 949 43.02 47.63 52.32
N MET D 950 43.01 47.38 51.02
CA MET D 950 44.23 47.31 50.24
C MET D 950 44.99 48.63 50.28
N LEU D 951 44.26 49.72 50.51
CA LEU D 951 44.85 51.05 50.51
C LEU D 951 45.97 51.17 51.53
N THR D 952 45.86 50.41 52.61
CA THR D 952 46.78 50.53 53.74
C THR D 952 47.79 49.39 53.74
N ARG D 953 47.46 48.31 53.03
CA ARG D 953 48.34 47.14 52.96
C ARG D 953 49.49 47.39 51.99
N THR D 954 50.69 46.99 52.41
CA THR D 954 51.90 47.25 51.63
C THR D 954 51.82 46.59 50.26
N ASN D 955 52.25 47.32 49.23
CA ASN D 955 52.22 46.80 47.86
C ASN D 955 51.77 45.35 47.83
N CYS D 956 50.49 45.14 47.59
CA CYS D 956 49.92 43.80 47.58
C CYS D 956 48.90 43.64 46.46
N VAL D 957 49.36 43.13 45.32
CA VAL D 957 48.50 42.99 44.15
C VAL D 957 47.34 42.05 44.44
N ALA D 958 46.14 42.46 44.06
CA ALA D 958 44.99 41.57 44.01
C ALA D 958 44.50 41.39 42.59
N TYR D 959 44.41 40.13 42.16
CA TYR D 959 43.93 39.81 40.82
C TYR D 959 42.45 39.45 40.83
N ILE D 960 41.64 40.27 40.18
CA ILE D 960 40.19 40.09 40.18
C ILE D 960 39.66 39.93 38.77
N SER D 961 38.77 38.96 38.58
CA SER D 961 38.12 38.76 37.29
C SER D 961 36.61 38.88 37.42
N PHE D 962 36.00 39.62 36.48
CA PHE D 962 34.56 39.81 36.47
C PHE D 962 34.04 40.01 35.06
N TYR D 963 32.74 39.79 34.87
CA TYR D 963 32.13 39.87 33.55
C TYR D 963 31.88 41.32 33.15
N GLU D 964 31.99 41.61 31.86
CA GLU D 964 31.71 42.94 31.34
C GLU D 964 30.33 43.01 30.71
N ALA D 965 29.54 43.99 31.14
CA ALA D 965 28.25 44.25 30.54
C ALA D 965 28.39 44.71 29.09
N GLY D 966 27.28 44.78 28.38
CA GLY D 966 27.30 45.01 26.94
C GLY D 966 27.01 43.73 26.17
N ILE D 967 27.40 42.60 26.75
CA ILE D 967 27.05 41.30 26.19
C ILE D 967 25.54 41.15 26.04
N ILE D 968 24.80 41.55 27.07
CA ILE D 968 23.35 41.67 26.98
C ILE D 968 22.88 41.52 25.54
N THR D 969 23.26 42.47 24.70
CA THR D 969 22.69 42.60 23.36
C THR D 969 23.62 42.02 22.31
N ARG D 970 24.91 41.92 22.67
CA ARG D 970 25.94 41.53 21.70
C ARG D 970 25.80 40.06 21.32
N LEU D 971 25.28 39.25 22.24
CA LEU D 971 25.02 37.85 21.97
C LEU D 971 23.53 37.59 21.80
N ASP D 972 22.77 38.66 21.64
CA ASP D 972 21.33 38.55 21.40
C ASP D 972 21.01 38.60 19.91
N GLN D 973 21.75 39.43 19.18
CA GLN D 973 21.55 39.58 17.75
C GLN D 973 22.29 38.50 16.97
N SER D 974 23.24 37.85 17.63
CA SER D 974 24.01 36.78 17.02
C SER D 974 23.12 35.58 16.69
N THR D 975 23.61 34.70 15.84
CA THR D 975 22.88 33.49 15.47
C THR D 975 23.48 32.26 16.11
N ALA D 976 24.79 32.26 16.28
CA ALA D 976 25.47 31.25 17.10
C ALA D 976 25.16 31.44 18.58
N HIS D 977 24.58 30.41 19.19
CA HIS D 977 24.17 30.49 20.59
C HIS D 977 24.12 29.10 21.22
N LYS D 978 24.78 28.13 20.58
CA LYS D 978 24.94 26.82 21.16
C LYS D 978 25.39 26.90 22.61
N THR D 979 26.44 27.67 22.86
CA THR D 979 26.83 28.01 24.22
C THR D 979 26.68 29.51 24.48
N ILE D 980 27.28 29.98 25.57
CA ILE D 980 27.16 31.38 25.96
C ILE D 980 25.76 31.90 25.74
N ARG D 981 24.77 31.11 26.15
CA ARG D 981 23.37 31.49 25.99
C ARG D 981 22.99 32.61 26.95
N VAL D 982 22.08 33.47 26.51
CA VAL D 982 21.60 34.57 27.35
C VAL D 982 20.11 34.41 27.67
N GLU D 983 19.81 34.22 28.95
CA GLU D 983 18.42 34.05 29.38
C GLU D 983 17.78 35.39 29.70
N GLU D 984 17.66 36.24 28.68
CA GLU D 984 17.06 37.56 28.86
C GLU D 984 17.18 38.03 30.30
N GLY D 985 18.32 38.64 30.61
CA GLY D 985 18.52 39.27 31.92
C GLY D 985 19.79 38.76 32.58
N ARG D 986 20.26 37.60 32.14
CA ARG D 986 21.38 36.92 32.80
C ARG D 986 22.21 36.14 31.79
N LEU D 987 23.51 36.03 32.07
CA LEU D 987 24.42 35.27 31.22
C LEU D 987 24.53 33.83 31.69
N LYS D 988 24.40 32.90 30.75
CA LYS D 988 24.39 31.47 31.09
C LYS D 988 25.63 30.78 30.57
N VAL D 989 26.76 30.98 31.26
CA VAL D 989 28.02 30.38 30.86
C VAL D 989 28.24 29.04 31.55
N ALA D 990 28.48 28.00 30.75
CA ALA D 990 28.64 26.65 31.28
C ALA D 990 27.36 26.18 31.97
N ASN D 991 27.44 25.94 33.27
CA ASN D 991 26.29 25.54 34.05
C ASN D 991 25.91 26.59 35.09
N TYR D 992 26.04 26.24 36.35
CA TYR D 992 25.74 27.17 37.44
C TYR D 992 24.33 27.72 37.31
N VAL D 993 24.11 28.92 37.82
CA VAL D 993 22.89 29.68 37.54
C VAL D 993 23.22 31.01 36.87
N PRO D 994 22.45 31.35 35.83
CA PRO D 994 22.69 32.56 35.07
C PRO D 994 22.95 33.75 35.98
N VAL D 995 23.99 34.52 35.66
CA VAL D 995 24.45 35.58 36.55
C VAL D 995 24.21 36.95 35.93
N ASP D 996 24.12 37.97 36.77
CA ASP D 996 23.89 39.33 36.30
C ASP D 996 25.16 39.95 35.72
N THR D 997 24.99 40.91 34.82
CA THR D 997 26.11 41.60 34.22
C THR D 997 26.56 42.77 35.08
N LEU D 998 27.79 43.24 34.84
CA LEU D 998 28.31 44.41 35.56
C LEU D 998 28.61 45.55 34.61
N VAL D 999 27.93 46.67 34.80
CA VAL D 999 28.12 47.84 33.95
C VAL D 999 29.54 48.37 34.05
N GLU D 1000 30.34 48.14 33.01
CA GLU D 1000 31.75 48.46 33.04
C GLU D 1000 31.97 49.96 33.14
N ALA D 1001 31.04 50.73 32.60
CA ALA D 1001 31.12 52.18 32.62
C ALA D 1001 31.05 52.71 34.05
N ASP D 1002 30.38 51.96 34.92
CA ASP D 1002 30.19 52.37 36.31
C ASP D 1002 31.26 51.76 37.21
N VAL D 1003 31.63 50.52 36.91
CA VAL D 1003 32.62 49.80 37.71
C VAL D 1003 33.99 50.46 37.62
N THR D 1004 34.31 50.99 36.44
CA THR D 1004 35.55 51.71 36.23
C THR D 1004 35.52 53.08 36.89
N LEU D 1005 34.40 53.78 36.75
CA LEU D 1005 34.28 55.15 37.22
C LEU D 1005 34.32 55.21 38.75
N MET D 1006 33.74 54.21 39.39
CA MET D 1006 33.54 54.23 40.83
C MET D 1006 34.85 53.95 41.57
N LEU D 1007 35.86 53.54 40.82
CA LEU D 1007 37.16 53.22 41.40
C LEU D 1007 38.18 54.32 41.11
N ARG D 1008 37.68 55.52 40.85
CA ARG D 1008 38.54 56.65 40.52
C ARG D 1008 38.53 57.68 41.63
N ASP D 1009 38.11 57.27 42.82
CA ASP D 1009 38.04 58.17 43.96
C ASP D 1009 38.33 57.44 45.26
N ILE D 1010 38.23 56.12 45.22
CA ILE D 1010 38.58 55.28 46.36
C ILE D 1010 39.93 54.59 46.16
N GLY D 1011 40.02 53.83 45.07
CA GLY D 1011 41.22 53.04 44.79
C GLY D 1011 42.35 53.92 44.26
N ILE D 1012 43.50 53.32 44.03
CA ILE D 1012 44.66 54.05 43.52
C ILE D 1012 45.12 53.47 42.17
N THR D 1013 45.42 52.18 42.17
CA THR D 1013 45.94 51.52 40.98
C THR D 1013 45.05 50.37 40.54
N HIS D 1014 44.69 50.36 39.26
CA HIS D 1014 43.74 49.39 38.74
C HIS D 1014 43.85 49.26 37.22
N GLU D 1015 44.70 48.33 36.79
CA GLU D 1015 44.96 48.14 35.37
C GLU D 1015 44.22 46.90 34.84
N ILE D 1016 43.40 47.10 33.82
CA ILE D 1016 42.61 46.03 33.25
C ILE D 1016 43.33 45.38 32.08
N ILE D 1017 43.69 44.10 32.22
CA ILE D 1017 44.45 43.39 31.21
C ILE D 1017 43.67 42.21 30.66
N ARG D 1018 43.41 42.24 29.35
CA ARG D 1018 42.63 41.20 28.69
C ARG D 1018 43.55 40.19 27.98
N PRO D 1019 43.25 38.91 28.15
CA PRO D 1019 44.02 37.86 27.49
C PRO D 1019 44.03 38.06 25.97
N SER D 1020 45.21 37.90 25.37
CA SER D 1020 45.37 38.12 23.94
C SER D 1020 45.94 36.88 23.25
N THR D 1021 46.28 37.04 21.97
CA THR D 1021 46.59 35.89 21.14
C THR D 1021 47.76 35.09 21.70
N PRO D 1022 48.80 35.80 22.12
CA PRO D 1022 50.00 35.15 22.63
C PRO D 1022 49.67 34.10 23.68
N GLU D 1023 48.60 34.35 24.44
CA GLU D 1023 48.18 33.43 25.49
C GLU D 1023 47.47 32.22 24.89
N LEU D 1024 46.79 32.43 23.77
CA LEU D 1024 46.11 31.34 23.08
C LEU D 1024 47.10 30.36 22.47
N ILE D 1025 48.15 30.89 21.84
CA ILE D 1025 49.16 30.07 21.21
C ILE D 1025 49.91 29.22 22.22
N ASP D 1026 50.35 29.85 23.31
CA ASP D 1026 51.09 29.15 24.35
C ASP D 1026 50.23 28.07 25.02
N ALA D 1027 48.94 28.38 25.17
CA ALA D 1027 48.01 27.44 25.79
C ALA D 1027 47.84 26.20 24.93
N CYS D 1028 47.66 26.40 23.63
CA CYS D 1028 47.38 25.30 22.71
C CYS D 1028 48.63 24.48 22.45
N SER D 1029 49.80 25.12 22.57
CA SER D 1029 51.06 24.47 22.25
C SER D 1029 51.54 23.60 23.39
N ASN D 1030 51.43 24.12 24.61
CA ASN D 1030 51.89 23.41 25.80
C ASN D 1030 51.02 22.20 26.09
N TYR D 1031 49.71 22.40 26.09
CA TYR D 1031 48.76 21.34 26.41
C TYR D 1031 48.53 20.43 25.21
N GLY D 1032 48.70 20.99 24.01
CA GLY D 1032 48.41 20.27 22.78
C GLY D 1032 46.91 20.16 22.54
N ILE D 1033 46.26 21.32 22.42
CA ILE D 1033 44.80 21.36 22.33
C ILE D 1033 44.36 22.13 21.08
N ARG D 1034 43.59 21.46 20.22
CA ARG D 1034 42.99 22.11 19.07
C ARG D 1034 41.87 23.07 19.49
N LEU D 1035 41.55 24.00 18.60
CA LEU D 1035 40.43 24.91 18.83
C LEU D 1035 39.13 24.34 18.28
N GLY D 1036 38.02 24.65 18.94
CA GLY D 1036 36.78 23.91 18.76
C GLY D 1036 36.03 24.40 17.54
N SER D 1037 36.73 25.06 16.63
CA SER D 1037 36.15 25.46 15.35
C SER D 1037 34.93 26.34 15.56
N THR D 1038 33.78 25.72 15.78
CA THR D 1038 32.54 26.44 15.99
C THR D 1038 32.52 27.12 17.35
N GLY D 1039 33.40 26.66 18.24
CA GLY D 1039 33.61 27.33 19.53
C GLY D 1039 34.72 28.37 19.42
N GLY D 1040 35.46 28.34 18.31
CA GLY D 1040 36.48 29.35 18.05
C GLY D 1040 35.86 30.71 17.80
N ALA D 1041 34.73 30.72 17.10
CA ALA D 1041 33.96 31.94 16.92
C ALA D 1041 33.40 32.44 18.25
N VAL D 1042 33.19 31.52 19.18
CA VAL D 1042 32.76 31.88 20.53
C VAL D 1042 33.89 32.49 21.33
N LEU D 1043 35.09 31.93 21.17
CA LEU D 1043 36.23 32.30 22.01
C LEU D 1043 36.64 33.74 21.77
N ASP D 1044 36.72 34.12 20.50
CA ASP D 1044 37.34 35.39 20.12
C ASP D 1044 36.41 36.57 20.39
N VAL D 1045 35.24 36.26 20.95
CA VAL D 1045 34.33 37.30 21.42
C VAL D 1045 34.14 37.21 22.93
N PHE D 1046 33.84 36.02 23.42
CA PHE D 1046 33.65 35.80 24.85
C PHE D 1046 34.89 36.16 25.64
N ASN D 1047 36.05 35.87 25.08
CA ASN D 1047 37.32 36.16 25.74
C ASN D 1047 37.40 37.62 26.15
N HIS D 1048 37.01 38.51 25.24
CA HIS D 1048 37.26 39.94 25.41
C HIS D 1048 36.49 40.49 26.60
N TYR D 1049 35.24 40.08 26.73
CA TYR D 1049 34.32 40.71 27.68
C TYR D 1049 34.34 39.99 29.02
N SER D 1050 35.50 39.45 29.38
CA SER D 1050 35.74 39.01 30.76
C SER D 1050 37.04 39.61 31.29
N PRO D 1051 36.99 40.89 31.67
CA PRO D 1051 38.19 41.61 32.07
C PRO D 1051 38.84 40.96 33.27
N VAL D 1052 40.18 40.97 33.28
CA VAL D 1052 40.93 40.65 34.49
C VAL D 1052 41.62 41.89 35.04
N ILE D 1053 41.03 42.47 36.09
CA ILE D 1053 41.51 43.74 36.63
C ILE D 1053 42.59 43.50 37.68
N LYS D 1054 43.75 44.13 37.49
CA LYS D 1054 44.87 43.97 38.40
C LYS D 1054 44.97 45.15 39.37
N LEU D 1055 44.70 44.89 40.64
CA LEU D 1055 44.77 45.92 41.67
C LEU D 1055 46.09 45.86 42.41
N VAL D 1056 47.15 46.38 41.79
CA VAL D 1056 48.47 46.38 42.40
C VAL D 1056 48.80 47.73 43.02
N ARG D 1057 48.45 47.90 44.29
CA ARG D 1057 48.60 49.18 44.97
C ARG D 1057 49.30 49.01 46.31
N SER D 1058 49.89 50.09 46.81
CA SER D 1058 50.59 50.06 48.09
C SER D 1058 50.02 51.09 49.05
N MET E 1 63.88 35.04 6.49
CA MET E 1 64.09 33.97 7.44
C MET E 1 62.76 33.39 7.93
N TRP E 2 62.28 32.37 7.22
CA TRP E 2 61.05 31.69 7.62
C TRP E 2 61.35 30.33 8.24
N HIS E 3 62.33 29.63 7.69
CA HIS E 3 62.73 28.32 8.21
C HIS E 3 61.51 27.54 8.69
N TYR E 4 60.72 27.04 7.74
CA TYR E 4 59.60 26.16 8.05
C TYR E 4 60.10 24.85 8.67
N THR E 5 59.17 24.10 9.26
CA THR E 5 59.53 22.91 10.02
C THR E 5 58.74 21.70 9.56
N SER E 6 59.11 20.52 10.04
CA SER E 6 58.42 19.29 9.68
C SER E 6 58.82 18.15 10.61
N ILE E 7 58.12 17.03 10.49
CA ILE E 7 58.44 15.83 11.27
C ILE E 7 58.94 14.71 10.38
N ASN E 8 60.16 14.25 10.65
CA ASN E 8 60.80 13.22 9.84
C ASN E 8 60.88 11.90 10.59
N ASN E 9 60.10 10.92 10.12
CA ASN E 9 60.06 9.61 10.75
C ASN E 9 59.74 8.53 9.74
N ASP E 10 60.54 7.47 9.72
CA ASP E 10 60.36 6.36 8.78
C ASP E 10 58.91 5.89 8.78
N THR E 11 58.38 5.65 7.58
CA THR E 11 56.98 5.26 7.43
C THR E 11 56.85 3.81 7.03
N ARG E 12 57.94 3.22 6.56
CA ARG E 12 57.97 1.80 6.25
C ARG E 12 58.42 0.98 7.45
N VAL E 13 59.45 1.44 8.13
CA VAL E 13 59.99 0.75 9.29
C VAL E 13 58.92 0.52 10.35
N ALA E 14 57.98 1.45 10.43
CA ALA E 14 56.94 1.40 11.46
C ALA E 14 55.67 0.73 10.93
N LEU E 15 55.85 -0.23 10.03
CA LEU E 15 54.73 -1.00 9.50
C LEU E 15 54.81 -2.46 9.92
N ASP E 16 56.02 -2.94 10.11
CA ASP E 16 56.25 -4.36 10.38
C ASP E 16 55.62 -4.77 11.71
N PRO E 17 54.80 -5.81 11.67
CA PRO E 17 54.14 -6.31 12.87
C PRO E 17 55.16 -6.80 13.89
N LYS E 18 54.69 -7.06 15.11
CA LYS E 18 55.54 -7.63 16.15
C LYS E 18 55.84 -9.10 15.87
N PRO E 19 56.88 -9.62 16.51
CA PRO E 19 57.34 -10.98 16.26
C PRO E 19 56.38 -12.00 16.87
N ASN E 20 55.63 -11.57 17.87
CA ASN E 20 54.65 -12.44 18.51
C ASN E 20 53.24 -12.05 18.12
N GLN E 21 53.11 -11.03 17.28
CA GLN E 21 51.82 -10.66 16.72
C GLN E 21 51.77 -10.96 15.22
N ILE E 22 52.93 -11.17 14.62
CA ILE E 22 53.01 -11.59 13.23
C ILE E 22 52.16 -12.83 12.97
N ARG E 23 52.04 -13.67 14.00
CA ARG E 23 51.13 -14.81 13.95
C ARG E 23 49.70 -14.37 13.69
N THR E 24 49.28 -13.30 14.36
CA THR E 24 47.88 -12.92 14.41
C THR E 24 47.41 -12.34 13.09
N ILE E 25 48.27 -11.56 12.46
CA ILE E 25 47.86 -10.67 11.39
C ILE E 25 47.97 -11.33 10.02
N THR E 26 48.22 -12.64 10.03
CA THR E 26 48.48 -13.38 8.80
C THR E 26 47.41 -14.42 8.55
N LYS E 27 47.43 -15.49 9.34
CA LYS E 27 46.55 -16.63 9.11
C LYS E 27 45.22 -16.46 9.84
N PRO E 28 45.29 -15.97 11.08
CA PRO E 28 44.11 -15.89 11.94
C PRO E 28 43.18 -14.78 11.47
N ASN E 29 43.45 -14.24 10.29
CA ASN E 29 42.55 -13.27 9.66
C ASN E 29 41.35 -13.98 9.03
N THR E 30 41.10 -15.20 9.45
CA THR E 30 39.92 -15.95 9.01
C THR E 30 38.72 -15.67 9.91
N VAL E 31 38.99 -15.11 11.09
CA VAL E 31 37.92 -14.75 12.02
C VAL E 31 37.13 -13.56 11.51
N PRO E 32 37.83 -12.47 11.21
CA PRO E 32 37.23 -11.35 10.49
C PRO E 32 36.98 -11.70 9.03
N GLN E 33 36.25 -10.82 8.35
CA GLN E 33 35.89 -11.05 6.96
C GLN E 33 36.12 -9.81 6.10
N LEU E 34 37.35 -9.32 6.13
CA LEU E 34 37.76 -8.23 5.25
C LEU E 34 36.71 -7.13 5.21
N GLY E 35 36.39 -6.65 4.00
CA GLY E 35 35.22 -5.82 3.79
C GLY E 35 35.62 -4.40 3.38
N THR E 36 36.45 -3.76 4.19
CA THR E 36 36.72 -2.33 4.03
C THR E 36 38.23 -2.08 3.86
N ASP E 37 39.05 -3.03 4.31
CA ASP E 37 40.49 -2.84 4.35
C ASP E 37 41.06 -2.67 2.95
N TYR E 38 40.79 -3.64 2.09
CA TYR E 38 41.27 -3.59 0.72
C TYR E 38 40.45 -2.63 -0.13
N LEU E 39 41.04 -2.15 -1.22
CA LEU E 39 40.38 -1.16 -2.08
C LEU E 39 40.03 -1.76 -3.43
N TYR E 40 38.78 -1.63 -3.83
CA TYR E 40 38.33 -2.12 -5.13
C TYR E 40 37.36 -1.14 -5.77
N THR E 41 37.70 -0.66 -6.97
CA THR E 41 36.75 0.04 -7.82
C THR E 41 36.72 -0.56 -9.22
N PHE E 42 35.55 -0.52 -9.85
CA PHE E 42 35.38 -1.09 -11.18
C PHE E 42 34.96 -0.03 -12.19
N ASN E 43 35.68 0.04 -13.30
CA ASN E 43 35.38 1.02 -14.35
C ASN E 43 35.08 0.35 -15.68
N SER E 44 34.04 0.83 -16.35
CA SER E 44 33.64 0.29 -17.65
C SER E 44 34.32 1.03 -18.80
N GLN E 45 35.60 1.31 -18.62
CA GLN E 45 36.37 2.02 -19.64
C GLN E 45 35.98 1.57 -21.05
N ARG E 46 36.16 0.29 -21.32
CA ARG E 46 36.70 -0.64 -20.34
C ARG E 46 37.92 -1.38 -20.90
N ARG E 47 38.48 -2.26 -20.09
CA ARG E 47 37.98 -2.52 -18.75
C ARG E 47 39.06 -2.28 -17.70
N SER E 48 38.64 -2.11 -16.45
CA SER E 48 39.57 -1.87 -15.35
C SER E 48 39.19 -2.70 -14.13
N HIS E 49 40.18 -3.39 -13.55
CA HIS E 49 39.94 -4.22 -12.37
C HIS E 49 40.94 -3.90 -11.27
N THR E 50 40.92 -2.65 -10.80
CA THR E 50 41.91 -2.18 -9.84
C THR E 50 41.60 -2.72 -8.44
N LEU E 51 41.91 -4.00 -8.23
CA LEU E 51 41.87 -4.59 -6.91
C LEU E 51 43.23 -4.49 -6.22
N ARG E 52 43.28 -3.72 -5.13
CA ARG E 52 44.55 -3.38 -4.49
C ARG E 52 44.50 -3.64 -3.00
N LEU E 53 45.27 -4.60 -2.54
CA LEU E 53 45.40 -4.88 -1.11
C LEU E 53 46.18 -3.78 -0.40
N LEU E 54 45.70 -3.37 0.76
CA LEU E 54 46.42 -2.42 1.59
C LEU E 54 47.02 -3.09 2.82
N GLY E 55 47.79 -2.34 3.59
CA GLY E 55 48.54 -2.90 4.71
C GLY E 55 47.64 -3.77 5.59
N PRO E 56 48.23 -4.81 6.17
CA PRO E 56 49.67 -5.01 6.12
C PRO E 56 50.07 -5.88 4.94
N PHE E 57 49.18 -5.98 3.96
CA PHE E 57 49.40 -6.85 2.81
C PHE E 57 49.84 -6.04 1.60
N GLN E 58 50.42 -4.88 1.84
CA GLN E 58 50.98 -4.07 0.77
C GLN E 58 52.49 -4.23 0.68
N TYR E 59 53.03 -4.02 -0.52
CA TYR E 59 54.44 -4.31 -0.78
C TYR E 59 54.73 -5.80 -0.70
N PHE E 60 53.67 -6.61 -0.71
CA PHE E 60 53.80 -8.06 -0.65
C PHE E 60 53.80 -8.67 -2.04
N ASN E 61 54.92 -9.29 -2.40
CA ASN E 61 55.02 -10.01 -3.66
C ASN E 61 54.40 -11.40 -3.56
N PHE E 62 54.02 -11.96 -4.71
CA PHE E 62 53.27 -13.20 -4.73
C PHE E 62 54.07 -14.32 -5.39
N SER E 63 54.06 -15.49 -4.77
CA SER E 63 54.70 -16.67 -5.33
C SER E 63 53.88 -17.25 -6.48
N GLU E 64 54.56 -17.70 -7.52
CA GLU E 64 53.90 -18.19 -8.72
C GLU E 64 53.20 -19.52 -8.45
N THR E 65 53.47 -20.10 -7.30
CA THR E 65 52.87 -21.37 -6.92
C THR E 65 51.46 -21.16 -6.34
N ASP E 66 51.36 -20.22 -5.42
CA ASP E 66 50.08 -19.95 -4.75
C ASP E 66 49.44 -18.68 -5.28
N ARG E 67 49.78 -18.31 -6.51
CA ARG E 67 49.19 -17.14 -7.16
C ARG E 67 48.01 -17.53 -8.02
N GLY E 68 48.20 -18.55 -8.85
CA GLY E 68 47.24 -18.88 -9.90
C GLY E 68 46.23 -19.90 -9.41
N HIS E 69 46.66 -20.80 -8.54
CA HIS E 69 45.85 -21.94 -8.12
C HIS E 69 44.67 -21.49 -7.26
N PRO E 70 44.97 -20.68 -6.25
CA PRO E 70 43.97 -20.31 -5.24
C PRO E 70 42.87 -19.46 -5.86
N LEU E 71 43.24 -18.30 -6.40
CA LEU E 71 42.29 -17.22 -6.64
C LEU E 71 42.49 -16.63 -8.03
N PHE E 72 43.62 -15.95 -8.23
CA PHE E 72 43.66 -14.77 -9.08
C PHE E 72 43.03 -15.04 -10.43
N ARG E 73 43.36 -16.20 -11.02
CA ARG E 73 43.14 -16.44 -12.42
C ARG E 73 41.68 -16.21 -12.81
N LEU E 74 40.79 -16.98 -12.20
CA LEU E 74 39.47 -17.23 -12.77
C LEU E 74 38.57 -16.01 -12.63
N PRO E 75 38.62 -15.38 -11.46
CA PRO E 75 37.80 -14.20 -11.19
C PRO E 75 38.03 -13.12 -12.23
N LEU E 76 39.24 -13.08 -12.78
CA LEU E 76 39.62 -12.04 -13.74
C LEU E 76 38.95 -12.27 -15.10
N LYS E 77 38.76 -13.54 -15.44
CA LYS E 77 38.40 -13.91 -16.81
C LYS E 77 36.91 -14.17 -16.93
N TYR E 78 36.11 -13.38 -16.21
CA TYR E 78 34.67 -13.31 -16.45
C TYR E 78 34.38 -12.94 -17.90
N PRO E 79 35.07 -11.91 -18.39
CA PRO E 79 35.72 -10.94 -17.53
C PRO E 79 34.74 -9.85 -17.09
N SER E 80 33.66 -9.70 -17.84
CA SER E 80 32.87 -8.46 -17.81
C SER E 80 31.80 -8.53 -16.73
N LYS E 81 32.03 -7.81 -15.64
CA LYS E 81 31.04 -7.70 -14.57
C LYS E 81 29.63 -7.89 -15.12
N ALA E 82 28.82 -8.66 -14.40
CA ALA E 82 29.31 -9.88 -13.76
C ALA E 82 29.92 -9.59 -12.40
N ILE E 83 30.84 -10.44 -11.97
CA ILE E 83 31.68 -10.15 -10.81
C ILE E 83 30.83 -9.76 -9.61
N PRO E 84 29.98 -10.68 -9.16
CA PRO E 84 29.17 -10.46 -7.97
C PRO E 84 30.04 -9.99 -6.80
N ALA E 85 29.51 -9.04 -6.02
CA ALA E 85 30.24 -8.49 -4.89
C ALA E 85 30.58 -9.58 -3.88
N ASP E 86 29.79 -10.64 -3.88
CA ASP E 86 30.03 -11.78 -2.98
C ASP E 86 31.30 -12.52 -3.36
N GLU E 87 31.59 -12.57 -4.65
CA GLU E 87 32.73 -13.34 -5.16
C GLU E 87 34.03 -12.83 -4.55
N LEU E 88 34.19 -11.51 -4.51
CA LEU E 88 35.43 -10.90 -4.05
C LEU E 88 35.70 -11.21 -2.59
N ILE E 89 34.67 -11.03 -1.75
CA ILE E 89 34.81 -11.19 -0.31
C ILE E 89 35.09 -12.65 0.05
N ASP E 90 34.34 -13.56 -0.55
CA ASP E 90 34.40 -14.96 -0.19
C ASP E 90 35.64 -15.63 -0.77
N ASN E 91 36.02 -15.22 -1.98
CA ASN E 91 37.12 -15.84 -2.70
C ASN E 91 38.46 -15.35 -2.18
N LEU E 92 38.55 -14.05 -1.90
CA LEU E 92 39.76 -13.46 -1.34
C LEU E 92 40.02 -13.98 0.07
N HIS E 93 38.95 -14.24 0.80
CA HIS E 93 39.05 -14.94 2.08
C HIS E 93 39.74 -16.28 1.92
N SER E 94 39.34 -17.03 0.89
CA SER E 94 39.87 -18.36 0.67
C SER E 94 41.37 -18.32 0.42
N TRP E 95 41.83 -17.29 -0.27
CA TRP E 95 43.25 -17.09 -0.52
C TRP E 95 43.99 -16.76 0.78
N MET E 96 43.48 -15.76 1.50
CA MET E 96 44.18 -15.24 2.67
C MET E 96 44.15 -16.26 3.82
N ARG E 97 43.27 -17.25 3.70
CA ARG E 97 43.23 -18.35 4.66
C ARG E 97 44.55 -19.11 4.67
N SER E 98 44.88 -19.74 3.54
CA SER E 98 46.06 -20.61 3.46
C SER E 98 47.29 -19.79 3.12
N VAL E 99 47.80 -19.06 4.10
CA VAL E 99 49.09 -18.38 3.97
C VAL E 99 49.72 -18.14 5.33
N HIS E 100 51.04 -18.32 5.40
CA HIS E 100 51.77 -18.12 6.64
C HIS E 100 53.25 -17.86 6.38
N LEU E 101 53.93 -17.27 7.35
CA LEU E 101 55.36 -17.06 7.26
C LEU E 101 56.11 -17.85 8.34
N LEU E 102 57.37 -18.16 8.07
CA LEU E 102 58.23 -18.78 9.06
C LEU E 102 58.72 -17.77 10.09
N HIS E 103 58.54 -18.09 11.37
CA HIS E 103 58.86 -17.17 12.45
C HIS E 103 59.02 -17.91 13.77
N VAL E 104 59.62 -17.23 14.74
CA VAL E 104 59.73 -17.78 16.10
C VAL E 104 59.11 -16.83 17.12
N ARG E 105 58.17 -17.34 17.90
CA ARG E 105 57.59 -16.59 19.00
C ARG E 105 58.63 -16.24 20.06
N SER E 106 58.65 -14.97 20.46
CA SER E 106 59.66 -14.49 21.41
C SER E 106 59.01 -14.02 22.70
N GLU E 107 59.84 -13.63 23.66
CA GLU E 107 59.35 -13.13 24.94
C GLU E 107 59.71 -11.66 25.14
N ASP E 108 60.87 -11.27 24.62
CA ASP E 108 61.31 -9.89 24.69
C ASP E 108 60.35 -8.96 23.95
N ASN E 109 59.99 -7.86 24.59
CA ASN E 109 58.92 -6.99 24.09
C ASN E 109 59.47 -5.95 23.13
N THR E 110 60.78 -5.95 22.92
CA THR E 110 61.44 -4.93 22.13
C THR E 110 62.06 -5.54 20.87
N LEU E 111 61.35 -6.49 20.27
CA LEU E 111 61.78 -7.08 19.01
C LEU E 111 60.80 -6.76 17.88
N ARG E 112 61.29 -6.74 16.66
CA ARG E 112 60.45 -6.54 15.49
C ARG E 112 60.74 -7.56 14.40
N TYR E 113 59.70 -7.97 13.69
CA TYR E 113 59.82 -8.99 12.66
C TYR E 113 60.05 -8.36 11.29
N ASN E 114 61.10 -8.78 10.61
CA ASN E 114 61.39 -8.31 9.26
C ASN E 114 60.39 -8.86 8.26
N TRP E 115 59.50 -8.00 7.78
CA TRP E 115 58.47 -8.40 6.84
C TRP E 115 59.05 -8.60 5.44
N MET E 116 59.79 -7.59 4.96
CA MET E 116 60.21 -7.55 3.57
C MET E 116 61.04 -8.79 3.21
N LEU E 117 62.07 -9.05 4.01
CA LEU E 117 63.01 -10.14 3.72
C LEU E 117 62.35 -11.50 3.96
N GLY E 118 61.43 -11.55 4.92
CA GLY E 118 60.78 -12.79 5.29
C GLY E 118 59.93 -13.32 4.14
N VAL E 119 59.14 -12.44 3.54
CA VAL E 119 58.21 -12.84 2.48
C VAL E 119 58.94 -13.06 1.17
N TYR E 120 60.10 -12.43 1.03
CA TYR E 120 60.95 -12.65 -0.14
C TYR E 120 61.42 -14.09 -0.23
N ALA E 121 61.94 -14.60 0.90
CA ALA E 121 62.44 -15.96 0.95
C ALA E 121 61.31 -16.97 0.75
N ARG E 122 60.21 -16.76 1.46
CA ARG E 122 59.07 -17.68 1.39
C ARG E 122 58.58 -17.85 -0.04
N SER E 123 58.52 -16.75 -0.78
CA SER E 123 57.87 -16.73 -2.09
C SER E 123 58.73 -17.47 -3.12
N THR E 124 59.98 -17.72 -2.77
CA THR E 124 60.92 -18.34 -3.70
C THR E 124 61.24 -19.77 -3.28
N ASN E 125 60.53 -20.25 -2.27
CA ASN E 125 60.67 -21.64 -1.83
C ASN E 125 62.06 -21.89 -1.26
N TYR E 126 62.67 -20.85 -0.71
CA TYR E 126 63.92 -20.99 0.01
C TYR E 126 65.02 -21.56 -0.87
N THR E 127 64.89 -21.35 -2.18
CA THR E 127 65.78 -21.96 -3.16
C THR E 127 67.17 -21.34 -3.08
N THR E 128 67.23 -20.02 -3.00
CA THR E 128 68.50 -19.30 -3.03
C THR E 128 69.16 -19.30 -1.65
N PRO E 129 70.47 -19.06 -1.65
CA PRO E 129 71.24 -19.07 -0.40
C PRO E 129 70.67 -18.09 0.62
N VAL E 130 70.07 -17.01 0.12
CA VAL E 130 69.51 -15.98 0.99
C VAL E 130 68.22 -16.46 1.65
N GLY E 131 67.49 -17.31 0.95
CA GLY E 131 66.20 -17.78 1.43
C GLY E 131 66.33 -19.09 2.19
N GLN E 132 67.45 -19.78 1.98
CA GLN E 132 67.74 -21.01 2.71
C GLN E 132 68.28 -20.72 4.10
N LEU E 133 68.95 -19.58 4.24
CA LEU E 133 69.50 -19.17 5.53
C LEU E 133 68.41 -19.13 6.60
N VAL E 134 67.21 -18.74 6.21
CA VAL E 134 66.14 -18.47 7.15
C VAL E 134 65.28 -19.71 7.39
N VAL E 135 65.77 -20.85 6.92
CA VAL E 135 65.08 -22.13 7.13
C VAL E 135 65.65 -22.86 8.34
N ASN E 136 66.97 -22.99 8.39
CA ASN E 136 67.64 -23.64 9.50
C ASN E 136 67.51 -22.82 10.79
N ALA E 137 67.48 -21.50 10.64
CA ALA E 137 67.35 -20.60 11.78
C ALA E 137 66.40 -19.45 11.47
N PRO E 138 65.11 -19.68 11.70
CA PRO E 138 64.09 -18.71 11.34
C PRO E 138 64.05 -17.55 12.34
N ALA E 139 64.89 -17.64 13.37
CA ALA E 139 64.94 -16.62 14.40
C ALA E 139 65.86 -15.47 14.00
N ILE E 140 66.46 -15.60 12.82
CA ILE E 140 67.38 -14.58 12.33
C ILE E 140 66.64 -13.31 11.92
N LEU E 141 65.34 -13.45 11.68
CA LEU E 141 64.54 -12.37 11.12
C LEU E 141 64.03 -11.45 12.22
N ASN E 142 64.34 -11.80 13.47
CA ASN E 142 64.01 -10.94 14.60
C ASN E 142 65.14 -9.96 14.90
N TYR E 143 64.80 -8.68 15.03
CA TYR E 143 65.77 -7.65 15.32
C TYR E 143 65.20 -6.58 16.25
N SER E 144 66.07 -5.93 17.01
CA SER E 144 65.64 -4.88 17.93
C SER E 144 65.95 -3.50 17.37
N ASN E 145 66.77 -3.46 16.33
CA ASN E 145 67.25 -2.19 15.78
C ASN E 145 67.42 -2.27 14.27
N PRO E 146 66.80 -1.34 13.56
CA PRO E 146 66.94 -1.26 12.11
C PRO E 146 68.41 -1.23 11.70
N GLN E 147 68.67 -1.55 10.44
CA GLN E 147 70.04 -1.68 9.96
C GLN E 147 70.66 -3.00 10.40
N ASP E 148 70.64 -3.25 11.70
CA ASP E 148 71.16 -4.50 12.24
C ASP E 148 70.33 -5.69 11.77
N ALA E 149 69.19 -5.40 11.16
CA ALA E 149 68.36 -6.44 10.55
C ALA E 149 69.09 -7.10 9.39
N PHE E 150 69.88 -6.32 8.66
CA PHE E 150 70.48 -6.79 7.42
C PHE E 150 71.94 -7.20 7.64
N ASN E 151 72.55 -6.63 8.69
CA ASN E 151 73.95 -6.91 8.99
C ASN E 151 74.16 -8.39 9.31
N SER E 152 73.07 -9.07 9.67
CA SER E 152 73.16 -10.46 10.12
C SER E 152 73.07 -11.42 8.94
N VAL E 153 72.66 -10.90 7.79
CA VAL E 153 72.47 -11.74 6.61
C VAL E 153 73.46 -11.36 5.51
N PHE E 154 74.53 -10.67 5.90
CA PHE E 154 75.70 -10.53 5.04
C PHE E 154 76.91 -11.22 5.64
N VAL E 155 76.99 -11.21 6.98
CA VAL E 155 78.10 -11.86 7.68
C VAL E 155 77.94 -13.38 7.65
N ALA E 156 76.70 -13.84 7.61
CA ALA E 156 76.41 -15.26 7.72
C ALA E 156 76.55 -15.95 6.37
N LEU E 157 76.53 -15.16 5.30
CA LEU E 157 76.63 -15.69 3.94
C LEU E 157 77.99 -15.40 3.33
N GLY E 158 78.50 -14.21 3.56
CA GLY E 158 79.77 -13.79 3.00
C GLY E 158 79.59 -13.01 1.71
N ILE E 159 78.35 -12.63 1.44
CA ILE E 159 78.04 -11.90 0.21
C ILE E 159 78.03 -10.39 0.46
N ASP E 160 78.08 -9.62 -0.62
CA ASP E 160 78.28 -8.18 -0.52
C ASP E 160 76.97 -7.42 -0.65
N TYR E 161 76.03 -7.99 -1.39
CA TYR E 161 74.76 -7.33 -1.69
C TYR E 161 73.67 -8.33 -2.00
N ILE E 162 72.42 -7.91 -1.84
CA ILE E 162 71.28 -8.74 -2.21
C ILE E 162 70.30 -7.97 -3.11
N ASP E 163 70.07 -8.50 -4.31
CA ASP E 163 69.11 -7.91 -5.23
C ASP E 163 67.72 -8.48 -5.01
N ILE E 164 66.71 -7.61 -5.07
CA ILE E 164 65.33 -8.03 -4.82
C ILE E 164 64.37 -7.35 -5.80
N PRO E 165 63.51 -8.14 -6.43
CA PRO E 165 62.49 -7.61 -7.32
C PRO E 165 61.42 -6.86 -6.54
N ILE E 166 60.75 -5.92 -7.22
CA ILE E 166 59.80 -5.04 -6.56
C ILE E 166 58.39 -5.64 -6.58
N THR E 167 57.49 -5.04 -5.81
CA THR E 167 56.10 -5.49 -5.76
C THR E 167 55.19 -4.56 -6.55
N ASN E 168 54.34 -5.15 -7.37
CA ASN E 168 53.28 -4.39 -8.05
C ASN E 168 51.99 -4.40 -7.24
N SER E 169 51.45 -3.21 -6.99
CA SER E 169 50.25 -3.08 -6.17
C SER E 169 49.07 -3.81 -6.80
N ASN E 170 48.86 -3.59 -8.10
CA ASN E 170 47.78 -4.25 -8.82
C ASN E 170 48.09 -5.74 -9.04
N ILE E 171 47.21 -6.59 -8.55
CA ILE E 171 47.50 -8.02 -8.44
C ILE E 171 47.02 -8.76 -9.68
N PHE E 172 46.40 -8.04 -10.60
CA PHE E 172 45.90 -8.62 -11.84
C PHE E 172 46.72 -8.17 -13.04
N ASP E 173 47.66 -7.26 -12.79
CA ASP E 173 48.59 -6.84 -13.83
C ASP E 173 49.83 -7.72 -13.84
N ASP E 174 49.70 -8.90 -14.45
CA ASP E 174 50.79 -9.88 -14.46
C ASP E 174 51.76 -9.61 -15.60
N SER E 175 52.63 -8.61 -15.40
CA SER E 175 53.65 -8.28 -16.39
C SER E 175 55.02 -8.17 -15.74
N SER E 176 56.06 -8.16 -16.56
CA SER E 176 57.43 -7.96 -16.08
C SER E 176 57.57 -6.62 -15.36
N THR E 177 58.37 -6.60 -14.31
CA THR E 177 58.58 -5.39 -13.53
C THR E 177 59.43 -4.38 -14.28
N PRO E 178 59.17 -3.10 -14.05
CA PRO E 178 59.89 -2.04 -14.74
C PRO E 178 61.33 -1.93 -14.26
N TYR E 179 61.57 -2.37 -13.03
CA TYR E 179 62.90 -2.28 -12.43
C TYR E 179 62.98 -3.11 -11.16
N ASN E 180 64.19 -3.19 -10.59
CA ASN E 180 64.37 -3.83 -9.30
C ASN E 180 65.30 -3.02 -8.41
N VAL E 181 65.49 -3.49 -7.18
CA VAL E 181 66.31 -2.77 -6.21
C VAL E 181 67.45 -3.65 -5.70
N ARG E 182 68.49 -3.01 -5.16
CA ARG E 182 69.65 -3.74 -4.63
C ARG E 182 70.11 -3.13 -3.32
N ILE E 183 70.21 -3.99 -2.29
CA ILE E 183 70.64 -3.55 -0.97
C ILE E 183 72.10 -3.87 -0.72
N TRP E 184 72.87 -2.85 -0.33
CA TRP E 184 74.31 -3.01 -0.15
C TRP E 184 74.66 -3.13 1.33
N HIS E 185 75.69 -3.91 1.63
CA HIS E 185 76.30 -3.91 2.95
C HIS E 185 77.12 -2.66 3.19
N ALA E 186 76.71 -1.86 4.16
CA ALA E 186 77.45 -0.67 4.53
C ALA E 186 77.20 -0.28 5.98
N PRO E 187 78.20 -0.49 6.83
CA PRO E 187 78.07 -0.21 8.25
C PRO E 187 78.20 1.28 8.54
N THR E 188 79.32 1.86 8.13
CA THR E 188 79.71 3.18 8.61
C THR E 188 79.60 4.23 7.51
N MET E 189 79.94 5.46 7.85
CA MET E 189 79.83 6.57 6.90
C MET E 189 80.87 6.45 5.78
N THR E 190 82.01 5.85 6.10
CA THR E 190 83.14 5.81 5.19
C THR E 190 82.94 4.76 4.10
N GLU E 191 81.96 3.87 4.31
CA GLU E 191 81.65 2.84 3.33
C GLU E 191 80.80 3.39 2.20
N VAL E 192 79.82 4.23 2.54
CA VAL E 192 78.92 4.82 1.56
C VAL E 192 79.70 5.63 0.52
N ASN E 193 80.74 6.33 0.98
CA ASN E 193 81.60 7.10 0.09
C ASN E 193 82.35 6.18 -0.86
N HIS E 194 82.57 4.94 -0.44
CA HIS E 194 83.32 3.98 -1.24
C HIS E 194 82.42 3.30 -2.28
N ILE E 195 81.16 3.09 -1.92
CA ILE E 195 80.23 2.36 -2.77
C ILE E 195 79.69 3.26 -3.88
N LEU E 196 79.27 4.46 -3.51
CA LEU E 196 78.64 5.38 -4.45
C LEU E 196 79.63 5.81 -5.55
N ALA E 197 80.92 5.74 -5.23
CA ALA E 197 81.96 5.99 -6.21
C ALA E 197 82.19 4.77 -7.10
N LEU E 198 81.68 3.63 -6.67
CA LEU E 198 81.76 2.40 -7.45
C LEU E 198 80.53 2.23 -8.34
N MET E 199 79.42 2.84 -7.92
CA MET E 199 78.17 2.75 -8.67
C MET E 199 78.29 3.44 -10.03
N ARG E 200 79.24 4.35 -10.15
CA ARG E 200 79.49 5.05 -11.40
C ARG E 200 79.79 4.08 -12.52
N LYS E 201 79.85 4.60 -13.74
CA LYS E 201 80.19 3.79 -14.91
C LYS E 201 79.59 2.39 -14.80
N SER E 202 78.27 2.33 -14.72
CA SER E 202 77.56 1.06 -14.65
C SER E 202 76.13 1.19 -15.17
N THR E 203 75.86 0.57 -16.31
CA THR E 203 74.50 0.54 -16.86
C THR E 203 73.68 1.72 -16.36
N LEU E 204 72.53 1.42 -15.76
CA LEU E 204 71.56 2.46 -15.40
C LEU E 204 71.12 2.33 -13.95
N VAL E 205 71.59 3.24 -13.11
CA VAL E 205 71.28 3.21 -11.68
C VAL E 205 70.88 4.58 -11.17
N SER E 206 70.28 4.62 -9.99
CA SER E 206 69.89 5.87 -9.37
C SER E 206 69.78 5.74 -7.86
N THR E 207 69.79 6.87 -7.16
CA THR E 207 69.46 6.91 -5.74
C THR E 207 68.53 8.07 -5.43
N HIS E 208 68.27 8.27 -4.13
CA HIS E 208 67.34 9.31 -3.70
C HIS E 208 67.70 9.81 -2.31
N SER E 209 68.69 10.69 -2.23
CA SER E 209 68.96 11.46 -1.03
C SER E 209 69.16 10.53 0.17
N SER E 210 68.15 10.44 1.02
CA SER E 210 68.23 9.61 2.21
C SER E 210 67.59 8.25 1.98
N TRP E 211 67.46 7.47 3.05
CA TRP E 211 66.94 6.11 2.94
C TRP E 211 66.05 5.78 4.13
N HIS E 212 65.24 4.73 3.99
CA HIS E 212 64.43 4.23 5.09
C HIS E 212 65.29 3.60 6.17
N TRP E 213 65.41 2.27 6.13
CA TRP E 213 66.46 1.56 6.85
C TRP E 213 67.80 2.27 6.68
N ASN E 214 68.55 2.40 7.78
CA ASN E 214 69.83 3.07 7.75
C ASN E 214 70.89 2.22 7.06
N VAL E 215 70.65 1.91 5.79
CA VAL E 215 71.58 1.08 5.02
C VAL E 215 71.47 1.39 3.53
N LEU E 216 72.62 1.60 2.89
CA LEU E 216 72.66 2.02 1.50
C LEU E 216 71.96 0.99 0.60
N HIS E 217 71.06 1.47 -0.25
CA HIS E 217 70.50 0.64 -1.30
C HIS E 217 70.09 1.48 -2.51
N THR E 218 70.18 0.89 -3.69
CA THR E 218 70.08 1.64 -4.94
C THR E 218 69.06 1.00 -5.88
N PHE E 219 68.75 1.72 -6.97
CA PHE E 219 67.78 1.22 -7.94
C PHE E 219 68.47 0.83 -9.25
N HIS E 220 68.02 -0.26 -9.84
CA HIS E 220 68.56 -0.72 -11.12
C HIS E 220 67.46 -0.89 -12.15
N TYR E 221 67.55 -0.16 -13.25
CA TYR E 221 66.49 -0.13 -14.25
C TYR E 221 66.75 -1.12 -15.37
N ARG E 222 65.68 -1.54 -16.04
CA ARG E 222 65.77 -2.60 -17.04
C ARG E 222 66.29 -2.06 -18.37
N SER E 223 65.57 -1.11 -18.93
CA SER E 223 65.97 -0.49 -20.19
C SER E 223 65.96 1.03 -20.09
N GLU E 224 66.59 1.69 -21.06
CA GLU E 224 66.75 3.13 -21.02
C GLU E 224 65.41 3.84 -21.19
N SER E 225 64.50 3.22 -21.92
CA SER E 225 63.24 3.85 -22.29
C SER E 225 62.25 3.82 -21.12
N ASP E 226 62.57 3.03 -20.10
CA ASP E 226 61.67 2.84 -18.97
C ASP E 226 62.25 3.46 -17.69
N MET E 227 63.09 4.47 -17.86
CA MET E 227 63.64 5.21 -16.73
C MET E 227 62.90 6.52 -16.50
N ILE E 228 62.53 7.18 -17.59
CA ILE E 228 61.91 8.50 -17.50
C ILE E 228 60.49 8.41 -16.96
N ASP E 229 59.93 7.20 -16.99
CA ASP E 229 58.62 6.97 -16.40
C ASP E 229 58.68 6.91 -14.88
N HIS E 230 59.89 6.73 -14.35
CA HIS E 230 60.09 6.64 -12.91
C HIS E 230 60.59 7.95 -12.34
N PHE E 231 61.47 8.61 -13.08
CA PHE E 231 61.97 9.93 -12.67
C PHE E 231 60.86 10.96 -12.65
N ALA E 232 60.04 10.96 -13.70
CA ALA E 232 58.95 11.92 -13.83
C ALA E 232 57.84 11.64 -12.82
N ALA E 233 57.85 10.42 -12.26
CA ALA E 233 56.87 10.03 -11.27
C ALA E 233 57.26 10.51 -9.89
N ILE E 235 59.57 13.10 -9.35
CA ILE E 235 59.72 14.54 -9.42
C ILE E 235 58.39 15.24 -9.13
N LEU E 236 57.30 14.61 -9.57
CA LEU E 236 55.97 15.20 -9.39
C LEU E 236 55.62 15.31 -7.90
N GLU E 237 56.18 14.41 -7.10
CA GLU E 237 55.82 14.34 -5.69
C GLU E 237 56.56 15.42 -4.88
N ASP E 238 57.82 15.64 -5.22
CA ASP E 238 58.64 16.65 -4.55
C ASP E 238 58.05 18.05 -4.73
N TRP E 239 57.42 18.26 -5.89
CA TRP E 239 56.80 19.55 -6.18
C TRP E 239 55.58 19.79 -5.29
N ARG E 240 55.09 18.72 -4.67
CA ARG E 240 53.90 18.82 -3.83
C ARG E 240 54.28 18.88 -2.36
N GLN E 241 55.44 18.33 -2.02
CA GLN E 241 55.90 18.31 -0.64
C GLN E 241 56.40 19.68 -0.20
N LYS E 242 57.00 20.41 -1.15
CA LYS E 242 57.53 21.74 -0.86
C LYS E 242 56.48 22.81 -1.11
N GLU E 243 55.35 22.41 -1.68
CA GLU E 243 54.20 23.30 -1.83
C GLU E 243 53.57 23.60 -0.49
N LYS E 244 53.57 22.63 0.40
CA LYS E 244 52.99 22.79 1.73
C LYS E 244 54.02 23.36 2.71
N LEU E 245 55.29 23.14 2.42
CA LEU E 245 56.37 23.58 3.31
C LEU E 245 56.66 25.06 3.11
N ASP E 246 56.72 25.49 1.86
CA ASP E 246 57.05 26.87 1.54
C ASP E 246 56.03 27.85 2.12
N LYS E 247 54.79 27.38 2.22
CA LYS E 247 53.74 28.16 2.88
C LYS E 247 53.82 28.02 4.39
N GLY E 248 54.21 26.84 4.86
CA GLY E 248 54.35 26.58 6.28
C GLY E 248 53.21 25.72 6.82
N ALA E 249 53.51 24.47 7.12
CA ALA E 249 52.51 23.54 7.65
C ALA E 249 53.17 22.43 8.46
N LEU E 250 52.53 21.26 8.45
CA LEU E 250 53.12 20.07 9.05
C LEU E 250 53.03 18.88 8.12
N VAL E 251 54.20 18.35 7.73
CA VAL E 251 54.24 17.15 6.90
C VAL E 251 54.95 16.01 7.61
N GLU E 252 54.80 14.81 7.08
CA GLU E 252 55.29 13.60 7.75
C GLU E 252 56.07 12.72 6.78
N ALA E 253 56.27 13.21 5.57
CA ALA E 253 57.02 12.46 4.57
C ALA E 253 58.52 12.55 4.83
N ASP E 254 59.07 11.48 5.41
CA ASP E 254 60.49 11.43 5.72
C ASP E 254 61.33 11.45 4.45
N ARG E 255 62.59 11.84 4.59
CA ARG E 255 63.50 11.91 3.43
C ARG E 255 63.82 13.36 3.07
N VAL E 256 62.81 14.22 3.17
CA VAL E 256 62.99 15.64 2.90
C VAL E 256 62.89 15.94 1.41
N ILE E 257 63.70 15.24 0.61
CA ILE E 257 63.71 15.44 -0.83
C ILE E 257 63.33 14.16 -1.56
N GLN E 258 62.31 14.25 -2.42
CA GLN E 258 61.82 13.08 -3.15
C GLN E 258 62.52 12.93 -4.49
N ARG E 259 62.94 14.06 -5.06
CA ARG E 259 63.66 14.04 -6.34
C ARG E 259 64.71 12.95 -6.37
N LEU E 260 64.81 12.25 -7.49
CA LEU E 260 65.82 11.21 -7.66
C LEU E 260 67.14 11.81 -8.09
N ILE E 261 68.24 11.13 -7.75
CA ILE E 261 69.57 11.54 -8.18
C ILE E 261 70.18 10.54 -9.16
N PRO E 262 70.32 10.96 -10.41
CA PRO E 262 70.87 10.09 -11.44
C PRO E 262 72.38 9.94 -11.28
N LEU E 263 72.81 8.72 -10.97
CA LEU E 263 74.22 8.36 -11.03
C LEU E 263 74.67 8.10 -12.47
N SER E 264 75.04 6.84 -12.73
CA SER E 264 75.25 6.38 -14.11
C SER E 264 73.92 6.28 -14.85
N SER E 265 73.79 7.08 -15.91
CA SER E 265 72.52 7.20 -16.61
C SER E 265 72.74 7.63 -18.07
N SER E 266 71.64 7.88 -18.76
CA SER E 266 71.70 8.27 -20.17
C SER E 266 71.85 9.78 -20.32
N THR E 267 71.07 10.36 -21.23
CA THR E 267 71.18 11.78 -21.54
C THR E 267 69.81 12.44 -21.55
N TYR E 268 68.76 11.63 -21.40
CA TYR E 268 67.40 12.13 -21.38
C TYR E 268 66.96 12.48 -19.97
N VAL E 269 67.58 11.85 -18.99
CA VAL E 269 67.25 12.08 -17.58
C VAL E 269 68.19 13.09 -16.96
N GLN E 270 69.25 13.44 -17.68
CA GLN E 270 70.12 14.56 -17.30
C GLN E 270 69.46 15.89 -17.64
N ARG E 271 68.77 15.94 -18.76
CA ARG E 271 67.96 17.10 -19.12
C ARG E 271 66.73 17.21 -18.21
N LEU E 272 66.16 16.07 -17.87
CA LEU E 272 64.96 16.04 -17.03
C LEU E 272 65.30 16.37 -15.58
N ALA E 273 66.46 15.93 -15.12
CA ALA E 273 66.88 16.18 -13.75
C ALA E 273 67.12 17.67 -13.51
N ALA E 274 67.65 18.34 -14.53
CA ALA E 274 68.00 19.75 -14.40
C ALA E 274 66.76 20.62 -14.19
N ILE E 275 65.75 20.39 -15.01
CA ILE E 275 64.54 21.22 -14.98
C ILE E 275 63.74 20.99 -13.70
N GLY E 276 63.95 19.84 -13.09
CA GLY E 276 63.19 19.46 -11.90
C GLY E 276 63.86 19.97 -10.63
N ALA E 277 65.15 20.30 -10.73
CA ALA E 277 65.97 20.61 -9.56
C ALA E 277 66.07 22.11 -9.35
N LEU E 278 65.11 22.86 -9.91
CA LEU E 278 65.10 24.30 -9.77
C LEU E 278 63.69 24.80 -9.46
N TYR E 279 62.76 23.86 -9.27
CA TYR E 279 61.41 24.20 -8.82
C TYR E 279 60.83 25.33 -9.67
N PRO E 280 60.40 24.99 -10.88
CA PRO E 280 59.88 25.99 -11.81
C PRO E 280 58.67 26.71 -11.24
N ASN E 281 58.26 27.79 -11.90
CA ASN E 281 57.25 28.69 -11.37
C ASN E 281 55.86 28.33 -11.91
N GLU E 282 55.66 27.05 -12.20
CA GLU E 282 54.34 26.55 -12.58
C GLU E 282 53.28 26.96 -11.57
N PHE E 283 52.93 28.24 -11.56
CA PHE E 283 51.86 28.74 -10.71
C PHE E 283 51.08 29.86 -11.39
N THR E 284 49.84 29.56 -11.77
CA THR E 284 49.28 28.23 -11.59
C THR E 284 49.96 27.21 -12.50
N GLU E 285 49.56 25.95 -12.36
CA GLU E 285 50.35 24.84 -12.89
C GLU E 285 50.75 25.08 -14.33
N ASN E 286 49.76 25.16 -15.21
CA ASN E 286 49.99 25.04 -16.64
C ASN E 286 50.77 23.77 -16.96
N VAL E 287 51.84 23.92 -17.76
CA VAL E 287 52.78 22.83 -17.99
C VAL E 287 52.17 21.77 -18.89
N LEU E 288 50.85 21.70 -18.91
CA LEU E 288 50.15 20.52 -19.42
C LEU E 288 50.50 19.28 -18.61
N ASP E 289 49.94 19.19 -17.40
CA ASP E 289 50.44 18.27 -16.40
C ASP E 289 49.76 16.91 -16.49
N LEU E 290 48.43 16.93 -16.59
CA LEU E 290 47.64 15.71 -16.55
C LEU E 290 48.24 14.64 -17.47
N SER E 291 48.39 14.97 -18.74
CA SER E 291 49.06 14.09 -19.69
C SER E 291 49.72 14.88 -20.81
N ARG E 292 50.84 14.38 -21.31
CA ARG E 292 51.34 13.07 -20.90
C ARG E 292 52.32 13.19 -19.74
N LEU E 293 52.74 14.42 -19.46
CA LEU E 293 53.67 14.67 -18.36
C LEU E 293 55.09 14.26 -18.73
N SER E 294 55.24 13.00 -19.13
CA SER E 294 56.56 12.45 -19.43
C SER E 294 57.16 13.10 -20.67
N THR E 295 56.31 13.76 -21.46
CA THR E 295 56.76 14.48 -22.65
C THR E 295 56.58 15.97 -22.50
N ALA E 296 55.65 16.36 -21.63
CA ALA E 296 55.41 17.78 -21.36
C ALA E 296 56.56 18.39 -20.59
N LEU E 297 57.17 17.60 -19.70
CA LEU E 297 58.30 18.08 -18.90
C LEU E 297 59.58 18.13 -19.73
N LEU E 298 59.63 17.34 -20.79
CA LEU E 298 60.75 17.38 -21.73
C LEU E 298 60.70 18.65 -22.58
N GLN E 299 59.49 19.10 -22.90
CA GLN E 299 59.31 20.37 -23.58
C GLN E 299 59.56 21.54 -22.63
N LEU E 300 59.23 21.35 -21.36
CA LEU E 300 59.49 22.36 -20.35
C LEU E 300 60.99 22.59 -20.15
N SER E 301 61.75 21.49 -20.15
CA SER E 301 63.19 21.56 -19.95
C SER E 301 63.86 22.32 -21.10
N ASP E 302 63.22 22.33 -22.26
CA ASP E 302 63.72 23.07 -23.41
C ASP E 302 63.51 24.56 -23.25
N THR E 303 62.57 24.93 -22.39
CA THR E 303 62.25 26.34 -22.17
C THR E 303 63.42 27.08 -21.55
N TYR E 304 63.89 26.61 -20.41
CA TYR E 304 64.86 27.34 -19.60
C TYR E 304 66.21 27.39 -20.30
N TYR E 305 66.38 26.56 -21.33
CA TYR E 305 67.63 26.50 -22.07
C TYR E 305 67.92 27.81 -22.78
N GLN E 306 66.88 28.43 -23.32
CA GLN E 306 67.02 29.71 -24.01
C GLN E 306 66.34 30.83 -23.23
N HIS E 307 65.42 30.46 -22.35
CA HIS E 307 64.57 31.45 -21.67
C HIS E 307 65.21 31.89 -20.36
N ALA E 308 64.77 33.04 -19.86
CA ALA E 308 63.56 33.68 -20.36
C ALA E 308 63.80 35.16 -20.63
N ASN E 309 65.05 35.59 -20.49
CA ASN E 309 65.63 35.84 -19.16
C ASN E 309 66.96 35.13 -19.01
N ASP E 310 67.57 35.29 -17.84
CA ASP E 310 69.03 35.27 -17.72
C ASP E 310 69.49 34.17 -16.79
N GLN E 311 69.92 34.56 -15.60
CA GLN E 311 70.63 33.66 -14.70
C GLN E 311 69.80 32.42 -14.39
N LEU E 312 68.52 32.47 -14.77
CA LEU E 312 67.68 31.27 -14.77
C LEU E 312 68.18 30.25 -15.77
N ARG E 313 68.52 30.71 -16.97
CA ARG E 313 69.20 29.88 -17.94
C ARG E 313 70.53 29.35 -17.40
N ARG E 314 71.29 30.24 -16.76
CA ARG E 314 72.60 29.88 -16.25
C ARG E 314 72.50 28.77 -15.20
N LEU E 315 71.54 28.92 -14.29
CA LEU E 315 71.28 27.89 -13.28
C LEU E 315 70.94 26.55 -13.93
N TYR E 316 70.10 26.60 -14.97
CA TYR E 316 69.73 25.41 -15.70
C TYR E 316 70.95 24.72 -16.30
N ARG E 317 71.86 25.52 -16.87
CA ARG E 317 73.02 25.00 -17.57
C ARG E 317 74.10 24.58 -16.58
N ARG E 318 74.04 25.11 -15.37
CA ARG E 318 74.94 24.70 -14.30
C ARG E 318 74.50 23.39 -13.67
N MET E 319 73.30 22.94 -14.03
CA MET E 319 72.78 21.68 -13.52
C MET E 319 72.77 20.61 -14.60
N TYR E 320 72.62 21.04 -15.85
CA TYR E 320 72.63 20.12 -16.98
C TYR E 320 73.99 19.43 -17.12
N ASN E 321 75.06 20.22 -17.10
CA ASN E 321 76.40 19.69 -17.27
C ASN E 321 76.83 18.86 -16.07
N ASP E 322 76.34 19.24 -14.89
CA ASP E 322 76.69 18.55 -13.66
C ASP E 322 75.82 17.33 -13.42
N SER E 323 74.60 17.57 -12.95
CA SER E 323 73.71 16.49 -12.55
C SER E 323 74.48 15.36 -11.88
N ARG E 324 75.21 15.70 -10.83
CA ARG E 324 75.88 14.70 -10.00
C ARG E 324 75.73 15.01 -8.52
N THR E 325 75.18 16.18 -8.22
CA THR E 325 75.06 16.63 -6.83
C THR E 325 73.61 16.93 -6.50
N LEU E 326 73.30 16.97 -5.19
CA LEU E 326 71.95 17.24 -4.74
C LEU E 326 71.75 18.72 -4.46
N TYR E 327 70.89 19.35 -5.24
CA TYR E 327 70.70 20.81 -5.17
C TYR E 327 69.56 21.17 -4.22
N MET E 328 69.85 22.04 -3.27
CA MET E 328 68.87 22.44 -2.28
C MET E 328 68.80 23.96 -2.13
N THR E 329 67.78 24.43 -1.42
CA THR E 329 67.52 25.86 -1.33
C THR E 329 67.46 26.33 0.12
N GLN E 330 68.63 26.53 0.72
CA GLN E 330 68.71 27.08 2.06
C GLN E 330 67.66 26.47 2.98
N ARG E 331 66.46 27.01 2.93
CA ARG E 331 65.41 26.64 3.87
C ARG E 331 65.19 25.14 3.89
N HIS E 332 65.15 24.53 2.71
CA HIS E 332 64.87 23.11 2.58
C HIS E 332 66.04 22.27 3.07
N GLN E 333 67.23 22.84 3.01
CA GLN E 333 68.43 22.15 3.49
C GLN E 333 68.46 22.09 5.01
N GLU E 334 67.85 23.07 5.65
CA GLU E 334 67.89 23.20 7.10
C GLU E 334 67.22 22.01 7.78
N LEU E 335 66.33 21.35 7.04
CA LEU E 335 65.60 20.21 7.57
C LEU E 335 66.52 19.04 7.90
N LEU E 336 67.59 18.92 7.13
CA LEU E 336 68.58 17.88 7.36
C LEU E 336 69.51 18.24 8.51
N LEU E 337 69.84 19.53 8.60
CA LEU E 337 70.67 20.02 9.69
C LEU E 337 69.96 19.89 11.03
N ALA E 338 68.64 19.97 11.00
CA ALA E 338 67.84 19.93 12.22
C ALA E 338 67.73 18.51 12.76
N GLN E 339 67.86 17.53 11.87
CA GLN E 339 67.59 16.14 12.21
C GLN E 339 68.87 15.32 12.25
N ILE E 340 69.96 15.91 11.77
CA ILE E 340 71.27 15.28 11.84
C ILE E 340 71.89 15.42 13.21
N THR E 341 71.42 16.41 13.98
CA THR E 341 71.90 16.63 15.33
C THR E 341 70.93 16.04 16.35
N ALA E 342 69.72 15.74 15.92
CA ALA E 342 68.73 15.09 16.77
C ALA E 342 69.05 13.61 16.98
N ASP E 343 69.73 13.02 16.01
CA ASP E 343 70.13 11.62 16.10
C ASP E 343 71.37 11.35 15.24
N PRO E 344 72.51 11.20 15.90
CA PRO E 344 73.76 10.92 15.20
C PRO E 344 73.76 9.50 14.62
N ASN E 345 74.73 9.23 13.76
CA ASN E 345 74.84 7.91 13.13
C ASN E 345 73.66 7.66 12.20
N ILE E 346 73.53 8.47 11.15
CA ILE E 346 72.54 8.25 10.11
C ILE E 346 73.05 8.72 8.76
N LEU E 347 72.85 7.89 7.74
CA LEU E 347 73.47 8.10 6.44
C LEU E 347 72.70 9.12 5.62
N LEU E 348 73.41 10.06 5.02
CA LEU E 348 72.83 10.95 4.02
C LEU E 348 73.70 11.01 2.76
N TYR E 349 73.14 11.55 1.69
CA TYR E 349 73.87 11.72 0.44
C TYR E 349 75.02 12.70 0.61
N PRO E 350 76.23 12.24 0.32
CA PRO E 350 77.44 12.99 0.67
C PRO E 350 77.46 14.33 -0.03
N TYR E 351 77.02 14.36 -1.29
CA TYR E 351 77.31 15.48 -2.18
C TYR E 351 76.12 16.42 -2.28
N THR E 352 76.24 17.57 -1.63
CA THR E 352 75.16 18.54 -1.60
C THR E 352 75.62 19.91 -2.11
N TYR E 353 74.69 20.72 -2.58
CA TYR E 353 74.99 22.08 -3.00
C TYR E 353 73.83 23.02 -2.67
N ILE E 354 74.17 24.21 -2.18
CA ILE E 354 73.16 25.15 -1.69
C ILE E 354 73.16 26.43 -2.50
N PHE E 355 71.98 26.85 -2.93
CA PHE E 355 71.81 28.14 -3.59
C PHE E 355 70.57 28.86 -3.10
N THR E 356 70.54 30.18 -3.27
CA THR E 356 69.52 31.01 -2.65
C THR E 356 68.80 31.87 -3.69
N THR E 357 69.09 31.60 -4.96
CA THR E 357 68.49 32.37 -6.05
C THR E 357 67.36 31.59 -6.72
N ILE E 358 66.14 32.12 -6.60
CA ILE E 358 64.98 31.48 -7.20
C ILE E 358 64.76 31.98 -8.63
N PRO E 359 64.87 33.29 -8.81
CA PRO E 359 64.63 34.24 -7.73
C PRO E 359 63.13 34.53 -7.58
N THR E 360 62.44 34.68 -8.71
CA THR E 360 61.11 35.25 -8.71
C THR E 360 60.20 34.51 -9.69
N SER E 361 58.96 34.97 -9.80
CA SER E 361 58.00 34.38 -10.72
C SER E 361 57.36 35.44 -11.60
N MET E 362 56.45 35.01 -12.48
CA MET E 362 55.89 35.88 -13.51
C MET E 362 54.81 36.78 -12.94
N ASN E 363 53.97 36.21 -12.09
CA ASN E 363 53.60 34.80 -12.20
C ASN E 363 52.44 34.61 -13.17
N TYR E 364 51.87 33.40 -13.18
CA TYR E 364 50.79 33.07 -14.08
C TYR E 364 49.50 32.81 -13.31
N ILE E 365 48.39 32.69 -14.05
CA ILE E 365 47.15 32.17 -13.49
C ILE E 365 46.30 31.50 -14.55
N SER E 366 45.70 30.37 -14.20
CA SER E 366 44.92 29.59 -15.14
C SER E 366 44.16 28.47 -14.44
N ASN E 367 43.30 27.77 -15.20
CA ASN E 367 42.64 26.57 -14.70
C ASN E 367 42.48 25.54 -15.80
N THR E 368 42.35 24.28 -15.40
CA THR E 368 42.35 23.17 -16.35
C THR E 368 41.12 22.29 -16.18
N GLY E 369 40.12 22.82 -15.47
CA GLY E 369 38.87 22.10 -15.26
C GLY E 369 37.84 22.46 -16.33
N GLN E 370 36.97 21.50 -16.65
CA GLN E 370 35.87 21.75 -17.58
C GLN E 370 35.26 23.13 -17.35
N GLY E 371 35.03 23.85 -18.44
CA GLY E 371 34.32 25.13 -18.38
C GLY E 371 34.42 25.88 -19.70
N ARG E 372 33.54 26.86 -19.89
CA ARG E 372 33.56 27.68 -21.09
C ARG E 372 33.47 29.16 -20.74
N ILE E 373 34.62 29.83 -20.78
CA ILE E 373 34.74 31.16 -20.20
C ILE E 373 34.18 32.23 -21.13
N LYS E 374 33.34 33.10 -20.57
CA LYS E 374 32.92 34.31 -21.27
C LYS E 374 33.86 35.47 -20.98
N HIS E 375 34.02 36.36 -21.96
CA HIS E 375 34.88 37.52 -21.80
C HIS E 375 34.08 38.81 -21.90
N SER E 376 34.62 39.88 -21.31
CA SER E 376 34.04 41.20 -21.46
C SER E 376 35.11 42.25 -21.70
N LEU E 377 35.15 42.77 -22.93
CA LEU E 377 36.29 43.55 -23.40
C LEU E 377 36.03 45.05 -23.22
N THR E 378 37.11 45.81 -23.02
CA THR E 378 37.00 47.25 -22.83
C THR E 378 37.78 48.02 -23.89
N VAL E 379 37.72 49.34 -23.82
CA VAL E 379 38.26 50.19 -24.87
C VAL E 379 39.49 50.96 -24.38
N THR E 380 39.95 50.63 -23.18
CA THR E 380 41.14 51.24 -22.62
C THR E 380 42.08 50.19 -22.04
N GLY E 381 43.33 50.59 -21.80
CA GLY E 381 44.35 49.67 -21.31
C GLY E 381 45.66 50.39 -21.05
N ALA E 382 46.75 49.62 -20.95
CA ALA E 382 48.03 50.16 -20.56
C ALA E 382 49.08 49.95 -21.64
N THR E 383 48.64 49.51 -22.81
CA THR E 383 49.53 49.25 -23.93
C THR E 383 49.22 50.14 -25.12
N GLU E 384 50.11 50.17 -26.10
CA GLU E 384 49.94 51.02 -27.27
C GLU E 384 50.15 50.21 -28.55
N HIS E 385 49.10 50.13 -29.36
CA HIS E 385 49.16 49.41 -30.64
C HIS E 385 49.29 50.38 -31.81
N ASP E 386 50.09 49.98 -32.80
CA ASP E 386 50.17 50.72 -34.05
C ASP E 386 50.44 49.80 -35.23
N THR E 387 49.64 49.94 -36.28
CA THR E 387 49.84 49.16 -37.50
C THR E 387 50.16 47.70 -37.16
N VAL E 388 49.12 46.90 -36.95
CA VAL E 388 49.29 45.50 -36.58
C VAL E 388 48.79 44.59 -37.69
N ALA E 389 48.94 43.27 -37.48
CA ALA E 389 48.52 42.29 -38.46
C ALA E 389 47.01 42.17 -38.50
N ASP E 390 46.51 41.27 -39.35
CA ASP E 390 45.07 41.10 -39.55
C ASP E 390 44.62 39.72 -39.14
N ILE E 391 45.31 39.12 -38.19
CA ILE E 391 44.85 37.88 -37.56
C ILE E 391 43.66 37.30 -38.30
N VAL E 392 43.92 36.36 -39.19
CA VAL E 392 42.88 35.76 -40.03
C VAL E 392 42.50 34.39 -39.51
N LEU E 393 41.20 34.10 -39.49
CA LEU E 393 40.70 32.79 -39.11
C LEU E 393 39.61 32.32 -40.07
N GLY E 394 39.44 31.00 -40.17
CA GLY E 394 38.45 30.41 -41.05
C GLY E 394 38.16 28.97 -40.68
N GLN E 395 37.18 28.36 -41.37
CA GLN E 395 36.79 26.99 -41.10
C GLN E 395 36.33 26.81 -39.67
N THR E 396 35.02 26.67 -39.49
CA THR E 396 34.44 26.40 -38.17
C THR E 396 34.25 24.92 -37.95
N GLY E 397 33.85 24.21 -39.01
CA GLY E 397 33.38 22.84 -38.89
C GLY E 397 31.89 22.80 -38.56
N GLU E 398 31.32 21.60 -38.56
CA GLU E 398 29.92 21.41 -38.19
C GLU E 398 29.78 20.50 -36.97
N ASP E 399 30.90 19.97 -36.51
CA ASP E 399 30.91 19.07 -35.37
C ASP E 399 31.08 19.85 -34.06
N VAL E 400 32.09 20.73 -34.03
CA VAL E 400 32.36 21.53 -32.84
C VAL E 400 31.38 22.67 -32.72
N ILE E 401 31.31 23.51 -33.75
CA ILE E 401 30.45 24.68 -33.74
C ILE E 401 29.28 24.50 -34.71
N THR E 402 28.08 24.35 -34.17
CA THR E 402 26.87 24.32 -34.99
C THR E 402 26.17 25.67 -34.97
N ILE E 403 25.82 26.17 -36.14
CA ILE E 403 25.18 27.47 -36.27
C ILE E 403 23.73 27.35 -36.73
N SER E 404 22.81 27.79 -35.88
CA SER E 404 21.39 27.75 -36.21
C SER E 404 20.71 29.06 -35.83
N MET E 405 19.37 29.05 -35.87
CA MET E 405 18.60 30.25 -35.61
C MET E 405 17.11 29.96 -35.63
N VAL E 406 16.39 30.51 -34.66
CA VAL E 406 14.98 30.84 -34.84
C VAL E 406 14.63 32.18 -34.19
N GLU E 407 14.56 32.18 -32.87
CA GLU E 407 15.24 31.18 -32.06
C GLU E 407 14.26 30.45 -31.14
N PRO E 408 14.62 29.24 -30.72
CA PRO E 408 13.91 28.55 -29.66
C PRO E 408 14.03 29.29 -28.33
N MET E 409 12.98 29.25 -27.53
CA MET E 409 12.96 29.92 -26.24
C MET E 409 12.45 28.99 -25.15
N SER E 410 12.51 29.47 -23.90
CA SER E 410 12.01 28.71 -22.77
C SER E 410 11.24 29.59 -21.79
N ILE E 411 9.96 29.32 -21.65
CA ILE E 411 9.11 30.08 -20.73
C ILE E 411 8.51 29.17 -19.65
N ALA E 412 7.25 29.42 -19.32
CA ALA E 412 6.58 28.67 -18.27
C ALA E 412 5.43 27.85 -18.83
N VAL E 413 4.27 27.96 -18.22
CA VAL E 413 3.10 27.16 -18.60
C VAL E 413 1.88 28.03 -18.82
N GLU E 414 1.50 28.80 -17.80
CA GLU E 414 0.34 29.67 -17.88
C GLU E 414 0.63 30.88 -18.76
N ASP E 415 1.91 31.18 -18.96
CA ASP E 415 2.31 32.35 -19.72
C ASP E 415 2.04 32.17 -21.20
N MET E 416 1.80 30.93 -21.60
CA MET E 416 1.44 30.63 -22.99
C MET E 416 0.10 31.25 -23.36
N TYR E 417 -0.72 31.51 -22.35
CA TYR E 417 -2.08 31.98 -22.58
C TYR E 417 -2.33 33.30 -21.87
N GLY E 418 -2.24 34.40 -22.63
CA GLY E 418 -2.55 35.72 -22.10
C GLY E 418 -2.86 36.70 -23.23
N TYR E 419 -3.56 37.79 -22.88
CA TYR E 419 -4.01 38.75 -23.89
C TYR E 419 -4.08 40.15 -23.31
N VAL E 420 -4.19 41.15 -24.19
CA VAL E 420 -4.36 42.53 -23.76
C VAL E 420 -5.54 43.18 -24.47
N LEU E 421 -6.49 43.67 -23.68
CA LEU E 421 -7.72 44.26 -24.23
C LEU E 421 -7.56 45.75 -24.43
N ASP E 422 -8.00 46.24 -25.59
CA ASP E 422 -8.03 47.66 -25.86
C ASP E 422 -9.43 48.24 -25.69
N THR E 423 -9.53 49.56 -25.70
CA THR E 423 -10.81 50.24 -25.53
C THR E 423 -10.92 51.45 -26.43
N PRO E 424 -12.04 51.57 -27.15
CA PRO E 424 -12.31 52.75 -27.96
C PRO E 424 -12.28 54.02 -27.11
N THR E 425 -12.32 55.17 -27.78
CA THR E 425 -12.08 56.44 -27.12
C THR E 425 -12.88 57.56 -27.76
N ARG E 426 -13.35 57.32 -28.98
CA ARG E 426 -14.05 58.34 -29.75
C ARG E 426 -15.56 58.15 -29.68
N ASP E 427 -16.30 59.24 -29.85
CA ASP E 427 -17.75 59.21 -29.72
C ASP E 427 -18.43 59.72 -30.99
N ILE E 428 -17.64 60.35 -31.85
CA ILE E 428 -18.16 60.87 -33.11
C ILE E 428 -17.26 60.49 -34.28
N TRP E 429 -17.88 60.14 -35.40
CA TRP E 429 -17.14 59.90 -36.64
C TRP E 429 -17.47 60.95 -37.69
N PRO E 430 -16.58 61.92 -37.84
CA PRO E 430 -16.84 63.08 -38.71
C PRO E 430 -17.11 62.63 -40.13
N ALA E 431 -17.96 63.38 -40.84
CA ALA E 431 -18.29 63.08 -42.23
C ALA E 431 -17.26 63.68 -43.18
N ASP E 432 -16.36 64.49 -42.63
CA ASP E 432 -15.27 65.07 -43.42
C ASP E 432 -14.01 64.23 -43.31
N GLU E 433 -13.95 63.38 -42.29
CA GLU E 433 -12.80 62.53 -42.06
C GLU E 433 -13.10 61.08 -42.42
N GLN E 434 -14.35 60.82 -42.80
CA GLN E 434 -14.78 59.48 -43.17
C GLN E 434 -14.26 59.11 -44.57
N ILE E 435 -13.91 60.11 -45.35
CA ILE E 435 -13.34 59.89 -46.68
C ILE E 435 -11.84 60.16 -46.69
N GLU E 436 -11.35 60.83 -45.65
CA GLU E 436 -9.92 61.00 -45.45
C GLU E 436 -9.27 59.70 -44.96
N GLN E 437 -9.95 59.01 -44.05
CA GLN E 437 -9.49 57.71 -43.59
C GLN E 437 -9.63 56.65 -44.67
N LYS E 438 -10.64 56.79 -45.51
CA LYS E 438 -10.85 55.88 -46.63
C LYS E 438 -9.69 55.94 -47.61
N GLY E 439 -9.27 57.16 -47.96
CA GLY E 439 -8.19 57.35 -48.93
C GLY E 439 -6.91 56.71 -48.45
N ASP E 440 -6.71 56.69 -47.13
CA ASP E 440 -5.53 56.09 -46.54
C ASP E 440 -5.56 54.57 -46.67
N ALA E 441 -6.74 53.99 -46.47
CA ALA E 441 -6.92 52.55 -46.57
C ALA E 441 -6.80 52.08 -48.02
N VAL E 442 -7.34 52.85 -48.94
CA VAL E 442 -7.34 52.49 -50.35
C VAL E 442 -5.94 52.59 -50.94
N ALA E 443 -5.25 53.68 -50.63
CA ALA E 443 -3.92 53.93 -51.17
C ALA E 443 -2.90 52.97 -50.58
N LEU E 444 -3.11 52.58 -49.33
CA LEU E 444 -2.19 51.68 -48.64
C LEU E 444 -2.33 50.24 -49.13
N TYR E 445 -3.58 49.81 -49.31
CA TYR E 445 -3.87 48.43 -49.66
C TYR E 445 -3.14 48.01 -50.93
N ASP E 446 -3.12 48.91 -51.90
CA ASP E 446 -2.59 48.60 -53.23
C ASP E 446 -1.21 47.96 -53.12
N THR E 447 -0.34 48.56 -52.32
CA THR E 447 1.00 48.02 -52.09
C THR E 447 1.10 47.32 -50.75
N LYS E 448 1.43 46.03 -50.79
CA LYS E 448 1.52 45.23 -49.57
C LYS E 448 2.55 45.80 -48.60
N THR E 449 2.46 45.39 -47.34
CA THR E 449 3.31 45.96 -46.29
C THR E 449 4.78 45.79 -46.63
N SER E 450 5.63 46.50 -45.89
CA SER E 450 7.05 46.55 -46.21
C SER E 450 7.63 45.16 -46.43
N ARG E 451 8.53 45.05 -47.40
CA ARG E 451 9.26 43.80 -47.62
C ARG E 451 10.17 43.49 -46.45
N ALA E 452 10.66 44.54 -45.79
CA ALA E 452 11.54 44.37 -44.64
C ALA E 452 10.78 43.87 -43.43
N LEU E 453 9.52 44.28 -43.32
CA LEU E 453 8.64 43.78 -42.26
C LEU E 453 8.37 42.29 -42.42
N GLY E 454 8.35 41.82 -43.66
CA GLY E 454 8.02 40.43 -43.95
C GLY E 454 9.26 39.55 -43.86
N MET E 455 10.38 40.14 -43.48
CA MET E 455 11.62 39.40 -43.30
C MET E 455 11.59 38.58 -42.01
N PHE E 456 10.61 38.87 -41.15
CA PHE E 456 10.49 38.20 -39.87
C PHE E 456 9.11 37.58 -39.70
N ASN E 457 8.17 38.00 -40.54
CA ASN E 457 6.78 37.60 -40.40
C ASN E 457 6.62 36.10 -40.62
N ASN E 458 6.90 35.65 -41.84
CA ASN E 458 6.71 34.26 -42.21
C ASN E 458 8.01 33.47 -42.07
N THR E 459 9.03 34.12 -41.51
CA THR E 459 10.30 33.46 -41.26
C THR E 459 10.26 32.65 -39.98
N VAL E 460 9.76 33.28 -38.91
CA VAL E 460 9.56 32.58 -37.64
C VAL E 460 8.09 32.60 -37.23
N ARG E 461 7.67 31.53 -36.56
CA ARG E 461 6.27 31.41 -36.15
C ARG E 461 6.17 30.85 -34.73
N ILE E 462 5.00 31.04 -34.11
CA ILE E 462 4.78 30.57 -32.75
C ILE E 462 5.02 29.07 -32.63
N ASP E 463 4.62 28.33 -33.66
CA ASP E 463 4.80 26.89 -33.68
C ASP E 463 6.26 26.51 -33.41
N ASP E 464 7.18 27.26 -33.99
CA ASP E 464 8.60 26.95 -33.89
C ASP E 464 9.16 27.39 -32.54
N LEU E 465 8.34 28.10 -31.76
CA LEU E 465 8.79 28.66 -30.50
C LEU E 465 8.33 27.82 -29.31
N LEU E 466 7.08 27.40 -29.35
CA LEU E 466 6.44 26.77 -28.20
C LEU E 466 6.43 25.26 -28.32
N SER E 467 6.39 24.76 -29.56
CA SER E 467 6.25 23.35 -29.83
C SER E 467 7.44 22.56 -29.28
N PRO E 468 8.63 23.09 -29.50
CA PRO E 468 9.86 22.44 -29.02
C PRO E 468 9.74 22.06 -27.55
N LEU E 469 9.27 23.00 -26.74
CA LEU E 469 9.08 22.75 -25.31
C LEU E 469 7.81 21.96 -25.06
N LEU E 470 6.78 22.23 -25.85
CA LEU E 470 5.46 21.65 -25.63
C LEU E 470 5.50 20.13 -25.80
N SER E 471 6.45 19.65 -26.59
CA SER E 471 6.57 18.22 -26.87
C SER E 471 7.62 17.57 -25.98
N LEU E 472 8.11 18.32 -25.00
CA LEU E 472 9.02 17.78 -24.01
C LEU E 472 8.29 17.42 -22.72
N VAL E 473 7.16 18.09 -22.48
CA VAL E 473 6.25 17.70 -21.41
C VAL E 473 5.39 16.51 -21.82
N TYR E 474 5.45 16.16 -23.10
CA TYR E 474 4.93 14.89 -23.58
C TYR E 474 5.72 13.72 -23.01
N ARG E 475 7.04 13.82 -23.08
CA ARG E 475 7.92 12.81 -22.50
C ARG E 475 7.75 12.74 -20.99
N THR E 476 7.47 13.89 -20.38
CA THR E 476 7.18 13.95 -18.95
C THR E 476 5.89 13.21 -18.62
N TYR E 477 4.85 13.45 -19.41
CA TYR E 477 3.58 12.76 -19.24
C TYR E 477 3.77 11.26 -19.14
N ILE E 478 4.65 10.72 -19.99
CA ILE E 478 4.86 9.28 -20.07
C ILE E 478 5.50 8.75 -18.79
N LYS E 479 4.76 7.91 -18.07
CA LYS E 479 5.30 7.21 -16.92
C LYS E 479 5.31 8.09 -15.68
N GLY E 480 5.44 9.39 -15.90
CA GLY E 480 5.65 10.33 -14.80
C GLY E 480 4.52 11.36 -14.73
N ASP E 481 4.12 11.70 -13.51
CA ASP E 481 3.25 12.85 -13.28
C ASP E 481 2.99 13.06 -11.81
N THR E 482 2.38 14.20 -11.47
CA THR E 482 2.00 14.49 -10.09
C THR E 482 0.55 14.94 -10.00
N MET E 483 0.18 15.52 -8.86
CA MET E 483 -1.12 16.16 -8.70
C MET E 483 -1.39 17.14 -9.84
N THR E 484 -2.43 16.87 -10.61
CA THR E 484 -2.74 17.66 -11.80
C THR E 484 -3.80 18.70 -11.53
N MET E 485 -4.93 18.24 -10.99
CA MET E 485 -6.05 19.13 -10.67
C MET E 485 -6.79 19.56 -11.92
N THR E 486 -8.05 19.16 -12.03
CA THR E 486 -8.89 19.55 -13.16
C THR E 486 -9.02 21.06 -13.26
N GLN E 487 -9.40 21.54 -14.43
CA GLN E 487 -9.78 22.94 -14.60
C GLN E 487 -8.55 23.83 -14.75
N GLY E 488 -7.46 23.44 -14.09
CA GLY E 488 -6.26 24.28 -14.02
C GLY E 488 -5.69 24.54 -15.41
N SER E 489 -4.71 25.44 -15.48
CA SER E 489 -4.06 25.75 -16.74
C SER E 489 -3.19 24.60 -17.22
N LEU E 490 -2.72 23.78 -16.28
CA LEU E 490 -1.96 22.59 -16.60
C LEU E 490 -2.87 21.48 -17.13
N ASP E 491 -4.15 21.56 -16.78
CA ASP E 491 -5.08 20.48 -17.05
C ASP E 491 -5.33 20.31 -18.54
N HIS E 492 -5.88 21.35 -19.16
CA HIS E 492 -6.26 21.30 -20.57
C HIS E 492 -5.03 21.26 -21.47
N LEU E 493 -3.87 21.56 -20.90
CA LEU E 493 -2.62 21.56 -21.65
C LEU E 493 -2.14 20.14 -21.93
N THR E 494 -2.12 19.32 -20.88
CA THR E 494 -1.65 17.94 -21.00
C THR E 494 -2.74 17.04 -21.56
N LEU E 495 -3.98 17.49 -21.46
CA LEU E 495 -5.09 16.84 -22.15
C LEU E 495 -5.00 17.04 -23.65
N CYS E 496 -4.60 18.24 -24.06
CA CYS E 496 -4.48 18.57 -25.48
C CYS E 496 -3.22 17.96 -26.08
N ALA E 497 -2.13 18.73 -26.06
CA ALA E 497 -1.03 18.52 -26.98
C ALA E 497 -0.30 17.21 -26.66
N ALA E 498 -0.40 16.76 -25.42
CA ALA E 498 0.39 15.64 -24.93
C ALA E 498 -0.21 14.31 -25.35
N VAL E 499 -1.55 14.27 -25.38
CA VAL E 499 -2.26 13.01 -25.53
C VAL E 499 -3.34 13.10 -26.61
N ASP E 500 -3.21 12.27 -27.64
CA ASP E 500 -4.23 12.19 -28.69
C ASP E 500 -5.52 11.60 -28.16
N SER E 501 -5.40 10.57 -27.33
CA SER E 501 -6.57 9.92 -26.74
C SER E 501 -7.18 10.76 -25.64
N ASP E 502 -8.26 10.27 -25.04
CA ASP E 502 -8.94 10.98 -23.97
C ASP E 502 -8.22 10.84 -22.65
N ILE E 503 -8.65 11.60 -21.64
CA ILE E 503 -8.07 11.52 -20.31
C ILE E 503 -9.11 11.13 -19.28
N THR E 504 -8.82 10.08 -18.52
CA THR E 504 -9.68 9.68 -17.41
C THR E 504 -9.20 10.29 -16.09
N PHE E 505 -10.12 10.91 -15.38
CA PHE E 505 -9.81 11.51 -14.08
C PHE E 505 -10.41 10.71 -12.94
N VAL E 506 -9.59 10.41 -11.93
CA VAL E 506 -10.04 9.68 -10.76
C VAL E 506 -9.69 10.43 -9.47
N GLY E 507 -10.64 11.19 -8.95
CA GLY E 507 -10.40 12.00 -7.76
C GLY E 507 -10.19 13.46 -8.13
N ASN E 508 -10.21 13.76 -9.42
CA ASN E 508 -10.12 15.13 -9.90
C ASN E 508 -8.68 15.65 -9.84
N ARG E 509 -7.77 14.78 -9.42
CA ARG E 509 -6.40 15.19 -9.13
C ARG E 509 -5.40 14.22 -9.74
N MET E 510 -5.70 12.94 -9.65
CA MET E 510 -4.73 11.89 -9.97
C MET E 510 -4.62 11.71 -11.48
N ILE E 511 -3.44 11.27 -11.94
CA ILE E 511 -3.29 10.75 -13.29
C ILE E 511 -2.97 9.26 -13.27
N ALA E 512 -3.88 8.46 -13.82
CA ALA E 512 -3.75 7.01 -13.77
C ALA E 512 -4.61 6.34 -14.83
N PRO E 513 -4.18 5.17 -15.29
CA PRO E 513 -2.99 4.53 -14.74
C PRO E 513 -1.75 4.90 -15.55
N LEU E 514 -1.02 3.88 -16.00
CA LEU E 514 0.10 4.09 -16.90
C LEU E 514 -0.10 3.33 -18.21
N PRO E 515 0.57 3.80 -19.26
CA PRO E 515 0.52 3.13 -20.56
C PRO E 515 1.24 1.78 -20.51
N GLU E 516 0.48 0.71 -20.34
CA GLU E 516 1.04 -0.61 -20.09
C GLU E 516 2.06 -0.99 -21.16
N GLY E 517 1.58 -1.17 -22.39
CA GLY E 517 2.44 -1.58 -23.49
C GLY E 517 2.18 -0.73 -24.73
N TYR E 518 0.97 -0.19 -24.82
CA TYR E 518 0.62 0.72 -25.91
C TYR E 518 1.01 2.16 -25.58
N ILE E 519 1.76 2.79 -26.48
CA ILE E 519 2.11 4.19 -26.33
C ILE E 519 1.13 5.08 -27.09
N PRO E 520 0.39 5.90 -26.36
CA PRO E 520 -0.58 6.80 -26.95
C PRO E 520 0.11 7.90 -27.74
N LYS E 521 -0.39 8.16 -28.96
CA LYS E 521 0.25 9.09 -29.87
C LYS E 521 0.17 10.52 -29.36
N PRO E 522 1.23 11.29 -29.59
CA PRO E 522 1.24 12.71 -29.28
C PRO E 522 0.27 13.47 -30.18
N MET E 523 -0.69 14.16 -29.58
CA MET E 523 -1.68 14.92 -30.32
C MET E 523 -1.03 15.82 -31.37
N HIS E 524 -1.37 15.59 -32.63
CA HIS E 524 -0.81 16.38 -33.72
C HIS E 524 -1.39 17.78 -33.75
N ARG E 525 -0.62 18.73 -33.21
CA ARG E 525 -1.05 20.14 -33.20
C ARG E 525 -0.71 20.83 -34.51
N ASN E 526 -1.45 21.88 -34.84
CA ASN E 526 -1.30 22.57 -36.11
C ASN E 526 -1.20 24.08 -35.91
N ASN E 527 -0.85 24.78 -36.98
CA ASN E 527 -0.69 26.23 -36.92
C ASN E 527 -2.01 26.91 -36.61
N SER E 528 -3.11 26.29 -37.01
CA SER E 528 -4.43 26.89 -36.87
C SER E 528 -5.17 26.32 -35.65
N THR E 529 -4.40 25.75 -34.72
CA THR E 529 -4.96 25.26 -33.47
C THR E 529 -4.40 26.04 -32.28
N MET E 530 -3.21 26.60 -32.46
CA MET E 530 -2.54 27.33 -31.39
C MET E 530 -3.20 28.69 -31.16
N LYS E 531 -3.74 29.26 -32.23
CA LYS E 531 -4.44 30.53 -32.14
C LYS E 531 -5.81 30.37 -31.49
N MET E 532 -6.38 29.17 -31.62
CA MET E 532 -7.75 28.92 -31.18
C MET E 532 -7.78 28.53 -29.70
N LEU E 533 -6.73 27.87 -29.25
CA LEU E 533 -6.68 27.38 -27.88
C LEU E 533 -6.33 28.51 -26.91
N SER E 534 -5.66 29.54 -27.43
CA SER E 534 -5.33 30.71 -26.63
C SER E 534 -6.45 31.75 -26.68
N LEU E 535 -7.38 31.56 -27.59
CA LEU E 535 -8.53 32.47 -27.72
C LEU E 535 -9.74 31.92 -26.99
N TYR E 536 -9.87 30.60 -26.97
CA TYR E 536 -10.88 29.95 -26.14
C TYR E 536 -10.75 30.38 -24.68
N VAL E 537 -9.51 30.49 -24.20
CA VAL E 537 -9.25 30.92 -22.84
C VAL E 537 -9.62 32.39 -22.65
N ALA E 538 -9.22 33.23 -23.60
CA ALA E 538 -9.55 34.65 -23.55
C ALA E 538 -11.05 34.87 -23.55
N LEU E 539 -11.78 34.01 -24.25
CA LEU E 539 -13.24 34.08 -24.31
C LEU E 539 -13.84 33.87 -22.92
N LYS E 540 -13.23 32.98 -22.14
CA LYS E 540 -13.73 32.66 -20.81
C LYS E 540 -13.27 33.70 -19.79
N LYS E 541 -12.19 34.40 -20.10
CA LYS E 541 -11.67 35.45 -19.24
C LYS E 541 -12.46 36.74 -19.42
N LEU E 542 -12.98 36.95 -20.62
CA LEU E 542 -13.78 38.13 -20.91
C LEU E 542 -15.16 38.05 -20.28
N GLU E 543 -15.62 36.82 -20.04
CA GLU E 543 -16.93 36.59 -19.44
C GLU E 543 -16.93 36.96 -17.95
N ASN E 544 -15.91 36.49 -17.23
CA ASN E 544 -15.81 36.75 -15.80
C ASN E 544 -14.35 36.66 -15.33
N PHE E 545 -13.94 37.62 -14.52
CA PHE E 545 -12.57 37.67 -14.04
C PHE E 545 -12.27 36.50 -13.10
N ALA E 546 -13.31 35.98 -12.46
CA ALA E 546 -13.17 34.82 -11.58
C ALA E 546 -12.38 33.72 -12.26
N THR E 547 -11.25 33.35 -11.66
CA THR E 547 -10.34 32.38 -12.25
C THR E 547 -10.77 30.96 -11.91
N ASN E 548 -10.07 29.98 -12.49
CA ASN E 548 -10.31 28.58 -12.18
C ASN E 548 -11.71 28.15 -12.60
N SER E 549 -12.00 28.31 -13.89
CA SER E 549 -13.22 27.74 -14.47
C SER E 549 -12.88 26.87 -15.68
N TYR E 550 -12.86 27.47 -16.86
CA TYR E 550 -12.40 26.79 -18.06
C TYR E 550 -13.42 25.77 -18.55
N LEU E 551 -14.11 25.12 -17.61
CA LEU E 551 -15.22 24.25 -17.94
C LEU E 551 -16.54 25.02 -17.91
N MET E 552 -17.48 24.58 -18.75
CA MET E 552 -18.79 25.23 -18.83
C MET E 552 -19.85 24.43 -18.07
N ALA E 553 -20.94 25.10 -17.71
CA ALA E 553 -22.14 24.41 -17.26
C ALA E 553 -22.73 23.53 -18.36
N PRO E 554 -23.35 22.43 -17.95
CA PRO E 554 -23.97 21.52 -18.90
C PRO E 554 -24.93 22.25 -19.83
N ASP E 555 -25.08 21.73 -21.05
CA ASP E 555 -26.02 22.28 -22.01
C ASP E 555 -25.58 23.65 -22.51
N THR E 556 -24.29 23.76 -22.83
CA THR E 556 -23.77 24.96 -23.46
C THR E 556 -23.18 24.65 -24.84
N SER E 557 -23.45 25.52 -25.81
CA SER E 557 -23.10 25.26 -27.19
C SER E 557 -22.10 26.30 -27.71
N ILE E 558 -20.95 25.83 -28.16
CA ILE E 558 -19.97 26.69 -28.83
C ILE E 558 -19.71 26.22 -30.26
N ILE E 559 -19.65 27.18 -31.18
CA ILE E 559 -19.38 26.87 -32.58
C ILE E 559 -18.18 27.65 -33.10
N LEU E 560 -17.32 26.97 -33.85
CA LEU E 560 -16.17 27.62 -34.47
C LEU E 560 -16.40 27.79 -35.98
N LEU E 561 -16.00 28.95 -36.50
CA LEU E 561 -16.05 29.21 -37.93
C LEU E 561 -14.65 29.36 -38.51
N GLY E 562 -14.08 28.26 -38.96
CA GLY E 562 -12.66 28.23 -39.36
C GLY E 562 -12.50 28.57 -40.82
N ALA E 563 -11.24 28.55 -41.29
CA ALA E 563 -10.23 27.67 -40.72
C ALA E 563 -10.75 26.25 -40.57
N GLU E 564 -11.25 25.69 -41.66
CA GLU E 564 -11.42 24.24 -41.78
C GLU E 564 -10.77 23.70 -43.04
N ARG E 565 -10.60 22.39 -43.10
CA ARG E 565 -10.66 21.56 -41.90
C ARG E 565 -9.44 21.79 -41.01
N GLU E 566 -9.69 22.21 -39.77
CA GLU E 566 -8.67 22.20 -38.74
C GLU E 566 -9.18 21.52 -37.47
N PRO E 567 -8.25 20.99 -36.68
CA PRO E 567 -8.59 20.35 -35.42
C PRO E 567 -9.36 21.31 -34.51
N ALA E 568 -8.83 21.53 -33.31
CA ALA E 568 -9.39 22.51 -32.40
C ALA E 568 -10.70 22.02 -31.79
N VAL E 569 -11.62 21.57 -32.64
CA VAL E 569 -12.88 21.03 -32.18
C VAL E 569 -12.68 19.77 -31.35
N ASN E 570 -11.82 18.88 -31.83
CA ASN E 570 -11.48 17.66 -31.12
C ASN E 570 -10.84 17.97 -29.77
N ILE E 571 -10.02 19.01 -29.74
CA ILE E 571 -9.30 19.39 -28.53
C ILE E 571 -10.23 20.02 -27.50
N LEU E 572 -11.14 20.86 -27.97
CA LEU E 572 -12.10 21.52 -27.09
C LEU E 572 -13.32 20.65 -26.83
N ARG E 573 -13.28 19.43 -27.36
CA ARG E 573 -14.35 18.46 -27.11
C ARG E 573 -13.90 17.40 -26.11
N ARG E 574 -12.67 16.92 -26.26
CA ARG E 574 -12.09 15.98 -25.31
C ARG E 574 -11.91 16.63 -23.94
N PHE E 575 -11.60 17.91 -23.94
CA PHE E 575 -11.46 18.66 -22.69
C PHE E 575 -12.80 18.79 -21.97
N ASN E 576 -13.87 18.97 -22.75
CA ASN E 576 -15.20 19.07 -22.19
C ASN E 576 -15.93 17.73 -22.22
N ARG E 577 -15.15 16.66 -22.30
CA ARG E 577 -15.72 15.31 -22.36
C ARG E 577 -16.40 14.93 -21.05
N ASN E 578 -15.66 15.11 -19.95
CA ASN E 578 -16.11 14.62 -18.65
C ASN E 578 -17.36 15.36 -18.18
N VAL E 579 -17.49 16.61 -18.58
CA VAL E 579 -18.51 17.50 -18.04
C VAL E 579 -19.84 17.32 -18.76
N SER E 580 -20.59 16.29 -18.37
CA SER E 580 -21.98 16.18 -18.76
C SER E 580 -22.14 16.23 -20.27
N ASN E 581 -22.96 17.15 -20.75
CA ASN E 581 -23.30 17.22 -22.17
C ASN E 581 -22.93 18.59 -22.75
N VAL E 582 -21.85 18.61 -23.54
CA VAL E 582 -21.42 19.84 -24.19
C VAL E 582 -21.29 19.65 -25.69
N ARG E 583 -21.71 20.66 -26.46
CA ARG E 583 -21.72 20.56 -27.91
C ARG E 583 -20.71 21.52 -28.53
N ILE E 584 -19.70 20.96 -29.19
CA ILE E 584 -18.71 21.76 -29.89
C ILE E 584 -18.80 21.55 -31.40
N ILE E 585 -19.33 22.53 -32.10
CA ILE E 585 -19.54 22.41 -33.54
C ILE E 585 -18.49 23.19 -34.32
N GLY E 586 -18.15 22.67 -35.50
CA GLY E 586 -17.20 23.35 -36.38
C GLY E 586 -17.76 23.47 -37.80
N MET E 587 -17.62 24.65 -38.38
CA MET E 587 -18.04 24.88 -39.76
C MET E 587 -17.02 25.71 -40.52
N GLY E 588 -17.01 25.56 -41.84
CA GLY E 588 -16.13 26.37 -42.69
C GLY E 588 -16.32 26.01 -44.17
N ASP E 589 -15.65 26.76 -45.03
CA ASP E 589 -15.80 26.57 -46.47
C ASP E 589 -14.73 25.63 -47.02
N ARG E 590 -14.27 24.73 -46.17
CA ARG E 590 -13.32 23.70 -46.59
C ARG E 590 -13.23 22.58 -45.56
N ALA E 591 -14.38 22.13 -45.07
CA ALA E 591 -14.43 21.37 -43.83
C ALA E 591 -14.55 19.88 -44.10
N VAL E 592 -14.31 19.08 -43.07
CA VAL E 592 -14.45 17.63 -43.17
C VAL E 592 -15.01 17.03 -41.89
N GLU E 593 -15.96 16.12 -42.03
CA GLU E 593 -16.55 15.45 -40.87
C GLU E 593 -15.50 15.17 -39.80
N PRO E 594 -15.85 15.49 -38.56
CA PRO E 594 -17.22 15.82 -38.20
C PRO E 594 -17.52 17.29 -38.46
N ASN E 595 -16.55 18.00 -39.02
CA ASN E 595 -16.74 19.38 -39.42
C ASN E 595 -17.62 19.48 -40.67
N ILE E 596 -18.52 20.45 -40.68
CA ILE E 596 -19.55 20.53 -41.72
C ILE E 596 -19.18 21.59 -42.77
N ARG E 597 -19.17 21.17 -44.03
CA ARG E 597 -18.73 22.05 -45.11
C ARG E 597 -19.86 22.96 -45.57
N VAL E 598 -19.71 24.26 -45.29
CA VAL E 598 -20.74 25.23 -45.61
C VAL E 598 -20.13 26.54 -46.11
N ARG E 599 -20.99 27.49 -46.44
CA ARG E 599 -20.54 28.84 -46.79
C ARG E 599 -20.89 29.84 -45.69
N VAL E 600 -20.41 31.07 -45.85
CA VAL E 600 -20.69 32.13 -44.90
C VAL E 600 -21.24 33.38 -45.59
N PRO E 601 -22.41 33.83 -45.15
CA PRO E 601 -23.08 33.23 -44.01
C PRO E 601 -23.80 31.93 -44.41
N PHE E 602 -23.99 31.75 -45.72
CA PHE E 602 -24.83 30.67 -46.22
C PHE E 602 -26.25 31.16 -46.47
N PRO E 603 -26.85 30.67 -47.56
CA PRO E 603 -28.23 31.02 -47.89
C PRO E 603 -29.14 30.77 -46.71
N ILE E 604 -30.38 31.25 -46.81
CA ILE E 604 -31.33 31.18 -45.71
C ILE E 604 -31.62 29.73 -45.32
N ASP E 605 -32.21 29.54 -44.14
CA ASP E 605 -32.54 28.21 -43.66
C ASP E 605 -31.32 27.52 -43.07
N LYS E 606 -31.56 26.55 -42.19
CA LYS E 606 -30.49 25.83 -41.51
C LYS E 606 -30.35 26.27 -40.07
N ASN E 607 -30.78 27.50 -39.79
CA ASN E 607 -31.00 27.93 -38.42
C ASN E 607 -29.77 27.71 -37.56
N ILE E 608 -28.69 28.42 -37.89
CA ILE E 608 -27.51 28.45 -37.04
C ILE E 608 -27.82 29.10 -35.69
N SER E 609 -27.26 28.54 -34.63
CA SER E 609 -27.52 29.03 -33.28
C SER E 609 -26.48 28.49 -32.29
N ALA E 610 -26.02 29.34 -31.39
CA ALA E 610 -25.02 28.95 -30.40
C ALA E 610 -24.93 29.98 -29.29
N ASP E 611 -24.14 29.66 -28.26
CA ASP E 611 -23.92 30.59 -27.16
C ASP E 611 -22.68 31.45 -27.41
N PHE E 612 -21.67 30.86 -28.04
CA PHE E 612 -20.46 31.59 -28.41
C PHE E 612 -20.05 31.28 -29.84
N ILE E 613 -19.57 32.30 -30.54
CA ILE E 613 -18.98 32.10 -31.87
C ILE E 613 -17.57 32.66 -31.93
N ILE E 614 -16.63 31.83 -32.39
CA ILE E 614 -15.29 32.30 -32.69
C ILE E 614 -15.01 32.23 -34.20
N CYS E 615 -14.88 33.39 -34.82
CA CYS E 615 -14.73 33.47 -36.27
C CYS E 615 -13.28 33.63 -36.67
N ASP E 616 -12.82 32.77 -37.56
CA ASP E 616 -11.47 32.89 -38.13
C ASP E 616 -11.52 32.84 -39.66
N ILE E 617 -12.27 33.76 -40.25
CA ILE E 617 -12.48 33.75 -41.70
C ILE E 617 -11.58 34.75 -42.39
N ASN E 618 -11.18 34.42 -43.62
CA ASN E 618 -10.11 35.14 -44.30
C ASN E 618 -9.42 34.26 -45.33
N SER E 619 -8.99 34.86 -46.43
CA SER E 619 -8.18 34.17 -47.43
C SER E 619 -8.98 33.88 -48.69
N TYR E 620 -8.28 33.50 -49.75
CA TYR E 620 -6.84 33.31 -49.69
C TYR E 620 -6.15 33.91 -50.91
N GLU E 621 -6.15 35.23 -50.99
CA GLU E 621 -5.37 35.95 -52.00
C GLU E 621 -5.82 35.55 -53.41
N ASP E 622 -6.39 36.51 -54.13
CA ASP E 622 -6.65 37.83 -53.57
C ASP E 622 -7.81 38.51 -54.31
N GLN E 623 -8.00 39.79 -54.03
CA GLN E 623 -9.03 40.57 -54.72
C GLN E 623 -8.88 42.06 -54.40
N SER E 624 -9.27 42.90 -55.35
CA SER E 624 -9.14 44.34 -55.19
C SER E 624 -9.92 44.84 -53.99
N PHE E 625 -9.63 46.06 -53.56
CA PHE E 625 -10.15 46.58 -52.29
C PHE E 625 -11.67 46.63 -52.30
N GLU E 626 -12.24 47.14 -53.38
CA GLU E 626 -13.67 47.40 -53.45
C GLU E 626 -14.46 46.11 -53.36
N SER E 627 -13.81 44.99 -53.67
CA SER E 627 -14.44 43.68 -53.58
C SER E 627 -14.06 42.97 -52.29
N MET E 628 -12.83 43.21 -51.83
CA MET E 628 -12.37 42.65 -50.56
C MET E 628 -13.16 43.22 -49.39
N PHE E 629 -13.37 44.53 -49.40
CA PHE E 629 -14.10 45.20 -48.33
C PHE E 629 -15.48 44.57 -48.12
N SER E 630 -16.16 44.28 -49.21
CA SER E 630 -17.53 43.77 -49.14
C SER E 630 -17.56 42.36 -48.58
N GLU E 631 -16.41 41.69 -48.60
CA GLU E 631 -16.29 40.35 -48.04
C GLU E 631 -15.97 40.38 -46.56
N THR E 632 -15.09 41.31 -46.18
CA THR E 632 -14.68 41.45 -44.79
C THR E 632 -15.81 41.99 -43.92
N ILE E 633 -16.55 42.94 -44.48
CA ILE E 633 -17.62 43.60 -43.73
C ILE E 633 -18.83 42.70 -43.58
N SER E 634 -18.94 41.72 -44.47
CA SER E 634 -20.10 40.83 -44.50
C SER E 634 -19.94 39.69 -43.49
N VAL E 635 -18.71 39.43 -43.10
CA VAL E 635 -18.42 38.40 -42.10
C VAL E 635 -18.84 38.84 -40.71
N VAL E 636 -18.56 40.11 -40.39
CA VAL E 636 -18.82 40.64 -39.06
C VAL E 636 -20.31 40.69 -38.77
N THR E 637 -21.08 41.17 -39.72
CA THR E 637 -22.50 41.46 -39.51
C THR E 637 -23.31 40.17 -39.50
N THR E 638 -22.68 39.07 -39.85
CA THR E 638 -23.35 37.77 -39.91
C THR E 638 -22.87 36.85 -38.79
N CYS E 639 -22.10 37.41 -37.86
CA CYS E 639 -21.77 36.72 -36.62
C CYS E 639 -22.26 37.52 -35.41
N ALA E 640 -22.49 38.81 -35.61
CA ALA E 640 -23.01 39.66 -34.55
C ALA E 640 -24.44 39.32 -34.21
N SER E 641 -25.19 38.90 -35.23
CA SER E 641 -26.60 38.53 -35.04
C SER E 641 -26.77 37.03 -34.91
N ALA E 642 -25.67 36.30 -35.08
CA ALA E 642 -25.70 34.84 -35.03
C ALA E 642 -25.63 34.34 -33.59
N ALA E 643 -25.03 35.15 -32.72
CA ALA E 643 -24.90 34.79 -31.31
C ALA E 643 -25.02 36.02 -30.42
N THR E 644 -24.98 35.81 -29.12
CA THR E 644 -25.19 36.88 -28.15
C THR E 644 -23.87 37.50 -27.71
N ARG E 645 -22.82 36.69 -27.70
CA ARG E 645 -21.49 37.16 -27.31
C ARG E 645 -20.42 36.58 -28.23
N ALA E 646 -20.30 37.14 -29.42
CA ALA E 646 -19.42 36.58 -30.44
C ALA E 646 -18.13 37.38 -30.56
N LEU E 647 -17.15 36.80 -31.23
CA LEU E 647 -15.90 37.51 -31.53
C LEU E 647 -15.49 37.30 -32.98
N VAL E 648 -15.19 38.41 -33.65
CA VAL E 648 -14.93 38.37 -35.09
C VAL E 648 -13.50 38.78 -35.41
N LYS E 649 -13.10 38.59 -36.66
CA LYS E 649 -11.74 38.88 -37.08
C LYS E 649 -11.70 39.61 -38.41
N ILE E 650 -10.95 40.70 -38.47
CA ILE E 650 -10.78 41.44 -39.72
C ILE E 650 -9.29 41.61 -40.05
N ASN E 651 -9.00 41.83 -41.32
CA ASN E 651 -7.65 42.20 -41.74
C ASN E 651 -7.50 43.71 -41.84
N HIS E 652 -6.28 44.15 -42.11
CA HIS E 652 -6.02 45.56 -42.43
C HIS E 652 -6.75 46.48 -41.47
N PRO E 653 -6.27 46.54 -40.23
CA PRO E 653 -6.99 47.24 -39.17
C PRO E 653 -6.99 48.74 -39.40
N SER E 654 -6.48 49.16 -40.56
CA SER E 654 -6.58 50.55 -40.98
C SER E 654 -7.81 51.23 -40.39
N GLU E 655 -7.63 52.45 -39.91
CA GLU E 655 -8.61 53.09 -39.04
C GLU E 655 -9.92 53.36 -39.77
N TYR E 656 -9.88 53.20 -41.10
CA TYR E 656 -11.10 53.21 -41.90
C TYR E 656 -11.89 51.91 -41.71
N MET E 657 -11.20 50.79 -41.84
CA MET E 657 -11.85 49.48 -41.71
C MET E 657 -12.57 49.35 -40.36
N ILE E 658 -11.85 49.64 -39.29
CA ILE E 658 -12.37 49.43 -37.94
C ILE E 658 -13.58 50.33 -37.69
N ASN E 659 -13.59 51.50 -38.32
CA ASN E 659 -14.67 52.45 -38.15
C ASN E 659 -15.88 52.07 -38.99
N SER E 660 -15.64 51.44 -40.13
CA SER E 660 -16.71 50.97 -41.00
C SER E 660 -17.37 49.72 -40.44
N VAL E 661 -16.60 48.94 -39.67
CA VAL E 661 -17.13 47.79 -38.98
C VAL E 661 -18.14 48.20 -37.91
N ILE E 662 -17.78 49.22 -37.14
CA ILE E 662 -18.66 49.73 -36.09
C ILE E 662 -19.90 50.40 -36.69
N GLU E 663 -19.71 51.15 -37.76
CA GLU E 663 -20.79 51.87 -38.40
C GLU E 663 -21.89 50.92 -38.87
N ARG E 664 -21.47 49.74 -39.34
CA ARG E 664 -22.40 48.79 -39.94
C ARG E 664 -23.10 47.96 -38.88
N LEU E 665 -22.72 48.17 -37.62
CA LEU E 665 -23.32 47.45 -36.51
C LEU E 665 -24.23 48.36 -35.69
N SER E 666 -23.86 49.64 -35.61
CA SER E 666 -24.58 50.60 -34.77
C SER E 666 -25.90 50.99 -35.40
N GLN E 667 -25.97 50.89 -36.73
CA GLN E 667 -27.18 51.24 -37.46
C GLN E 667 -28.20 50.12 -37.43
N LEU E 668 -27.75 48.91 -37.76
CA LEU E 668 -28.65 47.78 -37.90
C LEU E 668 -29.27 47.38 -36.55
N GLY E 669 -28.41 47.05 -35.60
CA GLY E 669 -28.86 46.49 -34.32
C GLY E 669 -29.53 47.55 -33.46
N GLY E 670 -30.43 47.12 -32.59
CA GLY E 670 -31.06 48.01 -31.63
C GLY E 670 -30.18 48.23 -30.41
N VAL E 671 -30.33 49.37 -29.77
CA VAL E 671 -29.53 49.73 -28.60
C VAL E 671 -28.04 49.59 -28.89
N PHE E 672 -27.67 49.77 -30.15
CA PHE E 672 -26.27 49.78 -30.54
C PHE E 672 -25.58 48.50 -30.08
N TYR E 673 -24.26 48.45 -30.27
CA TYR E 673 -23.44 47.42 -29.64
C TYR E 673 -22.18 48.02 -29.03
N HIS E 674 -21.60 47.31 -28.07
CA HIS E 674 -20.31 47.69 -27.49
C HIS E 674 -19.18 46.84 -28.06
N THR E 675 -18.24 47.48 -28.72
CA THR E 675 -17.15 46.77 -29.38
C THR E 675 -15.81 47.14 -28.75
N ALA E 676 -14.88 46.18 -28.77
CA ALA E 676 -13.49 46.45 -28.38
C ALA E 676 -12.55 45.39 -28.94
N LEU E 677 -11.47 45.84 -29.56
CA LEU E 677 -10.50 44.93 -30.15
C LEU E 677 -9.41 44.56 -29.15
N LEU E 678 -8.72 43.46 -29.43
CA LEU E 678 -7.74 42.92 -28.50
C LEU E 678 -6.63 42.16 -29.23
N LYS E 679 -5.47 42.05 -28.60
CA LYS E 679 -4.44 41.11 -29.03
C LYS E 679 -4.30 39.95 -28.06
N THR E 680 -3.96 38.78 -28.59
CA THR E 680 -3.65 37.63 -27.75
C THR E 680 -2.24 37.13 -28.01
N ALA E 681 -1.69 36.38 -27.06
CA ALA E 681 -0.39 35.74 -27.25
C ALA E 681 -0.48 34.55 -28.18
N SER E 682 0.66 34.13 -28.73
CA SER E 682 0.69 33.03 -29.68
C SER E 682 -0.06 33.37 -30.96
N GLN E 683 0.14 34.59 -31.45
CA GLN E 683 -0.55 35.06 -32.64
C GLN E 683 0.44 35.48 -33.72
N ASN E 684 1.64 34.91 -33.67
CA ASN E 684 2.71 35.31 -34.58
C ASN E 684 2.97 36.81 -34.50
N PRO E 685 3.99 37.19 -33.74
CA PRO E 685 4.26 38.60 -33.48
C PRO E 685 4.32 39.40 -34.77
N TYR E 686 4.12 40.71 -34.65
CA TYR E 686 4.01 41.57 -35.83
C TYR E 686 3.35 40.84 -36.99
N SER E 687 2.09 40.47 -36.80
CA SER E 687 1.28 39.91 -37.88
C SER E 687 0.05 40.76 -38.15
N TYR E 688 -0.04 41.90 -37.46
CA TYR E 688 -1.19 42.78 -37.58
C TYR E 688 -2.48 41.98 -37.74
N GLU E 689 -2.66 40.99 -36.87
CA GLU E 689 -3.93 40.28 -36.77
C GLU E 689 -4.62 40.57 -35.45
N THR E 690 -5.46 41.60 -35.44
CA THR E 690 -6.26 41.93 -34.26
C THR E 690 -7.58 41.17 -34.25
N TYR E 691 -8.20 41.11 -33.08
CA TYR E 691 -9.52 40.51 -32.95
C TYR E 691 -10.52 41.49 -32.35
N ILE E 692 -11.78 41.36 -32.75
CA ILE E 692 -12.83 42.27 -32.29
C ILE E 692 -13.86 41.53 -31.45
N TYR E 693 -13.90 41.85 -30.16
CA TYR E 693 -14.89 41.27 -29.26
C TYR E 693 -16.14 42.13 -29.16
N ILE E 694 -17.30 41.51 -29.34
CA ILE E 694 -18.55 42.24 -29.42
C ILE E 694 -19.48 41.88 -28.27
N THR E 695 -19.98 42.89 -27.57
CA THR E 695 -20.90 42.68 -26.46
C THR E 695 -22.16 43.54 -26.61
N PRO E 696 -23.30 42.97 -26.28
CA PRO E 696 -24.58 43.64 -26.47
C PRO E 696 -24.78 44.75 -25.44
N ILE E 697 -23.83 45.67 -25.38
CA ILE E 697 -23.86 46.74 -24.39
C ILE E 697 -24.43 46.26 -23.07
N ALA E 698 -24.70 47.20 -22.17
CA ALA E 698 -25.59 46.94 -21.03
C ALA E 698 -26.63 48.05 -20.89
N ALA E 699 -26.38 49.16 -21.57
CA ALA E 699 -27.32 50.28 -21.55
C ALA E 699 -27.18 51.13 -22.81
N ALA E 700 -26.37 52.17 -22.73
CA ALA E 700 -25.95 52.92 -23.91
C ALA E 700 -24.47 53.25 -23.86
N VAL E 701 -23.74 52.90 -24.91
CA VAL E 701 -22.30 53.04 -24.94
C VAL E 701 -21.90 54.51 -25.08
N ARG E 702 -20.85 54.91 -24.35
CA ARG E 702 -20.38 56.29 -24.40
C ARG E 702 -19.49 56.51 -25.61
N PHE E 703 -18.40 55.76 -25.70
CA PHE E 703 -17.38 56.02 -26.71
C PHE E 703 -17.16 54.80 -27.60
N PRO E 704 -17.98 54.69 -28.64
CA PRO E 704 -18.02 53.48 -29.45
C PRO E 704 -16.86 53.45 -30.45
N PHE E 705 -16.41 54.64 -30.84
CA PHE E 705 -15.52 54.77 -32.00
C PHE E 705 -14.06 54.88 -31.58
N TYR E 706 -13.17 54.87 -32.56
CA TYR E 706 -11.75 55.08 -32.30
C TYR E 706 -11.29 56.45 -32.81
N SER E 707 -10.38 57.07 -32.08
CA SER E 707 -9.84 58.38 -32.47
C SER E 707 -8.43 58.24 -33.03
N ASN E 708 -7.44 58.30 -32.15
CA ASN E 708 -6.05 58.20 -32.55
C ASN E 708 -5.70 56.79 -33.02
N SER E 709 -6.35 55.80 -32.42
CA SER E 709 -6.10 54.41 -32.77
C SER E 709 -4.67 53.99 -32.41
N ALA E 710 -4.50 53.41 -31.24
CA ALA E 710 -3.17 53.10 -30.73
C ALA E 710 -2.70 51.73 -31.21
N MET E 711 -3.49 50.70 -30.95
CA MET E 711 -3.14 49.34 -31.34
C MET E 711 -3.15 49.18 -32.85
N ILE E 712 -4.05 49.91 -33.51
CA ILE E 712 -4.14 49.86 -34.97
C ILE E 712 -2.93 50.52 -35.62
N ASN E 713 -2.45 51.59 -34.99
CA ASN E 713 -1.39 52.41 -35.59
C ASN E 713 -0.23 51.54 -36.08
N ARG E 714 0.11 50.51 -35.31
CA ARG E 714 1.16 49.58 -35.69
C ARG E 714 1.07 49.21 -37.16
N TYR E 715 -0.14 48.91 -37.62
CA TYR E 715 -0.36 48.55 -39.01
C TYR E 715 -0.07 49.71 -39.94
N MET E 716 -0.48 50.91 -39.54
CA MET E 716 -0.44 52.08 -40.42
C MET E 716 0.93 52.75 -40.36
N THR E 717 1.98 51.95 -40.52
CA THR E 717 3.34 52.48 -40.50
C THR E 717 4.19 51.85 -41.61
N ALA E 718 3.61 50.86 -42.29
CA ALA E 718 4.33 50.17 -43.36
C ALA E 718 4.47 51.05 -44.59
N VAL E 719 5.55 50.84 -45.34
CA VAL E 719 5.83 51.62 -46.53
C VAL E 719 6.14 50.73 -47.73
N ALA E 720 6.22 51.34 -48.91
CA ALA E 720 6.54 50.60 -50.12
C ALA E 720 8.00 50.17 -50.15
N ASP E 721 8.38 49.50 -51.23
CA ASP E 721 9.78 49.11 -51.43
C ASP E 721 10.72 50.30 -51.22
N ASP E 722 11.93 50.02 -50.77
CA ASP E 722 12.86 51.06 -50.34
C ASP E 722 14.29 50.71 -50.73
N GLU E 723 15.01 50.10 -49.80
CA GLU E 723 16.46 49.93 -49.95
C GLU E 723 16.81 48.46 -50.14
N MET E 724 16.86 47.73 -49.04
CA MET E 724 17.43 46.38 -49.05
C MET E 724 16.96 45.58 -47.83
N PRO E 725 17.13 44.27 -47.90
CA PRO E 725 16.64 43.38 -46.85
C PRO E 725 17.59 43.33 -45.67
N ILE E 726 18.75 43.95 -45.83
CA ILE E 726 19.79 43.90 -44.81
C ILE E 726 20.35 42.49 -44.65
N ILE E 727 19.81 41.76 -43.69
CA ILE E 727 20.20 40.37 -43.47
C ILE E 727 21.60 40.27 -42.90
N PRO E 728 21.72 39.68 -41.72
CA PRO E 728 23.01 39.49 -41.07
C PRO E 728 23.83 38.42 -41.77
N SER E 729 25.14 38.43 -41.53
CA SER E 729 26.04 37.45 -42.15
C SER E 729 27.29 37.25 -41.31
N ILE E 730 28.28 36.58 -41.89
CA ILE E 730 29.55 36.35 -41.20
C ILE E 730 30.71 36.96 -41.97
N HIS E 731 31.85 37.09 -41.30
CA HIS E 731 32.99 37.79 -41.88
C HIS E 731 34.23 36.89 -41.89
N THR E 732 34.49 36.23 -40.77
CA THR E 732 35.72 35.47 -40.59
C THR E 732 36.94 36.28 -41.05
N VAL E 733 37.04 37.50 -40.56
CA VAL E 733 38.22 38.32 -40.82
C VAL E 733 38.23 39.56 -39.91
N ILE E 734 39.43 39.96 -39.49
CA ILE E 734 39.58 41.07 -38.55
C ILE E 734 40.63 42.05 -39.01
N LYS E 735 40.22 43.29 -39.22
CA LYS E 735 41.16 44.39 -39.42
C LYS E 735 41.36 45.18 -38.13
N GLY E 736 42.48 45.88 -38.05
CA GLY E 736 42.83 46.63 -36.85
C GLY E 736 42.39 48.08 -36.94
N HIS E 737 41.37 48.43 -36.15
CA HIS E 737 40.88 49.80 -36.11
C HIS E 737 40.50 50.29 -37.51
N SER E 738 39.60 49.57 -38.16
CA SER E 738 39.11 49.96 -39.48
C SER E 738 37.59 49.90 -39.54
N ASN E 739 36.97 51.02 -39.92
CA ASN E 739 35.52 51.15 -39.89
C ASN E 739 34.87 50.32 -40.99
N THR E 740 33.54 50.33 -41.02
CA THR E 740 32.79 49.68 -42.10
C THR E 740 32.81 48.17 -41.95
N TYR E 741 31.94 47.65 -41.09
CA TYR E 741 31.61 46.22 -41.10
C TYR E 741 30.11 46.00 -41.05
N SER E 742 29.65 45.02 -41.81
CA SER E 742 28.23 44.67 -41.84
C SER E 742 27.79 44.05 -40.52
N PRO E 743 26.58 44.37 -40.09
CA PRO E 743 26.02 43.81 -38.87
C PRO E 743 26.04 42.28 -38.91
N GLY E 744 26.19 41.68 -37.74
CA GLY E 744 26.17 40.22 -37.62
C GLY E 744 27.22 39.73 -36.65
N LEU E 745 27.77 38.55 -36.91
CA LEU E 745 28.75 37.93 -36.03
C LEU E 745 29.76 37.10 -36.82
N PHE E 746 30.90 36.82 -36.19
CA PHE E 746 31.97 36.08 -36.85
C PHE E 746 32.71 35.19 -35.85
N CYS E 747 33.29 34.11 -36.35
CA CYS E 747 33.92 33.12 -35.49
C CYS E 747 34.91 32.26 -36.28
N GLY E 748 35.79 31.56 -35.56
CA GLY E 748 36.82 30.76 -36.18
C GLY E 748 37.74 30.13 -35.13
N CYS E 749 39.01 29.97 -35.49
CA CYS E 749 40.01 29.47 -34.56
C CYS E 749 41.39 30.02 -34.89
N VAL E 750 42.21 30.19 -33.85
CA VAL E 750 43.55 30.74 -34.02
C VAL E 750 44.57 29.94 -33.22
N ASP E 751 45.85 30.10 -33.57
CA ASP E 751 46.93 29.51 -32.81
C ASP E 751 47.01 30.11 -31.40
N VAL E 752 47.02 29.23 -30.40
CA VAL E 752 47.04 29.68 -29.01
C VAL E 752 48.15 30.68 -28.77
N GLN E 753 49.23 30.58 -29.55
CA GLN E 753 50.36 31.47 -29.40
C GLN E 753 49.99 32.91 -29.74
N SER E 754 49.03 33.06 -30.65
CA SER E 754 48.52 34.38 -31.01
C SER E 754 47.04 34.51 -30.66
N ALA E 755 46.63 33.85 -29.57
CA ALA E 755 45.27 33.96 -29.08
C ALA E 755 44.98 35.34 -28.52
N PRO E 756 45.90 35.85 -27.70
CA PRO E 756 45.72 37.13 -27.03
C PRO E 756 45.94 38.28 -27.99
N LEU E 757 46.51 37.98 -29.16
CA LEU E 757 46.60 38.95 -30.24
C LEU E 757 45.23 39.28 -30.82
N ALA E 758 44.39 38.26 -30.95
CA ALA E 758 43.03 38.45 -31.44
C ALA E 758 42.17 39.18 -30.41
N LEU E 759 42.34 38.83 -29.14
CA LEU E 759 41.49 39.36 -28.08
C LEU E 759 41.69 40.87 -27.93
N SER E 760 42.87 41.35 -28.33
CA SER E 760 43.20 42.75 -28.20
C SER E 760 42.50 43.59 -29.27
N GLN E 761 41.98 42.92 -30.29
CA GLN E 761 41.42 43.59 -31.45
C GLN E 761 39.90 43.46 -31.50
N LEU E 762 39.39 42.40 -30.88
CA LEU E 762 37.96 42.14 -30.87
C LEU E 762 37.21 43.24 -30.11
N LYS E 763 37.94 44.00 -29.29
CA LYS E 763 37.35 45.00 -28.43
C LYS E 763 36.81 46.17 -29.23
N SER E 764 37.15 46.20 -30.52
CA SER E 764 36.82 47.34 -31.37
C SER E 764 35.42 47.20 -31.97
N TYR E 765 34.87 45.99 -31.90
CA TYR E 765 33.67 45.66 -32.64
C TYR E 765 32.57 45.13 -31.71
N CYS E 766 33.00 44.52 -30.61
CA CYS E 766 32.07 43.86 -29.70
C CYS E 766 32.46 44.06 -28.26
N SER E 767 31.63 43.56 -27.34
CA SER E 767 31.95 43.58 -25.92
C SER E 767 31.99 42.18 -25.34
N GLU E 768 31.11 41.31 -25.85
CA GLU E 768 31.07 39.92 -25.41
C GLU E 768 31.90 39.04 -26.33
N ALA E 769 32.50 38.00 -25.76
CA ALA E 769 33.22 37.01 -26.55
C ALA E 769 33.27 35.66 -25.83
N THR E 770 33.43 34.59 -26.59
CA THR E 770 33.51 33.25 -26.03
C THR E 770 34.67 32.46 -26.63
N THR E 771 35.47 31.85 -25.78
CA THR E 771 36.60 31.04 -26.22
C THR E 771 36.60 29.68 -25.55
N TRP E 772 37.16 28.68 -26.24
CA TRP E 772 37.42 27.38 -25.64
C TRP E 772 38.38 26.56 -26.49
N ARG E 773 39.23 25.79 -25.81
CA ARG E 773 40.05 24.79 -26.50
C ARG E 773 39.35 23.46 -26.58
N VAL E 774 39.48 22.78 -27.72
CA VAL E 774 38.85 21.48 -27.93
C VAL E 774 39.48 20.41 -27.05
N ASP E 775 40.79 20.26 -27.18
CA ASP E 775 41.54 19.31 -26.35
C ASP E 775 42.79 19.94 -25.78
N SER E 776 43.32 19.35 -24.72
CA SER E 776 44.31 20.02 -23.88
C SER E 776 45.58 20.32 -24.66
N ASP E 777 45.83 19.53 -25.71
CA ASP E 777 47.09 19.59 -26.44
C ASP E 777 46.86 19.69 -27.94
N ASP E 778 45.84 20.44 -28.32
CA ASP E 778 45.60 20.75 -29.72
C ASP E 778 46.26 22.06 -30.12
N ASN E 779 46.27 23.02 -29.21
CA ASN E 779 46.91 24.30 -29.44
C ASN E 779 46.05 25.21 -30.32
N LEU E 780 44.87 24.72 -30.69
CA LEU E 780 43.90 25.52 -31.42
C LEU E 780 42.80 26.03 -30.50
N VAL E 781 42.54 27.33 -30.56
CA VAL E 781 41.51 27.96 -29.73
C VAL E 781 40.37 28.50 -30.57
N ASN E 782 39.16 28.06 -30.29
CA ASN E 782 37.98 28.53 -31.01
C ASN E 782 37.45 29.83 -30.42
N ILE E 783 37.09 30.77 -31.30
CA ILE E 783 36.64 32.09 -30.87
C ILE E 783 35.32 32.46 -31.54
N ILE E 784 34.37 32.92 -30.74
CA ILE E 784 33.14 33.50 -31.26
C ILE E 784 32.93 34.92 -30.75
N ALA E 785 32.69 35.84 -31.67
CA ALA E 785 32.46 37.24 -31.32
C ALA E 785 31.24 37.80 -32.06
N ARG E 786 30.60 38.79 -31.45
CA ARG E 786 29.35 39.32 -31.97
C ARG E 786 29.39 40.85 -32.07
N ILE E 787 29.08 41.38 -33.24
CA ILE E 787 29.25 42.81 -33.51
C ILE E 787 28.06 43.60 -33.00
N ASP E 788 28.35 44.61 -32.19
CA ASP E 788 27.30 45.49 -31.67
C ASP E 788 27.58 46.95 -32.02
N PRO E 789 26.56 47.61 -32.56
CA PRO E 789 26.69 49.02 -32.95
C PRO E 789 26.72 49.91 -31.70
N ALA E 790 26.49 49.33 -30.54
CA ALA E 790 26.57 50.06 -29.28
C ALA E 790 28.02 50.24 -28.85
N ARG E 791 28.93 49.51 -29.50
CA ARG E 791 30.34 49.60 -29.18
C ARG E 791 31.13 50.24 -30.32
N ILE E 792 30.64 50.04 -31.54
CA ILE E 792 31.26 50.66 -32.71
C ILE E 792 31.28 52.18 -32.58
N ALA E 793 30.20 52.73 -32.05
CA ALA E 793 30.05 54.19 -31.95
C ALA E 793 30.90 54.75 -30.82
N LEU E 794 31.48 53.86 -30.03
CA LEU E 794 32.31 54.26 -28.90
C LEU E 794 33.78 53.98 -29.17
N GLU E 795 34.05 53.16 -30.18
CA GLU E 795 35.42 52.77 -30.50
C GLU E 795 36.10 53.77 -31.41
N PHE E 796 35.36 54.22 -32.43
CA PHE E 796 35.97 54.96 -33.54
C PHE E 796 35.76 56.46 -33.38
N ARG E 797 35.98 56.94 -32.15
CA ARG E 797 35.83 58.37 -31.87
C ARG E 797 36.99 59.16 -32.44
N THR E 798 38.20 58.85 -31.99
CA THR E 798 39.41 59.47 -32.52
C THR E 798 40.35 58.44 -33.11
N ARG E 799 41.61 58.50 -32.72
CA ARG E 799 42.66 57.69 -33.35
C ARG E 799 43.31 56.75 -32.34
N SER E 800 43.17 57.07 -31.05
CA SER E 800 43.81 56.29 -30.00
C SER E 800 43.33 54.84 -30.03
N ASN E 801 44.28 53.92 -30.15
CA ASN E 801 43.96 52.50 -30.21
C ASN E 801 44.20 51.82 -28.87
N THR E 802 45.28 52.19 -28.21
CA THR E 802 45.64 51.60 -26.92
C THR E 802 45.24 50.13 -26.85
N SER E 803 44.16 49.84 -26.13
CA SER E 803 43.82 48.47 -25.78
C SER E 803 44.75 47.93 -24.70
N ALA E 804 44.59 46.65 -24.37
CA ALA E 804 45.31 46.06 -23.26
C ALA E 804 45.90 44.70 -23.65
N TYR E 805 47.01 44.73 -24.37
CA TYR E 805 47.69 43.50 -24.77
C TYR E 805 48.22 42.74 -23.57
N HIS E 806 48.76 43.47 -22.60
CA HIS E 806 49.42 42.86 -21.45
C HIS E 806 48.45 42.01 -20.65
N GLU E 807 47.18 42.43 -20.61
CA GLU E 807 46.20 41.81 -19.75
C GLU E 807 45.84 40.41 -20.22
N TYR E 808 45.73 40.25 -21.54
CA TYR E 808 45.16 39.03 -22.11
C TYR E 808 46.25 38.02 -22.44
N GLN E 809 47.47 38.50 -22.58
CA GLN E 809 48.61 37.64 -22.89
C GLN E 809 48.95 36.73 -21.72
N ARG E 810 48.36 37.02 -20.56
CA ARG E 810 48.62 36.24 -19.36
C ARG E 810 47.73 35.00 -19.30
N TYR E 811 47.22 34.59 -20.45
CA TYR E 811 46.37 33.41 -20.55
C TYR E 811 47.11 32.24 -21.19
N VAL E 812 47.90 32.54 -22.21
CA VAL E 812 48.69 31.53 -22.90
C VAL E 812 49.64 30.82 -21.93
N PRO E 813 49.68 29.49 -22.03
CA PRO E 813 48.87 28.76 -22.99
C PRO E 813 47.46 28.53 -22.48
N ASN E 814 47.36 28.07 -21.23
CA ASN E 814 46.10 27.55 -20.71
C ASN E 814 45.39 28.59 -19.85
N GLY E 815 44.06 28.58 -19.91
CA GLY E 815 43.25 29.54 -19.16
C GLY E 815 42.16 30.15 -20.05
N LEU E 816 42.12 29.71 -21.30
CA LEU E 816 41.12 30.19 -22.24
C LEU E 816 39.88 29.30 -22.21
N GLY E 817 39.93 28.25 -21.41
CA GLY E 817 38.77 27.39 -21.20
C GLY E 817 38.91 26.07 -21.95
N PHE E 818 38.31 25.02 -21.41
CA PHE E 818 38.29 23.73 -22.07
C PHE E 818 36.88 23.15 -22.14
N LYS E 819 36.49 22.70 -23.33
CA LYS E 819 35.14 22.20 -23.55
C LYS E 819 35.12 21.10 -24.61
N VAL E 820 34.56 19.95 -24.25
CA VAL E 820 34.46 18.82 -25.17
C VAL E 820 33.11 18.81 -25.86
N ARG E 821 32.83 17.72 -26.57
CA ARG E 821 31.53 17.53 -27.21
C ARG E 821 31.17 18.73 -28.09
N LYS E 822 29.93 18.78 -28.54
CA LYS E 822 29.50 19.80 -29.48
C LYS E 822 28.74 20.92 -28.78
N THR E 823 28.71 22.09 -29.40
CA THR E 823 27.94 23.22 -28.89
C THR E 823 27.27 23.99 -30.02
N ARG E 824 26.06 24.47 -29.78
CA ARG E 824 25.28 25.15 -30.80
C ARG E 824 25.14 26.63 -30.47
N GLU E 825 25.47 27.48 -31.44
CA GLU E 825 25.31 28.92 -31.28
C GLU E 825 24.22 29.47 -32.19
N PHE E 826 23.49 30.46 -31.69
CA PHE E 826 22.36 31.02 -32.41
C PHE E 826 22.65 32.43 -32.89
N ARG E 827 21.71 33.02 -33.62
CA ARG E 827 22.00 34.16 -34.47
C ARG E 827 21.32 35.43 -33.95
N TYR E 828 20.10 35.28 -33.43
CA TYR E 828 19.25 36.41 -33.12
C TYR E 828 19.10 36.60 -31.61
N MET E 829 19.93 35.90 -30.86
CA MET E 829 20.07 36.16 -29.43
C MET E 829 18.72 36.09 -28.72
N HIS E 830 18.67 36.59 -27.50
CA HIS E 830 17.41 36.75 -26.79
C HIS E 830 17.46 37.93 -25.82
N ARG E 831 16.58 38.91 -26.04
CA ARG E 831 16.46 40.04 -25.13
C ARG E 831 15.02 40.21 -24.67
N GLU E 832 14.85 40.70 -23.44
CA GLU E 832 13.53 40.95 -22.89
C GLU E 832 12.82 42.09 -23.64
N VAL E 833 11.98 42.82 -22.94
CA VAL E 833 11.26 43.95 -23.53
C VAL E 833 11.68 45.26 -22.89
N THR E 834 12.35 45.18 -21.74
CA THR E 834 12.94 46.35 -21.11
C THR E 834 14.08 46.90 -21.94
N PHE E 835 14.75 46.03 -22.68
CA PHE E 835 15.90 46.41 -23.49
C PHE E 835 15.48 46.85 -24.88
N ILE E 836 14.53 46.12 -25.46
CA ILE E 836 14.05 46.41 -26.80
C ILE E 836 13.30 47.74 -26.85
N HIS E 837 12.52 48.00 -25.81
CA HIS E 837 11.82 49.28 -25.67
C HIS E 837 12.80 50.44 -25.78
N LYS E 838 13.96 50.29 -25.16
CA LYS E 838 14.98 51.33 -25.18
C LYS E 838 15.68 51.39 -26.54
N LEU E 839 15.79 50.23 -27.19
CA LEU E 839 16.35 50.16 -28.53
C LEU E 839 15.46 50.86 -29.54
N MET E 840 14.17 50.95 -29.23
CA MET E 840 13.26 51.77 -30.01
C MET E 840 13.30 53.23 -29.57
N MET E 841 13.63 53.45 -28.30
CA MET E 841 13.73 54.80 -27.74
C MET E 841 14.86 55.58 -28.41
N TYR E 842 15.98 54.91 -28.64
CA TYR E 842 17.17 55.57 -29.18
C TYR E 842 17.20 55.51 -30.70
N ALA E 843 16.53 54.50 -31.26
CA ALA E 843 16.39 54.39 -32.70
C ALA E 843 15.55 55.53 -33.27
N LEU E 844 14.70 56.10 -32.42
CA LEU E 844 13.90 57.27 -32.80
C LEU E 844 14.75 58.53 -32.82
N ILE E 845 15.41 58.81 -31.70
CA ILE E 845 16.08 60.09 -31.52
C ILE E 845 17.25 60.24 -32.47
N ARG E 846 17.80 59.12 -32.91
CA ARG E 846 18.92 59.13 -33.85
C ARG E 846 18.52 59.79 -35.16
N GLU E 847 17.29 59.58 -35.58
CA GLU E 847 16.78 60.16 -36.83
C GLU E 847 16.61 61.66 -36.70
N GLN E 848 16.33 62.13 -35.49
CA GLN E 848 16.01 63.53 -35.26
C GLN E 848 17.27 64.37 -35.13
N ILE E 849 18.28 63.81 -34.48
CA ILE E 849 19.50 64.55 -34.19
C ILE E 849 20.32 64.79 -35.47
N SER E 850 20.48 63.73 -36.25
CA SER E 850 21.31 63.79 -37.45
C SER E 850 20.52 64.33 -38.65
N LEU E 851 20.14 65.60 -38.57
CA LEU E 851 19.33 66.22 -39.61
C LEU E 851 19.35 67.74 -39.49
N THR E 852 19.61 68.23 -38.29
CA THR E 852 19.54 69.67 -38.01
C THR E 852 20.78 70.39 -38.55
N GLU E 853 20.64 71.70 -38.73
CA GLU E 853 21.71 72.50 -39.31
C GLU E 853 23.04 72.26 -38.60
N ASN E 854 23.09 72.64 -37.32
CA ASN E 854 24.37 72.72 -36.61
C ASN E 854 24.22 72.24 -35.17
N MET E 855 25.28 71.67 -34.62
CA MET E 855 25.29 71.21 -33.24
C MET E 855 26.59 71.58 -32.54
N THR E 856 26.50 71.79 -31.23
CA THR E 856 27.68 72.07 -30.42
C THR E 856 28.04 70.89 -29.54
N GLN E 857 27.04 70.34 -28.85
CA GLN E 857 27.25 69.22 -27.96
C GLN E 857 25.96 68.43 -27.74
N VAL E 858 26.10 67.14 -27.47
CA VAL E 858 24.97 66.32 -27.05
C VAL E 858 25.07 65.93 -25.60
N VAL E 859 24.03 66.25 -24.83
CA VAL E 859 24.05 66.09 -23.38
C VAL E 859 23.07 65.03 -22.92
N SER E 860 23.58 64.04 -22.18
CA SER E 860 22.73 63.03 -21.57
C SER E 860 22.69 63.19 -20.05
N ILE E 861 21.52 62.95 -19.46
CA ILE E 861 21.35 63.05 -18.03
C ILE E 861 20.84 61.73 -17.44
N GLY E 862 21.72 61.01 -16.75
CA GLY E 862 21.37 59.72 -16.18
C GLY E 862 21.68 58.59 -17.14
N GLY E 863 22.40 57.58 -16.66
CA GLY E 863 22.72 56.40 -17.47
C GLY E 863 24.08 55.84 -17.10
N ARG E 864 24.55 54.87 -17.88
CA ARG E 864 25.85 54.26 -17.65
C ARG E 864 26.77 54.45 -18.85
N ASN E 865 26.88 55.68 -19.31
CA ASN E 865 27.48 55.97 -20.61
C ASN E 865 26.66 55.37 -21.74
N LEU E 866 25.35 55.30 -21.55
CA LEU E 866 24.46 54.70 -22.52
C LEU E 866 23.96 55.74 -23.53
N ALA E 867 23.30 55.27 -24.58
CA ALA E 867 22.79 56.15 -25.62
C ALA E 867 23.92 56.80 -26.39
N ASP E 868 25.10 56.19 -26.34
CA ASP E 868 26.22 56.60 -27.19
C ASP E 868 25.84 56.55 -28.66
N ILE E 869 25.25 55.43 -29.07
CA ILE E 869 24.58 55.35 -30.37
C ILE E 869 23.43 56.34 -30.45
N SER E 870 23.43 57.15 -31.51
CA SER E 870 22.50 58.26 -31.62
C SER E 870 23.24 59.60 -31.62
N VAL E 871 24.45 59.60 -31.07
CA VAL E 871 25.31 60.77 -31.11
C VAL E 871 25.98 60.92 -32.47
N VAL E 872 25.55 61.91 -33.24
CA VAL E 872 26.02 62.09 -34.60
C VAL E 872 26.38 63.55 -34.87
N PRO E 873 27.56 63.76 -35.45
CA PRO E 873 28.46 62.67 -35.78
C PRO E 873 29.22 62.20 -34.55
N LEU E 874 30.12 61.24 -34.73
CA LEU E 874 31.00 60.79 -33.66
C LEU E 874 31.98 61.87 -33.25
N ASN E 875 32.18 62.85 -34.13
CA ASN E 875 33.03 64.00 -33.83
C ASN E 875 32.42 64.87 -32.74
N MET E 876 31.11 64.79 -32.60
CA MET E 876 30.39 65.65 -31.68
C MET E 876 30.75 65.33 -30.23
N LYS E 877 30.99 66.37 -29.44
CA LYS E 877 31.28 66.21 -28.01
C LYS E 877 30.09 65.58 -27.29
N TYR E 878 30.38 64.79 -26.27
CA TYR E 878 29.34 64.10 -25.51
C TYR E 878 29.46 64.36 -24.02
N VAL E 879 28.43 64.96 -23.44
CA VAL E 879 28.48 65.37 -22.04
C VAL E 879 27.49 64.57 -21.20
N VAL E 880 27.96 64.12 -20.03
CA VAL E 880 27.11 63.37 -19.12
C VAL E 880 26.96 64.09 -17.79
N ILE E 881 25.71 64.25 -17.35
CA ILE E 881 25.43 64.91 -16.07
C ILE E 881 24.65 64.00 -15.14
N ASP E 882 25.37 63.29 -14.28
CA ASP E 882 24.74 62.37 -13.34
C ASP E 882 25.56 62.25 -12.06
N PRO E 883 24.88 61.86 -10.98
CA PRO E 883 25.49 61.89 -9.65
C PRO E 883 26.41 60.71 -9.43
N ALA E 884 26.10 59.59 -10.08
CA ALA E 884 26.81 58.34 -9.85
C ALA E 884 27.29 57.72 -11.16
N THR E 885 28.59 57.53 -11.28
CA THR E 885 29.16 56.88 -12.45
C THR E 885 30.69 56.78 -12.34
N ARG E 886 31.28 55.96 -13.19
CA ARG E 886 32.73 55.81 -13.22
C ARG E 886 33.37 56.82 -14.18
N ILE E 887 34.50 57.37 -13.77
CA ILE E 887 35.16 58.42 -14.53
C ILE E 887 36.62 58.11 -14.76
N GLU E 888 37.35 59.08 -15.31
CA GLU E 888 38.81 59.00 -15.36
C GLU E 888 39.27 58.30 -16.64
N THR E 889 39.61 57.03 -16.53
CA THR E 889 40.27 56.31 -17.61
C THR E 889 39.55 56.53 -18.94
N LEU E 890 38.22 56.45 -18.91
CA LEU E 890 37.42 56.56 -20.12
C LEU E 890 37.44 57.97 -20.67
N THR E 891 37.61 58.95 -19.78
CA THR E 891 37.57 60.35 -20.17
C THR E 891 38.98 60.89 -20.45
N GLN E 892 39.99 60.13 -20.03
CA GLN E 892 41.37 60.55 -20.19
C GLN E 892 41.87 60.30 -21.62
N GLU E 893 41.31 59.28 -22.26
CA GLU E 893 41.82 58.82 -23.55
C GLU E 893 41.20 59.61 -24.70
N LYS E 894 41.08 60.92 -24.50
CA LYS E 894 40.74 61.83 -25.59
C LYS E 894 39.53 61.32 -26.38
N LYS E 895 38.50 60.90 -25.65
CA LYS E 895 37.28 60.40 -26.28
C LYS E 895 36.24 61.51 -26.43
N ASN E 896 36.62 62.72 -26.08
CA ASN E 896 35.69 63.84 -26.06
C ASN E 896 34.54 63.58 -25.10
N ILE E 897 34.82 62.84 -24.04
CA ILE E 897 33.81 62.59 -23.00
C ILE E 897 34.16 63.34 -21.72
N GLU E 898 33.14 63.98 -21.14
CA GLU E 898 33.30 64.66 -19.85
C GLU E 898 32.08 64.44 -18.96
N VAL E 899 32.33 64.29 -17.67
CA VAL E 899 31.27 63.94 -16.73
C VAL E 899 31.24 64.91 -15.55
N GLN E 900 30.06 65.44 -15.26
CA GLN E 900 29.87 66.33 -14.11
C GLN E 900 29.22 65.59 -12.95
N SER E 901 29.95 65.48 -11.85
CA SER E 901 29.49 64.72 -10.70
C SER E 901 28.60 65.56 -9.79
N ARG E 902 27.50 66.05 -10.36
CA ARG E 902 26.54 66.86 -9.60
C ARG E 902 25.11 66.54 -9.99
N PRO E 903 24.21 66.55 -9.00
CA PRO E 903 22.81 66.29 -9.25
C PRO E 903 22.14 67.46 -9.96
N PHE E 904 21.57 67.20 -11.13
CA PHE E 904 20.84 68.22 -11.87
C PHE E 904 19.57 68.63 -11.14
N GLN E 905 18.96 69.72 -11.60
CA GLN E 905 17.77 70.26 -10.95
C GLN E 905 16.84 70.90 -11.96
N PHE E 906 15.57 71.05 -11.58
CA PHE E 906 14.54 71.52 -12.51
C PHE E 906 13.69 72.62 -11.88
N ASP E 907 14.35 73.72 -11.50
CA ASP E 907 13.69 74.78 -10.75
C ASP E 907 13.74 76.10 -11.52
N ALA E 908 14.47 76.12 -12.63
CA ALA E 908 14.66 77.32 -13.41
C ALA E 908 15.44 78.38 -12.62
N ALA E 909 16.15 77.92 -11.59
CA ALA E 909 16.99 78.81 -10.80
C ALA E 909 18.34 79.05 -11.46
N ASN E 910 18.97 77.98 -11.92
CA ASN E 910 20.27 78.07 -12.55
C ASN E 910 20.31 77.29 -13.87
N MET E 911 19.63 77.81 -14.88
CA MET E 911 19.63 77.19 -16.20
C MET E 911 20.58 77.92 -17.14
N ASP E 912 21.33 77.14 -17.93
CA ASP E 912 22.32 77.70 -18.84
C ASP E 912 22.59 76.75 -20.00
N LEU E 913 21.72 76.78 -21.00
CA LEU E 913 21.69 75.74 -22.01
C LEU E 913 22.34 76.23 -23.31
N GLU E 914 21.78 77.29 -23.89
CA GLU E 914 22.50 78.08 -24.87
C GLU E 914 22.39 77.48 -26.26
N ASN E 915 23.09 78.08 -27.22
CA ASN E 915 22.80 77.85 -28.63
C ASN E 915 22.36 76.42 -28.89
N ASN E 916 23.34 75.54 -29.09
CA ASN E 916 23.11 74.28 -29.77
C ASN E 916 23.43 73.10 -28.87
N SER E 917 22.79 73.05 -27.71
CA SER E 917 22.91 71.91 -26.81
C SER E 917 21.68 71.01 -26.86
N ILE E 918 21.89 69.73 -27.14
CA ILE E 918 20.81 68.78 -27.24
C ILE E 918 20.68 67.95 -25.96
N TYR E 919 19.67 68.25 -25.16
CA TYR E 919 19.51 67.61 -23.87
C TYR E 919 18.56 66.43 -23.94
N LEU E 920 18.96 65.31 -23.35
CA LEU E 920 18.08 64.16 -23.21
C LEU E 920 17.55 64.05 -21.78
N PHE E 921 16.25 63.83 -21.65
CA PHE E 921 15.63 63.63 -20.35
C PHE E 921 14.86 62.31 -20.31
N ILE E 922 15.58 61.21 -20.19
CA ILE E 922 14.99 59.88 -20.25
C ILE E 922 14.04 59.64 -19.08
N ALA E 923 14.55 59.02 -18.03
CA ALA E 923 13.72 58.59 -16.91
C ALA E 923 14.09 59.33 -15.64
N VAL E 924 14.92 60.36 -15.78
CA VAL E 924 15.47 61.06 -14.61
C VAL E 924 14.52 62.15 -14.13
N ILE E 925 13.45 62.37 -14.90
CA ILE E 925 12.41 63.31 -14.49
C ILE E 925 11.28 62.59 -13.77
N MET E 926 11.47 61.31 -13.49
CA MET E 926 10.51 60.54 -12.72
C MET E 926 10.89 60.51 -11.25
N ASN E 927 11.42 59.37 -10.80
CA ASN E 927 11.64 59.13 -9.38
C ASN E 927 12.83 59.92 -8.87
N GLU E 928 13.23 59.64 -7.62
CA GLU E 928 14.23 60.45 -6.94
C GLU E 928 15.64 59.97 -7.28
N PRO E 929 16.63 60.78 -6.91
CA PRO E 929 18.02 60.47 -7.24
C PRO E 929 18.46 59.15 -6.64
N ASN E 930 17.79 58.74 -5.57
CA ASN E 930 18.09 57.49 -4.89
C ASN E 930 17.41 56.31 -5.59
N GLY E 931 16.08 56.29 -5.53
CA GLY E 931 15.31 55.25 -6.20
C GLY E 931 13.92 55.11 -5.58
N ALA E 932 13.50 56.15 -4.86
CA ALA E 932 12.17 56.17 -4.28
C ALA E 932 11.10 56.36 -5.36
N ALA E 933 10.04 57.10 -5.02
CA ALA E 933 9.03 57.48 -6.00
C ALA E 933 8.47 58.87 -5.70
N THR E 934 8.23 59.63 -6.76
CA THR E 934 7.79 61.02 -6.61
C THR E 934 6.32 61.17 -6.97
N PRO E 935 5.69 62.22 -6.46
CA PRO E 935 4.31 62.54 -6.82
C PRO E 935 4.17 62.79 -8.31
N ALA E 936 2.93 62.96 -8.76
CA ALA E 936 2.66 63.28 -10.16
C ALA E 936 2.52 64.78 -10.36
N ARG E 937 2.44 65.52 -9.26
CA ARG E 937 2.28 66.97 -9.32
C ARG E 937 3.62 67.67 -9.15
N MET E 938 4.65 66.90 -8.81
CA MET E 938 6.00 67.44 -8.67
C MET E 938 6.84 67.17 -9.91
N GLN E 939 6.28 66.40 -10.84
CA GLN E 939 6.97 66.08 -12.09
C GLN E 939 6.61 67.08 -13.18
N MET E 940 5.52 67.81 -12.98
CA MET E 940 5.09 68.83 -13.93
C MET E 940 6.03 70.03 -13.91
N ASP E 941 6.59 70.31 -12.74
CA ASP E 941 7.53 71.41 -12.59
C ASP E 941 8.81 71.15 -13.38
N LYS E 942 9.10 69.88 -13.63
CA LYS E 942 10.30 69.49 -14.36
C LYS E 942 10.13 69.74 -15.86
N ILE E 943 8.93 70.16 -16.25
CA ILE E 943 8.69 70.59 -17.62
C ILE E 943 8.42 72.09 -17.69
N ARG E 944 7.71 72.60 -16.68
CA ARG E 944 7.41 74.03 -16.62
C ARG E 944 8.68 74.85 -16.49
N ASN E 945 9.64 74.34 -15.72
CA ASN E 945 10.83 75.11 -15.36
C ASN E 945 11.89 75.00 -16.45
N VAL E 946 11.91 73.87 -17.15
CA VAL E 946 12.76 73.70 -18.32
C VAL E 946 12.29 74.57 -19.47
N ALA E 947 10.97 74.66 -19.65
CA ALA E 947 10.40 75.51 -20.67
C ALA E 947 10.66 76.99 -20.38
N THR E 948 10.40 77.39 -19.14
CA THR E 948 10.54 78.78 -18.74
C THR E 948 11.90 79.34 -19.17
N ALA E 949 12.95 78.56 -18.93
CA ALA E 949 14.29 78.93 -19.36
C ALA E 949 14.44 78.82 -20.87
N MET E 950 13.90 77.75 -21.44
CA MET E 950 14.09 77.45 -22.85
C MET E 950 13.52 78.56 -23.72
N LEU E 951 12.55 79.29 -23.19
CA LEU E 951 11.87 80.34 -23.95
C LEU E 951 12.86 81.39 -24.44
N THR E 952 13.93 81.59 -23.68
CA THR E 952 14.88 82.66 -23.97
C THR E 952 16.15 82.12 -24.62
N ARG E 953 16.37 80.82 -24.47
CA ARG E 953 17.55 80.18 -25.04
C ARG E 953 17.38 79.95 -26.54
N THR E 954 18.43 80.25 -27.30
CA THR E 954 18.38 80.17 -28.74
C THR E 954 18.07 78.75 -29.21
N ASN E 955 17.19 78.64 -30.21
CA ASN E 955 16.80 77.35 -30.75
C ASN E 955 17.60 76.21 -30.09
N CYS E 956 17.03 75.60 -29.07
CA CYS E 956 17.72 74.55 -28.33
C CYS E 956 16.75 73.43 -27.96
N VAL E 957 16.70 72.40 -28.82
CA VAL E 957 15.78 71.30 -28.61
C VAL E 957 16.06 70.58 -27.30
N ALA E 958 15.01 70.31 -26.53
CA ALA E 958 15.09 69.40 -25.40
C ALA E 958 14.22 68.18 -25.61
N TYR E 959 14.84 67.00 -25.51
CA TYR E 959 14.12 65.74 -25.68
C TYR E 959 13.71 65.16 -24.33
N ILE E 960 12.40 65.08 -24.10
CA ILE E 960 11.87 64.61 -22.83
C ILE E 960 10.97 63.40 -23.02
N SER E 961 11.15 62.41 -22.17
CA SER E 961 10.30 61.23 -22.18
C SER E 961 9.58 61.04 -20.85
N PHE E 962 8.28 60.76 -20.92
CA PHE E 962 7.48 60.54 -19.71
C PHE E 962 6.34 59.58 -19.98
N TYR E 963 5.81 58.99 -18.91
CA TYR E 963 4.74 57.99 -19.04
C TYR E 963 3.39 58.65 -19.28
N GLU E 964 2.54 57.98 -20.04
CA GLU E 964 1.19 58.46 -20.31
C GLU E 964 0.17 57.75 -19.43
N ALA E 965 -0.65 58.54 -18.75
CA ALA E 965 -1.75 57.99 -17.97
C ALA E 965 -2.79 57.35 -18.87
N GLY E 966 -3.73 56.63 -18.27
CA GLY E 966 -4.67 55.80 -19.01
C GLY E 966 -4.31 54.32 -18.89
N ILE E 967 -3.02 54.04 -18.75
CA ILE E 967 -2.57 52.68 -18.47
C ILE E 967 -3.24 52.13 -17.21
N ILE E 968 -3.31 52.95 -16.17
CA ILE E 968 -4.09 52.62 -14.97
C ILE E 968 -4.99 51.42 -15.24
N THR E 969 -5.95 51.58 -16.14
CA THR E 969 -7.01 50.60 -16.32
C THR E 969 -6.75 49.70 -17.52
N ARG E 970 -5.90 50.17 -18.43
CA ARG E 970 -5.68 49.48 -19.70
C ARG E 970 -4.92 48.18 -19.48
N LEU E 971 -4.09 48.15 -18.45
CA LEU E 971 -3.36 46.94 -18.09
C LEU E 971 -3.95 46.29 -16.84
N ASP E 972 -5.14 46.74 -16.46
CA ASP E 972 -5.85 46.16 -15.32
C ASP E 972 -6.84 45.09 -15.77
N GLN E 973 -7.48 45.34 -16.92
CA GLN E 973 -8.45 44.40 -17.46
C GLN E 973 -7.77 43.30 -18.25
N SER E 974 -6.52 43.53 -18.63
CA SER E 974 -5.75 42.55 -19.38
C SER E 974 -5.49 41.30 -18.55
N THR E 975 -5.11 40.21 -19.22
CA THR E 975 -4.80 38.97 -18.54
C THR E 975 -3.30 38.71 -18.51
N ALA E 976 -2.61 39.14 -19.56
CA ALA E 976 -1.15 39.17 -19.56
C ALA E 976 -0.62 40.25 -18.63
N HIS E 977 0.17 39.83 -17.65
CA HIS E 977 0.70 40.75 -16.64
C HIS E 977 1.99 40.22 -16.03
N LYS E 978 2.63 39.28 -16.72
CA LYS E 978 3.95 38.81 -16.33
C LYS E 978 4.88 39.98 -16.05
N THR E 979 4.95 40.93 -16.97
CA THR E 979 5.62 42.19 -16.73
C THR E 979 4.65 43.37 -16.76
N ILE E 980 5.18 44.58 -16.83
CA ILE E 980 4.35 45.77 -16.81
C ILE E 980 3.22 45.65 -15.80
N ARG E 981 3.55 45.16 -14.61
CA ARG E 981 2.55 44.98 -13.56
C ARG E 981 2.11 46.32 -12.98
N VAL E 982 0.85 46.39 -12.57
CA VAL E 982 0.31 47.61 -11.97
C VAL E 982 -0.08 47.37 -10.51
N GLU E 983 0.60 48.04 -9.60
CA GLU E 983 0.33 47.91 -8.18
C GLU E 983 -0.73 48.90 -7.72
N GLU E 984 -1.94 48.74 -8.26
CA GLU E 984 -3.05 49.63 -7.91
C GLU E 984 -2.55 50.98 -7.42
N GLY E 985 -2.29 51.88 -8.36
CA GLY E 985 -1.93 53.25 -8.03
C GLY E 985 -0.62 53.67 -8.70
N ARG E 986 0.16 52.67 -9.10
CA ARG E 986 1.51 52.93 -9.62
C ARG E 986 1.90 51.90 -10.66
N LEU E 987 2.71 52.31 -11.63
CA LEU E 987 3.20 51.42 -12.67
C LEU E 987 4.53 50.79 -12.27
N LYS E 988 4.62 49.48 -12.43
CA LYS E 988 5.79 48.73 -12.00
C LYS E 988 6.57 48.19 -13.19
N VAL E 989 7.33 49.07 -13.84
CA VAL E 989 8.11 48.69 -15.02
C VAL E 989 9.53 48.29 -14.62
N ALA E 990 9.94 47.09 -15.02
CA ALA E 990 11.25 46.56 -14.64
C ALA E 990 11.37 46.41 -13.13
N ASN E 991 12.28 47.17 -12.54
CA ASN E 991 12.46 47.16 -11.09
C ASN E 991 12.10 48.51 -10.48
N TYR E 992 13.10 49.18 -9.92
CA TYR E 992 12.89 50.49 -9.30
C TYR E 992 11.79 50.45 -8.26
N VAL E 993 11.12 51.58 -8.06
CA VAL E 993 9.88 51.61 -7.30
C VAL E 993 8.73 52.13 -8.14
N PRO E 994 7.58 51.46 -8.04
CA PRO E 994 6.42 51.82 -8.84
C PRO E 994 6.19 53.33 -8.85
N VAL E 995 5.96 53.88 -10.04
CA VAL E 995 5.89 55.33 -10.21
C VAL E 995 4.48 55.77 -10.56
N ASP E 996 4.18 57.04 -10.28
CA ASP E 996 2.86 57.59 -10.55
C ASP E 996 2.70 57.91 -12.03
N THR E 997 1.44 57.90 -12.50
CA THR E 997 1.15 58.22 -13.88
C THR E 997 0.99 59.73 -14.07
N LEU E 998 1.09 60.17 -15.32
CA LEU E 998 0.89 61.58 -15.64
C LEU E 998 -0.29 61.77 -16.57
N VAL E 999 -1.28 62.52 -16.12
CA VAL E 999 -2.48 62.78 -16.90
C VAL E 999 -2.15 63.54 -18.17
N GLU E 1000 -2.19 62.85 -19.31
CA GLU E 1000 -1.76 63.43 -20.57
C GLU E 1000 -2.66 64.58 -20.99
N ALA E 1001 -3.92 64.50 -20.59
CA ALA E 1001 -4.90 65.54 -20.93
C ALA E 1001 -4.52 66.87 -20.28
N ASP E 1002 -3.84 66.79 -19.15
CA ASP E 1002 -3.46 67.99 -18.40
C ASP E 1002 -2.05 68.45 -18.77
N VAL E 1003 -1.16 67.48 -18.99
CA VAL E 1003 0.22 67.77 -19.33
C VAL E 1003 0.33 68.49 -20.68
N THR E 1004 -0.53 68.11 -21.61
CA THR E 1004 -0.58 68.75 -22.92
C THR E 1004 -1.20 70.13 -22.84
N LEU E 1005 -2.28 70.25 -22.06
CA LEU E 1005 -3.05 71.49 -21.99
C LEU E 1005 -2.25 72.59 -21.31
N MET E 1006 -1.46 72.21 -20.32
CA MET E 1006 -0.78 73.18 -19.46
C MET E 1006 0.42 73.80 -20.18
N LEU E 1007 0.77 73.23 -21.33
CA LEU E 1007 1.90 73.73 -22.11
C LEU E 1007 1.42 74.52 -23.33
N ARG E 1008 0.21 75.03 -23.25
CA ARG E 1008 -0.38 75.78 -24.36
C ARG E 1008 -0.51 77.26 -24.02
N ASP E 1009 0.24 77.70 -23.01
CA ASP E 1009 0.19 79.08 -22.57
C ASP E 1009 1.55 79.55 -22.06
N ILE E 1010 2.41 78.59 -21.74
CA ILE E 1010 3.78 78.89 -21.34
C ILE E 1010 4.77 78.59 -22.47
N GLY E 1011 4.77 77.35 -22.92
CA GLY E 1011 5.71 76.90 -23.94
C GLY E 1011 5.31 77.40 -25.33
N ILE E 1012 6.14 77.10 -26.32
CA ILE E 1012 5.88 77.51 -27.69
C ILE E 1012 5.77 76.30 -28.61
N THR E 1013 6.81 75.48 -28.64
CA THR E 1013 6.87 74.34 -29.53
C THR E 1013 7.04 73.04 -28.75
N HIS E 1014 6.18 72.06 -29.06
CA HIS E 1014 6.15 70.81 -28.30
C HIS E 1014 5.48 69.71 -29.10
N GLU E 1015 6.28 68.97 -29.87
CA GLU E 1015 5.77 67.91 -30.73
C GLU E 1015 6.02 66.53 -30.12
N ILE E 1016 4.94 65.78 -29.94
CA ILE E 1016 5.03 64.45 -29.34
C ILE E 1016 5.18 63.37 -30.39
N ILE E 1017 6.32 62.69 -30.37
CA ILE E 1017 6.62 61.68 -31.39
C ILE E 1017 6.79 60.30 -30.76
N ARG E 1018 5.95 59.36 -31.17
CA ARG E 1018 5.98 58.01 -30.63
C ARG E 1018 6.70 57.05 -31.56
N PRO E 1019 7.56 56.22 -30.99
CA PRO E 1019 8.30 55.23 -31.76
C PRO E 1019 7.34 54.32 -32.53
N SER E 1020 7.67 54.07 -33.80
CA SER E 1020 6.80 53.27 -34.67
C SER E 1020 7.56 52.08 -35.25
N THR E 1021 6.92 51.38 -36.18
CA THR E 1021 7.41 50.09 -36.64
C THR E 1021 8.82 50.20 -37.22
N PRO E 1022 9.03 51.23 -38.03
CA PRO E 1022 10.30 51.42 -38.71
C PRO E 1022 11.46 51.36 -37.72
N GLU E 1023 11.21 51.79 -36.49
CA GLU E 1023 12.23 51.79 -35.46
C GLU E 1023 12.45 50.38 -34.90
N LEU E 1024 11.37 49.59 -34.89
CA LEU E 1024 11.45 48.21 -34.44
C LEU E 1024 12.27 47.36 -35.39
N ILE E 1025 12.04 47.54 -36.69
CA ILE E 1025 12.73 46.76 -37.71
C ILE E 1025 14.23 47.05 -37.71
N ASP E 1026 14.57 48.34 -37.69
CA ASP E 1026 15.97 48.76 -37.69
C ASP E 1026 16.68 48.28 -36.43
N ALA E 1027 15.98 48.31 -35.31
CA ALA E 1027 16.55 47.86 -34.04
C ALA E 1027 16.88 46.38 -34.06
N CYS E 1028 15.95 45.58 -34.58
CA CYS E 1028 16.10 44.13 -34.57
C CYS E 1028 17.11 43.67 -35.62
N SER E 1029 17.25 44.47 -36.68
CA SER E 1029 18.11 44.10 -37.80
C SER E 1029 19.56 44.42 -37.50
N ASN E 1030 19.81 45.58 -36.91
CA ASN E 1030 21.17 46.02 -36.61
C ASN E 1030 21.78 45.19 -35.50
N TYR E 1031 21.03 45.02 -34.41
CA TYR E 1031 21.53 44.29 -33.25
C TYR E 1031 21.40 42.78 -33.45
N GLY E 1032 20.44 42.38 -34.27
CA GLY E 1032 20.15 40.97 -34.48
C GLY E 1032 19.40 40.38 -33.29
N ILE E 1033 18.23 40.93 -33.00
CA ILE E 1033 17.49 40.56 -31.80
C ILE E 1033 16.07 40.12 -32.16
N ARG E 1034 15.72 38.89 -31.79
CA ARG E 1034 14.36 38.39 -31.94
C ARG E 1034 13.41 39.08 -30.97
N LEU E 1035 12.12 39.03 -31.28
CA LEU E 1035 11.10 39.55 -30.38
C LEU E 1035 10.60 38.47 -29.43
N GLY E 1036 10.23 38.88 -28.22
CA GLY E 1036 10.10 37.96 -27.10
C GLY E 1036 8.75 37.27 -27.12
N SER E 1037 8.10 37.25 -28.29
CA SER E 1037 6.86 36.51 -28.49
C SER E 1037 5.80 36.97 -27.50
N THR E 1038 5.84 36.42 -26.30
CA THR E 1038 4.87 36.77 -25.26
C THR E 1038 5.13 38.18 -24.72
N GLY E 1039 6.32 38.69 -24.97
CA GLY E 1039 6.65 40.08 -24.65
C GLY E 1039 6.36 40.98 -25.86
N GLY E 1040 6.12 40.37 -27.01
CA GLY E 1040 5.74 41.11 -28.20
C GLY E 1040 4.35 41.73 -28.05
N ALA E 1041 3.45 40.98 -27.41
CA ALA E 1041 2.14 41.51 -27.06
C ALA E 1041 2.25 42.63 -26.04
N VAL E 1042 3.31 42.61 -25.25
CA VAL E 1042 3.60 43.68 -24.29
C VAL E 1042 4.12 44.92 -25.00
N LEU E 1043 4.99 44.70 -26.00
CA LEU E 1043 5.69 45.80 -26.65
C LEU E 1043 4.72 46.72 -27.39
N ASP E 1044 3.80 46.13 -28.14
CA ASP E 1044 2.99 46.88 -29.08
C ASP E 1044 1.89 47.65 -28.37
N VAL E 1045 1.86 47.55 -27.05
CA VAL E 1045 0.97 48.37 -26.23
C VAL E 1045 1.77 49.31 -25.33
N PHE E 1046 2.75 48.76 -24.63
CA PHE E 1046 3.58 49.54 -23.73
C PHE E 1046 4.33 50.64 -24.48
N ASN E 1047 4.76 50.32 -25.70
CA ASN E 1047 5.49 51.28 -26.53
C ASN E 1047 4.72 52.58 -26.68
N HIS E 1048 3.42 52.47 -26.94
CA HIS E 1048 2.62 53.62 -27.34
C HIS E 1048 2.54 54.65 -26.22
N TYR E 1049 2.31 54.15 -25.00
CA TYR E 1049 1.96 55.03 -23.88
C TYR E 1049 3.21 55.46 -23.12
N SER E 1050 4.32 55.62 -23.83
CA SER E 1050 5.49 56.32 -23.31
C SER E 1050 5.94 57.41 -24.28
N PRO E 1051 5.22 58.53 -24.29
CA PRO E 1051 5.48 59.58 -25.26
C PRO E 1051 6.89 60.12 -25.14
N VAL E 1052 7.50 60.44 -26.28
CA VAL E 1052 8.72 61.24 -26.28
C VAL E 1052 8.46 62.64 -26.84
N ILE E 1053 8.36 63.62 -25.96
CA ILE E 1053 7.98 64.97 -26.34
C ILE E 1053 9.21 65.79 -26.72
N LYS E 1054 9.18 66.35 -27.93
CA LYS E 1054 10.30 67.14 -28.42
C LYS E 1054 10.04 68.64 -28.27
N LEU E 1055 10.79 69.27 -27.38
CA LEU E 1055 10.65 70.71 -27.14
C LEU E 1055 11.71 71.50 -27.91
N VAL E 1056 11.48 71.67 -29.21
CA VAL E 1056 12.42 72.40 -30.06
C VAL E 1056 11.95 73.83 -30.29
N ARG E 1057 12.37 74.73 -29.41
CA ARG E 1057 11.90 76.11 -29.46
C ARG E 1057 13.06 77.10 -29.39
N SER E 1058 12.85 78.32 -29.87
CA SER E 1058 13.88 79.34 -29.85
C SER E 1058 13.41 80.57 -29.09
#